data_8RWV
#
_entry.id   8RWV
#
_cell.length_a   1.00
_cell.length_b   1.00
_cell.length_c   1.00
_cell.angle_alpha   90.00
_cell.angle_beta   90.00
_cell.angle_gamma   90.00
#
_symmetry.space_group_name_H-M   'P 1'
#
loop_
_entity.id
_entity.type
_entity.pdbx_description
1 polymer 'DNA replication licensing factor MCM2'
2 polymer 'Isoform 2 of DNA replication licensing factor MCM3'
3 polymer 'DNA replication licensing factor MCM4'
4 polymer 'DNA replication licensing factor MCM6'
5 polymer 'DNA replication licensing factor MCM7'
6 polymer 'Origin recognition complex subunit 1'
7 polymer 'Origin recognition complex subunit 2'
8 polymer 'Isoform 2 of Origin recognition complex subunit 3'
9 polymer 'Origin recognition complex subunit 4'
10 polymer 'Origin recognition complex subunit 5'
11 polymer 'Cell division control protein 6 homolog'
12 polymer 'DNA replication factor Cdt1'
13 polymer DNA
14 polymer DNA
#
loop_
_entity_poly.entity_id
_entity_poly.type
_entity_poly.pdbx_seq_one_letter_code
_entity_poly.pdbx_strand_id
1 'polypeptide(L)'
;MSAWSHPQFEKGGGSGGGSGGSAWSHPQFEKENLYFQGAGSATMAESSESFTMASSPAQRRRGNDPLTSSPGRSSRRTDA
LTSSPGRDLPPFEDESEGLLGTEGPLEEEEDGEELIGDGMERDYRAIPELDAYEAEGLALDDEDVEELTASQREAAERAM
RQRDREAGRGLGRMRRGLLYDSDEEDEERPARKRRQVERATEDGEEDEEMIESIENLEDLKGHSVREWVSMAGPRLEIHH
RFKNFLRTHVDSHGHNVFKERISDMCKENRESLVVNYEDLAAREHVLAYFLPEAPAELLQIFDEAALEVVLAMYPKYDRI
TNHIHVRISHLPLVEELRSLRQLHLNQLIRTSGVVTSCTGVLPQLSMVKYNCNKCNFVLGPFCQSQNQEVKPGSCPECQS
AGPFEVNMEETIYQNYQRIRIQESPGKVAAGRLPRSKDAILLADLVDSCKPGDEIELTGIYHNNYDGSLNTANGFPVFAT
VILANHVAKKDNKVAVGELTDEDVKMITSLSKDQQIGEKIFASIAPSIYGHEDIKRGLALALFGGEPKNPGGKHKVRGDI
NVLLCGDPGTAKSQFLKYIEKVSSRAIFTTGQGASAVGLTAYVQRHPVSREWTLEAGALVLADRGVCLIDEFDKMNDQDR
TSIHEAMEQQSISISKAGIVTSLQARCTVIAAANPIGGRYDPSLTFSENVDLTEPIISRFDILCVVRDTVDPVQDEMLAR
FVVGSHVRHHPSNKEEEGLANGSAAEPAMPNTYGVEPLPQEVLKKYIIYAKERVHPKLNQMDQDKVAKMYSDLRKESMAT
GSIPITVRHIESMIRMAEAHARIHLRDYVIEDDVNMAIRVMLESFIDTQKFSVMRSMRKTFARYLSFRRDNNELLLFILK
QLVAEQVTYQRNRFGAQQDTIEVPEKDLVDKARQINIHNLSAFYDSELFRMNKFSHDLKRKMILQQF
;
2
2 'polypeptide(L)'
;MLPRSPPLPRGNLWWREEFGSFRAGVESSWEPPRDFGGGSSLAAGMAGTVVLDDVELREAQRDYLDFLDDEEDQGIYQSK
VRELISDNQYRLIVNVNDLRRKNEKRANRLLNNAFEELVAFQRALKDFVASIDATYAKQYEEFYVGLEGSFGSKHVSPRT
LTSCFLSCVVCVEGIVTKCSLVRPKVVRSVHYCPATKKTIERRYSDLTTLVAFPSSSVYPTKDEENNPLETEYGLSVYKD
HQTITIQEMPEKAPAGQLPRSVDVILDDDLVDKAKPGDRVQVVGTYRCLPGKKGGYTSGTFRTVLIACNVKQMSKDAQPS
FSAEDIAKIKKFSKTRSKDIFDQLAKSLAPSIHGHDYVKKAILCLLLGGVERDLENGSHIRGDINILLIGDPSVAKSQLL
RYVLCTAPRAIPTTGRGSSGVGLTAAVTTDQETGERRLEAGAMVLADRGVVCIDEFDKMSDMDRTAIHEVMEQGRVTIAK
AGIHARLNARCSVLAAANPVYGRYDQYKTPMENIGLQDSLLSRFDLLFIMLDQMDPEQDREISDHVLRMHRYRAPGEQDG
DAMPLGSAVDILATDDPNFSQEDQQDTQIYEKHDNLLHGTKKKKEKMVSAAFMKKYIHVAKIIKPVLTQESATYIAEEYS
RLRSQDSMSSDTARTSPVTARTLETLIRLATAHAKARMSKTVDLQDAEEAVELVQYAYFKKVLEKEKKRKKRSEDESETE
DEEEKSQEDQEQKRKRRKTRQPDAKDGDSYDPYDFSDTEEEMPQVHTPKTADSQETKESQKVELSESRLKAFKVALLDVF
REAHAQSIGMNRLTESINRDSEEPFSSVEIQAALSKMQDDNQVMVSEGIIFLI
;
3
3 'polypeptide(L)'
;MHHHHHHHHENLYFQGSSATMSSPASTPSRRGSRRGRATPAQTPRSEDARSSPSQRRRGEDSTSTGELQPMPTSPGVDLQ
SPAAQDVLFSSPPQMHSSAIPLDFDVSSPLTYGTPSSRVEGTPRSGVRGTPVRQRPDLGSAQKGLQVDLQSDGAAAEDIV
ASEQSLGQKLVIWGTDVNVAACKENFQRFLQRFIDPLAKEEENVGIDITEPLYMQRLGEINVIGEPFLNVNCEHIKSFDK
NLYRQLISYPQEVIPTFDMAVNEIFFDRYPDSILEHQIQVRPFNALKTKNMRNLNPEDIDQLITISGMVIRTSQLIPEMQ
EAFFQCQVCAHTTRVEMDRGRIAEPSVCGRCHTTHSMALIHNRSLFSDKQMIKLQESPEDMPAGQTPHTVILFAHNDLVD
KVQPGDRVNVTGIYRAVPIRVNPRVSNVKSVYKTHIDVIHYRKTDAKRLHGLDEEAEQKLFSEKRVELLKELSRKPDIYE
RLASALAPSIYEHEDIKKGILLQLFGGTRKDFSHTGRGKFRAEINILLCGDPGTSKSQLLQYVYNLVPRGQYTSGKGSSA
VGLTAYVMKDPETRQLVLQTGALVLSDNGICCIDEFDKMNESTRSVLHEVMEQQTLSIAKAGIICQLNARTSVLAAANPI
ESQWNPKKTTIENIQLPHTLLSRFDLIFLLLDPQDEAYDRRLAHHLVALYYQSEEQAEEELLDMAVLKDYIAYAHSTIMP
RLSEEASQALIEAYVDMRKIGSSRGMVSAYPRQLESLIRLAEAHAKVRLSNKVEAIDVEEAKRLHREALKQSATDPRTGI
VDISILTTGMSATSRKRKEELAEALKKLILSKGKTPALKYQQLFEDIRGQSDIAITKDMFEEALRALADDDFLTVTGKTV
RLL
;
4
4 'polypeptide(L)'
;MDLAAAAEPGAGSQHLEVRDEVAEKCQKLFLDFLEEFQSSDGEIKYLQLAEELIRPERNTLVVSFVDLEQFNQQLSTTIQ
EEFYRVYPYLCRALKTFVKDRKEIPLAKDFYVAFQDLPTRHKIRELTSSRIGLLTRISGQVVRTHPVHPELVSGTFLCLD
CQTVIRDVEQQFKYTQPNICRNPVCANRRRFLLDTNKSRFVDFQKVRIQETQAELPRGSIPRSLEVILRAEAVESAQAGD
KCDFTGTLIVVPDVSKLSTPGARAETNSRVSGVDGYETEGIRGLRALGVRDLSYRLVFLACCVAPTNPRFGGKELRDEEQ
TAESIKNQMTVKEWEKVFEMSQDKNLYHNLCTSLFPTIHGNDEVKRGVLLMLFGGVPKTTGEGTSLRGDINVCIVGDPST
AKSQFLKHVEEFSPRAVYTSGKASSAAGLTAAVVRDEESHEFVIEAGALMLADNGVCCIDEFDKMDVRDQVAIHEAMEQQ
TISITKAGVKATLNARTSILAAANPISGHYDRSKSLKQNINLSAPIMSRFDLFFILVDECNEVTDYAIARRIVDLHSRIE
ESIDRVYSLDDIRRYLLFARQFKPKISKESEDFIVEQYKHLRQRDGSGVTKSSWRITVRQLESMIRLSEAMARMHCCDEV
QPKHVKEAFRLLNKSIIRVETPDVNLDQEEEIQMEVDEGAGGINGHADSPAPVNGINGYNEDINQESAPKASLRLGFSEY
CRISNLIVLHLRKVEEEEDESALKRSELVNWYLKEIESEIDSEEELINKKRIIEKVIHRLTHYDHVLIELTQAGLKGSTE
GSESYEEDPYLVVNPNYLLED
;
6
5 'polypeptide(L)'
;MALKDYALEKEKVKKFLQEFYQDDELGKKQFKYGNQLVRLAHREQVALYVDLDDVAEDDPELVDSICENARRYAKLFADA
VQELLPQYKEREVVNKDVLDVYIEHRLMMEQRSRDPGMVRSPQNQYPAELMRRFELYFQGPSSNKPRVIREVRADSVGKL
VTVRGIVTRVSEVKPKMVVATYTCDQCGAETYQPIQSPTFMPLIMCPSQECQTNRSGGRLYLQTRGSRFIKFQEMKMQEH
SDQVPVGNIPRSITVLVEGENTRIAQPGDHVSVTGIFLPILRTGFRQVVQGLLSETYLEAHRIVKMNKSEDDESGAGELT
REELRQIAEEDFYEKLAASIAPEIYGHEDVKKALLLLLVGGVDQSPRGMKIRGNINICLMGDPGVAKSQLLSYIDRLAPR
SQYTTGRGSSGVGLTAAVLRDSVSGELTLEGGALVLADQGVCCIDEFDKMAEADRTAIHEVMEQQTISIAKAGILTTLNA
RCSILAAANPAYGRYNPRRSLEQNIQLPAALLSRFDLLWLIQDRPDRDNDLRLAQHITYVHQHSRQPPSQFEPLDMKLMR
RYIAMCREKQPMVPESLADYITAAYVEMRREAWASKDATYTSARTLLAILRLSTALARLRMVDVVEKEDVNEAIRLMEMS
KDSLLGDKGQTARTQRPADVIFATVRELVSGGRSVRFSEAEQRCVSRGFTPAQFQAALDEYEELNVWQVNASRTRITFV
;
7
6 'polypeptide(L)'
;MGSLQDSEVNQEAKPEVKPEVKPETHINLKVSDGSSEIFFKIKKTTPLRRLMEAFAKRQGKEMDSLTFLYDGIEIQADQA
PEDLDMEDNDIIEAHREQIGGAHYPTRLKTRKTYSWVGRPLLDRKLHYQTYREMCVKTEGCSTEIHIQIGQFVLIEGDDD
ENPYVAKLLELFEDDSDPPPKKRARVQWFVRFCEVPACKRHLLGRKPGAQEIFWYDYPACDSNINAETIIGLVRVIPLAP
KDVVPTNLKNEKTLFVKLSWNEKKFRPLSSELFAELNKPQESAAKCQKPVRAKSKSAESPSWTPAEHVAKRIESRHSASK
SRQTPTHPLTPRARKRLELGNLGNPQMSQQTSCASLDSPGRIKRKVAFSEITSPSKRSQPDKLQTLSPALKAPEKTRETG
LSYTEDDKKASPEHRIILRTRIAASKTIDIREERTLTPISGGQRSSVVPSVILKPENIKKRDAKEAKAQNEATSTPHRIR
RKSSVLTMNRIRQQLRFLGNSKSDQEEKEILPAAEISDSSSDEEEASTPPLPRRAPRTVSRNLRSSLKSSLHTLTKVPKK
SLKPRTPRCAAPQIRSRSLAAQEPASVLEEARLRLHVSAVPESLPCREQEFQDIYNFVESKLLDHTGGCMYISGVPGTGK
TATVHEVIRCLQQAAQANDVPPFQYIEVNGMKLTEPHQVYVQILQKLTGQKATANHAAELLAKQFCTRGSPQETTVLLVD
ELDLLWTHKQDIMYNLFDWPTHKEARLVVLAIANTMDLPERIMMNRVSSRLGLTRMCFQPYTYSQLQQILRSRLKHLKAF
EDDAIQLVARKVAALSGDARRCLDICRRATEICEFSQQKPDSPGLVTIAHSMEAVDEMFSSSYITAIKNSSVLEQSFLRA
ILAEFRRSGLEEATFQQIYSQHVALCRMEGLPYPTMSETMAVCSHLGSCRLLLVEPSRNDLLLRVRLNVSQDDVLYALKD
E
;
A
7 'polypeptide(L)'
;MSKPELKEDKMLEVHFVGDDDVLNHILDREGGAKLKKERAQLLVNPKKIIKKPEYDLEEDDQEVLKDQNYVEIMGRDVQE
SLKNGSATGGGNKVYSFQNRKHSEKMAKLASELAKTPQKSVSFSLKNDPEITINVPQSSKGHSASDKVQPKNNDKSEFLS
TAPRSLRKRLIVPRSHSDSESEYSASNSEDDEGVAQEHEEDTNAVIFSQKIQAQNRVVSAPVGKETPSKRMKRDKTSDLV
EEYFEAHSSSKVLTSDRTLQKLKRAKLDQQTLRNLLSKVSPSFSAELKQLNQQYEKLFHKWMLQLHLGFNIVLYGLGSKR
DLLERFRTTMLQDSIHVVINGFFPGISVKSVLNSITEEVLDHMGTFRSILDQLDWIVNKFKEDSSLELFLLIHNLDSQML
RGEKSQQIIGQLSSLHNIYLIASIDHLNAPLMWDHAKQSLFNWLWYETTTYSPYTEETSYENSLLVKQSGSLPLSSLTHV
LRSLTPNARGIFRLLIKYQLDNQDNPSYIGLSFQDFYQQCREAFLVNSDLTLRAQLTEFRDHKLIRTKKGTDGVEYLLIP
VDNGTLTDFLEKEEEEA
;
B
8 'polypeptide(L)'
;MATSSMSKGCFVFKPNSKKRKISLPIEDYFNKGKNEPEDSKLRFETYQLIWQQMKSENERLQEELNKNLFDNLIEFLQKS
HSGFQKNSRDLGGQIKLREIPTAALVLGVNVTDHDLTFGSLTEALQNNVTPYVVSLQAKDCPDMKHFLQKLISQLMDCCV
DIKSKEEESVHVTQRKTHYSMDSLSSWYMTVTQKTDPKMLSKKRTTSSQWQSPPVVVILKDMESFATKVLQDFIIISSQH
LHEFPLILIFGIATSPIIIHRLLPHAVSSLLCIELFQSLSCKEHLTTVLDKLLLTTQFPFKINEKVLQVLTNIFLYHDFS
VQNFIKGLQLSLLEHFYSQPLSVLCCNLPEAKRRINFLSNNQCENIRRLPSFRRYVEKQASEKQVALLTNERYLKEETQL
LLENLHVYHMNYFLVLRCLHKFTSSLPKYPLGRQIRELYCTCLEKNIWDSEEYASVLQLLRMLAKDELMTILEKCFKVFK
SYCENHLGSTAKRIEEFLAQFQSLDAETKEEEDASGSQPKGLQKTDLYHLQKSLLEMKELRRSKKQTKFEVLRENVVNFI
DCLVREYLLPPETQPLHEVVYFSAAHALREHLNAAPRIALHTALNNPYYYLKNEALKSEEGCIPNIAPDICIAYKLHLEC
SRLINLVDWSEAFATVVTAAEKMDANSATSEEMNEIIHARFIRAVSELELLGFIKPTKQKTDHVARLTWGGC
;
C
9 'polypeptide(L)'
;MSSRKSKSNSLIHTECLSQVQRILRERFCRQSPHSNLFGVQVQYKHLSELLKRTALHGESNSVLIIGPRGSGKTMLINHA
LKELMEIEEVSENVLQVHLNGLLQINDKIALKEITRQLNLENVVGDKVFGSFAENLSFLLEALKKGDRTSSCPVIFILDE
FDLFAHHKNQTLLYNLFDISQSAQTPIAVIGLTCRLDILELLEKRVKSRFSHRQIHLMNSFGFPQYVKIFKEQLSLPAEF
PDKVFAEKWNENVQYLSEDRSVQEVLQKHFNISKNLRSLHMLLMLALNRVTASHPFMTAVDLMEASQLCSMDSKANIVHG
LSVLEICLIIAMKHLNDIYEEEPFNFQMVYNEFQKFVQRKAHSVYNFEKPVVMKAFEHLQQLELIKPMERTSGNSQREYQ
LMKLLLDNTQIMNALQKYPNCPTDVRQWATSSLSWL
;
D
10 'polypeptide(L)'
;MPHLENVVLCRESQVSILQSLFGERHHFSFPSIFIYGHTASGKTYVTQTLLKTLELPHVFVNCVECFTLRLLLEQILNKL
NHLSSSEDGCSTEITCETFNDFVRLFKQVTTAENLKDQTVYIVLDKAEYLRDMEANLLPGFLRLQELADRNVTVLFLSEI
VWEKFRPNTGCFEPFVLYFPDYSIGNLQKILSHDHPPEYSADFYAAYINILLGVFYTVCRDLKELRHLAVLNFPKYCEPV
VKGEASERDTRKLWRNIEPHLKKAMQTVYLREISSSQWEKLQKDDTDPGQLKGLSAHTHVELPYYSKFILIAAYLASYNP
ARTDKRFFLKHHGKIKKTNFLKKHEKTSNHLLGPKPFPLDRLLAILYSIVDSRVAPTANIFSQITSLVTLQLLTLVGHDD
QLDGPKYKCTVSLDFIRAIARTVNFDIIKYLYDFL
;
E
11 'polypeptide(L)'
;MPQTRSQAQATISFPKRKLSRALNKAKNSSDAKLEPTNVQTVTCSPRVKALPLSPRKRLGDDNLCNTPHLPPCSPPKQGK
KENGPPHSHTLKGRRLVFDNQLTIKSPSKRELAKVHQNKILSSVRKSQEITTNSEQRCPLKKESACVRLFKQEGTCYQQA
KLVLNTAVPDRLPAREREMDVIRNFLREHICGKKAGSLYLSGAPGTGKTACLSRILQDLKKELKGFKTIMLNCMSLRTAQ
AVFPAIAQEICQEEVSRPAGKDMMRKLEKHMTAEKGPMIVLVLDEMDQLDSKGQDVLYTLFEWPWLSNSHLVLIGIANTL
DLTDRILPRLQAREKCKPQLLNFPPYTRNQIVTILQDRLNQVSRDQVLDNAAVQFCARKVSAVSGDVRKALDVCRRAIEI
VESDVKSQTILKPLSECKSPSEPLIPKRVGLIHISQVISEIDGNRMTLSQEGAQDSFPLQQKILVCSLMLLIRQLKIKEV
TLGKLYEAYSKVCRKQQVAAVDQSECLSLSGLLEARGILGLKRNKETRLTKVFFKIEEKEIEHALKDKALIGNILATGLP
;
F
12 'polypeptide(L)'
;MGSSHHHHHHSSGLEVLFQGPRPEEPCGEKAPAYQRFHALAQPGLPGLVLPYKYQVLAEMFRSMDTIVGMLHNRSETPTF
AKVQRGVQDMMRRRFEECNVGQIKTVYPASYRFRQERSVPTFKDGTRRSDYQLTIEPLLEQEADGAAPQLTASRLLQRRQ
IFSQKLVEHVKEHHKAFLASLSPAMVVPEDQLTRWHPRFNVDEVPDIEPAALPQPPATEKLTTAQEVLARARNLISPRME
KALSQLALRSAAPSSPGSPRPALPATPPATPPAASPSALKGVSQDLLERIRAKEAQKQLAQMTRCPEQEQRLQRLERLPE
LARVLRSVFVSERKPALSMEVACARMVGSCCTIMSPGEMEKHLLLLSELLPDWLSLHRIRTDTYVKLDKAADLAHITARL
AHQTRAEEGL
;
G
13 'polydeoxyribonucleotide'
;(DA)(DT)(DG)(DA)(DC)(DT)(DG)(DG)(DA)(DA)(DA)(DC)(DT)(DT)(DT)(DT)(DT)(DT)(DG)(DT)
(DA)(DC)(DA)(DA)(DC)(DA)(DC)(DT)(DC)(DC)(DA)(DA)(DT)(DA)(DA)(DA)(DC)(DA)(DT)
;
H
14 'polydeoxyribonucleotide'
;(DA)(DA)(DT)(DG)(DT)(DT)(DT)(DA)(DT)(DT)(DG)(DG)(DA)(DG)(DT)(DG)(DT)(DT)(DG)(DT)
(DA)(DC)(DA)(DA)(DA)(DA)(DA)(DA)(DG)(DT)(DT)(DT)(DC)(DC)(DA)(DG)(DT)(DC)(DA)(DT)
;
J
#
loop_
_chem_comp.id
_chem_comp.type
_chem_comp.name
_chem_comp.formula
DA DNA linking 2'-DEOXYADENOSINE-5'-MONOPHOSPHATE 'C10 H14 N5 O6 P'
DC DNA linking 2'-DEOXYCYTIDINE-5'-MONOPHOSPHATE 'C9 H14 N3 O7 P'
DG DNA linking 2'-DEOXYGUANOSINE-5'-MONOPHOSPHATE 'C10 H14 N5 O7 P'
DT DNA linking THYMIDINE-5'-MONOPHOSPHATE 'C10 H15 N2 O8 P'
#
# COMPACT_ATOMS: atom_id res chain seq x y z
N ILE A 214 13.89 -73.59 62.30
CA ILE A 214 15.07 -72.74 62.32
C ILE A 214 15.99 -73.11 61.16
N GLU A 215 16.05 -74.39 60.83
CA GLU A 215 16.89 -74.89 59.73
C GLU A 215 16.12 -74.83 58.40
N ASN A 216 15.09 -75.65 58.28
CA ASN A 216 14.29 -75.68 57.07
C ASN A 216 13.38 -74.45 57.01
N LEU A 217 13.37 -73.78 55.86
CA LEU A 217 12.56 -72.59 55.66
C LEU A 217 11.40 -72.78 54.70
N GLU A 218 11.38 -73.88 53.95
CA GLU A 218 10.29 -74.13 53.00
C GLU A 218 9.01 -74.57 53.66
N ASP A 219 9.04 -74.96 54.92
CA ASP A 219 7.85 -75.39 55.66
C ASP A 219 7.41 -74.21 56.53
N LEU A 220 6.55 -73.35 55.95
CA LEU A 220 6.06 -72.19 56.68
C LEU A 220 5.01 -72.56 57.72
N LYS A 221 4.39 -73.73 57.60
CA LYS A 221 3.38 -74.22 58.55
C LYS A 221 2.23 -73.22 58.68
N GLY A 222 1.52 -73.04 57.56
CA GLY A 222 0.38 -72.15 57.51
C GLY A 222 0.67 -70.68 57.59
N HIS A 223 1.94 -70.29 57.75
CA HIS A 223 2.29 -68.88 57.84
C HIS A 223 2.48 -68.27 56.46
N SER A 224 2.51 -66.95 56.41
CA SER A 224 2.70 -66.21 55.18
C SER A 224 4.16 -65.74 55.08
N VAL A 225 4.42 -64.84 54.12
CA VAL A 225 5.77 -64.32 53.95
C VAL A 225 6.11 -63.34 55.06
N ARG A 226 5.17 -62.46 55.42
CA ARG A 226 5.37 -61.48 56.47
C ARG A 226 4.99 -62.00 57.84
N GLU A 227 5.37 -63.24 58.17
CA GLU A 227 5.02 -63.83 59.45
C GLU A 227 6.06 -64.85 59.89
N TRP A 228 6.61 -65.59 58.92
CA TRP A 228 7.62 -66.60 59.25
C TRP A 228 8.94 -65.97 59.65
N VAL A 229 9.23 -64.77 59.13
CA VAL A 229 10.47 -64.08 59.44
C VAL A 229 10.20 -62.96 60.43
N SER A 230 9.09 -63.06 61.16
CA SER A 230 8.71 -62.05 62.13
C SER A 230 9.28 -62.32 63.52
N MET A 231 9.30 -63.58 63.94
CA MET A 231 9.83 -63.94 65.24
C MET A 231 11.36 -64.05 65.16
N ALA A 232 11.97 -64.59 66.21
CA ALA A 232 13.41 -64.76 66.28
C ALA A 232 13.84 -66.22 66.17
N GLY A 233 12.99 -67.08 65.63
CA GLY A 233 13.31 -68.48 65.47
C GLY A 233 14.33 -68.71 64.38
N PRO A 234 13.88 -68.71 63.13
CA PRO A 234 14.83 -68.89 62.01
C PRO A 234 15.81 -67.74 61.84
N ARG A 235 15.60 -66.61 62.52
CA ARG A 235 16.50 -65.48 62.40
C ARG A 235 17.88 -65.77 62.98
N LEU A 236 17.98 -66.73 63.90
CA LEU A 236 19.26 -67.03 64.53
C LEU A 236 20.27 -67.55 63.50
N GLU A 237 19.83 -68.47 62.64
CA GLU A 237 20.73 -69.03 61.64
C GLU A 237 20.97 -68.07 60.48
N ILE A 238 19.96 -67.28 60.11
CA ILE A 238 20.12 -66.36 58.99
C ILE A 238 21.07 -65.22 59.36
N HIS A 239 20.96 -64.70 60.59
CA HIS A 239 21.81 -63.60 61.01
C HIS A 239 23.25 -64.05 61.19
N HIS A 240 23.47 -65.26 61.69
CA HIS A 240 24.82 -65.75 61.90
C HIS A 240 25.50 -66.12 60.58
N ARG A 241 24.71 -66.41 59.54
CA ARG A 241 25.28 -66.77 58.25
C ARG A 241 25.77 -65.54 57.50
N PHE A 242 24.98 -64.45 57.51
CA PHE A 242 25.38 -63.24 56.81
C PHE A 242 26.44 -62.45 57.58
N LYS A 243 26.53 -62.64 58.90
CA LYS A 243 27.52 -61.92 59.68
C LYS A 243 28.91 -62.51 59.48
N ASN A 244 29.02 -63.84 59.47
CA ASN A 244 30.33 -64.47 59.27
C ASN A 244 30.78 -64.37 57.82
N PHE A 245 29.85 -64.20 56.88
CA PHE A 245 30.21 -64.08 55.48
C PHE A 245 30.77 -62.71 55.13
N LEU A 246 30.44 -61.68 55.93
CA LEU A 246 30.95 -60.34 55.64
C LEU A 246 32.46 -60.26 55.87
N ARG A 247 32.95 -60.89 56.95
CA ARG A 247 34.38 -60.88 57.23
C ARG A 247 35.13 -61.93 56.44
N THR A 248 34.48 -63.04 56.10
CA THR A 248 35.09 -64.13 55.35
C THR A 248 34.48 -64.12 53.95
N HIS A 249 35.18 -63.46 53.02
CA HIS A 249 34.74 -63.36 51.63
C HIS A 249 35.53 -64.34 50.79
N VAL A 250 34.82 -65.25 50.11
CA VAL A 250 35.42 -66.26 49.25
C VAL A 250 34.90 -65.99 47.84
N ASP A 251 35.74 -65.38 47.00
CA ASP A 251 35.35 -65.06 45.63
C ASP A 251 35.88 -66.12 44.66
N SER A 252 36.37 -65.67 43.50
CA SER A 252 36.89 -66.60 42.50
C SER A 252 38.22 -67.19 42.94
N HIS A 253 39.28 -66.37 42.91
CA HIS A 253 40.61 -66.83 43.29
C HIS A 253 40.83 -66.89 44.79
N GLY A 254 39.97 -66.24 45.58
CA GLY A 254 40.12 -66.26 47.02
C GLY A 254 40.79 -65.01 47.57
N HIS A 255 40.16 -63.85 47.38
CA HIS A 255 40.67 -62.58 47.86
C HIS A 255 39.60 -61.91 48.72
N ASN A 256 39.89 -61.76 50.01
CA ASN A 256 38.96 -61.13 50.93
C ASN A 256 38.96 -59.61 50.73
N VAL A 257 38.04 -59.12 49.89
CA VAL A 257 37.97 -57.69 49.60
C VAL A 257 36.93 -56.97 50.45
N PHE A 258 36.02 -57.69 51.10
CA PHE A 258 35.02 -57.04 51.93
C PHE A 258 35.63 -56.48 53.22
N LYS A 259 36.78 -57.00 53.64
CA LYS A 259 37.43 -56.48 54.84
C LYS A 259 38.02 -55.10 54.59
N GLU A 260 38.55 -54.87 53.38
CA GLU A 260 39.12 -53.57 53.03
C GLU A 260 38.06 -52.51 52.78
N ARG A 261 36.84 -52.92 52.43
CA ARG A 261 35.78 -51.95 52.18
C ARG A 261 35.29 -51.27 53.46
N ILE A 262 35.54 -51.88 54.63
CA ILE A 262 35.11 -51.28 55.88
C ILE A 262 35.93 -50.03 56.17
N SER A 263 37.25 -50.09 55.93
CA SER A 263 38.12 -48.96 56.17
C SER A 263 37.99 -47.87 55.11
N ASP A 264 37.31 -48.16 54.00
CA ASP A 264 37.13 -47.16 52.94
C ASP A 264 35.86 -46.34 53.11
N MET A 265 34.83 -46.91 53.73
CA MET A 265 33.58 -46.20 53.94
C MET A 265 33.62 -45.25 55.13
N CYS A 266 34.62 -45.36 56.00
CA CYS A 266 34.74 -44.49 57.16
C CYS A 266 35.61 -43.27 56.90
N LYS A 267 36.24 -43.17 55.73
CA LYS A 267 37.08 -42.01 55.43
C LYS A 267 36.23 -40.80 55.10
N GLU A 268 35.33 -40.93 54.13
CA GLU A 268 34.45 -39.85 53.72
C GLU A 268 33.06 -39.94 54.34
N ASN A 269 32.89 -40.79 55.36
CA ASN A 269 31.61 -40.98 56.04
C ASN A 269 30.51 -41.39 55.05
N ARG A 270 30.83 -42.34 54.18
CA ARG A 270 29.89 -42.84 53.17
C ARG A 270 29.28 -44.13 53.70
N GLU A 271 28.09 -44.01 54.30
CA GLU A 271 27.38 -45.16 54.86
C GLU A 271 26.55 -45.81 53.75
N SER A 272 27.27 -46.46 52.83
CA SER A 272 26.64 -47.14 51.69
C SER A 272 27.53 -48.33 51.32
N LEU A 273 27.32 -49.45 52.02
CA LEU A 273 28.07 -50.68 51.78
C LEU A 273 27.37 -51.48 50.70
N VAL A 274 28.00 -51.59 49.55
CA VAL A 274 27.43 -52.33 48.43
C VAL A 274 27.87 -53.78 48.50
N VAL A 275 27.12 -54.65 47.82
CA VAL A 275 27.41 -56.08 47.79
C VAL A 275 26.81 -56.66 46.50
N ASN A 276 27.55 -57.57 45.89
CA ASN A 276 27.09 -58.20 44.65
C ASN A 276 26.04 -59.26 44.95
N TYR A 277 25.00 -59.30 44.10
CA TYR A 277 23.93 -60.28 44.29
C TYR A 277 24.34 -61.67 43.85
N GLU A 278 25.28 -61.78 42.90
CA GLU A 278 25.72 -63.08 42.42
C GLU A 278 26.53 -63.84 43.47
N ASP A 279 27.11 -63.13 44.44
CA ASP A 279 27.90 -63.79 45.48
C ASP A 279 26.99 -64.47 46.50
N LEU A 280 25.93 -63.79 46.94
CA LEU A 280 25.02 -64.36 47.92
C LEU A 280 24.12 -65.44 47.30
N ALA A 281 23.89 -65.38 46.00
CA ALA A 281 23.04 -66.36 45.34
C ALA A 281 23.79 -67.63 44.97
N ALA A 282 25.12 -67.58 44.89
CA ALA A 282 25.90 -68.76 44.53
C ALA A 282 26.30 -69.59 45.74
N ARG A 283 26.62 -68.94 46.87
CA ARG A 283 27.02 -69.69 48.06
C ARG A 283 25.83 -70.35 48.74
N GLU A 284 24.66 -69.71 48.73
CA GLU A 284 23.45 -70.25 49.34
C GLU A 284 22.39 -70.37 48.24
N HIS A 285 22.28 -71.56 47.66
CA HIS A 285 21.30 -71.79 46.60
C HIS A 285 19.87 -71.84 47.14
N VAL A 286 19.70 -72.16 48.43
CA VAL A 286 18.37 -72.21 49.04
C VAL A 286 17.92 -70.87 49.59
N LEU A 287 18.69 -69.80 49.37
CA LEU A 287 18.35 -68.48 49.86
C LEU A 287 18.25 -67.44 48.76
N ALA A 288 18.37 -67.85 47.49
CA ALA A 288 18.27 -66.89 46.39
C ALA A 288 16.84 -66.48 46.10
N TYR A 289 15.86 -67.17 46.68
CA TYR A 289 14.46 -66.85 46.46
C TYR A 289 13.77 -66.27 47.70
N PHE A 290 14.23 -66.62 48.90
CA PHE A 290 13.60 -66.12 50.12
C PHE A 290 13.93 -64.66 50.38
N LEU A 291 14.91 -64.09 49.67
CA LEU A 291 15.27 -62.70 49.86
C LEU A 291 14.41 -61.76 49.02
N PRO A 292 14.19 -62.01 47.71
CA PRO A 292 13.35 -61.10 46.93
C PRO A 292 11.87 -61.23 47.23
N GLU A 293 11.50 -62.02 48.24
CA GLU A 293 10.11 -62.15 48.64
C GLU A 293 9.60 -60.84 49.22
N ALA A 294 9.89 -60.60 50.50
CA ALA A 294 9.52 -59.36 51.18
C ALA A 294 10.76 -58.81 51.89
N PRO A 295 11.66 -58.18 51.14
CA PRO A 295 12.88 -57.64 51.76
C PRO A 295 12.67 -56.28 52.40
N ALA A 296 11.42 -55.97 52.76
CA ALA A 296 11.13 -54.68 53.39
C ALA A 296 11.60 -54.67 54.84
N GLU A 297 11.54 -55.82 55.51
CA GLU A 297 11.97 -55.92 56.90
C GLU A 297 13.29 -56.65 57.06
N LEU A 298 13.76 -57.34 56.02
CA LEU A 298 15.03 -58.06 56.12
C LEU A 298 16.22 -57.12 56.01
N LEU A 299 16.09 -56.02 55.26
CA LEU A 299 17.19 -55.07 55.13
C LEU A 299 17.25 -54.11 56.30
N GLN A 300 16.11 -53.86 56.95
CA GLN A 300 16.12 -52.96 58.12
C GLN A 300 16.79 -53.63 59.31
N ILE A 301 16.54 -54.92 59.52
CA ILE A 301 17.19 -55.63 60.62
C ILE A 301 18.65 -55.94 60.30
N PHE A 302 19.01 -56.03 59.02
CA PHE A 302 20.39 -56.28 58.64
C PHE A 302 21.29 -55.08 58.88
N ASP A 303 20.72 -53.87 58.97
CA ASP A 303 21.53 -52.70 59.23
C ASP A 303 22.14 -52.73 60.64
N GLU A 304 21.45 -53.37 61.58
CA GLU A 304 22.01 -53.51 62.93
C GLU A 304 23.17 -54.50 62.95
N ALA A 305 23.20 -55.44 62.00
CA ALA A 305 24.30 -56.40 61.95
C ALA A 305 25.58 -55.74 61.44
N ALA A 306 25.47 -54.73 60.57
CA ALA A 306 26.65 -54.05 60.07
C ALA A 306 27.28 -53.18 61.15
N LEU A 307 26.50 -52.72 62.11
CA LEU A 307 27.06 -51.91 63.20
C LEU A 307 27.89 -52.75 64.15
N GLU A 308 27.56 -54.03 64.30
CA GLU A 308 28.33 -54.92 65.16
C GLU A 308 29.64 -55.38 64.53
N VAL A 309 29.88 -55.05 63.27
CA VAL A 309 31.10 -55.43 62.57
C VAL A 309 32.08 -54.26 62.48
N VAL A 310 31.57 -53.07 62.17
CA VAL A 310 32.44 -51.91 62.04
C VAL A 310 32.95 -51.46 63.41
N LEU A 311 32.16 -51.66 64.46
CA LEU A 311 32.55 -51.27 65.81
C LEU A 311 33.38 -52.33 66.53
N ALA A 312 33.37 -53.57 66.04
CA ALA A 312 34.15 -54.62 66.69
C ALA A 312 35.63 -54.51 66.37
N MET A 313 35.98 -54.08 65.16
CA MET A 313 37.37 -53.94 64.75
C MET A 313 37.85 -52.51 64.75
N TYR A 314 36.96 -51.54 64.55
CA TYR A 314 37.30 -50.12 64.55
C TYR A 314 36.52 -49.43 65.66
N PRO A 315 37.11 -49.32 66.86
CA PRO A 315 36.39 -48.67 67.98
C PRO A 315 36.26 -47.16 67.83
N LYS A 316 37.05 -46.53 66.95
CA LYS A 316 36.98 -45.09 66.77
C LYS A 316 35.82 -44.66 65.87
N TYR A 317 35.10 -45.62 65.27
CA TYR A 317 33.97 -45.26 64.41
C TYR A 317 32.73 -44.87 65.20
N ASP A 318 32.67 -45.23 66.49
CA ASP A 318 31.50 -44.91 67.30
C ASP A 318 31.36 -43.41 67.55
N ARG A 319 32.43 -42.63 67.35
CA ARG A 319 32.34 -41.19 67.55
C ARG A 319 31.43 -40.53 66.53
N ILE A 320 31.31 -41.11 65.33
CA ILE A 320 30.45 -40.58 64.29
C ILE A 320 29.06 -41.21 64.44
N THR A 321 28.10 -40.74 63.67
CA THR A 321 26.75 -41.29 63.74
C THR A 321 26.73 -42.71 63.20
N ASN A 322 25.73 -43.48 63.64
CA ASN A 322 25.62 -44.89 63.26
C ASN A 322 24.47 -45.10 62.28
N HIS A 323 23.83 -46.26 62.37
CA HIS A 323 22.73 -46.65 61.48
C HIS A 323 23.18 -46.61 60.01
N ILE A 324 24.07 -47.54 59.69
CA ILE A 324 24.61 -47.68 58.35
C ILE A 324 23.61 -48.46 57.51
N HIS A 325 23.16 -47.84 56.42
CA HIS A 325 22.20 -48.48 55.50
C HIS A 325 22.99 -49.24 54.44
N VAL A 326 22.82 -50.56 54.41
CA VAL A 326 23.52 -51.36 53.42
C VAL A 326 22.89 -51.17 52.04
N ARG A 327 23.63 -51.56 51.02
CA ARG A 327 23.21 -51.41 49.63
C ARG A 327 23.19 -52.77 48.93
N ILE A 328 22.66 -52.78 47.72
CA ILE A 328 22.60 -53.98 46.90
C ILE A 328 22.52 -53.57 45.44
N SER A 329 23.40 -54.11 44.61
CA SER A 329 23.47 -53.78 43.20
C SER A 329 23.34 -55.04 42.36
N HIS A 330 23.23 -54.83 41.05
CA HIS A 330 23.11 -55.91 40.07
C HIS A 330 21.93 -56.82 40.38
N LEU A 331 20.72 -56.38 40.04
CA LEU A 331 19.56 -57.22 40.29
C LEU A 331 19.19 -58.01 39.04
N PRO A 332 18.78 -59.27 39.19
CA PRO A 332 18.45 -60.10 38.02
C PRO A 332 17.12 -59.76 37.38
N LEU A 333 16.38 -58.77 37.89
CA LEU A 333 15.09 -58.41 37.35
C LEU A 333 15.00 -56.90 37.17
N VAL A 334 14.46 -56.48 36.04
CA VAL A 334 14.26 -55.06 35.72
C VAL A 334 12.88 -54.91 35.11
N GLU A 335 12.06 -54.03 35.69
CA GLU A 335 10.71 -53.80 35.22
C GLU A 335 10.57 -52.37 34.70
N GLU A 336 9.87 -52.23 33.58
CA GLU A 336 9.65 -50.92 32.99
C GLU A 336 8.66 -50.11 33.84
N LEU A 337 8.54 -48.83 33.52
CA LEU A 337 7.69 -47.91 34.28
C LEU A 337 6.34 -47.74 33.59
N ARG A 338 5.63 -48.86 33.43
CA ARG A 338 4.31 -48.85 32.84
C ARG A 338 3.57 -50.14 33.16
N SER A 339 4.31 -51.18 33.53
CA SER A 339 3.72 -52.48 33.86
C SER A 339 3.57 -52.69 35.35
N LEU A 340 3.75 -51.65 36.16
CA LEU A 340 3.62 -51.75 37.60
C LEU A 340 2.27 -51.20 38.04
N ARG A 341 1.50 -52.02 38.75
CA ARG A 341 0.19 -51.60 39.24
C ARG A 341 0.06 -51.91 40.73
N GLN A 342 -1.01 -52.59 41.12
CA GLN A 342 -1.23 -52.95 42.52
C GLN A 342 -0.64 -54.31 42.87
N LEU A 343 -0.23 -55.10 41.88
CA LEU A 343 0.36 -56.41 42.15
C LEU A 343 1.79 -56.32 42.67
N HIS A 344 2.50 -55.23 42.35
CA HIS A 344 3.86 -55.02 42.79
C HIS A 344 3.96 -54.09 43.99
N LEU A 345 2.91 -53.99 44.79
CA LEU A 345 2.90 -53.10 45.95
C LEU A 345 3.83 -53.63 47.04
N ASN A 346 4.64 -52.74 47.60
CA ASN A 346 5.60 -53.07 48.66
C ASN A 346 6.55 -54.17 48.20
N GLN A 347 7.11 -54.00 47.00
CA GLN A 347 8.04 -54.96 46.42
C GLN A 347 9.28 -54.22 45.94
N LEU A 348 10.44 -54.68 46.37
CA LEU A 348 11.71 -54.08 45.96
C LEU A 348 11.98 -54.46 44.50
N ILE A 349 11.58 -53.57 43.59
CA ILE A 349 11.70 -53.79 42.16
C ILE A 349 12.72 -52.81 41.60
N ARG A 350 13.56 -53.29 40.69
CA ARG A 350 14.59 -52.46 40.04
C ARG A 350 13.97 -51.81 38.81
N THR A 351 13.68 -50.52 38.90
CA THR A 351 13.08 -49.76 37.80
C THR A 351 13.97 -48.57 37.47
N SER A 352 14.32 -48.44 36.20
CA SER A 352 15.18 -47.35 35.75
C SER A 352 14.31 -46.21 35.22
N GLY A 353 14.88 -45.30 34.47
CA GLY A 353 14.16 -44.18 33.90
C GLY A 353 15.01 -42.92 33.94
N VAL A 354 14.65 -41.97 33.08
CA VAL A 354 15.37 -40.70 32.97
C VAL A 354 14.83 -39.73 34.03
N VAL A 355 15.72 -38.94 34.60
CA VAL A 355 15.36 -37.96 35.62
C VAL A 355 14.91 -36.68 34.94
N THR A 356 13.74 -36.18 35.33
CA THR A 356 13.23 -34.93 34.77
C THR A 356 13.80 -33.73 35.50
N SER A 357 13.59 -33.67 36.83
CA SER A 357 14.08 -32.57 37.63
C SER A 357 14.43 -33.08 39.02
N CYS A 358 15.16 -32.26 39.77
CA CYS A 358 15.56 -32.59 41.13
C CYS A 358 15.30 -31.38 42.03
N THR A 359 15.34 -31.64 43.35
CA THR A 359 15.14 -30.61 44.35
C THR A 359 16.35 -30.54 45.26
N GLY A 360 16.67 -29.34 45.72
CA GLY A 360 17.82 -29.13 46.59
C GLY A 360 17.51 -29.42 48.04
N VAL A 361 18.11 -28.65 48.94
CA VAL A 361 17.89 -28.82 50.37
C VAL A 361 16.53 -28.27 50.74
N LEU A 362 15.74 -29.06 51.47
CA LEU A 362 14.41 -28.66 51.90
C LEU A 362 14.31 -28.88 53.41
N PRO A 363 14.10 -27.82 54.20
CA PRO A 363 13.99 -28.00 55.65
C PRO A 363 12.70 -28.70 56.05
N GLN A 364 12.71 -30.03 56.01
CA GLN A 364 11.52 -30.81 56.36
C GLN A 364 11.28 -30.74 57.86
N LEU A 365 10.04 -30.41 58.24
CA LEU A 365 9.66 -30.34 59.64
C LEU A 365 9.57 -31.75 60.20
N SER A 366 10.61 -32.17 60.93
CA SER A 366 10.67 -33.50 61.51
C SER A 366 10.68 -33.51 63.03
N MET A 367 11.17 -32.46 63.67
CA MET A 367 11.21 -32.41 65.13
C MET A 367 11.21 -30.94 65.54
N VAL A 368 10.16 -30.52 66.25
CA VAL A 368 10.03 -29.15 66.73
C VAL A 368 9.87 -29.20 68.24
N LYS A 369 10.74 -28.50 68.96
CA LYS A 369 10.69 -28.48 70.41
C LYS A 369 9.65 -27.46 70.90
N TYR A 370 8.99 -27.81 72.00
CA TYR A 370 8.00 -26.94 72.63
C TYR A 370 8.25 -26.92 74.12
N ASN A 371 8.49 -25.72 74.66
CA ASN A 371 8.79 -25.58 76.08
C ASN A 371 7.52 -25.78 76.90
N CYS A 372 7.55 -26.73 77.84
CA CYS A 372 6.42 -27.01 78.70
C CYS A 372 6.88 -27.00 80.15
N ASN A 373 5.93 -26.76 81.06
CA ASN A 373 6.21 -26.68 82.49
C ASN A 373 5.04 -27.29 83.25
N LYS A 374 5.19 -28.55 83.64
CA LYS A 374 4.16 -29.24 84.42
C LYS A 374 4.78 -30.34 85.27
N CYS A 375 5.81 -31.00 84.75
CA CYS A 375 6.50 -32.06 85.47
C CYS A 375 8.00 -32.03 85.20
N ASN A 376 8.54 -30.86 84.85
CA ASN A 376 9.96 -30.69 84.53
C ASN A 376 10.38 -31.63 83.40
N PHE A 377 9.54 -31.72 82.37
CA PHE A 377 9.81 -32.58 81.23
C PHE A 377 9.40 -31.84 79.97
N VAL A 378 10.38 -31.56 79.10
CA VAL A 378 10.11 -30.87 77.85
C VAL A 378 9.44 -31.83 76.87
N LEU A 379 8.43 -31.32 76.15
CA LEU A 379 7.73 -32.15 75.19
C LEU A 379 8.60 -32.42 73.96
N GLY A 380 8.63 -33.67 73.52
CA GLY A 380 9.41 -34.05 72.37
C GLY A 380 10.28 -35.26 72.66
N PRO A 381 10.89 -35.83 71.61
CA PRO A 381 10.80 -35.45 70.19
C PRO A 381 9.47 -35.85 69.56
N PHE A 382 9.06 -35.18 68.49
CA PHE A 382 7.81 -35.46 67.80
C PHE A 382 8.10 -36.02 66.41
N CYS A 383 7.03 -36.32 65.68
CA CYS A 383 7.12 -36.86 64.33
C CYS A 383 6.18 -36.08 63.43
N GLN A 384 6.75 -35.32 62.48
CA GLN A 384 5.97 -34.52 61.55
C GLN A 384 6.44 -34.69 60.11
N SER A 385 7.35 -35.62 59.83
CA SER A 385 7.83 -35.81 58.48
C SER A 385 6.76 -36.49 57.62
N GLN A 386 7.02 -36.50 56.31
CA GLN A 386 6.07 -37.10 55.36
C GLN A 386 6.05 -38.63 55.45
N ASN A 387 7.03 -39.24 56.12
CA ASN A 387 7.03 -40.69 56.25
C ASN A 387 5.97 -41.16 57.25
N GLN A 388 6.04 -40.66 58.48
CA GLN A 388 5.05 -40.99 59.50
C GLN A 388 4.87 -39.80 60.41
N GLU A 389 3.67 -39.66 60.96
CA GLU A 389 3.32 -38.59 61.87
C GLU A 389 2.61 -39.16 63.09
N VAL A 390 2.35 -38.28 64.06
CA VAL A 390 1.67 -38.65 65.30
C VAL A 390 0.40 -37.80 65.37
N LYS A 391 -0.75 -38.43 65.18
CA LYS A 391 -2.01 -37.71 65.23
C LYS A 391 -2.40 -37.41 66.67
N PRO A 392 -3.06 -36.28 66.93
CA PRO A 392 -3.48 -35.97 68.29
C PRO A 392 -4.51 -36.96 68.80
N GLY A 393 -4.35 -37.35 70.07
CA GLY A 393 -5.21 -38.32 70.71
C GLY A 393 -4.47 -39.49 71.32
N SER A 394 -3.20 -39.69 70.96
CA SER A 394 -2.38 -40.79 71.50
C SER A 394 -0.92 -40.33 71.46
N CYS A 395 -0.56 -39.51 72.44
CA CYS A 395 0.79 -38.97 72.51
C CYS A 395 1.77 -40.07 72.95
N PRO A 396 2.98 -40.09 72.36
CA PRO A 396 3.95 -41.13 72.74
C PRO A 396 4.42 -41.01 74.18
N GLU A 397 4.33 -39.83 74.79
CA GLU A 397 4.77 -39.64 76.18
C GLU A 397 3.66 -40.02 77.15
N CYS A 398 3.20 -41.28 77.02
CA CYS A 398 2.15 -41.83 77.86
C CYS A 398 0.87 -41.00 77.81
N GLN A 399 0.60 -40.43 76.64
CA GLN A 399 -0.58 -39.60 76.39
C GLN A 399 -0.64 -38.43 77.39
N SER A 400 0.25 -37.46 77.15
CA SER A 400 0.34 -36.28 77.97
C SER A 400 0.39 -35.04 77.09
N ALA A 401 -0.12 -33.93 77.62
CA ALA A 401 -0.15 -32.67 76.89
C ALA A 401 -0.18 -31.52 77.88
N GLY A 402 0.45 -30.41 77.50
CA GLY A 402 0.51 -29.24 78.35
C GLY A 402 0.66 -27.96 77.54
N PRO A 403 1.11 -26.90 78.20
CA PRO A 403 1.30 -25.63 77.49
C PRO A 403 2.42 -25.72 76.46
N PHE A 404 2.32 -24.88 75.44
CA PHE A 404 3.29 -24.83 74.36
C PHE A 404 3.94 -23.45 74.31
N GLU A 405 5.12 -23.40 73.68
CA GLU A 405 5.85 -22.14 73.55
C GLU A 405 6.69 -22.22 72.27
N VAL A 406 6.55 -21.21 71.41
CA VAL A 406 7.28 -21.20 70.15
C VAL A 406 8.73 -20.78 70.41
N ASN A 407 9.66 -21.50 69.80
CA ASN A 407 11.09 -21.24 69.93
C ASN A 407 11.62 -20.57 68.68
N MET A 408 12.95 -20.51 68.57
CA MET A 408 13.61 -19.91 67.42
C MET A 408 14.90 -20.59 67.02
N GLU A 409 15.48 -21.44 67.88
CA GLU A 409 16.73 -22.12 67.55
C GLU A 409 16.73 -23.58 68.01
N GLU A 410 15.60 -24.12 68.42
CA GLU A 410 15.51 -25.50 68.89
C GLU A 410 14.77 -26.40 67.89
N THR A 411 14.95 -26.13 66.60
CA THR A 411 14.31 -26.90 65.54
C THR A 411 15.37 -27.55 64.67
N ILE A 412 15.45 -28.87 64.71
CA ILE A 412 16.40 -29.65 63.94
C ILE A 412 15.65 -30.27 62.77
N TYR A 413 15.92 -29.78 61.57
CA TYR A 413 15.27 -30.28 60.36
C TYR A 413 16.01 -31.49 59.81
N GLN A 414 15.30 -32.24 58.96
CA GLN A 414 15.84 -33.43 58.32
C GLN A 414 15.85 -33.25 56.81
N ASN A 415 16.87 -33.79 56.15
CA ASN A 415 16.97 -33.67 54.70
C ASN A 415 15.84 -34.44 54.02
N TYR A 416 15.29 -33.85 52.96
CA TYR A 416 14.19 -34.46 52.23
C TYR A 416 14.16 -33.87 50.83
N GLN A 417 14.10 -34.74 49.82
CA GLN A 417 14.08 -34.31 48.43
C GLN A 417 13.18 -35.25 47.64
N ARG A 418 12.56 -34.71 46.59
CA ARG A 418 11.69 -35.45 45.70
C ARG A 418 12.21 -35.35 44.28
N ILE A 419 12.14 -36.46 43.55
CA ILE A 419 12.70 -36.57 42.20
C ILE A 419 11.59 -36.99 41.25
N ARG A 420 11.58 -36.39 40.06
CA ARG A 420 10.63 -36.73 39.01
C ARG A 420 11.25 -37.76 38.08
N ILE A 421 10.51 -38.83 37.81
CA ILE A 421 10.96 -39.91 36.94
C ILE A 421 10.07 -39.96 35.71
N GLN A 422 10.69 -40.01 34.54
CA GLN A 422 9.97 -40.04 33.27
C GLN A 422 10.45 -41.21 32.44
N GLU A 423 9.62 -41.61 31.48
CA GLU A 423 9.97 -42.73 30.60
C GLU A 423 11.10 -42.33 29.67
N SER A 424 11.79 -43.36 29.16
CA SER A 424 12.91 -43.12 28.25
C SER A 424 12.37 -42.79 26.86
N PRO A 425 12.91 -41.76 26.19
CA PRO A 425 12.42 -41.41 24.85
C PRO A 425 12.72 -42.46 23.80
N GLY A 426 13.56 -43.46 24.09
CA GLY A 426 13.89 -44.47 23.11
C GLY A 426 12.76 -45.40 22.77
N LYS A 427 11.78 -45.56 23.66
CA LYS A 427 10.65 -46.45 23.44
C LYS A 427 9.34 -45.67 23.28
N VAL A 428 9.41 -44.40 22.93
CA VAL A 428 8.24 -43.56 22.75
C VAL A 428 7.92 -43.48 21.27
N ALA A 429 6.70 -43.83 20.89
CA ALA A 429 6.25 -43.79 19.51
C ALA A 429 5.35 -42.58 19.28
N ALA A 430 4.89 -42.44 18.04
CA ALA A 430 4.03 -41.33 17.65
C ALA A 430 2.58 -41.74 17.89
N GLY A 431 1.99 -41.23 18.97
CA GLY A 431 0.61 -41.54 19.29
C GLY A 431 0.43 -42.08 20.70
N ARG A 432 1.38 -41.76 21.58
CA ARG A 432 1.34 -42.21 22.97
C ARG A 432 1.49 -41.00 23.89
N LEU A 433 1.01 -41.19 25.13
CA LEU A 433 1.09 -40.14 26.14
C LEU A 433 2.05 -40.56 27.25
N PRO A 434 3.01 -39.71 27.60
CA PRO A 434 3.96 -40.06 28.66
C PRO A 434 3.32 -40.00 30.03
N ARG A 435 3.93 -40.72 30.97
CA ARG A 435 3.47 -40.77 32.34
C ARG A 435 4.59 -40.35 33.28
N SER A 436 4.21 -39.89 34.47
CA SER A 436 5.15 -39.43 35.48
C SER A 436 5.15 -40.38 36.67
N LYS A 437 6.18 -40.27 37.49
CA LYS A 437 6.33 -41.10 38.68
C LYS A 437 7.02 -40.29 39.77
N ASP A 438 6.46 -40.34 40.98
CA ASP A 438 7.00 -39.61 42.12
C ASP A 438 8.03 -40.48 42.82
N ALA A 439 9.25 -39.96 42.94
CA ALA A 439 10.35 -40.66 43.60
C ALA A 439 10.73 -39.89 44.85
N ILE A 440 10.55 -40.52 46.02
CA ILE A 440 10.85 -39.92 47.31
C ILE A 440 12.16 -40.51 47.82
N LEU A 441 13.14 -39.66 48.05
CA LEU A 441 14.45 -40.07 48.55
C LEU A 441 14.66 -39.50 49.95
N LEU A 442 15.06 -40.37 50.89
CA LEU A 442 15.28 -39.94 52.26
C LEU A 442 16.71 -39.44 52.44
N ALA A 443 17.30 -39.71 53.61
CA ALA A 443 18.65 -39.25 53.90
C ALA A 443 19.69 -40.11 53.20
N ASP A 444 20.94 -40.04 53.67
CA ASP A 444 22.06 -40.79 53.09
C ASP A 444 22.22 -40.48 51.61
N LEU A 445 21.43 -41.12 50.76
CA LEU A 445 21.48 -40.91 49.32
C LEU A 445 20.85 -39.55 49.00
N VAL A 446 21.70 -38.52 48.99
CA VAL A 446 21.29 -37.16 48.68
C VAL A 446 22.19 -36.61 47.58
N ASP A 447 21.58 -35.89 46.64
CA ASP A 447 22.28 -35.29 45.50
C ASP A 447 23.08 -36.35 44.72
N SER A 448 22.47 -37.52 44.55
CA SER A 448 23.12 -38.61 43.83
C SER A 448 22.72 -38.68 42.36
N CYS A 449 21.70 -37.92 41.94
CA CYS A 449 21.25 -37.93 40.57
C CYS A 449 21.10 -36.49 40.08
N LYS A 450 21.19 -36.32 38.77
CA LYS A 450 21.08 -35.02 38.13
C LYS A 450 19.93 -35.03 37.12
N PRO A 451 19.25 -33.90 36.95
CA PRO A 451 18.15 -33.85 35.97
C PRO A 451 18.66 -34.07 34.55
N GLY A 452 17.92 -34.89 33.80
CA GLY A 452 18.28 -35.19 32.43
C GLY A 452 19.47 -36.12 32.31
N ASP A 453 19.38 -37.28 32.95
CA ASP A 453 20.45 -38.26 32.90
C ASP A 453 19.85 -39.65 33.12
N GLU A 454 20.06 -40.54 32.16
CA GLU A 454 19.54 -41.90 32.25
C GLU A 454 20.35 -42.69 33.27
N ILE A 455 19.86 -42.73 34.51
CA ILE A 455 20.53 -43.46 35.58
C ILE A 455 19.67 -44.65 35.99
N GLU A 456 19.96 -45.22 37.15
CA GLU A 456 19.21 -46.35 37.68
C GLU A 456 19.10 -46.22 39.18
N LEU A 457 17.87 -46.31 39.70
CA LEU A 457 17.61 -46.19 41.12
C LEU A 457 16.66 -47.30 41.55
N THR A 458 17.09 -48.08 42.52
CA THR A 458 16.29 -49.18 43.06
C THR A 458 15.54 -48.72 44.29
N GLY A 459 14.28 -49.16 44.41
CA GLY A 459 13.46 -48.77 45.55
C GLY A 459 12.29 -49.72 45.69
N ILE A 460 11.49 -49.46 46.73
CA ILE A 460 10.32 -50.26 47.04
C ILE A 460 9.08 -49.52 46.57
N TYR A 461 8.19 -50.23 45.86
CA TYR A 461 6.95 -49.64 45.34
C TYR A 461 5.93 -49.60 46.49
N HIS A 462 6.07 -48.59 47.33
CA HIS A 462 5.23 -48.42 48.50
C HIS A 462 4.27 -47.26 48.29
N ASN A 463 3.13 -47.32 48.98
CA ASN A 463 2.12 -46.28 48.85
C ASN A 463 2.55 -45.03 49.61
N ASN A 464 1.74 -43.98 49.52
CA ASN A 464 2.01 -42.70 50.15
C ASN A 464 1.18 -42.55 51.42
N TYR A 465 1.84 -42.20 52.52
CA TYR A 465 1.18 -41.97 53.81
C TYR A 465 1.32 -40.49 54.14
N ASP A 466 0.26 -39.73 53.90
CA ASP A 466 0.27 -38.29 54.15
C ASP A 466 -0.02 -38.03 55.62
N GLY A 467 -0.38 -36.79 55.94
CA GLY A 467 -0.68 -36.41 57.31
C GLY A 467 -1.19 -34.99 57.44
N SER A 468 -1.46 -34.35 56.31
CA SER A 468 -1.96 -32.98 56.29
C SER A 468 -3.41 -32.85 55.89
N LEU A 469 -3.98 -33.87 55.25
CA LEU A 469 -5.38 -33.84 54.82
C LEU A 469 -6.26 -34.79 55.63
N ASN A 470 -5.75 -35.32 56.74
CA ASN A 470 -6.51 -36.23 57.58
C ASN A 470 -7.34 -35.51 58.64
N THR A 471 -7.39 -34.18 58.61
CA THR A 471 -8.15 -33.40 59.57
C THR A 471 -9.34 -32.68 58.97
N ALA A 472 -9.46 -32.64 57.65
CA ALA A 472 -10.57 -31.97 56.98
C ALA A 472 -11.20 -32.82 55.89
N ASN A 473 -10.41 -33.56 55.12
CA ASN A 473 -10.91 -34.40 54.05
C ASN A 473 -11.18 -35.81 54.56
N GLY A 474 -12.06 -36.53 53.85
CA GLY A 474 -12.40 -37.88 54.22
C GLY A 474 -11.48 -38.94 53.66
N PHE A 475 -10.84 -38.67 52.53
CA PHE A 475 -9.92 -39.61 51.90
C PHE A 475 -8.52 -39.00 51.82
N PRO A 476 -7.50 -39.70 52.28
CA PRO A 476 -6.12 -39.16 52.18
C PRO A 476 -5.59 -39.19 50.76
N VAL A 477 -4.35 -38.76 50.59
CA VAL A 477 -3.72 -38.72 49.26
C VAL A 477 -3.39 -40.15 48.86
N PHE A 478 -4.14 -40.67 47.88
CA PHE A 478 -3.91 -42.01 47.34
C PHE A 478 -2.90 -41.92 46.21
N ALA A 479 -1.65 -42.29 46.51
CA ALA A 479 -0.59 -42.24 45.52
C ALA A 479 0.42 -43.33 45.82
N THR A 480 1.11 -43.79 44.77
CA THR A 480 2.12 -44.84 44.87
C THR A 480 3.47 -44.23 44.51
N VAL A 481 4.36 -44.14 45.49
CA VAL A 481 5.68 -43.58 45.28
C VAL A 481 6.73 -44.67 45.38
N ILE A 482 8.00 -44.29 45.46
CA ILE A 482 9.11 -45.23 45.56
C ILE A 482 10.16 -44.63 46.50
N LEU A 483 10.57 -45.39 47.49
CA LEU A 483 11.55 -44.93 48.46
C LEU A 483 12.97 -45.13 47.92
N ALA A 484 13.95 -44.70 48.72
CA ALA A 484 15.36 -44.81 48.35
C ALA A 484 15.99 -46.00 49.05
N ASN A 485 16.78 -46.76 48.30
CA ASN A 485 17.48 -47.91 48.85
C ASN A 485 18.90 -48.00 48.28
N HIS A 486 19.04 -47.82 46.97
CA HIS A 486 20.34 -47.85 46.33
C HIS A 486 20.25 -47.13 44.99
N VAL A 487 21.32 -46.43 44.63
CA VAL A 487 21.40 -45.71 43.36
C VAL A 487 22.51 -46.34 42.52
N ALA A 488 22.43 -46.13 41.21
CA ALA A 488 23.41 -46.67 40.28
C ALA A 488 23.45 -45.76 39.06
N LYS A 489 24.53 -44.98 38.93
CA LYS A 489 24.68 -44.08 37.80
C LYS A 489 25.28 -44.85 36.63
N LYS A 490 24.45 -45.15 35.63
CA LYS A 490 24.88 -45.89 34.46
C LYS A 490 25.79 -45.04 33.57
N ASN A 492 25.54 -45.37 29.36
CA ASN A 492 26.72 -44.57 29.07
C ASN A 492 27.95 -45.45 28.88
N LYS A 493 28.44 -46.03 29.98
CA LYS A 493 29.61 -46.89 29.95
C LYS A 493 29.32 -48.34 30.28
N VAL A 494 28.19 -48.63 30.95
CA VAL A 494 27.85 -50.00 31.30
C VAL A 494 26.94 -50.67 30.27
N ALA A 495 26.40 -49.92 29.31
CA ALA A 495 25.54 -50.50 28.30
C ALA A 495 26.32 -51.26 27.25
N VAL A 496 27.54 -50.82 26.94
CA VAL A 496 28.34 -51.51 25.93
C VAL A 496 28.95 -52.79 26.51
N GLY A 497 29.18 -52.84 27.82
CA GLY A 497 29.75 -54.03 28.44
C GLY A 497 28.79 -55.17 28.66
N GLU A 498 27.49 -54.94 28.46
CA GLU A 498 26.47 -55.98 28.64
C GLU A 498 25.81 -56.37 27.32
N LEU A 499 26.48 -56.13 26.20
CA LEU A 499 25.94 -56.48 24.89
C LEU A 499 26.14 -57.98 24.62
N THR A 500 25.70 -58.42 23.45
CA THR A 500 25.82 -59.82 23.07
C THR A 500 27.24 -60.11 22.59
N ASP A 501 27.48 -61.37 22.23
CA ASP A 501 28.79 -61.80 21.76
C ASP A 501 28.82 -62.19 20.29
N GLU A 502 27.70 -62.70 19.74
CA GLU A 502 27.68 -63.10 18.35
C GLU A 502 27.69 -61.92 17.40
N ASP A 503 27.37 -60.71 17.88
CA ASP A 503 27.37 -59.54 17.02
C ASP A 503 28.78 -58.95 16.85
N VAL A 504 29.65 -59.16 17.84
CA VAL A 504 31.00 -58.61 17.75
C VAL A 504 31.82 -59.36 16.71
N LYS A 505 31.50 -60.64 16.48
CA LYS A 505 32.26 -61.42 15.51
C LYS A 505 31.84 -61.12 14.08
N MET A 506 30.55 -60.84 13.84
CA MET A 506 30.06 -60.62 12.49
C MET A 506 30.35 -59.21 11.98
N ILE A 507 30.58 -58.24 12.88
CA ILE A 507 30.90 -56.89 12.43
C ILE A 507 32.36 -56.76 12.01
N THR A 508 33.23 -57.65 12.48
CA THR A 508 34.64 -57.58 12.10
C THR A 508 34.90 -58.23 10.75
N SER A 509 34.06 -59.18 10.35
CA SER A 509 34.24 -59.83 9.06
C SER A 509 33.84 -58.92 7.90
N LEU A 510 32.89 -58.02 8.14
CA LEU A 510 32.45 -57.09 7.11
C LEU A 510 33.24 -55.80 7.08
N SER A 511 33.98 -55.49 8.16
CA SER A 511 34.78 -54.27 8.20
C SER A 511 36.14 -54.43 7.56
N LYS A 512 36.51 -55.63 7.13
CA LYS A 512 37.81 -55.84 6.49
C LYS A 512 37.85 -55.26 5.07
N ASP A 513 36.70 -55.06 4.45
CA ASP A 513 36.66 -54.49 3.11
C ASP A 513 36.93 -52.99 3.15
N GLN A 514 37.43 -52.47 2.03
CA GLN A 514 37.74 -51.05 1.90
C GLN A 514 36.55 -50.23 1.39
N GLN A 515 35.36 -50.83 1.34
CA GLN A 515 34.16 -50.13 0.87
C GLN A 515 33.15 -49.93 2.00
N ILE A 516 33.59 -49.96 3.25
CA ILE A 516 32.69 -49.76 4.37
C ILE A 516 32.32 -48.30 4.60
N GLY A 517 32.96 -47.37 3.89
CA GLY A 517 32.61 -45.97 4.03
C GLY A 517 31.25 -45.66 3.44
N GLU A 518 30.97 -46.18 2.25
CA GLU A 518 29.68 -46.01 1.60
C GLU A 518 28.67 -47.07 1.99
N LYS A 519 28.97 -47.88 3.02
CA LYS A 519 28.04 -48.92 3.44
C LYS A 519 26.84 -48.34 4.16
N ILE A 520 27.04 -47.26 4.93
CA ILE A 520 25.94 -46.62 5.66
C ILE A 520 25.39 -45.39 4.94
N PHE A 521 26.09 -44.88 3.94
CA PHE A 521 25.60 -43.70 3.22
C PHE A 521 24.45 -44.05 2.29
N ALA A 522 24.43 -45.28 1.75
CA ALA A 522 23.37 -45.69 0.86
C ALA A 522 22.12 -46.18 1.59
N SER A 523 22.15 -46.23 2.92
CA SER A 523 21.00 -46.67 3.70
C SER A 523 20.22 -45.52 4.33
N ILE A 524 20.75 -44.31 4.31
CA ILE A 524 20.08 -43.16 4.90
C ILE A 524 18.95 -42.73 3.97
N ALA A 525 17.71 -42.78 4.48
CA ALA A 525 16.51 -42.39 3.76
C ALA A 525 16.38 -43.18 2.46
N PRO A 526 15.93 -44.44 2.51
CA PRO A 526 15.79 -45.23 1.28
C PRO A 526 14.48 -44.96 0.56
N SER A 527 13.87 -43.80 0.81
CA SER A 527 12.62 -43.43 0.18
C SER A 527 12.76 -42.40 -0.92
N ILE A 528 13.73 -41.50 -0.83
CA ILE A 528 13.95 -40.46 -1.82
C ILE A 528 15.35 -40.63 -2.39
N TYR A 529 15.44 -40.79 -3.70
CA TYR A 529 16.73 -40.95 -4.38
C TYR A 529 17.31 -39.59 -4.74
N GLY A 530 18.63 -39.52 -4.73
CA GLY A 530 19.34 -38.29 -5.06
C GLY A 530 19.90 -37.61 -3.83
N HIS A 531 20.61 -36.51 -4.09
CA HIS A 531 21.24 -35.70 -3.06
C HIS A 531 22.19 -36.54 -2.20
N GLU A 532 23.25 -37.03 -2.84
CA GLU A 532 24.20 -37.88 -2.15
C GLU A 532 25.01 -37.10 -1.11
N ASP A 533 25.27 -35.82 -1.36
CA ASP A 533 26.02 -35.01 -0.42
C ASP A 533 25.25 -34.73 0.86
N ILE A 534 23.92 -34.80 0.81
CA ILE A 534 23.11 -34.54 2.01
C ILE A 534 23.16 -35.75 2.95
N LYS A 535 23.13 -36.97 2.38
CA LYS A 535 23.14 -38.17 3.21
C LYS A 535 24.50 -38.38 3.89
N ARG A 536 25.57 -37.79 3.37
CA ARG A 536 26.88 -37.94 4.00
C ARG A 536 26.96 -37.15 5.30
N GLY A 537 26.31 -35.98 5.35
CA GLY A 537 26.33 -35.17 6.55
C GLY A 537 25.44 -35.69 7.67
N LEU A 538 24.43 -36.48 7.34
CA LEU A 538 23.54 -37.03 8.36
C LEU A 538 24.19 -38.17 9.13
N ALA A 539 25.02 -38.97 8.46
CA ALA A 539 25.67 -40.08 9.15
C ALA A 539 26.82 -39.61 10.03
N LEU A 540 27.55 -38.58 9.62
CA LEU A 540 28.65 -38.06 10.42
C LEU A 540 28.15 -37.32 11.66
N ALA A 541 26.98 -36.69 11.58
CA ALA A 541 26.42 -35.97 12.71
C ALA A 541 25.79 -36.89 13.74
N LEU A 542 25.61 -38.18 13.42
CA LEU A 542 25.02 -39.11 14.38
C LEU A 542 26.01 -39.43 15.50
N PHE A 543 27.31 -39.48 15.18
CA PHE A 543 28.30 -39.77 16.20
C PHE A 543 28.47 -38.60 17.16
N GLY A 544 28.49 -37.37 16.63
CA GLY A 544 28.65 -36.19 17.45
C GLY A 544 30.06 -35.90 17.92
N GLY A 545 31.05 -36.69 17.49
CA GLY A 545 32.41 -36.46 17.91
C GLY A 545 32.66 -36.85 19.36
N GLU A 546 33.83 -36.45 19.85
CA GLU A 546 34.24 -36.72 21.22
C GLU A 546 34.59 -35.41 21.90
N PRO A 547 33.68 -34.81 22.68
CA PRO A 547 33.98 -33.56 23.36
C PRO A 547 35.09 -33.71 24.40
N LYS A 548 36.27 -33.23 24.08
CA LYS A 548 37.43 -33.31 24.95
C LYS A 548 37.77 -31.92 25.48
N ASN A 549 38.94 -31.80 26.11
CA ASN A 549 39.43 -30.53 26.66
C ASN A 549 40.76 -30.21 26.01
N PRO A 550 40.74 -29.59 24.82
CA PRO A 550 42.01 -29.25 24.15
C PRO A 550 42.78 -28.13 24.81
N GLY A 551 42.10 -27.24 25.55
CA GLY A 551 42.76 -26.14 26.21
C GLY A 551 43.36 -26.55 27.55
N GLY A 552 43.69 -25.52 28.33
CA GLY A 552 44.28 -25.74 29.65
C GLY A 552 43.42 -25.22 30.77
N LYS A 553 42.40 -24.42 30.42
CA LYS A 553 41.50 -23.85 31.43
C LYS A 553 40.12 -23.62 30.85
N HIS A 554 40.01 -23.67 29.52
CA HIS A 554 38.74 -23.48 28.82
C HIS A 554 38.24 -24.81 28.28
N LYS A 555 36.94 -25.06 28.46
CA LYS A 555 36.30 -26.29 27.99
C LYS A 555 35.68 -26.01 26.63
N VAL A 556 36.35 -26.50 25.57
CA VAL A 556 35.87 -26.31 24.21
C VAL A 556 34.93 -27.45 23.85
N ARG A 557 33.74 -27.11 23.36
CA ARG A 557 32.77 -28.12 22.98
C ARG A 557 33.21 -28.84 21.71
N GLY A 558 32.78 -30.08 21.57
CA GLY A 558 33.13 -30.88 20.40
C GLY A 558 31.96 -31.67 19.85
N ASP A 559 30.97 -30.96 19.30
CA ASP A 559 29.79 -31.58 18.71
C ASP A 559 29.62 -31.12 17.27
N ILE A 560 29.17 -32.02 16.42
CA ILE A 560 28.97 -31.74 15.01
C ILE A 560 27.54 -31.23 14.84
N ASN A 561 27.39 -29.93 14.59
CA ASN A 561 26.08 -29.31 14.40
C ASN A 561 25.87 -29.03 12.92
N VAL A 562 24.79 -29.58 12.37
CA VAL A 562 24.47 -29.44 10.95
C VAL A 562 23.16 -28.66 10.84
N LEU A 563 23.16 -27.63 10.00
CA LEU A 563 21.99 -26.80 9.77
C LEU A 563 21.54 -26.97 8.33
N LEU A 564 20.35 -27.55 8.16
CA LEU A 564 19.78 -27.80 6.85
C LEU A 564 18.77 -26.72 6.48
N CYS A 565 18.76 -26.35 5.20
CA CYS A 565 17.82 -25.33 4.72
C CYS A 565 17.75 -25.47 3.20
N GLY A 566 16.62 -25.97 2.70
CA GLY A 566 16.41 -26.18 1.29
C GLY A 566 15.15 -25.51 0.76
N ASP A 567 14.97 -25.65 -0.55
CA ASP A 567 13.80 -25.10 -1.21
C ASP A 567 12.57 -25.93 -0.84
N PRO A 568 11.53 -25.31 -0.25
CA PRO A 568 10.31 -26.06 0.07
C PRO A 568 9.69 -26.73 -1.14
N GLY A 569 9.76 -28.06 -1.19
CA GLY A 569 9.25 -28.81 -2.31
C GLY A 569 10.04 -30.09 -2.55
N THR A 570 11.18 -30.21 -1.89
CA THR A 570 12.04 -31.39 -2.01
C THR A 570 11.94 -32.31 -0.79
N ALA A 571 10.96 -32.08 0.09
CA ALA A 571 10.76 -32.89 1.29
C ALA A 571 12.01 -32.92 2.16
N LYS A 572 12.20 -31.87 2.96
CA LYS A 572 13.36 -31.77 3.83
C LYS A 572 13.13 -32.39 5.21
N SER A 573 11.88 -32.50 5.65
CA SER A 573 11.59 -33.05 6.97
C SER A 573 11.59 -34.58 6.94
N GLN A 574 11.41 -35.19 5.78
CA GLN A 574 11.42 -36.65 5.70
C GLN A 574 12.83 -37.21 5.86
N PHE A 575 13.85 -36.39 5.64
CA PHE A 575 15.23 -36.85 5.81
C PHE A 575 15.61 -36.93 7.29
N LEU A 576 14.87 -36.23 8.15
CA LEU A 576 15.15 -36.25 9.58
C LEU A 576 14.35 -37.31 10.32
N LYS A 577 13.23 -37.77 9.76
CA LYS A 577 12.41 -38.79 10.41
C LYS A 577 13.02 -40.18 10.33
N TYR A 578 14.11 -40.36 9.57
CA TYR A 578 14.77 -41.66 9.45
C TYR A 578 15.85 -41.84 10.49
N ILE A 579 16.57 -40.78 10.85
CA ILE A 579 17.64 -40.90 11.83
C ILE A 579 17.11 -41.05 13.25
N GLU A 580 15.88 -40.60 13.51
CA GLU A 580 15.30 -40.71 14.84
C GLU A 580 14.80 -42.11 15.16
N LYS A 581 14.61 -42.95 14.14
CA LYS A 581 14.14 -44.31 14.36
C LYS A 581 15.27 -45.33 14.39
N VAL A 582 16.41 -45.02 13.78
CA VAL A 582 17.55 -45.94 13.76
C VAL A 582 18.53 -45.66 14.90
N SER A 583 18.27 -44.65 15.73
CA SER A 583 19.14 -44.32 16.85
C SER A 583 18.55 -44.87 18.14
N SER A 584 19.09 -44.41 19.28
CA SER A 584 18.63 -44.86 20.58
C SER A 584 17.91 -43.79 21.39
N ARG A 585 18.11 -42.52 21.06
CA ARG A 585 17.47 -41.43 21.79
C ARG A 585 17.36 -40.23 20.87
N ALA A 586 16.13 -39.85 20.52
CA ALA A 586 15.90 -38.72 19.63
C ALA A 586 14.50 -38.19 19.87
N ILE A 587 14.37 -36.86 19.88
CA ILE A 587 13.07 -36.21 20.07
C ILE A 587 12.71 -35.42 18.82
N PHE A 588 11.55 -34.76 18.84
CA PHE A 588 11.10 -33.97 17.71
C PHE A 588 10.14 -32.91 18.20
N THR A 589 10.43 -31.64 17.90
CA THR A 589 9.60 -30.52 18.30
C THR A 589 9.44 -29.58 17.11
N THR A 590 8.54 -28.60 17.27
CA THR A 590 8.26 -27.61 16.25
C THR A 590 8.70 -26.23 16.74
N GLY A 591 8.24 -25.20 16.03
CA GLY A 591 8.59 -23.84 16.38
C GLY A 591 7.55 -23.16 17.26
N GLN A 592 6.28 -23.21 16.83
CA GLN A 592 5.22 -22.59 17.60
C GLN A 592 4.79 -23.44 18.79
N GLY A 593 5.24 -24.69 18.87
CA GLY A 593 4.88 -25.54 19.99
C GLY A 593 5.73 -25.36 21.22
N ALA A 594 6.79 -24.56 21.14
CA ALA A 594 7.67 -24.31 22.29
C ALA A 594 8.19 -22.88 22.19
N SER A 595 8.82 -22.44 23.27
CA SER A 595 9.40 -21.10 23.33
C SER A 595 10.54 -21.04 24.33
N ALA A 596 10.69 -19.89 25.00
CA ALA A 596 11.75 -19.75 25.99
C ALA A 596 11.45 -20.53 27.26
N VAL A 597 10.17 -20.86 27.50
CA VAL A 597 9.82 -21.63 28.68
C VAL A 597 10.15 -23.11 28.49
N GLY A 598 9.49 -23.75 27.52
CA GLY A 598 9.75 -25.14 27.24
C GLY A 598 11.00 -25.35 26.40
N LEU A 599 12.15 -24.98 26.94
CA LEU A 599 13.41 -25.13 26.22
C LEU A 599 14.38 -26.00 27.00
N THR A 600 14.88 -25.50 28.12
CA THR A 600 15.82 -26.23 28.96
C THR A 600 15.51 -26.13 30.45
N ALA A 601 15.03 -24.97 30.91
CA ALA A 601 14.71 -24.78 32.31
C ALA A 601 13.80 -23.57 32.45
N TYR A 602 12.86 -23.64 33.40
CA TYR A 602 11.94 -22.54 33.65
C TYR A 602 11.42 -22.58 35.08
N GLN A 604 7.26 -22.39 37.57
CA GLN A 604 8.22 -21.78 38.47
C GLN A 604 8.30 -22.54 39.79
N ARG A 605 7.23 -22.45 40.58
CA ARG A 605 7.15 -23.08 41.89
C ARG A 605 6.03 -24.12 41.90
N HIS A 606 5.65 -24.57 43.09
CA HIS A 606 4.57 -25.53 43.29
C HIS A 606 3.52 -24.89 44.18
N PRO A 607 2.64 -24.05 43.61
CA PRO A 607 1.67 -23.32 44.43
C PRO A 607 0.57 -24.22 44.97
N VAL A 608 0.89 -25.03 45.98
CA VAL A 608 -0.09 -25.89 46.63
C VAL A 608 0.03 -25.73 48.14
N SER A 609 1.25 -25.84 48.66
CA SER A 609 1.50 -25.71 50.09
C SER A 609 2.83 -25.01 50.34
N ARG A 610 3.07 -23.92 49.62
CA ARG A 610 4.29 -23.14 49.74
C ARG A 610 5.53 -23.99 49.49
N GLU A 611 5.83 -24.28 48.23
CA GLU A 611 6.98 -25.09 47.86
C GLU A 611 7.68 -24.46 46.66
N TRP A 612 8.93 -24.85 46.46
CA TRP A 612 9.75 -24.37 45.36
C TRP A 612 10.42 -25.55 44.69
N THR A 613 10.10 -25.78 43.41
CA THR A 613 10.67 -26.89 42.66
C THR A 613 10.88 -26.45 41.22
N LEU A 614 12.13 -26.49 40.77
CA LEU A 614 12.45 -26.12 39.40
C LEU A 614 12.11 -27.26 38.45
N GLU A 615 11.88 -26.90 37.20
CA GLU A 615 11.53 -27.85 36.14
C GLU A 615 12.63 -27.85 35.07
N ALA A 616 12.40 -28.64 34.02
CA ALA A 616 13.33 -28.76 32.92
C ALA A 616 12.56 -28.68 31.61
N GLY A 617 13.31 -28.55 30.51
CA GLY A 617 12.71 -28.47 29.20
C GLY A 617 12.84 -29.74 28.39
N ALA A 618 13.32 -29.62 27.15
CA ALA A 618 13.50 -30.77 26.28
C ALA A 618 14.96 -31.08 25.95
N LEU A 619 15.86 -30.11 26.09
CA LEU A 619 17.27 -30.34 25.79
C LEU A 619 18.01 -31.03 26.93
N VAL A 620 17.49 -30.95 28.16
CA VAL A 620 18.16 -31.58 29.29
C VAL A 620 17.90 -33.08 29.28
N LEU A 621 16.67 -33.49 29.02
CA LEU A 621 16.33 -34.91 29.02
C LEU A 621 16.93 -35.64 27.83
N ALA A 622 17.29 -34.93 26.76
CA ALA A 622 17.89 -35.53 25.58
C ALA A 622 19.42 -35.56 25.67
N ASP A 623 19.93 -36.14 26.75
CA ASP A 623 21.38 -36.22 26.95
C ASP A 623 22.01 -37.21 25.97
N ARG A 624 23.25 -36.91 25.59
CA ARG A 624 24.05 -37.69 24.64
C ARG A 624 23.23 -38.28 23.50
N GLY A 625 22.31 -37.48 22.94
CA GLY A 625 21.48 -37.93 21.84
C GLY A 625 21.46 -36.96 20.69
N VAL A 626 20.52 -37.16 19.76
CA VAL A 626 20.37 -36.31 18.59
C VAL A 626 19.02 -35.62 18.67
N CYS A 627 19.04 -34.29 18.75
CA CYS A 627 17.83 -33.49 18.83
C CYS A 627 17.40 -33.04 17.44
N LEU A 628 16.08 -33.00 17.21
CA LEU A 628 15.51 -32.59 15.94
C LEU A 628 14.54 -31.45 16.20
N ILE A 629 14.84 -30.28 15.64
CA ILE A 629 14.02 -29.08 15.80
C ILE A 629 13.48 -28.70 14.43
N ASP A 630 12.15 -28.68 14.31
CA ASP A 630 11.48 -28.31 13.06
C ASP A 630 10.97 -26.89 13.15
N GLU A 631 10.90 -26.23 12.00
CA GLU A 631 10.42 -24.85 11.88
C GLU A 631 11.24 -23.91 12.76
N PHE A 632 12.49 -23.68 12.33
CA PHE A 632 13.41 -22.84 13.09
C PHE A 632 13.47 -21.41 12.58
N ASP A 633 13.24 -21.19 11.29
CA ASP A 633 13.29 -19.84 10.76
C ASP A 633 12.11 -19.00 11.19
N LYS A 634 10.96 -19.64 11.46
CA LYS A 634 9.78 -18.93 11.92
C LYS A 634 9.75 -18.73 13.43
N MET A 635 10.85 -19.01 14.12
CA MET A 635 10.91 -18.83 15.56
C MET A 635 10.95 -17.35 15.92
N ASN A 636 10.50 -17.04 17.13
CA ASN A 636 10.47 -15.66 17.60
C ASN A 636 11.89 -15.14 17.80
N ASP A 637 12.02 -13.81 17.76
CA ASP A 637 13.33 -13.19 17.93
C ASP A 637 13.83 -13.32 19.36
N GLN A 638 12.93 -13.36 20.33
CA GLN A 638 13.31 -13.50 21.73
C GLN A 638 13.72 -14.93 22.09
N ASP A 639 13.47 -15.89 21.22
CA ASP A 639 13.84 -17.28 21.46
C ASP A 639 15.15 -17.69 20.80
N ARG A 640 15.48 -17.12 19.65
CA ARG A 640 16.73 -17.45 18.97
C ARG A 640 17.94 -16.89 19.70
N THR A 641 17.77 -15.80 20.44
CA THR A 641 18.87 -15.18 21.18
C THR A 641 19.02 -15.74 22.59
N SER A 642 18.27 -16.79 22.94
CA SER A 642 18.36 -17.41 24.26
C SER A 642 18.80 -18.87 24.19
N ILE A 643 19.01 -19.41 22.99
CA ILE A 643 19.43 -20.80 22.84
C ILE A 643 20.94 -20.94 22.71
N HIS A 644 21.68 -19.83 22.69
CA HIS A 644 23.12 -19.90 22.53
C HIS A 644 23.82 -20.43 23.77
N GLU A 645 23.18 -20.35 24.94
CA GLU A 645 23.80 -20.83 26.17
C GLU A 645 23.88 -22.36 26.20
N ALA A 646 22.91 -23.03 25.58
CA ALA A 646 22.89 -24.50 25.61
C ALA A 646 23.82 -25.11 24.57
N MET A 647 24.13 -24.37 23.50
CA MET A 647 24.99 -24.86 22.43
C MET A 647 26.36 -24.19 22.45
N GLU A 648 26.92 -24.00 23.65
CA GLU A 648 28.27 -23.48 23.81
C GLU A 648 29.07 -24.15 24.92
N GLN A 649 28.41 -24.69 25.96
CA GLN A 649 29.09 -25.34 27.06
C GLN A 649 28.44 -26.67 27.47
N GLN A 650 27.32 -27.05 26.86
CA GLN A 650 26.61 -28.30 27.17
C GLN A 650 26.21 -28.37 28.64
N SER A 651 25.93 -27.22 29.25
CA SER A 651 25.53 -27.16 30.65
C SER A 651 24.82 -25.85 30.91
N ILE A 652 23.97 -25.85 31.93
CA ILE A 652 23.22 -24.66 32.33
C ILE A 652 23.29 -24.53 33.85
N SER A 653 23.59 -23.33 34.33
CA SER A 653 23.71 -23.04 35.75
C SER A 653 22.42 -22.36 36.21
N ILE A 654 21.52 -23.14 36.80
CA ILE A 654 20.25 -22.61 37.29
C ILE A 654 20.50 -21.92 38.63
N SER A 655 20.29 -20.61 38.67
CA SER A 655 20.50 -19.80 39.87
C SER A 655 19.13 -19.32 40.36
N LYS A 656 18.38 -20.23 40.97
CA LYS A 656 17.05 -19.94 41.49
C LYS A 656 16.99 -20.27 42.97
N ALA A 657 16.37 -19.37 43.74
CA ALA A 657 16.20 -19.54 45.18
C ALA A 657 17.54 -19.70 45.90
N GLY A 658 18.59 -19.06 45.37
CA GLY A 658 19.89 -19.14 46.00
C GLY A 658 20.56 -20.49 45.96
N ILE A 659 20.11 -21.38 45.07
CA ILE A 659 20.66 -22.72 44.96
C ILE A 659 21.14 -22.92 43.52
N VAL A 660 22.43 -23.17 43.35
CA VAL A 660 23.03 -23.39 42.04
C VAL A 660 23.38 -24.87 41.91
N THR A 661 23.21 -25.39 40.70
CA THR A 661 23.50 -26.80 40.42
C THR A 661 23.81 -26.95 38.94
N SER A 662 24.95 -27.55 38.62
CA SER A 662 25.37 -27.75 37.25
C SER A 662 25.12 -29.20 36.82
N LEU A 663 24.75 -29.37 35.56
CA LEU A 663 24.46 -30.69 35.01
C LEU A 663 25.20 -30.83 33.68
N GLN A 664 24.80 -31.82 32.89
CA GLN A 664 25.41 -32.06 31.58
C GLN A 664 24.32 -32.42 30.58
N ALA A 665 24.35 -31.79 29.42
CA ALA A 665 23.36 -32.02 28.35
C ALA A 665 24.11 -32.00 27.02
N ARG A 666 24.39 -33.19 26.50
CA ARG A 666 25.08 -33.34 25.22
C ARG A 666 24.03 -33.48 24.12
N CYS A 667 23.93 -32.47 23.26
CA CYS A 667 22.94 -32.45 22.19
C CYS A 667 23.57 -32.00 20.89
N THR A 668 22.96 -32.41 19.78
CA THR A 668 23.37 -32.01 18.45
C THR A 668 22.18 -31.35 17.76
N VAL A 669 22.25 -30.03 17.59
CA VAL A 669 21.14 -29.28 17.01
C VAL A 669 21.05 -29.58 15.52
N ILE A 670 19.90 -30.08 15.10
CA ILE A 670 19.62 -30.38 13.69
C ILE A 670 18.31 -29.68 13.35
N ALA A 671 18.40 -28.55 12.65
CA ALA A 671 17.23 -27.75 12.31
C ALA A 671 17.02 -27.74 10.81
N ALA A 672 15.80 -27.38 10.41
CA ALA A 672 15.42 -27.29 9.00
C ALA A 672 14.74 -25.94 8.78
N ALA A 673 15.45 -25.02 8.12
CA ALA A 673 14.95 -23.67 7.89
C ALA A 673 14.40 -23.55 6.47
N ASN A 674 13.70 -22.45 6.23
CA ASN A 674 13.09 -22.14 4.95
C ASN A 674 13.46 -20.72 4.53
N PRO A 675 13.52 -20.45 3.23
CA PRO A 675 13.84 -19.09 2.77
C PRO A 675 12.73 -18.12 3.12
N ILE A 676 13.07 -16.83 3.01
CA ILE A 676 12.14 -15.76 3.34
C ILE A 676 11.10 -15.61 2.24
N GLY A 677 9.83 -15.60 2.62
CA GLY A 677 8.74 -15.40 1.68
C GLY A 677 8.52 -16.56 0.73
N GLY A 678 8.91 -16.38 -0.53
CA GLY A 678 8.68 -17.40 -1.54
C GLY A 678 9.68 -18.54 -1.49
N ARG A 679 10.38 -18.77 -2.60
CA ARG A 679 11.32 -19.86 -2.72
C ARG A 679 12.75 -19.37 -2.45
N TYR A 680 13.70 -20.29 -2.52
CA TYR A 680 15.10 -19.96 -2.28
C TYR A 680 15.74 -19.42 -3.55
N ASP A 681 16.51 -18.35 -3.40
CA ASP A 681 17.19 -17.71 -4.53
C ASP A 681 18.69 -17.89 -4.39
N PRO A 682 19.34 -18.67 -5.27
CA PRO A 682 20.80 -18.86 -5.17
C PRO A 682 21.60 -17.59 -5.44
N SER A 683 20.97 -16.54 -5.97
CA SER A 683 21.69 -15.31 -6.27
C SER A 683 22.05 -14.51 -5.02
N LEU A 684 21.52 -14.87 -3.85
CA LEU A 684 21.82 -14.20 -2.61
C LEU A 684 22.61 -15.13 -1.68
N THR A 685 23.29 -14.52 -0.71
CA THR A 685 24.07 -15.29 0.24
C THR A 685 23.16 -16.04 1.21
N PHE A 686 23.66 -17.17 1.71
CA PHE A 686 22.87 -17.98 2.64
C PHE A 686 22.70 -17.29 3.98
N SER A 687 23.64 -16.43 4.36
CA SER A 687 23.54 -15.72 5.64
C SER A 687 22.48 -14.64 5.61
N GLU A 688 22.04 -14.21 4.42
CA GLU A 688 21.02 -13.18 4.29
C GLU A 688 19.73 -13.68 3.66
N ASN A 689 19.73 -14.84 3.01
CA ASN A 689 18.52 -15.37 2.39
C ASN A 689 17.55 -15.95 3.41
N VAL A 690 18.03 -16.35 4.58
CA VAL A 690 17.20 -16.93 5.63
C VAL A 690 17.04 -15.89 6.74
N ASP A 691 15.82 -15.78 7.27
CA ASP A 691 15.52 -14.82 8.33
C ASP A 691 16.04 -15.37 9.66
N LEU A 692 17.36 -15.30 9.81
CA LEU A 692 18.03 -15.75 11.02
C LEU A 692 19.12 -14.75 11.40
N THR A 693 19.46 -14.73 12.68
CA THR A 693 20.49 -13.84 13.17
C THR A 693 21.87 -14.34 12.76
N GLU A 694 22.88 -13.49 12.98
CA GLU A 694 24.25 -13.82 12.58
C GLU A 694 25.05 -14.60 13.63
N PRO A 695 24.82 -14.46 14.94
CA PRO A 695 25.61 -15.26 15.90
C PRO A 695 25.24 -16.73 15.91
N ILE A 696 24.04 -17.10 15.42
CA ILE A 696 23.65 -18.50 15.43
C ILE A 696 24.18 -19.25 14.21
N ILE A 697 24.53 -18.54 13.13
CA ILE A 697 25.04 -19.21 11.94
C ILE A 697 26.47 -19.68 12.17
N SER A 698 27.27 -18.90 12.90
CA SER A 698 28.66 -19.24 13.19
C SER A 698 28.80 -20.22 14.35
N ARG A 699 27.85 -21.15 14.52
CA ARG A 699 27.91 -22.14 15.58
C ARG A 699 27.71 -23.57 15.08
N PHE A 700 27.37 -23.73 13.80
CA PHE A 700 27.19 -25.06 13.22
C PHE A 700 28.52 -25.53 12.62
N ASP A 701 28.46 -26.32 11.55
CA ASP A 701 29.65 -26.83 10.90
C ASP A 701 29.38 -27.19 9.46
N ILE A 702 28.39 -28.04 9.22
CA ILE A 702 28.02 -28.48 7.88
C ILE A 702 26.84 -27.65 7.41
N LEU A 703 27.02 -26.93 6.30
CA LEU A 703 26.00 -26.08 5.72
C LEU A 703 25.71 -26.50 4.27
N CYS A 704 25.69 -27.80 4.01
CA CYS A 704 25.45 -28.32 2.68
C CYS A 704 23.97 -28.14 2.33
N VAL A 705 23.68 -27.26 1.37
CA VAL A 705 22.33 -27.00 0.91
C VAL A 705 22.22 -27.37 -0.56
N VAL A 706 20.99 -27.64 -1.01
CA VAL A 706 20.74 -28.03 -2.38
C VAL A 706 19.62 -27.16 -2.94
N ARG A 707 19.59 -27.05 -4.27
CA ARG A 707 18.58 -26.28 -4.99
C ARG A 707 18.02 -27.15 -6.10
N ASP A 708 16.71 -27.39 -6.07
CA ASP A 708 16.07 -28.20 -7.09
C ASP A 708 15.67 -27.35 -8.29
N THR A 709 15.80 -27.92 -9.48
CA THR A 709 15.46 -27.23 -10.72
C THR A 709 15.10 -28.26 -11.78
N VAL A 710 14.57 -27.77 -12.89
CA VAL A 710 14.17 -28.64 -14.00
C VAL A 710 15.43 -29.12 -14.72
N ASP A 711 15.71 -30.41 -14.61
CA ASP A 711 16.88 -31.02 -15.24
C ASP A 711 16.45 -32.25 -16.02
N PRO A 712 16.40 -32.20 -17.35
CA PRO A 712 15.99 -33.39 -18.12
C PRO A 712 17.05 -34.48 -18.17
N VAL A 713 18.27 -34.22 -17.68
CA VAL A 713 19.33 -35.22 -17.72
C VAL A 713 19.34 -36.10 -16.48
N GLN A 714 18.48 -35.82 -15.50
CA GLN A 714 18.44 -36.62 -14.28
C GLN A 714 17.03 -36.83 -13.73
N ASP A 715 15.98 -36.46 -14.47
CA ASP A 715 14.62 -36.62 -13.99
C ASP A 715 14.08 -38.02 -14.21
N GLU A 716 14.86 -38.91 -14.83
CA GLU A 716 14.38 -40.27 -15.08
C GLU A 716 14.61 -41.20 -13.90
N MET A 717 15.46 -40.82 -12.95
CA MET A 717 15.67 -41.63 -11.76
C MET A 717 14.74 -41.24 -10.62
N LEU A 718 14.24 -40.00 -10.60
CA LEU A 718 13.33 -39.58 -9.55
C LEU A 718 11.98 -40.24 -9.70
N ALA A 719 11.42 -40.23 -10.92
CA ALA A 719 10.12 -40.85 -11.15
C ALA A 719 10.19 -42.37 -11.14
N ARG A 720 11.39 -42.95 -11.29
CA ARG A 720 11.54 -44.39 -11.28
C ARG A 720 11.76 -44.94 -9.87
N PHE A 721 12.32 -44.15 -8.97
CA PHE A 721 12.56 -44.63 -7.61
C PHE A 721 11.34 -44.46 -6.72
N VAL A 722 10.50 -43.46 -6.99
CA VAL A 722 9.31 -43.27 -6.17
C VAL A 722 8.25 -44.32 -6.47
N VAL A 723 8.26 -44.89 -7.68
CA VAL A 723 7.30 -45.92 -8.02
C VAL A 723 7.77 -47.31 -7.61
N GLY A 724 9.07 -47.50 -7.37
CA GLY A 724 9.58 -48.76 -6.89
C GLY A 724 9.42 -48.91 -5.40
N SER A 725 9.59 -47.82 -4.67
CA SER A 725 9.38 -47.82 -3.22
C SER A 725 7.90 -47.75 -2.85
N HIS A 726 7.04 -47.33 -3.77
CA HIS A 726 5.61 -47.28 -3.48
C HIS A 726 5.02 -48.67 -3.31
N VAL A 727 5.57 -49.66 -4.02
CA VAL A 727 5.09 -51.04 -3.88
C VAL A 727 5.83 -51.78 -2.77
N ARG A 728 7.13 -51.49 -2.58
CA ARG A 728 7.88 -52.17 -1.53
C ARG A 728 7.40 -51.75 -0.15
N HIS A 729 7.07 -50.47 0.03
CA HIS A 729 6.59 -49.96 1.31
C HIS A 729 5.07 -49.99 1.41
N HIS A 730 4.42 -50.96 0.78
CA HIS A 730 2.97 -51.10 0.82
C HIS A 730 2.56 -52.14 1.85
N PRO A 731 1.49 -51.90 2.60
CA PRO A 731 1.08 -52.88 3.62
C PRO A 731 0.64 -54.21 3.05
N SER A 732 0.14 -54.23 1.80
CA SER A 732 -0.25 -55.50 1.20
C SER A 732 0.96 -56.33 0.79
N ASN A 733 2.08 -55.67 0.45
CA ASN A 733 3.29 -56.37 0.05
C ASN A 733 4.04 -56.95 1.26
N LYS A 734 3.83 -56.40 2.45
CA LYS A 734 4.51 -56.90 3.64
C LYS A 734 4.00 -58.27 4.09
N GLU A 735 2.88 -58.74 3.53
CA GLU A 735 2.38 -60.06 3.91
C GLU A 735 3.27 -61.18 3.41
N GLU A 736 3.94 -60.97 2.28
CA GLU A 736 4.86 -61.95 1.72
C GLU A 736 6.32 -61.63 1.97
N GLU A 737 6.60 -60.52 2.66
CA GLU A 737 7.98 -60.12 2.96
C GLU A 737 8.24 -60.09 4.46
N GLY A 738 7.60 -59.19 5.19
CA GLY A 738 7.78 -59.12 6.63
C GLY A 738 7.05 -60.20 7.38
N LEU A 739 5.82 -60.50 6.96
CA LEU A 739 5.04 -61.55 7.62
C LEU A 739 5.54 -62.94 7.24
N ALA A 740 5.79 -63.17 5.95
CA ALA A 740 6.28 -64.45 5.46
C ALA A 740 7.80 -64.38 5.34
N ASN A 741 8.50 -65.06 6.25
CA ASN A 741 9.95 -65.06 6.24
C ASN A 741 10.47 -65.95 5.13
N GLY A 742 11.53 -65.49 4.46
CA GLY A 742 12.13 -66.24 3.38
C GLY A 742 11.61 -65.93 2.00
N SER A 743 10.99 -64.76 1.81
CA SER A 743 10.45 -64.39 0.52
C SER A 743 10.42 -62.87 0.41
N ALA A 744 10.64 -62.37 -0.80
CA ALA A 744 10.64 -60.93 -1.05
C ALA A 744 10.26 -60.69 -2.50
N ALA A 745 9.40 -59.69 -2.72
CA ALA A 745 8.97 -59.37 -4.08
C ALA A 745 10.05 -58.61 -4.84
N GLU A 746 10.54 -57.51 -4.27
CA GLU A 746 11.57 -56.70 -4.90
C GLU A 746 12.85 -56.79 -4.09
N PRO A 747 14.01 -56.95 -4.73
CA PRO A 747 15.28 -57.03 -3.98
C PRO A 747 15.76 -55.66 -3.53
N ALA A 748 17.04 -55.37 -3.75
CA ALA A 748 17.63 -54.10 -3.37
C ALA A 748 17.58 -53.12 -4.53
N MET A 749 17.43 -51.84 -4.20
CA MET A 749 17.36 -50.80 -5.21
C MET A 749 18.76 -50.47 -5.73
N PRO A 750 18.91 -50.23 -7.03
CA PRO A 750 20.23 -49.89 -7.57
C PRO A 750 20.77 -48.58 -7.04
N ASN A 751 21.75 -48.65 -6.15
CA ASN A 751 22.35 -47.46 -5.57
C ASN A 751 23.33 -46.82 -6.55
N THR A 752 23.87 -45.68 -6.15
CA THR A 752 24.83 -44.95 -6.97
C THR A 752 26.28 -45.35 -6.70
N TYR A 753 26.49 -46.41 -5.92
CA TYR A 753 27.84 -46.90 -5.66
C TYR A 753 27.98 -48.41 -5.76
N GLY A 754 26.89 -49.14 -6.02
CA GLY A 754 26.97 -50.58 -6.13
C GLY A 754 27.20 -51.30 -4.81
N VAL A 755 26.88 -50.67 -3.69
CA VAL A 755 27.06 -51.25 -2.37
C VAL A 755 25.69 -51.60 -1.80
N GLU A 756 25.58 -52.79 -1.22
CA GLU A 756 24.32 -53.23 -0.66
C GLU A 756 23.99 -52.41 0.59
N PRO A 757 22.72 -52.01 0.77
CA PRO A 757 22.37 -51.21 1.95
C PRO A 757 22.28 -52.04 3.22
N LEU A 758 21.74 -51.45 4.29
CA LEU A 758 21.61 -52.12 5.56
C LEU A 758 20.14 -52.21 5.96
N PRO A 759 19.72 -53.31 6.59
CA PRO A 759 18.32 -53.44 7.02
C PRO A 759 17.98 -52.53 8.19
N GLN A 760 17.77 -53.12 9.36
CA GLN A 760 17.42 -52.37 10.56
C GLN A 760 18.26 -52.75 11.77
N GLU A 761 18.48 -54.04 12.01
CA GLU A 761 19.23 -54.47 13.19
C GLU A 761 20.70 -54.11 13.11
N VAL A 762 21.22 -53.75 11.93
CA VAL A 762 22.63 -53.40 11.81
C VAL A 762 22.89 -52.02 12.40
N LEU A 763 21.99 -51.07 12.18
CA LEU A 763 22.17 -49.72 12.69
C LEU A 763 21.91 -49.63 14.19
N LYS A 764 21.21 -50.60 14.77
CA LYS A 764 20.94 -50.57 16.20
C LYS A 764 22.18 -50.94 17.00
N LYS A 765 22.86 -52.02 16.62
CA LYS A 765 24.05 -52.50 17.29
C LYS A 765 25.33 -51.84 16.78
N TYR A 766 25.20 -50.72 16.07
CA TYR A 766 26.36 -50.01 15.51
C TYR A 766 26.79 -48.81 16.34
N ILE A 767 25.84 -48.03 16.85
CA ILE A 767 26.18 -46.85 17.64
C ILE A 767 26.38 -47.16 19.11
N ILE A 768 25.96 -48.34 19.57
CA ILE A 768 26.13 -48.73 20.97
C ILE A 768 27.39 -49.57 21.19
N TYR A 769 28.30 -49.58 20.21
CA TYR A 769 29.52 -50.35 20.33
C TYR A 769 30.74 -49.52 19.93
N ALA A 770 30.72 -48.95 18.73
CA ALA A 770 31.86 -48.17 18.25
C ALA A 770 32.03 -46.88 19.03
N LYS A 771 30.93 -46.30 19.53
CA LYS A 771 31.01 -45.04 20.25
C LYS A 771 31.50 -45.22 21.68
N GLU A 772 31.43 -46.43 22.24
CA GLU A 772 31.83 -46.70 23.62
C GLU A 772 32.83 -47.86 23.63
N ARG A 773 33.96 -47.67 22.96
CA ARG A 773 35.01 -48.69 22.93
C ARG A 773 36.36 -48.06 22.60
N VAL A 774 36.59 -47.75 21.33
CA VAL A 774 37.84 -47.15 20.90
C VAL A 774 37.78 -45.65 21.08
N HIS A 775 38.80 -45.08 21.71
CA HIS A 775 38.88 -43.65 21.96
C HIS A 775 40.07 -43.08 21.18
N PRO A 776 39.83 -42.41 20.05
CA PRO A 776 40.96 -41.85 19.28
C PRO A 776 41.58 -40.67 19.99
N LYS A 777 42.91 -40.65 20.00
CA LYS A 777 43.67 -39.58 20.63
C LYS A 777 44.06 -38.53 19.60
N LEU A 778 44.92 -37.60 20.02
CA LEU A 778 45.39 -36.51 19.17
C LEU A 778 46.89 -36.67 18.97
N ASN A 779 47.30 -36.99 17.74
CA ASN A 779 48.70 -37.18 17.40
C ASN A 779 49.26 -35.88 16.86
N GLN A 780 50.41 -35.96 16.18
CA GLN A 780 51.09 -34.80 15.62
C GLN A 780 51.77 -35.22 14.31
N MET A 781 50.96 -35.50 13.29
CA MET A 781 51.47 -35.84 11.97
C MET A 781 51.82 -34.59 11.18
N ASP A 782 51.41 -34.54 9.92
CA ASP A 782 51.65 -33.38 9.06
C ASP A 782 50.58 -32.32 9.23
N GLN A 783 50.31 -31.95 10.49
CA GLN A 783 49.30 -30.92 10.76
C GLN A 783 49.80 -29.52 10.43
N ASP A 784 51.11 -29.33 10.29
CA ASP A 784 51.64 -28.02 9.95
C ASP A 784 51.40 -27.65 8.49
N LYS A 785 51.03 -28.63 7.65
CA LYS A 785 50.76 -28.33 6.26
C LYS A 785 49.47 -27.53 6.10
N VAL A 786 48.50 -27.73 6.99
CA VAL A 786 47.26 -26.98 6.93
C VAL A 786 47.46 -25.53 7.34
N ALA A 787 48.52 -25.23 8.09
CA ALA A 787 48.78 -23.86 8.53
C ALA A 787 49.07 -22.95 7.34
N LYS A 788 50.05 -23.33 6.51
CA LYS A 788 50.38 -22.54 5.34
C LYS A 788 49.35 -22.67 4.22
N MET A 789 48.57 -23.76 4.21
CA MET A 789 47.52 -23.90 3.22
C MET A 789 46.34 -22.97 3.51
N TYR A 790 46.09 -22.69 4.79
CA TYR A 790 45.01 -21.77 5.15
C TYR A 790 45.29 -20.35 4.66
N SER A 791 46.58 -19.96 4.60
CA SER A 791 46.93 -18.63 4.13
C SER A 791 46.71 -18.44 2.64
N ASP A 792 46.58 -19.52 1.87
CA ASP A 792 46.34 -19.40 0.44
C ASP A 792 44.94 -18.86 0.16
N LEU A 793 43.94 -19.34 0.90
CA LEU A 793 42.58 -18.87 0.73
C LEU A 793 42.29 -17.60 1.53
N ARG A 794 43.05 -17.35 2.59
CA ARG A 794 42.82 -16.15 3.40
C ARG A 794 43.10 -14.89 2.61
N LYS A 795 44.10 -14.92 1.73
CA LYS A 795 44.44 -13.77 0.89
C LYS A 795 44.04 -13.98 -0.57
N GLU A 796 42.81 -14.45 -0.80
CA GLU A 796 42.32 -14.72 -2.14
C GLU A 796 40.80 -14.64 -2.18
N SER A 797 40.16 -14.74 -1.01
CA SER A 797 38.71 -14.73 -0.95
C SER A 797 38.14 -13.37 -1.37
N MET A 798 38.73 -12.29 -0.88
CA MET A 798 38.28 -10.95 -1.25
C MET A 798 38.79 -10.50 -2.60
N ALA A 799 39.55 -11.32 -3.32
CA ALA A 799 40.04 -10.96 -4.63
C ALA A 799 38.94 -10.97 -5.70
N THR A 800 37.78 -11.57 -5.40
CA THR A 800 36.69 -11.61 -6.36
C THR A 800 35.39 -11.14 -5.69
N GLY A 801 35.10 -11.65 -4.49
CA GLY A 801 33.92 -11.26 -3.77
C GLY A 801 33.38 -12.34 -2.87
N SER A 802 34.08 -12.62 -1.77
CA SER A 802 33.65 -13.63 -0.82
C SER A 802 34.26 -13.32 0.55
N ILE A 803 33.61 -13.83 1.59
CA ILE A 803 34.07 -13.63 2.96
C ILE A 803 35.21 -14.61 3.24
N PRO A 804 36.20 -14.24 4.04
CA PRO A 804 37.30 -15.15 4.34
C PRO A 804 36.87 -16.24 5.33
N ILE A 805 37.74 -17.24 5.47
CA ILE A 805 37.50 -18.35 6.38
C ILE A 805 38.00 -17.97 7.77
N THR A 806 37.14 -18.11 8.77
CA THR A 806 37.50 -17.79 10.14
C THR A 806 38.21 -18.97 10.78
N VAL A 807 38.41 -18.91 12.10
CA VAL A 807 39.09 -19.98 12.83
C VAL A 807 38.17 -21.15 13.12
N ARG A 808 36.89 -21.06 12.73
CA ARG A 808 35.96 -22.16 12.99
C ARG A 808 36.31 -23.40 12.19
N HIS A 809 36.81 -23.22 10.97
CA HIS A 809 37.16 -24.35 10.12
C HIS A 809 38.51 -24.97 10.48
N ILE A 810 39.25 -24.39 11.41
CA ILE A 810 40.53 -24.94 11.80
C ILE A 810 40.38 -25.91 12.97
N GLU A 811 39.65 -25.49 14.01
CA GLU A 811 39.47 -26.34 15.18
C GLU A 811 38.45 -27.45 14.93
N SER A 812 37.66 -27.35 13.85
CA SER A 812 36.64 -28.35 13.54
C SER A 812 37.18 -29.54 12.75
N MET A 813 38.44 -29.48 12.30
CA MET A 813 38.99 -30.58 11.53
C MET A 813 39.15 -31.84 12.38
N ILE A 814 39.31 -31.68 13.69
CA ILE A 814 39.43 -32.84 14.58
C ILE A 814 38.10 -33.56 14.74
N ARG A 815 36.99 -32.87 14.52
CA ARG A 815 35.68 -33.49 14.70
C ARG A 815 35.43 -34.58 13.67
N MET A 816 35.56 -34.25 12.38
CA MET A 816 35.35 -35.24 11.33
C MET A 816 36.52 -36.21 11.19
N ALA A 817 37.67 -35.89 11.78
CA ALA A 817 38.80 -36.81 11.72
C ALA A 817 38.58 -38.03 12.61
N GLU A 818 38.00 -37.82 13.79
CA GLU A 818 37.70 -38.94 14.68
C GLU A 818 36.39 -39.62 14.38
N ALA A 819 35.51 -38.97 13.59
CA ALA A 819 34.23 -39.59 13.25
C ALA A 819 34.42 -40.69 12.23
N HIS A 820 35.26 -40.47 11.21
CA HIS A 820 35.49 -41.48 10.20
C HIS A 820 36.41 -42.58 10.72
N ALA A 821 37.32 -42.24 11.64
CA ALA A 821 38.21 -43.25 12.20
C ALA A 821 37.44 -44.23 13.08
N ARG A 822 36.31 -43.81 13.64
CA ARG A 822 35.51 -44.71 14.45
C ARG A 822 34.78 -45.74 13.59
N ILE A 823 34.52 -45.42 12.32
CA ILE A 823 33.86 -46.37 11.42
C ILE A 823 34.80 -47.53 11.11
N HIS A 824 36.04 -47.21 10.72
CA HIS A 824 37.04 -48.23 10.42
C HIS A 824 37.73 -48.77 11.67
N LEU A 825 37.34 -48.30 12.85
CA LEU A 825 37.92 -48.74 14.13
C LEU A 825 39.43 -48.51 14.14
N ARG A 826 39.78 -47.23 14.25
CA ARG A 826 41.17 -46.79 14.32
C ARG A 826 41.45 -46.20 15.70
N ASP A 827 42.49 -46.70 16.36
CA ASP A 827 42.87 -46.19 17.67
C ASP A 827 43.46 -44.80 17.60
N TYR A 828 44.04 -44.41 16.45
CA TYR A 828 44.62 -43.09 16.28
C TYR A 828 44.15 -42.51 14.96
N VAL A 829 44.30 -41.20 14.82
CA VAL A 829 43.90 -40.52 13.60
C VAL A 829 44.89 -40.82 12.48
N ILE A 830 44.39 -40.90 11.25
CA ILE A 830 45.20 -41.21 10.08
C ILE A 830 45.03 -40.10 9.07
N GLU A 831 45.99 -40.01 8.14
CA GLU A 831 45.94 -38.99 7.11
C GLU A 831 44.81 -39.20 6.12
N ASP A 832 44.27 -40.41 6.03
CA ASP A 832 43.15 -40.67 5.13
C ASP A 832 41.85 -40.06 5.63
N ASP A 833 41.76 -39.74 6.92
CA ASP A 833 40.56 -39.15 7.48
C ASP A 833 40.56 -37.62 7.41
N VAL A 834 41.72 -36.99 7.54
CA VAL A 834 41.78 -35.53 7.48
C VAL A 834 41.66 -35.01 6.05
N ASN A 835 41.90 -35.87 5.04
CA ASN A 835 41.76 -35.42 3.66
C ASN A 835 40.30 -35.37 3.23
N MET A 836 39.53 -36.40 3.58
CA MET A 836 38.12 -36.43 3.22
C MET A 836 37.27 -35.47 4.04
N ALA A 837 37.85 -34.81 5.06
CA ALA A 837 37.14 -33.83 5.84
C ALA A 837 37.24 -32.42 5.28
N ILE A 838 38.25 -32.16 4.45
CA ILE A 838 38.39 -30.83 3.86
C ILE A 838 37.38 -30.64 2.74
N ARG A 839 37.11 -31.69 1.97
CA ARG A 839 36.16 -31.59 0.87
C ARG A 839 34.74 -31.38 1.35
N VAL A 840 34.45 -31.70 2.62
CA VAL A 840 33.11 -31.51 3.16
C VAL A 840 32.91 -30.09 3.66
N MET A 841 33.92 -29.49 4.29
CA MET A 841 33.79 -28.13 4.77
C MET A 841 33.88 -27.10 3.65
N LEU A 842 34.46 -27.48 2.51
CA LEU A 842 34.56 -26.56 1.38
C LEU A 842 33.32 -26.58 0.49
N GLU A 843 32.69 -27.74 0.34
CA GLU A 843 31.47 -27.82 -0.47
C GLU A 843 30.28 -27.15 0.22
N SER A 844 30.34 -26.97 1.54
CA SER A 844 29.27 -26.29 2.25
C SER A 844 29.47 -24.79 2.32
N PHE A 845 30.72 -24.32 2.22
CA PHE A 845 30.98 -22.88 2.26
C PHE A 845 30.74 -22.22 0.90
N ILE A 846 30.95 -22.96 -0.20
CA ILE A 846 30.72 -22.41 -1.52
C ILE A 846 29.24 -22.24 -1.83
N ASP A 847 28.37 -22.94 -1.13
CA ASP A 847 26.93 -22.82 -1.34
C ASP A 847 26.32 -21.63 -0.59
N THR A 848 27.14 -20.79 0.04
CA THR A 848 26.67 -19.64 0.78
C THR A 848 27.03 -18.31 0.11
N GLN A 849 27.53 -18.36 -1.11
CA GLN A 849 27.94 -17.15 -1.83
C GLN A 849 27.24 -17.11 -3.18
N LYS A 850 27.76 -16.31 -4.09
CA LYS A 850 27.18 -16.16 -5.41
C LYS A 850 27.69 -17.25 -6.35
N PHE A 851 26.84 -17.66 -7.28
CA PHE A 851 27.20 -18.69 -8.25
C PHE A 851 28.26 -18.20 -9.24
N SER A 852 28.40 -16.89 -9.41
CA SER A 852 29.36 -16.36 -10.37
C SER A 852 30.80 -16.47 -9.90
N VAL A 853 31.04 -16.51 -8.59
CA VAL A 853 32.40 -16.57 -8.06
C VAL A 853 32.79 -18.01 -7.82
N MET A 854 31.96 -18.95 -8.29
CA MET A 854 32.28 -20.37 -8.12
C MET A 854 33.36 -20.83 -9.08
N ARG A 855 33.55 -20.13 -10.20
CA ARG A 855 34.58 -20.50 -11.16
C ARG A 855 35.98 -20.09 -10.72
N SER A 856 36.10 -19.21 -9.72
CA SER A 856 37.40 -18.79 -9.22
C SER A 856 37.86 -19.59 -8.01
N MET A 857 36.95 -20.26 -7.31
CA MET A 857 37.28 -21.05 -6.14
C MET A 857 37.36 -22.54 -6.43
N ARG A 858 36.49 -23.05 -7.31
CA ARG A 858 36.50 -24.48 -7.62
C ARG A 858 37.62 -24.82 -8.60
N LYS A 859 37.85 -23.97 -9.60
CA LYS A 859 38.90 -24.24 -10.58
C LYS A 859 40.29 -24.06 -9.98
N THR A 860 40.45 -23.11 -9.05
CA THR A 860 41.75 -22.89 -8.42
C THR A 860 42.07 -24.00 -7.42
N PHE A 861 41.12 -24.32 -6.54
CA PHE A 861 41.29 -25.37 -5.55
C PHE A 861 40.79 -26.73 -6.03
N ALA A 862 41.03 -27.06 -7.30
CA ALA A 862 40.60 -28.34 -7.83
C ALA A 862 41.43 -29.51 -7.31
N ARG A 863 42.67 -29.24 -6.86
CA ARG A 863 43.51 -30.31 -6.34
C ARG A 863 43.09 -30.74 -4.94
N TYR A 864 42.36 -29.89 -4.21
CA TYR A 864 41.91 -30.22 -2.87
C TYR A 864 40.53 -30.87 -2.84
N LEU A 865 39.70 -30.62 -3.86
CA LEU A 865 38.36 -31.20 -3.94
C LEU A 865 38.34 -32.51 -4.72
N SER A 866 39.46 -33.21 -4.82
CA SER A 866 39.55 -34.47 -5.56
C SER A 866 40.56 -35.36 -4.83
N PHE A 867 40.09 -36.05 -3.79
CA PHE A 867 40.91 -36.97 -3.01
C PHE A 867 40.37 -38.39 -3.16
N ARG A 868 40.98 -39.30 -2.42
CA ARG A 868 40.63 -40.73 -2.46
C ARG A 868 40.75 -41.28 -3.88
N MET B 46 8.50 -5.94 79.99
CA MET B 46 7.98 -7.22 80.42
C MET B 46 8.84 -7.83 81.51
N ALA B 47 8.23 -8.18 82.64
CA ALA B 47 6.80 -8.00 82.88
C ALA B 47 6.55 -7.26 84.19
N GLY B 48 7.63 -7.02 84.95
CA GLY B 48 7.52 -6.33 86.21
C GLY B 48 7.45 -4.82 86.13
N THR B 49 7.66 -4.25 84.94
CA THR B 49 7.61 -2.80 84.79
C THR B 49 6.18 -2.29 84.81
N VAL B 50 5.20 -3.13 84.44
CA VAL B 50 3.82 -2.69 84.43
C VAL B 50 3.25 -2.63 85.85
N VAL B 51 3.66 -3.54 86.72
CA VAL B 51 3.15 -3.54 88.08
C VAL B 51 3.67 -2.33 88.85
N LEU B 52 4.92 -1.93 88.59
CA LEU B 52 5.50 -0.78 89.28
C LEU B 52 4.82 0.52 88.87
N ASP B 53 4.25 0.58 87.66
CA ASP B 53 3.57 1.79 87.22
C ASP B 53 2.20 1.96 87.87
N ASP B 54 1.60 0.86 88.34
CA ASP B 54 0.30 0.95 88.98
C ASP B 54 0.40 1.57 90.37
N VAL B 55 1.52 1.35 91.06
CA VAL B 55 1.68 1.91 92.39
C VAL B 55 1.91 3.43 92.31
N GLU B 56 2.65 3.87 91.29
CA GLU B 56 2.91 5.29 91.11
C GLU B 56 1.67 6.06 90.71
N LEU B 57 0.66 5.38 90.15
CA LEU B 57 -0.56 6.06 89.76
C LEU B 57 -1.31 6.62 90.96
N ARG B 58 -1.23 5.95 92.11
CA ARG B 58 -1.90 6.44 93.31
C ARG B 58 -1.24 7.70 93.85
N GLU B 59 0.05 7.89 93.57
CA GLU B 59 0.76 9.08 94.03
C GLU B 59 0.89 10.15 92.95
N ALA B 60 0.62 9.82 91.70
CA ALA B 60 0.72 10.81 90.63
C ALA B 60 -0.52 11.68 90.53
N GLN B 61 -1.68 11.17 90.97
CA GLN B 61 -2.90 11.97 90.90
C GLN B 61 -2.89 13.10 91.93
N ARG B 62 -2.16 12.94 93.02
CA ARG B 62 -2.06 13.95 94.06
C ARG B 62 -0.76 14.74 93.98
N ASP B 63 -0.22 14.93 92.77
CA ASP B 63 1.03 15.65 92.57
C ASP B 63 0.80 17.06 92.06
N TYR B 64 -0.03 17.22 91.03
CA TYR B 64 -0.31 18.52 90.44
C TYR B 64 -1.56 19.17 91.00
N LEU B 65 -2.08 18.67 92.13
CA LEU B 65 -3.26 19.29 92.73
C LEU B 65 -2.92 20.62 93.38
N ASP B 66 -1.73 20.71 94.00
CA ASP B 66 -1.30 21.95 94.62
C ASP B 66 -0.43 22.79 93.71
N PHE B 67 0.00 22.25 92.56
CA PHE B 67 0.84 23.02 91.64
C PHE B 67 0.02 24.09 90.91
N LEU B 68 -1.27 23.86 90.73
CA LEU B 68 -2.13 24.82 90.05
C LEU B 68 -2.93 25.70 90.99
N ASP B 69 -2.87 25.44 92.30
CA ASP B 69 -3.62 26.22 93.28
C ASP B 69 -2.77 27.23 94.04
N ASP B 70 -1.46 27.00 94.14
CA ASP B 70 -0.58 27.89 94.88
C ASP B 70 -0.14 29.05 93.99
N GLU B 71 0.35 30.11 94.63
CA GLU B 71 0.82 31.31 93.95
C GLU B 71 2.34 31.31 93.76
N GLU B 72 2.93 30.15 93.51
CA GLU B 72 4.38 30.08 93.34
C GLU B 72 4.79 30.54 91.94
N ASP B 73 3.96 30.27 90.94
CA ASP B 73 4.26 30.65 89.56
C ASP B 73 3.60 31.99 89.22
N GLN B 74 3.95 33.00 90.01
CA GLN B 74 3.43 34.36 89.84
C GLN B 74 1.91 34.38 89.90
N GLY B 75 1.26 33.98 88.80
CA GLY B 75 -0.18 33.95 88.76
C GLY B 75 -0.73 33.71 87.37
N ILE B 76 -0.02 32.91 86.58
CA ILE B 76 -0.47 32.62 85.21
C ILE B 76 -1.65 31.65 85.23
N TYR B 77 -1.58 30.60 86.06
CA TYR B 77 -2.66 29.63 86.13
C TYR B 77 -3.90 30.20 86.81
N GLN B 78 -3.73 31.18 87.69
CA GLN B 78 -4.87 31.79 88.37
C GLN B 78 -5.55 32.89 87.57
N SER B 79 -4.87 33.44 86.57
CA SER B 79 -5.42 34.50 85.73
C SER B 79 -6.07 33.96 84.46
N LYS B 80 -5.54 32.88 83.89
CA LYS B 80 -6.11 32.30 82.67
C LYS B 80 -7.25 31.35 82.96
N VAL B 81 -7.49 30.99 84.22
CA VAL B 81 -8.58 30.08 84.54
C VAL B 81 -9.93 30.79 84.42
N ARG B 82 -9.94 32.11 84.59
CA ARG B 82 -11.17 32.90 84.50
C ARG B 82 -11.45 33.38 83.08
N GLU B 83 -10.61 33.02 82.11
CA GLU B 83 -10.81 33.44 80.73
C GLU B 83 -11.13 32.29 79.78
N LEU B 84 -10.59 31.10 80.02
CA LEU B 84 -10.86 29.97 79.14
C LEU B 84 -12.23 29.36 79.37
N ILE B 85 -12.84 29.59 80.52
CA ILE B 85 -14.18 29.07 80.78
C ILE B 85 -15.20 29.81 79.94
N SER B 86 -15.07 31.14 79.86
CA SER B 86 -16.00 31.92 79.05
C SER B 86 -15.79 31.67 77.55
N ASP B 87 -14.57 31.33 77.15
CA ASP B 87 -14.28 31.06 75.75
C ASP B 87 -14.59 29.62 75.37
N ASN B 88 -14.92 28.77 76.33
CA ASN B 88 -15.27 27.37 76.10
C ASN B 88 -14.15 26.63 75.35
N GLN B 89 -13.03 26.40 76.01
CA GLN B 89 -11.92 25.67 75.41
C GLN B 89 -11.84 24.26 75.98
N TYR B 90 -10.64 23.67 75.97
CA TYR B 90 -10.47 22.31 76.46
C TYR B 90 -9.05 22.07 76.92
N ARG B 91 -8.09 22.80 76.35
CA ARG B 91 -6.68 22.64 76.64
C ARG B 91 -6.15 23.85 77.38
N LEU B 92 -5.32 23.60 78.40
CA LEU B 92 -4.72 24.66 79.21
C LEU B 92 -3.25 24.82 78.83
N ILE B 93 -2.81 26.07 78.75
CA ILE B 93 -1.42 26.37 78.39
C ILE B 93 -0.56 26.22 79.63
N VAL B 94 0.25 25.17 79.68
CA VAL B 94 1.13 24.88 80.81
C VAL B 94 2.55 24.77 80.27
N ASN B 95 3.47 25.51 80.88
CA ASN B 95 4.87 25.48 80.49
C ASN B 95 5.62 24.41 81.27
N VAL B 96 6.53 23.72 80.60
CA VAL B 96 7.30 22.67 81.26
C VAL B 96 8.44 23.26 82.10
N ASN B 97 8.99 24.41 81.69
CA ASN B 97 10.09 25.01 82.41
C ASN B 97 9.69 25.54 83.78
N ASP B 98 8.39 25.66 84.06
CA ASP B 98 7.95 26.15 85.36
C ASP B 98 8.19 25.13 86.47
N LEU B 99 8.28 23.85 86.13
CA LEU B 99 8.52 22.80 87.12
C LEU B 99 9.98 22.35 87.08
N ARG B 100 10.87 23.29 87.37
CA ARG B 100 12.31 23.02 87.38
C ARG B 100 13.04 24.08 88.20
N ARG B 101 12.60 25.33 88.09
CA ARG B 101 13.25 26.41 88.83
C ARG B 101 12.93 26.34 90.32
N LYS B 102 11.76 25.81 90.69
CA LYS B 102 11.37 25.72 92.09
C LYS B 102 12.15 24.61 92.79
N ASN B 103 11.74 23.36 92.56
CA ASN B 103 12.38 22.20 93.17
C ASN B 103 12.74 21.22 92.07
N GLU B 104 14.04 20.99 91.88
CA GLU B 104 14.52 20.08 90.83
C GLU B 104 14.61 18.67 91.42
N LYS B 105 13.44 18.04 91.56
CA LYS B 105 13.35 16.69 92.09
C LYS B 105 12.57 15.79 91.14
N ARG B 106 11.30 16.12 90.90
CA ARG B 106 10.44 15.37 90.01
C ARG B 106 10.49 15.88 88.58
N ALA B 107 11.46 16.74 88.25
CA ALA B 107 11.56 17.26 86.89
C ALA B 107 12.05 16.20 85.91
N ASN B 108 12.84 15.25 86.39
CA ASN B 108 13.35 14.18 85.53
C ASN B 108 12.46 12.94 85.52
N ARG B 109 11.49 12.85 86.45
CA ARG B 109 10.61 11.70 86.48
C ARG B 109 9.57 11.73 85.37
N LEU B 110 9.36 12.89 84.72
CA LEU B 110 8.40 12.97 83.63
C LEU B 110 8.92 12.27 82.39
N LEU B 111 10.24 12.24 82.18
CA LEU B 111 10.80 11.58 81.02
C LEU B 111 10.90 10.07 81.20
N ASN B 112 10.96 9.59 82.44
CA ASN B 112 11.04 8.16 82.70
C ASN B 112 9.69 7.47 82.58
N ASN B 113 8.59 8.21 82.72
CA ASN B 113 7.26 7.61 82.62
C ASN B 113 6.29 8.74 82.27
N ALA B 114 5.97 8.87 80.98
CA ALA B 114 5.07 9.91 80.51
C ALA B 114 3.59 9.50 80.59
N PHE B 115 3.29 8.23 80.81
CA PHE B 115 1.91 7.78 80.89
C PHE B 115 1.27 8.15 82.23
N GLU B 116 2.06 8.22 83.30
CA GLU B 116 1.51 8.56 84.61
C GLU B 116 1.25 10.06 84.76
N GLU B 117 1.92 10.90 83.96
CA GLU B 117 1.72 12.33 84.04
C GLU B 117 0.45 12.79 83.34
N LEU B 118 -0.13 11.95 82.49
CA LEU B 118 -1.35 12.33 81.79
C LEU B 118 -2.59 12.20 82.68
N VAL B 119 -2.51 11.36 83.71
CA VAL B 119 -3.66 11.19 84.61
C VAL B 119 -3.76 12.33 85.60
N ALA B 120 -2.63 12.96 85.95
CA ALA B 120 -2.66 14.05 86.91
C ALA B 120 -3.39 15.27 86.36
N PHE B 121 -3.29 15.51 85.05
CA PHE B 121 -3.99 16.64 84.44
C PHE B 121 -5.50 16.42 84.39
N GLN B 122 -5.95 15.17 84.42
CA GLN B 122 -7.38 14.88 84.38
C GLN B 122 -8.07 15.16 85.71
N ARG B 123 -7.34 15.08 86.82
CA ARG B 123 -7.91 15.32 88.13
C ARG B 123 -7.63 16.72 88.65
N ALA B 124 -6.55 17.36 88.21
CA ALA B 124 -6.23 18.71 88.68
C ALA B 124 -7.14 19.75 88.02
N LEU B 125 -7.36 19.64 86.72
CA LEU B 125 -8.22 20.60 86.03
C LEU B 125 -9.69 20.37 86.34
N LYS B 126 -10.07 19.11 86.61
CA LYS B 126 -11.47 18.82 86.93
C LYS B 126 -11.86 19.43 88.28
N ASP B 127 -10.96 19.37 89.27
CA ASP B 127 -11.23 19.97 90.57
C ASP B 127 -10.97 21.47 90.60
N PHE B 128 -10.43 22.04 89.52
CA PHE B 128 -10.16 23.47 89.44
C PHE B 128 -11.31 24.26 88.83
N VAL B 129 -11.89 23.75 87.74
CA VAL B 129 -12.99 24.46 87.10
C VAL B 129 -14.25 24.40 87.96
N ALA B 130 -14.51 23.24 88.57
CA ALA B 130 -15.69 23.09 89.41
C ALA B 130 -15.59 23.86 90.73
N SER B 131 -14.39 24.30 91.12
CA SER B 131 -14.20 25.05 92.35
C SER B 131 -14.20 26.55 92.14
N ILE B 132 -14.02 27.02 90.91
CA ILE B 132 -14.00 28.44 90.62
C ILE B 132 -15.32 28.86 89.98
N ASP B 133 -15.64 28.28 88.83
CA ASP B 133 -16.87 28.56 88.10
C ASP B 133 -17.56 27.23 87.83
N ALA B 134 -18.45 26.82 88.75
CA ALA B 134 -19.17 25.57 88.63
C ALA B 134 -20.46 25.70 87.80
N THR B 135 -20.67 26.85 87.17
CA THR B 135 -21.88 27.05 86.36
C THR B 135 -21.79 26.36 85.00
N TYR B 136 -20.60 25.91 84.60
CA TYR B 136 -20.41 25.26 83.31
C TYR B 136 -19.80 23.86 83.42
N ALA B 137 -19.06 23.57 84.48
CA ALA B 137 -18.40 22.27 84.65
C ALA B 137 -19.43 21.19 85.04
N LYS B 138 -20.35 20.93 84.10
CA LYS B 138 -21.38 19.91 84.30
C LYS B 138 -21.60 19.01 83.11
N GLN B 139 -21.43 19.49 81.87
CA GLN B 139 -21.62 18.66 80.69
C GLN B 139 -20.36 17.93 80.26
N TYR B 140 -19.19 18.41 80.66
CA TYR B 140 -17.90 17.80 80.32
C TYR B 140 -17.21 17.40 81.61
N GLU B 141 -17.09 16.09 81.84
CA GLU B 141 -16.44 15.56 83.03
C GLU B 141 -15.07 14.94 82.72
N GLU B 142 -14.49 15.29 81.58
CA GLU B 142 -13.18 14.76 81.19
C GLU B 142 -12.43 15.83 80.41
N PHE B 143 -11.20 16.11 80.82
CA PHE B 143 -10.38 17.12 80.17
C PHE B 143 -8.96 16.57 79.98
N TYR B 144 -8.19 17.28 79.17
CA TYR B 144 -6.81 16.90 78.88
C TYR B 144 -5.97 18.15 78.74
N VAL B 145 -4.79 18.15 79.34
CA VAL B 145 -3.87 19.29 79.32
C VAL B 145 -2.56 18.84 78.67
N GLY B 146 -2.03 19.69 77.79
CA GLY B 146 -0.79 19.41 77.12
C GLY B 146 0.41 20.05 77.81
N LEU B 147 1.56 19.93 77.16
CA LEU B 147 2.82 20.47 77.69
C LEU B 147 3.53 21.23 76.58
N GLU B 148 3.96 22.45 76.88
CA GLU B 148 4.68 23.30 75.95
C GLU B 148 6.02 23.68 76.55
N GLY B 149 7.09 23.52 75.77
CA GLY B 149 8.43 23.85 76.23
C GLY B 149 9.45 22.79 75.90
N SER B 150 10.45 22.64 76.77
CA SER B 150 11.51 21.66 76.56
C SER B 150 11.15 20.34 77.22
N PHE B 151 11.73 19.26 76.69
CA PHE B 151 11.50 17.92 77.20
C PHE B 151 12.83 17.17 77.34
N GLY B 152 13.84 17.84 77.90
CA GLY B 152 15.13 17.22 78.09
C GLY B 152 15.91 17.06 76.79
N SER B 153 16.56 15.92 76.63
CA SER B 153 17.35 15.63 75.43
C SER B 153 16.84 14.41 74.68
N LYS B 154 15.60 14.01 74.91
CA LYS B 154 15.02 12.85 74.21
C LYS B 154 14.27 13.24 72.95
N HIS B 155 14.30 14.52 72.56
CA HIS B 155 13.62 14.96 71.34
C HIS B 155 14.56 14.89 70.14
N VAL B 156 14.96 13.67 69.80
CA VAL B 156 15.86 13.43 68.68
C VAL B 156 15.16 12.55 67.67
N SER B 157 15.91 12.04 66.70
CA SER B 157 15.33 11.17 65.69
C SER B 157 14.97 9.82 66.29
N PRO B 158 13.80 9.27 65.95
CA PRO B 158 13.40 7.97 66.52
C PRO B 158 14.24 6.82 65.98
N ARG B 159 15.44 6.64 66.54
CA ARG B 159 16.35 5.57 66.13
C ARG B 159 16.96 4.83 67.31
N THR B 160 17.42 5.54 68.33
CA THR B 160 18.02 4.91 69.50
C THR B 160 16.92 4.25 70.34
N LEU B 161 16.59 3.02 69.95
CA LEU B 161 15.56 2.23 70.62
C LEU B 161 16.18 0.96 71.18
N THR B 162 17.04 1.14 72.19
CA THR B 162 17.71 0.03 72.82
C THR B 162 16.86 -0.49 74.00
N SER B 163 17.48 -1.21 74.92
CA SER B 163 16.78 -1.75 76.08
C SER B 163 16.69 -0.77 77.23
N CYS B 164 17.18 0.46 77.06
CA CYS B 164 17.15 1.47 78.10
C CYS B 164 16.11 2.55 77.84
N PHE B 165 15.23 2.35 76.84
CA PHE B 165 14.20 3.32 76.50
C PHE B 165 12.80 2.73 76.61
N LEU B 166 12.63 1.67 77.42
CA LEU B 166 11.33 1.06 77.57
C LEU B 166 10.45 1.91 78.50
N SER B 167 9.18 2.06 78.12
CA SER B 167 8.21 2.85 78.89
C SER B 167 8.68 4.28 79.12
N CYS B 168 9.41 4.84 78.15
CA CYS B 168 9.93 6.19 78.23
C CYS B 168 9.14 7.10 77.27
N VAL B 169 9.83 8.09 76.70
CA VAL B 169 9.22 9.05 75.80
C VAL B 169 10.17 9.28 74.63
N VAL B 170 9.67 9.07 73.41
CA VAL B 170 10.43 9.31 72.19
C VAL B 170 9.59 10.17 71.27
N CYS B 171 10.27 10.94 70.41
CA CYS B 171 9.62 11.86 69.48
C CYS B 171 10.01 11.52 68.06
N VAL B 172 9.03 11.53 67.16
CA VAL B 172 9.25 11.23 65.75
C VAL B 172 9.29 12.57 65.01
N GLU B 173 10.48 13.01 64.63
CA GLU B 173 10.68 14.26 63.93
C GLU B 173 10.90 14.01 62.44
N GLY B 174 10.57 15.03 61.64
CA GLY B 174 10.73 14.94 60.21
C GLY B 174 9.79 15.85 59.44
N ILE B 175 9.27 15.36 58.32
CA ILE B 175 8.37 16.13 57.46
C ILE B 175 7.06 15.35 57.33
N VAL B 176 5.94 16.04 57.53
CA VAL B 176 4.63 15.41 57.41
C VAL B 176 4.34 15.12 55.94
N THR B 177 3.94 13.89 55.64
CA THR B 177 3.65 13.48 54.28
C THR B 177 2.16 13.25 54.06
N LYS B 178 1.59 12.21 54.66
CA LYS B 178 0.18 11.88 54.52
C LYS B 178 -0.60 12.38 55.72
N CYS B 179 -1.89 12.66 55.50
CA CYS B 179 -2.79 13.11 56.56
C CYS B 179 -4.15 12.47 56.36
N SER B 180 -4.74 12.00 57.45
CA SER B 180 -6.03 11.33 57.41
C SER B 180 -7.14 12.37 57.63
N LEU B 181 -8.36 11.91 57.92
CA LEU B 181 -9.49 12.78 58.13
C LEU B 181 -9.68 13.02 59.63
N VAL B 182 -10.71 13.78 59.97
CA VAL B 182 -11.04 14.11 61.35
C VAL B 182 -12.31 13.35 61.73
N ARG B 183 -12.21 12.51 62.77
CA ARG B 183 -13.34 11.73 63.24
C ARG B 183 -13.51 11.94 64.74
N PRO B 184 -14.75 12.11 65.21
CA PRO B 184 -14.96 12.29 66.65
C PRO B 184 -14.66 11.03 67.45
N LYS B 185 -13.59 11.06 68.25
CA LYS B 185 -13.21 9.92 69.06
C LYS B 185 -13.99 9.95 70.37
N VAL B 186 -14.64 8.83 70.69
CA VAL B 186 -15.44 8.75 71.91
C VAL B 186 -14.51 8.61 73.11
N VAL B 187 -14.69 9.49 74.11
CA VAL B 187 -13.88 9.45 75.31
C VAL B 187 -14.75 9.02 76.49
N ARG B 188 -15.66 9.89 76.92
CA ARG B 188 -16.57 9.61 78.03
C ARG B 188 -17.97 9.48 77.46
N SER B 189 -18.36 8.25 77.13
CA SER B 189 -19.69 7.99 76.59
C SER B 189 -20.72 7.92 77.71
N VAL B 190 -21.83 8.61 77.52
CA VAL B 190 -22.91 8.63 78.51
C VAL B 190 -23.67 7.30 78.43
N HIS B 191 -23.29 6.35 79.27
CA HIS B 191 -23.95 5.05 79.29
C HIS B 191 -25.31 5.15 79.95
N TYR B 192 -26.36 4.86 79.19
CA TYR B 192 -27.73 4.91 79.69
C TYR B 192 -28.38 3.55 79.52
N CYS B 193 -29.21 3.18 80.50
CA CYS B 193 -29.89 1.88 80.50
C CYS B 193 -31.39 2.14 80.64
N PRO B 194 -32.22 1.72 79.69
CA PRO B 194 -33.68 1.89 79.77
C PRO B 194 -34.36 0.85 80.67
N ALA B 195 -33.87 0.73 81.91
CA ALA B 195 -34.43 -0.22 82.86
C ALA B 195 -34.20 0.25 84.29
N THR B 196 -33.04 -0.09 84.86
CA THR B 196 -32.72 0.29 86.22
C THR B 196 -32.37 1.77 86.36
N LYS B 197 -32.11 2.46 85.25
CA LYS B 197 -31.78 3.89 85.23
C LYS B 197 -30.56 4.19 86.11
N LYS B 198 -29.42 3.65 85.66
CA LYS B 198 -28.16 3.81 86.35
C LYS B 198 -27.10 4.33 85.37
N THR B 199 -26.13 5.06 85.92
CA THR B 199 -25.04 5.62 85.14
C THR B 199 -23.79 4.76 85.30
N ILE B 200 -23.04 4.62 84.20
CA ILE B 200 -21.83 3.82 84.18
C ILE B 200 -20.72 4.65 83.54
N GLU B 201 -19.58 4.74 84.23
CA GLU B 201 -18.41 5.47 83.73
C GLU B 201 -17.36 4.43 83.36
N ARG B 202 -17.39 4.00 82.10
CA ARG B 202 -16.48 2.99 81.60
C ARG B 202 -15.38 3.63 80.76
N ARG B 203 -14.14 3.22 81.00
CA ARG B 203 -12.99 3.72 80.27
C ARG B 203 -12.33 2.57 79.51
N TYR B 204 -11.77 2.88 78.35
CA TYR B 204 -11.11 1.87 77.54
C TYR B 204 -9.79 1.43 78.18
N SER B 205 -9.39 0.21 77.89
CA SER B 205 -8.16 -0.39 78.43
C SER B 205 -7.40 -1.03 77.27
N ASP B 206 -6.54 -0.23 76.62
CA ASP B 206 -5.75 -0.79 75.51
C ASP B 206 -4.48 0.01 75.25
N LEU B 207 -4.06 0.89 76.17
CA LEU B 207 -2.86 1.72 75.99
C LEU B 207 -2.94 2.58 74.73
N THR B 208 -4.15 2.99 74.36
CA THR B 208 -4.37 3.84 73.20
C THR B 208 -5.03 5.16 73.55
N THR B 209 -5.96 5.17 74.51
CA THR B 209 -6.64 6.38 74.92
C THR B 209 -5.87 7.02 76.06
N LEU B 210 -6.55 7.79 76.92
CA LEU B 210 -5.89 8.44 78.04
C LEU B 210 -5.54 7.42 79.12
N VAL B 211 -6.45 7.20 80.07
CA VAL B 211 -6.25 6.23 81.14
C VAL B 211 -6.64 4.86 80.62
N ALA B 212 -5.67 3.95 80.53
CA ALA B 212 -5.92 2.61 80.03
C ALA B 212 -4.92 1.65 80.66
N PHE B 213 -5.20 0.36 80.50
CA PHE B 213 -4.36 -0.71 81.02
C PHE B 213 -4.28 -1.82 79.97
N PRO B 214 -3.17 -2.57 79.95
CA PRO B 214 -3.03 -3.66 78.97
C PRO B 214 -4.11 -4.72 79.12
N SER B 215 -5.15 -4.64 78.29
CA SER B 215 -6.24 -5.60 78.33
C SER B 215 -6.78 -5.87 76.93
N SER B 216 -7.93 -5.28 76.60
CA SER B 216 -8.55 -5.47 75.30
C SER B 216 -9.49 -4.30 75.03
N SER B 217 -9.80 -4.12 73.75
CA SER B 217 -10.69 -3.05 73.31
C SER B 217 -11.49 -3.54 72.10
N VAL B 218 -12.19 -4.65 72.26
CA VAL B 218 -13.01 -5.22 71.20
C VAL B 218 -14.49 -5.09 71.58
N TYR B 219 -14.83 -3.98 72.22
CA TYR B 219 -16.18 -3.69 72.70
C TYR B 219 -16.64 -4.80 73.64
N PRO B 220 -16.16 -4.82 74.89
CA PRO B 220 -16.56 -5.88 75.82
C PRO B 220 -18.01 -5.73 76.23
N THR B 221 -18.54 -6.80 76.83
CA THR B 221 -19.91 -6.83 77.32
C THR B 221 -19.98 -6.75 78.84
N LYS B 222 -18.85 -6.47 79.50
CA LYS B 222 -18.84 -6.39 80.95
C LYS B 222 -19.57 -5.14 81.44
N ASP B 223 -20.12 -5.22 82.64
CA ASP B 223 -20.86 -4.12 83.23
C ASP B 223 -20.85 -4.27 84.75
N GLU B 224 -20.90 -3.14 85.45
CA GLU B 224 -20.91 -3.17 86.90
C GLU B 224 -22.19 -3.79 87.45
N GLU B 225 -23.28 -3.71 86.70
CA GLU B 225 -24.56 -4.29 87.13
C GLU B 225 -25.13 -5.25 86.08
N ASN B 226 -24.37 -5.59 85.04
CA ASN B 226 -24.82 -6.49 83.99
C ASN B 226 -26.08 -5.95 83.30
N ASN B 227 -26.03 -4.68 82.93
CA ASN B 227 -27.14 -4.00 82.28
C ASN B 227 -26.72 -3.51 80.89
N PRO B 228 -27.62 -3.52 79.92
CA PRO B 228 -27.28 -3.00 78.58
C PRO B 228 -27.08 -1.50 78.62
N LEU B 229 -26.05 -1.03 77.92
CA LEU B 229 -25.69 0.37 77.88
C LEU B 229 -25.72 0.89 76.46
N GLU B 230 -26.21 2.12 76.29
CA GLU B 230 -26.24 2.78 74.99
C GLU B 230 -25.61 4.15 75.12
N THR B 231 -24.93 4.58 74.06
CA THR B 231 -24.22 5.86 74.07
C THR B 231 -25.20 7.00 73.80
N GLU B 232 -25.41 7.85 74.78
CA GLU B 232 -26.30 9.01 74.67
C GLU B 232 -25.44 10.21 74.29
N TYR B 233 -25.66 10.75 73.09
CA TYR B 233 -24.90 11.87 72.58
C TYR B 233 -25.47 13.23 72.98
N GLY B 234 -26.28 13.27 74.04
CA GLY B 234 -26.84 14.52 74.51
C GLY B 234 -25.83 15.37 75.25
N LEU B 235 -25.15 14.79 76.22
CA LEU B 235 -24.13 15.48 77.03
C LEU B 235 -22.85 14.67 77.04
N SER B 236 -22.43 14.17 75.88
CA SER B 236 -21.22 13.38 75.78
C SER B 236 -20.01 14.27 75.51
N VAL B 237 -18.82 13.65 75.58
CA VAL B 237 -17.56 14.34 75.36
C VAL B 237 -16.87 13.69 74.17
N TYR B 238 -16.61 14.48 73.13
CA TYR B 238 -15.96 14.00 71.92
C TYR B 238 -14.50 14.43 71.90
N LYS B 239 -13.80 14.01 70.84
CA LYS B 239 -12.39 14.32 70.66
C LYS B 239 -12.06 14.20 69.19
N ASP B 240 -11.56 15.29 68.59
CA ASP B 240 -11.21 15.29 67.18
C ASP B 240 -9.96 14.45 66.96
N HIS B 241 -10.14 13.28 66.36
CA HIS B 241 -9.05 12.34 66.13
C HIS B 241 -8.60 12.42 64.68
N GLN B 242 -7.31 12.68 64.48
CA GLN B 242 -6.73 12.75 63.14
C GLN B 242 -5.30 12.23 63.20
N THR B 243 -5.03 11.19 62.43
CA THR B 243 -3.71 10.56 62.41
C THR B 243 -2.91 11.07 61.22
N ILE B 244 -1.69 11.54 61.48
CA ILE B 244 -0.80 12.03 60.44
C ILE B 244 0.50 11.25 60.50
N THR B 245 1.17 11.18 59.35
CA THR B 245 2.44 10.48 59.24
C THR B 245 3.59 11.47 59.11
N ILE B 246 4.72 11.13 59.73
CA ILE B 246 5.91 11.97 59.72
C ILE B 246 7.06 11.15 59.15
N GLN B 247 7.67 11.63 58.08
CA GLN B 247 8.80 10.98 57.43
C GLN B 247 9.98 11.93 57.41
N GLU B 248 11.12 11.48 57.94
CA GLU B 248 12.31 12.31 57.96
C GLU B 248 12.91 12.42 56.56
N MET B 249 13.72 13.46 56.36
CA MET B 249 14.34 13.68 55.08
C MET B 249 15.46 12.66 54.84
N PRO B 250 15.55 12.09 53.64
CA PRO B 250 16.59 11.10 53.35
C PRO B 250 17.95 11.69 53.04
N GLU B 251 18.19 12.97 53.33
CA GLU B 251 19.48 13.58 53.04
C GLU B 251 20.56 13.15 54.03
N LYS B 252 20.18 12.60 55.18
CA LYS B 252 21.13 12.15 56.20
C LYS B 252 21.20 10.63 56.28
N ALA B 253 20.59 9.92 55.34
CA ALA B 253 20.62 8.46 55.36
C ALA B 253 21.99 7.96 54.91
N PRO B 254 22.69 7.17 55.73
CA PRO B 254 24.00 6.66 55.32
C PRO B 254 23.90 5.51 54.33
N ALA B 255 24.52 4.37 54.67
CA ALA B 255 24.51 3.17 53.82
C ALA B 255 24.30 1.95 54.73
N GLY B 256 23.10 1.83 55.28
CA GLY B 256 22.77 0.71 56.15
C GLY B 256 21.64 1.01 57.11
N GLN B 257 21.05 2.20 57.00
CA GLN B 257 19.95 2.61 57.84
C GLN B 257 18.75 2.99 56.99
N LEU B 258 17.56 2.77 57.54
CA LEU B 258 16.31 3.07 56.84
C LEU B 258 15.44 3.95 57.71
N PRO B 259 14.83 4.99 57.14
CA PRO B 259 13.95 5.86 57.92
C PRO B 259 12.70 5.12 58.40
N ARG B 260 12.08 5.69 59.42
CA ARG B 260 10.87 5.14 60.02
C ARG B 260 9.69 6.08 59.78
N SER B 261 8.49 5.53 59.98
CA SER B 261 7.25 6.29 59.80
C SER B 261 6.25 5.82 60.85
N VAL B 262 5.98 6.68 61.83
CA VAL B 262 5.05 6.39 62.90
C VAL B 262 3.93 7.42 62.88
N ASP B 263 2.69 6.94 63.01
CA ASP B 263 1.53 7.83 62.99
C ASP B 263 1.51 8.71 64.23
N VAL B 264 0.94 9.90 64.07
CA VAL B 264 0.86 10.89 65.15
C VAL B 264 -0.60 11.29 65.33
N ILE B 265 -1.09 11.19 66.56
CA ILE B 265 -2.47 11.56 66.87
C ILE B 265 -2.51 13.05 67.22
N LEU B 266 -3.41 13.78 66.56
CA LEU B 266 -3.55 15.20 66.79
C LEU B 266 -4.39 15.44 68.03
N ASP B 267 -4.74 16.71 68.28
CA ASP B 267 -5.51 17.11 69.45
C ASP B 267 -6.89 17.58 69.01
N ASP B 268 -7.58 18.27 69.92
CA ASP B 268 -8.92 18.79 69.67
C ASP B 268 -8.93 20.26 69.25
N ASP B 269 -8.10 21.09 69.89
CA ASP B 269 -8.03 22.52 69.58
C ASP B 269 -7.04 22.82 68.47
N LEU B 270 -6.66 21.82 67.67
CA LEU B 270 -5.72 21.98 66.58
C LEU B 270 -6.33 21.49 65.27
N VAL B 271 -7.53 21.98 64.97
CA VAL B 271 -8.25 21.59 63.76
C VAL B 271 -7.63 22.31 62.56
N ASP B 272 -7.36 21.55 61.50
CA ASP B 272 -6.76 22.08 60.27
C ASP B 272 -5.43 22.77 60.55
N LYS B 273 -4.61 22.15 61.39
CA LYS B 273 -3.31 22.69 61.74
C LYS B 273 -2.16 21.75 61.37
N ALA B 274 -2.43 20.69 60.61
CA ALA B 274 -1.40 19.73 60.19
C ALA B 274 -1.67 19.38 58.73
N LYS B 275 -1.19 20.22 57.81
CA LYS B 275 -1.36 20.01 56.39
C LYS B 275 -0.11 19.40 55.78
N PRO B 276 -0.26 18.58 54.73
CA PRO B 276 0.92 17.99 54.10
C PRO B 276 1.82 19.06 53.48
N GLY B 277 3.13 18.84 53.61
CA GLY B 277 4.10 19.78 53.09
C GLY B 277 4.50 20.83 54.11
N ASP B 278 4.55 20.44 55.38
CA ASP B 278 4.93 21.36 56.44
C ASP B 278 5.56 20.57 57.57
N ARG B 279 6.62 21.11 58.15
CA ARG B 279 7.31 20.47 59.26
C ARG B 279 6.63 20.83 60.57
N VAL B 280 6.66 19.91 61.53
CA VAL B 280 6.06 20.11 62.83
C VAL B 280 7.07 19.77 63.93
N GLN B 281 6.58 19.64 65.17
CA GLN B 281 7.41 19.30 66.32
C GLN B 281 6.49 18.65 67.37
N VAL B 282 6.28 17.35 67.23
CA VAL B 282 5.37 16.63 68.10
C VAL B 282 6.15 15.93 69.20
N VAL B 283 5.48 15.70 70.32
CA VAL B 283 6.06 15.00 71.47
C VAL B 283 5.06 13.91 71.86
N GLY B 284 5.41 12.66 71.56
CA GLY B 284 4.55 11.53 71.83
C GLY B 284 5.20 10.52 72.77
N THR B 285 4.47 9.44 72.99
CA THR B 285 4.92 8.35 73.85
C THR B 285 4.64 7.03 73.15
N TYR B 286 5.70 6.28 72.82
CA TYR B 286 5.56 5.02 72.11
C TYR B 286 5.05 3.95 73.06
N ARG B 287 3.92 3.32 72.70
CA ARG B 287 3.35 2.25 73.50
C ARG B 287 3.05 1.03 72.64
N CYS B 288 2.29 0.08 73.18
CA CYS B 288 1.95 -1.14 72.46
C CYS B 288 0.50 -1.49 72.74
N LEU B 289 -0.05 -2.35 71.88
CA LEU B 289 -1.43 -2.80 72.01
C LEU B 289 -1.46 -4.28 72.36
N PRO B 290 -2.09 -4.66 73.46
CA PRO B 290 -2.16 -6.08 73.81
C PRO B 290 -3.09 -6.86 72.89
N GLY B 291 -2.71 -8.09 72.63
CA GLY B 291 -3.50 -8.96 71.75
C GLY B 291 -3.86 -10.25 72.44
N LYS B 292 -5.10 -10.68 72.23
CA LYS B 292 -5.62 -11.91 72.82
C LYS B 292 -5.48 -13.10 71.90
N LYS B 293 -4.64 -13.02 70.88
CA LYS B 293 -4.44 -14.13 69.95
C LYS B 293 -3.59 -15.20 70.61
N GLY B 294 -4.20 -16.32 70.97
CA GLY B 294 -3.50 -17.42 71.60
C GLY B 294 -3.51 -17.33 73.12
N GLY B 295 -2.94 -18.36 73.75
CA GLY B 295 -2.87 -18.41 75.19
C GLY B 295 -1.81 -17.50 75.77
N TYR B 296 -0.56 -17.70 75.37
CA TYR B 296 0.56 -16.90 75.85
C TYR B 296 0.91 -15.84 74.81
N THR B 297 0.99 -14.59 75.25
CA THR B 297 1.31 -13.49 74.36
C THR B 297 2.81 -13.50 74.07
N SER B 298 3.17 -13.62 72.79
CA SER B 298 4.57 -13.64 72.39
C SER B 298 5.10 -12.24 72.17
N GLY B 299 5.82 -12.02 71.07
CA GLY B 299 6.37 -10.72 70.77
C GLY B 299 5.53 -9.92 69.80
N THR B 300 4.20 -10.03 69.92
CA THR B 300 3.27 -9.32 69.05
C THR B 300 3.01 -7.95 69.65
N PHE B 301 3.74 -6.94 69.16
CA PHE B 301 3.58 -5.56 69.65
C PHE B 301 3.65 -4.63 68.45
N ARG B 302 2.53 -3.99 68.12
CA ARG B 302 2.49 -3.08 66.99
C ARG B 302 3.03 -1.71 67.39
N THR B 303 3.10 -0.81 66.42
CA THR B 303 3.62 0.53 66.61
C THR B 303 2.48 1.53 66.78
N VAL B 304 2.59 2.37 67.81
CA VAL B 304 1.60 3.40 68.08
C VAL B 304 2.28 4.55 68.79
N LEU B 305 1.73 5.75 68.65
CA LEU B 305 2.30 6.94 69.26
C LEU B 305 1.18 7.85 69.73
N ILE B 306 1.17 8.15 71.02
CA ILE B 306 0.16 9.02 71.63
C ILE B 306 0.83 10.38 71.83
N ALA B 307 0.57 11.31 70.92
CA ALA B 307 1.17 12.64 71.01
C ALA B 307 0.50 13.45 72.10
N CYS B 308 1.31 13.98 73.02
CA CYS B 308 0.77 14.79 74.11
C CYS B 308 0.53 16.23 73.67
N ASN B 309 1.31 16.74 72.73
CA ASN B 309 1.14 18.11 72.25
C ASN B 309 1.75 18.21 70.86
N VAL B 310 0.99 18.77 69.92
CA VAL B 310 1.44 18.96 68.55
C VAL B 310 1.78 20.43 68.36
N LYS B 311 3.03 20.70 67.99
CA LYS B 311 3.52 22.06 67.80
C LYS B 311 3.80 22.32 66.32
N GLN B 312 3.51 23.54 65.88
CA GLN B 312 3.72 23.97 64.51
C GLN B 312 4.79 25.06 64.48
N MET B 313 5.77 24.91 63.60
CA MET B 313 6.87 25.86 63.48
C MET B 313 6.72 26.81 62.31
N SER B 314 6.23 26.33 61.16
CA SER B 314 6.08 27.15 59.98
C SER B 314 4.64 27.52 59.68
N LYS B 315 3.70 27.20 60.58
CA LYS B 315 2.30 27.52 60.39
C LYS B 315 1.76 28.34 61.55
N ASP B 316 1.61 27.76 62.74
CA ASP B 316 1.12 28.52 63.88
C ASP B 316 2.17 29.50 64.39
N ALA B 317 3.45 29.20 64.17
CA ALA B 317 4.53 30.08 64.59
C ALA B 317 5.11 30.81 63.39
N GLN B 318 5.50 32.06 63.59
CA GLN B 318 6.06 32.90 62.54
C GLN B 318 7.08 33.83 63.16
N PRO B 319 8.13 34.20 62.42
CA PRO B 319 9.13 35.14 62.96
C PRO B 319 8.53 36.50 63.27
N SER B 320 8.27 36.76 64.55
CA SER B 320 7.67 38.03 64.94
C SER B 320 8.68 39.17 64.80
N PHE B 321 8.16 40.35 64.50
CA PHE B 321 9.00 41.53 64.33
C PHE B 321 9.41 42.11 65.69
N SER B 322 10.29 43.10 65.65
CA SER B 322 10.76 43.75 66.86
C SER B 322 11.15 45.19 66.58
N ALA B 323 12.27 45.63 67.15
CA ALA B 323 12.75 46.99 66.94
C ALA B 323 13.62 47.12 65.70
N GLU B 324 13.84 46.04 64.95
CA GLU B 324 14.66 46.08 63.75
C GLU B 324 13.84 46.25 62.48
N ASP B 325 12.56 45.88 62.51
CA ASP B 325 11.68 46.01 61.35
C ASP B 325 10.85 47.28 61.38
N ILE B 326 11.31 48.32 62.09
CA ILE B 326 10.58 49.58 62.18
C ILE B 326 11.51 50.72 61.76
N ALA B 327 12.73 50.73 62.30
CA ALA B 327 13.68 51.79 62.02
C ALA B 327 14.56 51.49 60.82
N LYS B 328 15.05 50.25 60.71
CA LYS B 328 15.94 49.90 59.60
C LYS B 328 15.22 49.91 58.25
N ILE B 329 13.91 49.68 58.23
CA ILE B 329 13.17 49.68 56.98
C ILE B 329 12.96 51.10 56.46
N LYS B 330 12.65 52.03 57.37
CA LYS B 330 12.44 53.42 56.97
C LYS B 330 13.74 54.08 56.53
N LYS B 331 14.85 53.77 57.21
CA LYS B 331 16.12 54.36 56.86
C LYS B 331 16.68 53.81 55.55
N PHE B 332 16.27 52.60 55.16
CA PHE B 332 16.75 52.01 53.91
C PHE B 332 16.16 52.71 52.68
N SER B 333 14.97 53.27 52.79
CA SER B 333 14.32 53.95 51.67
C SER B 333 14.69 55.42 51.56
N LYS B 334 15.21 56.02 52.62
CA LYS B 334 15.59 57.43 52.59
C LYS B 334 16.97 57.61 51.98
N THR B 335 18.02 57.42 52.78
CA THR B 335 19.40 57.57 52.30
C THR B 335 19.73 56.38 51.40
N ARG B 336 19.29 56.48 50.15
CA ARG B 336 19.49 55.43 49.16
C ARG B 336 20.48 55.89 48.10
N SER B 337 20.84 54.97 47.22
CA SER B 337 21.73 55.24 46.09
C SER B 337 20.93 55.04 44.80
N LYS B 338 20.71 56.13 44.08
CA LYS B 338 19.90 56.13 42.85
C LYS B 338 18.51 55.58 43.12
N ASP B 339 18.39 54.26 43.21
CA ASP B 339 17.11 53.62 43.49
C ASP B 339 17.36 52.31 44.23
N ILE B 340 16.49 51.98 45.17
CA ILE B 340 16.62 50.75 45.95
C ILE B 340 16.26 49.51 45.15
N PHE B 341 15.65 49.69 43.96
CA PHE B 341 15.30 48.53 43.14
C PHE B 341 16.55 47.88 42.54
N ASP B 342 17.59 48.65 42.28
CA ASP B 342 18.82 48.11 41.72
C ASP B 342 19.74 47.53 42.78
N GLN B 343 19.54 47.89 44.06
CA GLN B 343 20.39 47.36 45.13
C GLN B 343 20.02 45.92 45.46
N LEU B 344 18.73 45.61 45.55
CA LEU B 344 18.30 44.26 45.87
C LEU B 344 18.51 43.30 44.70
N ALA B 345 18.58 43.81 43.47
CA ALA B 345 18.78 42.94 42.31
C ALA B 345 20.24 42.50 42.19
N LYS B 346 21.18 43.43 42.38
CA LYS B 346 22.59 43.07 42.27
C LYS B 346 23.06 42.27 43.47
N SER B 347 22.37 42.39 44.61
CA SER B 347 22.73 41.65 45.81
C SER B 347 22.11 40.27 45.87
N LEU B 348 21.39 39.85 44.83
CA LEU B 348 20.77 38.53 44.85
C LEU B 348 21.80 37.43 44.61
N ALA B 349 22.48 37.49 43.45
CA ALA B 349 23.51 36.51 43.12
C ALA B 349 24.86 37.00 43.59
N PRO B 350 25.50 36.35 44.56
CA PRO B 350 26.81 36.83 45.04
C PRO B 350 27.91 36.67 44.01
N SER B 351 28.45 35.46 43.87
CA SER B 351 29.55 35.23 42.94
C SER B 351 29.09 35.27 41.49
N ILE B 352 27.83 34.94 41.23
CA ILE B 352 27.31 34.93 39.86
C ILE B 352 27.11 36.37 39.42
N HIS B 353 27.89 36.81 38.43
CA HIS B 353 27.80 38.15 37.90
C HIS B 353 27.13 38.15 36.53
N GLY B 354 26.81 39.34 36.05
CA GLY B 354 26.15 39.49 34.77
C GLY B 354 24.64 39.38 34.89
N HIS B 355 24.00 39.30 33.73
CA HIS B 355 22.55 39.19 33.62
C HIS B 355 21.85 40.34 34.33
N ASP B 356 21.83 41.51 33.70
CA ASP B 356 21.21 42.68 34.31
C ASP B 356 19.69 42.59 34.27
N TYR B 357 19.13 42.19 33.12
CA TYR B 357 17.67 42.10 33.00
C TYR B 357 17.09 40.91 33.76
N VAL B 358 17.91 39.91 34.09
CA VAL B 358 17.41 38.74 34.82
C VAL B 358 17.25 39.07 36.30
N LYS B 359 18.20 39.81 36.87
CA LYS B 359 18.14 40.13 38.29
C LYS B 359 17.03 41.13 38.61
N LYS B 360 16.69 42.00 37.65
CA LYS B 360 15.63 42.98 37.84
C LYS B 360 14.26 42.46 37.46
N ALA B 361 14.16 41.19 37.05
CA ALA B 361 12.88 40.58 36.68
C ALA B 361 12.31 39.69 37.77
N ILE B 362 13.15 38.86 38.40
CA ILE B 362 12.69 37.97 39.46
C ILE B 362 12.53 38.69 40.79
N LEU B 363 13.03 39.93 40.90
CA LEU B 363 12.89 40.66 42.15
C LEU B 363 11.44 41.01 42.43
N CYS B 364 10.68 41.37 41.40
CA CYS B 364 9.26 41.66 41.57
C CYS B 364 8.44 40.39 41.79
N LEU B 365 8.99 39.23 41.44
CA LEU B 365 8.28 37.97 41.64
C LEU B 365 8.23 37.57 43.11
N LEU B 366 9.19 38.03 43.92
CA LEU B 366 9.19 37.69 45.34
C LEU B 366 7.99 38.29 46.06
N LEU B 367 7.51 39.45 45.62
CA LEU B 367 6.36 40.07 46.26
C LEU B 367 5.05 39.42 45.82
N GLY B 368 4.96 38.94 44.59
CA GLY B 368 3.77 38.30 44.09
C GLY B 368 2.68 39.22 43.60
N GLY B 369 2.84 40.53 43.76
CA GLY B 369 1.84 41.47 43.31
C GLY B 369 0.73 41.71 44.33
N VAL B 370 -0.51 41.71 43.87
CA VAL B 370 -1.66 41.94 44.75
C VAL B 370 -2.85 41.18 44.17
N GLU B 371 -3.74 40.75 45.06
CA GLU B 371 -4.93 40.03 44.62
C GLU B 371 -5.88 40.96 43.88
N ARG B 372 -6.56 40.41 42.87
CA ARG B 372 -7.49 41.18 42.07
C ARG B 372 -8.84 41.27 42.77
N ASP B 373 -9.43 42.48 42.74
CA ASP B 373 -10.71 42.73 43.37
C ASP B 373 -11.81 42.56 42.33
N LEU B 374 -12.55 41.46 42.41
CA LEU B 374 -13.64 41.18 41.47
C LEU B 374 -14.67 40.30 42.19
N GLU B 375 -15.66 39.83 41.43
CA GLU B 375 -16.69 38.99 42.01
C GLU B 375 -16.15 37.61 42.37
N ASN B 376 -15.25 37.07 41.54
CA ASN B 376 -14.68 35.75 41.83
C ASN B 376 -13.71 35.81 43.00
N GLY B 377 -12.88 36.86 43.06
CA GLY B 377 -11.94 36.99 44.14
C GLY B 377 -10.61 36.29 43.92
N SER B 378 -10.15 36.23 42.67
CA SER B 378 -8.90 35.58 42.36
C SER B 378 -8.25 36.29 41.17
N HIS B 379 -6.93 36.44 41.22
CA HIS B 379 -6.22 37.12 40.15
C HIS B 379 -6.11 36.22 38.92
N ILE B 380 -6.03 36.86 37.76
CA ILE B 380 -5.91 36.17 36.47
C ILE B 380 -4.51 36.44 35.95
N ARG B 381 -3.65 35.43 36.02
CA ARG B 381 -2.25 35.52 35.58
C ARG B 381 -1.53 36.65 36.31
N GLY B 382 -1.07 36.38 37.53
CA GLY B 382 -0.37 37.38 38.31
C GLY B 382 0.98 36.91 38.80
N ASP B 383 1.53 35.89 38.15
CA ASP B 383 2.83 35.34 38.51
C ASP B 383 3.71 35.30 37.27
N ILE B 384 4.91 35.86 37.38
CA ILE B 384 5.84 35.89 36.26
C ILE B 384 6.55 34.54 36.19
N ASN B 385 6.38 33.85 35.06
CA ASN B 385 6.99 32.54 34.85
C ASN B 385 8.37 32.74 34.24
N ILE B 386 9.41 32.63 35.06
CA ILE B 386 10.78 32.80 34.61
C ILE B 386 11.31 31.46 34.13
N LEU B 387 11.91 31.45 32.95
CA LEU B 387 12.46 30.24 32.35
C LEU B 387 13.95 30.45 32.12
N LEU B 388 14.78 29.58 32.69
CA LEU B 388 16.23 29.64 32.56
C LEU B 388 16.72 28.29 32.04
N ILE B 389 16.96 28.21 30.73
CA ILE B 389 17.42 26.98 30.09
C ILE B 389 18.88 27.15 29.69
N GLY B 390 19.69 26.14 29.97
CA GLY B 390 21.10 26.18 29.64
C GLY B 390 21.69 24.81 29.41
N ASP B 391 23.02 24.70 29.53
CA ASP B 391 23.68 23.42 29.34
C ASP B 391 23.43 22.52 30.54
N PRO B 392 23.29 21.21 30.32
CA PRO B 392 23.02 20.29 31.43
C PRO B 392 24.18 20.21 32.42
N SER B 393 23.96 20.69 33.64
CA SER B 393 24.94 20.64 34.72
C SER B 393 26.25 21.32 34.35
N VAL B 394 26.31 22.64 34.52
CA VAL B 394 27.53 23.39 34.23
C VAL B 394 27.55 24.64 35.09
N ALA B 395 26.36 25.12 35.49
CA ALA B 395 26.26 26.32 36.31
C ALA B 395 24.90 26.38 36.99
N LYS B 396 24.00 25.46 36.65
CA LYS B 396 22.68 25.43 37.25
C LYS B 396 22.67 24.86 38.66
N SER B 397 23.77 24.25 39.10
CA SER B 397 23.82 23.68 40.45
C SER B 397 23.94 24.76 41.51
N GLN B 398 24.44 25.95 41.16
CA GLN B 398 24.59 27.04 42.12
C GLN B 398 23.59 28.17 41.92
N LEU B 399 23.04 28.33 40.72
CA LEU B 399 22.07 29.40 40.48
C LEU B 399 20.74 29.09 41.15
N LEU B 400 20.34 27.82 41.16
CA LEU B 400 19.07 27.44 41.77
C LEU B 400 19.11 27.47 43.29
N ARG B 401 20.31 27.50 43.88
CA ARG B 401 20.43 27.54 45.33
C ARG B 401 20.43 28.96 45.87
N TYR B 402 20.83 29.94 45.05
CA TYR B 402 20.87 31.33 45.48
C TYR B 402 19.49 31.97 45.47
N VAL B 403 18.49 31.33 44.86
CA VAL B 403 17.14 31.86 44.80
C VAL B 403 16.25 31.25 45.89
N LEU B 404 16.43 29.96 46.16
CA LEU B 404 15.61 29.30 47.18
C LEU B 404 15.96 29.77 48.59
N CYS B 405 17.22 30.17 48.80
CA CYS B 405 17.63 30.61 50.13
C CYS B 405 17.09 31.99 50.46
N THR B 406 16.96 32.87 49.47
CA THR B 406 16.46 34.21 49.72
C THR B 406 14.95 34.23 49.94
N ALA B 407 14.22 33.25 49.41
CA ALA B 407 12.78 33.19 49.56
C ALA B 407 12.44 32.52 50.89
N PRO B 408 11.73 33.21 51.79
CA PRO B 408 11.40 32.55 53.07
C PRO B 408 10.36 31.45 52.93
N ARG B 409 9.40 31.61 52.02
CA ARG B 409 8.37 30.61 51.79
C ARG B 409 8.65 29.81 50.52
N ALA B 410 9.86 29.28 50.41
CA ALA B 410 10.27 28.51 49.24
C ALA B 410 9.99 27.03 49.45
N ILE B 411 9.48 26.38 48.41
CA ILE B 411 9.15 24.97 48.43
C ILE B 411 10.01 24.28 47.38
N PRO B 412 10.88 23.35 47.74
CA PRO B 412 11.71 22.68 46.74
C PRO B 412 10.89 21.69 45.92
N THR B 413 11.18 21.64 44.62
CA THR B 413 10.50 20.73 43.70
C THR B 413 11.53 20.22 42.70
N THR B 414 11.90 18.94 42.84
CA THR B 414 12.89 18.32 41.97
C THR B 414 12.43 16.90 41.65
N GLY B 415 12.51 16.54 40.37
CA GLY B 415 12.11 15.21 39.95
C GLY B 415 13.01 14.11 40.48
N ARG B 416 14.26 14.44 40.78
CA ARG B 416 15.24 13.50 41.34
C ARG B 416 15.58 13.96 42.75
N GLY B 417 14.87 13.41 43.73
CA GLY B 417 15.10 13.77 45.11
C GLY B 417 13.81 14.09 45.87
N SER B 418 12.77 14.46 45.13
CA SER B 418 11.48 14.79 45.72
C SER B 418 10.38 14.12 44.92
N SER B 419 9.26 13.84 45.60
CA SER B 419 8.12 13.21 44.96
C SER B 419 7.36 14.20 44.10
N GLY B 420 6.91 13.73 42.93
CA GLY B 420 6.16 14.57 42.02
C GLY B 420 4.67 14.48 42.21
N VAL B 421 4.16 13.26 42.39
CA VAL B 421 2.73 13.04 42.59
C VAL B 421 2.41 13.33 44.05
N GLY B 422 1.75 14.46 44.29
CA GLY B 422 1.39 14.85 45.64
C GLY B 422 1.30 16.35 45.83
N LEU B 423 1.68 17.10 44.80
CA LEU B 423 1.63 18.55 44.86
C LEU B 423 0.23 19.12 44.63
N THR B 424 -0.72 18.29 44.23
CA THR B 424 -2.08 18.76 43.98
C THR B 424 -3.10 17.85 44.67
N ALA B 425 -3.16 16.58 44.23
CA ALA B 425 -4.10 15.63 44.79
C ALA B 425 -3.53 14.23 44.64
N ALA B 426 -3.55 13.45 45.72
CA ALA B 426 -3.05 12.08 45.69
C ALA B 426 -3.78 11.29 46.77
N VAL B 427 -4.62 10.35 46.35
CA VAL B 427 -5.40 9.53 47.26
C VAL B 427 -4.61 8.24 47.53
N THR B 428 -4.03 8.14 48.72
CA THR B 428 -3.26 6.98 49.12
C THR B 428 -3.87 6.39 50.39
N THR B 429 -4.06 5.08 50.40
CA THR B 429 -4.65 4.37 51.53
C THR B 429 -3.63 3.39 52.11
N ASP B 430 -3.84 3.04 53.37
CA ASP B 430 -2.99 2.11 54.09
C ASP B 430 -3.79 0.86 54.46
N GLN B 431 -3.19 0.03 55.31
CA GLN B 431 -3.83 -1.21 55.75
C GLN B 431 -3.96 -1.33 57.26
N GLU B 432 -3.26 -0.50 58.03
CA GLU B 432 -3.36 -0.58 59.49
C GLU B 432 -4.62 0.09 60.01
N THR B 433 -5.15 1.08 59.28
CA THR B 433 -6.38 1.74 59.65
C THR B 433 -7.48 1.63 58.61
N GLY B 434 -7.15 1.66 57.32
CA GLY B 434 -8.16 1.58 56.28
C GLY B 434 -8.91 2.87 56.06
N GLU B 435 -8.25 4.01 56.25
CA GLU B 435 -8.87 5.32 56.10
C GLU B 435 -8.41 5.96 54.79
N ARG B 436 -9.33 6.62 54.11
CA ARG B 436 -9.03 7.30 52.85
C ARG B 436 -8.29 8.59 53.14
N ARG B 437 -7.02 8.65 52.75
CA ARG B 437 -6.18 9.82 52.98
C ARG B 437 -5.89 10.53 51.67
N LEU B 438 -5.73 11.85 51.76
CA LEU B 438 -5.44 12.69 50.60
C LEU B 438 -4.17 13.48 50.86
N GLU B 439 -3.26 13.46 49.91
CA GLU B 439 -1.98 14.16 50.02
C GLU B 439 -2.09 15.52 49.36
N ALA B 440 -1.93 16.58 50.14
CA ALA B 440 -1.99 17.94 49.65
C ALA B 440 -0.60 18.47 49.35
N GLY B 441 -0.55 19.56 48.57
CA GLY B 441 0.71 20.16 48.21
C GLY B 441 1.20 21.15 49.24
N ALA B 442 2.50 21.43 49.18
CA ALA B 442 3.12 22.39 50.11
C ALA B 442 2.82 23.83 49.76
N MET B 443 2.38 24.11 48.53
CA MET B 443 2.07 25.47 48.13
C MET B 443 0.69 25.94 48.58
N VAL B 444 -0.11 25.05 49.18
CA VAL B 444 -1.44 25.44 49.63
C VAL B 444 -1.35 26.26 50.91
N LEU B 445 -0.46 25.89 51.82
CA LEU B 445 -0.32 26.63 53.07
C LEU B 445 0.30 28.01 52.83
N ALA B 446 1.31 28.07 51.96
CA ALA B 446 1.96 29.34 51.66
C ALA B 446 1.07 30.19 50.77
N ASP B 447 0.62 31.32 51.28
CA ASP B 447 -0.23 32.25 50.54
C ASP B 447 0.64 33.32 49.89
N ARG B 448 0.59 33.39 48.56
CA ARG B 448 1.37 34.35 47.79
C ARG B 448 2.86 34.21 48.08
N GLY B 449 3.51 33.25 47.46
CA GLY B 449 4.93 33.01 47.67
C GLY B 449 5.67 32.62 46.42
N VAL B 450 6.89 32.12 46.58
CA VAL B 450 7.73 31.70 45.47
C VAL B 450 8.08 30.23 45.66
N VAL B 451 7.81 29.43 44.63
CA VAL B 451 8.08 28.00 44.66
C VAL B 451 9.01 27.68 43.49
N CYS B 452 10.22 27.22 43.81
CA CYS B 452 11.20 26.87 42.79
C CYS B 452 10.97 25.43 42.33
N ILE B 453 10.97 25.22 41.02
CA ILE B 453 10.75 23.91 40.42
C ILE B 453 11.94 23.59 39.53
N ASP B 454 12.59 22.45 39.80
CA ASP B 454 13.72 22.00 39.01
C ASP B 454 13.29 20.90 38.05
N GLU B 455 14.04 20.75 36.96
CA GLU B 455 13.77 19.82 35.86
C GLU B 455 12.27 19.62 35.61
N PHE B 456 11.66 20.57 34.89
CA PHE B 456 10.22 20.53 34.70
C PHE B 456 9.78 19.38 33.81
N ASP B 457 10.68 18.86 32.97
CA ASP B 457 10.33 17.78 32.05
C ASP B 457 10.89 16.45 32.55
N LYS B 458 10.27 15.95 33.62
CA LYS B 458 10.66 14.67 34.19
C LYS B 458 9.53 14.05 35.00
N MET B 459 8.71 14.89 35.63
CA MET B 459 7.61 14.39 36.45
C MET B 459 6.50 13.84 35.56
N SER B 460 5.43 13.39 36.21
CA SER B 460 4.31 12.80 35.50
C SER B 460 3.48 13.87 34.80
N ASP B 461 2.46 13.43 34.08
CA ASP B 461 1.59 14.34 33.34
C ASP B 461 0.49 14.94 34.21
N MET B 462 0.29 14.41 35.42
CA MET B 462 -0.75 14.95 36.29
C MET B 462 -0.38 16.31 36.85
N ASP B 463 0.91 16.66 36.82
CA ASP B 463 1.32 18.00 37.24
C ASP B 463 1.23 19.01 36.09
N ARG B 464 1.20 18.53 34.85
CA ARG B 464 1.13 19.44 33.71
C ARG B 464 -0.28 19.97 33.52
N THR B 465 -1.29 19.29 34.07
CA THR B 465 -2.67 19.72 33.92
C THR B 465 -3.18 20.50 35.12
N ALA B 466 -2.61 20.27 36.30
CA ALA B 466 -3.06 20.99 37.50
C ALA B 466 -2.56 22.43 37.49
N ILE B 467 -1.49 22.72 36.75
CA ILE B 467 -0.95 24.09 36.69
C ILE B 467 -1.73 24.98 35.75
N HIS B 468 -2.63 24.42 34.93
CA HIS B 468 -3.42 25.22 34.00
C HIS B 468 -4.52 26.00 34.69
N GLU B 469 -4.80 25.72 35.96
CA GLU B 469 -5.85 26.41 36.70
C GLU B 469 -5.29 27.34 37.77
N VAL B 470 -3.96 27.46 37.87
CA VAL B 470 -3.35 28.30 38.89
C VAL B 470 -3.47 29.77 38.53
N MET B 471 -2.95 30.15 37.36
CA MET B 471 -2.99 31.54 36.93
C MET B 471 -4.23 31.88 36.10
N GLU B 472 -4.92 30.89 35.56
CA GLU B 472 -6.10 31.13 34.76
C GLU B 472 -7.25 31.62 35.63
N GLN B 473 -7.81 30.74 36.44
CA GLN B 473 -8.92 31.12 37.32
C GLN B 473 -8.41 31.75 38.62
N GLY B 474 -7.47 31.08 39.28
CA GLY B 474 -6.92 31.56 40.54
C GLY B 474 -7.11 30.62 41.71
N ARG B 475 -7.93 29.58 41.58
CA ARG B 475 -8.17 28.63 42.66
C ARG B 475 -7.96 27.21 42.15
N VAL B 476 -7.40 26.37 43.01
CA VAL B 476 -7.12 24.98 42.69
C VAL B 476 -8.24 24.15 43.31
N THR B 477 -9.18 23.72 42.49
CA THR B 477 -10.31 22.92 42.97
C THR B 477 -9.96 21.43 42.93
N ILE B 478 -10.72 20.66 43.70
CA ILE B 478 -10.53 19.21 43.79
C ILE B 478 -11.82 18.53 43.35
N ALA B 479 -11.69 17.58 42.42
CA ALA B 479 -12.85 16.86 41.91
C ALA B 479 -12.45 15.44 41.52
N LYS B 480 -11.66 14.79 42.37
CA LYS B 480 -11.19 13.43 42.11
C LYS B 480 -11.53 12.54 43.30
N ALA B 481 -11.85 11.28 43.00
CA ALA B 481 -12.18 10.27 44.01
C ALA B 481 -13.34 10.72 44.88
N GLY B 482 -14.31 11.41 44.27
CA GLY B 482 -15.47 11.87 45.00
C GLY B 482 -15.23 12.99 45.98
N ILE B 483 -14.04 13.60 45.97
CA ILE B 483 -13.71 14.69 46.88
C ILE B 483 -13.99 16.01 46.16
N HIS B 484 -15.01 16.73 46.61
CA HIS B 484 -15.41 18.01 46.03
C HIS B 484 -15.07 19.10 47.03
N ALA B 485 -13.91 19.75 46.82
CA ALA B 485 -13.46 20.83 47.69
C ALA B 485 -12.59 21.78 46.88
N ARG B 486 -12.34 22.95 47.47
CA ARG B 486 -11.52 23.98 46.85
C ARG B 486 -10.31 24.26 47.73
N LEU B 487 -9.16 24.46 47.10
CA LEU B 487 -7.91 24.75 47.78
C LEU B 487 -7.33 26.06 47.31
N ASN B 488 -6.62 26.75 48.19
CA ASN B 488 -6.01 28.04 47.90
C ASN B 488 -4.50 27.81 47.75
N ALA B 489 -4.06 27.68 46.49
CA ALA B 489 -2.66 27.45 46.15
C ALA B 489 -2.25 28.49 45.11
N ARG B 490 -1.97 29.70 45.58
CA ARG B 490 -1.57 30.82 44.72
C ARG B 490 -0.11 31.14 45.02
N CYS B 491 0.81 30.60 44.22
CA CYS B 491 2.24 30.84 44.40
C CYS B 491 2.85 31.11 43.04
N SER B 492 4.15 31.40 43.04
CA SER B 492 4.87 31.67 41.80
C SER B 492 5.26 30.36 41.13
N VAL B 493 5.18 30.35 39.79
CA VAL B 493 5.49 29.17 39.00
C VAL B 493 6.83 29.42 38.32
N LEU B 494 7.86 28.74 38.80
CA LEU B 494 9.20 28.83 38.23
C LEU B 494 9.53 27.57 37.44
N ALA B 495 10.49 27.70 36.53
CA ALA B 495 10.90 26.58 35.70
C ALA B 495 12.33 26.78 35.26
N ALA B 496 13.16 25.76 35.45
CA ALA B 496 14.55 25.79 35.02
C ALA B 496 14.93 24.42 34.45
N ALA B 497 14.14 23.93 33.51
CA ALA B 497 14.36 22.60 32.96
C ALA B 497 15.57 22.59 32.02
N ASN B 498 16.01 21.39 31.69
CA ASN B 498 17.13 21.16 30.78
C ASN B 498 16.63 20.59 29.46
N PRO B 499 17.38 20.79 28.37
CA PRO B 499 16.96 20.23 27.08
C PRO B 499 16.93 18.70 27.13
N VAL B 500 16.10 18.13 26.26
CA VAL B 500 15.95 16.68 26.22
C VAL B 500 17.23 16.02 25.72
N TYR B 501 17.67 16.41 24.52
CA TYR B 501 18.89 15.85 23.92
C TYR B 501 20.14 16.60 24.35
N GLY B 502 20.03 17.59 25.22
CA GLY B 502 21.19 18.32 25.70
C GLY B 502 21.82 19.19 24.62
N ARG B 503 23.00 19.71 24.96
CA ARG B 503 23.82 20.62 24.14
C ARG B 503 22.98 21.56 23.28
N TYR B 504 22.57 22.68 23.84
CA TYR B 504 21.77 23.65 23.11
C TYR B 504 22.56 24.22 21.94
N ASP B 505 22.01 24.11 20.74
CA ASP B 505 22.64 24.62 19.54
C ASP B 505 22.26 26.08 19.31
N GLN B 506 23.12 26.79 18.59
CA GLN B 506 22.91 28.21 18.28
C GLN B 506 22.69 28.44 16.79
N TYR B 507 22.03 27.50 16.11
CA TYR B 507 21.78 27.62 14.68
C TYR B 507 20.34 27.25 14.31
N LYS B 508 19.45 27.11 15.30
CA LYS B 508 18.07 26.74 15.04
C LYS B 508 17.17 27.54 15.97
N THR B 509 15.89 27.20 15.98
CA THR B 509 14.93 27.92 16.82
C THR B 509 14.94 27.32 18.23
N PRO B 510 15.04 28.16 19.28
CA PRO B 510 15.04 27.63 20.65
C PRO B 510 13.71 27.05 21.09
N MET B 511 12.70 27.04 20.23
CA MET B 511 11.40 26.49 20.63
C MET B 511 11.45 24.97 20.79
N GLU B 512 12.23 24.30 19.94
CA GLU B 512 12.35 22.85 19.98
C GLU B 512 13.42 22.38 20.95
N ASN B 513 13.90 23.24 21.84
CA ASN B 513 14.92 22.87 22.81
C ASN B 513 14.39 22.79 24.23
N ILE B 514 13.17 23.24 24.49
CA ILE B 514 12.63 23.19 25.84
C ILE B 514 11.83 21.91 26.06
N GLY B 515 11.24 21.36 25.01
CA GLY B 515 10.47 20.13 25.13
C GLY B 515 9.20 20.30 25.95
N LEU B 516 8.37 21.27 25.57
CA LEU B 516 7.12 21.54 26.26
C LEU B 516 5.96 21.48 25.29
N GLN B 517 4.76 21.28 25.84
CA GLN B 517 3.56 21.19 25.04
C GLN B 517 3.10 22.59 24.61
N ASP B 518 1.99 22.62 23.86
CA ASP B 518 1.46 23.90 23.39
C ASP B 518 0.85 24.71 24.54
N SER B 519 0.22 24.02 25.49
CA SER B 519 -0.40 24.69 26.64
C SER B 519 0.56 24.86 27.80
N LEU B 520 1.87 24.69 27.58
CA LEU B 520 2.88 24.84 28.62
C LEU B 520 3.82 26.00 28.37
N LEU B 521 4.39 26.09 27.17
CA LEU B 521 5.32 27.17 26.87
C LEU B 521 4.62 28.49 26.61
N SER B 522 3.31 28.47 26.40
CA SER B 522 2.55 29.70 26.15
C SER B 522 2.29 30.51 27.41
N ARG B 523 2.60 29.96 28.59
CA ARG B 523 2.36 30.66 29.84
C ARG B 523 3.59 31.38 30.37
N PHE B 524 4.75 31.25 29.71
CA PHE B 524 5.96 31.92 30.13
C PHE B 524 6.02 33.33 29.57
N ASP B 525 6.96 34.12 30.10
CA ASP B 525 7.13 35.50 29.66
C ASP B 525 8.52 35.62 29.05
N LEU B 526 9.57 35.78 29.84
CA LEU B 526 10.91 35.89 29.30
C LEU B 526 11.47 34.51 28.97
N LEU B 527 12.64 34.50 28.34
CA LEU B 527 13.31 33.28 27.94
C LEU B 527 14.81 33.59 27.78
N PHE B 528 15.51 33.65 28.90
CA PHE B 528 16.94 33.89 28.91
C PHE B 528 17.70 32.58 28.91
N ILE B 529 18.74 32.50 28.08
CA ILE B 529 19.55 31.30 27.92
C ILE B 529 20.96 31.62 28.42
N MET B 530 21.42 30.83 29.38
CA MET B 530 22.76 30.98 29.96
C MET B 530 23.62 29.81 29.49
N LEU B 531 24.58 30.11 28.63
CA LEU B 531 25.47 29.10 28.07
C LEU B 531 26.87 29.26 28.65
N ASP B 532 27.74 28.30 28.31
CA ASP B 532 29.13 28.31 28.78
C ASP B 532 30.00 27.78 27.66
N GLN B 533 30.85 28.63 27.11
CA GLN B 533 31.75 28.27 26.03
C GLN B 533 33.18 28.16 26.54
N MET B 534 33.93 27.18 26.00
CA MET B 534 35.31 26.96 26.38
C MET B 534 36.29 27.89 25.65
N ASP B 535 35.80 29.02 25.15
CA ASP B 535 36.68 29.96 24.46
C ASP B 535 37.59 30.67 25.46
N PRO B 536 38.81 31.04 25.03
CA PRO B 536 39.73 31.69 25.97
C PRO B 536 39.26 33.05 26.46
N GLU B 537 38.35 33.70 25.74
CA GLU B 537 37.87 35.01 26.18
C GLU B 537 36.94 34.92 27.39
N GLN B 538 36.40 33.73 27.68
CA GLN B 538 35.52 33.53 28.82
C GLN B 538 36.14 32.69 29.92
N ASP B 539 37.32 32.10 29.69
CA ASP B 539 37.95 31.29 30.72
C ASP B 539 38.53 32.14 31.84
N ARG B 540 38.85 33.41 31.56
CA ARG B 540 39.40 34.28 32.59
C ARG B 540 38.32 34.71 33.58
N GLU B 541 37.08 34.85 33.13
CA GLU B 541 36.01 35.24 34.05
C GLU B 541 35.61 34.09 34.96
N ILE B 542 35.66 32.85 34.46
CA ILE B 542 35.33 31.70 35.29
C ILE B 542 36.43 31.42 36.30
N SER B 543 37.69 31.65 35.91
CA SER B 543 38.81 31.40 36.82
C SER B 543 38.84 32.36 38.00
N ASP B 544 38.08 33.46 37.94
CA ASP B 544 38.05 34.39 39.06
C ASP B 544 37.37 33.79 40.28
N HIS B 545 36.48 32.81 40.07
CA HIS B 545 35.80 32.14 41.17
C HIS B 545 36.42 30.80 41.53
N VAL B 546 37.21 30.21 40.65
CA VAL B 546 37.85 28.93 40.95
C VAL B 546 39.00 29.12 41.94
N LEU B 547 39.77 30.20 41.78
CA LEU B 547 40.86 30.48 42.71
C LEU B 547 40.35 30.84 44.10
N ARG B 548 39.19 31.49 44.17
CA ARG B 548 38.60 31.82 45.47
C ARG B 548 38.00 30.61 46.16
N MET B 549 37.59 29.59 45.40
CA MET B 549 37.00 28.40 45.99
C MET B 549 38.06 27.47 46.57
N HIS B 550 39.23 27.40 45.95
CA HIS B 550 40.28 26.53 46.47
C HIS B 550 40.84 27.06 47.79
N ARG B 551 40.98 28.39 47.90
CA ARG B 551 41.45 29.01 49.14
C ARG B 551 40.35 29.18 50.17
N TYR B 552 39.11 28.82 49.83
CA TYR B 552 38.01 28.92 50.79
C TYR B 552 38.05 27.82 51.84
N ARG B 553 38.84 26.76 51.63
CA ARG B 553 38.91 25.66 52.58
C ARG B 553 39.57 26.13 53.88
N ALA B 554 39.51 25.24 54.88
CA ALA B 554 40.11 25.55 56.17
C ALA B 554 41.64 25.57 56.06
N PRO B 555 42.31 26.40 56.86
CA PRO B 555 43.78 26.44 56.81
C PRO B 555 44.41 25.11 57.19
N GLY B 556 44.62 24.25 56.20
CA GLY B 556 45.20 22.94 56.44
C GLY B 556 44.74 21.91 55.43
N GLU B 557 43.85 22.30 54.52
CA GLU B 557 43.32 21.41 53.50
C GLU B 557 43.63 21.90 52.09
N GLN B 558 44.64 22.75 51.93
CA GLN B 558 45.00 23.27 50.63
C GLN B 558 45.73 22.21 49.83
N ASP B 559 45.17 21.85 48.67
CA ASP B 559 45.74 20.85 47.77
C ASP B 559 45.92 19.51 48.49
N GLY B 560 44.83 19.05 49.09
CA GLY B 560 44.84 17.79 49.82
C GLY B 560 43.46 17.19 50.01
N ASP B 561 42.67 17.77 50.90
CA ASP B 561 41.33 17.27 51.15
C ASP B 561 40.35 17.83 50.12
N ALA B 562 39.10 17.36 50.22
CA ALA B 562 38.06 17.79 49.30
C ALA B 562 37.17 18.84 49.93
N MET B 563 35.92 18.94 49.47
CA MET B 563 34.97 19.91 50.01
C MET B 563 34.07 19.24 51.03
N PRO B 564 33.95 19.79 52.25
CA PRO B 564 33.06 19.18 53.24
C PRO B 564 31.59 19.24 52.86
N LEU B 565 31.20 20.13 51.96
CA LEU B 565 29.80 20.24 51.55
C LEU B 565 29.41 19.05 50.68
N GLY B 566 28.37 18.34 51.10
CA GLY B 566 27.89 17.19 50.37
C GLY B 566 26.52 16.73 50.81
N SER B 567 26.39 16.42 52.09
CA SER B 567 25.12 15.99 52.69
C SER B 567 24.54 17.13 53.52
N ALA B 568 23.44 16.83 54.22
CA ALA B 568 22.79 17.83 55.06
C ALA B 568 22.07 17.10 56.19
N VAL B 569 22.64 17.16 57.39
CA VAL B 569 22.07 16.51 58.56
C VAL B 569 21.45 17.57 59.46
N ASP B 570 20.14 17.78 59.34
CA ASP B 570 19.41 18.77 60.11
C ASP B 570 18.41 18.06 61.01
N ILE B 571 18.43 18.42 62.30
CA ILE B 571 17.51 17.84 63.27
C ILE B 571 16.71 18.95 63.93
N LEU B 572 15.78 18.57 64.81
CA LEU B 572 14.95 19.51 65.54
C LEU B 572 15.15 19.30 67.03
N ALA B 573 15.13 20.40 67.78
CA ALA B 573 15.32 20.33 69.23
C ALA B 573 14.04 20.76 69.96
N THR B 574 14.19 21.46 71.09
CA THR B 574 13.06 21.92 71.87
C THR B 574 12.60 23.29 71.35
N ASP B 575 11.76 23.96 72.11
CA ASP B 575 11.24 25.29 71.74
C ASP B 575 12.28 26.34 72.09
N ASP B 576 13.30 26.44 71.23
CA ASP B 576 14.39 27.39 71.40
C ASP B 576 14.57 28.21 70.13
N PRO B 577 14.81 29.51 70.26
CA PRO B 577 14.99 30.37 69.07
C PRO B 577 16.44 30.45 68.59
N ASN B 578 16.79 29.54 67.68
CA ASN B 578 18.15 29.46 67.16
C ASN B 578 18.41 30.54 66.12
N PHE B 579 18.52 31.79 66.56
CA PHE B 579 18.79 32.91 65.66
C PHE B 579 20.08 33.65 65.94
N SER B 580 20.43 33.93 67.20
CA SER B 580 21.66 34.65 67.53
C SER B 580 22.55 33.88 68.47
N GLN B 581 22.24 32.62 68.76
CA GLN B 581 23.06 31.82 69.67
C GLN B 581 24.24 31.18 68.94
N GLU B 582 23.97 30.25 68.02
CA GLU B 582 25.05 29.60 67.27
C GLU B 582 25.62 30.53 66.21
N ASP B 583 24.85 30.79 65.16
CA ASP B 583 25.26 31.67 64.09
C ASP B 583 24.73 33.09 64.33
N GLN B 584 25.43 34.07 63.78
CA GLN B 584 25.08 35.48 63.92
C GLN B 584 24.74 36.00 62.52
N GLN B 585 23.46 35.95 62.16
CA GLN B 585 22.95 36.43 60.87
C GLN B 585 21.82 37.41 61.15
N ASP B 586 22.17 38.60 61.62
CA ASP B 586 21.20 39.63 61.96
C ASP B 586 20.81 40.41 60.70
N THR B 587 19.66 41.07 60.78
CA THR B 587 19.16 41.87 59.67
C THR B 587 20.05 43.10 59.48
N GLN B 588 20.97 43.03 58.52
CA GLN B 588 21.88 44.12 58.22
C GLN B 588 21.81 44.47 56.75
N ILE B 589 22.12 45.72 56.45
CA ILE B 589 22.10 46.22 55.07
C ILE B 589 23.32 45.68 54.33
N TYR B 590 24.50 46.21 54.66
CA TYR B 590 25.75 45.79 54.04
C TYR B 590 26.65 45.20 55.11
N GLU B 591 27.20 44.01 54.82
CA GLU B 591 28.08 43.33 55.77
C GLU B 591 29.50 43.87 55.65
N LYS B 592 30.46 42.98 55.37
CA LYS B 592 31.86 43.36 55.23
C LYS B 592 32.34 43.04 53.82
N HIS B 593 33.39 43.73 53.40
CA HIS B 593 33.97 43.54 52.07
C HIS B 593 34.75 42.24 52.06
N ASP B 594 34.23 41.23 51.35
CA ASP B 594 34.86 39.93 51.23
C ASP B 594 35.13 39.61 49.77
N ASN B 595 35.97 38.61 49.55
CA ASN B 595 36.32 38.19 48.20
C ASN B 595 36.23 36.68 47.98
N LEU B 596 35.99 35.88 49.03
CA LEU B 596 35.89 34.44 48.86
C LEU B 596 34.61 34.05 48.13
N LEU B 597 33.47 34.58 48.58
CA LEU B 597 32.17 34.32 47.97
C LEU B 597 31.47 35.66 47.77
N HIS B 598 31.92 36.41 46.77
CA HIS B 598 31.36 37.72 46.47
C HIS B 598 31.63 38.11 45.02
N GLY B 599 32.80 37.73 44.50
CA GLY B 599 33.19 38.03 43.14
C GLY B 599 34.56 38.66 43.11
N THR B 600 34.82 39.38 42.01
CA THR B 600 36.09 40.07 41.82
C THR B 600 35.92 41.54 41.48
N LYS B 601 35.11 41.85 40.46
CA LYS B 601 34.90 43.23 40.07
C LYS B 601 34.01 43.99 41.04
N LYS B 602 33.29 43.31 41.92
CA LYS B 602 32.41 43.95 42.89
C LYS B 602 33.25 44.34 44.11
N LYS B 603 33.58 45.63 44.21
CA LYS B 603 34.38 46.14 45.33
C LYS B 603 33.72 47.27 46.09
N LYS B 604 32.73 47.95 45.51
CA LYS B 604 32.06 49.05 46.20
C LYS B 604 30.79 48.60 46.92
N GLU B 605 30.14 47.55 46.45
CA GLU B 605 28.94 47.02 47.06
C GLU B 605 29.25 45.76 47.85
N LYS B 606 28.70 45.67 49.06
CA LYS B 606 28.93 44.51 49.92
C LYS B 606 27.83 43.47 49.71
N MET B 607 27.58 42.65 50.72
CA MET B 607 26.56 41.61 50.67
C MET B 607 25.44 41.90 51.65
N VAL B 608 24.31 41.24 51.44
CA VAL B 608 23.13 41.39 52.29
C VAL B 608 22.85 40.04 52.94
N SER B 609 22.61 40.06 54.25
CA SER B 609 22.33 38.84 54.97
C SER B 609 20.97 38.26 54.55
N ALA B 610 20.80 36.96 54.81
CA ALA B 610 19.56 36.28 54.45
C ALA B 610 18.39 36.70 55.34
N ALA B 611 18.68 37.22 56.53
CA ALA B 611 17.60 37.65 57.43
C ALA B 611 16.94 38.94 56.97
N PHE B 612 17.68 39.78 56.21
CA PHE B 612 17.10 41.02 55.73
C PHE B 612 16.14 40.78 54.56
N MET B 613 16.39 39.74 53.76
CA MET B 613 15.51 39.45 52.63
C MET B 613 14.21 38.79 53.06
N LYS B 614 14.14 38.31 54.30
CA LYS B 614 12.92 37.66 54.81
C LYS B 614 12.04 38.60 55.61
N LYS B 615 12.60 39.68 56.16
CA LYS B 615 11.85 40.64 56.94
C LYS B 615 11.44 41.87 56.14
N TYR B 616 11.55 41.81 54.82
CA TYR B 616 11.18 42.94 53.95
C TYR B 616 10.13 42.59 52.91
N ILE B 617 10.03 41.33 52.51
CA ILE B 617 9.03 40.94 51.51
C ILE B 617 7.63 41.03 52.09
N HIS B 618 7.45 40.56 53.33
CA HIS B 618 6.13 40.59 53.96
C HIS B 618 5.69 42.01 54.28
N VAL B 619 6.61 42.97 54.37
CA VAL B 619 6.25 44.34 54.67
C VAL B 619 5.77 45.05 53.41
N ALA B 620 6.38 44.76 52.26
CA ALA B 620 6.00 45.40 51.01
C ALA B 620 4.66 44.92 50.48
N LYS B 621 4.13 43.81 50.98
CA LYS B 621 2.85 43.31 50.51
C LYS B 621 1.68 44.16 51.02
N ILE B 622 1.90 44.97 52.05
CA ILE B 622 0.83 45.82 52.56
C ILE B 622 0.56 46.99 51.62
N ILE B 623 1.60 47.47 50.92
CA ILE B 623 1.44 48.59 50.01
C ILE B 623 0.59 48.16 48.81
N LYS B 624 -0.47 48.92 48.53
CA LYS B 624 -1.38 48.64 47.43
C LYS B 624 -1.43 49.88 46.54
N PRO B 625 -0.52 50.02 45.58
CA PRO B 625 -0.52 51.19 44.71
C PRO B 625 -1.68 51.17 43.73
N VAL B 626 -2.04 52.35 43.24
CA VAL B 626 -3.12 52.53 42.28
C VAL B 626 -2.53 53.02 40.97
N LEU B 627 -2.99 52.44 39.87
CA LEU B 627 -2.49 52.83 38.55
C LEU B 627 -2.92 54.27 38.24
N THR B 628 -1.95 55.11 37.92
CA THR B 628 -2.21 56.51 37.62
C THR B 628 -2.58 56.69 36.16
N GLN B 629 -2.85 57.93 35.77
CA GLN B 629 -3.21 58.23 34.39
C GLN B 629 -1.99 58.33 33.48
N GLU B 630 -0.87 58.80 34.01
CA GLU B 630 0.35 58.92 33.20
C GLU B 630 0.92 57.57 32.81
N SER B 631 0.58 56.50 33.54
CA SER B 631 1.07 55.18 33.22
C SER B 631 0.10 54.36 32.37
N ALA B 632 -1.19 54.71 32.38
CA ALA B 632 -2.16 53.97 31.57
C ALA B 632 -2.02 54.31 30.09
N THR B 633 -1.66 55.56 29.77
CA THR B 633 -1.49 55.94 28.38
C THR B 633 -0.23 55.33 27.78
N TYR B 634 0.81 55.12 28.60
CA TYR B 634 2.04 54.52 28.09
C TYR B 634 1.83 53.06 27.69
N ILE B 635 0.86 52.38 28.31
CA ILE B 635 0.61 50.98 27.97
C ILE B 635 -0.10 50.88 26.63
N ALA B 636 -1.02 51.80 26.35
CA ALA B 636 -1.79 51.73 25.10
C ALA B 636 -0.92 52.06 23.88
N GLU B 637 0.11 52.88 24.04
CA GLU B 637 0.96 53.25 22.92
C GLU B 637 2.08 52.26 22.68
N GLU B 638 2.42 51.43 23.66
CA GLU B 638 3.46 50.41 23.49
C GLU B 638 2.90 49.07 23.05
N TYR B 639 1.61 48.80 23.30
CA TYR B 639 1.03 47.52 22.92
C TYR B 639 0.79 47.45 21.41
N SER B 640 0.61 48.60 20.75
CA SER B 640 0.33 48.60 19.32
C SER B 640 1.59 48.54 18.47
N ARG B 641 2.76 48.85 19.05
CA ARG B 641 4.01 48.82 18.30
C ARG B 641 4.77 47.52 18.43
N LEU B 642 4.45 46.69 19.44
CA LEU B 642 5.14 45.42 19.62
C LEU B 642 4.49 44.31 18.79
N ARG B 643 3.17 44.37 18.61
CA ARG B 643 2.48 43.34 17.83
C ARG B 643 2.64 43.55 16.33
N SER B 644 2.76 44.81 15.88
CA SER B 644 2.90 45.09 14.46
C SER B 644 4.26 44.66 13.92
N GLN B 645 5.25 44.46 14.77
CA GLN B 645 6.59 44.04 14.35
C GLN B 645 6.87 42.58 14.68
N ASP B 646 5.87 41.83 15.15
CA ASP B 646 6.05 40.43 15.49
C ASP B 646 5.17 39.49 14.67
N SER B 647 4.31 40.02 13.81
CA SER B 647 3.44 39.17 13.01
C SER B 647 4.22 38.47 11.89
N MET B 648 5.17 39.17 11.28
CA MET B 648 5.97 38.59 10.20
C MET B 648 7.12 37.73 10.69
N SER B 649 7.35 37.67 12.00
CA SER B 649 8.43 36.86 12.54
C SER B 649 8.06 35.38 12.49
N SER B 650 9.09 34.53 12.40
CA SER B 650 8.88 33.09 12.34
C SER B 650 10.13 32.35 12.82
N ASP B 651 11.27 33.03 12.83
CA ASP B 651 12.51 32.39 13.28
C ASP B 651 12.56 32.27 14.79
N THR B 652 12.00 33.23 15.51
CA THR B 652 12.00 33.21 16.97
C THR B 652 10.82 34.05 17.46
N ALA B 653 10.80 34.32 18.76
CA ALA B 653 9.76 35.13 19.41
C ALA B 653 8.37 34.53 19.16
N ARG B 654 8.18 33.34 19.73
CA ARG B 654 6.90 32.64 19.61
C ARG B 654 6.46 31.95 20.90
N THR B 655 7.21 32.08 21.99
CA THR B 655 6.79 31.49 23.26
C THR B 655 5.65 32.28 23.90
N SER B 656 5.46 33.54 23.52
CA SER B 656 4.39 34.37 24.05
C SER B 656 4.10 35.52 23.09
N PRO B 657 3.14 35.36 22.19
CA PRO B 657 2.84 36.44 21.24
C PRO B 657 2.31 37.68 21.95
N VAL B 658 2.43 38.81 21.27
CA VAL B 658 1.98 40.09 21.82
C VAL B 658 0.46 40.13 21.78
N THR B 659 -0.17 39.43 22.72
CA THR B 659 -1.62 39.40 22.82
C THR B 659 -2.08 39.76 24.22
N ALA B 660 -3.02 38.99 24.76
CA ALA B 660 -3.49 39.24 26.13
C ALA B 660 -2.50 38.75 27.18
N ARG B 661 -1.59 37.85 26.81
CA ARG B 661 -0.60 37.36 27.77
C ARG B 661 0.42 38.45 28.12
N THR B 662 0.98 39.10 27.10
CA THR B 662 1.97 40.16 27.36
C THR B 662 1.32 41.40 27.96
N LEU B 663 0.05 41.65 27.62
CA LEU B 663 -0.63 42.84 28.14
C LEU B 663 -0.86 42.73 29.64
N GLU B 664 -1.23 41.54 30.12
CA GLU B 664 -1.49 41.37 31.55
C GLU B 664 -0.19 41.38 32.36
N THR B 665 0.92 40.95 31.76
CA THR B 665 2.18 40.96 32.49
C THR B 665 2.70 42.37 32.72
N LEU B 666 2.41 43.30 31.79
CA LEU B 666 2.85 44.67 31.96
C LEU B 666 2.08 45.37 33.09
N ILE B 667 0.80 45.03 33.26
CA ILE B 667 0.01 45.64 34.33
C ILE B 667 0.43 45.10 35.69
N ARG B 668 0.67 43.78 35.78
CA ARG B 668 1.07 43.19 37.04
C ARG B 668 2.47 43.62 37.44
N LEU B 669 3.36 43.82 36.46
CA LEU B 669 4.72 44.25 36.78
C LEU B 669 4.76 45.72 37.17
N ALA B 670 3.87 46.54 36.62
CA ALA B 670 3.85 47.96 36.98
C ALA B 670 3.37 48.17 38.41
N THR B 671 2.41 47.34 38.85
CA THR B 671 1.91 47.46 40.22
C THR B 671 2.87 46.84 41.23
N ALA B 672 3.63 45.83 40.83
CA ALA B 672 4.59 45.19 41.73
C ALA B 672 5.91 45.92 41.81
N HIS B 673 6.25 46.74 40.80
CA HIS B 673 7.51 47.47 40.83
C HIS B 673 7.46 48.62 41.83
N ALA B 674 6.28 49.15 42.13
CA ALA B 674 6.14 50.23 43.07
C ALA B 674 6.01 49.75 44.52
N LYS B 675 5.74 48.46 44.73
CA LYS B 675 5.62 47.95 46.10
C LYS B 675 6.98 47.88 46.78
N ALA B 676 8.04 47.61 46.02
CA ALA B 676 9.39 47.51 46.57
C ALA B 676 10.14 48.83 46.55
N ARG B 677 9.43 49.95 46.37
CA ARG B 677 10.05 51.27 46.35
C ARG B 677 9.44 52.23 47.37
N MET B 678 8.51 51.74 48.20
CA MET B 678 7.83 52.55 49.20
C MET B 678 7.14 53.76 48.56
N SER B 679 5.96 53.54 47.98
CA SER B 679 5.22 54.61 47.32
C SER B 679 3.75 54.22 47.26
N LYS B 680 2.87 55.15 47.62
CA LYS B 680 1.44 54.88 47.60
C LYS B 680 0.86 54.85 46.20
N THR B 681 1.53 55.48 45.23
CA THR B 681 1.09 55.52 43.85
C THR B 681 2.16 54.95 42.93
N VAL B 682 1.74 54.56 41.73
CA VAL B 682 2.65 54.00 40.75
C VAL B 682 3.42 55.14 40.10
N ASP B 683 4.75 55.03 40.14
CA ASP B 683 5.60 56.07 39.56
C ASP B 683 5.62 55.95 38.05
N LEU B 684 6.22 56.97 37.40
CA LEU B 684 6.30 56.97 35.94
C LEU B 684 7.36 55.99 35.45
N GLN B 685 8.43 55.81 36.23
CA GLN B 685 9.50 54.90 35.83
C GLN B 685 9.14 53.43 36.03
N ASP B 686 7.98 53.13 36.58
CA ASP B 686 7.55 51.76 36.82
C ASP B 686 6.97 51.11 35.57
N ALA B 687 6.85 51.83 34.46
CA ALA B 687 6.29 51.29 33.23
C ALA B 687 7.35 50.86 32.23
N GLU B 688 8.54 51.47 32.25
CA GLU B 688 9.60 51.13 31.33
C GLU B 688 10.44 49.96 31.80
N GLU B 689 10.07 49.31 32.90
CA GLU B 689 10.84 48.16 33.39
C GLU B 689 10.62 46.93 32.53
N ALA B 690 9.36 46.65 32.20
CA ALA B 690 9.04 45.49 31.36
C ALA B 690 9.19 45.76 29.88
N VAL B 691 9.44 47.02 29.48
CA VAL B 691 9.63 47.33 28.07
C VAL B 691 10.96 46.78 27.58
N GLU B 692 12.03 47.03 28.34
CA GLU B 692 13.35 46.51 27.99
C GLU B 692 13.53 45.04 28.34
N LEU B 693 12.53 44.41 28.96
CA LEU B 693 12.61 43.01 29.33
C LEU B 693 11.96 42.09 28.30
N VAL B 694 10.81 42.49 27.74
CA VAL B 694 10.12 41.66 26.77
C VAL B 694 10.67 41.88 25.36
N GLN B 695 11.02 43.12 25.01
CA GLN B 695 11.50 43.40 23.67
C GLN B 695 12.91 42.85 23.46
N TYR B 696 13.76 42.95 24.48
CA TYR B 696 15.14 42.48 24.34
C TYR B 696 15.22 40.96 24.37
N ALA B 697 14.32 40.31 25.09
CA ALA B 697 14.34 38.85 25.16
C ALA B 697 13.82 38.21 23.89
N TYR B 698 12.98 38.92 23.14
CA TYR B 698 12.41 38.41 21.89
C TYR B 698 13.14 38.96 20.66
N PHE B 699 13.16 40.29 20.53
CA PHE B 699 13.82 40.92 19.39
C PHE B 699 15.29 41.16 19.68
N LEU B 784 1.58 76.39 3.52
CA LEU B 784 0.31 75.69 3.63
C LEU B 784 0.43 74.53 4.61
N SER B 785 1.58 73.86 4.60
CA SER B 785 1.86 72.73 5.48
C SER B 785 2.86 73.09 6.58
N GLU B 786 2.79 74.32 7.08
CA GLU B 786 3.68 74.83 8.14
C GLU B 786 5.12 74.70 7.63
N SER B 787 6.05 74.20 8.45
CA SER B 787 7.43 74.05 8.04
C SER B 787 7.67 72.82 7.16
N ARG B 788 6.66 71.94 7.03
CA ARG B 788 6.83 70.76 6.20
C ARG B 788 6.83 71.12 4.71
N LEU B 789 6.10 72.17 4.33
CA LEU B 789 6.07 72.57 2.93
C LEU B 789 7.34 73.30 2.53
N LYS B 790 7.94 74.07 3.44
CA LYS B 790 9.18 74.76 3.13
C LYS B 790 10.33 73.78 2.96
N ALA B 791 10.35 72.71 3.76
CA ALA B 791 11.38 71.69 3.61
C ALA B 791 11.10 70.76 2.45
N PHE B 792 9.86 70.74 1.94
CA PHE B 792 9.54 69.88 0.81
C PHE B 792 10.10 70.44 -0.50
N LYS B 793 10.24 71.76 -0.59
CA LYS B 793 10.81 72.36 -1.79
C LYS B 793 12.29 72.03 -1.94
N VAL B 794 12.99 71.81 -0.82
CA VAL B 794 14.40 71.43 -0.88
C VAL B 794 14.55 70.01 -1.40
N ALA B 795 13.61 69.13 -1.04
CA ALA B 795 13.65 67.75 -1.53
C ALA B 795 13.35 67.64 -3.01
N LEU B 796 12.64 68.62 -3.58
CA LEU B 796 12.34 68.60 -5.00
C LEU B 796 13.59 68.82 -5.85
N LEU B 797 14.62 69.47 -5.32
CA LEU B 797 15.86 69.66 -6.05
C LEU B 797 16.64 68.36 -6.21
N ASP B 798 16.37 67.35 -5.38
CA ASP B 798 17.06 66.07 -5.46
C ASP B 798 16.20 64.95 -6.03
N VAL B 799 14.94 65.22 -6.36
CA VAL B 799 14.03 64.21 -6.88
C VAL B 799 13.43 64.59 -8.23
N PHE B 800 13.43 65.87 -8.59
CA PHE B 800 13.00 66.30 -9.91
C PHE B 800 14.13 66.98 -10.66
N ARG B 801 15.04 67.63 -9.93
CA ARG B 801 16.16 68.34 -10.52
C ARG B 801 17.47 67.56 -10.45
N GLU B 802 17.48 66.39 -9.79
CA GLU B 802 18.67 65.55 -9.74
C GLU B 802 18.32 64.10 -10.08
N ALA B 803 17.82 63.33 -9.12
CA ALA B 803 17.40 61.95 -9.37
C ALA B 803 15.96 62.00 -9.92
N HIS B 804 15.85 62.25 -11.21
CA HIS B 804 14.55 62.42 -11.84
C HIS B 804 13.76 61.12 -11.82
N ALA B 805 12.44 61.26 -11.71
CA ALA B 805 11.54 60.11 -11.71
C ALA B 805 10.22 60.46 -12.40
N GLN B 806 9.81 61.73 -12.29
CA GLN B 806 8.59 62.23 -12.92
C GLN B 806 7.36 61.45 -12.45
N SER B 807 7.32 61.12 -11.15
CA SER B 807 6.21 60.38 -10.59
C SER B 807 6.13 60.57 -9.08
N ILE B 808 5.79 61.79 -8.64
CA ILE B 808 5.66 62.11 -7.22
C ILE B 808 4.44 63.00 -7.05
N GLY B 809 3.51 62.56 -6.23
CA GLY B 809 2.31 63.34 -5.95
C GLY B 809 1.12 62.45 -5.67
N MET B 810 0.11 63.04 -5.05
CA MET B 810 -1.17 62.38 -4.72
C MET B 810 -0.85 61.21 -3.79
N ASN B 811 -1.44 60.03 -4.00
CA ASN B 811 -1.15 58.88 -3.14
C ASN B 811 0.27 58.37 -3.32
N ARG B 812 0.91 58.67 -4.46
CA ARG B 812 2.29 58.24 -4.67
C ARG B 812 3.27 59.04 -3.84
N LEU B 813 2.85 60.16 -3.26
CA LEU B 813 3.72 60.95 -2.41
C LEU B 813 4.06 60.25 -1.10
N THR B 814 3.22 59.31 -0.65
CA THR B 814 3.46 58.63 0.61
C THR B 814 4.72 57.77 0.58
N GLU B 815 5.16 57.35 -0.61
CA GLU B 815 6.38 56.54 -0.74
C GLU B 815 7.65 57.37 -0.68
N SER B 816 7.55 58.69 -0.53
CA SER B 816 8.72 59.54 -0.45
C SER B 816 8.60 60.67 0.56
N ILE B 817 7.45 60.81 1.23
CA ILE B 817 7.27 61.88 2.21
C ILE B 817 7.75 61.47 3.60
N ASN B 818 8.08 60.20 3.81
CA ASN B 818 8.54 59.72 5.11
C ASN B 818 9.88 60.32 5.47
N ARG B 819 10.96 59.75 4.94
CA ARG B 819 12.32 60.22 5.20
C ARG B 819 12.62 60.24 6.69
N ASP B 820 12.45 61.40 7.33
CA ASP B 820 12.72 61.53 8.75
C ASP B 820 11.68 62.36 9.50
N SER B 821 10.89 63.19 8.83
CA SER B 821 9.87 63.99 9.49
C SER B 821 8.59 63.18 9.65
N GLU B 822 8.03 63.20 10.86
CA GLU B 822 6.80 62.46 11.14
C GLU B 822 5.58 63.27 10.72
N GLU B 823 4.67 63.53 11.66
CA GLU B 823 3.46 64.31 11.46
C GLU B 823 2.56 63.67 10.40
N PRO B 824 1.53 62.92 10.81
CA PRO B 824 0.66 62.26 9.83
C PRO B 824 -0.16 63.28 9.05
N PHE B 825 -0.14 63.14 7.72
CA PHE B 825 -0.89 64.05 6.86
C PHE B 825 -2.33 63.57 6.69
N SER B 826 -3.25 64.51 6.63
CA SER B 826 -4.66 64.22 6.45
C SER B 826 -5.03 64.22 4.97
N SER B 827 -6.22 63.70 4.68
CA SER B 827 -6.70 63.65 3.30
C SER B 827 -7.05 65.02 2.76
N VAL B 828 -7.44 65.96 3.62
CA VAL B 828 -7.77 67.30 3.15
C VAL B 828 -6.51 68.12 2.91
N GLU B 829 -5.46 67.92 3.70
CA GLU B 829 -4.23 68.67 3.52
C GLU B 829 -3.52 68.28 2.24
N ILE B 830 -3.47 66.98 1.93
CA ILE B 830 -2.81 66.53 0.71
C ILE B 830 -3.63 66.85 -0.53
N GLN B 831 -4.92 67.19 -0.36
CA GLN B 831 -5.73 67.54 -1.52
C GLN B 831 -5.62 69.03 -1.84
N ALA B 832 -5.51 69.89 -0.82
CA ALA B 832 -5.37 71.32 -1.06
C ALA B 832 -4.00 71.68 -1.64
N ALA B 833 -2.99 70.84 -1.45
CA ALA B 833 -1.67 71.11 -1.99
C ALA B 833 -1.60 70.93 -3.49
N LEU B 834 -2.57 70.25 -4.10
CA LEU B 834 -2.59 70.06 -5.55
C LEU B 834 -3.02 71.30 -6.32
N SER B 835 -3.48 72.33 -5.62
CA SER B 835 -3.88 73.56 -6.32
C SER B 835 -2.68 74.30 -6.88
N LYS B 836 -1.54 74.22 -6.20
CA LYS B 836 -0.32 74.85 -6.68
C LYS B 836 0.45 73.91 -7.59
N MET B 837 1.77 73.92 -7.51
CA MET B 837 2.65 73.04 -8.29
C MET B 837 2.47 73.23 -9.79
N GLN B 838 1.25 73.03 -10.29
CA GLN B 838 1.01 73.17 -11.72
C GLN B 838 1.29 74.59 -12.20
N ASP B 839 0.85 75.59 -11.42
CA ASP B 839 1.11 76.98 -11.79
C ASP B 839 2.57 77.37 -11.58
N ASP B 840 3.29 76.66 -10.71
CA ASP B 840 4.68 76.93 -10.45
C ASP B 840 5.62 75.93 -11.12
N ASN B 841 5.09 75.08 -12.00
CA ASN B 841 5.87 74.09 -12.75
C ASN B 841 6.59 73.12 -11.79
N GLN B 842 5.77 72.31 -11.12
CA GLN B 842 6.28 71.28 -10.22
C GLN B 842 5.64 69.93 -10.51
N VAL B 843 4.40 69.75 -10.06
CA VAL B 843 3.67 68.49 -10.24
C VAL B 843 2.34 68.80 -10.92
N MET B 844 2.04 68.06 -11.98
CA MET B 844 0.80 68.20 -12.71
C MET B 844 -0.26 67.27 -12.11
N VAL B 845 -1.52 67.51 -12.51
CA VAL B 845 -2.64 66.72 -12.02
C VAL B 845 -3.10 65.77 -13.11
N SER B 846 -3.76 64.70 -12.70
CA SER B 846 -4.27 63.69 -13.63
C SER B 846 -5.48 62.98 -13.05
N GLU B 847 -5.27 61.78 -12.50
CA GLU B 847 -6.35 61.00 -11.92
C GLU B 847 -5.99 60.53 -10.52
N GLY B 848 -6.14 59.22 -10.27
CA GLY B 848 -5.81 58.67 -8.97
C GLY B 848 -4.33 58.77 -8.65
N ILE B 849 -3.52 57.96 -9.33
CA ILE B 849 -2.07 57.99 -9.15
C ILE B 849 -1.48 58.84 -10.28
N ILE B 850 -1.08 60.06 -9.94
CA ILE B 850 -0.54 61.00 -10.91
C ILE B 850 0.93 60.71 -11.13
N PHE B 851 1.41 61.01 -12.34
CA PHE B 851 2.80 60.78 -12.70
C PHE B 851 3.21 61.68 -13.86
N LEU B 852 2.70 62.90 -13.90
CA LEU B 852 2.97 63.86 -14.96
C LEU B 852 3.66 65.08 -14.37
N ILE B 853 4.76 65.49 -14.99
CA ILE B 853 5.53 66.67 -14.56
C ILE B 853 5.94 66.55 -13.10
N GLN C 142 -44.20 -28.28 54.32
CA GLN C 142 -44.59 -28.02 55.69
C GLN C 142 -45.76 -28.91 56.12
N LYS C 143 -45.66 -29.46 57.34
CA LYS C 143 -46.69 -30.34 57.90
C LYS C 143 -47.23 -29.68 59.16
N GLY C 144 -48.23 -28.82 59.00
CA GLY C 144 -48.83 -28.12 60.12
C GLY C 144 -50.02 -28.87 60.70
N LEU C 145 -50.18 -28.75 62.01
CA LEU C 145 -51.27 -29.40 62.73
C LEU C 145 -52.50 -28.50 62.73
N GLN C 146 -53.64 -29.09 63.06
CA GLN C 146 -54.91 -28.37 63.11
C GLN C 146 -55.34 -28.17 64.56
N VAL C 147 -55.72 -26.94 64.89
CA VAL C 147 -56.16 -26.58 66.23
C VAL C 147 -57.63 -26.18 66.15
N ASP C 148 -58.44 -26.80 67.01
CA ASP C 148 -59.87 -26.50 67.03
C ASP C 148 -60.12 -25.15 67.68
N LEU C 149 -61.12 -24.44 67.16
CA LEU C 149 -61.47 -23.11 67.67
C LEU C 149 -62.74 -23.17 68.53
N GLN C 150 -62.56 -23.65 69.76
CA GLN C 150 -63.63 -23.76 70.73
C GLN C 150 -63.20 -23.12 72.05
N SER C 151 -64.14 -23.08 73.00
CA SER C 151 -63.88 -22.49 74.30
C SER C 151 -63.03 -23.44 75.14
N ASP C 152 -61.84 -22.99 75.52
CA ASP C 152 -60.94 -23.81 76.32
C ASP C 152 -61.41 -23.89 77.75
N GLY C 153 -61.41 -25.10 78.30
CA GLY C 153 -61.84 -25.34 79.67
C GLY C 153 -63.28 -25.79 79.81
N ALA C 154 -64.11 -25.62 78.78
CA ALA C 154 -65.50 -26.02 78.81
C ALA C 154 -65.80 -26.86 77.58
N ALA C 155 -66.53 -27.95 77.78
CA ALA C 155 -66.89 -28.85 76.68
C ALA C 155 -67.97 -28.22 75.81
N ALA C 156 -69.17 -28.08 76.36
CA ALA C 156 -70.30 -27.49 75.63
C ALA C 156 -71.18 -26.76 76.61
N GLU C 157 -71.33 -25.45 76.42
CA GLU C 157 -72.16 -24.62 77.30
C GLU C 157 -73.61 -24.70 76.80
N ASP C 158 -74.37 -25.60 77.42
CA ASP C 158 -75.80 -25.82 77.08
C ASP C 158 -75.86 -26.26 75.62
N ILE C 159 -76.82 -25.75 74.85
CA ILE C 159 -77.00 -26.06 73.43
C ILE C 159 -77.16 -27.57 73.26
N VAL C 160 -78.39 -28.04 73.41
CA VAL C 160 -78.72 -29.46 73.31
C VAL C 160 -79.25 -29.75 71.91
N ALA C 161 -79.02 -30.98 71.45
CA ALA C 161 -79.48 -31.46 70.15
C ALA C 161 -78.93 -30.61 69.01
N SER C 162 -79.47 -29.40 68.85
CA SER C 162 -79.02 -28.52 67.77
C SER C 162 -77.58 -28.09 67.99
N GLU C 163 -76.92 -27.71 66.91
CA GLU C 163 -75.52 -27.28 66.92
C GLU C 163 -75.48 -25.80 66.58
N GLN C 164 -75.35 -24.96 67.61
CA GLN C 164 -75.27 -23.51 67.45
C GLN C 164 -73.87 -23.06 67.83
N SER C 165 -73.15 -22.51 66.86
CA SER C 165 -71.78 -22.02 67.03
C SER C 165 -70.83 -23.11 67.53
N LEU C 166 -71.16 -24.38 67.27
CA LEU C 166 -70.31 -25.50 67.69
C LEU C 166 -70.20 -26.55 66.58
N GLY C 167 -70.33 -26.13 65.32
CA GLY C 167 -70.26 -27.05 64.22
C GLY C 167 -68.85 -27.45 63.84
N GLN C 168 -68.51 -27.30 62.56
CA GLN C 168 -67.18 -27.66 62.05
C GLN C 168 -66.32 -26.41 62.06
N LYS C 169 -65.85 -26.05 63.26
CA LYS C 169 -64.99 -24.89 63.44
C LYS C 169 -63.51 -25.25 63.40
N LEU C 170 -63.18 -26.49 63.04
CA LEU C 170 -61.78 -26.90 62.97
C LEU C 170 -61.13 -26.31 61.73
N VAL C 171 -59.91 -25.80 61.91
CA VAL C 171 -59.14 -25.19 60.82
C VAL C 171 -57.66 -25.31 61.15
N ILE C 172 -56.84 -25.24 60.10
CA ILE C 172 -55.40 -25.34 60.28
C ILE C 172 -54.89 -24.08 60.98
N TRP C 173 -54.04 -24.27 61.98
CA TRP C 173 -53.47 -23.14 62.72
C TRP C 173 -52.51 -22.37 61.83
N GLY C 174 -52.91 -21.18 61.41
CA GLY C 174 -52.11 -20.34 60.54
C GLY C 174 -52.69 -20.12 59.16
N THR C 175 -53.79 -20.78 58.81
CA THR C 175 -54.40 -20.63 57.49
C THR C 175 -55.91 -20.76 57.64
N ASP C 176 -56.64 -19.91 56.92
CA ASP C 176 -58.10 -19.95 56.97
C ASP C 176 -58.67 -20.97 56.00
N VAL C 177 -57.89 -22.00 55.69
CA VAL C 177 -58.30 -23.07 54.78
C VAL C 177 -58.26 -24.38 55.54
N ASN C 178 -59.41 -25.03 55.66
CA ASN C 178 -59.52 -26.31 56.35
C ASN C 178 -59.50 -27.45 55.35
N VAL C 179 -58.83 -28.55 55.72
CA VAL C 179 -58.75 -29.70 54.83
C VAL C 179 -60.12 -30.34 54.68
N ALA C 180 -60.90 -30.40 55.76
CA ALA C 180 -62.23 -30.99 55.70
C ALA C 180 -63.21 -30.13 54.91
N ALA C 181 -62.90 -28.85 54.70
CA ALA C 181 -63.76 -27.94 53.97
C ALA C 181 -63.27 -27.68 52.55
N CYS C 182 -61.96 -27.62 52.34
CA CYS C 182 -61.43 -27.39 51.00
C CYS C 182 -61.56 -28.62 50.11
N LYS C 183 -61.51 -29.81 50.70
CA LYS C 183 -61.64 -31.04 49.91
C LYS C 183 -63.06 -31.20 49.38
N GLU C 184 -64.06 -30.88 50.20
CA GLU C 184 -65.45 -30.99 49.77
C GLU C 184 -65.79 -29.98 48.69
N ASN C 185 -65.16 -28.81 48.72
CA ASN C 185 -65.39 -27.79 47.70
C ASN C 185 -64.68 -28.09 46.39
N PHE C 186 -63.71 -29.01 46.39
CA PHE C 186 -62.98 -29.37 45.19
C PHE C 186 -63.52 -30.61 44.51
N GLN C 187 -64.18 -31.51 45.25
CA GLN C 187 -64.77 -32.70 44.64
C GLN C 187 -65.91 -32.32 43.71
N ARG C 188 -66.70 -31.29 44.08
CA ARG C 188 -67.75 -30.82 43.18
C ARG C 188 -67.18 -30.07 42.00
N PHE C 189 -65.94 -29.56 42.11
CA PHE C 189 -65.31 -28.88 41.00
C PHE C 189 -64.90 -29.86 39.91
N LEU C 190 -64.69 -31.13 40.27
CA LEU C 190 -64.31 -32.15 39.31
C LEU C 190 -65.50 -32.90 38.72
N GLN C 191 -66.69 -32.70 39.28
CA GLN C 191 -67.90 -33.39 38.81
C GLN C 191 -68.98 -32.46 38.32
N ARG C 192 -69.13 -31.28 38.93
CA ARG C 192 -70.18 -30.35 38.56
C ARG C 192 -69.59 -29.10 37.91
N PHE C 193 -68.77 -29.27 36.88
CA PHE C 193 -68.15 -28.17 36.16
C PHE C 193 -68.36 -28.36 34.67
N ILE C 194 -69.12 -27.47 34.05
CA ILE C 194 -69.41 -27.52 32.61
C ILE C 194 -68.93 -26.21 31.99
N ASP C 195 -68.07 -26.32 30.97
CA ASP C 195 -67.52 -25.18 30.27
C ASP C 195 -67.96 -25.24 28.81
N PRO C 196 -69.13 -24.69 28.48
CA PRO C 196 -69.58 -24.74 27.08
C PRO C 196 -68.74 -23.90 26.13
N LEU C 197 -67.98 -22.93 26.65
CA LEU C 197 -67.16 -22.06 25.82
C LEU C 197 -65.82 -22.69 25.46
N ALA C 198 -65.60 -23.96 25.79
CA ALA C 198 -64.35 -24.62 25.46
C ALA C 198 -64.30 -24.98 23.98
N LYS C 199 -63.13 -24.81 23.37
CA LYS C 199 -62.96 -25.11 21.97
C LYS C 199 -62.79 -26.61 21.75
N GLU C 200 -62.81 -27.02 20.48
CA GLU C 200 -62.66 -28.42 20.10
C GLU C 200 -61.31 -28.74 19.51
N GLU C 201 -60.65 -27.77 18.88
CA GLU C 201 -59.34 -28.03 18.28
C GLU C 201 -58.24 -28.11 19.34
N GLU C 202 -58.44 -27.47 20.49
CA GLU C 202 -57.45 -27.51 21.55
C GLU C 202 -57.75 -28.56 22.61
N ASN C 203 -59.02 -28.83 22.88
CA ASN C 203 -59.41 -29.83 23.87
C ASN C 203 -59.87 -31.12 23.19
N VAL C 204 -58.96 -31.69 22.39
CA VAL C 204 -59.25 -32.93 21.69
C VAL C 204 -59.25 -34.08 22.68
N GLY C 205 -60.31 -34.88 22.64
CA GLY C 205 -60.48 -35.99 23.55
C GLY C 205 -61.28 -35.69 24.79
N ILE C 206 -61.49 -34.41 25.11
CA ILE C 206 -62.27 -33.99 26.26
C ILE C 206 -63.57 -33.36 25.76
N ASP C 207 -64.69 -33.86 26.27
CA ASP C 207 -65.99 -33.37 25.83
C ASP C 207 -66.25 -31.96 26.38
N ILE C 208 -67.08 -31.22 25.66
CA ILE C 208 -67.41 -29.85 26.05
C ILE C 208 -68.69 -29.80 26.87
N THR C 209 -69.75 -30.45 26.39
CA THR C 209 -71.01 -30.47 27.14
C THR C 209 -70.86 -31.26 28.43
N GLU C 210 -70.20 -32.41 28.36
CA GLU C 210 -69.94 -33.20 29.56
C GLU C 210 -68.87 -32.53 30.40
N PRO C 211 -68.82 -32.81 31.70
CA PRO C 211 -67.77 -32.23 32.55
C PRO C 211 -66.39 -32.60 32.05
N LEU C 212 -65.51 -31.60 32.02
CA LEU C 212 -64.16 -31.82 31.47
C LEU C 212 -63.31 -32.66 32.43
N TYR C 213 -63.40 -32.40 33.73
CA TYR C 213 -62.58 -33.14 34.69
C TYR C 213 -63.04 -34.58 34.86
N MET C 214 -64.28 -34.90 34.50
CA MET C 214 -64.73 -36.28 34.59
C MET C 214 -64.11 -37.15 33.50
N GLN C 215 -63.75 -36.55 32.37
CA GLN C 215 -63.10 -37.30 31.29
C GLN C 215 -61.58 -37.37 31.46
N ARG C 216 -61.01 -36.56 32.37
CA ARG C 216 -59.58 -36.59 32.62
C ARG C 216 -59.15 -37.70 33.56
N LEU C 217 -60.09 -38.49 34.07
CA LEU C 217 -59.73 -39.59 34.96
C LEU C 217 -58.99 -40.68 34.19
N GLY C 218 -59.39 -40.93 32.96
CA GLY C 218 -58.72 -41.89 32.09
C GLY C 218 -57.56 -41.33 31.30
N GLU C 219 -57.14 -40.10 31.58
CA GLU C 219 -56.03 -39.47 30.87
C GLU C 219 -54.76 -39.39 31.70
N ILE C 220 -54.88 -39.37 33.03
CA ILE C 220 -53.69 -39.27 33.87
C ILE C 220 -52.96 -40.62 33.96
N ASN C 221 -53.71 -41.72 33.99
CA ASN C 221 -53.13 -43.05 34.13
C ASN C 221 -52.55 -43.59 32.83
N VAL C 222 -52.70 -42.86 31.73
CA VAL C 222 -52.18 -43.31 30.44
C VAL C 222 -51.02 -42.46 29.93
N ILE C 223 -50.86 -41.23 30.41
CA ILE C 223 -49.74 -40.40 29.97
C ILE C 223 -48.42 -40.81 30.64
N GLY C 224 -48.48 -41.52 31.76
CA GLY C 224 -47.29 -41.96 32.44
C GLY C 224 -46.99 -41.17 33.69
N GLU C 225 -46.84 -39.86 33.56
CA GLU C 225 -46.54 -39.00 34.71
C GLU C 225 -47.82 -38.68 35.46
N PRO C 226 -47.90 -38.92 36.77
CA PRO C 226 -49.11 -38.60 37.54
C PRO C 226 -49.15 -37.13 37.96
N PHE C 227 -49.32 -36.25 36.97
CA PHE C 227 -49.38 -34.82 37.21
C PHE C 227 -50.50 -34.24 36.35
N LEU C 228 -51.54 -33.72 36.99
CA LEU C 228 -52.68 -33.14 36.28
C LEU C 228 -52.48 -31.64 36.13
N ASN C 229 -52.74 -31.13 34.93
CA ASN C 229 -52.60 -29.71 34.62
C ASN C 229 -53.96 -29.05 34.77
N VAL C 230 -54.10 -28.22 35.81
CA VAL C 230 -55.35 -27.51 36.11
C VAL C 230 -55.09 -26.02 35.92
N ASN C 231 -55.92 -25.38 35.11
CA ASN C 231 -55.81 -23.95 34.85
C ASN C 231 -56.55 -23.17 35.92
N CYS C 232 -55.93 -22.08 36.39
CA CYS C 232 -56.52 -21.29 37.46
C CYS C 232 -57.73 -20.49 36.99
N GLU C 233 -57.90 -20.31 35.68
CA GLU C 233 -59.05 -19.56 35.18
C GLU C 233 -60.35 -20.33 35.37
N HIS C 234 -60.29 -21.65 35.33
CA HIS C 234 -61.50 -22.46 35.52
C HIS C 234 -61.99 -22.44 36.96
N ILE C 235 -61.12 -22.12 37.92
CA ILE C 235 -61.52 -22.11 39.31
C ILE C 235 -62.35 -20.88 39.64
N LYS C 236 -62.01 -19.73 39.03
CA LYS C 236 -62.74 -18.51 39.30
C LYS C 236 -64.15 -18.57 38.72
N SER C 237 -64.32 -19.24 37.59
CA SER C 237 -65.64 -19.35 36.96
C SER C 237 -66.56 -20.32 37.70
N PHE C 238 -66.03 -21.11 38.64
CA PHE C 238 -66.86 -22.05 39.39
C PHE C 238 -67.23 -21.48 40.75
N ASP C 239 -66.26 -21.36 41.64
CA ASP C 239 -66.48 -20.83 42.99
C ASP C 239 -65.50 -19.70 43.24
N LYS C 240 -66.02 -18.56 43.66
CA LYS C 240 -65.17 -17.40 43.94
C LYS C 240 -64.48 -17.50 45.30
N ASN C 241 -65.02 -18.30 46.22
CA ASN C 241 -64.40 -18.44 47.54
C ASN C 241 -63.17 -19.33 47.49
N LEU C 242 -63.23 -20.41 46.69
CA LEU C 242 -62.08 -21.31 46.58
C LEU C 242 -60.95 -20.69 45.76
N TYR C 243 -61.28 -19.78 44.84
CA TYR C 243 -60.25 -19.15 44.02
C TYR C 243 -59.39 -18.20 44.82
N ARG C 244 -59.97 -17.52 45.81
CA ARG C 244 -59.21 -16.57 46.62
C ARG C 244 -58.35 -17.27 47.67
N GLN C 245 -58.68 -18.50 48.05
CA GLN C 245 -57.91 -19.22 49.05
C GLN C 245 -56.70 -19.93 48.46
N LEU C 246 -56.71 -20.20 47.15
CA LEU C 246 -55.57 -20.89 46.53
C LEU C 246 -54.40 -19.92 46.30
N ILE C 247 -54.70 -18.69 45.91
CA ILE C 247 -53.64 -17.72 45.64
C ILE C 247 -53.11 -17.10 46.93
N SER C 248 -53.97 -16.92 47.93
CA SER C 248 -53.55 -16.28 49.16
C SER C 248 -52.57 -17.13 49.95
N TYR C 249 -52.68 -18.44 49.86
CA TYR C 249 -51.79 -19.36 50.61
C TYR C 249 -51.73 -20.68 49.88
N PRO C 250 -50.88 -20.79 48.85
CA PRO C 250 -50.81 -22.04 48.07
C PRO C 250 -49.91 -23.09 48.70
N GLN C 251 -49.53 -22.90 49.97
CA GLN C 251 -48.66 -23.85 50.64
C GLN C 251 -49.42 -25.06 51.19
N GLU C 252 -50.68 -24.88 51.56
CA GLU C 252 -51.50 -25.97 52.08
C GLU C 252 -52.73 -26.28 51.24
N VAL C 253 -53.06 -25.44 50.26
CA VAL C 253 -54.23 -25.70 49.42
C VAL C 253 -53.85 -26.61 48.26
N ILE C 254 -52.65 -26.45 47.72
CA ILE C 254 -52.17 -27.30 46.62
C ILE C 254 -51.97 -28.73 47.12
N PRO C 255 -51.34 -28.98 48.27
CA PRO C 255 -51.29 -30.36 48.77
C PRO C 255 -52.66 -30.92 49.12
N THR C 256 -53.63 -30.06 49.43
CA THR C 256 -54.99 -30.54 49.70
C THR C 256 -55.65 -31.06 48.43
N PHE C 257 -55.41 -30.39 47.30
CA PHE C 257 -55.95 -30.85 46.03
C PHE C 257 -55.35 -32.17 45.57
N ASP C 258 -54.13 -32.49 46.01
CA ASP C 258 -53.50 -33.74 45.62
C ASP C 258 -54.18 -34.95 46.26
N MET C 259 -54.90 -34.76 47.36
CA MET C 259 -55.61 -35.85 48.01
C MET C 259 -57.06 -35.97 47.56
N ALA C 260 -57.63 -34.92 46.96
CA ALA C 260 -59.01 -34.98 46.49
C ALA C 260 -59.11 -35.67 45.15
N VAL C 261 -58.10 -35.50 44.28
CA VAL C 261 -58.12 -36.15 42.99
C VAL C 261 -57.92 -37.66 43.14
N ASN C 262 -57.13 -38.08 44.13
CA ASN C 262 -56.90 -39.51 44.34
C ASN C 262 -58.18 -40.23 44.76
N GLU C 263 -59.06 -39.56 45.52
CA GLU C 263 -60.31 -40.19 45.91
C GLU C 263 -61.25 -40.36 44.73
N ILE C 264 -61.26 -39.40 43.80
CA ILE C 264 -62.10 -39.53 42.62
C ILE C 264 -61.51 -40.51 41.63
N PHE C 265 -60.18 -40.57 41.53
CA PHE C 265 -59.54 -41.49 40.60
C PHE C 265 -59.74 -42.94 41.01
N PHE C 266 -59.82 -43.21 42.31
CA PHE C 266 -60.04 -44.58 42.78
C PHE C 266 -61.48 -45.04 42.57
N ASP C 267 -62.40 -44.11 42.33
CA ASP C 267 -63.80 -44.44 42.11
C ASP C 267 -64.12 -44.66 40.63
N ARG C 268 -63.12 -44.67 39.77
CA ARG C 268 -63.34 -44.88 38.34
C ARG C 268 -62.41 -45.97 37.81
N TYR C 269 -61.11 -45.79 37.97
CA TYR C 269 -60.11 -46.78 37.56
C TYR C 269 -59.21 -47.09 38.76
N PRO C 270 -59.68 -47.94 39.68
CA PRO C 270 -58.85 -48.28 40.84
C PRO C 270 -57.71 -49.24 40.54
N ASP C 271 -57.75 -49.94 39.41
CA ASP C 271 -56.71 -50.91 39.07
C ASP C 271 -55.50 -50.26 38.42
N SER C 272 -55.70 -49.20 37.63
CA SER C 272 -54.60 -48.54 36.95
C SER C 272 -53.80 -47.72 37.95
N ILE C 273 -52.53 -48.10 38.14
CA ILE C 273 -51.64 -47.41 39.06
C ILE C 273 -50.42 -46.93 38.30
N LEU C 274 -49.75 -45.92 38.88
CA LEU C 274 -48.55 -45.36 38.27
C LEU C 274 -47.38 -45.40 39.24
N GLU C 275 -46.54 -44.36 39.22
CA GLU C 275 -45.38 -44.29 40.10
C GLU C 275 -45.80 -43.92 41.52
N HIS C 276 -45.76 -42.63 41.84
CA HIS C 276 -46.13 -42.13 43.15
C HIS C 276 -47.63 -41.82 43.14
N GLN C 277 -48.06 -40.57 43.39
CA GLN C 277 -49.47 -40.21 43.41
C GLN C 277 -49.72 -39.06 42.44
N ILE C 278 -51.00 -38.75 42.25
CA ILE C 278 -51.41 -37.69 41.34
C ILE C 278 -51.25 -36.35 42.05
N GLN C 279 -50.49 -35.44 41.44
CA GLN C 279 -50.25 -34.11 41.97
C GLN C 279 -50.88 -33.07 41.05
N VAL C 280 -51.24 -31.93 41.64
CA VAL C 280 -51.88 -30.83 40.91
C VAL C 280 -50.86 -29.72 40.71
N ARG C 281 -50.70 -29.28 39.47
CA ARG C 281 -49.78 -28.20 39.10
C ARG C 281 -50.59 -27.04 38.54
N PRO C 282 -51.05 -26.13 39.39
CA PRO C 282 -51.82 -24.98 38.88
C PRO C 282 -50.92 -23.99 38.18
N PHE C 283 -51.42 -23.44 37.07
CA PHE C 283 -50.68 -22.46 36.28
C PHE C 283 -51.67 -21.52 35.61
N ASN C 284 -51.13 -20.56 34.86
CA ASN C 284 -51.92 -19.57 34.13
C ASN C 284 -52.84 -18.82 35.08
N ALA C 285 -52.27 -17.91 35.88
CA ALA C 285 -53.04 -17.12 36.83
C ALA C 285 -53.64 -15.91 36.12
N LEU C 286 -54.21 -15.00 36.92
CA LEU C 286 -54.83 -13.78 36.42
C LEU C 286 -54.16 -12.53 36.99
N LYS C 287 -52.87 -12.64 37.30
CA LYS C 287 -52.10 -11.52 37.82
C LYS C 287 -50.87 -11.30 36.96
N THR C 288 -50.58 -10.03 36.68
CA THR C 288 -49.42 -9.64 35.87
C THR C 288 -48.75 -8.47 36.58
N LYS C 289 -47.72 -8.77 37.37
CA LYS C 289 -46.96 -7.77 38.11
C LYS C 289 -45.51 -7.79 37.66
N ASN C 290 -44.68 -7.03 38.37
CA ASN C 290 -43.26 -6.93 38.08
C ASN C 290 -42.46 -7.12 39.37
N MET C 291 -41.13 -7.07 39.25
CA MET C 291 -40.27 -7.23 40.42
C MET C 291 -40.28 -6.01 41.32
N ARG C 292 -40.60 -4.83 40.77
CA ARG C 292 -40.64 -3.61 41.57
C ARG C 292 -41.98 -3.40 42.27
N ASN C 293 -43.06 -4.02 41.79
CA ASN C 293 -44.37 -3.90 42.38
C ASN C 293 -44.67 -5.02 43.37
N LEU C 294 -43.65 -5.72 43.85
CA LEU C 294 -43.82 -6.81 44.81
C LEU C 294 -44.15 -6.22 46.17
N ASN C 295 -45.43 -6.22 46.53
CA ASN C 295 -45.84 -5.70 47.82
C ASN C 295 -45.42 -6.65 48.94
N PRO C 296 -45.16 -6.12 50.14
CA PRO C 296 -44.78 -7.00 51.26
C PRO C 296 -45.91 -7.90 51.75
N GLU C 297 -47.13 -7.69 51.28
CA GLU C 297 -48.26 -8.54 51.65
C GLU C 297 -48.45 -9.73 50.71
N ASP C 298 -47.65 -9.83 49.66
CA ASP C 298 -47.74 -10.93 48.70
C ASP C 298 -46.74 -12.04 49.00
N ILE C 299 -46.26 -12.13 50.24
CA ILE C 299 -45.31 -13.18 50.60
C ILE C 299 -46.03 -14.52 50.68
N ASP C 300 -45.41 -15.55 50.10
CA ASP C 300 -45.95 -16.91 50.10
C ASP C 300 -47.32 -16.94 49.41
N GLN C 301 -47.37 -16.38 48.20
CA GLN C 301 -48.58 -16.34 47.40
C GLN C 301 -48.26 -16.76 45.97
N LEU C 302 -49.30 -17.05 45.19
CA LEU C 302 -49.14 -17.46 43.80
C LEU C 302 -48.99 -16.22 42.93
N ILE C 303 -47.78 -15.99 42.45
CA ILE C 303 -47.47 -14.84 41.61
C ILE C 303 -46.94 -15.35 40.28
N THR C 304 -47.55 -14.90 39.19
CA THR C 304 -47.18 -15.29 37.83
C THR C 304 -46.60 -14.07 37.11
N ILE C 305 -45.30 -14.13 36.83
CA ILE C 305 -44.60 -13.04 36.13
C ILE C 305 -43.85 -13.66 34.96
N SER C 306 -44.13 -13.17 33.76
CA SER C 306 -43.48 -13.67 32.55
C SER C 306 -42.20 -12.90 32.28
N GLY C 307 -41.21 -13.60 31.74
CA GLY C 307 -39.94 -12.99 31.44
C GLY C 307 -39.17 -13.80 30.41
N MET C 308 -37.87 -13.54 30.34
CA MET C 308 -36.97 -14.21 29.41
C MET C 308 -35.82 -14.81 30.19
N VAL C 309 -35.57 -16.10 29.97
CA VAL C 309 -34.50 -16.82 30.65
C VAL C 309 -33.21 -16.65 29.87
N ILE C 310 -32.21 -16.03 30.48
CA ILE C 310 -30.92 -15.81 29.84
C ILE C 310 -30.19 -17.14 29.74
N ARG C 311 -29.69 -17.64 30.87
CA ARG C 311 -28.99 -18.91 30.91
C ARG C 311 -29.42 -19.68 32.15
N THR C 312 -29.14 -20.98 32.15
CA THR C 312 -29.46 -21.87 33.24
C THR C 312 -28.19 -22.46 33.84
N SER C 313 -28.34 -23.02 35.04
CA SER C 313 -27.23 -23.62 35.75
C SER C 313 -27.13 -25.10 35.37
N GLN C 314 -26.31 -25.85 36.10
CA GLN C 314 -26.13 -27.28 35.82
C GLN C 314 -27.15 -28.11 36.59
N LEU C 315 -26.69 -29.19 37.23
CA LEU C 315 -27.55 -30.08 37.99
C LEU C 315 -27.01 -30.19 39.41
N ILE C 316 -27.81 -29.76 40.38
CA ILE C 316 -27.42 -29.82 41.79
C ILE C 316 -28.30 -30.84 42.50
N PRO C 317 -27.81 -32.04 42.78
CA PRO C 317 -28.63 -33.04 43.47
C PRO C 317 -28.94 -32.62 44.90
N GLU C 318 -30.20 -32.74 45.28
CA GLU C 318 -30.67 -32.40 46.62
C GLU C 318 -31.24 -33.65 47.27
N MET C 319 -30.60 -34.13 48.33
CA MET C 319 -31.04 -35.33 49.03
C MET C 319 -32.28 -35.02 49.85
N GLN C 320 -33.40 -35.66 49.50
CA GLN C 320 -34.65 -35.47 50.23
C GLN C 320 -34.73 -36.40 51.42
N GLU C 321 -35.31 -37.59 51.21
CA GLU C 321 -35.44 -38.58 52.27
C GLU C 321 -34.08 -39.25 52.51
N ALA C 322 -33.67 -39.31 53.76
CA ALA C 322 -32.40 -39.93 54.12
C ALA C 322 -32.48 -41.44 54.05
N PHE C 323 -31.32 -42.07 53.92
CA PHE C 323 -31.23 -43.53 53.83
C PHE C 323 -30.03 -44.00 54.65
N PHE C 324 -30.26 -44.98 55.51
CA PHE C 324 -29.23 -45.51 56.39
C PHE C 324 -29.22 -47.02 56.33
N GLN C 325 -28.08 -47.60 56.71
CA GLN C 325 -27.91 -49.05 56.74
C GLN C 325 -27.10 -49.43 57.97
N CYS C 326 -27.59 -50.41 58.72
CA CYS C 326 -26.88 -50.85 59.93
C CYS C 326 -25.65 -51.66 59.56
N GLN C 327 -24.61 -51.56 60.38
CA GLN C 327 -23.38 -52.29 60.15
C GLN C 327 -23.44 -53.73 60.66
N VAL C 328 -24.47 -54.08 61.41
CA VAL C 328 -24.60 -55.45 61.94
C VAL C 328 -25.71 -56.16 61.18
N CYS C 329 -26.93 -55.65 61.28
CA CYS C 329 -28.09 -56.23 60.62
C CYS C 329 -28.42 -55.42 59.36
N ALA C 330 -29.53 -55.77 58.71
CA ALA C 330 -29.98 -55.09 57.50
C ALA C 330 -31.35 -54.49 57.79
N HIS C 331 -31.41 -53.17 57.87
CA HIS C 331 -32.66 -52.47 58.13
C HIS C 331 -32.61 -51.08 57.49
N THR C 332 -33.66 -50.74 56.75
CA THR C 332 -33.75 -49.45 56.09
C THR C 332 -34.57 -48.48 56.94
N THR C 333 -34.18 -47.21 56.92
CA THR C 333 -34.86 -46.16 57.69
C THR C 333 -34.99 -44.92 56.81
N ARG C 334 -36.22 -44.48 56.59
CA ARG C 334 -36.50 -43.29 55.79
C ARG C 334 -36.73 -42.12 56.73
N VAL C 335 -35.70 -41.30 56.91
CA VAL C 335 -35.78 -40.13 57.77
C VAL C 335 -36.18 -38.92 56.93
N GLU C 336 -37.31 -38.32 57.26
CA GLU C 336 -37.81 -37.16 56.52
C GLU C 336 -37.00 -35.93 56.89
N MET C 337 -36.24 -35.41 55.93
CA MET C 337 -35.41 -34.22 56.15
C MET C 337 -36.18 -32.95 55.75
N ASP C 338 -37.35 -32.79 56.38
CA ASP C 338 -38.19 -31.64 56.09
C ASP C 338 -37.66 -30.40 56.78
N ARG C 339 -38.01 -29.24 56.23
CA ARG C 339 -37.65 -27.92 56.75
C ARG C 339 -36.13 -27.74 56.84
N GLY C 340 -35.37 -28.48 56.04
CA GLY C 340 -33.92 -28.38 56.04
C GLY C 340 -33.29 -28.79 57.35
N ARG C 341 -33.59 -30.01 57.81
CA ARG C 341 -33.07 -30.53 59.06
C ARG C 341 -32.30 -31.82 58.80
N ILE C 342 -31.19 -32.00 59.53
CA ILE C 342 -30.35 -33.18 59.40
C ILE C 342 -30.33 -33.89 60.74
N ALA C 343 -30.85 -35.12 60.76
CA ALA C 343 -30.89 -35.91 61.98
C ALA C 343 -30.87 -37.39 61.62
N GLU C 344 -30.23 -38.18 62.48
CA GLU C 344 -30.13 -39.62 62.28
C GLU C 344 -30.46 -40.36 63.56
N PRO C 345 -31.15 -41.49 63.47
CA PRO C 345 -31.50 -42.24 64.69
C PRO C 345 -30.30 -43.01 65.23
N SER C 346 -30.19 -43.02 66.56
CA SER C 346 -29.10 -43.71 67.23
C SER C 346 -29.48 -45.11 67.71
N VAL C 347 -30.74 -45.51 67.55
CA VAL C 347 -31.23 -46.82 67.97
C VAL C 347 -31.60 -47.61 66.72
N CYS C 348 -31.04 -48.81 66.60
CA CYS C 348 -31.31 -49.67 65.46
C CYS C 348 -32.60 -50.46 65.68
N GLY C 349 -32.89 -51.37 64.75
CA GLY C 349 -34.08 -52.19 64.85
C GLY C 349 -33.93 -53.33 65.85
N ARG C 350 -33.00 -54.24 65.59
CA ARG C 350 -32.75 -55.37 66.47
C ARG C 350 -31.41 -55.33 67.17
N CYS C 351 -30.43 -54.57 66.65
CA CYS C 351 -29.12 -54.52 67.29
C CYS C 351 -29.15 -53.66 68.54
N HIS C 352 -29.75 -52.46 68.45
CA HIS C 352 -29.86 -51.53 69.58
C HIS C 352 -28.48 -51.18 70.13
N THR C 353 -27.64 -50.62 69.25
CA THR C 353 -26.29 -50.22 69.60
C THR C 353 -26.01 -48.84 69.02
N THR C 354 -25.52 -47.93 69.85
CA THR C 354 -25.21 -46.59 69.39
C THR C 354 -23.98 -46.59 68.47
N HIS C 355 -23.99 -45.66 67.51
CA HIS C 355 -22.90 -45.52 66.55
C HIS C 355 -22.66 -46.81 65.78
N SER C 356 -23.76 -47.47 65.36
CA SER C 356 -23.68 -48.70 64.61
C SER C 356 -24.45 -48.67 63.31
N MET C 357 -25.10 -47.57 62.98
CA MET C 357 -25.88 -47.43 61.75
C MET C 357 -25.20 -46.39 60.86
N ALA C 358 -24.43 -46.86 59.90
CA ALA C 358 -23.74 -45.97 58.98
C ALA C 358 -24.71 -45.39 57.95
N LEU C 359 -24.32 -44.26 57.37
CA LEU C 359 -25.14 -43.57 56.38
C LEU C 359 -24.66 -43.94 54.98
N ILE C 360 -25.62 -44.14 54.08
CA ILE C 360 -25.35 -44.47 52.69
C ILE C 360 -26.21 -43.57 51.82
N HIS C 361 -25.58 -42.67 51.07
CA HIS C 361 -26.27 -41.73 50.18
C HIS C 361 -26.18 -42.16 48.73
N ASN C 362 -26.44 -43.43 48.44
CA ASN C 362 -26.41 -43.95 47.07
C ASN C 362 -27.67 -44.67 46.66
N ARG C 363 -28.65 -44.84 47.56
CA ARG C 363 -29.90 -45.49 47.24
C ARG C 363 -31.12 -44.65 47.56
N SER C 364 -30.93 -43.43 48.07
CA SER C 364 -32.05 -42.57 48.41
C SER C 364 -32.55 -41.84 47.17
N LEU C 365 -33.60 -41.04 47.35
CA LEU C 365 -34.22 -40.27 46.27
C LEU C 365 -33.66 -38.85 46.29
N PHE C 366 -33.01 -38.45 45.19
CA PHE C 366 -32.44 -37.13 45.06
C PHE C 366 -33.31 -36.26 44.17
N SER C 367 -32.90 -35.00 44.00
CA SER C 367 -33.64 -34.06 43.17
C SER C 367 -32.68 -32.99 42.67
N ASP C 368 -32.70 -32.75 41.35
CA ASP C 368 -31.83 -31.76 40.76
C ASP C 368 -32.33 -30.35 41.06
N LYS C 369 -31.41 -29.47 41.45
CA LYS C 369 -31.71 -28.09 41.76
C LYS C 369 -31.13 -27.22 40.65
N GLN C 370 -31.98 -26.88 39.67
CA GLN C 370 -31.58 -26.08 38.53
C GLN C 370 -31.83 -24.61 38.84
N MET C 371 -30.75 -23.84 38.96
CA MET C 371 -30.86 -22.40 39.24
C MET C 371 -31.16 -21.68 37.93
N ILE C 372 -32.40 -21.21 37.78
CA ILE C 372 -32.85 -20.53 36.58
C ILE C 372 -33.05 -19.06 36.91
N LYS C 373 -32.45 -18.19 36.11
CA LYS C 373 -32.58 -16.75 36.28
C LYS C 373 -33.57 -16.18 35.27
N LEU C 374 -34.31 -15.17 35.70
CA LEU C 374 -35.32 -14.54 34.85
C LEU C 374 -35.56 -13.12 35.34
N GLN C 375 -35.63 -12.18 34.40
CA GLN C 375 -35.85 -10.78 34.69
C GLN C 375 -37.19 -10.34 34.12
N GLU C 376 -37.43 -9.03 34.14
CA GLU C 376 -38.68 -8.48 33.63
C GLU C 376 -38.77 -8.65 32.13
N SER C 377 -39.99 -8.88 31.64
CA SER C 377 -40.20 -9.08 30.22
C SER C 377 -39.89 -7.80 29.44
N PRO C 378 -39.23 -7.92 28.28
CA PRO C 378 -38.91 -6.70 27.51
C PRO C 378 -40.11 -5.98 26.97
N GLU C 379 -41.28 -6.62 26.89
CA GLU C 379 -42.47 -5.98 26.36
C GLU C 379 -43.14 -5.05 27.36
N ASP C 380 -42.92 -5.26 28.66
CA ASP C 380 -43.54 -4.43 29.68
C ASP C 380 -42.51 -3.83 30.64
N MET C 381 -41.26 -3.68 30.19
CA MET C 381 -40.24 -3.12 31.07
C MET C 381 -40.21 -1.59 30.94
N PRO C 382 -39.96 -0.89 32.03
CA PRO C 382 -39.90 0.58 31.97
C PRO C 382 -38.61 1.06 31.33
N ALA C 383 -38.65 2.29 30.84
CA ALA C 383 -37.52 2.93 30.19
C ALA C 383 -36.82 3.86 31.18
N GLY C 384 -35.50 3.69 31.30
CA GLY C 384 -34.69 4.51 32.17
C GLY C 384 -34.03 3.77 33.31
N GLN C 385 -34.24 2.46 33.45
CA GLN C 385 -33.65 1.69 34.52
C GLN C 385 -33.53 0.24 34.09
N THR C 386 -32.57 -0.47 34.69
CA THR C 386 -32.37 -1.87 34.37
C THR C 386 -33.36 -2.74 35.12
N PRO C 387 -33.90 -3.78 34.48
CA PRO C 387 -34.87 -4.64 35.16
C PRO C 387 -34.20 -5.52 36.21
N HIS C 388 -35.01 -5.98 37.16
CA HIS C 388 -34.53 -6.83 38.24
C HIS C 388 -34.69 -8.30 37.86
N THR C 389 -33.72 -9.12 38.26
CA THR C 389 -33.71 -10.54 37.97
C THR C 389 -34.02 -11.32 39.23
N VAL C 390 -35.01 -12.22 39.15
CA VAL C 390 -35.42 -13.05 40.26
C VAL C 390 -34.93 -14.47 40.01
N ILE C 391 -34.42 -15.12 41.05
CA ILE C 391 -33.90 -16.48 40.94
C ILE C 391 -35.06 -17.46 41.04
N LEU C 392 -35.11 -18.40 40.10
CA LEU C 392 -36.15 -19.41 40.05
C LEU C 392 -35.55 -20.79 40.34
N PHE C 393 -36.33 -21.62 41.02
CA PHE C 393 -35.93 -22.98 41.38
C PHE C 393 -36.86 -23.98 40.71
N ALA C 394 -36.30 -25.12 40.31
CA ALA C 394 -37.06 -26.18 39.67
C ALA C 394 -36.56 -27.53 40.15
N HIS C 395 -37.48 -28.37 40.62
CA HIS C 395 -37.15 -29.69 41.13
C HIS C 395 -38.06 -30.72 40.47
N ASN C 396 -37.87 -31.99 40.85
CA ASN C 396 -38.67 -33.12 40.36
C ASN C 396 -38.50 -33.18 38.84
N ASP C 397 -39.56 -33.40 38.07
CA ASP C 397 -39.46 -33.50 36.62
C ASP C 397 -39.36 -32.14 35.94
N LEU C 398 -39.48 -31.04 36.68
CA LEU C 398 -39.40 -29.72 36.08
C LEU C 398 -37.98 -29.32 35.69
N VAL C 399 -36.99 -30.15 36.02
CA VAL C 399 -35.60 -29.84 35.67
C VAL C 399 -35.39 -30.07 34.17
N ASP C 400 -34.70 -29.14 33.53
CA ASP C 400 -34.41 -29.20 32.10
C ASP C 400 -35.69 -29.28 31.27
N LYS C 401 -36.55 -28.27 31.48
CA LYS C 401 -37.82 -28.20 30.76
C LYS C 401 -37.95 -26.84 30.07
N VAL C 402 -37.48 -25.79 30.73
CA VAL C 402 -37.52 -24.44 30.18
C VAL C 402 -36.15 -24.14 29.58
N GLN C 403 -36.08 -24.11 28.25
CA GLN C 403 -34.82 -23.84 27.59
C GLN C 403 -34.45 -22.37 27.73
N PRO C 404 -33.17 -22.06 27.90
CA PRO C 404 -32.77 -20.65 28.03
C PRO C 404 -32.92 -19.90 26.72
N GLY C 405 -33.66 -18.80 26.76
CA GLY C 405 -33.91 -17.99 25.60
C GLY C 405 -35.34 -17.99 25.08
N ASP C 406 -36.32 -18.39 25.90
CA ASP C 406 -37.71 -18.43 25.51
C ASP C 406 -38.54 -17.54 26.43
N ARG C 407 -39.80 -17.34 26.04
CA ARG C 407 -40.75 -16.52 26.80
C ARG C 407 -41.86 -17.45 27.31
N VAL C 408 -41.62 -18.05 28.48
CA VAL C 408 -42.56 -18.97 29.10
C VAL C 408 -43.09 -18.33 30.38
N ASN C 409 -44.41 -18.34 30.54
CA ASN C 409 -45.04 -17.77 31.73
C ASN C 409 -44.69 -18.62 32.95
N VAL C 410 -43.94 -18.04 33.88
CA VAL C 410 -43.52 -18.75 35.08
C VAL C 410 -44.61 -18.62 36.14
N THR C 411 -45.11 -19.75 36.63
CA THR C 411 -46.14 -19.80 37.66
C THR C 411 -45.53 -20.46 38.89
N GLY C 412 -45.21 -19.65 39.91
CA GLY C 412 -44.61 -20.17 41.11
C GLY C 412 -45.08 -19.50 42.38
N ILE C 413 -44.49 -19.85 43.52
CA ILE C 413 -44.85 -19.30 44.81
C ILE C 413 -43.69 -18.42 45.28
N TYR C 414 -43.98 -17.14 45.52
CA TYR C 414 -42.96 -16.19 45.97
C TYR C 414 -42.71 -16.43 47.45
N ARG C 415 -41.70 -17.25 47.73
CA ARG C 415 -41.32 -17.59 49.10
C ARG C 415 -40.06 -16.83 49.51
N ALA C 416 -39.60 -17.08 50.72
CA ALA C 416 -38.42 -16.43 51.26
C ALA C 416 -37.80 -17.33 52.31
N VAL C 417 -36.50 -17.62 52.18
CA VAL C 417 -35.79 -18.46 53.13
C VAL C 417 -34.58 -17.71 53.66
N PRO C 418 -34.34 -17.74 54.97
CA PRO C 418 -33.14 -17.08 55.50
C PRO C 418 -31.87 -17.74 54.98
N ILE C 419 -30.91 -16.91 54.59
CA ILE C 419 -29.65 -17.41 54.04
C ILE C 419 -28.81 -17.98 55.17
N ARG C 420 -28.36 -19.22 55.00
CA ARG C 420 -27.52 -19.90 56.00
C ARG C 420 -26.05 -19.60 55.69
N VAL C 421 -25.42 -18.81 56.55
CA VAL C 421 -24.01 -18.46 56.35
C VAL C 421 -23.12 -19.67 56.64
N ASN C 422 -23.33 -20.30 57.80
CA ASN C 422 -22.55 -21.46 58.21
C ASN C 422 -23.44 -22.70 58.22
N PRO C 423 -23.14 -23.74 57.44
CA PRO C 423 -23.99 -24.95 57.48
C PRO C 423 -23.89 -25.72 58.77
N ARG C 424 -22.89 -25.46 59.60
CA ARG C 424 -22.75 -26.16 60.88
C ARG C 424 -23.62 -25.52 61.96
N VAL C 425 -23.27 -24.32 62.37
CA VAL C 425 -24.03 -23.60 63.39
C VAL C 425 -25.22 -22.91 62.73
N SER C 426 -26.41 -23.09 63.31
CA SER C 426 -27.63 -22.51 62.77
C SER C 426 -27.57 -21.00 62.90
N ASN C 427 -27.27 -20.32 61.79
CA ASN C 427 -27.20 -18.86 61.75
C ASN C 427 -28.26 -18.33 60.79
N VAL C 428 -28.83 -17.18 61.13
CA VAL C 428 -29.87 -16.54 60.35
C VAL C 428 -29.36 -15.18 59.89
N LYS C 429 -29.39 -14.96 58.58
CA LYS C 429 -28.97 -13.69 57.99
C LYS C 429 -30.12 -12.70 58.00
N SER C 430 -29.80 -11.43 58.25
CA SER C 430 -30.83 -10.40 58.28
C SER C 430 -31.43 -10.16 56.90
N VAL C 431 -30.68 -10.44 55.84
CA VAL C 431 -31.15 -10.26 54.47
C VAL C 431 -31.57 -11.63 53.94
N TYR C 432 -32.87 -11.78 53.67
CA TYR C 432 -33.38 -13.04 53.16
C TYR C 432 -33.10 -13.17 51.66
N LYS C 433 -33.39 -14.35 51.13
CA LYS C 433 -33.20 -14.66 49.72
C LYS C 433 -34.56 -14.80 49.06
N THR C 434 -34.86 -13.91 48.12
CA THR C 434 -36.15 -13.94 47.42
C THR C 434 -36.09 -15.01 46.34
N HIS C 435 -36.79 -16.12 46.58
CA HIS C 435 -36.84 -17.22 45.63
C HIS C 435 -38.28 -17.55 45.30
N ILE C 436 -38.48 -18.13 44.12
CA ILE C 436 -39.80 -18.51 43.62
C ILE C 436 -39.72 -19.96 43.15
N ASP C 437 -40.40 -20.85 43.84
CA ASP C 437 -40.43 -22.26 43.46
C ASP C 437 -41.40 -22.43 42.30
N VAL C 438 -40.87 -22.72 41.11
CA VAL C 438 -41.70 -22.88 39.92
C VAL C 438 -42.56 -24.13 40.07
N ILE C 439 -43.84 -24.00 39.75
CA ILE C 439 -44.78 -25.11 39.81
C ILE C 439 -44.98 -25.76 38.45
N HIS C 440 -45.12 -24.96 37.40
CA HIS C 440 -45.31 -25.49 36.06
C HIS C 440 -44.52 -24.65 35.04
N PHE C 461 -54.99 -12.22 21.35
CA PHE C 461 -55.66 -11.72 20.16
C PHE C 461 -57.16 -11.97 20.24
N SER C 462 -57.94 -11.07 19.62
CA SER C 462 -59.39 -11.17 19.61
C SER C 462 -59.90 -10.92 18.20
N GLU C 463 -61.18 -11.23 17.98
CA GLU C 463 -61.80 -11.06 16.68
C GLU C 463 -62.18 -9.61 16.39
N LYS C 464 -62.02 -8.71 17.37
CA LYS C 464 -62.35 -7.30 17.18
C LYS C 464 -61.25 -6.52 16.47
N ARG C 465 -60.13 -7.15 16.14
CA ARG C 465 -59.03 -6.48 15.47
C ARG C 465 -58.51 -7.22 14.23
N VAL C 466 -58.80 -8.52 14.08
CA VAL C 466 -58.32 -9.25 12.92
C VAL C 466 -59.16 -8.89 11.70
N GLU C 467 -60.46 -8.65 11.88
CA GLU C 467 -61.32 -8.30 10.76
C GLU C 467 -60.98 -6.94 10.17
N LEU C 468 -60.47 -6.02 11.00
CA LEU C 468 -60.08 -4.71 10.49
C LEU C 468 -58.81 -4.77 9.66
N LEU C 469 -57.93 -5.74 9.94
CA LEU C 469 -56.69 -5.87 9.17
C LEU C 469 -56.95 -6.51 7.82
N LYS C 470 -58.01 -7.32 7.70
CA LYS C 470 -58.31 -7.96 6.42
C LYS C 470 -58.97 -6.99 5.45
N GLU C 471 -59.72 -6.02 5.96
CA GLU C 471 -60.37 -5.04 5.09
C GLU C 471 -59.35 -4.08 4.47
N LEU C 472 -58.26 -3.79 5.19
CA LEU C 472 -57.23 -2.91 4.67
C LEU C 472 -56.32 -3.60 3.66
N SER C 473 -56.28 -4.94 3.67
CA SER C 473 -55.43 -5.66 2.73
C SER C 473 -55.97 -5.58 1.31
N ARG C 474 -57.29 -5.49 1.15
CA ARG C 474 -57.88 -5.39 -0.19
C ARG C 474 -57.78 -3.98 -0.74
N LYS C 475 -57.50 -2.99 0.09
CA LYS C 475 -57.37 -1.61 -0.38
C LYS C 475 -56.02 -1.42 -1.06
N PRO C 476 -55.98 -0.82 -2.25
CA PRO C 476 -54.71 -0.61 -2.95
C PRO C 476 -53.88 0.54 -2.41
N ASP C 477 -54.24 1.14 -1.28
CA ASP C 477 -53.50 2.25 -0.71
C ASP C 477 -52.90 1.93 0.65
N ILE C 478 -52.95 0.66 1.08
CA ILE C 478 -52.39 0.30 2.37
C ILE C 478 -50.87 0.33 2.33
N TYR C 479 -50.28 0.05 1.17
CA TYR C 479 -48.82 0.06 1.06
C TYR C 479 -48.25 1.47 1.09
N GLU C 480 -49.05 2.48 0.74
CA GLU C 480 -48.58 3.86 0.74
C GLU C 480 -48.84 4.56 2.07
N ARG C 481 -49.91 4.19 2.78
CA ARG C 481 -50.20 4.81 4.07
C ARG C 481 -49.23 4.34 5.14
N LEU C 482 -48.91 3.05 5.16
CA LEU C 482 -47.99 2.50 6.15
C LEU C 482 -46.55 2.95 5.92
N ALA C 483 -46.17 3.27 4.67
CA ALA C 483 -44.81 3.71 4.40
C ALA C 483 -44.59 5.15 4.82
N SER C 484 -45.64 5.96 4.87
CA SER C 484 -45.53 7.36 5.25
C SER C 484 -45.64 7.57 6.76
N ALA C 485 -46.01 6.54 7.52
CA ALA C 485 -46.14 6.67 8.97
C ALA C 485 -44.80 6.69 9.68
N LEU C 486 -43.73 6.24 9.03
CA LEU C 486 -42.40 6.21 9.61
C LEU C 486 -41.63 7.51 9.37
N ALA C 487 -42.28 8.54 8.84
CA ALA C 487 -41.66 9.84 8.57
C ALA C 487 -42.43 10.91 9.32
N PRO C 488 -42.17 11.08 10.63
CA PRO C 488 -42.90 12.09 11.41
C PRO C 488 -42.37 13.50 11.23
N SER C 489 -41.28 13.70 10.49
CA SER C 489 -40.72 15.04 10.31
C SER C 489 -40.36 15.30 8.85
N ILE C 490 -39.55 14.41 8.26
CA ILE C 490 -39.13 14.59 6.89
C ILE C 490 -40.28 14.26 5.95
N TYR C 491 -40.59 15.20 5.05
CA TYR C 491 -41.68 14.99 4.10
C TYR C 491 -41.26 14.07 2.96
N GLU C 492 -40.13 14.39 2.31
CA GLU C 492 -39.64 13.58 1.20
C GLU C 492 -38.75 12.46 1.72
N HIS C 493 -37.83 12.00 0.87
CA HIS C 493 -36.90 10.91 1.21
C HIS C 493 -37.65 9.65 1.65
N GLU C 494 -38.76 9.36 0.97
CA GLU C 494 -39.56 8.19 1.30
C GLU C 494 -38.92 6.89 0.83
N ASP C 495 -38.05 6.96 -0.18
CA ASP C 495 -37.42 5.74 -0.69
C ASP C 495 -36.37 5.18 0.27
N ILE C 496 -35.89 5.99 1.21
CA ILE C 496 -34.90 5.48 2.17
C ILE C 496 -35.57 4.56 3.19
N LYS C 497 -36.67 5.01 3.78
CA LYS C 497 -37.41 4.22 4.77
C LYS C 497 -38.45 3.31 4.14
N LYS C 498 -38.47 3.20 2.81
CA LYS C 498 -39.45 2.34 2.15
C LYS C 498 -39.07 0.87 2.31
N GLY C 499 -37.78 0.56 2.22
CA GLY C 499 -37.32 -0.81 2.40
C GLY C 499 -37.23 -1.27 3.84
N ILE C 500 -37.32 -0.35 4.80
CA ILE C 500 -37.27 -0.73 6.20
C ILE C 500 -38.57 -1.41 6.63
N LEU C 501 -39.69 -1.03 6.02
CA LEU C 501 -40.96 -1.64 6.37
C LEU C 501 -40.99 -3.11 5.99
N LEU C 502 -40.34 -3.48 4.89
CA LEU C 502 -40.28 -4.87 4.46
C LEU C 502 -39.22 -5.67 5.22
N GLN C 503 -38.40 -5.01 6.05
CA GLN C 503 -37.38 -5.73 6.81
C GLN C 503 -37.97 -6.50 7.98
N LEU C 504 -39.03 -5.98 8.61
CA LEU C 504 -39.63 -6.67 9.74
C LEU C 504 -40.33 -7.95 9.31
N PHE C 505 -40.87 -7.98 8.08
CA PHE C 505 -41.54 -9.18 7.59
C PHE C 505 -40.53 -10.24 7.17
N GLY C 506 -39.62 -9.87 6.27
CA GLY C 506 -38.61 -10.81 5.79
C GLY C 506 -39.16 -11.85 4.86
N GLY C 507 -39.81 -12.86 5.41
CA GLY C 507 -40.39 -13.93 4.62
C GLY C 507 -40.45 -15.21 5.41
N THR C 508 -41.22 -16.17 4.88
CA THR C 508 -41.36 -17.45 5.54
C THR C 508 -40.13 -18.31 5.31
N ARG C 509 -39.53 -18.79 6.40
CA ARG C 509 -38.34 -19.62 6.31
C ARG C 509 -38.71 -21.02 5.84
N LYS C 510 -37.96 -21.54 4.88
CA LYS C 510 -38.19 -22.87 4.32
C LYS C 510 -37.05 -23.80 4.70
N ASP C 511 -37.33 -25.10 4.63
CA ASP C 511 -36.36 -26.13 4.99
C ASP C 511 -36.06 -27.00 3.77
N PHE C 512 -34.78 -27.32 3.59
CA PHE C 512 -34.33 -28.18 2.50
C PHE C 512 -33.25 -29.13 2.99
N SER C 513 -33.49 -29.78 4.13
CA SER C 513 -32.51 -30.69 4.69
C SER C 513 -32.38 -31.99 3.89
N HIS C 514 -33.36 -32.30 3.05
CA HIS C 514 -33.31 -33.51 2.24
C HIS C 514 -32.35 -33.40 1.06
N THR C 515 -31.84 -32.21 0.76
CA THR C 515 -30.91 -32.00 -0.34
C THR C 515 -29.54 -31.53 0.13
N GLY C 516 -29.30 -31.50 1.44
CA GLY C 516 -28.02 -31.07 1.97
C GLY C 516 -27.90 -29.57 2.20
N ARG C 517 -29.02 -28.87 2.39
CA ARG C 517 -29.00 -27.42 2.62
C ARG C 517 -30.16 -27.09 3.58
N GLY C 518 -29.92 -27.34 4.86
CA GLY C 518 -30.95 -27.17 5.87
C GLY C 518 -31.22 -25.72 6.24
N LYS C 519 -30.21 -25.05 6.80
CA LYS C 519 -30.40 -23.68 7.25
C LYS C 519 -30.55 -22.73 6.07
N PHE C 520 -31.47 -21.78 6.21
CA PHE C 520 -31.74 -20.80 5.16
C PHE C 520 -32.49 -19.63 5.78
N ARG C 521 -31.96 -18.42 5.60
CA ARG C 521 -32.58 -17.22 6.14
C ARG C 521 -33.31 -16.47 5.03
N ALA C 522 -34.51 -15.97 5.35
CA ALA C 522 -35.31 -15.21 4.41
C ALA C 522 -35.43 -13.74 4.83
N GLU C 523 -34.60 -13.30 5.77
CA GLU C 523 -34.65 -11.92 6.23
C GLU C 523 -33.97 -10.99 5.24
N ILE C 524 -34.41 -9.73 5.24
CA ILE C 524 -33.90 -8.71 4.33
C ILE C 524 -32.95 -7.81 5.11
N ASN C 525 -31.76 -7.57 4.54
CA ASN C 525 -30.74 -6.72 5.14
C ASN C 525 -30.63 -5.45 4.31
N ILE C 526 -31.03 -4.32 4.89
CA ILE C 526 -30.99 -3.03 4.21
C ILE C 526 -29.71 -2.31 4.58
N LEU C 527 -29.09 -1.65 3.60
CA LEU C 527 -27.86 -0.90 3.79
C LEU C 527 -28.13 0.57 3.53
N LEU C 528 -27.73 1.42 4.47
CA LEU C 528 -27.91 2.86 4.38
C LEU C 528 -26.56 3.55 4.43
N CYS C 529 -26.56 4.83 4.04
CA CYS C 529 -25.35 5.63 4.05
C CYS C 529 -25.73 7.11 4.04
N GLY C 530 -25.01 7.91 4.80
CA GLY C 530 -25.29 9.33 4.87
C GLY C 530 -24.61 9.95 6.09
N ASP C 531 -25.13 11.11 6.48
CA ASP C 531 -24.61 11.83 7.63
C ASP C 531 -25.28 11.34 8.90
N PRO C 532 -24.53 10.81 9.88
CA PRO C 532 -25.17 10.35 11.11
C PRO C 532 -25.66 11.49 11.99
N GLY C 533 -26.83 12.04 11.65
CA GLY C 533 -27.40 13.14 12.40
C GLY C 533 -28.34 14.00 11.58
N THR C 534 -28.13 14.03 10.27
CA THR C 534 -28.98 14.84 9.40
C THR C 534 -30.35 14.20 9.23
N SER C 535 -30.39 13.01 8.60
CA SER C 535 -31.64 12.30 8.38
C SER C 535 -31.62 10.90 8.97
N LYS C 536 -30.55 10.50 9.66
CA LYS C 536 -30.45 9.17 10.25
C LYS C 536 -30.55 9.19 11.77
N SER C 537 -30.90 10.34 12.36
CA SER C 537 -31.03 10.41 13.82
C SER C 537 -32.35 9.82 14.29
N GLN C 538 -33.38 9.86 13.47
CA GLN C 538 -34.69 9.32 13.83
C GLN C 538 -34.88 7.89 13.37
N LEU C 539 -34.03 7.39 12.48
CA LEU C 539 -34.14 6.02 12.00
C LEU C 539 -33.32 5.02 12.79
N LEU C 540 -32.77 5.42 13.94
CA LEU C 540 -31.96 4.54 14.76
C LEU C 540 -32.50 4.37 16.17
N GLN C 541 -33.42 5.25 16.61
CA GLN C 541 -34.01 5.16 17.94
C GLN C 541 -35.52 4.98 17.93
N TYR C 542 -36.15 4.98 16.75
CA TYR C 542 -37.59 4.81 16.68
C TYR C 542 -38.00 3.36 16.48
N VAL C 543 -37.10 2.54 15.95
CA VAL C 543 -37.39 1.12 15.71
C VAL C 543 -36.96 0.30 16.92
N TYR C 544 -36.75 0.97 18.05
CA TYR C 544 -36.34 0.32 19.29
C TYR C 544 -37.43 0.37 20.35
N ASN C 545 -38.16 1.47 20.45
CA ASN C 545 -39.21 1.60 21.45
C ASN C 545 -40.51 0.94 21.02
N LEU C 546 -40.79 0.94 19.71
CA LEU C 546 -42.03 0.33 19.22
C LEU C 546 -41.90 -1.19 19.10
N VAL C 547 -40.86 -1.66 18.43
CA VAL C 547 -40.63 -3.09 18.26
C VAL C 547 -40.08 -3.67 19.55
N PRO C 548 -40.77 -4.64 20.18
CA PRO C 548 -40.25 -5.20 21.43
C PRO C 548 -39.03 -6.10 21.23
N ARG C 549 -38.82 -6.62 20.02
CA ARG C 549 -37.69 -7.49 19.74
C ARG C 549 -36.47 -6.73 19.25
N GLY C 550 -36.29 -5.49 19.68
CA GLY C 550 -35.16 -4.68 19.28
C GLY C 550 -34.14 -4.55 20.40
N GLN C 551 -32.86 -4.73 20.04
CA GLN C 551 -31.76 -4.64 20.99
C GLN C 551 -30.75 -3.63 20.47
N TYR C 552 -30.57 -2.53 21.21
CA TYR C 552 -29.65 -1.47 20.83
C TYR C 552 -28.29 -1.72 21.47
N THR C 553 -27.23 -1.46 20.70
CA THR C 553 -25.87 -1.64 21.19
C THR C 553 -24.96 -0.64 20.48
N SER C 554 -23.76 -0.46 21.05
CA SER C 554 -22.77 0.46 20.52
C SER C 554 -21.67 -0.32 19.81
N GLY C 555 -21.13 0.26 18.75
CA GLY C 555 -20.07 -0.36 17.99
C GLY C 555 -18.69 -0.15 18.60
N LYS C 556 -18.30 1.12 18.77
CA LYS C 556 -17.01 1.44 19.35
C LYS C 556 -17.00 1.30 20.86
N GLY C 557 -18.16 1.43 21.51
CA GLY C 557 -18.20 1.32 22.96
C GLY C 557 -18.07 -0.11 23.46
N SER C 558 -18.43 -1.08 22.62
CA SER C 558 -18.34 -2.48 22.96
C SER C 558 -17.23 -3.16 22.18
N SER C 559 -16.75 -4.28 22.71
CA SER C 559 -15.68 -5.03 22.07
C SER C 559 -16.23 -5.86 20.92
N ALA C 560 -15.31 -6.49 20.18
CA ALA C 560 -15.71 -7.33 19.05
C ALA C 560 -16.32 -8.64 19.53
N VAL C 561 -15.60 -9.35 20.40
CA VAL C 561 -16.12 -10.61 20.92
C VAL C 561 -17.14 -10.41 22.02
N GLY C 562 -17.18 -9.22 22.63
CA GLY C 562 -18.15 -8.96 23.68
C GLY C 562 -19.57 -8.79 23.20
N LEU C 563 -19.75 -8.43 21.93
CA LEU C 563 -21.09 -8.24 21.39
C LEU C 563 -21.81 -9.58 21.18
N THR C 564 -21.08 -10.59 20.72
CA THR C 564 -21.67 -11.91 20.50
C THR C 564 -21.57 -12.76 21.76
N ALA C 565 -21.27 -14.05 21.59
CA ALA C 565 -21.14 -15.00 22.69
C ALA C 565 -19.67 -15.38 22.80
N TYR C 566 -19.01 -14.85 23.83
CA TYR C 566 -17.59 -15.12 24.06
C TYR C 566 -17.43 -16.06 25.25
N VAL C 567 -16.17 -16.34 25.59
CA VAL C 567 -15.82 -17.22 26.70
C VAL C 567 -15.15 -16.39 27.79
N MET C 568 -15.58 -16.58 29.04
CA MET C 568 -15.05 -15.84 30.17
C MET C 568 -14.89 -16.80 31.34
N LYS C 569 -13.85 -16.57 32.14
CA LYS C 569 -13.57 -17.42 33.28
C LYS C 569 -14.67 -17.28 34.33
N ASP C 570 -14.90 -18.36 35.08
CA ASP C 570 -15.92 -18.38 36.13
C ASP C 570 -15.52 -19.41 37.17
N PRO C 571 -14.80 -18.99 38.21
CA PRO C 571 -14.37 -19.94 39.25
C PRO C 571 -15.48 -20.37 40.19
N GLU C 572 -16.70 -19.85 40.04
CA GLU C 572 -17.79 -20.23 40.92
C GLU C 572 -18.33 -21.61 40.58
N THR C 573 -18.57 -21.88 39.30
CA THR C 573 -19.10 -23.16 38.85
C THR C 573 -18.01 -24.14 38.43
N ARG C 574 -16.74 -23.74 38.50
CA ARG C 574 -15.61 -24.59 38.12
C ARG C 574 -15.73 -25.08 36.68
N GLN C 575 -16.21 -24.20 35.79
CA GLN C 575 -16.40 -24.55 34.40
C GLN C 575 -16.42 -23.27 33.58
N LEU C 576 -15.72 -23.28 32.44
CA LEU C 576 -15.65 -22.12 31.54
C LEU C 576 -16.99 -21.99 30.83
N VAL C 577 -17.92 -21.31 31.48
CA VAL C 577 -19.25 -21.11 30.90
C VAL C 577 -19.23 -19.96 29.90
N LEU C 578 -20.26 -19.91 29.07
CA LEU C 578 -20.40 -18.87 28.06
C LEU C 578 -21.30 -17.76 28.56
N GLN C 579 -21.14 -16.57 27.97
CA GLN C 579 -21.91 -15.39 28.32
C GLN C 579 -22.67 -14.89 27.10
N THR C 580 -23.82 -14.27 27.33
CA THR C 580 -24.64 -13.74 26.26
C THR C 580 -24.12 -12.38 25.80
N GLY C 581 -24.81 -11.79 24.84
CA GLY C 581 -24.42 -10.50 24.31
C GLY C 581 -25.60 -9.57 24.10
N ALA C 582 -25.91 -9.27 22.84
CA ALA C 582 -27.01 -8.38 22.52
C ALA C 582 -27.78 -8.87 21.29
N LEU C 583 -27.06 -9.14 20.20
CA LEU C 583 -27.71 -9.62 18.99
C LEU C 583 -28.06 -11.10 19.04
N VAL C 584 -27.49 -11.84 20.00
CA VAL C 584 -27.79 -13.27 20.12
C VAL C 584 -29.13 -13.53 20.81
N LEU C 585 -29.70 -12.51 21.45
CA LEU C 585 -30.99 -12.66 22.14
C LEU C 585 -32.17 -12.20 21.29
N SER C 586 -31.94 -11.38 20.27
CA SER C 586 -33.01 -10.89 19.41
C SER C 586 -33.23 -11.79 18.20
N ASP C 587 -33.47 -13.07 18.46
CA ASP C 587 -33.71 -14.02 17.38
C ASP C 587 -35.09 -13.81 16.79
N ASN C 588 -35.18 -13.94 15.46
CA ASN C 588 -36.43 -13.73 14.71
C ASN C 588 -36.98 -12.33 14.98
N GLY C 589 -36.10 -11.33 14.98
CA GLY C 589 -36.50 -9.96 15.23
C GLY C 589 -35.71 -8.95 14.44
N ILE C 590 -35.16 -7.95 15.13
CA ILE C 590 -34.37 -6.90 14.50
C ILE C 590 -33.35 -6.38 15.50
N CYS C 591 -32.11 -6.24 15.05
CA CYS C 591 -31.02 -5.75 15.87
C CYS C 591 -30.73 -4.30 15.54
N CYS C 592 -30.33 -3.53 16.55
CA CYS C 592 -30.01 -2.11 16.40
C CYS C 592 -28.55 -1.90 16.72
N ILE C 593 -27.81 -1.34 15.76
CA ILE C 593 -26.39 -1.08 15.91
C ILE C 593 -25.99 0.05 14.96
N ASP C 594 -25.26 1.03 15.48
CA ASP C 594 -24.84 2.19 14.71
C ASP C 594 -23.34 2.10 14.39
N GLU C 595 -22.73 3.26 14.10
CA GLU C 595 -21.33 3.42 13.74
C GLU C 595 -20.75 2.25 12.97
N PHE C 596 -20.96 2.24 11.65
CA PHE C 596 -20.40 1.22 10.78
C PHE C 596 -19.23 1.71 9.93
N ASP C 597 -19.06 3.03 9.82
CA ASP C 597 -17.96 3.57 9.02
C ASP C 597 -16.65 3.63 9.81
N LYS C 598 -16.73 3.79 11.13
CA LYS C 598 -15.56 3.87 11.99
C LYS C 598 -15.56 2.75 13.04
N MET C 599 -16.05 1.58 12.67
CA MET C 599 -16.10 0.45 13.59
C MET C 599 -14.72 -0.19 13.71
N ASN C 600 -14.60 -1.14 14.64
CA ASN C 600 -13.34 -1.80 14.88
C ASN C 600 -12.98 -2.74 13.73
N GLU C 601 -11.67 -2.91 13.51
CA GLU C 601 -11.21 -3.79 12.44
C GLU C 601 -11.52 -5.25 12.75
N SER C 602 -11.39 -5.65 14.02
CA SER C 602 -11.68 -7.03 14.40
C SER C 602 -13.17 -7.34 14.37
N THR C 603 -14.02 -6.31 14.47
CA THR C 603 -15.46 -6.54 14.42
C THR C 603 -15.95 -6.81 13.00
N ARG C 604 -15.28 -6.23 12.00
CA ARG C 604 -15.69 -6.46 10.61
C ARG C 604 -15.43 -7.90 10.18
N SER C 605 -14.44 -8.57 10.80
CA SER C 605 -14.10 -9.91 10.37
C SER C 605 -15.10 -10.96 10.85
N VAL C 606 -15.63 -10.78 12.06
CA VAL C 606 -16.56 -11.77 12.61
C VAL C 606 -17.94 -11.71 11.98
N LEU C 607 -18.23 -10.69 11.17
CA LEU C 607 -19.51 -10.56 10.50
C LEU C 607 -19.55 -11.29 9.16
N HIS C 608 -18.52 -12.04 8.82
CA HIS C 608 -18.51 -12.80 7.57
C HIS C 608 -19.29 -14.11 7.65
N GLU C 609 -19.74 -14.50 8.85
CA GLU C 609 -20.49 -15.73 9.02
C GLU C 609 -21.74 -15.58 9.86
N VAL C 610 -21.98 -14.44 10.48
CA VAL C 610 -23.18 -14.24 11.29
C VAL C 610 -24.40 -14.06 10.39
N MET C 611 -24.41 -12.99 9.61
CA MET C 611 -25.50 -12.71 8.68
C MET C 611 -25.32 -13.38 7.32
N GLU C 612 -24.29 -14.22 7.16
CA GLU C 612 -24.02 -14.92 5.92
C GLU C 612 -24.21 -16.42 6.04
N GLN C 613 -23.64 -17.04 7.08
CA GLN C 613 -23.77 -18.47 7.29
C GLN C 613 -24.84 -18.84 8.30
N GLN C 614 -25.32 -17.87 9.09
CA GLN C 614 -26.33 -18.09 10.12
C GLN C 614 -25.88 -19.14 11.13
N THR C 615 -24.57 -19.22 11.37
CA THR C 615 -24.03 -20.18 12.33
C THR C 615 -22.73 -19.60 12.89
N LEU C 616 -22.78 -19.12 14.13
CA LEU C 616 -21.61 -18.54 14.79
C LEU C 616 -20.75 -19.67 15.33
N SER C 617 -19.75 -20.07 14.56
CA SER C 617 -18.84 -21.16 14.95
C SER C 617 -17.60 -20.55 15.57
N ILE C 618 -17.47 -20.70 16.89
CA ILE C 618 -16.32 -20.19 17.64
C ILE C 618 -15.64 -21.37 18.31
N ALA C 619 -14.48 -21.77 17.79
CA ALA C 619 -13.71 -22.90 18.32
C ALA C 619 -12.32 -22.39 18.69
N LYS C 620 -12.19 -21.87 19.90
CA LYS C 620 -10.92 -21.35 20.38
C LYS C 620 -10.82 -21.57 21.88
N ALA C 621 -9.59 -21.64 22.37
CA ALA C 621 -9.30 -21.83 23.79
C ALA C 621 -9.95 -23.11 24.33
N GLY C 622 -9.98 -24.14 23.49
CA GLY C 622 -10.56 -25.41 23.90
C GLY C 622 -12.05 -25.38 24.13
N ILE C 623 -12.76 -24.43 23.54
CA ILE C 623 -14.20 -24.30 23.69
C ILE C 623 -14.84 -24.57 22.33
N ILE C 624 -15.48 -25.71 22.18
CA ILE C 624 -16.14 -26.10 20.95
C ILE C 624 -17.62 -25.74 21.11
N CYS C 625 -18.02 -24.63 20.49
CA CYS C 625 -19.40 -24.15 20.56
C CYS C 625 -19.75 -23.49 19.23
N GLN C 626 -20.91 -23.86 18.69
CA GLN C 626 -21.40 -23.32 17.43
C GLN C 626 -22.80 -22.77 17.66
N LEU C 627 -22.91 -21.44 17.76
CA LEU C 627 -24.20 -20.80 17.97
C LEU C 627 -24.98 -20.74 16.66
N ASN C 628 -26.30 -20.84 16.78
CA ASN C 628 -27.21 -20.81 15.63
C ASN C 628 -28.13 -19.60 15.68
N ALA C 629 -27.60 -18.46 16.13
CA ALA C 629 -28.38 -17.24 16.22
C ALA C 629 -28.30 -16.45 14.92
N ARG C 630 -29.46 -15.94 14.48
CA ARG C 630 -29.54 -15.16 13.26
C ARG C 630 -30.51 -14.00 13.46
N THR C 631 -30.13 -12.82 12.98
CA THR C 631 -30.95 -11.63 13.12
C THR C 631 -30.56 -10.64 12.04
N SER C 632 -31.56 -10.06 11.37
CA SER C 632 -31.30 -9.07 10.34
C SER C 632 -30.66 -7.83 10.96
N VAL C 633 -29.49 -7.45 10.44
CA VAL C 633 -28.72 -6.33 10.95
C VAL C 633 -28.67 -5.24 9.88
N LEU C 634 -28.97 -4.02 10.28
CA LEU C 634 -28.91 -2.86 9.40
C LEU C 634 -27.65 -2.04 9.67
N ALA C 635 -27.24 -1.27 8.67
CA ALA C 635 -26.04 -0.46 8.77
C ALA C 635 -26.28 0.91 8.17
N ALA C 636 -25.48 1.88 8.60
CA ALA C 636 -25.55 3.26 8.12
C ALA C 636 -24.11 3.76 7.94
N ALA C 637 -23.59 3.62 6.72
CA ALA C 637 -22.23 4.02 6.42
C ALA C 637 -22.14 5.53 6.26
N ASN C 638 -20.93 6.01 5.93
CA ASN C 638 -20.69 7.43 5.75
C ASN C 638 -19.46 7.60 4.88
N PRO C 639 -19.48 8.52 3.90
CA PRO C 639 -18.30 8.70 3.03
C PRO C 639 -17.09 9.23 3.78
N ILE C 640 -15.96 9.34 3.08
CA ILE C 640 -14.74 9.84 3.71
C ILE C 640 -14.84 11.33 4.03
N GLU C 641 -15.73 12.06 3.36
CA GLU C 641 -15.91 13.49 3.61
C GLU C 641 -17.36 13.84 3.96
N SER C 642 -18.21 12.83 4.19
CA SER C 642 -19.63 13.04 4.51
C SER C 642 -20.33 13.86 3.43
N GLN C 643 -19.92 13.69 2.18
CA GLN C 643 -20.51 14.42 1.07
C GLN C 643 -20.19 13.68 -0.23
N TRP C 644 -21.18 13.60 -1.12
CA TRP C 644 -20.99 12.93 -2.40
C TRP C 644 -20.04 13.73 -3.28
N ASN C 645 -19.07 13.05 -3.88
CA ASN C 645 -18.10 13.68 -4.76
C ASN C 645 -18.35 13.25 -6.19
N PRO C 646 -18.88 14.12 -7.06
CA PRO C 646 -19.12 13.72 -8.46
C PRO C 646 -17.85 13.44 -9.24
N LYS C 647 -16.69 13.90 -8.77
CA LYS C 647 -15.44 13.67 -9.49
C LYS C 647 -14.96 12.22 -9.40
N LYS C 648 -15.46 11.46 -8.43
CA LYS C 648 -15.06 10.07 -8.24
C LYS C 648 -16.28 9.17 -8.24
N THR C 649 -16.06 7.91 -8.56
CA THR C 649 -17.14 6.93 -8.60
C THR C 649 -17.56 6.54 -7.18
N THR C 650 -18.70 5.86 -7.09
CA THR C 650 -19.23 5.44 -5.80
C THR C 650 -18.43 4.32 -5.16
N ILE C 651 -17.53 3.69 -5.90
CA ILE C 651 -16.73 2.60 -5.33
C ILE C 651 -15.66 3.17 -4.40
N GLU C 652 -14.98 4.24 -4.84
CA GLU C 652 -13.91 4.82 -4.02
C GLU C 652 -14.46 5.54 -2.80
N ASN C 653 -15.70 6.04 -2.87
CA ASN C 653 -16.27 6.75 -1.73
C ASN C 653 -16.45 5.83 -0.54
N ILE C 654 -17.01 4.64 -0.76
CA ILE C 654 -17.22 3.68 0.32
C ILE C 654 -15.89 2.99 0.61
N GLN C 655 -15.42 3.10 1.86
CA GLN C 655 -14.15 2.51 2.26
C GLN C 655 -14.26 1.02 2.59
N LEU C 656 -15.47 0.47 2.61
CA LEU C 656 -15.62 -0.95 2.89
C LEU C 656 -15.16 -1.79 1.71
N PRO C 657 -14.57 -2.96 1.97
CA PRO C 657 -14.12 -3.82 0.87
C PRO C 657 -15.28 -4.34 0.04
N HIS C 658 -14.93 -4.94 -1.10
CA HIS C 658 -15.95 -5.46 -2.01
C HIS C 658 -16.69 -6.65 -1.40
N THR C 659 -16.02 -7.41 -0.53
CA THR C 659 -16.66 -8.58 0.07
C THR C 659 -17.68 -8.19 1.15
N LEU C 660 -17.62 -6.96 1.65
CA LEU C 660 -18.54 -6.52 2.70
C LEU C 660 -19.80 -5.89 2.14
N LEU C 661 -19.66 -5.00 1.15
CA LEU C 661 -20.82 -4.33 0.58
C LEU C 661 -21.65 -5.25 -0.32
N SER C 662 -21.08 -6.38 -0.76
CA SER C 662 -21.81 -7.30 -1.62
C SER C 662 -22.80 -8.16 -0.84
N ARG C 663 -22.65 -8.27 0.47
CA ARG C 663 -23.56 -9.07 1.28
C ARG C 663 -24.86 -8.36 1.59
N PHE C 664 -24.97 -7.07 1.29
CA PHE C 664 -26.19 -6.32 1.55
C PHE C 664 -27.09 -6.34 0.31
N ASP C 665 -28.39 -6.14 0.55
CA ASP C 665 -29.37 -6.16 -0.54
C ASP C 665 -29.37 -4.82 -1.27
N LEU C 666 -30.20 -3.89 -0.81
CA LEU C 666 -30.31 -2.57 -1.43
C LEU C 666 -29.22 -1.64 -0.89
N ILE C 667 -29.14 -0.45 -1.48
CA ILE C 667 -28.16 0.56 -1.09
C ILE C 667 -28.73 1.93 -1.39
N PHE C 668 -28.64 2.83 -0.42
CA PHE C 668 -29.12 4.20 -0.56
C PHE C 668 -28.06 5.16 -0.05
N LEU C 669 -28.26 6.44 -0.35
CA LEU C 669 -27.33 7.49 0.06
C LEU C 669 -28.09 8.78 0.26
N LEU C 670 -27.81 9.45 1.38
CA LEU C 670 -28.46 10.72 1.72
C LEU C 670 -27.84 11.82 0.87
N LEU C 671 -28.58 12.30 -0.13
CA LEU C 671 -28.12 13.35 -1.01
C LEU C 671 -28.78 14.68 -0.65
N ASP C 672 -27.97 15.74 -0.64
CA ASP C 672 -28.44 17.10 -0.33
C ASP C 672 -28.18 17.98 -1.54
N PRO C 673 -29.10 18.02 -2.50
CA PRO C 673 -28.89 18.86 -3.68
C PRO C 673 -28.91 20.34 -3.33
N GLN C 674 -28.17 21.12 -4.12
CA GLN C 674 -28.07 22.56 -3.94
C GLN C 674 -29.09 23.33 -4.77
N ASP C 675 -30.19 22.68 -5.15
CA ASP C 675 -31.22 23.33 -5.95
C ASP C 675 -32.03 24.30 -5.10
N GLU C 676 -32.42 25.43 -5.71
CA GLU C 676 -33.19 26.43 -4.99
C GLU C 676 -34.60 25.97 -4.71
N ALA C 677 -35.22 25.28 -5.66
CA ALA C 677 -36.59 24.79 -5.50
C ALA C 677 -36.68 23.57 -4.59
N TYR C 678 -35.54 22.98 -4.21
CA TYR C 678 -35.57 21.83 -3.32
C TYR C 678 -35.98 22.21 -1.90
N ASP C 679 -35.62 23.42 -1.46
CA ASP C 679 -35.98 23.89 -0.13
C ASP C 679 -37.44 24.33 -0.04
N ARG C 680 -38.10 24.53 -1.18
CA ARG C 680 -39.50 24.95 -1.16
C ARG C 680 -40.43 23.81 -0.75
N ARG C 681 -39.98 22.56 -0.83
CA ARG C 681 -40.79 21.42 -0.46
C ARG C 681 -40.29 20.73 0.81
N LEU C 682 -39.25 21.26 1.44
CA LEU C 682 -38.69 20.67 2.65
C LEU C 682 -38.67 21.65 3.82
N ALA C 683 -38.27 22.91 3.57
CA ALA C 683 -38.22 23.88 4.66
C ALA C 683 -39.61 24.37 5.04
N HIS C 684 -40.56 24.34 4.11
CA HIS C 684 -41.93 24.77 4.38
C HIS C 684 -42.76 23.72 5.10
N HIS C 685 -42.19 22.55 5.39
CA HIS C 685 -42.92 21.49 6.08
C HIS C 685 -42.58 21.39 7.55
N LEU C 686 -41.30 21.53 7.92
CA LEU C 686 -40.93 21.43 9.33
C LEU C 686 -41.41 22.64 10.13
N VAL C 687 -41.51 23.80 9.48
CA VAL C 687 -41.98 24.99 10.18
C VAL C 687 -43.48 24.92 10.42
N ALA C 688 -44.23 24.27 9.52
CA ALA C 688 -45.67 24.16 9.69
C ALA C 688 -46.05 23.33 10.90
N LEU C 689 -45.24 22.31 11.23
CA LEU C 689 -45.49 21.45 12.38
C LEU C 689 -44.62 21.81 13.58
N TYR C 690 -43.90 22.94 13.52
CA TYR C 690 -43.06 23.34 14.65
C TYR C 690 -43.88 24.02 15.74
N TYR C 691 -44.78 24.91 15.36
CA TYR C 691 -45.60 25.61 16.35
C TYR C 691 -46.84 24.82 16.74
N GLN C 692 -47.26 23.86 15.92
CA GLN C 692 -48.43 23.07 16.24
C GLN C 692 -48.09 22.03 17.31
N SER C 693 -48.92 21.93 18.33
CA SER C 693 -48.70 20.99 19.42
C SER C 693 -49.15 19.59 19.03
N GLU C 694 -50.12 19.04 19.75
CA GLU C 694 -50.64 17.70 19.50
C GLU C 694 -52.11 17.75 19.08
N GLU C 695 -52.45 18.69 18.19
CA GLU C 695 -53.81 18.84 17.69
C GLU C 695 -53.96 18.36 16.25
N GLN C 696 -53.00 17.59 15.74
CA GLN C 696 -53.08 17.08 14.39
C GLN C 696 -52.38 15.74 14.19
N ALA C 697 -51.75 15.18 15.22
CA ALA C 697 -51.06 13.91 15.06
C ALA C 697 -52.04 12.75 15.02
N GLU C 698 -53.04 12.78 15.91
CA GLU C 698 -54.04 11.73 15.98
C GLU C 698 -55.28 12.01 15.12
N GLU C 699 -55.18 12.96 14.20
CA GLU C 699 -56.28 13.32 13.30
C GLU C 699 -56.01 12.97 11.85
N GLU C 700 -54.80 13.22 11.36
CA GLU C 700 -54.43 12.93 9.97
C GLU C 700 -53.50 11.74 9.86
N LEU C 701 -53.15 11.08 10.96
CA LEU C 701 -52.26 9.94 10.95
C LEU C 701 -52.78 8.88 11.91
N LEU C 702 -52.71 7.63 11.50
CA LEU C 702 -53.18 6.53 12.34
C LEU C 702 -52.26 6.34 13.54
N ASP C 703 -52.79 5.66 14.55
CA ASP C 703 -52.03 5.41 15.77
C ASP C 703 -51.03 4.28 15.56
N MET C 704 -50.15 4.11 16.54
CA MET C 704 -49.11 3.08 16.49
C MET C 704 -49.58 1.73 17.02
N ALA C 705 -50.82 1.64 17.53
CA ALA C 705 -51.32 0.38 18.05
C ALA C 705 -51.68 -0.60 16.94
N VAL C 706 -51.85 -0.12 15.71
CA VAL C 706 -52.18 -1.00 14.60
C VAL C 706 -50.94 -1.62 13.96
N LEU C 707 -49.82 -0.88 13.93
CA LEU C 707 -48.61 -1.38 13.31
C LEU C 707 -48.02 -2.55 14.11
N LYS C 708 -48.12 -2.50 15.45
CA LYS C 708 -47.59 -3.58 16.25
C LYS C 708 -48.42 -4.84 16.15
N ASP C 709 -49.73 -4.71 15.92
CA ASP C 709 -50.62 -5.85 15.76
C ASP C 709 -50.72 -6.34 14.32
N TYR C 710 -50.22 -5.58 13.35
CA TYR C 710 -50.29 -6.00 11.97
C TYR C 710 -49.17 -6.99 11.62
N ILE C 711 -48.03 -6.89 12.29
CA ILE C 711 -46.92 -7.80 12.02
C ILE C 711 -46.96 -9.04 12.90
N ALA C 712 -47.73 -9.03 13.98
CA ALA C 712 -47.82 -10.17 14.89
C ALA C 712 -48.86 -11.19 14.45
N TYR C 713 -49.39 -11.08 13.23
CA TYR C 713 -50.40 -12.00 12.73
C TYR C 713 -49.98 -12.75 11.47
N ALA C 714 -49.31 -12.07 10.54
CA ALA C 714 -48.88 -12.70 9.30
C ALA C 714 -47.60 -13.52 9.45
N HIS C 715 -46.89 -13.38 10.57
CA HIS C 715 -45.65 -14.13 10.80
C HIS C 715 -45.89 -15.55 11.27
N SER C 716 -47.14 -15.97 11.44
CA SER C 716 -47.44 -17.32 11.90
C SER C 716 -48.82 -17.77 11.41
N THR C 717 -49.21 -17.34 10.21
CA THR C 717 -50.51 -17.72 9.67
C THR C 717 -50.44 -17.82 8.15
N ILE C 718 -49.84 -16.83 7.50
CA ILE C 718 -49.74 -16.79 6.04
C ILE C 718 -48.31 -17.13 5.66
N MET C 719 -48.12 -18.27 5.00
CA MET C 719 -46.82 -18.72 4.51
C MET C 719 -46.83 -18.66 2.99
N PRO C 720 -46.40 -17.55 2.38
CA PRO C 720 -46.40 -17.46 0.93
C PRO C 720 -45.30 -18.30 0.31
N ARG C 721 -45.47 -18.60 -0.98
CA ARG C 721 -44.51 -19.40 -1.73
C ARG C 721 -44.57 -19.00 -3.19
N LEU C 722 -43.51 -19.35 -3.92
CA LEU C 722 -43.42 -19.03 -5.33
C LEU C 722 -44.29 -19.98 -6.14
N SER C 723 -44.56 -19.58 -7.39
CA SER C 723 -45.39 -20.37 -8.29
C SER C 723 -44.64 -20.70 -9.57
N GLU C 724 -45.37 -20.92 -10.66
CA GLU C 724 -44.77 -21.25 -11.95
C GLU C 724 -44.77 -20.08 -12.92
N GLU C 725 -45.66 -19.12 -12.75
CA GLU C 725 -45.74 -17.96 -13.64
C GLU C 725 -45.01 -16.75 -13.10
N ALA C 726 -45.18 -16.43 -11.81
CA ALA C 726 -44.51 -15.29 -11.21
C ALA C 726 -43.02 -15.51 -11.00
N SER C 727 -42.54 -16.75 -11.08
CA SER C 727 -41.13 -17.06 -10.89
C SER C 727 -40.30 -16.95 -12.16
N GLN C 728 -40.96 -16.91 -13.32
CA GLN C 728 -40.22 -16.81 -14.58
C GLN C 728 -39.66 -15.41 -14.81
N ALA C 729 -40.23 -14.39 -14.16
CA ALA C 729 -39.74 -13.03 -14.33
C ALA C 729 -38.43 -12.78 -13.58
N LEU C 730 -38.06 -13.66 -12.65
CA LEU C 730 -36.82 -13.47 -11.91
C LEU C 730 -35.60 -13.84 -12.75
N ILE C 731 -35.78 -14.69 -13.75
CA ILE C 731 -34.66 -15.09 -14.60
C ILE C 731 -34.34 -13.99 -15.61
N GLU C 732 -35.36 -13.42 -16.25
CA GLU C 732 -35.13 -12.38 -17.24
C GLU C 732 -34.63 -11.09 -16.59
N ALA C 733 -35.08 -10.80 -15.36
CA ALA C 733 -34.63 -9.59 -14.68
C ALA C 733 -33.21 -9.74 -14.15
N TYR C 734 -32.73 -10.98 -13.98
CA TYR C 734 -31.39 -11.18 -13.46
C TYR C 734 -30.33 -10.98 -14.55
N VAL C 735 -30.67 -11.27 -15.81
CA VAL C 735 -29.71 -11.11 -16.88
C VAL C 735 -29.54 -9.65 -17.26
N ASP C 736 -30.61 -8.85 -17.15
CA ASP C 736 -30.53 -7.44 -17.54
C ASP C 736 -29.70 -6.63 -16.55
N MET C 737 -29.69 -7.01 -15.28
CA MET C 737 -28.96 -6.28 -14.25
C MET C 737 -27.51 -6.73 -14.13
N ARG C 738 -27.04 -7.59 -15.02
CA ARG C 738 -25.65 -8.07 -14.99
C ARG C 738 -24.73 -7.25 -15.88
N LYS C 739 -25.15 -6.94 -17.10
CA LYS C 739 -24.33 -6.18 -18.04
C LYS C 739 -24.58 -4.68 -17.88
N ILE C 740 -24.32 -4.20 -16.67
CA ILE C 740 -24.49 -2.79 -16.33
C ILE C 740 -23.38 -1.98 -16.99
N GLY C 741 -22.15 -2.18 -16.50
CA GLY C 741 -21.02 -1.46 -17.06
C GLY C 741 -21.02 0.01 -16.63
N SER C 742 -20.34 0.83 -17.44
CA SER C 742 -20.25 2.27 -17.24
C SER C 742 -19.66 2.60 -15.88
N SER C 743 -20.42 2.38 -14.81
CA SER C 743 -19.97 2.69 -13.46
C SER C 743 -18.77 1.84 -13.06
N ARG C 744 -19.01 0.56 -12.80
CA ARG C 744 -17.95 -0.36 -12.38
C ARG C 744 -17.54 -1.33 -13.48
N GLY C 745 -18.50 -1.98 -14.12
CA GLY C 745 -18.20 -2.91 -15.19
C GLY C 745 -19.10 -4.12 -15.10
N MET C 746 -18.66 -5.21 -15.76
CA MET C 746 -19.41 -6.47 -15.78
C MET C 746 -19.33 -7.13 -14.41
N VAL C 747 -20.26 -6.74 -13.54
CA VAL C 747 -20.31 -7.27 -12.18
C VAL C 747 -21.68 -7.89 -11.93
N SER C 748 -22.00 -8.13 -10.65
CA SER C 748 -23.28 -8.72 -10.24
C SER C 748 -23.52 -10.06 -10.94
N ALA C 749 -22.54 -10.95 -10.82
CA ALA C 749 -22.62 -12.30 -11.40
C ALA C 749 -22.58 -13.36 -10.30
N TYR C 750 -23.20 -13.08 -9.17
CA TYR C 750 -23.22 -13.97 -8.02
C TYR C 750 -24.67 -14.28 -7.63
N PRO C 751 -24.91 -15.42 -6.98
CA PRO C 751 -26.28 -15.75 -6.55
C PRO C 751 -26.74 -14.93 -5.35
N ARG C 752 -25.99 -13.89 -5.01
CA ARG C 752 -26.36 -13.05 -3.87
C ARG C 752 -27.57 -12.19 -4.18
N GLN C 753 -27.49 -11.37 -5.24
CA GLN C 753 -28.61 -10.53 -5.63
C GLN C 753 -29.79 -11.33 -6.14
N LEU C 754 -29.56 -12.55 -6.64
CA LEU C 754 -30.66 -13.40 -7.07
C LEU C 754 -31.44 -13.93 -5.86
N GLU C 755 -30.73 -14.24 -4.77
CA GLU C 755 -31.41 -14.70 -3.56
C GLU C 755 -32.13 -13.54 -2.87
N SER C 756 -31.52 -12.36 -2.87
CA SER C 756 -32.15 -11.20 -2.24
C SER C 756 -33.38 -10.74 -3.03
N LEU C 757 -33.41 -11.00 -4.34
CA LEU C 757 -34.58 -10.62 -5.14
C LEU C 757 -35.79 -11.47 -4.79
N ILE C 758 -35.57 -12.74 -4.44
CA ILE C 758 -36.68 -13.60 -4.06
C ILE C 758 -37.24 -13.18 -2.70
N ARG C 759 -36.38 -12.68 -1.81
CA ARG C 759 -36.85 -12.23 -0.50
C ARG C 759 -37.72 -10.99 -0.62
N LEU C 760 -37.50 -10.16 -1.64
CA LEU C 760 -38.34 -8.98 -1.82
C LEU C 760 -39.74 -9.34 -2.30
N ALA C 761 -39.87 -10.42 -3.08
CA ALA C 761 -41.19 -10.85 -3.54
C ALA C 761 -41.99 -11.50 -2.43
N GLU C 762 -41.33 -12.21 -1.51
CA GLU C 762 -42.03 -12.85 -0.41
C GLU C 762 -42.49 -11.82 0.62
N ALA C 763 -41.78 -10.69 0.74
CA ALA C 763 -42.18 -9.66 1.69
C ALA C 763 -43.34 -8.82 1.17
N HIS C 764 -43.42 -8.61 -0.14
CA HIS C 764 -44.52 -7.82 -0.69
C HIS C 764 -45.83 -8.57 -0.64
N ALA C 765 -45.79 -9.89 -0.86
CA ALA C 765 -47.00 -10.69 -0.80
C ALA C 765 -47.44 -10.98 0.63
N LYS C 766 -46.55 -10.79 1.61
CA LYS C 766 -46.91 -11.02 3.00
C LYS C 766 -47.74 -9.87 3.55
N VAL C 767 -47.49 -8.65 3.07
CA VAL C 767 -48.27 -7.51 3.52
C VAL C 767 -49.67 -7.54 2.92
N ARG C 768 -49.83 -8.14 1.73
CA ARG C 768 -51.11 -8.22 1.07
C ARG C 768 -52.00 -9.33 1.63
N LEU C 769 -51.48 -10.15 2.55
CA LEU C 769 -52.21 -11.27 3.13
C LEU C 769 -52.72 -12.22 2.04
N SER C 770 -51.76 -12.84 1.34
CA SER C 770 -52.08 -13.77 0.26
C SER C 770 -50.89 -14.71 0.08
N ASN C 771 -51.17 -16.02 0.17
CA ASN C 771 -50.11 -17.01 0.00
C ASN C 771 -49.70 -17.15 -1.46
N LYS C 772 -50.59 -16.84 -2.39
CA LYS C 772 -50.28 -16.95 -3.81
C LYS C 772 -49.59 -15.67 -4.29
N VAL C 773 -48.43 -15.84 -4.92
CA VAL C 773 -47.65 -14.72 -5.43
C VAL C 773 -47.91 -14.60 -6.92
N GLU C 774 -48.43 -13.45 -7.35
CA GLU C 774 -48.73 -13.18 -8.74
C GLU C 774 -47.62 -12.36 -9.38
N ALA C 775 -47.82 -11.99 -10.64
CA ALA C 775 -46.84 -11.20 -11.37
C ALA C 775 -46.86 -9.72 -10.98
N ILE C 776 -47.83 -9.29 -10.19
CA ILE C 776 -47.90 -7.89 -9.79
C ILE C 776 -46.82 -7.59 -8.74
N ASP C 777 -46.70 -8.46 -7.73
CA ASP C 777 -45.70 -8.26 -6.69
C ASP C 777 -44.28 -8.44 -7.20
N VAL C 778 -44.09 -9.17 -8.31
CA VAL C 778 -42.75 -9.36 -8.85
C VAL C 778 -42.25 -8.07 -9.49
N GLU C 779 -43.15 -7.33 -10.16
CA GLU C 779 -42.76 -6.07 -10.77
C GLU C 779 -42.42 -5.02 -9.72
N GLU C 780 -43.00 -5.13 -8.53
CA GLU C 780 -42.70 -4.20 -7.44
C GLU C 780 -41.37 -4.51 -6.75
N ALA C 781 -40.89 -5.75 -6.83
CA ALA C 781 -39.63 -6.10 -6.21
C ALA C 781 -38.45 -5.53 -6.99
N LYS C 782 -38.50 -5.61 -8.32
CA LYS C 782 -37.45 -5.06 -9.15
C LYS C 782 -37.46 -3.54 -9.21
N ARG C 783 -38.59 -2.91 -8.86
CA ARG C 783 -38.66 -1.46 -8.88
C ARG C 783 -37.86 -0.85 -7.72
N LEU C 784 -37.86 -1.52 -6.57
CA LEU C 784 -37.07 -1.04 -5.44
C LEU C 784 -35.58 -1.21 -5.70
N HIS C 785 -35.19 -2.27 -6.41
CA HIS C 785 -33.79 -2.48 -6.74
C HIS C 785 -33.33 -1.52 -7.84
N ARG C 786 -34.25 -1.07 -8.69
CA ARG C 786 -33.88 -0.14 -9.75
C ARG C 786 -33.61 1.25 -9.19
N GLU C 787 -34.35 1.65 -8.15
CA GLU C 787 -34.12 2.95 -7.54
C GLU C 787 -32.82 2.99 -6.75
N ALA C 788 -32.35 1.83 -6.28
CA ALA C 788 -31.09 1.79 -5.55
C ALA C 788 -29.89 1.98 -6.47
N LEU C 789 -30.05 1.66 -7.76
CA LEU C 789 -28.95 1.84 -8.70
C LEU C 789 -28.78 3.30 -9.07
N LYS C 790 -29.89 4.00 -9.33
CA LYS C 790 -29.83 5.41 -9.69
C LYS C 790 -29.46 6.29 -8.49
N GLN C 791 -29.65 5.80 -7.26
CA GLN C 791 -29.31 6.60 -6.10
C GLN C 791 -27.80 6.66 -5.89
N SER C 792 -27.11 5.54 -6.11
CA SER C 792 -25.66 5.47 -5.95
C SER C 792 -24.91 5.69 -7.25
N ALA C 793 -25.52 6.40 -8.20
CA ALA C 793 -24.88 6.67 -9.48
C ALA C 793 -25.36 7.99 -10.07
N ASP D 20 -31.22 -59.20 52.14
CA ASP D 20 -32.56 -59.40 51.59
C ASP D 20 -32.63 -60.68 50.76
N GLU D 21 -33.79 -61.31 50.73
CA GLU D 21 -33.99 -62.54 49.97
C GLU D 21 -34.18 -62.29 48.48
N VAL D 22 -34.41 -61.03 48.07
CA VAL D 22 -34.58 -60.75 46.65
C VAL D 22 -33.25 -60.82 45.92
N ALA D 23 -32.19 -60.28 46.53
CA ALA D 23 -30.87 -60.32 45.90
C ALA D 23 -30.28 -61.72 45.89
N GLU D 24 -30.64 -62.55 46.88
CA GLU D 24 -30.13 -63.91 46.92
C GLU D 24 -30.78 -64.80 45.86
N LYS D 25 -31.99 -64.46 45.44
CA LYS D 25 -32.66 -65.26 44.41
C LYS D 25 -32.06 -65.01 43.03
N CYS D 26 -31.56 -63.80 42.79
CA CYS D 26 -30.97 -63.46 41.50
C CYS D 26 -29.56 -64.02 41.33
N GLN D 27 -28.99 -64.66 42.35
CA GLN D 27 -27.65 -65.21 42.26
C GLN D 27 -27.62 -66.72 42.11
N LYS D 28 -28.61 -67.43 42.68
CA LYS D 28 -28.64 -68.88 42.55
C LYS D 28 -29.02 -69.29 41.13
N LEU D 29 -29.99 -68.59 40.52
CA LEU D 29 -30.37 -68.88 39.15
C LEU D 29 -29.32 -68.40 38.15
N PHE D 30 -28.56 -67.37 38.50
CA PHE D 30 -27.51 -66.90 37.61
C PHE D 30 -26.33 -67.84 37.57
N LEU D 31 -26.13 -68.63 38.64
CA LEU D 31 -25.03 -69.58 38.66
C LEU D 31 -25.26 -70.73 37.68
N ASP D 32 -26.52 -71.12 37.47
CA ASP D 32 -26.84 -72.19 36.54
C ASP D 32 -26.85 -71.71 35.09
N PHE D 33 -26.80 -70.40 34.85
CA PHE D 33 -26.79 -69.89 33.48
C PHE D 33 -25.46 -70.18 32.79
N LEU D 34 -24.37 -70.28 33.54
CA LEU D 34 -23.06 -70.55 32.97
C LEU D 34 -22.87 -72.01 32.61
N GLU D 35 -23.86 -72.87 32.84
CA GLU D 35 -23.75 -74.29 32.50
C GLU D 35 -24.89 -74.79 31.63
N GLU D 36 -26.07 -74.16 31.66
CA GLU D 36 -27.21 -74.61 30.87
C GLU D 36 -27.23 -73.98 29.48
N PHE D 37 -27.08 -72.66 29.40
CA PHE D 37 -27.11 -71.95 28.13
C PHE D 37 -25.77 -72.19 27.42
N GLN D 38 -25.82 -72.89 26.29
CA GLN D 38 -24.62 -73.19 25.53
C GLN D 38 -24.27 -72.02 24.61
N SER D 39 -23.12 -72.13 23.92
CA SER D 39 -22.67 -71.10 23.00
C SER D 39 -22.78 -71.66 21.59
N SER D 40 -21.69 -71.86 20.87
CA SER D 40 -21.76 -72.34 19.49
C SER D 40 -22.06 -73.85 19.47
N ASP D 41 -21.08 -74.66 19.86
CA ASP D 41 -21.29 -76.11 19.89
C ASP D 41 -21.90 -76.55 21.21
N GLY D 42 -21.41 -77.63 21.78
CA GLY D 42 -21.88 -78.10 23.06
C GLY D 42 -21.01 -77.62 24.20
N GLU D 43 -20.29 -76.53 23.98
CA GLU D 43 -19.42 -75.94 25.00
C GLU D 43 -19.89 -74.53 25.34
N ILE D 44 -19.59 -74.11 26.57
CA ILE D 44 -19.97 -72.79 27.06
C ILE D 44 -18.78 -71.86 26.90
N LYS D 45 -19.05 -70.62 26.45
CA LYS D 45 -17.99 -69.65 26.26
C LYS D 45 -17.26 -69.32 27.55
N TYR D 46 -17.89 -69.53 28.70
CA TYR D 46 -17.25 -69.29 29.98
C TYR D 46 -16.31 -70.41 30.41
N LEU D 47 -16.31 -71.54 29.69
CA LEU D 47 -15.40 -72.63 30.03
C LEU D 47 -13.96 -72.27 29.70
N GLN D 48 -13.72 -71.65 28.54
CA GLN D 48 -12.37 -71.26 28.18
C GLN D 48 -11.89 -70.09 29.01
N LEU D 49 -12.81 -69.28 29.55
CA LEU D 49 -12.42 -68.15 30.37
C LEU D 49 -11.99 -68.58 31.77
N ALA D 50 -12.46 -69.74 32.23
CA ALA D 50 -12.08 -70.21 33.55
C ALA D 50 -10.64 -70.67 33.60
N GLU D 51 -10.09 -71.11 32.47
CA GLU D 51 -8.69 -71.53 32.43
C GLU D 51 -7.72 -70.37 32.55
N GLU D 52 -8.16 -69.15 32.21
CA GLU D 52 -7.30 -67.98 32.30
C GLU D 52 -7.36 -67.32 33.67
N LEU D 53 -8.49 -67.46 34.38
CA LEU D 53 -8.63 -66.86 35.70
C LEU D 53 -7.73 -67.51 36.75
N ILE D 54 -7.18 -68.69 36.46
CA ILE D 54 -6.28 -69.34 37.42
C ILE D 54 -4.99 -68.54 37.57
N ARG D 55 -4.49 -67.99 36.47
CA ARG D 55 -3.28 -67.19 36.52
C ARG D 55 -3.57 -65.85 37.18
N PRO D 56 -2.90 -65.50 38.28
CA PRO D 56 -3.24 -64.27 39.03
C PRO D 56 -2.63 -63.01 38.44
N GLU D 57 -3.15 -62.60 37.28
CA GLU D 57 -2.76 -61.34 36.68
C GLU D 57 -3.81 -60.86 35.68
N ARG D 58 -4.79 -61.72 35.40
CA ARG D 58 -5.86 -61.41 34.45
C ARG D 58 -7.18 -61.83 35.07
N ASN D 59 -8.14 -60.90 35.13
CA ASN D 59 -9.47 -61.14 35.70
C ASN D 59 -10.50 -60.66 34.68
N THR D 60 -10.86 -61.54 33.75
CA THR D 60 -11.85 -61.25 32.72
C THR D 60 -13.16 -61.95 33.05
N LEU D 61 -14.24 -61.16 33.15
CA LEU D 61 -15.56 -61.67 33.46
C LEU D 61 -16.59 -61.01 32.56
N VAL D 62 -16.44 -61.22 31.24
CA VAL D 62 -17.33 -60.63 30.27
C VAL D 62 -18.66 -61.39 30.27
N VAL D 63 -19.76 -60.65 30.39
CA VAL D 63 -21.10 -61.22 30.41
C VAL D 63 -21.90 -60.55 29.30
N SER D 64 -22.48 -61.36 28.43
CA SER D 64 -23.27 -60.86 27.30
C SER D 64 -24.72 -60.66 27.73
N PHE D 65 -25.28 -59.50 27.41
CA PHE D 65 -26.66 -59.20 27.75
C PHE D 65 -27.65 -59.69 26.70
N VAL D 66 -27.23 -59.75 25.43
CA VAL D 66 -28.13 -60.22 24.38
C VAL D 66 -28.35 -61.73 24.47
N ASP D 67 -27.47 -62.46 25.17
CA ASP D 67 -27.62 -63.89 25.36
C ASP D 67 -28.27 -64.25 26.69
N LEU D 68 -28.28 -63.34 27.66
CA LEU D 68 -28.90 -63.64 28.95
C LEU D 68 -30.42 -63.57 28.85
N GLU D 69 -30.95 -62.72 27.97
CA GLU D 69 -32.40 -62.60 27.83
C GLU D 69 -33.03 -63.83 27.17
N GLN D 70 -32.22 -64.66 26.50
CA GLN D 70 -32.77 -65.85 25.85
C GLN D 70 -33.17 -66.90 26.88
N PHE D 71 -32.50 -66.94 28.03
CA PHE D 71 -32.80 -67.90 29.08
C PHE D 71 -33.75 -67.35 30.13
N ASN D 72 -33.65 -66.05 30.44
CA ASN D 72 -34.51 -65.43 31.44
C ASN D 72 -34.62 -63.95 31.13
N GLN D 73 -35.84 -63.43 31.23
CA GLN D 73 -36.11 -62.01 30.98
C GLN D 73 -36.56 -61.26 32.22
N GLN D 74 -37.47 -61.84 33.02
CA GLN D 74 -37.91 -61.16 34.24
C GLN D 74 -36.82 -61.14 35.29
N LEU D 75 -35.88 -62.09 35.24
CA LEU D 75 -34.79 -62.12 36.21
C LEU D 75 -33.75 -61.05 35.90
N SER D 76 -33.47 -60.80 34.62
CA SER D 76 -32.50 -59.79 34.25
C SER D 76 -33.03 -58.37 34.38
N THR D 77 -34.32 -58.20 34.68
CA THR D 77 -34.88 -56.86 34.85
C THR D 77 -34.37 -56.20 36.12
N THR D 78 -34.38 -56.93 37.23
CA THR D 78 -33.91 -56.38 38.50
C THR D 78 -32.39 -56.23 38.55
N ILE D 79 -31.66 -56.85 37.62
CA ILE D 79 -30.20 -56.72 37.61
C ILE D 79 -29.79 -55.34 37.15
N GLN D 80 -30.35 -54.88 36.03
CA GLN D 80 -30.03 -53.56 35.51
C GLN D 80 -30.78 -52.45 36.22
N GLU D 81 -31.92 -52.76 36.85
CA GLU D 81 -32.67 -51.74 37.56
C GLU D 81 -32.02 -51.39 38.90
N GLU D 82 -31.56 -52.40 39.62
CA GLU D 82 -30.90 -52.21 40.91
C GLU D 82 -29.56 -52.96 40.84
N PHE D 83 -28.53 -52.24 40.39
CA PHE D 83 -27.20 -52.83 40.23
C PHE D 83 -26.25 -52.50 41.37
N TYR D 84 -26.44 -51.36 42.03
CA TYR D 84 -25.55 -50.98 43.13
C TYR D 84 -25.74 -51.86 44.35
N ARG D 85 -26.96 -52.38 44.55
CA ARG D 85 -27.22 -53.23 45.71
C ARG D 85 -26.74 -54.66 45.48
N VAL D 86 -26.81 -55.15 44.25
CA VAL D 86 -26.39 -56.52 43.94
C VAL D 86 -24.90 -56.53 43.59
N TYR D 87 -24.21 -55.43 43.89
CA TYR D 87 -22.77 -55.37 43.61
C TYR D 87 -21.97 -56.37 44.44
N PRO D 88 -22.13 -56.47 45.76
CA PRO D 88 -21.37 -57.48 46.51
C PRO D 88 -21.86 -58.90 46.27
N TYR D 89 -23.08 -59.07 45.75
CA TYR D 89 -23.59 -60.41 45.50
C TYR D 89 -23.00 -61.03 44.24
N LEU D 90 -22.60 -60.20 43.27
CA LEU D 90 -22.00 -60.74 42.05
C LEU D 90 -20.55 -61.18 42.29
N CYS D 91 -19.88 -60.58 43.27
CA CYS D 91 -18.50 -60.96 43.55
C CYS D 91 -18.42 -62.29 44.30
N ARG D 92 -19.42 -62.59 45.13
CA ARG D 92 -19.44 -63.85 45.87
C ARG D 92 -20.05 -65.00 45.09
N ALA D 93 -20.85 -64.70 44.06
CA ALA D 93 -21.46 -65.76 43.26
C ALA D 93 -20.51 -66.28 42.19
N LEU D 94 -19.79 -65.38 41.51
CA LEU D 94 -18.84 -65.82 40.50
C LEU D 94 -17.61 -66.47 41.12
N LYS D 95 -17.25 -66.07 42.35
CA LYS D 95 -16.13 -66.72 43.03
C LYS D 95 -16.49 -68.13 43.49
N THR D 96 -17.75 -68.36 43.84
CA THR D 96 -18.18 -69.69 44.24
C THR D 96 -18.29 -70.63 43.05
N PHE D 97 -18.74 -70.11 41.89
CA PHE D 97 -18.87 -70.94 40.71
C PHE D 97 -17.51 -71.37 40.18
N VAL D 98 -16.54 -70.46 40.15
CA VAL D 98 -15.20 -70.80 39.69
C VAL D 98 -14.48 -71.69 40.69
N LYS D 99 -14.94 -71.72 41.94
CA LYS D 99 -14.34 -72.62 42.93
C LYS D 99 -14.62 -74.08 42.61
N ASP D 100 -15.80 -74.37 42.05
CA ASP D 100 -16.12 -75.74 41.67
C ASP D 100 -15.28 -76.20 40.49
N ARG D 101 -14.92 -75.29 39.59
CA ARG D 101 -14.06 -75.65 38.46
C ARG D 101 -12.67 -76.04 38.94
N LYS D 102 -12.03 -75.17 39.73
CA LYS D 102 -10.71 -75.43 40.26
C LYS D 102 -10.54 -74.63 41.54
N GLU D 103 -9.86 -75.21 42.52
CA GLU D 103 -9.65 -74.54 43.80
C GLU D 103 -8.77 -73.32 43.61
N ILE D 104 -9.22 -72.19 44.15
CA ILE D 104 -8.51 -70.91 44.03
C ILE D 104 -8.09 -70.44 45.41
N PRO D 105 -7.03 -69.64 45.52
CA PRO D 105 -6.64 -69.13 46.85
C PRO D 105 -7.61 -68.07 47.34
N LEU D 106 -7.61 -67.90 48.66
CA LEU D 106 -8.50 -66.93 49.31
C LEU D 106 -7.72 -65.67 49.71
N ALA D 107 -7.19 -64.99 48.68
CA ALA D 107 -6.43 -63.77 48.93
C ALA D 107 -6.54 -62.76 47.79
N LYS D 108 -7.49 -62.94 46.87
CA LYS D 108 -7.65 -62.01 45.75
C LYS D 108 -9.10 -62.04 45.30
N ASP D 109 -9.69 -60.86 45.15
CA ASP D 109 -11.08 -60.74 44.73
C ASP D 109 -11.16 -60.55 43.22
N PHE D 110 -12.38 -60.34 42.73
CA PHE D 110 -12.60 -60.15 41.30
C PHE D 110 -13.46 -58.92 41.05
N TYR D 111 -13.93 -58.75 39.82
CA TYR D 111 -14.78 -57.62 39.46
C TYR D 111 -15.61 -57.99 38.25
N VAL D 112 -16.92 -57.71 38.33
CA VAL D 112 -17.82 -58.06 37.24
C VAL D 112 -17.58 -57.14 36.05
N ALA D 113 -17.37 -57.73 34.89
CA ALA D 113 -17.12 -56.98 33.66
C ALA D 113 -18.30 -57.15 32.71
N PHE D 114 -19.43 -56.58 33.11
CA PHE D 114 -20.65 -56.67 32.29
C PHE D 114 -20.55 -55.71 31.11
N GLN D 115 -20.55 -56.27 29.90
CA GLN D 115 -20.43 -55.47 28.68
C GLN D 115 -21.49 -55.94 27.70
N ASP D 116 -21.39 -55.47 26.45
CA ASP D 116 -22.32 -55.82 25.37
C ASP D 116 -23.75 -55.41 25.74
N LEU D 117 -23.99 -54.10 25.65
CA LEU D 117 -25.29 -53.52 25.93
C LEU D 117 -25.87 -52.93 24.66
N PRO D 118 -26.97 -53.48 24.13
CA PRO D 118 -27.56 -52.93 22.90
C PRO D 118 -28.29 -51.60 23.12
N THR D 119 -28.52 -51.20 24.36
CA THR D 119 -29.22 -49.95 24.66
C THR D 119 -28.22 -48.89 25.05
N ARG D 120 -28.27 -47.74 24.36
CA ARG D 120 -27.38 -46.62 24.62
C ARG D 120 -28.20 -45.42 25.06
N HIS D 121 -27.69 -44.70 26.06
CA HIS D 121 -28.35 -43.53 26.61
C HIS D 121 -27.57 -42.27 26.27
N LYS D 122 -28.29 -41.16 26.11
CA LYS D 122 -27.68 -39.89 25.79
C LYS D 122 -27.28 -39.15 27.06
N ILE D 123 -26.23 -38.33 26.95
CA ILE D 123 -25.76 -37.58 28.11
C ILE D 123 -26.80 -36.55 28.55
N ARG D 124 -27.58 -36.01 27.60
CA ARG D 124 -28.61 -35.03 27.95
C ARG D 124 -29.86 -35.68 28.51
N GLU D 125 -29.99 -37.00 28.42
CA GLU D 125 -31.16 -37.71 28.92
C GLU D 125 -30.84 -38.28 30.30
N LEU D 126 -31.03 -37.46 31.33
CA LEU D 126 -30.78 -37.87 32.70
C LEU D 126 -31.68 -37.07 33.62
N THR D 127 -32.07 -37.69 34.74
CA THR D 127 -32.92 -37.05 35.72
C THR D 127 -32.28 -37.10 37.11
N SER D 128 -33.04 -37.51 38.12
CA SER D 128 -32.55 -37.61 39.47
C SER D 128 -32.46 -39.03 40.00
N SER D 129 -33.13 -40.00 39.36
CA SER D 129 -33.11 -41.39 39.79
C SER D 129 -32.27 -42.26 38.85
N ARG D 130 -31.22 -41.68 38.26
CA ARG D 130 -30.35 -42.42 37.36
C ARG D 130 -29.35 -43.31 38.07
N ILE D 131 -29.25 -43.20 39.40
CA ILE D 131 -28.31 -44.03 40.15
C ILE D 131 -28.84 -45.45 40.24
N GLY D 132 -27.92 -46.41 40.31
CA GLY D 132 -28.27 -47.81 40.37
C GLY D 132 -28.71 -48.43 39.06
N LEU D 133 -28.71 -47.68 37.97
CA LEU D 133 -29.14 -48.17 36.66
C LEU D 133 -27.91 -48.53 35.85
N LEU D 134 -27.80 -49.81 35.46
CA LEU D 134 -26.69 -50.29 34.66
C LEU D 134 -26.98 -49.97 33.19
N THR D 135 -26.49 -48.82 32.75
CA THR D 135 -26.69 -48.34 31.39
C THR D 135 -25.34 -48.17 30.69
N ARG D 136 -25.36 -47.43 29.59
CA ARG D 136 -24.16 -47.17 28.80
C ARG D 136 -24.20 -45.73 28.30
N ILE D 137 -23.08 -45.02 28.44
CA ILE D 137 -22.97 -43.62 28.04
C ILE D 137 -22.00 -43.54 26.87
N SER D 138 -22.32 -42.70 25.89
CA SER D 138 -21.49 -42.51 24.72
C SER D 138 -20.55 -41.31 24.95
N GLY D 139 -20.06 -40.71 23.87
CA GLY D 139 -19.17 -39.57 23.96
C GLY D 139 -17.73 -39.92 23.65
N GLN D 140 -16.81 -39.06 24.08
CA GLN D 140 -15.38 -39.28 23.85
C GLN D 140 -14.59 -38.57 24.94
N VAL D 141 -13.42 -39.11 25.24
CA VAL D 141 -12.55 -38.59 26.29
C VAL D 141 -11.47 -37.71 25.66
N VAL D 142 -11.14 -36.62 26.34
CA VAL D 142 -10.11 -35.69 25.89
C VAL D 142 -8.94 -35.63 26.87
N ARG D 143 -9.22 -35.31 28.13
CA ARG D 143 -8.19 -35.21 29.15
C ARG D 143 -7.82 -36.59 29.68
N THR D 144 -6.55 -36.77 30.01
CA THR D 144 -6.02 -38.03 30.52
C THR D 144 -5.28 -37.78 31.82
N HIS D 145 -5.65 -38.54 32.86
CA HIS D 145 -5.02 -38.44 34.17
C HIS D 145 -4.30 -39.74 34.51
N PRO D 146 -3.21 -39.66 35.29
CA PRO D 146 -2.49 -40.88 35.67
C PRO D 146 -3.31 -41.74 36.63
N VAL D 147 -2.77 -42.92 36.92
CA VAL D 147 -3.45 -43.87 37.80
C VAL D 147 -3.28 -43.43 39.26
N HIS D 148 -4.26 -43.82 40.08
CA HIS D 148 -4.26 -43.52 41.50
C HIS D 148 -4.90 -44.69 42.23
N PRO D 149 -4.31 -45.17 43.32
CA PRO D 149 -4.89 -46.31 44.03
C PRO D 149 -6.15 -45.95 44.79
N GLU D 150 -6.77 -46.94 45.45
CA GLU D 150 -7.99 -46.72 46.21
C GLU D 150 -8.07 -47.77 47.31
N LEU D 151 -8.27 -47.31 48.54
CA LEU D 151 -8.35 -48.23 49.68
C LEU D 151 -9.67 -49.00 49.64
N VAL D 152 -9.58 -50.30 49.40
CA VAL D 152 -10.77 -51.15 49.37
C VAL D 152 -10.77 -52.05 50.59
N SER D 153 -9.85 -53.01 50.65
CA SER D 153 -9.71 -53.94 51.76
C SER D 153 -8.48 -53.56 52.55
N GLY D 154 -8.69 -52.83 53.65
CA GLY D 154 -7.61 -52.37 54.50
C GLY D 154 -7.67 -52.98 55.90
N THR D 155 -6.74 -52.52 56.74
CA THR D 155 -6.64 -52.99 58.12
C THR D 155 -6.18 -51.82 58.98
N PHE D 156 -6.96 -51.51 60.01
CA PHE D 156 -6.66 -50.43 60.93
C PHE D 156 -6.13 -50.98 62.25
N LEU D 157 -5.77 -50.07 63.16
CA LEU D 157 -5.24 -50.45 64.46
C LEU D 157 -5.67 -49.40 65.48
N CYS D 158 -6.34 -49.85 66.54
CA CYS D 158 -6.80 -48.94 67.58
C CYS D 158 -5.62 -48.47 68.42
N LEU D 159 -5.48 -47.15 68.54
CA LEU D 159 -4.40 -46.55 69.31
C LEU D 159 -4.73 -46.41 70.79
N ASP D 160 -5.87 -46.90 71.23
CA ASP D 160 -6.27 -46.82 72.63
C ASP D 160 -6.02 -48.11 73.39
N CYS D 161 -6.34 -49.26 72.81
CA CYS D 161 -6.14 -50.55 73.45
C CYS D 161 -5.13 -51.43 72.74
N GLN D 162 -4.53 -50.95 71.65
CA GLN D 162 -3.52 -51.69 70.89
C GLN D 162 -4.06 -53.03 70.40
N THR D 163 -5.12 -52.96 69.60
CA THR D 163 -5.75 -54.13 69.01
C THR D 163 -5.88 -53.94 67.51
N VAL D 164 -5.58 -54.99 66.76
CA VAL D 164 -5.64 -54.96 65.31
C VAL D 164 -7.02 -55.44 64.87
N ILE D 165 -7.68 -54.64 64.03
CA ILE D 165 -9.01 -54.95 63.53
C ILE D 165 -8.88 -55.24 62.03
N ARG D 166 -9.20 -56.46 61.63
CA ARG D 166 -9.13 -56.88 60.24
C ARG D 166 -10.50 -56.75 59.57
N ASP D 167 -10.52 -56.98 58.26
CA ASP D 167 -11.72 -56.92 57.43
C ASP D 167 -12.38 -55.55 57.55
N VAL D 168 -11.72 -54.56 56.94
CA VAL D 168 -12.18 -53.18 56.92
C VAL D 168 -12.44 -52.81 55.47
N GLU D 169 -13.72 -52.68 55.11
CA GLU D 169 -14.12 -52.33 53.76
C GLU D 169 -14.50 -50.85 53.70
N GLN D 170 -13.96 -50.15 52.71
CA GLN D 170 -14.22 -48.72 52.51
C GLN D 170 -15.14 -48.55 51.31
N GLN D 171 -16.32 -47.99 51.56
CA GLN D 171 -17.30 -47.77 50.49
C GLN D 171 -17.05 -46.44 49.80
N PHE D 172 -17.88 -45.44 50.10
CA PHE D 172 -17.76 -44.12 49.51
C PHE D 172 -17.40 -43.05 50.52
N LYS D 173 -17.20 -43.41 51.78
CA LYS D 173 -16.80 -42.49 52.84
C LYS D 173 -15.68 -43.11 53.65
N TYR D 174 -15.29 -42.42 54.73
CA TYR D 174 -14.25 -42.90 55.63
C TYR D 174 -14.88 -43.85 56.64
N THR D 175 -15.00 -45.11 56.25
CA THR D 175 -15.60 -46.14 57.09
C THR D 175 -14.59 -46.54 58.16
N GLN D 176 -14.81 -46.07 59.39
CA GLN D 176 -13.92 -46.39 60.50
C GLN D 176 -14.65 -47.22 61.54
N PRO D 177 -13.97 -48.18 62.18
CA PRO D 177 -14.62 -48.99 63.21
C PRO D 177 -15.03 -48.18 64.42
N ASN D 178 -16.33 -47.92 64.56
CA ASN D 178 -16.82 -47.15 65.70
C ASN D 178 -16.75 -47.96 66.98
N ILE D 179 -16.87 -49.29 66.89
CA ILE D 179 -16.79 -50.18 68.04
C ILE D 179 -15.61 -51.11 67.83
N CYS D 180 -14.66 -51.08 68.75
CA CYS D 180 -13.47 -51.91 68.66
C CYS D 180 -13.77 -53.32 69.18
N ARG D 181 -12.74 -54.14 69.33
CA ARG D 181 -12.94 -55.50 69.82
C ARG D 181 -13.25 -55.51 71.31
N ASN D 182 -12.65 -54.59 72.06
CA ASN D 182 -12.89 -54.52 73.49
C ASN D 182 -14.18 -53.76 73.76
N PRO D 183 -15.18 -54.39 74.38
CA PRO D 183 -16.45 -53.68 74.64
C PRO D 183 -16.38 -52.77 75.86
N VAL D 184 -15.33 -51.97 75.95
CA VAL D 184 -15.16 -51.03 77.06
C VAL D 184 -15.00 -49.62 76.50
N CYS D 185 -14.00 -49.42 75.65
CA CYS D 185 -13.76 -48.12 75.03
C CYS D 185 -13.42 -48.33 73.56
N ALA D 186 -13.38 -47.23 72.82
CA ALA D 186 -13.09 -47.28 71.39
C ALA D 186 -12.32 -46.02 71.00
N ASN D 187 -11.78 -46.03 69.79
CA ASN D 187 -11.01 -44.92 69.25
C ASN D 187 -11.93 -44.06 68.40
N ARG D 188 -12.27 -42.87 68.90
CA ARG D 188 -13.14 -41.94 68.20
C ARG D 188 -12.38 -40.90 67.40
N ARG D 189 -11.11 -41.18 67.06
CA ARG D 189 -10.30 -40.24 66.29
C ARG D 189 -9.83 -40.85 64.99
N ARG D 190 -8.53 -41.10 64.87
CA ARG D 190 -7.93 -41.67 63.67
C ARG D 190 -7.24 -42.99 64.00
N PHE D 191 -6.97 -43.76 62.96
CA PHE D 191 -6.31 -45.05 63.07
C PHE D 191 -4.94 -45.01 62.38
N LEU D 192 -4.50 -46.16 61.88
CA LEU D 192 -3.21 -46.27 61.21
C LEU D 192 -3.35 -47.18 60.01
N LEU D 193 -2.89 -46.71 58.85
CA LEU D 193 -2.97 -47.49 57.63
C LEU D 193 -1.93 -48.61 57.64
N ASP D 194 -2.38 -49.83 57.38
CA ASP D 194 -1.47 -50.97 57.38
C ASP D 194 -0.59 -50.94 56.12
N THR D 195 0.50 -51.70 56.18
CA THR D 195 1.47 -51.73 55.09
C THR D 195 1.21 -52.90 54.15
N ASN D 196 1.68 -54.09 54.53
CA ASN D 196 1.57 -55.28 53.68
C ASN D 196 0.24 -56.00 53.84
N LYS D 197 -0.74 -55.39 54.51
CA LYS D 197 -2.05 -55.97 54.72
C LYS D 197 -3.14 -55.01 54.26
N SER D 198 -2.99 -54.48 53.05
CA SER D 198 -3.96 -53.55 52.49
C SER D 198 -3.94 -53.68 50.98
N ARG D 199 -5.07 -54.11 50.41
CA ARG D 199 -5.20 -54.28 48.97
C ARG D 199 -5.81 -53.02 48.36
N PHE D 200 -5.16 -52.50 47.32
CA PHE D 200 -5.60 -51.29 46.63
C PHE D 200 -5.96 -51.61 45.19
N VAL D 201 -6.83 -50.78 44.62
CA VAL D 201 -7.28 -50.93 43.23
C VAL D 201 -7.08 -49.57 42.57
N ASP D 202 -6.20 -49.53 41.56
CA ASP D 202 -5.91 -48.28 40.88
C ASP D 202 -7.01 -47.95 39.87
N PHE D 203 -7.18 -46.66 39.61
CA PHE D 203 -8.18 -46.19 38.67
C PHE D 203 -7.68 -44.90 38.01
N GLN D 204 -8.43 -44.44 37.02
CA GLN D 204 -8.11 -43.22 36.28
C GLN D 204 -9.29 -42.27 36.32
N LYS D 205 -9.02 -40.99 36.55
CA LYS D 205 -10.04 -39.96 36.61
C LYS D 205 -10.00 -39.14 35.34
N VAL D 206 -10.40 -39.78 34.24
CA VAL D 206 -10.40 -39.14 32.92
C VAL D 206 -11.53 -38.13 32.83
N ARG D 207 -11.49 -37.27 31.82
CA ARG D 207 -12.51 -36.25 31.60
C ARG D 207 -13.07 -36.43 30.19
N ILE D 208 -14.35 -36.79 30.10
CA ILE D 208 -14.99 -37.02 28.82
C ILE D 208 -15.48 -35.69 28.25
N GLN D 209 -16.03 -35.73 27.04
CA GLN D 209 -16.53 -34.53 26.38
C GLN D 209 -17.61 -34.92 25.38
N GLU D 210 -18.61 -34.06 25.25
CA GLU D 210 -19.71 -34.33 24.31
C GLU D 210 -19.21 -34.32 22.88
N THR D 211 -19.69 -35.29 22.09
CA THR D 211 -19.29 -35.38 20.71
C THR D 211 -20.02 -34.36 19.85
N GLN D 212 -19.30 -33.75 18.91
CA GLN D 212 -19.87 -32.74 18.02
C GLN D 212 -20.82 -33.32 16.98
N ALA D 213 -20.98 -34.65 16.93
CA ALA D 213 -21.84 -35.30 15.94
C ALA D 213 -23.12 -35.84 16.55
N GLU D 214 -23.51 -35.37 17.73
CA GLU D 214 -24.74 -35.83 18.39
C GLU D 214 -25.48 -34.68 19.06
N LEU D 215 -25.16 -33.43 18.71
CA LEU D 215 -25.80 -32.25 19.28
C LEU D 215 -26.51 -31.50 18.16
N PRO D 216 -27.75 -31.90 17.82
CA PRO D 216 -28.46 -31.19 16.75
C PRO D 216 -28.95 -29.82 17.18
N ARG D 217 -29.45 -29.69 18.40
CA ARG D 217 -29.94 -28.42 18.92
C ARG D 217 -29.32 -28.15 20.28
N GLY D 218 -28.98 -26.89 20.53
CA GLY D 218 -28.37 -26.50 21.79
C GLY D 218 -26.88 -26.76 21.81
N SER D 219 -26.12 -25.80 22.36
CA SER D 219 -24.67 -25.90 22.45
C SER D 219 -24.24 -25.64 23.90
N ILE D 220 -24.48 -26.64 24.75
CA ILE D 220 -24.10 -26.55 26.16
C ILE D 220 -23.07 -27.62 26.46
N PRO D 221 -21.77 -27.33 26.32
CA PRO D 221 -20.75 -28.33 26.58
C PRO D 221 -20.52 -28.54 28.08
N ARG D 222 -20.31 -29.79 28.45
CA ARG D 222 -20.03 -30.17 29.83
C ARG D 222 -19.28 -31.49 29.82
N SER D 223 -19.08 -32.06 31.02
CA SER D 223 -18.35 -33.32 31.16
C SER D 223 -18.99 -34.12 32.31
N LEU D 224 -18.42 -35.29 32.56
CA LEU D 224 -18.91 -36.17 33.61
C LEU D 224 -17.75 -37.01 34.13
N GLU D 225 -17.69 -37.18 35.44
CA GLU D 225 -16.61 -37.96 36.04
C GLU D 225 -16.78 -39.44 35.72
N VAL D 226 -15.73 -40.03 35.16
CA VAL D 226 -15.71 -41.44 34.78
C VAL D 226 -14.56 -42.12 35.50
N ILE D 227 -14.87 -43.20 36.22
CA ILE D 227 -13.87 -43.97 36.95
C ILE D 227 -13.95 -45.42 36.49
N LEU D 228 -12.82 -45.97 36.04
CA LEU D 228 -12.76 -47.34 35.57
C LEU D 228 -12.15 -48.22 36.65
N ARG D 229 -11.90 -49.48 36.29
CA ARG D 229 -11.34 -50.45 37.24
C ARG D 229 -9.82 -50.55 37.10
N ALA D 230 -9.25 -51.64 37.61
CA ALA D 230 -7.81 -51.84 37.59
C ALA D 230 -7.29 -52.26 36.21
N GLU D 231 -7.90 -53.29 35.63
CA GLU D 231 -7.46 -53.81 34.34
C GLU D 231 -7.97 -53.00 33.16
N ALA D 232 -8.64 -51.88 33.41
CA ALA D 232 -9.14 -51.02 32.34
C ALA D 232 -8.19 -49.88 31.99
N VAL D 233 -6.91 -50.01 32.37
CA VAL D 233 -5.92 -48.97 32.11
C VAL D 233 -5.33 -49.19 30.72
N GLU D 234 -4.09 -48.72 30.52
CA GLU D 234 -3.36 -48.86 29.27
C GLU D 234 -4.12 -48.22 28.11
N SER D 235 -5.19 -48.86 27.64
CA SER D 235 -5.97 -48.33 26.52
C SER D 235 -6.80 -47.14 26.95
N ALA D 236 -6.14 -46.01 27.23
CA ALA D 236 -6.84 -44.79 27.63
C ALA D 236 -5.89 -43.61 27.38
N GLN D 237 -5.95 -43.06 26.17
CA GLN D 237 -5.11 -41.94 25.77
C GLN D 237 -5.98 -40.82 25.22
N ALA D 238 -5.38 -39.64 25.09
CA ALA D 238 -6.10 -38.46 24.62
C ALA D 238 -6.49 -38.59 23.16
N GLY D 239 -7.71 -39.04 22.90
CA GLY D 239 -8.18 -39.20 21.53
C GLY D 239 -8.96 -40.48 21.32
N ASP D 240 -9.56 -41.00 22.38
CA ASP D 240 -10.34 -42.23 22.32
C ASP D 240 -11.82 -41.89 22.26
N LYS D 241 -12.48 -42.31 21.18
CA LYS D 241 -13.91 -42.10 20.98
C LYS D 241 -14.74 -43.27 21.48
N CYS D 242 -14.33 -43.87 22.59
CA CYS D 242 -15.03 -45.03 23.13
C CYS D 242 -16.27 -44.60 23.90
N ASP D 243 -17.11 -45.59 24.22
CA ASP D 243 -18.34 -45.38 24.99
C ASP D 243 -18.23 -46.19 26.27
N PHE D 244 -18.11 -45.50 27.40
CA PHE D 244 -17.97 -46.19 28.68
C PHE D 244 -19.28 -46.84 29.08
N THR D 245 -19.16 -47.97 29.79
CA THR D 245 -20.32 -48.73 30.26
C THR D 245 -20.20 -48.94 31.76
N GLY D 246 -21.27 -48.66 32.48
CA GLY D 246 -21.28 -48.82 33.93
C GLY D 246 -22.54 -48.32 34.58
N THR D 247 -22.41 -47.71 35.77
CA THR D 247 -23.55 -47.22 36.51
C THR D 247 -23.19 -45.88 37.14
N LEU D 248 -24.06 -44.90 36.98
CA LEU D 248 -23.82 -43.58 37.56
C LEU D 248 -23.93 -43.64 39.07
N ILE D 249 -22.92 -43.12 39.77
CA ILE D 249 -22.86 -43.14 41.22
C ILE D 249 -22.87 -41.70 41.71
N VAL D 250 -23.64 -41.44 42.76
CA VAL D 250 -23.71 -40.12 43.37
C VAL D 250 -22.78 -40.07 44.57
N VAL D 251 -21.99 -39.01 44.66
CA VAL D 251 -21.04 -38.84 45.75
C VAL D 251 -21.77 -38.44 47.03
N SER D 293 -18.22 -33.14 48.40
CA SER D 293 -19.61 -32.98 48.80
C SER D 293 -20.51 -33.96 48.07
N TYR D 294 -21.48 -33.42 47.32
CA TYR D 294 -22.44 -34.23 46.56
C TYR D 294 -22.20 -33.97 45.08
N ARG D 295 -21.42 -34.84 44.44
CA ARG D 295 -21.09 -34.74 43.03
C ARG D 295 -21.58 -35.98 42.29
N LEU D 296 -21.22 -36.08 41.03
CA LEU D 296 -21.60 -37.20 40.18
C LEU D 296 -20.36 -37.87 39.62
N VAL D 297 -20.39 -39.20 39.54
CA VAL D 297 -19.28 -39.99 39.02
C VAL D 297 -19.84 -41.25 38.38
N PHE D 298 -19.43 -41.52 37.15
CA PHE D 298 -19.89 -42.70 36.41
C PHE D 298 -18.85 -43.80 36.54
N LEU D 299 -19.15 -44.79 37.37
CA LEU D 299 -18.23 -45.91 37.60
C LEU D 299 -18.29 -46.84 36.38
N ALA D 300 -17.24 -46.81 35.57
CA ALA D 300 -17.17 -47.63 34.38
C ALA D 300 -16.56 -49.00 34.71
N CYS D 301 -16.36 -49.81 33.68
CA CYS D 301 -15.78 -51.14 33.86
C CYS D 301 -14.83 -51.47 32.72
N CYS D 302 -15.35 -51.56 31.50
CA CYS D 302 -14.55 -51.90 30.32
C CYS D 302 -14.72 -50.80 29.27
N VAL D 303 -13.89 -50.90 28.22
CA VAL D 303 -13.91 -49.94 27.13
C VAL D 303 -14.11 -50.68 25.82
N ALA D 304 -14.54 -49.94 24.80
CA ALA D 304 -14.76 -50.49 23.47
C ALA D 304 -14.69 -49.39 22.43
N PRO D 305 -13.49 -49.05 21.94
CA PRO D 305 -13.37 -47.98 20.95
C PRO D 305 -13.92 -48.36 19.58
N THR D 306 -15.05 -47.77 19.21
CA THR D 306 -15.67 -48.05 17.92
C THR D 306 -15.89 -46.76 17.13
N ASN D 307 -16.72 -46.82 16.10
CA ASN D 307 -17.00 -45.64 15.29
C ASN D 307 -17.90 -44.68 16.06
N PRO D 308 -17.83 -43.38 15.73
CA PRO D 308 -18.73 -42.41 16.36
C PRO D 308 -20.18 -42.83 16.26
N ARG D 309 -20.94 -42.59 17.33
CA ARG D 309 -22.36 -42.92 17.40
C ARG D 309 -22.58 -44.42 17.14
N PHE D 310 -22.97 -44.76 15.92
CA PHE D 310 -23.22 -46.15 15.55
C PHE D 310 -22.16 -46.56 14.54
N GLY D 311 -22.53 -46.77 13.28
CA GLY D 311 -21.57 -47.13 12.26
C GLY D 311 -21.22 -48.61 12.30
N GLY D 312 -20.10 -48.94 11.67
CA GLY D 312 -19.61 -50.30 11.60
C GLY D 312 -18.75 -50.68 12.79
N LYS D 313 -18.01 -51.77 12.61
CA LYS D 313 -17.12 -52.27 13.65
C LYS D 313 -15.72 -52.56 13.12
N GLU D 314 -15.37 -52.07 11.94
CA GLU D 314 -14.05 -52.31 11.35
C GLU D 314 -13.70 -51.17 10.42
N LEU D 315 -12.49 -50.64 10.57
CA LEU D 315 -12.03 -49.54 9.72
C LEU D 315 -10.57 -49.73 9.35
N ARG D 316 -9.65 -49.27 10.20
CA ARG D 316 -8.22 -49.40 9.95
C ARG D 316 -7.48 -49.86 11.20
N ASP D 317 -8.11 -50.69 12.01
CA ASP D 317 -7.51 -51.19 13.25
C ASP D 317 -7.46 -52.71 13.31
N GLU D 318 -8.54 -53.39 12.97
CA GLU D 318 -8.60 -54.85 13.00
C GLU D 318 -8.75 -55.39 11.59
N GLU D 319 -7.94 -56.39 11.25
CA GLU D 319 -7.97 -57.02 9.94
C GLU D 319 -8.28 -58.50 10.08
N GLN D 320 -9.13 -59.01 9.20
CA GLN D 320 -9.53 -60.41 9.22
C GLN D 320 -9.68 -60.88 7.78
N THR D 321 -10.26 -62.07 7.62
CA THR D 321 -10.47 -62.65 6.30
C THR D 321 -11.78 -62.16 5.73
N ALA D 322 -12.20 -62.74 4.60
CA ALA D 322 -13.44 -62.35 3.94
C ALA D 322 -14.60 -63.28 4.25
N GLU D 323 -14.35 -64.43 4.86
CA GLU D 323 -15.43 -65.36 5.20
C GLU D 323 -16.04 -65.08 6.56
N SER D 324 -15.29 -64.44 7.47
CA SER D 324 -15.81 -64.12 8.79
C SER D 324 -16.57 -62.81 8.84
N ILE D 325 -16.41 -61.94 7.83
CA ILE D 325 -17.14 -60.67 7.83
C ILE D 325 -18.54 -60.84 7.26
N LYS D 326 -18.74 -61.86 6.41
CA LYS D 326 -20.06 -62.06 5.81
C LYS D 326 -21.07 -62.56 6.84
N ASN D 327 -20.61 -63.26 7.88
CA ASN D 327 -21.51 -63.78 8.90
C ASN D 327 -21.99 -62.69 9.86
N GLN D 328 -21.32 -61.55 9.90
CA GLN D 328 -21.71 -60.46 10.79
C GLN D 328 -22.50 -59.36 10.08
N MET D 329 -22.25 -59.13 8.80
CA MET D 329 -22.97 -58.10 8.07
C MET D 329 -24.35 -58.60 7.66
N THR D 330 -25.24 -57.65 7.38
CA THR D 330 -26.60 -57.99 6.98
C THR D 330 -26.62 -58.45 5.52
N VAL D 331 -27.74 -59.09 5.14
CA VAL D 331 -27.89 -59.59 3.78
C VAL D 331 -28.21 -58.47 2.79
N LYS D 332 -28.76 -57.35 3.27
CA LYS D 332 -29.11 -56.25 2.39
C LYS D 332 -27.91 -55.45 1.91
N GLU D 333 -26.74 -55.64 2.52
CA GLU D 333 -25.52 -54.94 2.15
C GLU D 333 -24.64 -55.76 1.22
N TRP D 334 -25.19 -56.79 0.58
CA TRP D 334 -24.43 -57.66 -0.32
C TRP D 334 -24.75 -57.38 -1.78
N GLU D 335 -26.02 -57.52 -2.17
CA GLU D 335 -26.41 -57.30 -3.56
C GLU D 335 -26.43 -55.81 -3.91
N LYS D 336 -26.42 -54.92 -2.92
CA LYS D 336 -26.44 -53.49 -3.21
C LYS D 336 -25.09 -53.01 -3.73
N VAL D 337 -24.00 -53.56 -3.18
CA VAL D 337 -22.65 -53.18 -3.58
C VAL D 337 -22.05 -54.18 -4.56
N PHE D 338 -22.86 -55.08 -5.12
CA PHE D 338 -22.40 -56.08 -6.07
C PHE D 338 -22.79 -55.76 -7.50
N GLU D 339 -24.07 -55.53 -7.76
CA GLU D 339 -24.53 -55.22 -9.11
C GLU D 339 -24.28 -53.78 -9.50
N MET D 340 -24.08 -52.89 -8.53
CA MET D 340 -23.83 -51.48 -8.80
C MET D 340 -22.35 -51.15 -8.97
N SER D 341 -21.46 -52.07 -8.59
CA SER D 341 -20.03 -51.84 -8.72
C SER D 341 -19.47 -52.26 -10.07
N GLN D 342 -20.30 -52.86 -10.94
CA GLN D 342 -19.87 -53.30 -12.26
C GLN D 342 -20.23 -52.30 -13.35
N ASP D 343 -20.77 -51.14 -13.00
CA ASP D 343 -21.15 -50.15 -13.99
C ASP D 343 -19.92 -49.37 -14.45
N LYS D 344 -20.11 -48.59 -15.53
CA LYS D 344 -19.03 -47.78 -16.09
C LYS D 344 -19.07 -46.34 -15.64
N ASN D 345 -20.24 -45.83 -15.24
CA ASN D 345 -20.39 -44.45 -14.79
C ASN D 345 -20.60 -44.37 -13.28
N LEU D 346 -20.04 -45.30 -12.52
CA LEU D 346 -20.20 -45.28 -11.07
C LEU D 346 -19.50 -44.06 -10.46
N TYR D 347 -18.40 -43.62 -11.05
CA TYR D 347 -17.68 -42.46 -10.53
C TYR D 347 -18.40 -41.16 -10.86
N HIS D 348 -19.28 -41.15 -11.87
CA HIS D 348 -19.98 -39.95 -12.27
C HIS D 348 -21.39 -39.85 -11.71
N ASN D 349 -22.08 -40.99 -11.53
CA ASN D 349 -23.45 -40.95 -11.02
C ASN D 349 -23.50 -40.55 -9.55
N LEU D 350 -22.39 -40.73 -8.82
CA LEU D 350 -22.36 -40.35 -7.42
C LEU D 350 -22.06 -38.87 -7.20
N CYS D 351 -21.85 -38.11 -8.28
CA CYS D 351 -21.57 -36.69 -8.13
C CYS D 351 -22.83 -35.85 -8.17
N THR D 352 -23.80 -36.21 -9.01
CA THR D 352 -25.04 -35.46 -9.10
C THR D 352 -26.03 -35.88 -8.01
N SER D 353 -26.01 -37.16 -7.62
CA SER D 353 -26.93 -37.64 -6.61
C SER D 353 -26.64 -37.10 -5.22
N LEU D 354 -25.47 -36.49 -5.01
CA LEU D 354 -25.12 -35.93 -3.72
C LEU D 354 -25.26 -34.41 -3.68
N PHE D 355 -25.03 -33.72 -4.80
CA PHE D 355 -25.11 -32.27 -4.88
C PHE D 355 -26.15 -31.89 -5.93
N PRO D 356 -27.44 -31.94 -5.59
CA PRO D 356 -28.47 -31.55 -6.57
C PRO D 356 -28.61 -30.04 -6.74
N THR D 357 -28.16 -29.25 -5.77
CA THR D 357 -28.27 -27.80 -5.84
C THR D 357 -27.11 -27.14 -6.56
N ILE D 358 -26.15 -27.93 -7.04
CA ILE D 358 -24.98 -27.42 -7.75
C ILE D 358 -25.12 -27.80 -9.22
N HIS D 359 -25.19 -26.78 -10.08
CA HIS D 359 -25.34 -26.99 -11.51
C HIS D 359 -24.00 -26.78 -12.20
N GLY D 360 -23.59 -27.76 -13.01
CA GLY D 360 -22.33 -27.66 -13.70
C GLY D 360 -21.14 -27.84 -12.77
N ASN D 361 -19.97 -27.45 -13.29
CA ASN D 361 -18.71 -27.54 -12.56
C ASN D 361 -18.43 -28.96 -12.09
N ASP D 362 -17.99 -29.82 -13.01
CA ASP D 362 -17.69 -31.21 -12.68
C ASP D 362 -16.33 -31.38 -12.02
N GLU D 363 -15.52 -30.32 -11.96
CA GLU D 363 -14.20 -30.42 -11.33
C GLU D 363 -14.26 -30.38 -9.81
N VAL D 364 -15.35 -29.86 -9.24
CA VAL D 364 -15.51 -29.79 -7.79
C VAL D 364 -16.32 -30.95 -7.23
N LYS D 365 -17.06 -31.67 -8.06
CA LYS D 365 -17.85 -32.81 -7.59
C LYS D 365 -17.06 -34.10 -7.57
N ARG D 366 -16.03 -34.23 -8.43
CA ARG D 366 -15.22 -35.43 -8.47
C ARG D 366 -14.06 -35.41 -7.48
N GLY D 367 -13.80 -34.28 -6.84
CA GLY D 367 -12.73 -34.18 -5.88
C GLY D 367 -13.22 -34.33 -4.44
N VAL D 368 -14.49 -34.01 -4.21
CA VAL D 368 -15.04 -34.13 -2.86
C VAL D 368 -15.32 -35.60 -2.52
N LEU D 369 -15.71 -36.41 -3.51
CA LEU D 369 -15.93 -37.82 -3.25
C LEU D 369 -14.62 -38.55 -2.96
N LEU D 370 -13.56 -38.19 -3.67
CA LEU D 370 -12.25 -38.78 -3.43
C LEU D 370 -11.60 -38.26 -2.16
N MET D 371 -12.12 -37.17 -1.59
CA MET D 371 -11.56 -36.62 -0.36
C MET D 371 -11.79 -37.56 0.82
N LEU D 372 -12.94 -38.22 0.86
CA LEU D 372 -13.24 -39.12 1.97
C LEU D 372 -12.32 -40.33 1.97
N PHE D 373 -12.08 -40.92 0.79
CA PHE D 373 -11.20 -42.07 0.68
C PHE D 373 -9.75 -41.64 0.52
N GLY D 374 -9.30 -41.53 -0.72
CA GLY D 374 -7.93 -41.12 -0.96
C GLY D 374 -6.94 -42.25 -0.72
N GLY D 375 -5.71 -41.85 -0.40
CA GLY D 375 -4.65 -42.80 -0.15
C GLY D 375 -4.80 -43.48 1.20
N VAL D 376 -3.87 -44.39 1.47
CA VAL D 376 -3.87 -45.15 2.72
C VAL D 376 -2.57 -44.89 3.47
N PRO D 377 -2.59 -44.84 4.81
CA PRO D 377 -1.34 -44.63 5.55
C PRO D 377 -0.45 -45.86 5.54
N LYS D 378 0.49 -45.90 4.61
CA LYS D 378 1.40 -47.03 4.47
C LYS D 378 2.50 -46.97 5.53
N THR D 379 3.46 -47.88 5.38
CA THR D 379 4.61 -47.97 6.29
C THR D 379 5.87 -48.17 5.47
N THR D 380 6.88 -47.36 5.74
CA THR D 380 8.14 -47.43 5.00
C THR D 380 8.96 -48.63 5.51
N GLY D 381 10.21 -48.72 5.05
CA GLY D 381 11.03 -49.85 5.44
C GLY D 381 11.47 -49.78 6.89
N GLU D 382 11.85 -48.59 7.35
CA GLU D 382 12.31 -48.43 8.73
C GLU D 382 11.16 -48.43 9.72
N GLY D 383 9.91 -48.36 9.26
CA GLY D 383 8.76 -48.36 10.14
C GLY D 383 8.27 -46.97 10.49
N THR D 384 8.19 -46.10 9.49
CA THR D 384 7.74 -44.73 9.67
C THR D 384 6.67 -44.41 8.62
N SER D 385 5.47 -44.10 9.08
CA SER D 385 4.35 -43.78 8.20
C SER D 385 4.49 -42.34 7.71
N LEU D 386 4.40 -42.14 6.40
CA LEU D 386 4.52 -40.81 5.82
C LEU D 386 3.14 -40.20 5.58
N ARG D 387 2.81 -39.96 4.31
CA ARG D 387 1.52 -39.38 3.96
C ARG D 387 0.48 -40.49 3.78
N GLY D 388 -0.64 -40.16 3.15
CA GLY D 388 -1.69 -41.13 2.92
C GLY D 388 -3.07 -40.52 2.90
N ASP D 389 -3.16 -39.26 2.49
CA ASP D 389 -4.44 -38.56 2.42
C ASP D 389 -4.32 -37.43 1.42
N ILE D 390 -5.39 -37.17 0.69
CA ILE D 390 -5.42 -36.16 -0.35
C ILE D 390 -5.94 -34.85 0.23
N ASN D 391 -5.39 -33.74 -0.25
CA ASN D 391 -5.81 -32.41 0.17
C ASN D 391 -6.17 -31.58 -1.05
N VAL D 392 -7.21 -30.76 -0.93
CA VAL D 392 -7.67 -29.90 -2.01
C VAL D 392 -8.21 -28.61 -1.43
N CYS D 393 -8.19 -27.55 -2.25
CA CYS D 393 -8.69 -26.25 -1.84
C CYS D 393 -9.09 -25.47 -3.08
N ILE D 394 -10.12 -24.63 -2.93
CA ILE D 394 -10.64 -23.85 -4.04
C ILE D 394 -10.43 -22.36 -3.74
N VAL D 395 -10.42 -21.57 -4.80
CA VAL D 395 -10.24 -20.13 -4.68
C VAL D 395 -10.84 -19.47 -5.92
N GLY D 396 -11.42 -18.30 -5.73
CA GLY D 396 -12.03 -17.57 -6.82
C GLY D 396 -13.48 -17.25 -6.58
N ASP D 397 -13.85 -17.04 -5.31
CA ASP D 397 -15.22 -16.75 -4.92
C ASP D 397 -15.19 -16.04 -3.58
N PRO D 398 -15.74 -14.83 -3.47
CA PRO D 398 -15.70 -14.11 -2.20
C PRO D 398 -16.71 -14.63 -1.19
N SER D 399 -16.66 -15.93 -0.89
CA SER D 399 -17.53 -16.57 0.09
C SER D 399 -19.01 -16.33 -0.23
N THR D 400 -19.37 -16.52 -1.50
CA THR D 400 -20.74 -16.36 -1.96
C THR D 400 -21.39 -17.66 -2.40
N ALA D 401 -20.62 -18.59 -2.94
CA ALA D 401 -21.14 -19.88 -3.39
C ALA D 401 -20.33 -21.06 -2.91
N LYS D 402 -19.12 -20.85 -2.39
CA LYS D 402 -18.30 -21.95 -1.89
C LYS D 402 -18.70 -22.39 -0.48
N SER D 403 -19.59 -21.67 0.18
CA SER D 403 -20.00 -22.03 1.53
C SER D 403 -20.84 -23.29 1.55
N GLN D 404 -21.56 -23.60 0.47
CA GLN D 404 -22.38 -24.80 0.42
C GLN D 404 -21.53 -26.06 0.26
N PHE D 405 -20.29 -25.94 -0.21
CA PHE D 405 -19.44 -27.11 -0.37
C PHE D 405 -18.98 -27.66 0.98
N LEU D 406 -18.86 -26.80 1.99
CA LEU D 406 -18.46 -27.24 3.31
C LEU D 406 -19.63 -27.66 4.18
N LYS D 407 -20.85 -27.24 3.85
CA LYS D 407 -22.02 -27.62 4.63
C LYS D 407 -22.52 -29.01 4.29
N HIS D 408 -22.46 -29.39 3.00
CA HIS D 408 -22.92 -30.72 2.60
C HIS D 408 -22.02 -31.81 3.17
N VAL D 409 -20.74 -31.52 3.40
CA VAL D 409 -19.83 -32.49 3.98
C VAL D 409 -19.98 -32.55 5.49
N GLU D 410 -20.27 -31.43 6.14
CA GLU D 410 -20.42 -31.42 7.60
C GLU D 410 -21.64 -32.22 8.03
N GLU D 411 -22.75 -32.11 7.30
CA GLU D 411 -23.95 -32.86 7.66
C GLU D 411 -23.81 -34.33 7.31
N PHE D 412 -23.15 -34.63 6.19
CA PHE D 412 -22.97 -36.02 5.76
C PHE D 412 -21.96 -36.73 6.65
N SER D 413 -20.68 -36.37 6.51
CA SER D 413 -19.63 -37.00 7.30
C SER D 413 -19.65 -36.46 8.72
N PRO D 414 -19.85 -37.29 9.73
CA PRO D 414 -19.87 -36.80 11.11
C PRO D 414 -18.49 -36.41 11.63
N ARG D 415 -17.41 -36.92 11.03
CA ARG D 415 -16.06 -36.60 11.48
C ARG D 415 -15.53 -35.40 10.70
N ALA D 416 -16.11 -34.24 11.02
CA ALA D 416 -15.73 -33.00 10.37
C ALA D 416 -16.05 -31.84 11.29
N VAL D 417 -15.24 -30.78 11.18
CA VAL D 417 -15.43 -29.58 11.99
C VAL D 417 -15.78 -28.42 11.08
N TYR D 418 -15.97 -27.23 11.67
CA TYR D 418 -16.30 -26.04 10.90
C TYR D 418 -15.86 -24.82 11.69
N THR D 419 -14.99 -24.00 11.11
CA THR D 419 -14.51 -22.80 11.76
C THR D 419 -14.14 -21.77 10.71
N SER D 420 -13.93 -20.53 11.15
CA SER D 420 -13.56 -19.43 10.29
C SER D 420 -12.11 -19.02 10.57
N GLY D 421 -11.73 -17.85 10.06
CA GLY D 421 -10.38 -17.35 10.23
C GLY D 421 -10.07 -16.87 11.64
N LYS D 422 -10.83 -15.88 12.10
CA LYS D 422 -10.60 -15.32 13.43
C LYS D 422 -11.06 -16.24 14.56
N ALA D 423 -11.87 -17.26 14.25
CA ALA D 423 -12.34 -18.18 15.28
C ALA D 423 -11.25 -19.14 15.74
N SER D 424 -10.16 -19.26 14.99
CA SER D 424 -9.05 -20.15 15.33
C SER D 424 -7.80 -19.31 15.51
N SER D 425 -7.27 -19.29 16.74
CA SER D 425 -6.09 -18.51 17.04
C SER D 425 -4.81 -19.29 16.71
N ALA D 426 -3.84 -19.26 17.62
CA ALA D 426 -2.59 -19.99 17.39
C ALA D 426 -2.79 -21.48 17.64
N ALA D 427 -3.40 -21.84 18.75
CA ALA D 427 -3.66 -23.23 19.11
C ALA D 427 -5.18 -23.46 19.09
N GLY D 428 -5.76 -24.19 20.04
CA GLY D 428 -7.19 -24.41 20.06
C GLY D 428 -7.61 -25.61 19.24
N LEU D 429 -7.21 -25.65 17.97
CA LEU D 429 -7.56 -26.76 17.09
C LEU D 429 -6.51 -27.85 17.05
N THR D 430 -5.28 -27.55 17.47
CA THR D 430 -4.21 -28.54 17.48
C THR D 430 -4.07 -29.19 18.85
N ALA D 431 -3.41 -28.51 19.78
CA ALA D 431 -3.22 -29.02 21.13
C ALA D 431 -3.03 -27.84 22.06
N ALA D 432 -4.03 -27.58 22.90
CA ALA D 432 -3.98 -26.48 23.85
C ALA D 432 -3.42 -26.96 25.19
N VAL D 433 -2.61 -26.11 25.82
CA VAL D 433 -1.99 -26.42 27.10
C VAL D 433 -2.33 -25.31 28.08
N VAL D 434 -2.83 -25.69 29.26
CA VAL D 434 -3.19 -24.73 30.29
C VAL D 434 -3.12 -25.44 31.64
N ARG D 435 -2.66 -24.71 32.66
CA ARG D 435 -2.53 -25.28 33.99
C ARG D 435 -3.92 -25.50 34.60
N ASP D 436 -4.09 -26.67 35.22
CA ASP D 436 -5.38 -27.00 35.82
C ASP D 436 -5.62 -26.15 37.06
N GLU D 437 -6.91 -25.91 37.35
CA GLU D 437 -7.30 -25.07 38.47
C GLU D 437 -7.46 -25.87 39.77
N GLU D 438 -7.83 -27.14 39.68
CA GLU D 438 -8.04 -27.98 40.86
C GLU D 438 -6.96 -29.06 41.00
N SER D 439 -5.81 -28.87 40.35
CA SER D 439 -4.72 -29.84 40.45
C SER D 439 -3.37 -29.12 40.37
N HIS D 440 -3.34 -27.98 39.68
CA HIS D 440 -2.13 -27.18 39.51
C HIS D 440 -1.01 -28.00 38.85
N GLU D 441 -1.27 -28.38 37.61
CA GLU D 441 -0.33 -29.18 36.83
C GLU D 441 -0.59 -28.93 35.35
N PHE D 442 0.49 -28.80 34.58
CA PHE D 442 0.39 -28.52 33.15
C PHE D 442 -0.16 -29.75 32.43
N VAL D 443 -1.39 -29.65 31.94
CA VAL D 443 -2.03 -30.75 31.22
C VAL D 443 -2.02 -30.46 29.72
N ILE D 444 -2.45 -31.42 28.92
CA ILE D 444 -2.51 -31.29 27.47
C ILE D 444 -3.95 -31.54 27.04
N GLU D 445 -4.53 -30.57 26.34
CA GLU D 445 -5.90 -30.68 25.85
C GLU D 445 -5.91 -30.84 24.34
N ALA D 446 -6.67 -31.82 23.86
CA ALA D 446 -6.77 -32.08 22.44
C ALA D 446 -7.57 -30.97 21.74
N GLY D 447 -7.34 -30.84 20.44
CA GLY D 447 -8.01 -29.85 19.63
C GLY D 447 -9.03 -30.45 18.70
N ALA D 448 -9.34 -29.71 17.62
CA ALA D 448 -10.31 -30.19 16.65
C ALA D 448 -9.67 -31.14 15.64
N LEU D 449 -8.35 -31.04 15.44
CA LEU D 449 -7.68 -31.92 14.50
C LEU D 449 -7.48 -33.32 15.06
N MET D 450 -7.56 -33.47 16.38
CA MET D 450 -7.37 -34.79 16.99
C MET D 450 -8.68 -35.54 17.13
N LEU D 451 -9.82 -34.83 17.15
CA LEU D 451 -11.10 -35.50 17.29
C LEU D 451 -11.62 -36.00 15.96
N ALA D 452 -11.24 -35.35 14.86
CA ALA D 452 -11.68 -35.76 13.52
C ALA D 452 -10.60 -36.62 12.85
N ASP D 453 -10.23 -37.69 13.54
CA ASP D 453 -9.22 -38.61 13.03
C ASP D 453 -9.76 -39.40 11.85
N ASN D 454 -8.91 -39.57 10.84
CA ASN D 454 -9.27 -40.30 9.61
C ASN D 454 -10.49 -39.68 8.94
N GLY D 455 -10.54 -38.35 8.91
CA GLY D 455 -11.64 -37.64 8.30
C GLY D 455 -11.21 -36.44 7.49
N VAL D 456 -11.90 -35.32 7.67
CA VAL D 456 -11.59 -34.09 6.95
C VAL D 456 -12.07 -32.89 7.75
N CYS D 457 -11.21 -31.89 7.91
CA CYS D 457 -11.55 -30.67 8.63
C CYS D 457 -11.83 -29.56 7.63
N CYS D 458 -12.87 -28.77 7.91
CA CYS D 458 -13.29 -27.68 7.03
C CYS D 458 -12.84 -26.35 7.61
N ILE D 459 -12.47 -25.44 6.71
CA ILE D 459 -12.02 -24.09 7.09
C ILE D 459 -12.27 -23.16 5.92
N ASP D 460 -12.90 -22.02 6.21
CA ASP D 460 -13.23 -21.03 5.20
C ASP D 460 -12.62 -19.69 5.58
N GLU D 461 -12.53 -18.80 4.58
CA GLU D 461 -11.92 -17.48 4.73
C GLU D 461 -10.49 -17.58 5.24
N PHE D 462 -9.55 -17.81 4.32
CA PHE D 462 -8.14 -17.95 4.66
C PHE D 462 -7.39 -16.62 4.63
N ASP D 463 -8.09 -15.50 4.79
CA ASP D 463 -7.50 -14.18 4.75
C ASP D 463 -7.44 -13.51 6.12
N LYS D 464 -8.54 -13.54 6.87
CA LYS D 464 -8.60 -12.90 8.19
C LYS D 464 -7.91 -13.79 9.23
N MET D 465 -6.59 -13.86 9.11
CA MET D 465 -5.78 -14.65 10.01
C MET D 465 -4.35 -14.14 9.99
N ASP D 466 -3.63 -14.38 11.09
CA ASP D 466 -2.25 -13.94 11.21
C ASP D 466 -1.30 -14.93 10.55
N VAL D 467 -0.04 -14.94 10.99
CA VAL D 467 0.97 -15.84 10.44
C VAL D 467 1.41 -16.91 11.43
N ARG D 468 1.15 -16.74 12.72
CA ARG D 468 1.54 -17.71 13.71
C ARG D 468 0.71 -18.99 13.67
N ASP D 469 -0.52 -18.91 13.15
CA ASP D 469 -1.37 -20.09 13.09
C ASP D 469 -1.01 -21.00 11.93
N GLN D 470 -0.50 -20.44 10.82
CA GLN D 470 -0.11 -21.27 9.69
C GLN D 470 1.16 -22.06 9.97
N VAL D 471 2.04 -21.53 10.82
CA VAL D 471 3.28 -22.23 11.12
C VAL D 471 3.01 -23.46 11.99
N ALA D 472 2.07 -23.35 12.92
CA ALA D 472 1.76 -24.45 13.82
C ALA D 472 0.98 -25.58 13.15
N ILE D 473 0.52 -25.38 11.91
CA ILE D 473 -0.25 -26.38 11.20
C ILE D 473 0.49 -26.90 9.96
N HIS D 474 1.76 -26.54 9.80
CA HIS D 474 2.53 -27.03 8.66
C HIS D 474 2.79 -28.52 8.71
N GLU D 475 2.72 -29.12 9.91
CA GLU D 475 2.94 -30.55 10.08
C GLU D 475 1.65 -31.36 9.96
N ALA D 476 0.62 -30.79 9.32
CA ALA D 476 -0.66 -31.47 9.17
C ALA D 476 -0.92 -31.98 7.76
N MET D 477 -0.48 -31.26 6.73
CA MET D 477 -0.67 -31.68 5.34
C MET D 477 0.51 -32.44 4.77
N GLU D 478 1.65 -32.48 5.48
CA GLU D 478 2.83 -33.18 5.02
C GLU D 478 3.19 -34.38 5.88
N GLN D 479 3.05 -34.28 7.20
CA GLN D 479 3.36 -35.38 8.10
C GLN D 479 2.13 -35.97 8.78
N GLN D 480 1.03 -35.23 8.86
CA GLN D 480 -0.21 -35.68 9.50
C GLN D 480 0.05 -36.13 10.95
N THR D 481 0.72 -35.28 11.71
CA THR D 481 1.04 -35.56 13.09
C THR D 481 1.14 -34.25 13.87
N ILE D 482 1.04 -34.36 15.19
CA ILE D 482 1.13 -33.21 16.09
C ILE D 482 2.28 -33.47 17.06
N SER D 483 3.27 -32.58 17.06
CA SER D 483 4.44 -32.68 17.92
C SER D 483 4.60 -31.34 18.64
N ILE D 484 3.93 -31.19 19.78
CA ILE D 484 3.98 -29.97 20.58
C ILE D 484 4.51 -30.33 21.96
N THR D 485 5.66 -29.76 22.31
CA THR D 485 6.29 -29.98 23.60
C THR D 485 6.50 -28.62 24.27
N LYS D 486 5.59 -28.46 24.77
CA LYS D 486 5.64 -27.18 25.47
C LYS D 486 5.82 -27.44 26.96
N ALA D 487 6.69 -26.64 27.58
CA ALA D 487 6.97 -26.72 29.03
C ALA D 487 7.45 -28.11 29.42
N GLY D 488 8.27 -28.57 28.98
CA GLY D 488 8.81 -29.89 29.25
C GLY D 488 7.78 -30.99 29.29
N VAL D 489 6.61 -30.78 28.68
CA VAL D 489 5.54 -31.78 28.65
C VAL D 489 5.47 -32.32 27.23
N LYS D 490 5.87 -33.58 27.06
CA LYS D 490 5.85 -34.21 25.75
C LYS D 490 4.42 -34.56 25.36
N ALA D 491 4.04 -34.22 24.12
CA ALA D 491 2.71 -34.49 23.60
C ALA D 491 2.82 -34.69 22.08
N THR D 492 3.42 -35.82 21.70
CA THR D 492 3.60 -36.18 20.29
C THR D 492 2.53 -37.18 19.91
N LEU D 493 1.55 -36.73 19.12
CA LEU D 493 0.44 -37.57 18.67
C LEU D 493 0.44 -37.60 17.14
N ASN D 494 -0.66 -38.11 16.58
CA ASN D 494 -0.81 -38.21 15.13
C ASN D 494 -2.28 -38.16 14.77
N ALA D 495 -2.57 -37.62 13.59
CA ALA D 495 -3.94 -37.50 13.12
C ALA D 495 -3.93 -37.46 11.59
N ARG D 496 -4.70 -38.35 10.97
CA ARG D 496 -4.78 -38.42 9.52
C ARG D 496 -6.00 -37.64 9.01
N THR D 497 -6.00 -36.35 9.31
CA THR D 497 -7.09 -35.47 8.92
C THR D 497 -6.65 -34.56 7.78
N SER D 498 -7.43 -34.58 6.69
CA SER D 498 -7.12 -33.75 5.53
C SER D 498 -7.63 -32.34 5.74
N ILE D 499 -6.91 -31.37 5.20
CA ILE D 499 -7.25 -29.96 5.33
C ILE D 499 -8.05 -29.54 4.11
N LEU D 500 -9.32 -29.19 4.33
CA LEU D 500 -10.18 -28.72 3.24
C LEU D 500 -10.22 -27.19 3.27
N ALA D 501 -9.10 -26.60 2.85
CA ALA D 501 -8.95 -25.16 2.87
C ALA D 501 -9.81 -24.52 1.78
N ALA D 502 -9.93 -23.19 1.85
CA ALA D 502 -10.70 -22.42 0.87
C ALA D 502 -10.10 -21.01 0.84
N ALA D 503 -9.14 -20.82 -0.07
CA ALA D 503 -8.47 -19.54 -0.19
C ALA D 503 -9.41 -18.48 -0.73
N ASN D 504 -9.16 -17.23 -0.36
CA ASN D 504 -9.96 -16.09 -0.77
C ASN D 504 -9.08 -15.03 -1.41
N PRO D 505 -9.51 -14.45 -2.52
CA PRO D 505 -8.70 -13.43 -3.19
C PRO D 505 -8.51 -12.19 -2.31
N ILE D 506 -7.52 -11.38 -2.70
CA ILE D 506 -7.23 -10.17 -1.94
C ILE D 506 -8.32 -9.13 -2.14
N SER D 507 -8.61 -8.78 -3.39
CA SER D 507 -9.64 -7.80 -3.72
C SER D 507 -11.00 -8.43 -3.93
N GLY D 508 -11.20 -9.66 -3.50
CA GLY D 508 -12.47 -10.36 -3.65
C GLY D 508 -12.65 -11.11 -4.95
N HIS D 509 -12.34 -10.46 -6.07
CA HIS D 509 -12.45 -11.06 -7.39
C HIS D 509 -11.08 -11.22 -8.01
N TYR D 510 -11.00 -12.10 -9.00
CA TYR D 510 -9.75 -12.35 -9.70
C TYR D 510 -9.45 -11.21 -10.67
N ASP D 511 -8.37 -10.49 -10.42
CA ASP D 511 -7.97 -9.37 -11.26
C ASP D 511 -7.20 -9.88 -12.47
N ARG D 512 -7.68 -9.54 -13.67
CA ARG D 512 -7.03 -9.98 -14.90
C ARG D 512 -5.75 -9.21 -15.19
N SER D 513 -5.59 -8.01 -14.65
CA SER D 513 -4.38 -7.24 -14.91
C SER D 513 -3.19 -7.78 -14.11
N LYS D 514 -3.39 -8.12 -12.85
CA LYS D 514 -2.33 -8.66 -12.02
C LYS D 514 -2.03 -10.10 -12.41
N SER D 515 -0.92 -10.62 -11.88
CA SER D 515 -0.52 -11.99 -12.14
C SER D 515 -1.35 -12.95 -11.29
N LEU D 516 -1.19 -14.25 -11.56
CA LEU D 516 -1.94 -15.26 -10.83
C LEU D 516 -1.40 -15.47 -9.42
N LYS D 517 -0.19 -14.99 -9.13
CA LYS D 517 0.39 -15.09 -7.80
C LYS D 517 0.20 -13.81 -6.98
N GLN D 518 -0.39 -12.77 -7.56
CA GLN D 518 -0.60 -11.51 -6.86
C GLN D 518 -2.03 -11.36 -6.34
N ASN D 519 -2.92 -12.30 -6.66
CA ASN D 519 -4.30 -12.25 -6.20
C ASN D 519 -4.54 -13.10 -4.96
N ILE D 520 -3.60 -13.96 -4.58
CA ILE D 520 -3.73 -14.82 -3.41
C ILE D 520 -2.67 -14.44 -2.39
N ASN D 521 -2.93 -14.80 -1.13
CA ASN D 521 -2.02 -14.53 -0.03
C ASN D 521 -1.15 -15.72 0.32
N LEU D 522 -1.35 -16.87 -0.32
CA LEU D 522 -0.54 -18.05 -0.04
C LEU D 522 0.85 -17.89 -0.64
N SER D 523 1.87 -18.25 0.12
CA SER D 523 3.25 -18.13 -0.32
C SER D 523 3.69 -19.43 -1.00
N ALA D 524 4.98 -19.74 -0.94
CA ALA D 524 5.51 -20.95 -1.56
C ALA D 524 5.62 -22.12 -0.58
N PRO D 525 6.12 -21.93 0.65
CA PRO D 525 6.15 -23.07 1.58
C PRO D 525 4.77 -23.60 1.94
N ILE D 526 3.74 -22.77 1.86
CA ILE D 526 2.38 -23.24 2.16
C ILE D 526 1.85 -24.10 1.03
N MET D 527 2.02 -23.64 -0.22
CA MET D 527 1.53 -24.39 -1.36
C MET D 527 2.40 -25.61 -1.68
N SER D 528 3.65 -25.62 -1.24
CA SER D 528 4.51 -26.77 -1.50
C SER D 528 4.09 -27.98 -0.68
N ARG D 529 3.71 -27.77 0.59
CA ARG D 529 3.26 -28.87 1.43
C ARG D 529 1.85 -29.30 1.11
N PHE D 530 1.08 -28.48 0.39
CA PHE D 530 -0.30 -28.81 0.06
C PHE D 530 -0.34 -29.65 -1.21
N ASP D 531 -1.40 -30.45 -1.32
CA ASP D 531 -1.56 -31.36 -2.45
C ASP D 531 -2.25 -30.69 -3.63
N LEU D 532 -3.47 -31.12 -3.93
CA LEU D 532 -4.18 -30.61 -5.08
C LEU D 532 -4.65 -29.18 -4.83
N PHE D 533 -4.66 -28.37 -5.88
CA PHE D 533 -5.05 -26.97 -5.80
C PHE D 533 -5.94 -26.65 -6.99
N PHE D 534 -7.23 -26.42 -6.73
CA PHE D 534 -8.20 -26.08 -7.77
C PHE D 534 -8.60 -24.62 -7.67
N ILE D 535 -9.07 -24.09 -8.79
CA ILE D 535 -9.54 -22.71 -8.88
C ILE D 535 -10.93 -22.72 -9.53
N LEU D 536 -11.87 -21.98 -8.93
CA LEU D 536 -13.22 -21.92 -9.47
C LEU D 536 -13.23 -21.23 -10.82
N VAL D 537 -13.86 -21.87 -11.79
CA VAL D 537 -13.93 -21.33 -13.15
C VAL D 537 -14.95 -20.21 -13.20
N ASP D 538 -14.54 -19.05 -13.70
CA ASP D 538 -15.40 -17.88 -13.83
C ASP D 538 -15.66 -17.61 -15.31
N GLU D 539 -16.92 -17.68 -15.70
CA GLU D 539 -17.34 -17.45 -17.09
C GLU D 539 -18.29 -16.27 -17.13
N CYS D 540 -18.01 -15.31 -18.02
CA CYS D 540 -18.83 -14.12 -18.19
C CYS D 540 -19.66 -14.17 -19.46
N ASN D 541 -20.28 -15.31 -19.74
CA ASN D 541 -21.09 -15.49 -20.93
C ASN D 541 -22.58 -15.42 -20.57
N GLU D 542 -23.40 -15.19 -21.59
CA GLU D 542 -24.85 -15.09 -21.40
C GLU D 542 -25.49 -16.45 -21.11
N VAL D 543 -24.77 -17.55 -21.33
CA VAL D 543 -25.33 -18.87 -21.08
C VAL D 543 -25.05 -19.35 -19.65
N THR D 544 -24.10 -18.73 -18.95
CA THR D 544 -23.79 -19.15 -17.58
C THR D 544 -24.91 -18.78 -16.62
N ASP D 545 -25.33 -17.50 -16.65
CA ASP D 545 -26.39 -17.05 -15.75
C ASP D 545 -27.76 -17.54 -16.20
N TYR D 546 -27.90 -17.98 -17.46
CA TYR D 546 -29.20 -18.46 -17.94
C TYR D 546 -29.49 -19.88 -17.47
N ALA D 547 -28.45 -20.69 -17.25
CA ALA D 547 -28.63 -22.06 -16.81
C ALA D 547 -28.67 -22.20 -15.29
N ILE D 548 -27.91 -21.38 -14.57
CA ILE D 548 -27.90 -21.47 -13.11
C ILE D 548 -29.16 -20.87 -12.52
N ALA D 549 -29.82 -19.94 -13.24
CA ALA D 549 -31.04 -19.34 -12.72
C ALA D 549 -32.22 -20.29 -12.77
N ARG D 550 -32.18 -21.26 -13.68
CA ARG D 550 -33.28 -22.22 -13.77
C ARG D 550 -33.28 -23.19 -12.59
N ARG D 551 -32.10 -23.50 -12.04
CA ARG D 551 -32.03 -24.40 -10.90
C ARG D 551 -32.49 -23.74 -9.61
N ILE D 552 -32.33 -22.41 -9.51
CA ILE D 552 -32.79 -21.70 -8.32
C ILE D 552 -34.31 -21.60 -8.29
N VAL D 553 -34.92 -21.43 -9.47
CA VAL D 553 -36.38 -21.34 -9.53
C VAL D 553 -37.02 -22.68 -9.17
N ASP D 554 -36.47 -23.77 -9.69
CA ASP D 554 -37.04 -25.09 -9.41
C ASP D 554 -36.85 -25.51 -7.96
N LEU D 555 -35.90 -24.90 -7.24
CA LEU D 555 -35.64 -25.24 -5.85
C LEU D 555 -36.53 -24.46 -4.89
N HIS D 556 -36.76 -23.18 -5.16
CA HIS D 556 -37.57 -22.36 -4.28
C HIS D 556 -39.07 -22.51 -4.53
N SER D 557 -39.46 -22.97 -5.70
CA SER D 557 -40.87 -23.15 -6.02
C SER D 557 -41.37 -24.56 -5.68
N ARG D 558 -40.59 -25.58 -6.03
CA ARG D 558 -40.94 -26.97 -5.76
C ARG D 558 -40.14 -27.42 -4.53
N ILE D 559 -40.74 -27.26 -3.36
CA ILE D 559 -40.07 -27.59 -2.11
C ILE D 559 -40.04 -29.10 -1.93
N GLU D 560 -38.84 -29.64 -1.69
CA GLU D 560 -38.64 -31.08 -1.47
C GLU D 560 -39.14 -31.91 -2.65
N GLU D 561 -39.04 -31.36 -3.86
CA GLU D 561 -39.47 -32.06 -5.06
C GLU D 561 -38.48 -31.98 -6.21
N SER D 562 -37.46 -31.14 -6.12
CA SER D 562 -36.48 -31.00 -7.19
C SER D 562 -35.37 -32.04 -7.15
N ILE D 563 -35.25 -32.79 -6.05
CA ILE D 563 -34.21 -33.81 -5.92
C ILE D 563 -34.63 -35.03 -6.72
N ASP D 564 -33.78 -35.45 -7.65
CA ASP D 564 -34.03 -36.60 -8.51
C ASP D 564 -32.81 -37.51 -8.53
N ARG D 565 -32.32 -37.86 -7.34
CA ARG D 565 -31.15 -38.73 -7.22
C ARG D 565 -31.52 -40.17 -7.53
N VAL D 566 -30.57 -40.90 -8.09
CA VAL D 566 -30.78 -42.31 -8.40
C VAL D 566 -30.40 -43.23 -7.24
N TYR D 567 -29.56 -42.77 -6.32
CA TYR D 567 -29.19 -43.53 -5.13
C TYR D 567 -29.39 -42.64 -3.91
N SER D 568 -30.15 -43.13 -2.94
CA SER D 568 -30.42 -42.35 -1.74
C SER D 568 -29.19 -42.26 -0.86
N LEU D 569 -29.28 -41.44 0.18
CA LEU D 569 -28.15 -41.23 1.09
C LEU D 569 -27.93 -42.40 2.04
N ASP D 570 -28.87 -43.36 2.09
CA ASP D 570 -28.69 -44.50 2.99
C ASP D 570 -27.66 -45.48 2.46
N ASP D 571 -27.55 -45.62 1.14
CA ASP D 571 -26.59 -46.54 0.53
C ASP D 571 -25.23 -45.90 0.30
N ILE D 572 -25.14 -44.57 0.31
CA ILE D 572 -23.85 -43.92 0.14
C ILE D 572 -22.95 -44.15 1.35
N ARG D 573 -23.52 -44.08 2.55
CA ARG D 573 -22.75 -44.33 3.76
C ARG D 573 -22.38 -45.79 3.92
N ARG D 574 -23.13 -46.70 3.29
CA ARG D 574 -22.79 -48.12 3.39
C ARG D 574 -21.57 -48.46 2.56
N TYR D 575 -21.38 -47.77 1.43
CA TYR D 575 -20.25 -48.04 0.56
C TYR D 575 -18.98 -47.36 1.04
N LEU D 576 -18.97 -46.79 2.24
CA LEU D 576 -17.76 -46.13 2.75
C LEU D 576 -16.84 -47.13 3.44
N LEU D 577 -17.39 -48.20 3.99
CA LEU D 577 -16.59 -49.20 4.69
C LEU D 577 -16.03 -50.28 3.76
N PHE D 578 -16.66 -50.50 2.61
CA PHE D 578 -16.16 -51.50 1.67
C PHE D 578 -14.87 -51.05 0.98
N ALA D 579 -14.61 -49.74 0.93
CA ALA D 579 -13.39 -49.26 0.29
C ALA D 579 -12.16 -49.57 1.13
N ARG D 580 -12.30 -49.60 2.46
CA ARG D 580 -11.20 -49.88 3.35
C ARG D 580 -11.06 -51.36 3.69
N GLN D 581 -11.53 -52.24 2.81
CA GLN D 581 -11.42 -53.68 3.04
C GLN D 581 -10.29 -54.27 2.21
N PHE D 582 -10.56 -54.52 0.93
CA PHE D 582 -9.55 -55.08 0.02
C PHE D 582 -8.68 -53.96 -0.51
N LYS D 583 -7.45 -53.90 -0.03
CA LYS D 583 -6.51 -52.86 -0.47
C LYS D 583 -6.00 -53.17 -1.86
N PRO D 584 -6.19 -52.30 -2.84
CA PRO D 584 -5.68 -52.57 -4.20
C PRO D 584 -4.16 -52.59 -4.23
N LYS D 585 -3.64 -53.22 -5.27
CA LYS D 585 -2.21 -53.36 -5.48
C LYS D 585 -1.79 -52.55 -6.71
N ILE D 586 -0.54 -52.75 -7.14
CA ILE D 586 0.01 -52.06 -8.30
C ILE D 586 0.37 -53.12 -9.34
N SER D 587 -0.16 -52.97 -10.55
CA SER D 587 0.13 -53.91 -11.63
C SER D 587 1.55 -53.71 -12.15
N LYS D 588 2.06 -54.74 -12.81
CA LYS D 588 3.41 -54.71 -13.38
C LYS D 588 3.48 -53.96 -14.70
N GLU D 589 2.35 -53.49 -15.24
CA GLU D 589 2.31 -52.77 -16.49
C GLU D 589 2.05 -51.27 -16.30
N SER D 590 2.21 -50.78 -15.07
CA SER D 590 1.97 -49.37 -14.77
C SER D 590 3.22 -48.61 -14.33
N GLU D 591 4.34 -49.30 -14.11
CA GLU D 591 5.55 -48.60 -13.70
C GLU D 591 6.16 -47.82 -14.86
N ASP D 592 5.90 -48.23 -16.10
CA ASP D 592 6.42 -47.53 -17.26
C ASP D 592 5.54 -46.36 -17.68
N PHE D 593 4.30 -46.31 -17.22
CA PHE D 593 3.40 -45.21 -17.57
C PHE D 593 3.51 -44.02 -16.63
N ILE D 594 3.97 -44.24 -15.40
CA ILE D 594 4.12 -43.13 -14.47
C ILE D 594 5.42 -42.37 -14.72
N VAL D 595 6.47 -43.07 -15.15
CA VAL D 595 7.75 -42.43 -15.39
C VAL D 595 7.75 -41.58 -16.65
N GLU D 596 6.76 -41.77 -17.53
CA GLU D 596 6.68 -41.01 -18.77
C GLU D 596 5.71 -39.84 -18.68
N GLN D 597 4.88 -39.77 -17.65
CA GLN D 597 3.95 -38.66 -17.48
C GLN D 597 4.47 -37.57 -16.55
N TYR D 598 5.42 -37.89 -15.66
CA TYR D 598 5.99 -36.87 -14.78
C TYR D 598 6.89 -35.92 -15.56
N LYS D 599 7.56 -36.40 -16.60
CA LYS D 599 8.39 -35.52 -17.42
C LYS D 599 7.57 -34.53 -18.23
N HIS D 600 6.28 -34.83 -18.47
CA HIS D 600 5.43 -33.88 -19.17
C HIS D 600 5.10 -32.69 -18.28
N LEU D 601 4.72 -32.96 -17.02
CA LEU D 601 4.47 -31.88 -16.08
C LEU D 601 5.74 -31.17 -15.66
N ARG D 602 6.90 -31.80 -15.82
CA ARG D 602 8.16 -31.14 -15.49
C ARG D 602 8.45 -30.00 -16.45
N GLN D 603 8.15 -30.20 -17.74
CA GLN D 603 8.29 -29.12 -18.71
C GLN D 603 7.11 -28.15 -18.66
N ARG D 604 5.93 -28.63 -18.27
CA ARG D 604 4.78 -27.75 -18.10
C ARG D 604 4.98 -26.81 -16.92
N ASP D 605 5.76 -27.21 -15.93
CA ASP D 605 6.04 -26.32 -14.80
C ASP D 605 6.90 -25.15 -15.22
N GLY D 606 8.03 -25.43 -15.87
CA GLY D 606 8.91 -24.38 -16.33
C GLY D 606 8.44 -23.75 -17.62
N SER D 607 7.45 -22.85 -17.51
CA SER D 607 6.95 -22.17 -18.70
C SER D 607 7.99 -21.21 -19.27
N GLY D 608 8.66 -20.45 -18.40
CA GLY D 608 9.69 -19.54 -18.84
C GLY D 608 11.02 -20.24 -19.07
N VAL D 609 11.84 -20.33 -18.02
CA VAL D 609 13.14 -20.99 -18.11
C VAL D 609 13.21 -22.10 -17.07
N THR D 610 13.23 -21.73 -15.79
CA THR D 610 13.32 -22.70 -14.72
C THR D 610 12.03 -22.72 -13.89
N LYS D 611 11.85 -21.72 -13.04
CA LYS D 611 10.68 -21.62 -12.19
C LYS D 611 9.59 -20.80 -12.86
N SER D 612 8.40 -20.84 -12.28
CA SER D 612 7.26 -20.10 -12.82
C SER D 612 6.23 -19.81 -11.74
N SER D 613 5.16 -20.61 -11.70
CA SER D 613 4.07 -20.38 -10.76
C SER D 613 3.99 -21.58 -9.82
N TRP D 614 3.13 -22.57 -10.08
CA TRP D 614 3.00 -23.71 -9.18
C TRP D 614 4.19 -24.64 -9.34
N ARG D 615 4.80 -25.00 -8.21
CA ARG D 615 5.96 -25.90 -8.20
C ARG D 615 5.47 -27.34 -8.02
N ILE D 616 5.89 -28.21 -8.94
CA ILE D 616 5.53 -29.62 -8.90
C ILE D 616 6.83 -30.41 -8.87
N THR D 617 7.14 -31.02 -7.72
CA THR D 617 8.36 -31.81 -7.57
C THR D 617 8.05 -33.19 -7.00
N VAL D 618 8.71 -33.56 -5.92
CA VAL D 618 8.50 -34.87 -5.31
C VAL D 618 7.27 -34.88 -4.40
N ARG D 619 6.93 -33.73 -3.80
CA ARG D 619 5.76 -33.69 -2.93
C ARG D 619 4.46 -33.81 -3.71
N GLN D 620 4.45 -33.36 -4.97
CA GLN D 620 3.26 -33.46 -5.81
C GLN D 620 3.21 -34.74 -6.62
N LEU D 621 4.36 -35.38 -6.85
CA LEU D 621 4.36 -36.64 -7.61
C LEU D 621 3.83 -37.79 -6.78
N GLU D 622 4.15 -37.81 -5.49
CA GLU D 622 3.64 -38.85 -4.60
C GLU D 622 2.13 -38.73 -4.38
N SER D 623 1.58 -37.53 -4.56
CA SER D 623 0.14 -37.35 -4.43
C SER D 623 -0.62 -37.85 -5.66
N MET D 624 0.02 -37.77 -6.84
CA MET D 624 -0.63 -38.26 -8.05
C MET D 624 -0.77 -39.78 -8.04
N ILE D 625 0.21 -40.48 -7.46
CA ILE D 625 0.12 -41.94 -7.38
C ILE D 625 -1.04 -42.35 -6.49
N ARG D 626 -1.30 -41.58 -5.43
CA ARG D 626 -2.43 -41.88 -4.55
C ARG D 626 -3.76 -41.64 -5.24
N LEU D 627 -3.80 -40.73 -6.21
CA LEU D 627 -5.03 -40.49 -6.95
C LEU D 627 -5.39 -41.68 -7.84
N SER D 628 -4.40 -42.24 -8.53
CA SER D 628 -4.66 -43.42 -9.34
C SER D 628 -4.92 -44.66 -8.49
N GLU D 629 -4.33 -44.71 -7.29
CA GLU D 629 -4.58 -45.83 -6.40
C GLU D 629 -6.00 -45.79 -5.86
N ALA D 630 -6.50 -44.60 -5.54
CA ALA D 630 -7.85 -44.44 -5.03
C ALA D 630 -8.90 -44.28 -6.13
N MET D 631 -8.48 -44.20 -7.39
CA MET D 631 -9.44 -44.09 -8.48
C MET D 631 -10.23 -45.39 -8.67
N ALA D 632 -9.52 -46.53 -8.64
CA ALA D 632 -10.15 -47.83 -8.74
C ALA D 632 -10.60 -48.38 -7.39
N ARG D 633 -10.70 -47.51 -6.37
CA ARG D 633 -11.10 -47.96 -5.04
C ARG D 633 -12.60 -48.20 -4.96
N MET D 634 -13.39 -47.38 -5.67
CA MET D 634 -14.84 -47.53 -5.68
C MET D 634 -15.34 -48.50 -6.74
N HIS D 635 -14.55 -48.74 -7.79
CA HIS D 635 -14.94 -49.65 -8.86
C HIS D 635 -14.66 -51.11 -8.53
N CYS D 636 -14.14 -51.41 -7.34
CA CYS D 636 -13.83 -52.77 -6.91
C CYS D 636 -12.86 -53.44 -7.88
N CYS D 637 -11.75 -52.76 -8.16
CA CYS D 637 -10.71 -53.25 -9.05
C CYS D 637 -9.44 -53.50 -8.25
N ASP D 638 -8.86 -54.68 -8.42
CA ASP D 638 -7.64 -55.05 -7.71
C ASP D 638 -6.45 -54.31 -8.29
N GLU D 639 -5.92 -54.79 -9.41
CA GLU D 639 -4.77 -54.16 -10.04
C GLU D 639 -5.19 -52.86 -10.73
N VAL D 640 -4.26 -51.91 -10.76
CA VAL D 640 -4.53 -50.63 -11.40
C VAL D 640 -4.52 -50.79 -12.92
N GLN D 641 -5.20 -49.88 -13.60
CA GLN D 641 -5.32 -49.92 -15.04
C GLN D 641 -4.92 -48.57 -15.63
N PRO D 642 -4.35 -48.56 -16.85
CA PRO D 642 -3.97 -47.29 -17.47
C PRO D 642 -5.14 -46.37 -17.74
N LYS D 643 -6.35 -46.90 -17.87
CA LYS D 643 -7.53 -46.06 -18.11
C LYS D 643 -8.01 -45.34 -16.87
N HIS D 644 -7.47 -45.67 -15.69
CA HIS D 644 -7.86 -45.00 -14.45
C HIS D 644 -6.87 -43.94 -14.01
N VAL D 645 -5.60 -44.05 -14.42
CA VAL D 645 -4.62 -43.04 -14.02
C VAL D 645 -4.75 -41.78 -14.88
N LYS D 646 -5.19 -41.93 -16.14
CA LYS D 646 -5.36 -40.78 -17.01
C LYS D 646 -6.55 -39.92 -16.65
N GLU D 647 -7.43 -40.38 -15.76
CA GLU D 647 -8.56 -39.58 -15.34
C GLU D 647 -8.11 -38.38 -14.51
N ALA D 648 -7.23 -38.61 -13.54
CA ALA D 648 -6.69 -37.52 -12.73
C ALA D 648 -5.65 -36.70 -13.48
N PHE D 649 -5.18 -37.17 -14.64
CA PHE D 649 -4.21 -36.41 -15.42
C PHE D 649 -4.84 -35.16 -16.03
N ARG D 650 -6.12 -35.23 -16.37
CA ARG D 650 -6.79 -34.06 -16.94
C ARG D 650 -7.06 -32.99 -15.89
N LEU D 651 -7.33 -33.41 -14.64
CA LEU D 651 -7.58 -32.44 -13.58
C LEU D 651 -6.33 -31.65 -13.23
N LEU D 652 -5.14 -32.22 -13.46
CA LEU D 652 -3.91 -31.50 -13.17
C LEU D 652 -3.68 -30.37 -14.17
N ASN D 653 -4.19 -30.51 -15.40
CA ASN D 653 -4.02 -29.46 -16.40
C ASN D 653 -5.01 -28.31 -16.16
N LYS D 654 -6.25 -28.64 -15.79
CA LYS D 654 -7.28 -27.64 -15.52
C LYS D 654 -7.33 -27.22 -14.06
N SER D 655 -6.25 -27.45 -13.30
CA SER D 655 -6.24 -27.07 -11.90
C SER D 655 -6.11 -25.57 -11.71
N ILE D 656 -5.53 -24.87 -12.68
CA ILE D 656 -5.34 -23.43 -12.58
C ILE D 656 -6.18 -22.75 -13.66
N ILE D 657 -7.49 -22.72 -13.48
CA ILE D 657 -8.39 -22.07 -14.42
C ILE D 657 -9.40 -21.23 -13.66
N TYR D 720 -20.46 -26.57 -24.00
CA TYR D 720 -20.34 -27.84 -24.69
C TYR D 720 -18.93 -28.04 -25.23
N CYS D 721 -17.98 -27.26 -24.71
CA CYS D 721 -16.60 -27.37 -25.16
C CYS D 721 -15.93 -28.64 -24.65
N ARG D 722 -16.42 -29.19 -23.53
CA ARG D 722 -15.83 -30.40 -22.99
C ARG D 722 -16.09 -31.61 -23.88
N ILE D 723 -17.18 -31.58 -24.65
CA ILE D 723 -17.48 -32.69 -25.56
C ILE D 723 -16.44 -32.77 -26.67
N SER D 724 -16.03 -31.63 -27.20
CA SER D 724 -15.05 -31.60 -28.28
C SER D 724 -13.64 -31.94 -27.80
N ASN D 725 -13.40 -31.97 -26.49
CA ASN D 725 -12.07 -32.28 -25.99
C ASN D 725 -11.80 -33.79 -25.99
N LEU D 726 -12.80 -34.59 -25.60
CA LEU D 726 -12.61 -36.04 -25.55
C LEU D 726 -12.59 -36.68 -26.93
N ILE D 727 -12.89 -35.93 -27.99
CA ILE D 727 -12.86 -36.48 -29.35
C ILE D 727 -11.48 -36.35 -29.97
N VAL D 728 -10.83 -35.21 -29.79
CA VAL D 728 -9.50 -35.00 -30.37
C VAL D 728 -8.48 -35.88 -29.67
N LEU D 729 -8.60 -36.04 -28.35
CA LEU D 729 -7.68 -36.87 -27.59
C LEU D 729 -7.89 -38.37 -27.82
N HIS D 730 -8.96 -38.75 -28.51
CA HIS D 730 -9.23 -40.16 -28.77
C HIS D 730 -8.74 -40.60 -30.14
N LEU D 731 -8.93 -39.77 -31.17
CA LEU D 731 -8.50 -40.13 -32.51
C LEU D 731 -6.99 -40.04 -32.68
N ARG D 732 -6.29 -39.34 -31.79
CA ARG D 732 -4.84 -39.24 -31.89
C ARG D 732 -4.16 -40.54 -31.47
N LYS D 733 -4.82 -41.34 -30.63
CA LYS D 733 -4.25 -42.59 -30.15
C LYS D 733 -4.62 -43.78 -31.04
N VAL D 734 -5.30 -43.54 -32.16
CA VAL D 734 -5.71 -44.61 -33.07
C VAL D 734 -4.98 -44.52 -34.40
N GLU D 735 -4.78 -43.31 -34.91
CA GLU D 735 -4.14 -43.09 -36.21
C GLU D 735 -2.62 -43.10 -36.11
N GLU D 736 -2.05 -43.81 -35.13
CA GLU D 736 -0.61 -43.89 -35.00
C GLU D 736 -0.12 -45.33 -34.91
N GLU D 737 -0.91 -46.30 -35.38
CA GLU D 737 -0.52 -47.69 -35.33
C GLU D 737 -0.80 -48.48 -36.60
N GLU D 738 -1.44 -47.87 -37.62
CA GLU D 738 -1.73 -48.57 -38.85
C GLU D 738 -0.46 -48.72 -39.68
N ASP D 739 -0.13 -49.96 -40.04
CA ASP D 739 1.07 -50.19 -40.85
C ASP D 739 0.84 -49.86 -42.31
N GLU D 740 -0.41 -49.84 -42.75
CA GLU D 740 -0.78 -49.53 -44.13
C GLU D 740 -1.72 -48.34 -44.16
N SER D 741 -2.03 -47.89 -45.37
CA SER D 741 -2.93 -46.75 -45.56
C SER D 741 -3.78 -47.00 -46.79
N ALA D 742 -5.10 -46.93 -46.63
CA ALA D 742 -6.07 -47.12 -47.69
C ALA D 742 -6.75 -45.78 -48.00
N LEU D 743 -8.00 -45.83 -48.45
CA LEU D 743 -8.74 -44.61 -48.76
C LEU D 743 -9.11 -43.86 -47.48
N LYS D 744 -10.21 -44.28 -46.85
CA LYS D 744 -10.75 -43.70 -45.61
C LYS D 744 -10.58 -42.19 -45.53
N ARG D 745 -10.86 -41.48 -46.62
CA ARG D 745 -10.72 -40.03 -46.64
C ARG D 745 -12.07 -39.34 -46.81
N SER D 746 -12.63 -39.39 -48.01
CA SER D 746 -13.90 -38.75 -48.32
C SER D 746 -15.01 -39.73 -48.66
N GLU D 747 -14.70 -40.79 -49.41
CA GLU D 747 -15.71 -41.76 -49.80
C GLU D 747 -15.95 -42.82 -48.73
N LEU D 748 -15.10 -42.91 -47.71
CA LEU D 748 -15.24 -43.89 -46.64
C LEU D 748 -15.23 -43.16 -45.29
N VAL D 749 -16.28 -42.35 -45.07
CA VAL D 749 -16.40 -41.61 -43.81
C VAL D 749 -16.86 -42.48 -42.65
N ASN D 750 -17.34 -43.69 -42.92
CA ASN D 750 -17.80 -44.60 -41.89
C ASN D 750 -16.68 -45.47 -41.33
N TRP D 751 -15.45 -45.33 -41.85
CA TRP D 751 -14.35 -46.14 -41.34
C TRP D 751 -13.88 -45.64 -39.98
N TYR D 752 -14.04 -44.35 -39.69
CA TYR D 752 -13.65 -43.79 -38.41
C TYR D 752 -14.64 -44.10 -37.30
N LEU D 753 -15.75 -44.76 -37.61
CA LEU D 753 -16.75 -45.12 -36.62
C LEU D 753 -16.55 -46.51 -36.04
N LYS D 754 -15.59 -47.29 -36.58
CA LYS D 754 -15.40 -48.65 -36.12
C LYS D 754 -14.70 -48.70 -34.77
N GLU D 755 -13.63 -47.93 -34.59
CA GLU D 755 -12.87 -47.94 -33.35
C GLU D 755 -13.56 -47.20 -32.21
N ILE D 756 -14.71 -46.57 -32.46
CA ILE D 756 -15.43 -45.86 -31.42
C ILE D 756 -16.72 -46.56 -31.00
N GLU D 757 -17.34 -47.36 -31.88
CA GLU D 757 -18.57 -48.05 -31.52
C GLU D 757 -18.33 -49.18 -30.53
N SER D 758 -17.08 -49.60 -30.34
CA SER D 758 -16.80 -50.67 -29.39
C SER D 758 -17.04 -50.22 -27.95
N GLU D 759 -16.75 -48.96 -27.63
CA GLU D 759 -17.00 -48.43 -26.30
C GLU D 759 -18.43 -47.96 -26.09
N ILE D 760 -19.22 -47.89 -27.15
CA ILE D 760 -20.61 -47.46 -27.05
C ILE D 760 -21.47 -48.65 -26.61
N ASP D 761 -22.15 -48.50 -25.49
CA ASP D 761 -23.01 -49.56 -24.97
C ASP D 761 -24.11 -48.94 -24.10
N SER D 762 -24.75 -47.89 -24.61
CA SER D 762 -25.82 -47.22 -23.88
C SER D 762 -27.14 -47.33 -24.63
N GLU D 763 -27.65 -46.21 -25.13
CA GLU D 763 -28.92 -46.21 -25.85
C GLU D 763 -29.01 -45.02 -26.80
N GLU D 764 -28.90 -43.80 -26.28
CA GLU D 764 -29.06 -42.60 -27.07
C GLU D 764 -27.87 -42.31 -27.99
N GLU D 765 -26.78 -43.07 -27.87
CA GLU D 765 -25.61 -42.90 -28.71
C GLU D 765 -25.70 -43.67 -30.03
N LEU D 766 -26.90 -43.76 -30.61
CA LEU D 766 -27.10 -44.44 -31.88
C LEU D 766 -27.93 -43.64 -32.87
N ILE D 767 -28.97 -42.95 -32.40
CA ILE D 767 -29.81 -42.14 -33.25
C ILE D 767 -29.53 -40.66 -33.07
N ASN D 768 -29.42 -40.20 -31.81
CA ASN D 768 -29.14 -38.80 -31.56
C ASN D 768 -27.70 -38.45 -31.93
N LYS D 769 -26.75 -39.33 -31.61
CA LYS D 769 -25.35 -39.10 -31.93
C LYS D 769 -24.99 -39.50 -33.35
N LYS D 770 -25.96 -39.90 -34.17
CA LYS D 770 -25.66 -40.29 -35.54
C LYS D 770 -25.38 -39.06 -36.41
N ARG D 771 -26.15 -38.00 -36.23
CA ARG D 771 -25.97 -36.76 -36.96
C ARG D 771 -24.96 -35.83 -36.31
N ILE D 772 -24.22 -36.30 -35.32
CA ILE D 772 -23.22 -35.49 -34.63
C ILE D 772 -21.84 -35.84 -35.16
N ILE D 773 -21.69 -37.07 -35.67
CA ILE D 773 -20.40 -37.50 -36.21
C ILE D 773 -20.03 -36.69 -37.45
N GLU D 774 -21.01 -36.35 -38.28
CA GLU D 774 -20.74 -35.58 -39.48
C GLU D 774 -20.43 -34.11 -39.17
N LYS D 775 -20.71 -33.66 -37.95
CA LYS D 775 -20.41 -32.29 -37.57
C LYS D 775 -19.01 -32.13 -36.99
N VAL D 776 -18.51 -33.15 -36.28
CA VAL D 776 -17.16 -33.05 -35.72
C VAL D 776 -16.12 -33.24 -36.82
N ILE D 777 -16.40 -34.10 -37.79
CA ILE D 777 -15.48 -34.34 -38.90
C ILE D 777 -15.37 -33.14 -39.82
N HIS D 778 -16.31 -32.21 -39.75
CA HIS D 778 -16.28 -31.02 -40.60
C HIS D 778 -15.14 -30.07 -40.24
N ARG D 779 -14.52 -30.24 -39.07
CA ARG D 779 -13.41 -29.37 -38.68
C ARG D 779 -12.22 -29.53 -39.61
N LEU D 780 -11.99 -30.74 -40.12
CA LEU D 780 -10.87 -30.96 -41.04
C LEU D 780 -11.22 -30.59 -42.47
N THR D 781 -12.49 -30.70 -42.85
CA THR D 781 -12.92 -30.39 -44.21
C THR D 781 -12.84 -28.89 -44.48
N HIS D 782 -13.74 -28.13 -43.87
CA HIS D 782 -13.83 -26.68 -44.06
C HIS D 782 -13.97 -26.32 -45.53
N MET E 1 -27.41 13.71 85.16
CA MET E 1 -27.30 13.95 83.73
C MET E 1 -28.68 13.91 83.07
N ALA E 2 -29.10 12.72 82.65
CA ALA E 2 -30.40 12.52 82.00
C ALA E 2 -31.00 11.19 82.41
N LEU E 3 -30.85 10.83 83.68
CA LEU E 3 -31.38 9.57 84.20
C LEU E 3 -32.83 9.79 84.62
N LYS E 4 -33.74 9.59 83.67
CA LYS E 4 -35.17 9.77 83.91
C LYS E 4 -35.86 8.42 83.80
N ASP E 5 -36.79 8.16 84.71
CA ASP E 5 -37.51 6.90 84.72
C ASP E 5 -38.54 6.86 83.59
N TYR E 6 -38.89 5.64 83.18
CA TYR E 6 -39.88 5.43 82.14
C TYR E 6 -41.21 4.90 82.67
N ALA E 7 -41.32 4.65 83.98
CA ALA E 7 -42.56 4.16 84.55
C ALA E 7 -43.63 5.24 84.63
N LEU E 8 -43.23 6.52 84.64
CA LEU E 8 -44.18 7.62 84.70
C LEU E 8 -44.28 8.41 83.40
N GLU E 9 -43.44 8.11 82.40
CA GLU E 9 -43.52 8.83 81.14
C GLU E 9 -44.73 8.41 80.32
N LYS E 10 -45.12 7.13 80.39
CA LYS E 10 -46.27 6.66 79.64
C LYS E 10 -47.58 7.24 80.16
N GLU E 11 -47.61 7.71 81.41
CA GLU E 11 -48.80 8.31 82.00
C GLU E 11 -48.85 9.83 81.81
N LYS E 12 -47.85 10.41 81.16
CA LYS E 12 -47.80 11.85 80.93
C LYS E 12 -48.06 12.21 79.48
N VAL E 13 -47.41 11.52 78.53
CA VAL E 13 -47.63 11.81 77.12
C VAL E 13 -48.96 11.27 76.62
N LYS E 14 -49.57 10.32 77.35
CA LYS E 14 -50.83 9.73 76.91
C LYS E 14 -51.96 10.76 76.94
N LYS E 15 -51.93 11.66 77.93
CA LYS E 15 -52.97 12.68 78.08
C LYS E 15 -52.64 13.96 77.31
N PHE E 16 -51.83 13.87 76.25
CA PHE E 16 -51.48 15.02 75.44
C PHE E 16 -51.99 14.96 74.01
N LEU E 17 -52.18 13.76 73.46
CA LEU E 17 -52.64 13.60 72.08
C LEU E 17 -53.88 12.71 72.00
N GLN E 18 -54.70 12.72 73.05
CA GLN E 18 -55.92 11.91 73.05
C GLN E 18 -57.13 12.75 73.46
N GLU E 19 -57.22 13.09 74.75
CA GLU E 19 -58.34 13.86 75.26
C GLU E 19 -58.25 15.35 74.96
N PHE E 20 -57.13 15.81 74.37
CA PHE E 20 -56.96 17.21 74.00
C PHE E 20 -56.72 17.29 72.50
N TYR E 21 -57.53 18.09 71.82
CA TYR E 21 -57.36 18.27 70.38
C TYR E 21 -56.16 19.16 70.09
N GLN E 22 -55.30 18.70 69.19
CA GLN E 22 -54.09 19.45 68.84
C GLN E 22 -54.45 20.55 67.86
N ASP E 23 -54.15 21.79 68.22
CA ASP E 23 -54.44 22.93 67.36
C ASP E 23 -53.42 23.04 66.24
N ASP E 24 -53.88 23.50 65.09
CA ASP E 24 -53.03 23.66 63.92
C ASP E 24 -52.19 24.94 64.06
N GLU E 25 -51.27 25.14 63.11
CA GLU E 25 -50.42 26.32 63.14
C GLU E 25 -51.21 27.59 62.87
N LEU E 26 -52.31 27.50 62.12
CA LEU E 26 -53.13 28.66 61.80
C LEU E 26 -54.14 28.98 62.88
N GLY E 27 -54.11 28.28 64.01
CA GLY E 27 -55.06 28.53 65.08
C GLY E 27 -56.46 28.00 64.85
N LYS E 28 -56.67 27.21 63.81
CA LYS E 28 -57.97 26.66 63.48
C LYS E 28 -58.12 25.27 64.10
N LYS E 29 -59.20 25.06 64.85
CA LYS E 29 -59.44 23.77 65.48
C LYS E 29 -59.89 22.75 64.45
N GLN E 30 -58.95 21.99 63.90
CA GLN E 30 -59.26 20.98 62.90
C GLN E 30 -59.79 19.72 63.56
N PHE E 31 -60.75 19.07 62.90
CA PHE E 31 -61.35 17.84 63.40
C PHE E 31 -60.63 16.62 62.81
N LYS E 32 -59.31 16.58 63.03
CA LYS E 32 -58.51 15.47 62.53
C LYS E 32 -58.81 14.18 63.27
N TYR E 33 -59.14 14.26 64.55
CA TYR E 33 -59.43 13.06 65.34
C TYR E 33 -60.80 12.47 65.02
N GLY E 34 -61.61 13.14 64.20
CA GLY E 34 -62.93 12.64 63.87
C GLY E 34 -63.14 12.46 62.38
N ASN E 35 -62.06 12.51 61.61
CA ASN E 35 -62.15 12.35 60.16
C ASN E 35 -61.05 11.43 59.65
N GLN E 36 -59.79 11.78 59.92
CA GLN E 36 -58.67 10.97 59.45
C GLN E 36 -58.55 9.68 60.26
N LEU E 37 -58.81 9.75 61.56
CA LEU E 37 -58.74 8.55 62.40
C LEU E 37 -59.92 7.62 62.18
N VAL E 38 -61.05 8.13 61.70
CA VAL E 38 -62.20 7.28 61.41
C VAL E 38 -61.91 6.40 60.21
N ARG E 39 -61.34 6.98 59.15
CA ARG E 39 -60.97 6.20 57.97
C ARG E 39 -59.73 5.35 58.20
N LEU E 40 -58.97 5.61 59.26
CA LEU E 40 -57.78 4.80 59.55
C LEU E 40 -58.18 3.39 59.96
N ALA E 41 -59.24 3.27 60.77
CA ALA E 41 -59.71 1.95 61.18
C ALA E 41 -60.40 1.20 60.04
N HIS E 42 -60.88 1.91 59.02
CA HIS E 42 -61.53 1.29 57.88
C HIS E 42 -60.58 1.04 56.72
N ARG E 43 -59.34 0.66 57.01
CA ARG E 43 -58.28 0.37 56.04
C ARG E 43 -58.30 1.30 54.83
N GLU E 44 -58.50 2.60 55.07
CA GLU E 44 -58.46 3.60 54.00
C GLU E 44 -57.26 4.52 54.08
N GLN E 45 -56.78 4.84 55.27
CA GLN E 45 -55.62 5.71 55.46
C GLN E 45 -54.40 4.88 55.81
N VAL E 46 -53.27 5.20 55.17
CA VAL E 46 -52.03 4.48 55.40
C VAL E 46 -51.18 5.24 56.41
N ALA E 47 -50.68 6.40 56.02
CA ALA E 47 -49.84 7.23 56.87
C ALA E 47 -50.56 8.52 57.23
N LEU E 48 -50.16 9.09 58.36
CA LEU E 48 -50.74 10.34 58.86
C LEU E 48 -49.62 11.30 59.24
N TYR E 49 -49.81 12.58 58.92
CA TYR E 49 -48.80 13.60 59.17
C TYR E 49 -49.02 14.20 60.55
N VAL E 50 -47.99 14.15 61.39
CA VAL E 50 -48.04 14.70 62.74
C VAL E 50 -46.98 15.81 62.79
N ASP E 51 -47.42 17.05 62.69
CA ASP E 51 -46.51 18.19 62.70
C ASP E 51 -46.05 18.45 64.12
N LEU E 52 -44.73 18.53 64.32
CA LEU E 52 -44.17 18.81 65.64
C LEU E 52 -44.20 20.28 66.01
N ASP E 53 -44.51 21.16 65.05
CA ASP E 53 -44.59 22.58 65.36
C ASP E 53 -45.79 22.93 66.24
N ASP E 54 -46.83 22.09 66.24
CA ASP E 54 -48.00 22.36 67.07
C ASP E 54 -47.71 22.08 68.54
N VAL E 55 -46.74 21.20 68.83
CA VAL E 55 -46.40 20.88 70.22
C VAL E 55 -45.46 21.93 70.80
N ALA E 56 -44.54 22.45 69.98
CA ALA E 56 -43.58 23.43 70.49
C ALA E 56 -44.26 24.75 70.85
N GLU E 57 -45.35 25.10 70.17
CA GLU E 57 -46.08 26.32 70.44
C GLU E 57 -47.07 26.19 71.59
N ASP E 58 -47.26 24.98 72.12
CA ASP E 58 -48.19 24.76 73.22
C ASP E 58 -47.51 24.13 74.43
N ASP E 59 -46.78 23.02 74.23
CA ASP E 59 -46.08 22.32 75.31
C ASP E 59 -44.59 22.31 74.99
N PRO E 60 -43.86 23.36 75.39
CA PRO E 60 -42.42 23.40 75.10
C PRO E 60 -41.61 22.43 75.94
N GLU E 61 -42.17 21.91 77.03
CA GLU E 61 -41.42 20.98 77.88
C GLU E 61 -41.29 19.61 77.23
N LEU E 62 -42.23 19.23 76.36
CA LEU E 62 -42.16 17.94 75.69
C LEU E 62 -41.11 17.94 74.58
N VAL E 63 -40.96 19.06 73.88
CA VAL E 63 -39.98 19.14 72.80
C VAL E 63 -38.57 19.21 73.38
N ASP E 64 -38.38 19.96 74.46
CA ASP E 64 -37.06 20.07 75.07
C ASP E 64 -36.63 18.79 75.77
N SER E 65 -37.58 17.91 76.13
CA SER E 65 -37.23 16.66 76.78
C SER E 65 -36.63 15.65 75.81
N ILE E 66 -36.81 15.86 74.50
CA ILE E 66 -36.23 14.94 73.52
C ILE E 66 -34.72 15.14 73.42
N CYS E 67 -34.24 16.36 73.67
CA CYS E 67 -32.81 16.62 73.59
C CYS E 67 -32.05 15.89 74.69
N GLU E 68 -32.64 15.77 75.88
CA GLU E 68 -31.99 15.05 76.95
C GLU E 68 -32.03 13.54 76.73
N ASN E 69 -33.18 13.03 76.29
CA ASN E 69 -33.32 11.60 76.03
C ASN E 69 -34.36 11.40 74.94
N ALA E 70 -34.05 10.54 73.97
CA ALA E 70 -34.94 10.25 72.87
C ALA E 70 -35.31 8.78 72.76
N ARG E 71 -34.99 7.98 73.79
CA ARG E 71 -35.32 6.56 73.74
C ARG E 71 -36.82 6.32 73.84
N ARG E 72 -37.55 7.20 74.53
CA ARG E 72 -38.99 7.09 74.67
C ARG E 72 -39.76 8.35 74.34
N TYR E 73 -39.10 9.50 74.26
CA TYR E 73 -39.77 10.77 73.93
C TYR E 73 -39.96 10.97 72.45
N ALA E 74 -39.81 9.93 71.63
CA ALA E 74 -39.98 10.03 70.19
C ALA E 74 -40.79 8.89 69.59
N LYS E 75 -41.01 7.80 70.30
CA LYS E 75 -41.77 6.67 69.79
C LYS E 75 -43.12 6.49 70.48
N LEU E 76 -43.34 7.13 71.63
CA LEU E 76 -44.62 7.01 72.32
C LEU E 76 -45.71 7.89 71.72
N PHE E 77 -45.38 8.71 70.72
CA PHE E 77 -46.39 9.54 70.06
C PHE E 77 -47.35 8.67 69.26
N ALA E 78 -46.85 7.58 68.67
CA ALA E 78 -47.71 6.67 67.93
C ALA E 78 -48.44 5.68 68.85
N ASP E 79 -47.97 5.53 70.09
CA ASP E 79 -48.64 4.63 71.02
C ASP E 79 -49.98 5.20 71.49
N ALA E 80 -50.05 6.52 71.69
CA ALA E 80 -51.30 7.13 72.12
C ALA E 80 -52.36 7.09 71.03
N VAL E 81 -51.94 7.14 69.76
CA VAL E 81 -52.90 7.03 68.66
C VAL E 81 -53.39 5.61 68.51
N GLN E 82 -52.55 4.62 68.83
CA GLN E 82 -52.96 3.22 68.74
C GLN E 82 -54.00 2.88 69.80
N GLU E 83 -53.96 3.54 70.95
CA GLU E 83 -54.93 3.26 72.00
C GLU E 83 -56.33 3.72 71.61
N LEU E 84 -56.44 4.73 70.75
CA LEU E 84 -57.72 5.23 70.30
C LEU E 84 -58.28 4.45 69.12
N LEU E 85 -57.59 3.40 68.67
CA LEU E 85 -58.03 2.61 67.53
C LEU E 85 -59.23 1.73 67.87
N PRO E 86 -59.22 0.98 68.99
CA PRO E 86 -60.42 0.18 69.32
C PRO E 86 -61.65 1.02 69.62
N GLN E 87 -61.47 2.25 70.11
CA GLN E 87 -62.62 3.09 70.43
C GLN E 87 -63.28 3.67 69.17
N TYR E 88 -62.58 3.66 68.05
CA TYR E 88 -63.14 4.17 66.79
C TYR E 88 -63.64 3.02 65.91
N LYS E 89 -64.56 2.25 66.48
CA LYS E 89 -65.17 1.10 65.81
C LYS E 89 -66.64 1.42 65.61
N GLU E 90 -67.02 1.69 64.35
CA GLU E 90 -68.41 2.01 64.03
C GLU E 90 -69.08 0.84 63.34
N ARG E 91 -68.87 0.71 62.03
CA ARG E 91 -69.45 -0.35 61.24
C ARG E 91 -68.52 -1.56 61.18
N GLU E 92 -69.09 -2.71 60.84
CA GLU E 92 -68.36 -3.97 60.75
C GLU E 92 -68.32 -4.38 59.28
N VAL E 93 -67.17 -4.19 58.65
CA VAL E 93 -66.97 -4.53 57.25
C VAL E 93 -66.06 -5.75 57.16
N VAL E 94 -66.30 -6.58 56.15
CA VAL E 94 -65.48 -7.78 55.97
C VAL E 94 -64.06 -7.37 55.62
N ASN E 95 -63.11 -8.23 55.98
CA ASN E 95 -61.70 -7.93 55.76
C ASN E 95 -61.35 -8.13 54.29
N LYS E 96 -60.91 -7.05 53.64
CA LYS E 96 -60.49 -7.12 52.25
C LYS E 96 -59.01 -7.41 52.09
N ASP E 97 -58.18 -6.95 53.03
CA ASP E 97 -56.75 -7.23 52.96
C ASP E 97 -56.47 -8.68 53.33
N VAL E 98 -55.71 -9.37 52.47
CA VAL E 98 -55.42 -10.77 52.69
C VAL E 98 -54.48 -11.00 53.86
N LEU E 99 -53.79 -9.96 54.34
CA LEU E 99 -52.88 -10.12 55.46
C LEU E 99 -53.62 -10.17 56.80
N ASP E 100 -54.71 -9.41 56.93
CA ASP E 100 -55.50 -9.37 58.15
C ASP E 100 -56.52 -10.49 58.25
N VAL E 101 -56.56 -11.40 57.28
CA VAL E 101 -57.50 -12.51 57.34
C VAL E 101 -57.07 -13.52 58.39
N TYR E 102 -55.78 -13.88 58.40
CA TYR E 102 -55.25 -14.84 59.36
C TYR E 102 -54.81 -14.18 60.66
N ILE E 103 -55.46 -13.10 61.09
CA ILE E 103 -55.14 -12.42 62.33
C ILE E 103 -56.34 -12.37 63.27
N GLU E 104 -57.54 -12.21 62.71
CA GLU E 104 -58.74 -12.13 63.54
C GLU E 104 -59.13 -13.48 64.14
N HIS E 105 -58.68 -14.59 63.54
CA HIS E 105 -59.03 -15.89 64.07
C HIS E 105 -58.09 -16.33 65.18
N ARG E 106 -56.83 -15.89 65.15
CA ARG E 106 -55.88 -16.23 66.20
C ARG E 106 -56.00 -15.34 67.43
N LEU E 107 -56.50 -14.11 67.27
CA LEU E 107 -56.69 -13.24 68.42
C LEU E 107 -57.93 -13.63 69.21
N MET E 108 -58.97 -14.11 68.53
CA MET E 108 -60.17 -14.55 69.21
C MET E 108 -59.92 -15.81 70.03
N MET E 109 -59.00 -16.67 69.58
CA MET E 109 -58.67 -17.87 70.35
C MET E 109 -57.98 -17.52 71.65
N GLU E 110 -57.13 -16.48 71.64
CA GLU E 110 -56.45 -16.07 72.86
C GLU E 110 -57.43 -15.54 73.90
N GLN E 111 -58.57 -15.00 73.46
CA GLN E 111 -59.58 -14.52 74.41
C GLN E 111 -60.24 -15.68 75.14
N ARG E 112 -60.38 -16.83 74.49
CA ARG E 112 -60.98 -18.00 75.14
C ARG E 112 -59.99 -18.76 76.01
N SER E 113 -58.69 -18.47 75.89
CA SER E 113 -57.67 -19.13 76.69
C SER E 113 -57.25 -18.34 77.91
N ARG E 114 -57.44 -17.02 77.90
CA ARG E 114 -57.08 -16.17 79.04
C ARG E 114 -58.27 -15.96 79.98
N ASP E 115 -58.94 -17.06 80.32
CA ASP E 115 -60.08 -16.99 81.21
C ASP E 115 -59.61 -16.71 82.64
N PRO E 116 -60.45 -16.06 83.46
CA PRO E 116 -60.07 -15.79 84.85
C PRO E 116 -59.82 -17.07 85.64
N GLY E 117 -58.59 -17.58 85.58
CA GLY E 117 -58.25 -18.79 86.28
C GLY E 117 -56.92 -19.38 85.82
N MET E 118 -56.53 -19.09 84.58
CA MET E 118 -55.28 -19.60 84.03
C MET E 118 -54.82 -18.61 82.95
N VAL E 119 -53.91 -17.72 83.32
CA VAL E 119 -53.38 -16.72 82.40
C VAL E 119 -52.13 -17.28 81.73
N ARG E 120 -52.02 -17.05 80.42
CA ARG E 120 -50.88 -17.55 79.66
C ARG E 120 -49.72 -16.56 79.77
N SER E 121 -48.68 -16.77 78.98
CA SER E 121 -47.50 -15.90 79.03
C SER E 121 -47.79 -14.58 78.33
N PRO E 122 -47.34 -13.46 78.90
CA PRO E 122 -47.58 -12.16 78.26
C PRO E 122 -46.86 -11.99 76.92
N GLN E 123 -45.84 -12.80 76.64
CA GLN E 123 -45.11 -12.67 75.40
C GLN E 123 -45.92 -13.14 74.20
N ASN E 124 -46.94 -13.96 74.42
CA ASN E 124 -47.79 -14.46 73.34
C ASN E 124 -48.93 -13.51 72.98
N GLN E 125 -48.88 -12.27 73.46
CA GLN E 125 -49.92 -11.28 73.18
C GLN E 125 -49.36 -10.20 72.25
N TYR E 126 -50.29 -9.47 71.63
CA TYR E 126 -49.93 -8.39 70.73
C TYR E 126 -49.89 -7.07 71.49
N PRO E 127 -48.73 -6.43 71.64
CA PRO E 127 -48.68 -5.15 72.34
C PRO E 127 -49.18 -3.99 71.49
N ALA E 128 -48.33 -2.99 71.29
CA ALA E 128 -48.67 -1.82 70.49
C ALA E 128 -47.82 -1.70 69.22
N GLU E 129 -47.09 -2.75 68.86
CA GLU E 129 -46.26 -2.72 67.66
C GLU E 129 -46.87 -3.48 66.49
N LEU E 130 -47.72 -4.47 66.75
CA LEU E 130 -48.36 -5.23 65.69
C LEU E 130 -49.79 -4.78 65.42
N MET E 131 -50.52 -4.34 66.45
CA MET E 131 -51.89 -3.89 66.26
C MET E 131 -51.98 -2.56 65.52
N ARG E 132 -50.90 -1.78 65.51
CA ARG E 132 -50.92 -0.51 64.81
C ARG E 132 -50.88 -0.72 63.30
N ARG E 133 -51.65 0.10 62.58
CA ARG E 133 -51.74 0.01 61.13
C ARG E 133 -51.46 1.36 60.48
N PHE E 134 -50.50 2.11 61.01
CA PHE E 134 -50.18 3.43 60.50
C PHE E 134 -48.74 3.77 60.84
N GLU E 135 -48.15 4.65 60.03
CA GLU E 135 -46.79 5.14 60.23
C GLU E 135 -46.82 6.66 60.25
N LEU E 136 -46.60 7.24 61.43
CA LEU E 136 -46.65 8.69 61.59
C LEU E 136 -45.34 9.32 61.13
N TYR E 137 -45.46 10.54 60.59
CA TYR E 137 -44.32 11.31 60.13
C TYR E 137 -44.16 12.55 61.00
N PHE E 138 -42.93 12.82 61.45
CA PHE E 138 -42.63 13.96 62.30
C PHE E 138 -41.75 14.93 61.54
N GLN E 139 -42.22 16.17 61.40
CA GLN E 139 -41.48 17.20 60.68
C GLN E 139 -40.45 17.82 61.62
N GLY E 140 -39.84 18.91 61.17
CA GLY E 140 -38.84 19.60 61.96
C GLY E 140 -39.44 20.63 62.90
N PRO E 141 -39.26 20.43 64.21
CA PRO E 141 -39.82 21.38 65.18
C PRO E 141 -38.99 22.64 65.31
N SER E 142 -38.81 23.12 66.53
CA SER E 142 -38.04 24.32 66.80
C SER E 142 -36.94 24.08 67.82
N SER E 143 -36.59 22.82 68.08
CA SER E 143 -35.53 22.51 69.04
C SER E 143 -34.16 22.81 68.48
N ASN E 144 -33.98 22.58 67.17
CA ASN E 144 -32.70 22.83 66.52
C ASN E 144 -32.95 23.47 65.16
N LYS E 145 -32.07 24.38 64.78
CA LYS E 145 -32.20 25.07 63.50
C LYS E 145 -31.74 24.16 62.37
N PRO E 146 -32.55 23.97 61.32
CA PRO E 146 -32.13 23.14 60.19
C PRO E 146 -30.89 23.66 59.50
N ARG E 147 -29.77 22.94 59.64
CA ARG E 147 -28.50 23.33 59.06
C ARG E 147 -27.86 22.11 58.39
N VAL E 148 -26.63 22.29 57.92
CA VAL E 148 -25.90 21.22 57.26
C VAL E 148 -25.01 20.53 58.28
N ILE E 149 -24.54 19.32 57.93
CA ILE E 149 -23.73 18.53 58.85
C ILE E 149 -22.39 19.22 59.13
N ARG E 150 -21.91 20.04 58.19
CA ARG E 150 -20.61 20.67 58.37
C ARG E 150 -20.63 21.71 59.48
N GLU E 151 -21.56 22.67 59.40
CA GLU E 151 -21.62 23.72 60.41
C GLU E 151 -22.17 23.23 61.75
N VAL E 152 -22.93 22.14 61.75
CA VAL E 152 -23.42 21.57 62.99
C VAL E 152 -22.31 20.77 63.66
N ARG E 153 -22.04 21.08 64.92
CA ARG E 153 -20.98 20.40 65.66
C ARG E 153 -21.33 18.94 65.89
N ALA E 154 -20.31 18.14 66.20
CA ALA E 154 -20.52 16.72 66.45
C ALA E 154 -21.20 16.46 67.79
N ASP E 155 -21.20 17.44 68.69
CA ASP E 155 -21.85 17.29 69.98
C ASP E 155 -23.34 17.65 69.95
N SER E 156 -23.84 18.17 68.82
CA SER E 156 -25.25 18.54 68.72
C SER E 156 -26.14 17.40 68.25
N VAL E 157 -25.56 16.23 67.93
CA VAL E 157 -26.35 15.09 67.48
C VAL E 157 -27.04 14.45 68.68
N GLY E 158 -27.97 13.53 68.41
CA GLY E 158 -28.71 12.86 69.45
C GLY E 158 -29.97 13.57 69.90
N LYS E 159 -30.15 14.84 69.52
CA LYS E 159 -31.34 15.59 69.91
C LYS E 159 -32.42 15.49 68.84
N LEU E 160 -32.63 16.57 68.10
CA LEU E 160 -33.63 16.59 67.03
C LEU E 160 -33.27 17.62 65.99
N VAL E 161 -32.21 17.36 65.22
CA VAL E 161 -31.74 18.29 64.20
C VAL E 161 -32.34 17.90 62.85
N THR E 162 -32.11 18.72 61.83
CA THR E 162 -32.59 18.48 60.49
C THR E 162 -31.41 18.49 59.52
N VAL E 163 -31.27 17.41 58.76
CA VAL E 163 -30.17 17.24 57.82
C VAL E 163 -30.73 17.42 56.41
N ARG E 164 -30.15 18.37 55.67
CA ARG E 164 -30.55 18.61 54.29
C ARG E 164 -29.50 18.08 53.33
N GLY E 165 -29.18 16.79 53.43
CA GLY E 165 -28.16 16.18 52.60
C GLY E 165 -28.66 15.84 51.21
N ILE E 166 -27.81 15.13 50.47
CA ILE E 166 -28.10 14.70 49.11
C ILE E 166 -27.92 13.20 49.03
N VAL E 167 -28.95 12.50 48.54
CA VAL E 167 -28.87 11.06 48.39
C VAL E 167 -27.95 10.72 47.23
N THR E 168 -27.06 9.75 47.44
CA THR E 168 -26.08 9.35 46.44
C THR E 168 -26.29 7.95 45.92
N ARG E 169 -26.52 6.97 46.79
CA ARG E 169 -26.68 5.59 46.37
C ARG E 169 -27.73 4.92 47.26
N VAL E 170 -28.61 4.14 46.63
CA VAL E 170 -29.64 3.42 47.35
C VAL E 170 -29.36 1.92 47.27
N SER E 171 -30.29 1.10 47.74
CA SER E 171 -30.14 -0.35 47.73
C SER E 171 -31.48 -0.96 47.33
N GLU E 172 -31.61 -2.27 47.56
CA GLU E 172 -32.84 -2.99 47.22
C GLU E 172 -33.78 -3.00 48.43
N VAL E 173 -35.05 -2.72 48.18
CA VAL E 173 -36.04 -2.71 49.24
C VAL E 173 -36.36 -4.14 49.66
N LYS E 174 -36.22 -4.42 50.96
CA LYS E 174 -36.48 -5.74 51.50
C LYS E 174 -37.42 -5.60 52.70
N PRO E 175 -38.50 -6.37 52.76
CA PRO E 175 -39.43 -6.28 53.90
C PRO E 175 -38.75 -6.74 55.19
N LYS E 176 -38.63 -5.82 56.14
CA LYS E 176 -38.00 -6.14 57.42
C LYS E 176 -38.98 -6.82 58.35
N MET E 177 -38.52 -7.87 59.01
CA MET E 177 -39.37 -8.60 59.94
C MET E 177 -39.55 -7.82 61.23
N VAL E 178 -40.80 -7.64 61.64
CA VAL E 178 -41.13 -6.87 62.84
C VAL E 178 -41.28 -7.81 64.03
N VAL E 179 -42.38 -8.56 64.06
CA VAL E 179 -42.69 -9.47 65.15
C VAL E 179 -42.37 -10.88 64.66
N ALA E 180 -41.22 -11.40 65.08
CA ALA E 180 -40.80 -12.75 64.72
C ALA E 180 -41.67 -13.75 65.46
N THR E 181 -42.61 -14.37 64.73
CA THR E 181 -43.54 -15.33 65.32
C THR E 181 -42.91 -16.72 65.29
N TYR E 182 -42.85 -17.37 66.44
CA TYR E 182 -42.30 -18.71 66.57
C TYR E 182 -43.40 -19.69 66.97
N THR E 183 -43.17 -20.96 66.66
CA THR E 183 -44.12 -22.02 66.97
C THR E 183 -43.35 -23.23 67.47
N CYS E 184 -43.61 -23.63 68.71
CA CYS E 184 -42.94 -24.78 69.31
C CYS E 184 -43.60 -26.06 68.82
N ASP E 185 -42.83 -26.93 68.17
CA ASP E 185 -43.32 -28.19 67.65
C ASP E 185 -43.19 -29.33 68.64
N GLN E 186 -42.84 -29.05 69.89
CA GLN E 186 -42.68 -30.06 70.92
C GLN E 186 -43.85 -30.13 71.89
N CYS E 187 -44.78 -29.18 71.84
CA CYS E 187 -45.92 -29.17 72.74
C CYS E 187 -47.14 -28.54 72.08
N GLY E 188 -46.94 -27.87 70.94
CA GLY E 188 -48.03 -27.23 70.24
C GLY E 188 -48.33 -25.82 70.68
N ALA E 189 -47.32 -25.07 71.12
CA ALA E 189 -47.48 -23.70 71.56
C ALA E 189 -46.75 -22.74 70.64
N GLU E 190 -47.10 -21.47 70.73
CA GLU E 190 -46.51 -20.42 69.92
C GLU E 190 -45.74 -19.45 70.80
N THR E 191 -44.93 -18.61 70.14
CA THR E 191 -44.11 -17.62 70.85
C THR E 191 -43.95 -16.40 69.96
N TYR E 192 -44.39 -15.25 70.45
CA TYR E 192 -44.28 -13.99 69.72
C TYR E 192 -43.14 -13.17 70.32
N GLN E 193 -42.21 -12.74 69.47
CA GLN E 193 -41.05 -11.96 69.90
C GLN E 193 -40.87 -10.77 68.97
N PRO E 194 -41.43 -9.60 69.31
CA PRO E 194 -41.24 -8.43 68.46
C PRO E 194 -39.83 -7.85 68.61
N ILE E 195 -39.21 -7.56 67.48
CA ILE E 195 -37.86 -7.01 67.44
C ILE E 195 -37.85 -5.77 66.57
N GLN E 196 -36.96 -4.83 66.90
CA GLN E 196 -36.82 -3.60 66.13
C GLN E 196 -35.43 -3.42 65.54
N SER E 197 -34.42 -4.11 66.06
CA SER E 197 -33.08 -4.00 65.52
C SER E 197 -32.99 -4.70 64.17
N PRO E 198 -32.08 -4.25 63.29
CA PRO E 198 -31.94 -4.93 61.98
C PRO E 198 -31.44 -6.35 62.08
N THR E 199 -30.81 -6.74 63.18
CA THR E 199 -30.33 -8.10 63.37
C THR E 199 -31.45 -8.99 63.86
N PHE E 200 -31.33 -10.29 63.55
CA PHE E 200 -32.31 -11.28 63.94
C PHE E 200 -31.71 -12.22 64.99
N MET E 201 -32.51 -12.55 66.00
CA MET E 201 -32.07 -13.43 67.07
C MET E 201 -32.70 -14.80 66.89
N PRO E 202 -31.93 -15.84 66.55
CA PRO E 202 -32.52 -17.18 66.40
C PRO E 202 -32.84 -17.83 67.73
N LEU E 203 -34.02 -17.54 68.26
CA LEU E 203 -34.43 -18.11 69.54
C LEU E 203 -34.82 -19.57 69.37
N ILE E 204 -34.43 -20.41 70.34
CA ILE E 204 -34.72 -21.83 70.33
C ILE E 204 -35.64 -22.22 71.49
N MET E 205 -35.33 -21.73 72.70
CA MET E 205 -36.16 -22.04 73.86
C MET E 205 -37.50 -21.32 73.78
N CYS E 206 -38.53 -21.96 74.32
CA CYS E 206 -39.89 -21.42 74.33
C CYS E 206 -40.30 -21.09 75.75
N PRO E 207 -40.18 -19.84 76.19
CA PRO E 207 -40.59 -19.49 77.56
C PRO E 207 -42.10 -19.48 77.73
N SER E 208 -42.70 -20.67 77.79
CA SER E 208 -44.14 -20.82 77.95
C SER E 208 -44.43 -21.73 79.13
N GLN E 209 -45.69 -21.75 79.55
CA GLN E 209 -46.10 -22.58 80.68
C GLN E 209 -46.18 -24.05 80.33
N GLU E 210 -46.29 -24.40 79.04
CA GLU E 210 -46.38 -25.78 78.62
C GLU E 210 -45.03 -26.40 78.31
N CYS E 211 -44.09 -25.60 77.79
CA CYS E 211 -42.76 -26.13 77.46
C CYS E 211 -41.96 -26.50 78.70
N GLN E 212 -42.29 -25.93 79.86
CA GLN E 212 -41.56 -26.24 81.09
C GLN E 212 -41.80 -27.67 81.55
N THR E 213 -42.92 -28.29 81.16
CA THR E 213 -43.19 -29.65 81.58
C THR E 213 -42.33 -30.66 80.82
N ASN E 214 -41.93 -30.32 79.59
CA ASN E 214 -41.13 -31.25 78.79
C ASN E 214 -39.73 -31.42 79.37
N ARG E 215 -39.11 -30.31 79.79
CA ARG E 215 -37.77 -30.33 80.36
C ARG E 215 -36.76 -30.95 79.40
N SER E 216 -36.88 -30.61 78.12
CA SER E 216 -35.98 -31.15 77.11
C SER E 216 -35.58 -30.16 76.02
N GLY E 217 -36.12 -28.94 76.03
CA GLY E 217 -35.77 -27.95 75.02
C GLY E 217 -36.75 -27.92 73.86
N GLY E 218 -37.42 -26.78 73.67
CA GLY E 218 -38.38 -26.66 72.60
C GLY E 218 -37.73 -26.39 71.26
N ARG E 219 -38.50 -26.66 70.20
CA ARG E 219 -38.05 -26.46 68.82
C ARG E 219 -38.98 -25.43 68.17
N LEU E 220 -38.51 -24.19 68.10
CA LEU E 220 -39.31 -23.12 67.52
C LEU E 220 -39.15 -23.09 65.99
N TYR E 221 -40.22 -22.68 65.32
CA TYR E 221 -40.24 -22.57 63.86
C TYR E 221 -40.57 -21.13 63.49
N LEU E 222 -39.72 -20.53 62.65
CA LEU E 222 -39.93 -19.15 62.21
C LEU E 222 -41.13 -19.10 61.29
N GLN E 223 -42.28 -18.72 61.84
CA GLN E 223 -43.51 -18.63 61.07
C GLN E 223 -43.60 -17.26 60.40
N THR E 224 -43.60 -17.25 59.07
CA THR E 224 -43.68 -15.98 58.34
C THR E 224 -45.08 -15.40 58.33
N ARG E 225 -46.10 -16.20 58.66
CA ARG E 225 -47.47 -15.73 58.69
C ARG E 225 -47.87 -15.30 60.10
N GLY E 226 -48.90 -14.46 60.16
CA GLY E 226 -49.36 -13.96 61.43
C GLY E 226 -48.47 -12.91 62.07
N SER E 227 -47.81 -12.09 61.24
CA SER E 227 -46.91 -11.06 61.76
C SER E 227 -47.16 -9.72 61.07
N ARG E 228 -46.11 -8.93 60.91
CA ARG E 228 -46.22 -7.63 60.28
C ARG E 228 -44.92 -7.33 59.54
N PHE E 229 -45.04 -6.74 58.35
CA PHE E 229 -43.90 -6.39 57.52
C PHE E 229 -43.90 -4.89 57.24
N ILE E 230 -42.69 -4.32 57.16
CA ILE E 230 -42.51 -2.91 56.90
C ILE E 230 -41.52 -2.76 55.75
N LYS E 231 -41.81 -1.83 54.84
CA LYS E 231 -40.95 -1.60 53.69
C LYS E 231 -39.66 -0.92 54.11
N PHE E 232 -38.62 -1.71 54.40
CA PHE E 232 -37.34 -1.17 54.82
C PHE E 232 -36.49 -0.81 53.62
N GLN E 233 -35.73 0.26 53.74
CA GLN E 233 -34.87 0.74 52.66
C GLN E 233 -33.56 1.26 53.26
N GLU E 234 -32.45 0.98 52.58
CA GLU E 234 -31.13 1.41 53.01
C GLU E 234 -30.51 2.25 51.91
N MET E 235 -29.96 3.41 52.28
CA MET E 235 -29.32 4.30 51.33
C MET E 235 -28.20 5.05 52.02
N LYS E 236 -27.32 5.64 51.21
CA LYS E 236 -26.21 6.44 51.68
C LYS E 236 -26.32 7.85 51.10
N MET E 237 -26.14 8.85 51.96
CA MET E 237 -26.29 10.24 51.58
C MET E 237 -24.99 11.00 51.83
N GLN E 238 -24.93 12.22 51.31
CA GLN E 238 -23.77 13.08 51.45
C GLN E 238 -24.26 14.50 51.70
N GLU E 239 -23.34 15.36 52.15
CA GLU E 239 -23.69 16.74 52.49
C GLU E 239 -24.18 17.49 51.26
N HIS E 240 -24.86 18.60 51.50
CA HIS E 240 -25.41 19.41 50.43
C HIS E 240 -24.29 20.09 49.64
N SER E 241 -24.57 20.36 48.35
CA SER E 241 -23.57 20.95 47.48
C SER E 241 -23.38 22.43 47.76
N ASP E 242 -24.48 23.20 47.79
CA ASP E 242 -24.41 24.64 48.01
C ASP E 242 -24.45 25.02 49.48
N GLN E 243 -24.07 24.11 50.38
CA GLN E 243 -24.04 24.36 51.82
C GLN E 243 -22.71 23.91 52.40
N VAL E 244 -21.62 24.23 51.72
CA VAL E 244 -20.28 23.88 52.17
C VAL E 244 -19.45 25.15 52.29
N PRO E 245 -18.48 25.22 53.21
CA PRO E 245 -17.65 26.42 53.32
C PRO E 245 -16.56 26.47 52.26
N VAL E 246 -15.32 26.71 52.68
CA VAL E 246 -14.18 26.79 51.78
C VAL E 246 -13.27 25.62 52.12
N GLY E 247 -13.39 24.54 51.35
CA GLY E 247 -12.57 23.36 51.58
C GLY E 247 -13.04 22.51 52.74
N ASN E 248 -13.55 21.32 52.44
CA ASN E 248 -14.05 20.42 53.47
C ASN E 248 -13.88 18.98 52.97
N ILE E 249 -14.39 18.04 53.77
CA ILE E 249 -14.30 16.62 53.43
C ILE E 249 -15.70 16.02 53.42
N PRO E 250 -15.97 15.04 52.56
CA PRO E 250 -17.31 14.43 52.55
C PRO E 250 -17.53 13.55 53.76
N ARG E 251 -18.80 13.36 54.11
CA ARG E 251 -19.20 12.55 55.25
C ARG E 251 -20.49 11.82 54.92
N SER E 252 -20.49 10.51 55.12
CA SER E 252 -21.66 9.69 54.85
C SER E 252 -22.63 9.72 56.04
N ILE E 253 -23.88 9.42 55.75
CA ILE E 253 -24.94 9.40 56.76
C ILE E 253 -26.01 8.41 56.34
N THR E 254 -26.42 7.54 57.26
CA THR E 254 -27.43 6.54 56.99
C THR E 254 -28.81 7.08 57.35
N VAL E 255 -29.74 7.00 56.40
CA VAL E 255 -31.11 7.47 56.59
C VAL E 255 -32.05 6.34 56.19
N LEU E 256 -32.92 5.95 57.11
CA LEU E 256 -33.87 4.89 56.85
C LEU E 256 -35.13 5.44 56.20
N VAL E 257 -35.67 4.71 55.23
CA VAL E 257 -36.87 5.09 54.50
C VAL E 257 -37.93 4.03 54.73
N GLU E 258 -39.08 4.45 55.27
CA GLU E 258 -40.18 3.55 55.53
C GLU E 258 -41.49 4.29 55.35
N GLY E 259 -42.55 3.53 55.10
CA GLY E 259 -43.86 4.11 54.92
C GLY E 259 -44.19 4.32 53.45
N GLU E 260 -44.66 5.52 53.11
CA GLU E 260 -45.01 5.84 51.73
C GLU E 260 -43.85 6.42 50.94
N ASN E 261 -42.77 6.83 51.60
CA ASN E 261 -41.63 7.40 50.90
C ASN E 261 -40.83 6.35 50.15
N THR E 262 -41.05 5.07 50.43
CA THR E 262 -40.31 4.01 49.76
C THR E 262 -40.72 3.93 48.29
N ARG E 263 -39.74 3.55 47.45
CA ARG E 263 -39.95 3.40 46.01
C ARG E 263 -40.37 4.71 45.35
N ILE E 264 -39.88 5.83 45.88
CA ILE E 264 -40.16 7.15 45.31
C ILE E 264 -38.87 7.92 45.20
N ALA E 265 -38.06 7.91 46.26
CA ALA E 265 -36.80 8.63 46.25
C ALA E 265 -35.80 7.95 45.31
N GLN E 266 -35.09 8.77 44.54
CA GLN E 266 -34.09 8.29 43.59
C GLN E 266 -32.77 8.98 43.85
N PRO E 267 -31.65 8.29 43.59
CA PRO E 267 -30.34 8.92 43.79
C PRO E 267 -30.14 10.09 42.83
N GLY E 268 -29.72 11.22 43.40
CA GLY E 268 -29.49 12.45 42.65
C GLY E 268 -30.32 13.63 43.11
N ASP E 269 -31.45 13.39 43.75
CA ASP E 269 -32.31 14.46 44.24
C ASP E 269 -31.82 14.96 45.60
N HIS E 270 -32.40 16.08 46.03
CA HIS E 270 -32.06 16.70 47.30
C HIS E 270 -33.25 16.59 48.25
N VAL E 271 -33.01 16.04 49.44
CA VAL E 271 -34.05 15.86 50.45
C VAL E 271 -33.58 16.47 51.76
N SER E 272 -34.54 16.68 52.66
CA SER E 272 -34.28 17.23 53.99
C SER E 272 -34.73 16.20 55.01
N VAL E 273 -33.78 15.52 55.63
CA VAL E 273 -34.06 14.47 56.60
C VAL E 273 -34.02 15.06 58.00
N THR E 274 -35.08 14.83 58.78
CA THR E 274 -35.16 15.28 60.16
C THR E 274 -35.57 14.11 61.04
N GLY E 275 -35.15 14.19 62.31
CA GLY E 275 -35.48 13.13 63.26
C GLY E 275 -34.48 13.12 64.41
N ILE E 276 -34.28 11.92 64.96
CA ILE E 276 -33.38 11.72 66.09
C ILE E 276 -32.09 11.08 65.58
N PHE E 277 -31.19 10.79 66.52
CA PHE E 277 -29.89 10.18 66.22
C PHE E 277 -29.52 9.30 67.41
N LEU E 278 -29.90 8.03 67.35
CA LEU E 278 -29.66 7.10 68.44
C LEU E 278 -28.98 5.84 67.93
N PRO E 279 -28.09 5.24 68.71
CA PRO E 279 -27.43 3.99 68.30
C PRO E 279 -28.43 2.83 68.27
N ILE E 280 -27.95 1.71 67.72
CA ILE E 280 -28.74 0.51 67.61
C ILE E 280 -28.15 -0.56 68.54
N LEU E 281 -28.94 -1.58 68.81
CA LEU E 281 -28.54 -2.70 69.68
C LEU E 281 -28.41 -3.95 68.82
N ARG E 282 -27.18 -4.29 68.44
CA ARG E 282 -26.92 -5.47 67.62
C ARG E 282 -26.78 -6.68 68.54
N THR E 283 -27.86 -7.43 68.69
CA THR E 283 -27.87 -8.62 69.54
C THR E 283 -28.73 -9.68 68.84
N GLY E 284 -28.06 -10.66 68.21
CA GLY E 284 -28.77 -11.71 67.51
C GLY E 284 -27.86 -12.53 66.62
N PHE E 285 -27.10 -11.86 65.75
CA PHE E 285 -26.20 -12.55 64.84
C PHE E 285 -25.00 -13.08 65.61
N ARG E 286 -24.84 -14.41 65.63
CA ARG E 286 -23.74 -15.06 66.32
C ARG E 286 -22.57 -15.37 65.38
N GLN E 287 -22.44 -14.61 64.28
CA GLN E 287 -21.37 -14.84 63.33
C GLN E 287 -20.64 -13.54 63.02
N VAL E 288 -21.40 -12.47 62.75
CA VAL E 288 -20.81 -11.18 62.44
C VAL E 288 -20.48 -10.42 63.71
N VAL E 289 -21.43 -10.36 64.65
CA VAL E 289 -21.21 -9.65 65.91
C VAL E 289 -20.32 -10.50 66.81
N GLN E 290 -19.17 -9.96 67.18
CA GLN E 290 -18.23 -10.67 68.05
C GLN E 290 -18.48 -10.37 69.51
N GLY E 291 -18.36 -9.12 69.91
CA GLY E 291 -18.58 -8.73 71.29
C GLY E 291 -19.86 -7.94 71.48
N LEU E 292 -19.78 -6.61 71.34
CA LEU E 292 -20.93 -5.74 71.50
C LEU E 292 -21.35 -5.11 70.18
N LEU E 293 -20.47 -4.32 69.56
CA LEU E 293 -20.74 -3.65 68.28
C LEU E 293 -21.98 -2.75 68.40
N SER E 294 -21.78 -1.64 69.10
CA SER E 294 -22.85 -0.66 69.33
C SER E 294 -22.70 0.47 68.32
N GLU E 295 -23.05 0.18 67.08
CA GLU E 295 -22.97 1.17 66.02
C GLU E 295 -24.10 2.19 66.16
N THR E 296 -23.82 3.41 65.68
CA THR E 296 -24.78 4.51 65.76
C THR E 296 -25.17 4.94 64.35
N TYR E 297 -26.45 5.31 64.21
CA TYR E 297 -26.98 5.76 62.93
C TYR E 297 -28.01 6.84 63.21
N LEU E 298 -28.70 7.28 62.16
CA LEU E 298 -29.72 8.33 62.25
C LEU E 298 -31.06 7.75 61.84
N GLU E 299 -32.10 8.07 62.61
CA GLU E 299 -33.46 7.63 62.34
C GLU E 299 -34.25 8.76 61.71
N ALA E 300 -34.89 8.49 60.58
CA ALA E 300 -35.66 9.48 59.85
C ALA E 300 -37.13 9.41 60.23
N HIS E 301 -37.79 10.58 60.21
CA HIS E 301 -39.21 10.69 60.51
C HIS E 301 -40.03 11.21 59.35
N ARG E 302 -39.53 12.22 58.63
CA ARG E 302 -40.23 12.78 57.49
C ARG E 302 -39.21 13.32 56.50
N ILE E 303 -39.38 12.98 55.22
CA ILE E 303 -38.48 13.40 54.16
C ILE E 303 -39.24 14.34 53.24
N VAL E 304 -38.70 15.55 53.06
CA VAL E 304 -39.29 16.57 52.19
C VAL E 304 -38.40 16.73 50.97
N LYS E 305 -39.01 16.68 49.79
CA LYS E 305 -38.26 16.78 48.55
C LYS E 305 -37.87 18.22 48.26
N MET E 306 -36.60 18.45 47.95
CA MET E 306 -36.10 19.77 47.62
C MET E 306 -35.40 19.68 46.26
N ASN E 307 -34.55 20.65 45.97
CA ASN E 307 -33.80 20.66 44.71
C ASN E 307 -32.52 21.48 44.86
N LYS E 308 -32.38 22.52 44.02
CA LYS E 308 -31.18 23.35 44.05
C LYS E 308 -31.43 24.68 44.74
N SER E 309 -32.31 25.51 44.17
CA SER E 309 -32.59 26.82 44.73
C SER E 309 -33.41 26.71 46.00
N GLU E 310 -34.74 26.74 45.87
CA GLU E 310 -35.62 26.69 47.02
C GLU E 310 -35.76 25.26 47.52
N ASP E 311 -36.66 25.06 48.48
CA ASP E 311 -36.91 23.75 49.08
C ASP E 311 -38.05 23.00 48.42
N ASP E 312 -38.08 22.98 47.09
CA ASP E 312 -39.11 22.27 46.35
C ASP E 312 -38.54 21.81 45.01
N GLU E 313 -39.20 20.81 44.42
CA GLU E 313 -38.77 20.26 43.14
C GLU E 313 -38.92 21.29 42.02
N SER E 314 -37.89 22.12 41.83
CA SER E 314 -37.92 23.13 40.79
C SER E 314 -36.48 23.48 40.42
N GLY E 315 -36.30 23.85 39.15
CA GLY E 315 -34.97 24.20 38.68
C GLY E 315 -34.45 25.50 39.28
N ALA E 316 -35.35 26.43 39.60
CA ALA E 316 -34.97 27.70 40.19
C ALA E 316 -36.11 28.21 41.05
N GLY E 317 -35.86 29.31 41.75
CA GLY E 317 -36.84 29.93 42.62
C GLY E 317 -37.53 31.11 41.97
N GLU E 318 -38.39 31.75 42.76
CA GLU E 318 -39.16 32.90 42.34
C GLU E 318 -39.05 34.01 43.38
N LEU E 319 -39.40 35.23 42.98
CA LEU E 319 -39.35 36.40 43.83
C LEU E 319 -40.76 36.83 44.21
N THR E 320 -40.90 38.10 44.62
CA THR E 320 -42.19 38.64 45.03
C THR E 320 -42.80 39.47 43.90
N ARG E 321 -43.41 40.60 44.25
CA ARG E 321 -44.05 41.49 43.29
C ARG E 321 -43.36 42.83 43.14
N GLU E 322 -42.90 43.44 44.23
CA GLU E 322 -42.25 44.75 44.16
C GLU E 322 -40.88 44.69 43.48
N GLU E 323 -40.30 43.50 43.36
CA GLU E 323 -38.99 43.34 42.73
C GLU E 323 -39.09 43.05 41.24
N LEU E 324 -40.30 42.98 40.69
CA LEU E 324 -40.48 42.73 39.26
C LEU E 324 -40.46 44.01 38.43
N ARG E 325 -40.96 45.12 38.98
CA ARG E 325 -40.98 46.37 38.23
C ARG E 325 -39.59 46.97 38.07
N GLN E 326 -38.62 46.57 38.89
CA GLN E 326 -37.27 47.10 38.75
C GLN E 326 -36.58 46.56 37.50
N ILE E 327 -36.84 45.31 37.15
CA ILE E 327 -36.21 44.72 35.96
C ILE E 327 -37.05 44.93 34.71
N ALA E 328 -38.35 45.20 34.84
CA ALA E 328 -39.25 45.39 33.71
C ALA E 328 -39.61 46.85 33.52
N GLU E 329 -38.61 47.75 33.59
CA GLU E 329 -38.82 49.17 33.41
C GLU E 329 -38.02 49.71 32.22
N GLU E 330 -37.56 48.84 31.34
CA GLU E 330 -36.77 49.20 30.18
C GLU E 330 -37.54 48.86 28.90
N ASP E 331 -36.99 49.28 27.76
CA ASP E 331 -37.62 48.97 26.49
C ASP E 331 -37.49 47.49 26.14
N PHE E 332 -36.28 46.95 26.26
CA PHE E 332 -36.06 45.52 26.08
C PHE E 332 -35.02 45.01 27.07
N TYR E 333 -33.75 45.33 26.84
CA TYR E 333 -32.67 44.95 27.75
C TYR E 333 -31.37 45.66 27.36
N GLU E 334 -30.71 46.27 28.33
CA GLU E 334 -29.42 46.91 28.10
C GLU E 334 -28.46 46.87 29.28
N LYS E 335 -28.95 46.67 30.50
CA LYS E 335 -28.07 46.57 31.66
C LYS E 335 -27.62 45.13 31.94
N LEU E 336 -28.33 44.14 31.41
CA LEU E 336 -27.95 42.75 31.62
C LEU E 336 -26.83 42.31 30.69
N ALA E 337 -26.75 42.91 29.50
CA ALA E 337 -25.68 42.56 28.56
C ALA E 337 -24.32 43.06 29.06
N ALA E 338 -24.31 44.24 29.69
CA ALA E 338 -23.06 44.77 30.24
C ALA E 338 -22.68 44.15 31.57
N SER E 339 -23.61 43.46 32.24
CA SER E 339 -23.28 42.82 33.50
C SER E 339 -22.39 41.60 33.31
N ILE E 340 -22.45 40.99 32.12
CA ILE E 340 -21.60 39.83 31.84
C ILE E 340 -20.16 40.28 31.67
N ALA E 341 -19.26 39.69 32.47
CA ALA E 341 -17.84 40.02 32.48
C ALA E 341 -17.64 41.50 32.76
N PRO E 342 -17.84 41.97 33.99
CA PRO E 342 -17.68 43.39 34.28
C PRO E 342 -16.22 43.84 34.36
N GLU E 343 -15.27 42.91 34.37
CA GLU E 343 -13.86 43.30 34.48
C GLU E 343 -13.24 43.59 33.13
N ILE E 344 -13.71 42.94 32.06
CA ILE E 344 -13.18 43.15 30.73
C ILE E 344 -14.25 43.81 29.87
N TYR E 345 -13.86 44.19 28.66
CA TYR E 345 -14.76 44.86 27.73
C TYR E 345 -14.40 44.44 26.31
N GLY E 346 -15.42 44.27 25.48
CA GLY E 346 -15.22 43.89 24.10
C GLY E 346 -16.14 42.79 23.64
N HIS E 347 -16.55 42.84 22.36
CA HIS E 347 -17.44 41.85 21.76
C HIS E 347 -18.75 41.75 22.54
N GLU E 348 -19.58 42.78 22.36
CA GLU E 348 -20.88 42.82 23.03
C GLU E 348 -21.89 41.88 22.40
N ASP E 349 -21.68 41.50 21.13
CA ASP E 349 -22.60 40.58 20.48
C ASP E 349 -22.43 39.16 20.99
N VAL E 350 -21.26 38.82 21.51
CA VAL E 350 -21.04 37.48 22.05
C VAL E 350 -21.73 37.33 23.40
N LYS E 351 -21.71 38.38 24.22
CA LYS E 351 -22.38 38.33 25.52
C LYS E 351 -23.90 38.31 25.39
N LYS E 352 -24.43 38.78 24.26
CA LYS E 352 -25.88 38.75 24.07
C LYS E 352 -26.38 37.33 23.89
N ALA E 353 -25.60 36.48 23.23
CA ALA E 353 -26.01 35.09 23.04
C ALA E 353 -25.84 34.25 24.30
N LEU E 354 -25.06 34.74 25.27
CA LEU E 354 -24.89 33.98 26.52
C LEU E 354 -26.14 34.04 27.38
N LEU E 355 -26.85 35.17 27.35
CA LEU E 355 -28.09 35.28 28.11
C LEU E 355 -29.19 34.43 27.48
N LEU E 356 -29.20 34.32 26.16
CA LEU E 356 -30.19 33.51 25.44
C LEU E 356 -29.68 32.08 25.23
N LEU E 357 -29.27 31.44 26.33
CA LEU E 357 -28.72 30.09 26.29
C LEU E 357 -29.54 29.09 27.09
N LEU E 358 -29.96 29.45 28.30
CA LEU E 358 -30.74 28.54 29.13
C LEU E 358 -32.20 28.46 28.71
N VAL E 359 -32.68 29.43 27.93
CA VAL E 359 -34.08 29.42 27.50
C VAL E 359 -34.36 28.21 26.61
N GLY E 360 -33.57 28.06 25.55
CA GLY E 360 -33.74 26.93 24.65
C GLY E 360 -34.89 27.12 23.67
N GLY E 361 -35.70 26.08 23.50
CA GLY E 361 -36.82 26.15 22.59
C GLY E 361 -38.06 25.43 23.10
N VAL E 362 -38.74 24.71 22.21
CA VAL E 362 -39.95 23.97 22.55
C VAL E 362 -39.56 22.55 22.89
N ASP E 363 -40.04 22.06 24.04
CA ASP E 363 -39.76 20.70 24.51
C ASP E 363 -41.10 20.04 24.85
N GLN E 364 -41.80 19.56 23.82
CA GLN E 364 -43.08 18.90 24.00
C GLN E 364 -43.14 17.49 23.43
N SER E 365 -42.24 17.12 22.53
CA SER E 365 -42.19 15.81 21.89
C SER E 365 -43.52 15.49 21.21
N PRO E 366 -43.80 16.10 20.06
CA PRO E 366 -45.05 15.84 19.36
C PRO E 366 -44.90 14.79 18.27
N ARG E 367 -46.05 14.26 17.83
CA ARG E 367 -46.11 13.25 16.77
C ARG E 367 -45.27 12.01 17.10
N GLY E 368 -45.18 11.68 18.39
CA GLY E 368 -44.43 10.51 18.81
C GLY E 368 -42.95 10.78 18.98
N MET E 369 -42.35 11.50 18.03
CA MET E 369 -40.93 11.80 18.08
C MET E 369 -40.65 12.91 19.09
N LYS E 370 -39.39 13.36 19.15
CA LYS E 370 -38.98 14.43 20.05
C LYS E 370 -38.23 15.49 19.25
N ILE E 371 -38.73 16.72 19.27
CA ILE E 371 -38.10 17.80 18.54
C ILE E 371 -36.83 18.23 19.28
N ARG E 372 -36.05 19.09 18.61
CA ARG E 372 -34.80 19.57 19.18
C ARG E 372 -35.05 20.69 20.18
N GLY E 373 -33.98 21.13 20.83
CA GLY E 373 -34.09 22.20 21.81
C GLY E 373 -32.73 22.51 22.39
N ASN E 374 -32.74 23.44 23.36
CA ASN E 374 -31.54 23.91 24.06
C ASN E 374 -30.59 24.66 23.12
N ILE E 375 -30.30 25.91 23.45
CA ILE E 375 -29.42 26.72 22.61
C ILE E 375 -28.02 26.16 22.65
N ASN E 376 -27.35 26.14 21.49
CA ASN E 376 -25.98 25.68 21.36
C ASN E 376 -25.12 26.80 20.81
N ILE E 377 -23.89 26.88 21.31
CA ILE E 377 -22.96 27.93 20.89
C ILE E 377 -21.53 27.45 21.08
N CYS E 378 -20.68 27.67 20.08
CA CYS E 378 -19.27 27.30 20.13
C CYS E 378 -18.42 28.55 19.98
N LEU E 379 -17.23 28.52 20.56
CA LEU E 379 -16.31 29.65 20.51
C LEU E 379 -14.88 29.14 20.43
N MET E 380 -14.11 29.70 19.49
CA MET E 380 -12.71 29.35 19.31
C MET E 380 -11.84 30.50 19.80
N GLY E 381 -10.84 30.16 20.63
CA GLY E 381 -9.95 31.17 21.17
C GLY E 381 -8.84 30.59 22.02
N ASP E 382 -7.68 31.22 21.99
CA ASP E 382 -6.54 30.76 22.78
C ASP E 382 -6.85 30.91 24.26
N PRO E 383 -6.79 29.83 25.05
CA PRO E 383 -7.08 29.94 26.49
C PRO E 383 -6.07 30.86 27.18
N GLY E 384 -6.42 32.14 27.28
CA GLY E 384 -5.57 33.11 27.91
C GLY E 384 -5.99 34.54 27.63
N VAL E 385 -7.02 34.71 26.79
CA VAL E 385 -7.53 36.03 26.45
C VAL E 385 -8.65 36.41 27.41
N ALA E 386 -8.36 36.36 28.71
CA ALA E 386 -9.36 36.64 29.75
C ALA E 386 -10.56 35.72 29.62
N LYS E 387 -10.30 34.47 29.24
CA LYS E 387 -11.39 33.50 29.09
C LYS E 387 -11.95 33.08 30.45
N SER E 388 -11.14 33.18 31.51
CA SER E 388 -11.64 32.82 32.84
C SER E 388 -12.73 33.76 33.31
N GLN E 389 -12.70 35.02 32.86
CA GLN E 389 -13.76 35.96 33.23
C GLN E 389 -15.09 35.58 32.60
N LEU E 390 -15.07 35.06 31.36
CA LEU E 390 -16.28 34.60 30.70
C LEU E 390 -16.74 33.25 31.19
N LEU E 391 -15.89 32.51 31.91
CA LEU E 391 -16.23 31.19 32.42
C LEU E 391 -16.59 31.19 33.89
N SER E 392 -15.87 31.96 34.71
CA SER E 392 -16.19 32.02 36.14
C SER E 392 -17.48 32.77 36.41
N TYR E 393 -17.83 33.72 35.53
CA TYR E 393 -19.07 34.47 35.72
C TYR E 393 -20.29 33.61 35.39
N ILE E 394 -20.23 32.87 34.27
CA ILE E 394 -21.35 32.02 33.90
C ILE E 394 -21.44 30.79 34.80
N ASP E 395 -20.35 30.42 35.47
CA ASP E 395 -20.40 29.27 36.38
C ASP E 395 -21.24 29.59 37.60
N ARG E 396 -21.02 30.75 38.22
CA ARG E 396 -21.81 31.17 39.38
C ARG E 396 -23.16 31.73 38.98
N LEU E 397 -23.38 32.04 37.70
CA LEU E 397 -24.65 32.61 37.26
C LEU E 397 -25.74 31.54 37.21
N ALA E 398 -25.47 30.44 36.52
CA ALA E 398 -26.45 29.37 36.42
C ALA E 398 -26.50 28.59 37.73
N PRO E 399 -27.71 28.21 38.19
CA PRO E 399 -27.80 27.47 39.46
C PRO E 399 -27.30 26.04 39.35
N ARG E 400 -27.34 25.44 38.17
CA ARG E 400 -26.90 24.07 37.95
C ARG E 400 -25.78 24.09 36.92
N SER E 401 -24.58 24.46 37.36
CA SER E 401 -23.42 24.52 36.48
C SER E 401 -22.16 24.42 37.32
N GLN E 402 -21.41 23.34 37.15
CA GLN E 402 -20.17 23.12 37.87
C GLN E 402 -18.99 23.54 37.00
N TYR E 403 -17.93 24.02 37.66
CA TYR E 403 -16.74 24.52 36.97
C TYR E 403 -15.92 23.32 36.48
N THR E 404 -16.03 23.01 35.19
CA THR E 404 -15.28 21.93 34.57
C THR E 404 -14.54 22.45 33.37
N THR E 405 -13.26 22.11 33.25
CA THR E 405 -12.42 22.52 32.14
C THR E 405 -11.89 21.30 31.40
N GLY E 406 -11.18 21.56 30.30
CA GLY E 406 -10.63 20.48 29.51
C GLY E 406 -9.45 19.80 30.18
N ARG E 407 -8.72 20.51 31.02
CA ARG E 407 -7.56 19.98 31.72
C ARG E 407 -7.85 19.93 33.23
N GLY E 408 -6.79 19.74 34.02
CA GLY E 408 -6.91 19.64 35.45
C GLY E 408 -7.20 18.24 35.97
N SER E 409 -7.72 17.36 35.13
CA SER E 409 -8.02 15.99 35.53
C SER E 409 -7.97 15.10 34.30
N SER E 410 -8.24 13.81 34.50
CA SER E 410 -8.23 12.85 33.41
C SER E 410 -9.50 12.97 32.58
N GLY E 411 -9.39 12.58 31.31
CA GLY E 411 -10.51 12.61 30.39
C GLY E 411 -11.55 11.54 30.58
N VAL E 412 -11.32 10.61 31.50
CA VAL E 412 -12.27 9.53 31.76
C VAL E 412 -12.91 9.74 33.12
N GLY E 413 -12.95 10.98 33.57
CA GLY E 413 -13.54 11.31 34.87
C GLY E 413 -14.49 12.48 34.81
N LEU E 414 -14.72 13.01 33.61
CA LEU E 414 -15.61 14.15 33.42
C LEU E 414 -16.73 13.88 32.43
N THR E 415 -16.72 12.75 31.74
CA THR E 415 -17.75 12.43 30.77
C THR E 415 -18.02 10.93 30.73
N ALA E 416 -17.09 10.14 31.29
CA ALA E 416 -17.24 8.69 31.31
C ALA E 416 -16.49 8.09 32.49
N ALA E 417 -16.98 8.32 33.70
CA ALA E 417 -16.35 7.82 34.92
C ALA E 417 -17.11 6.58 35.39
N VAL E 418 -16.44 5.44 35.37
CA VAL E 418 -17.03 4.17 35.79
C VAL E 418 -16.66 3.90 37.24
N LEU E 419 -17.65 3.57 38.06
CA LEU E 419 -17.45 3.29 39.48
C LEU E 419 -17.88 1.86 39.76
N ARG E 420 -16.91 1.00 40.09
CA ARG E 420 -17.20 -0.40 40.39
C ARG E 420 -17.69 -0.50 41.83
N ASP E 421 -19.00 -0.57 41.99
CA ASP E 421 -19.63 -0.66 43.32
C ASP E 421 -19.75 -2.12 43.69
N SER E 422 -18.91 -2.58 44.61
CA SER E 422 -18.91 -3.97 45.07
C SER E 422 -19.75 -4.17 46.31
N VAL E 423 -20.34 -3.10 46.87
CA VAL E 423 -21.16 -3.26 48.06
C VAL E 423 -22.55 -3.78 47.72
N SER E 424 -23.05 -3.47 46.51
CA SER E 424 -24.36 -3.92 46.08
C SER E 424 -24.31 -4.94 44.96
N GLY E 425 -23.31 -4.89 44.09
CA GLY E 425 -23.20 -5.84 43.00
C GLY E 425 -23.81 -5.34 41.71
N GLU E 426 -23.54 -4.08 41.36
CA GLU E 426 -24.05 -3.47 40.15
C GLU E 426 -22.89 -2.83 39.39
N LEU E 427 -23.24 -2.06 38.34
CA LEU E 427 -22.24 -1.38 37.52
C LEU E 427 -22.88 -0.12 36.98
N THR E 428 -22.41 1.03 37.46
CA THR E 428 -22.93 2.33 37.05
C THR E 428 -21.89 3.07 36.20
N LEU E 429 -22.33 4.18 35.62
CA LEU E 429 -21.46 4.99 34.76
C LEU E 429 -21.91 6.44 34.86
N GLU E 430 -21.04 7.30 35.39
CA GLU E 430 -21.33 8.73 35.54
C GLU E 430 -20.35 9.55 34.72
N GLY E 431 -20.58 10.86 34.71
CA GLY E 431 -19.74 11.77 33.96
C GLY E 431 -19.10 12.84 34.84
N GLY E 432 -19.63 14.06 34.76
CA GLY E 432 -19.11 15.15 35.55
C GLY E 432 -19.50 16.51 34.99
N ALA E 433 -19.95 16.54 33.74
CA ALA E 433 -20.36 17.78 33.09
C ALA E 433 -21.66 17.67 32.32
N LEU E 434 -22.13 16.47 31.99
CA LEU E 434 -23.37 16.28 31.25
C LEU E 434 -24.31 15.28 31.93
N VAL E 435 -24.06 14.98 33.21
CA VAL E 435 -24.88 14.02 33.93
C VAL E 435 -25.57 14.71 35.10
N LEU E 436 -25.11 15.92 35.43
CA LEU E 436 -25.67 16.69 36.54
C LEU E 436 -26.01 18.11 36.15
N ALA E 437 -25.95 18.45 34.86
CA ALA E 437 -26.25 19.80 34.38
C ALA E 437 -27.57 19.84 33.63
N ASP E 438 -28.62 19.29 34.24
CA ASP E 438 -29.93 19.30 33.61
C ASP E 438 -30.49 20.72 33.57
N GLN E 439 -31.14 21.06 32.45
CA GLN E 439 -31.72 22.37 32.16
C GLN E 439 -30.85 23.52 32.68
N GLY E 440 -29.54 23.41 32.50
CA GLY E 440 -28.60 24.43 32.93
C GLY E 440 -27.63 24.77 31.81
N VAL E 441 -26.42 25.11 32.21
CA VAL E 441 -25.35 25.48 31.29
C VAL E 441 -24.17 24.55 31.51
N CYS E 442 -23.74 23.87 30.45
CA CYS E 442 -22.60 22.96 30.51
C CYS E 442 -21.33 23.74 30.20
N CYS E 443 -20.49 23.92 31.21
CA CYS E 443 -19.24 24.67 31.05
C CYS E 443 -18.10 23.72 30.76
N ILE E 444 -17.41 23.94 29.65
CA ILE E 444 -16.28 23.11 29.24
C ILE E 444 -15.40 23.88 28.27
N ASP E 445 -14.09 23.88 28.52
CA ASP E 445 -13.12 24.55 27.68
C ASP E 445 -12.32 23.53 26.87
N GLU E 446 -11.70 24.02 25.80
CA GLU E 446 -10.91 23.20 24.89
C GLU E 446 -11.74 22.03 24.35
N PHE E 447 -12.63 22.37 23.42
CA PHE E 447 -13.53 21.38 22.84
C PHE E 447 -12.80 20.45 21.87
N ASP E 448 -11.65 20.85 21.35
CA ASP E 448 -10.92 20.02 20.39
C ASP E 448 -9.54 19.65 20.91
N LYS E 449 -9.49 18.78 21.93
CA LYS E 449 -8.21 18.35 22.48
C LYS E 449 -8.32 16.93 23.03
N MET E 450 -9.53 16.49 23.39
CA MET E 450 -9.71 15.15 23.91
C MET E 450 -9.67 14.13 22.78
N ALA E 451 -9.88 12.87 23.14
CA ALA E 451 -9.83 11.79 22.16
C ALA E 451 -11.14 11.72 21.38
N GLU E 452 -11.19 10.80 20.42
CA GLU E 452 -12.38 10.66 19.59
C GLU E 452 -13.52 10.00 20.35
N ALA E 453 -13.21 9.15 21.34
CA ALA E 453 -14.26 8.50 22.11
C ALA E 453 -15.05 9.48 22.95
N ASP E 454 -14.42 10.56 23.42
CA ASP E 454 -15.12 11.55 24.20
C ASP E 454 -16.00 12.46 23.35
N ARG E 455 -15.66 12.61 22.07
CA ARG E 455 -16.44 13.44 21.16
C ARG E 455 -17.53 12.66 20.43
N THR E 456 -17.56 11.34 20.57
CA THR E 456 -18.59 10.54 19.91
C THR E 456 -19.90 10.58 20.68
N ALA E 457 -19.83 10.60 22.02
CA ALA E 457 -21.03 10.62 22.84
C ALA E 457 -21.79 11.93 22.77
N ILE E 458 -21.21 12.97 22.15
CA ILE E 458 -21.88 14.26 22.02
C ILE E 458 -22.90 14.26 20.89
N HIS E 459 -22.87 13.26 20.00
CA HIS E 459 -23.78 13.22 18.87
C HIS E 459 -25.23 13.03 19.28
N GLU E 460 -25.49 12.45 20.46
CA GLU E 460 -26.86 12.21 20.90
C GLU E 460 -27.27 13.04 22.11
N VAL E 461 -26.31 13.54 22.90
CA VAL E 461 -26.63 14.33 24.08
C VAL E 461 -26.71 15.83 23.76
N MET E 462 -26.55 16.21 22.50
CA MET E 462 -26.60 17.61 22.09
C MET E 462 -27.81 17.95 21.24
N GLU E 463 -28.23 17.04 20.34
CA GLU E 463 -29.39 17.28 19.51
C GLU E 463 -30.67 17.26 20.34
N GLN E 464 -31.10 16.07 20.75
CA GLN E 464 -32.30 15.90 21.56
C GLN E 464 -32.00 15.77 23.05
N GLN E 465 -30.72 15.85 23.43
CA GLN E 465 -30.29 15.77 24.84
C GLN E 465 -30.79 14.49 25.50
N THR E 466 -30.32 13.36 24.97
CA THR E 466 -30.64 12.05 25.50
C THR E 466 -29.34 11.27 25.69
N ILE E 467 -28.99 10.98 26.93
CA ILE E 467 -27.77 10.23 27.24
C ILE E 467 -27.99 8.78 26.87
N SER E 468 -27.17 8.27 25.95
CA SER E 468 -27.25 6.90 25.49
C SER E 468 -26.05 6.12 26.00
N ILE E 469 -26.29 5.15 26.87
CA ILE E 469 -25.24 4.32 27.46
C ILE E 469 -25.52 2.87 27.07
N ALA E 470 -24.56 2.24 26.40
CA ALA E 470 -24.71 0.86 25.97
C ALA E 470 -23.36 0.17 25.83
N LYS E 471 -22.74 -0.18 26.95
CA LYS E 471 -21.44 -0.85 26.93
C LYS E 471 -21.59 -2.30 27.40
N ALA E 472 -22.48 -3.05 26.75
CA ALA E 472 -22.72 -4.46 27.07
C ALA E 472 -23.07 -4.65 28.53
N GLY E 473 -24.33 -4.37 28.88
CA GLY E 473 -24.78 -4.54 30.25
C GLY E 473 -25.61 -3.37 30.75
N ILE E 474 -24.99 -2.19 30.82
CA ILE E 474 -25.67 -0.98 31.29
C ILE E 474 -26.60 -0.51 30.19
N LEU E 475 -27.90 -0.74 30.37
CA LEU E 475 -28.93 -0.36 29.40
C LEU E 475 -29.86 0.64 30.09
N THR E 476 -29.49 1.92 30.05
CA THR E 476 -30.30 2.97 30.65
C THR E 476 -30.18 4.23 29.81
N THR E 477 -31.08 5.18 30.07
CA THR E 477 -31.12 6.45 29.36
C THR E 477 -31.30 7.57 30.38
N LEU E 478 -30.24 8.32 30.63
CA LEU E 478 -30.29 9.41 31.58
C LEU E 478 -30.91 10.65 30.94
N ASN E 479 -31.69 11.39 31.73
CA ASN E 479 -32.36 12.61 31.26
C ASN E 479 -31.65 13.80 31.88
N ALA E 480 -30.87 14.51 31.07
CA ALA E 480 -30.12 15.67 31.55
C ALA E 480 -29.87 16.59 30.34
N ARG E 481 -30.79 17.53 30.13
CA ARG E 481 -30.66 18.49 29.04
C ARG E 481 -29.60 19.51 29.39
N CYS E 482 -28.51 19.54 28.63
CA CYS E 482 -27.38 20.42 28.87
C CYS E 482 -27.20 21.36 27.70
N SER E 483 -26.84 22.61 27.99
CA SER E 483 -26.54 23.61 26.98
C SER E 483 -25.03 23.65 26.78
N ILE E 484 -24.57 23.17 25.63
CA ILE E 484 -23.14 23.07 25.37
C ILE E 484 -22.56 24.47 25.19
N LEU E 485 -21.44 24.74 25.89
CA LEU E 485 -20.73 26.02 25.80
C LEU E 485 -19.27 25.67 25.51
N ALA E 486 -18.96 25.42 24.24
CA ALA E 486 -17.63 25.02 23.84
C ALA E 486 -16.69 26.21 23.77
N ALA E 487 -15.47 26.03 24.29
CA ALA E 487 -14.43 27.06 24.26
C ALA E 487 -13.20 26.48 23.56
N ALA E 488 -13.31 26.31 22.24
CA ALA E 488 -12.23 25.72 21.46
C ALA E 488 -11.09 26.72 21.31
N ASN E 489 -10.02 26.27 20.63
CA ASN E 489 -8.85 27.10 20.39
C ASN E 489 -8.28 26.81 19.01
N PRO E 490 -7.89 27.85 18.27
CA PRO E 490 -7.30 27.64 16.94
C PRO E 490 -5.95 26.97 17.04
N ALA E 491 -5.43 26.58 15.86
CA ALA E 491 -4.14 25.92 15.78
C ALA E 491 -2.96 26.89 15.80
N TYR E 492 -3.22 28.21 15.75
CA TYR E 492 -2.15 29.19 15.76
C TYR E 492 -2.46 30.35 16.71
N GLY E 493 -3.18 30.07 17.78
CA GLY E 493 -3.53 31.10 18.75
C GLY E 493 -4.55 32.08 18.21
N ARG E 494 -4.07 33.16 17.58
CA ARG E 494 -4.96 34.16 17.01
C ARG E 494 -5.44 33.69 15.63
N TYR E 495 -6.25 34.54 14.99
CA TYR E 495 -6.77 34.23 13.65
C TYR E 495 -5.68 34.52 12.62
N ASN E 496 -5.15 33.46 12.02
CA ASN E 496 -4.11 33.59 10.99
C ASN E 496 -4.56 32.87 9.73
N PRO E 497 -4.80 33.57 8.63
CA PRO E 497 -5.21 32.90 7.39
C PRO E 497 -4.15 31.97 6.85
N ARG E 498 -4.09 30.74 7.37
CA ARG E 498 -3.12 29.76 6.92
C ARG E 498 -3.68 28.83 5.85
N ARG E 499 -4.91 28.36 6.03
CA ARG E 499 -5.53 27.48 5.05
C ARG E 499 -7.05 27.67 5.05
N SER E 500 -7.79 26.60 4.76
CA SER E 500 -9.24 26.68 4.71
C SER E 500 -9.82 26.89 6.12
N LEU E 501 -11.07 27.33 6.15
CA LEU E 501 -11.72 27.59 7.44
C LEU E 501 -12.13 26.29 8.13
N GLU E 502 -12.35 25.22 7.36
CA GLU E 502 -12.74 23.95 7.97
C GLU E 502 -11.55 23.25 8.59
N GLN E 503 -10.37 23.35 7.97
CA GLN E 503 -9.16 22.71 8.47
C GLN E 503 -8.41 23.57 9.48
N ASN E 504 -8.88 24.79 9.75
CA ASN E 504 -8.20 25.64 10.72
C ASN E 504 -8.41 25.15 12.14
N ILE E 505 -9.54 24.48 12.40
CA ILE E 505 -9.84 23.92 13.72
C ILE E 505 -9.88 22.41 13.59
N GLN E 506 -9.08 21.73 14.40
CA GLN E 506 -9.02 20.26 14.39
C GLN E 506 -10.31 19.71 14.97
N LEU E 507 -11.35 19.68 14.13
CA LEU E 507 -12.66 19.20 14.54
C LEU E 507 -13.37 18.69 13.29
N PRO E 508 -13.98 17.50 13.35
CA PRO E 508 -14.68 16.96 12.18
C PRO E 508 -15.87 17.83 11.79
N ALA E 509 -16.34 17.64 10.56
CA ALA E 509 -17.45 18.43 10.04
C ALA E 509 -18.79 18.07 10.70
N ALA E 510 -18.85 16.96 11.44
CA ALA E 510 -20.09 16.59 12.11
C ALA E 510 -20.39 17.48 13.30
N LEU E 511 -19.40 18.23 13.80
CA LEU E 511 -19.58 19.12 14.94
C LEU E 511 -19.41 20.59 14.56
N LEU E 512 -19.07 20.90 13.32
CA LEU E 512 -18.90 22.29 12.90
C LEU E 512 -20.24 22.98 12.72
N SER E 513 -21.08 22.44 11.82
CA SER E 513 -22.40 23.00 11.56
C SER E 513 -23.46 22.53 12.54
N ARG E 514 -23.07 21.79 13.58
CA ARG E 514 -24.04 21.30 14.56
C ARG E 514 -24.48 22.39 15.52
N PHE E 515 -23.61 23.35 15.81
CA PHE E 515 -23.95 24.45 16.69
C PHE E 515 -24.87 25.44 15.98
N ASP E 516 -25.34 26.44 16.71
CA ASP E 516 -26.21 27.49 16.18
C ASP E 516 -25.45 28.75 15.82
N LEU E 517 -24.67 29.28 16.75
CA LEU E 517 -23.86 30.48 16.52
C LEU E 517 -22.39 30.15 16.69
N LEU E 518 -21.59 30.52 15.70
CA LEU E 518 -20.15 30.25 15.70
C LEU E 518 -19.41 31.58 15.80
N TRP E 519 -19.06 31.96 17.03
CA TRP E 519 -18.33 33.20 17.27
C TRP E 519 -16.83 32.94 17.30
N LEU E 520 -16.07 34.01 17.07
CA LEU E 520 -14.61 33.93 17.03
C LEU E 520 -14.02 35.18 17.68
N ILE E 521 -12.98 34.99 18.46
CA ILE E 521 -12.29 36.07 19.15
C ILE E 521 -10.94 36.27 18.47
N GLN E 522 -10.78 37.40 17.81
CA GLN E 522 -9.55 37.75 17.10
C GLN E 522 -8.96 39.03 17.69
N ASP E 523 -7.85 39.48 17.10
CA ASP E 523 -7.17 40.68 17.55
C ASP E 523 -6.72 41.47 16.33
N ARG E 524 -6.96 42.78 16.35
CA ARG E 524 -6.57 43.66 15.26
C ARG E 524 -5.72 44.80 15.80
N PRO E 525 -4.69 45.22 15.06
CA PRO E 525 -3.85 46.33 15.53
C PRO E 525 -4.57 47.66 15.49
N ASP E 526 -5.42 47.92 16.48
CA ASP E 526 -6.18 49.15 16.57
C ASP E 526 -6.01 49.75 17.96
N ARG E 527 -5.58 51.01 18.02
CA ARG E 527 -5.38 51.69 19.28
C ARG E 527 -6.68 52.16 19.92
N ASP E 528 -7.79 52.13 19.19
CA ASP E 528 -9.07 52.55 19.77
C ASP E 528 -9.59 51.52 20.76
N ASN E 529 -9.51 50.24 20.40
CA ASN E 529 -9.98 49.19 21.31
C ASN E 529 -9.01 49.01 22.47
N ASP E 530 -7.70 49.09 22.20
CA ASP E 530 -6.71 48.93 23.26
C ASP E 530 -6.73 50.07 24.26
N LEU E 531 -7.25 51.24 23.87
CA LEU E 531 -7.33 52.35 24.80
C LEU E 531 -8.37 52.09 25.89
N ARG E 532 -9.49 51.47 25.53
CA ARG E 532 -10.52 51.16 26.52
C ARG E 532 -10.12 49.98 27.39
N LEU E 533 -9.25 49.10 26.88
CA LEU E 533 -8.81 47.95 27.68
C LEU E 533 -7.89 48.39 28.81
N ALA E 534 -7.19 49.51 28.65
CA ALA E 534 -6.29 50.03 29.68
C ALA E 534 -6.98 51.05 30.58
N GLN E 535 -8.28 51.26 30.43
CA GLN E 535 -9.03 52.21 31.24
C GLN E 535 -9.91 51.54 32.29
N HIS E 536 -10.64 50.48 31.91
CA HIS E 536 -11.49 49.81 32.87
C HIS E 536 -10.68 49.06 33.92
N ILE E 537 -9.49 48.59 33.57
CA ILE E 537 -8.65 47.88 34.53
C ILE E 537 -8.11 48.84 35.58
N THR E 538 -7.97 50.12 35.23
CA THR E 538 -7.47 51.11 36.19
C THR E 538 -8.43 51.28 37.36
N TYR E 539 -9.74 51.30 37.08
CA TYR E 539 -10.73 51.44 38.13
C TYR E 539 -10.90 50.20 38.99
N VAL E 540 -10.32 49.06 38.58
CA VAL E 540 -10.42 47.86 39.39
C VAL E 540 -9.60 48.00 40.66
N HIS E 541 -8.49 48.72 40.60
CA HIS E 541 -7.66 48.92 41.79
C HIS E 541 -8.36 49.76 42.85
N GLN E 542 -9.37 50.54 42.48
CA GLN E 542 -10.11 51.36 43.42
C GLN E 542 -11.46 50.74 43.79
N HIS E 543 -12.24 50.33 42.79
CA HIS E 543 -13.55 49.73 43.02
C HIS E 543 -13.51 48.27 42.59
N SER E 544 -14.21 47.42 43.36
CA SER E 544 -14.26 45.99 43.08
C SER E 544 -15.39 45.61 42.14
N ARG E 545 -16.07 46.58 41.54
CA ARG E 545 -17.16 46.30 40.62
C ARG E 545 -16.96 46.99 39.28
N GLN E 546 -18.05 47.46 38.68
CA GLN E 546 -17.94 48.13 37.39
C GLN E 546 -17.40 49.55 37.57
N PRO E 547 -16.64 50.05 36.59
CA PRO E 547 -16.13 51.41 36.69
C PRO E 547 -17.26 52.43 36.64
N PRO E 548 -17.09 53.59 37.27
CA PRO E 548 -18.15 54.60 37.23
C PRO E 548 -18.32 55.22 35.85
N SER E 549 -19.03 54.50 34.96
CA SER E 549 -19.27 54.97 33.61
C SER E 549 -20.76 55.22 33.48
N GLN E 550 -21.50 54.36 32.76
CA GLN E 550 -22.94 54.52 32.61
C GLN E 550 -23.74 53.28 32.98
N PHE E 551 -23.13 52.10 33.03
CA PHE E 551 -23.82 50.87 33.40
C PHE E 551 -23.62 50.57 34.87
N GLU E 552 -24.56 49.83 35.46
CA GLU E 552 -24.50 49.47 36.86
C GLU E 552 -24.55 47.95 37.02
N PRO E 553 -23.78 47.39 37.95
CA PRO E 553 -23.78 45.94 38.15
C PRO E 553 -25.03 45.47 38.89
N LEU E 554 -25.32 44.19 38.73
CA LEU E 554 -26.47 43.57 39.36
C LEU E 554 -26.02 42.73 40.55
N ASP E 555 -26.96 41.99 41.15
CA ASP E 555 -26.64 41.17 42.32
C ASP E 555 -26.47 39.71 41.93
N MET E 556 -27.53 38.91 42.09
CA MET E 556 -27.45 37.49 41.77
C MET E 556 -28.84 36.92 41.52
N LYS E 557 -29.79 37.22 42.40
CA LYS E 557 -31.15 36.74 42.28
C LYS E 557 -32.02 37.71 41.48
N LEU E 558 -31.57 38.07 40.29
CA LEU E 558 -32.30 39.01 39.45
C LEU E 558 -32.51 38.44 38.05
N MET E 559 -31.43 38.20 37.32
CA MET E 559 -31.53 37.72 35.95
C MET E 559 -31.95 36.26 35.87
N ARG E 560 -31.70 35.48 36.93
CA ARG E 560 -32.08 34.07 36.93
C ARG E 560 -33.49 33.83 37.44
N ARG E 561 -33.96 34.65 38.39
CA ARG E 561 -35.32 34.49 38.89
C ARG E 561 -36.35 35.00 37.89
N TYR E 562 -35.95 35.94 37.02
CA TYR E 562 -36.86 36.45 36.00
C TYR E 562 -36.90 35.54 34.78
N ILE E 563 -35.78 34.92 34.43
CA ILE E 563 -35.73 34.01 33.29
C ILE E 563 -36.34 32.65 33.59
N ALA E 564 -36.53 32.32 34.87
CA ALA E 564 -37.11 31.04 35.24
C ALA E 564 -38.64 31.03 35.17
N MET E 565 -39.28 32.20 35.24
CA MET E 565 -40.73 32.27 35.18
C MET E 565 -41.27 32.07 33.77
N CYS E 566 -40.45 32.26 32.74
CA CYS E 566 -40.87 32.10 31.36
C CYS E 566 -40.45 30.76 30.77
N ARG E 567 -40.03 29.81 31.61
CA ARG E 567 -39.63 28.50 31.09
C ARG E 567 -40.85 27.70 30.65
N GLU E 568 -42.01 27.91 31.26
CA GLU E 568 -43.21 27.19 30.89
C GLU E 568 -43.98 27.85 29.75
N LYS E 569 -43.57 29.05 29.33
CA LYS E 569 -44.24 29.74 28.25
C LYS E 569 -43.86 29.13 26.91
N GLN E 570 -44.87 28.78 26.11
CA GLN E 570 -44.66 28.17 24.80
C GLN E 570 -45.14 29.13 23.72
N PRO E 571 -44.23 29.88 23.09
CA PRO E 571 -44.65 30.81 22.04
C PRO E 571 -45.19 30.07 20.82
N MET E 572 -46.19 30.67 20.19
CA MET E 572 -46.83 30.12 19.01
C MET E 572 -46.57 31.03 17.81
N VAL E 573 -46.04 30.45 16.74
CA VAL E 573 -45.72 31.19 15.52
C VAL E 573 -46.94 31.12 14.60
N PRO E 574 -47.58 32.24 14.28
CA PRO E 574 -48.74 32.20 13.38
C PRO E 574 -48.33 31.79 11.98
N GLU E 575 -49.35 31.47 11.17
CA GLU E 575 -49.12 31.05 9.79
C GLU E 575 -48.69 32.21 8.90
N SER E 576 -48.91 33.46 9.33
CA SER E 576 -48.52 34.61 8.52
C SER E 576 -47.02 34.88 8.64
N LEU E 577 -46.47 34.82 9.84
CA LEU E 577 -45.05 35.07 10.06
C LEU E 577 -44.20 33.83 9.80
N ALA E 578 -44.80 32.65 9.64
CA ALA E 578 -44.04 31.44 9.39
C ALA E 578 -43.46 31.40 7.98
N ASP E 579 -44.07 32.11 7.03
CA ASP E 579 -43.55 32.15 5.67
C ASP E 579 -42.29 33.00 5.56
N TYR E 580 -42.10 33.95 6.47
CA TYR E 580 -40.90 34.78 6.43
C TYR E 580 -39.67 34.01 6.86
N ILE E 581 -39.82 33.05 7.78
CA ILE E 581 -38.68 32.25 8.21
C ILE E 581 -38.26 31.29 7.12
N THR E 582 -39.23 30.70 6.41
CA THR E 582 -38.90 29.79 5.33
C THR E 582 -38.26 30.52 4.15
N ALA E 583 -38.69 31.76 3.88
CA ALA E 583 -38.09 32.52 2.80
C ALA E 583 -36.69 33.01 3.16
N ALA E 584 -36.41 33.23 4.44
CA ALA E 584 -35.09 33.65 4.87
C ALA E 584 -34.08 32.51 4.83
N TYR E 585 -34.55 31.26 4.92
CA TYR E 585 -33.64 30.13 4.86
C TYR E 585 -33.11 29.91 3.46
N VAL E 586 -33.88 30.29 2.43
CA VAL E 586 -33.41 30.15 1.05
C VAL E 586 -32.28 31.13 0.78
N GLU E 587 -32.42 32.38 1.24
CA GLU E 587 -31.36 33.36 1.06
C GLU E 587 -30.16 33.09 1.94
N MET E 588 -30.33 32.32 3.02
CA MET E 588 -29.22 32.01 3.90
C MET E 588 -28.27 31.00 3.28
N ARG E 589 -28.75 30.21 2.32
CA ARG E 589 -27.91 29.20 1.67
C ARG E 589 -27.00 29.79 0.60
N ARG E 590 -27.23 31.03 0.18
CA ARG E 590 -26.41 31.62 -0.87
C ARG E 590 -25.00 31.91 -0.38
N GLU E 591 -24.86 32.34 0.88
CA GLU E 591 -23.54 32.62 1.42
C GLU E 591 -22.72 31.36 1.65
N ALA E 592 -23.37 30.21 1.77
CA ALA E 592 -22.67 28.94 1.96
C ALA E 592 -22.47 28.16 0.66
N TRP E 593 -23.27 28.45 -0.37
CA TRP E 593 -23.13 27.75 -1.64
C TRP E 593 -22.00 28.32 -2.49
N ALA E 594 -21.78 29.63 -2.43
CA ALA E 594 -20.72 30.28 -3.19
C ALA E 594 -19.39 30.28 -2.47
N SER E 595 -19.31 29.69 -1.27
CA SER E 595 -18.08 29.63 -0.49
C SER E 595 -18.06 28.28 0.24
N LYS E 596 -17.37 27.30 -0.35
CA LYS E 596 -17.27 25.98 0.25
C LYS E 596 -16.16 25.87 1.28
N ASP E 597 -15.34 26.92 1.45
CA ASP E 597 -14.27 26.87 2.44
C ASP E 597 -14.78 27.07 3.85
N ALA E 598 -15.89 27.78 4.02
CA ALA E 598 -16.46 28.03 5.33
C ALA E 598 -17.44 26.91 5.68
N THR E 599 -18.40 27.18 6.56
CA THR E 599 -19.38 26.18 6.95
C THR E 599 -20.42 25.99 5.85
N TYR E 600 -21.13 24.86 5.92
CA TYR E 600 -22.16 24.52 4.95
C TYR E 600 -23.53 24.58 5.61
N THR E 601 -24.54 24.93 4.81
CA THR E 601 -25.91 25.04 5.28
C THR E 601 -26.70 23.81 4.82
N SER E 602 -27.16 23.01 5.78
CA SER E 602 -27.93 21.81 5.46
C SER E 602 -29.16 21.72 6.36
N ALA E 603 -29.59 20.49 6.67
CA ALA E 603 -30.74 20.30 7.52
C ALA E 603 -30.42 20.51 9.00
N ARG E 604 -29.14 20.57 9.36
CA ARG E 604 -28.78 20.78 10.76
C ARG E 604 -29.03 22.23 11.18
N THR E 605 -28.83 23.18 10.26
CA THR E 605 -29.05 24.59 10.55
C THR E 605 -30.50 25.01 10.34
N LEU E 606 -31.34 24.15 9.75
CA LEU E 606 -32.73 24.51 9.53
C LEU E 606 -33.50 24.53 10.86
N LEU E 607 -33.29 23.53 11.71
CA LEU E 607 -33.96 23.48 13.00
C LEU E 607 -33.38 24.48 14.00
N ALA E 608 -32.17 24.99 13.75
CA ALA E 608 -31.56 25.96 14.66
C ALA E 608 -32.18 27.34 14.52
N ILE E 609 -32.74 27.66 13.35
CA ILE E 609 -33.38 28.96 13.17
C ILE E 609 -34.70 29.02 13.94
N LEU E 610 -35.48 27.95 13.91
CA LEU E 610 -36.73 27.92 14.66
C LEU E 610 -36.50 27.87 16.17
N ARG E 611 -35.32 27.43 16.60
CA ARG E 611 -35.04 27.38 18.04
C ARG E 611 -34.83 28.78 18.62
N LEU E 612 -34.25 29.69 17.85
CA LEU E 612 -34.02 31.05 18.32
C LEU E 612 -35.26 31.92 18.27
N SER E 613 -36.37 31.43 17.70
CA SER E 613 -37.59 32.21 17.62
C SER E 613 -38.29 32.32 18.97
N THR E 614 -38.03 31.39 19.89
CA THR E 614 -38.64 31.40 21.21
C THR E 614 -37.73 32.02 22.28
N ALA E 615 -36.50 32.38 21.92
CA ALA E 615 -35.58 32.97 22.89
C ALA E 615 -35.95 34.42 23.20
N LEU E 616 -36.56 35.12 22.25
CA LEU E 616 -36.95 36.52 22.44
C LEU E 616 -38.43 36.69 22.74
N ALA E 617 -39.28 35.73 22.36
CA ALA E 617 -40.70 35.84 22.62
C ALA E 617 -41.05 35.63 24.08
N ARG E 618 -40.17 35.00 24.86
CA ARG E 618 -40.41 34.76 26.27
C ARG E 618 -39.87 35.87 27.17
N LEU E 619 -39.20 36.88 26.59
CA LEU E 619 -38.66 37.97 27.39
C LEU E 619 -39.67 39.08 27.62
N ARG E 620 -40.70 39.18 26.79
CA ARG E 620 -41.72 40.21 26.92
C ARG E 620 -42.97 39.72 27.65
N MET E 621 -42.89 38.56 28.31
CA MET E 621 -44.02 37.99 29.05
C MET E 621 -45.24 37.79 28.15
N VAL E 622 -45.00 37.39 26.91
CA VAL E 622 -46.06 37.15 25.94
C VAL E 622 -45.91 35.73 25.40
N ASP E 623 -46.98 35.26 24.76
CA ASP E 623 -47.02 33.93 24.18
C ASP E 623 -47.05 33.95 22.65
N VAL E 624 -46.84 35.12 22.04
CA VAL E 624 -46.84 35.25 20.59
C VAL E 624 -45.48 35.76 20.14
N VAL E 625 -45.25 35.70 18.84
CA VAL E 625 -44.01 36.15 18.23
C VAL E 625 -44.33 37.26 17.24
N GLU E 626 -43.41 38.23 17.15
CA GLU E 626 -43.55 39.37 16.26
C GLU E 626 -42.37 39.40 15.30
N LYS E 627 -42.31 40.45 14.47
CA LYS E 627 -41.22 40.60 13.52
C LYS E 627 -39.91 41.00 14.20
N GLU E 628 -39.98 41.56 15.41
CA GLU E 628 -38.75 41.96 16.10
C GLU E 628 -37.94 40.74 16.54
N ASP E 629 -38.61 39.66 16.93
CA ASP E 629 -37.91 38.45 17.35
C ASP E 629 -37.26 37.70 16.21
N VAL E 630 -37.59 38.04 14.96
CA VAL E 630 -37.01 37.38 13.80
C VAL E 630 -35.81 38.15 13.26
N ASN E 631 -35.91 39.48 13.18
CA ASN E 631 -34.80 40.28 12.66
C ASN E 631 -33.62 40.26 13.63
N GLU E 632 -33.88 40.27 14.93
CA GLU E 632 -32.81 40.22 15.93
C GLU E 632 -32.21 38.83 16.06
N ALA E 633 -32.94 37.78 15.70
CA ALA E 633 -32.40 36.43 15.77
C ALA E 633 -31.36 36.19 14.68
N ILE E 634 -31.65 36.64 13.45
CA ILE E 634 -30.69 36.49 12.36
C ILE E 634 -29.57 37.52 12.41
N ARG E 635 -29.70 38.55 13.25
CA ARG E 635 -28.64 39.54 13.36
C ARG E 635 -27.40 38.96 14.02
N LEU E 636 -27.59 38.11 15.04
CA LEU E 636 -26.45 37.47 15.69
C LEU E 636 -25.84 36.39 14.80
N MET E 637 -26.62 35.83 13.88
CA MET E 637 -26.08 34.81 12.98
C MET E 637 -25.20 35.43 11.90
N GLU E 638 -25.61 36.59 11.36
CA GLU E 638 -24.80 37.26 10.36
C GLU E 638 -23.52 37.83 10.96
N MET E 639 -23.56 38.25 12.22
CA MET E 639 -22.36 38.78 12.86
C MET E 639 -21.39 37.66 13.22
N SER E 640 -21.89 36.47 13.54
CA SER E 640 -21.01 35.37 13.91
C SER E 640 -20.29 34.79 12.69
N LYS E 641 -20.98 34.72 11.55
CA LYS E 641 -20.36 34.17 10.35
C LYS E 641 -19.34 35.12 9.76
N ASP E 642 -19.51 36.43 9.97
CA ASP E 642 -18.54 37.39 9.48
C ASP E 642 -17.30 37.48 10.36
N SER E 643 -17.43 37.10 11.63
CA SER E 643 -16.28 37.11 12.53
C SER E 643 -15.35 35.93 12.29
N LEU E 644 -15.82 34.89 11.60
CA LEU E 644 -14.97 33.74 11.31
C LEU E 644 -13.95 34.03 10.21
N LEU E 645 -14.11 35.12 9.47
CA LEU E 645 -13.22 35.50 8.41
C LEU E 645 -12.34 36.67 8.86
N GLY E 646 -11.70 37.33 7.89
CA GLY E 646 -10.84 38.46 8.15
C GLY E 646 -11.38 39.80 7.73
N ASP E 647 -12.62 39.86 7.27
CA ASP E 647 -13.22 41.12 6.84
C ASP E 647 -14.73 41.02 7.05
N LYS E 648 -15.46 42.05 6.60
CA LYS E 648 -16.90 42.11 6.72
C LYS E 648 -17.52 42.21 5.33
N GLY E 649 -18.53 41.38 5.06
CA GLY E 649 -19.19 41.38 3.78
C GLY E 649 -20.16 42.54 3.61
N GLN E 650 -19.81 43.49 2.76
CA GLN E 650 -20.65 44.66 2.51
C GLN E 650 -20.99 44.71 1.02
N THR E 651 -21.60 45.82 0.60
CA THR E 651 -21.99 46.03 -0.78
C THR E 651 -21.69 47.47 -1.18
N ALA E 652 -21.74 47.71 -2.49
CA ALA E 652 -21.48 49.04 -3.04
C ALA E 652 -22.41 49.26 -4.23
N ARG E 653 -23.20 50.33 -4.15
CA ARG E 653 -24.14 50.66 -5.22
C ARG E 653 -24.36 52.16 -5.26
N THR E 654 -24.13 52.76 -6.43
CA THR E 654 -24.30 54.19 -6.63
C THR E 654 -25.68 54.45 -7.21
N GLN E 655 -26.44 55.34 -6.57
CA GLN E 655 -27.79 55.67 -7.03
C GLN E 655 -27.70 56.54 -8.27
N ARG E 656 -27.60 55.91 -9.44
CA ARG E 656 -27.55 56.64 -10.69
C ARG E 656 -28.91 57.25 -11.00
N PRO E 657 -28.94 58.53 -11.41
CA PRO E 657 -30.24 59.15 -11.75
C PRO E 657 -30.73 58.78 -13.14
N ALA E 658 -30.19 57.69 -13.70
CA ALA E 658 -30.58 57.25 -15.04
C ALA E 658 -30.36 55.75 -15.20
N ASP E 659 -30.36 55.01 -14.09
CA ASP E 659 -30.17 53.57 -14.17
C ASP E 659 -31.48 52.83 -14.35
N VAL E 660 -32.54 53.26 -13.65
CA VAL E 660 -33.84 52.64 -13.78
C VAL E 660 -34.62 53.14 -14.98
N ILE E 661 -34.16 54.21 -15.62
CA ILE E 661 -34.87 54.73 -16.79
C ILE E 661 -34.66 53.82 -17.99
N PHE E 662 -33.45 53.31 -18.17
CA PHE E 662 -33.18 52.41 -19.29
C PHE E 662 -33.87 51.07 -19.11
N ALA E 663 -34.09 50.64 -17.86
CA ALA E 663 -34.77 49.37 -17.62
C ALA E 663 -36.25 49.46 -17.94
N THR E 664 -36.84 50.67 -17.85
CA THR E 664 -38.25 50.82 -18.17
C THR E 664 -38.49 50.74 -19.68
N VAL E 665 -37.54 51.24 -20.47
CA VAL E 665 -37.68 51.17 -21.92
C VAL E 665 -37.56 49.73 -22.40
N ARG E 666 -36.86 48.88 -21.66
CA ARG E 666 -36.71 47.48 -22.04
C ARG E 666 -38.04 46.73 -22.05
N GLU E 667 -39.03 47.21 -21.28
CA GLU E 667 -40.33 46.55 -21.26
C GLU E 667 -41.10 46.74 -22.55
N LEU E 668 -40.73 47.72 -23.38
CA LEU E 668 -41.39 47.97 -24.65
C LEU E 668 -40.62 47.46 -25.86
N VAL E 669 -39.32 47.18 -25.70
CA VAL E 669 -38.54 46.69 -26.82
C VAL E 669 -38.88 45.23 -27.11
N SER E 670 -39.07 44.43 -26.06
CA SER E 670 -39.40 43.02 -26.25
C SER E 670 -40.82 42.83 -26.77
N GLY E 671 -41.67 43.84 -26.65
CA GLY E 671 -43.03 43.72 -27.12
C GLY E 671 -43.23 44.28 -28.51
N GLY E 672 -42.46 45.29 -28.86
CA GLY E 672 -42.57 45.89 -30.19
C GLY E 672 -41.33 46.69 -30.52
N ARG E 673 -41.27 47.16 -31.77
CA ARG E 673 -40.16 47.95 -32.27
C ARG E 673 -40.49 49.43 -32.38
N SER E 674 -41.58 49.78 -33.06
CA SER E 674 -41.99 51.16 -33.22
C SER E 674 -42.73 51.60 -31.96
N VAL E 675 -41.96 51.92 -30.93
CA VAL E 675 -42.51 52.35 -29.66
C VAL E 675 -42.82 53.84 -29.72
N ARG E 676 -44.04 54.21 -29.35
CA ARG E 676 -44.44 55.61 -29.36
C ARG E 676 -43.80 56.34 -28.19
N PHE E 677 -43.34 57.57 -28.46
CA PHE E 677 -42.71 58.37 -27.42
C PHE E 677 -43.70 58.77 -26.34
N SER E 678 -44.95 59.03 -26.70
CA SER E 678 -45.96 59.40 -25.70
C SER E 678 -46.49 58.19 -24.95
N GLU E 679 -46.42 56.99 -25.55
CA GLU E 679 -46.91 55.79 -24.90
C GLU E 679 -45.91 55.26 -23.87
N ALA E 680 -44.61 55.49 -24.08
CA ALA E 680 -43.61 55.01 -23.16
C ALA E 680 -43.64 55.74 -21.82
N GLU E 681 -44.24 56.92 -21.76
CA GLU E 681 -44.34 57.68 -20.54
C GLU E 681 -45.52 57.27 -19.67
N GLN E 682 -46.32 56.30 -20.12
CA GLN E 682 -47.46 55.84 -19.32
C GLN E 682 -47.02 55.00 -18.13
N ARG E 683 -45.79 54.49 -18.14
CA ARG E 683 -45.28 53.69 -17.04
C ARG E 683 -44.19 54.37 -16.23
N CYS E 684 -43.54 55.39 -16.78
CA CYS E 684 -42.47 56.08 -16.04
C CYS E 684 -43.05 56.96 -14.95
N VAL E 685 -44.20 57.60 -15.20
CA VAL E 685 -44.82 58.49 -14.21
C VAL E 685 -45.64 57.74 -13.19
N SER E 686 -45.71 56.41 -13.26
CA SER E 686 -46.48 55.65 -12.29
C SER E 686 -45.76 55.57 -10.95
N ARG E 687 -44.47 55.22 -10.98
CA ARG E 687 -43.70 55.13 -9.74
C ARG E 687 -43.38 56.51 -9.16
N GLY E 688 -43.03 57.48 -10.00
CA GLY E 688 -42.74 58.81 -9.52
C GLY E 688 -41.50 59.41 -10.15
N PHE E 689 -41.27 59.12 -11.43
CA PHE E 689 -40.11 59.65 -12.14
C PHE E 689 -40.45 61.01 -12.72
N THR E 690 -39.59 61.99 -12.47
CA THR E 690 -39.82 63.34 -12.96
C THR E 690 -39.54 63.41 -14.47
N PRO E 691 -40.43 64.05 -15.24
CA PRO E 691 -40.21 64.14 -16.69
C PRO E 691 -39.08 65.08 -17.09
N ALA E 692 -38.62 65.94 -16.18
CA ALA E 692 -37.54 66.86 -16.51
C ALA E 692 -36.21 66.11 -16.65
N GLN E 693 -36.00 65.08 -15.85
CA GLN E 693 -34.77 64.30 -15.92
C GLN E 693 -34.76 63.33 -17.09
N PHE E 694 -35.92 63.03 -17.68
CA PHE E 694 -35.96 62.13 -18.82
C PHE E 694 -35.44 62.80 -20.08
N GLN E 695 -35.66 64.11 -20.22
CA GLN E 695 -35.18 64.82 -21.40
C GLN E 695 -33.66 64.92 -21.40
N ALA E 696 -33.04 65.04 -20.22
CA ALA E 696 -31.59 65.09 -20.14
C ALA E 696 -30.94 63.72 -20.17
N ALA E 697 -31.73 62.65 -20.01
CA ALA E 697 -31.19 61.29 -20.02
C ALA E 697 -31.17 60.68 -21.41
N LEU E 698 -31.96 61.22 -22.36
CA LEU E 698 -31.96 60.68 -23.71
C LEU E 698 -30.65 61.00 -24.43
N ASP E 699 -30.10 62.19 -24.20
CA ASP E 699 -28.84 62.57 -24.83
C ASP E 699 -27.63 61.85 -24.22
N GLU E 700 -27.79 61.23 -23.05
CA GLU E 700 -26.69 60.51 -22.45
C GLU E 700 -26.42 59.19 -23.16
N TYR E 701 -27.44 58.61 -23.79
CA TYR E 701 -27.29 57.37 -24.53
C TYR E 701 -27.33 57.55 -26.04
N GLU E 702 -28.09 58.54 -26.53
CA GLU E 702 -28.10 58.81 -27.96
C GLU E 702 -26.73 59.28 -28.45
N GLU E 703 -25.98 59.98 -27.61
CA GLU E 703 -24.64 60.41 -27.98
C GLU E 703 -23.69 59.22 -28.09
N LEU E 704 -23.89 58.19 -27.27
CA LEU E 704 -23.08 57.00 -27.30
C LEU E 704 -23.62 55.93 -28.25
N ASN E 705 -24.54 56.30 -29.14
CA ASN E 705 -25.09 55.42 -30.17
C ASN E 705 -25.79 54.21 -29.52
N VAL E 706 -27.02 54.46 -29.09
CA VAL E 706 -27.88 53.41 -28.54
C VAL E 706 -29.17 53.35 -29.34
N TRP E 707 -29.91 54.45 -29.34
CA TRP E 707 -31.13 54.59 -30.13
C TRP E 707 -31.03 55.86 -30.98
N GLN E 708 -32.14 56.23 -31.59
CA GLN E 708 -32.20 57.42 -32.44
C GLN E 708 -33.61 58.00 -32.42
N VAL E 709 -33.69 59.32 -32.54
CA VAL E 709 -34.95 60.04 -32.54
C VAL E 709 -35.05 60.84 -33.83
N ASN E 710 -36.21 61.44 -34.03
CA ASN E 710 -36.48 62.26 -35.21
C ASN E 710 -36.22 63.73 -34.89
N ALA E 711 -36.73 64.63 -35.73
CA ALA E 711 -36.54 66.05 -35.49
C ALA E 711 -37.45 66.55 -34.37
N SER E 712 -38.66 66.03 -34.28
CA SER E 712 -39.61 66.42 -33.25
C SER E 712 -39.46 65.60 -31.97
N ARG E 713 -38.55 64.62 -31.96
CA ARG E 713 -38.32 63.76 -30.79
C ARG E 713 -39.61 63.04 -30.36
N THR E 714 -40.35 62.55 -31.35
CA THR E 714 -41.60 61.83 -31.09
C THR E 714 -41.56 60.38 -31.53
N ARG E 715 -40.48 59.93 -32.16
CA ARG E 715 -40.34 58.55 -32.62
C ARG E 715 -39.05 57.97 -32.07
N ILE E 716 -39.15 56.85 -31.36
CA ILE E 716 -38.01 56.15 -30.80
C ILE E 716 -38.10 54.69 -31.18
N THR E 717 -37.00 54.15 -31.71
CA THR E 717 -36.93 52.76 -32.15
C THR E 717 -35.58 52.19 -31.79
N PHE E 718 -35.58 51.03 -31.12
CA PHE E 718 -34.33 50.38 -30.74
C PHE E 718 -33.63 49.83 -31.97
N VAL E 719 -32.40 50.28 -32.19
CA VAL E 719 -31.62 49.82 -33.34
C VAL E 719 -31.01 48.46 -33.05
N ARG F 575 -17.66 57.67 -80.11
CA ARG F 575 -18.31 56.54 -79.44
C ARG F 575 -17.82 55.22 -80.00
N SER F 576 -16.85 54.61 -79.32
CA SER F 576 -16.30 53.33 -79.75
C SER F 576 -16.97 52.15 -79.06
N ARG F 577 -17.14 52.23 -77.74
CA ARG F 577 -17.79 51.16 -76.99
C ARG F 577 -19.29 51.27 -77.11
N SER F 578 -19.95 50.11 -77.19
CA SER F 578 -21.41 50.09 -77.36
C SER F 578 -22.14 50.64 -76.14
N LEU F 579 -21.57 50.54 -74.94
CA LEU F 579 -22.18 51.03 -73.71
C LEU F 579 -21.18 51.97 -73.03
N ALA F 580 -20.96 53.13 -73.64
CA ALA F 580 -20.01 54.12 -73.12
C ALA F 580 -20.68 54.94 -72.02
N ALA F 581 -20.86 54.28 -70.87
CA ALA F 581 -21.42 54.87 -69.67
C ALA F 581 -22.81 55.45 -69.91
N GLN F 582 -23.84 54.66 -69.63
CA GLN F 582 -25.21 55.13 -69.79
C GLN F 582 -25.51 56.23 -68.78
N GLU F 583 -26.07 57.33 -69.27
CA GLU F 583 -26.35 58.47 -68.41
C GLU F 583 -27.50 58.14 -67.47
N PRO F 584 -27.31 58.23 -66.15
CA PRO F 584 -28.40 57.94 -65.21
C PRO F 584 -29.55 58.94 -65.34
N ALA F 585 -30.67 58.48 -65.89
CA ALA F 585 -31.84 59.34 -66.06
C ALA F 585 -32.74 59.37 -64.84
N SER F 586 -32.43 58.61 -63.80
CA SER F 586 -33.22 58.54 -62.58
C SER F 586 -32.48 59.25 -61.45
N VAL F 587 -32.97 59.04 -60.23
CA VAL F 587 -32.36 59.64 -59.05
C VAL F 587 -31.53 58.64 -58.27
N LEU F 588 -32.00 57.39 -58.14
CA LEU F 588 -31.25 56.37 -57.41
C LEU F 588 -29.99 55.97 -58.15
N GLU F 589 -29.99 56.03 -59.49
CA GLU F 589 -28.81 55.67 -60.25
C GLU F 589 -27.75 56.77 -60.19
N GLU F 590 -28.15 58.00 -59.90
CA GLU F 590 -27.21 59.11 -59.81
C GLU F 590 -26.54 59.20 -58.44
N ALA F 591 -27.18 58.68 -57.39
CA ALA F 591 -26.59 58.76 -56.06
C ALA F 591 -25.33 57.91 -55.94
N ARG F 592 -25.19 56.87 -56.78
CA ARG F 592 -23.99 56.05 -56.74
C ARG F 592 -22.78 56.76 -57.33
N LEU F 593 -22.99 57.80 -58.13
CA LEU F 593 -21.86 58.53 -58.69
C LEU F 593 -21.19 59.41 -57.64
N ARG F 594 -21.99 60.04 -56.79
CA ARG F 594 -21.44 60.89 -55.72
C ARG F 594 -21.01 60.10 -54.50
N LEU F 595 -21.35 58.81 -54.43
CA LEU F 595 -20.99 57.97 -53.30
C LEU F 595 -19.87 56.98 -53.62
N HIS F 596 -19.46 56.91 -54.89
CA HIS F 596 -18.40 55.98 -55.28
C HIS F 596 -17.07 56.41 -54.67
N VAL F 597 -16.24 55.41 -54.32
CA VAL F 597 -14.95 55.69 -53.73
C VAL F 597 -13.96 56.28 -54.73
N SER F 598 -14.22 56.12 -56.02
CA SER F 598 -13.35 56.64 -57.07
C SER F 598 -13.80 58.00 -57.58
N ALA F 599 -15.10 58.21 -57.76
CA ALA F 599 -15.64 59.47 -58.24
C ALA F 599 -15.83 60.42 -57.06
N VAL F 600 -14.72 60.98 -56.61
CA VAL F 600 -14.69 61.91 -55.49
C VAL F 600 -14.27 63.28 -56.02
N PRO F 601 -15.05 64.33 -55.79
CA PRO F 601 -14.64 65.66 -56.30
C PRO F 601 -13.44 66.24 -55.57
N GLU F 602 -13.20 65.83 -54.33
CA GLU F 602 -12.06 66.32 -53.57
C GLU F 602 -11.54 65.25 -52.61
N SER F 603 -11.88 65.38 -51.32
CA SER F 603 -11.47 64.41 -50.32
C SER F 603 -12.52 64.40 -49.21
N LEU F 604 -12.21 63.74 -48.10
CA LEU F 604 -13.13 63.67 -46.99
C LEU F 604 -13.02 64.92 -46.13
N PRO F 605 -14.08 65.71 -45.98
CA PRO F 605 -13.99 66.94 -45.17
C PRO F 605 -14.00 66.67 -43.68
N CYS F 606 -14.52 67.63 -42.91
CA CYS F 606 -14.61 67.52 -41.46
C CYS F 606 -13.24 67.30 -40.82
N ARG F 607 -12.20 67.86 -41.42
CA ARG F 607 -10.85 67.72 -40.89
C ARG F 607 -9.98 68.90 -41.32
N GLU F 608 -10.17 70.06 -40.68
CA GLU F 608 -9.39 71.25 -41.00
C GLU F 608 -8.29 71.51 -40.00
N GLN F 609 -8.43 71.01 -38.76
CA GLN F 609 -7.38 71.20 -37.76
C GLN F 609 -6.18 70.31 -38.02
N GLU F 610 -6.35 69.22 -38.77
CA GLU F 610 -5.25 68.33 -39.11
C GLU F 610 -4.68 68.57 -40.50
N PHE F 611 -5.51 69.00 -41.45
CA PHE F 611 -5.01 69.29 -42.79
C PHE F 611 -4.19 70.57 -42.80
N GLN F 612 -4.54 71.53 -41.95
CA GLN F 612 -3.75 72.76 -41.87
C GLN F 612 -2.45 72.54 -41.14
N ASP F 613 -2.41 71.59 -40.20
CA ASP F 613 -1.18 71.30 -39.47
C ASP F 613 -0.13 70.69 -40.39
N ILE F 614 -0.55 69.74 -41.24
CA ILE F 614 0.38 69.14 -42.18
C ILE F 614 0.66 70.04 -43.37
N TYR F 615 -0.15 71.08 -43.57
CA TYR F 615 0.09 72.01 -44.67
C TYR F 615 1.29 72.90 -44.38
N ASN F 616 1.36 73.45 -43.17
CA ASN F 616 2.49 74.29 -42.79
C ASN F 616 3.77 73.50 -42.59
N PHE F 617 3.66 72.18 -42.37
CA PHE F 617 4.86 71.36 -42.19
C PHE F 617 5.55 71.11 -43.53
N VAL F 618 4.79 70.73 -44.55
CA VAL F 618 5.38 70.47 -45.86
C VAL F 618 5.78 71.77 -46.53
N GLU F 619 5.10 72.87 -46.22
CA GLU F 619 5.45 74.15 -46.83
C GLU F 619 6.77 74.69 -46.28
N SER F 620 7.05 74.41 -45.00
CA SER F 620 8.29 74.87 -44.40
C SER F 620 9.51 74.10 -44.89
N LYS F 621 9.31 72.91 -45.46
CA LYS F 621 10.41 72.11 -45.95
C LYS F 621 10.82 72.48 -47.37
N LEU F 622 9.88 72.90 -48.21
CA LEU F 622 10.22 73.29 -49.58
C LEU F 622 10.96 74.62 -49.61
N LEU F 623 10.55 75.57 -48.76
CA LEU F 623 11.22 76.87 -48.71
C LEU F 623 12.58 76.79 -48.02
N ASP F 624 12.81 75.75 -47.22
CA ASP F 624 14.09 75.59 -46.53
C ASP F 624 15.07 74.72 -47.29
N HIS F 625 14.61 74.01 -48.33
CA HIS F 625 15.46 73.14 -49.14
C HIS F 625 16.15 72.07 -48.29
N THR F 626 15.41 71.53 -47.32
CA THR F 626 15.95 70.49 -46.45
C THR F 626 15.12 69.22 -46.55
N GLY F 627 15.29 68.31 -45.60
CA GLY F 627 14.55 67.06 -45.59
C GLY F 627 14.17 66.66 -44.18
N GLY F 628 12.97 66.08 -44.06
CA GLY F 628 12.48 65.64 -42.78
C GLY F 628 11.70 64.35 -42.91
N CYS F 629 11.22 63.87 -41.76
CA CYS F 629 10.44 62.64 -41.69
C CYS F 629 9.02 62.95 -41.22
N MET F 630 8.12 62.01 -41.49
CA MET F 630 6.71 62.14 -41.11
C MET F 630 6.11 60.77 -40.97
N TYR F 631 5.51 60.49 -39.81
CA TYR F 631 4.90 59.20 -39.52
C TYR F 631 3.59 59.43 -38.79
N ILE F 632 2.47 59.09 -39.42
CA ILE F 632 1.16 59.24 -38.80
C ILE F 632 0.71 57.89 -38.24
N SER F 633 -0.54 57.81 -37.80
CA SER F 633 -1.08 56.59 -37.24
C SER F 633 -2.59 56.56 -37.45
N GLY F 634 -3.16 55.39 -37.32
CA GLY F 634 -4.58 55.18 -37.49
C GLY F 634 -4.85 53.92 -38.28
N VAL F 635 -6.06 53.40 -38.13
CA VAL F 635 -6.49 52.19 -38.82
C VAL F 635 -6.62 52.49 -40.31
N PRO F 636 -6.43 51.51 -41.20
CA PRO F 636 -6.55 51.78 -42.64
C PRO F 636 -7.99 52.11 -43.05
N GLY F 637 -8.41 53.34 -42.81
CA GLY F 637 -9.75 53.77 -43.15
C GLY F 637 -10.16 55.04 -42.46
N THR F 638 -9.21 55.96 -42.26
CA THR F 638 -9.49 57.24 -41.62
C THR F 638 -9.14 58.43 -42.53
N GLY F 639 -8.80 58.17 -43.78
CA GLY F 639 -8.46 59.23 -44.71
C GLY F 639 -7.00 59.29 -45.12
N LYS F 640 -6.23 58.23 -44.90
CA LYS F 640 -4.82 58.21 -45.27
C LYS F 640 -4.59 58.12 -46.77
N THR F 641 -5.62 57.80 -47.55
CA THR F 641 -5.50 57.71 -49.00
C THR F 641 -6.21 58.84 -49.74
N ALA F 642 -6.97 59.67 -49.03
CA ALA F 642 -7.68 60.79 -49.65
C ALA F 642 -7.19 62.15 -49.19
N THR F 643 -6.85 62.30 -47.92
CA THR F 643 -6.35 63.58 -47.41
C THR F 643 -4.94 63.88 -47.87
N VAL F 644 -4.14 62.85 -48.19
CA VAL F 644 -2.78 63.09 -48.64
C VAL F 644 -2.73 63.57 -50.09
N HIS F 645 -3.83 63.41 -50.84
CA HIS F 645 -3.84 63.87 -52.23
C HIS F 645 -4.02 65.38 -52.30
N GLU F 646 -4.81 65.95 -51.39
CA GLU F 646 -5.02 67.40 -51.39
C GLU F 646 -3.78 68.17 -50.97
N VAL F 647 -2.84 67.52 -50.29
CA VAL F 647 -1.60 68.20 -49.91
C VAL F 647 -0.74 68.48 -51.13
N ILE F 648 -0.83 67.62 -52.15
CA ILE F 648 -0.07 67.84 -53.38
C ILE F 648 -0.82 68.74 -54.35
N ARG F 649 -2.16 68.67 -54.38
CA ARG F 649 -2.93 69.50 -55.30
C ARG F 649 -2.87 70.98 -54.95
N CYS F 650 -2.58 71.32 -53.69
CA CYS F 650 -2.50 72.71 -53.29
C CYS F 650 -1.11 73.30 -53.46
N LEU F 651 -0.07 72.47 -53.41
CA LEU F 651 1.29 72.97 -53.59
C LEU F 651 1.65 73.16 -55.06
N GLN F 652 1.01 72.40 -55.95
CA GLN F 652 1.28 72.53 -57.37
C GLN F 652 0.70 73.82 -57.95
N GLN F 653 -0.33 74.38 -57.31
CA GLN F 653 -0.91 75.63 -57.80
C GLN F 653 -0.02 76.83 -57.47
N ALA F 654 0.66 76.82 -56.33
CA ALA F 654 1.55 77.90 -55.96
C ALA F 654 2.88 77.86 -56.71
N ALA F 655 3.29 76.68 -57.20
CA ALA F 655 4.52 76.59 -57.95
C ALA F 655 4.42 77.26 -59.31
N GLN F 656 3.21 77.31 -59.88
CA GLN F 656 3.00 77.97 -61.17
C GLN F 656 2.85 79.48 -61.03
N ALA F 657 2.69 79.99 -59.81
CA ALA F 657 2.55 81.43 -59.57
C ALA F 657 3.79 82.04 -58.93
N ASN F 658 4.93 81.35 -59.01
CA ASN F 658 6.20 81.81 -58.46
C ASN F 658 6.08 82.09 -56.95
N ASP F 659 5.70 81.04 -56.22
CA ASP F 659 5.56 81.12 -54.77
C ASP F 659 6.42 80.08 -54.09
N VAL F 660 6.20 78.82 -54.43
CA VAL F 660 6.97 77.71 -53.84
C VAL F 660 7.84 77.10 -54.94
N PRO F 661 8.98 76.49 -54.59
CA PRO F 661 9.82 75.88 -55.63
C PRO F 661 9.14 74.64 -56.19
N PRO F 662 9.45 74.28 -57.44
CA PRO F 662 8.81 73.10 -58.04
C PRO F 662 9.23 71.81 -57.32
N PHE F 663 8.38 70.80 -57.46
CA PHE F 663 8.60 69.51 -56.84
C PHE F 663 8.32 68.40 -57.85
N GLN F 664 8.63 67.17 -57.46
CA GLN F 664 8.42 66.00 -58.30
C GLN F 664 7.43 65.06 -57.62
N TYR F 665 6.57 64.43 -58.41
CA TYR F 665 5.54 63.53 -57.91
C TYR F 665 6.06 62.10 -57.98
N ILE F 666 6.32 61.50 -56.82
CA ILE F 666 6.80 60.14 -56.71
C ILE F 666 5.82 59.34 -55.87
N GLU F 667 5.43 58.17 -56.36
CA GLU F 667 4.52 57.29 -55.63
C GLU F 667 5.05 55.87 -55.67
N VAL F 668 4.84 55.13 -54.57
CA VAL F 668 5.29 53.75 -54.45
C VAL F 668 4.54 53.08 -53.30
N ASN F 669 4.05 51.87 -53.53
CA ASN F 669 3.34 51.11 -52.53
C ASN F 669 4.19 49.96 -52.01
N GLY F 670 3.93 49.56 -50.77
CA GLY F 670 4.70 48.49 -50.15
C GLY F 670 4.26 47.09 -50.54
N MET F 671 3.04 46.94 -51.04
CA MET F 671 2.52 45.63 -51.42
C MET F 671 2.71 45.33 -52.91
N LYS F 672 3.06 46.33 -53.72
CA LYS F 672 3.27 46.08 -55.15
C LYS F 672 4.54 45.30 -55.43
N LEU F 673 5.45 45.22 -54.46
CA LEU F 673 6.71 44.51 -54.62
C LEU F 673 6.70 43.27 -53.72
N THR F 674 7.06 42.12 -54.29
CA THR F 674 7.10 40.89 -53.53
C THR F 674 8.27 40.89 -52.55
N GLU F 675 9.49 41.01 -53.06
CA GLU F 675 10.65 41.07 -52.18
C GLU F 675 10.76 42.45 -51.54
N PRO F 676 11.08 42.51 -50.24
CA PRO F 676 11.19 43.82 -49.57
C PRO F 676 12.45 44.60 -49.93
N HIS F 677 13.34 44.03 -50.75
CA HIS F 677 14.58 44.69 -51.14
C HIS F 677 14.51 45.28 -52.54
N GLN F 678 13.38 45.15 -53.22
CA GLN F 678 13.22 45.68 -54.57
C GLN F 678 12.73 47.12 -54.58
N VAL F 679 12.81 47.83 -53.45
CA VAL F 679 12.34 49.21 -53.39
C VAL F 679 13.28 50.15 -54.14
N TYR F 680 14.54 49.75 -54.35
CA TYR F 680 15.50 50.59 -55.04
C TYR F 680 15.26 50.64 -56.54
N VAL F 681 14.38 49.78 -57.08
CA VAL F 681 14.13 49.79 -58.52
C VAL F 681 13.05 50.81 -58.87
N GLN F 682 12.01 50.91 -58.04
CA GLN F 682 10.93 51.86 -58.33
C GLN F 682 11.37 53.30 -58.11
N ILE F 683 12.39 53.52 -57.28
CA ILE F 683 12.85 54.88 -57.01
C ILE F 683 13.72 55.39 -58.16
N LEU F 684 14.63 54.55 -58.66
CA LEU F 684 15.50 54.97 -59.75
C LEU F 684 14.72 55.10 -61.06
N GLN F 685 13.72 54.24 -61.26
CA GLN F 685 12.93 54.32 -62.49
C GLN F 685 12.01 55.54 -62.49
N LYS F 686 11.53 55.95 -61.31
CA LYS F 686 10.63 57.11 -61.24
C LYS F 686 11.37 58.40 -61.53
N LEU F 687 12.59 58.55 -60.99
CA LEU F 687 13.38 59.76 -61.20
C LEU F 687 13.91 59.83 -62.61
N THR F 688 14.79 58.90 -62.97
CA THR F 688 15.38 58.87 -64.30
C THR F 688 14.70 57.81 -65.17
N GLY F 689 15.48 56.88 -65.70
CA GLY F 689 14.93 55.83 -66.54
C GLY F 689 15.74 54.56 -66.51
N GLN F 690 16.91 54.61 -65.85
CA GLN F 690 17.76 53.40 -65.73
C GLN F 690 17.13 52.43 -64.73
N LYS F 691 17.04 51.15 -65.08
CA LYS F 691 16.53 50.14 -64.11
C LYS F 691 17.62 49.10 -63.88
N ALA F 692 17.94 48.80 -62.62
CA ALA F 692 18.95 47.76 -62.32
C ALA F 692 18.30 46.69 -61.42
N THR F 693 18.76 46.59 -60.17
CA THR F 693 18.23 45.55 -59.28
C THR F 693 18.27 46.08 -57.86
N ALA F 694 18.34 45.17 -56.89
CA ALA F 694 18.38 45.57 -55.48
C ALA F 694 19.79 45.86 -54.99
N ASN F 695 20.80 45.54 -55.80
CA ASN F 695 22.20 45.76 -55.39
C ASN F 695 22.86 46.72 -56.38
N HIS F 696 22.71 46.45 -57.68
CA HIS F 696 23.32 47.33 -58.71
C HIS F 696 22.71 48.72 -58.61
N ALA F 697 21.40 48.80 -58.36
CA ALA F 697 20.77 50.13 -58.18
C ALA F 697 20.97 50.61 -56.74
N ALA F 698 20.89 49.72 -55.74
CA ALA F 698 20.98 50.21 -54.38
C ALA F 698 22.32 50.86 -54.07
N GLU F 699 23.35 50.59 -54.88
CA GLU F 699 24.66 51.20 -54.64
C GLU F 699 24.79 52.55 -55.33
N LEU F 700 24.06 52.78 -56.42
CA LEU F 700 24.11 54.06 -57.10
C LEU F 700 23.31 55.14 -56.37
N LEU F 701 22.24 54.75 -55.67
CA LEU F 701 21.45 55.73 -54.93
C LEU F 701 22.17 56.20 -53.68
N ALA F 702 23.09 55.39 -53.14
CA ALA F 702 23.82 55.79 -51.94
C ALA F 702 24.89 56.82 -52.26
N LYS F 703 25.55 56.69 -53.42
CA LYS F 703 26.59 57.62 -53.82
C LYS F 703 26.03 58.86 -54.51
N GLN F 704 24.76 58.86 -54.88
CA GLN F 704 24.15 60.03 -55.53
C GLN F 704 23.62 61.04 -54.53
N PHE F 705 23.15 60.59 -53.37
CA PHE F 705 22.65 61.52 -52.36
C PHE F 705 23.78 62.30 -51.70
N CYS F 706 24.98 61.72 -51.64
CA CYS F 706 26.14 62.38 -51.05
C CYS F 706 27.03 63.06 -52.08
N THR F 707 26.49 63.35 -53.27
CA THR F 707 27.27 64.02 -54.30
C THR F 707 27.43 65.49 -53.95
N ARG F 708 28.68 65.95 -53.91
CA ARG F 708 28.99 67.33 -53.56
C ARG F 708 29.10 68.17 -54.82
N GLY F 709 28.20 69.14 -54.96
CA GLY F 709 28.22 70.01 -56.12
C GLY F 709 27.21 69.63 -57.18
N SER F 710 25.97 69.34 -56.77
CA SER F 710 24.91 68.97 -57.68
C SER F 710 23.58 69.36 -57.06
N PRO F 711 22.81 70.22 -57.70
CA PRO F 711 21.51 70.63 -57.14
C PRO F 711 20.44 69.58 -57.38
N GLN F 712 19.48 69.54 -56.46
CA GLN F 712 18.35 68.62 -56.57
C GLN F 712 17.03 69.37 -56.47
N GLU F 713 15.95 68.64 -56.24
CA GLU F 713 14.62 69.21 -56.11
C GLU F 713 13.97 68.71 -54.82
N THR F 714 13.00 69.48 -54.33
CA THR F 714 12.28 69.14 -53.10
C THR F 714 11.27 68.03 -53.42
N THR F 715 11.79 66.82 -53.53
CA THR F 715 10.95 65.66 -53.83
C THR F 715 10.17 65.23 -52.60
N VAL F 716 9.25 64.28 -52.81
CA VAL F 716 8.39 63.76 -51.75
C VAL F 716 8.39 62.24 -51.85
N LEU F 717 8.62 61.58 -50.72
CA LEU F 717 8.64 60.12 -50.64
C LEU F 717 7.39 59.66 -49.90
N LEU F 718 6.55 58.89 -50.60
CA LEU F 718 5.30 58.37 -50.05
C LEU F 718 5.37 56.85 -50.03
N VAL F 719 5.58 56.28 -48.86
CA VAL F 719 5.64 54.83 -48.68
C VAL F 719 4.45 54.39 -47.85
N ASP F 720 3.97 53.17 -48.14
CA ASP F 720 2.81 52.61 -47.46
C ASP F 720 3.14 51.22 -46.95
N GLU F 721 2.53 50.84 -45.83
CA GLU F 721 2.68 49.51 -45.23
C GLU F 721 4.15 49.23 -44.92
N LEU F 722 4.62 49.65 -43.75
CA LEU F 722 6.02 49.52 -43.40
C LEU F 722 6.39 48.16 -42.85
N ASP F 723 5.43 47.40 -42.33
CA ASP F 723 5.74 46.11 -41.73
C ASP F 723 6.17 45.07 -42.77
N LEU F 724 5.81 45.27 -44.03
CA LEU F 724 6.23 44.32 -45.08
C LEU F 724 7.68 44.51 -45.46
N LEU F 725 8.24 45.70 -45.26
CA LEU F 725 9.63 45.97 -45.59
C LEU F 725 10.58 45.60 -44.45
N TRP F 726 10.07 45.03 -43.36
CA TRP F 726 10.92 44.67 -42.24
C TRP F 726 11.70 43.41 -42.56
N THR F 727 13.01 43.45 -42.36
CA THR F 727 13.90 42.32 -42.60
C THR F 727 14.57 41.91 -41.29
N HIS F 728 15.46 40.93 -41.39
CA HIS F 728 16.15 40.44 -40.19
C HIS F 728 17.32 41.35 -39.80
N LYS F 729 17.98 41.96 -40.77
CA LYS F 729 19.11 42.85 -40.49
C LYS F 729 18.70 44.28 -40.24
N GLN F 730 17.43 44.62 -40.47
CA GLN F 730 16.92 45.99 -40.28
C GLN F 730 17.74 47.00 -41.07
N ASP F 731 17.92 46.70 -42.36
CA ASP F 731 18.68 47.56 -43.26
C ASP F 731 17.80 48.15 -44.35
N ILE F 732 16.50 48.31 -44.06
CA ILE F 732 15.55 48.88 -45.01
C ILE F 732 14.92 50.15 -44.47
N MET F 733 14.49 50.14 -43.20
CA MET F 733 13.91 51.33 -42.58
C MET F 733 14.95 52.23 -41.94
N TYR F 734 16.11 51.68 -41.55
CA TYR F 734 17.12 52.49 -40.89
C TYR F 734 17.86 53.38 -41.89
N ASN F 735 18.32 52.80 -42.99
CA ASN F 735 19.05 53.58 -43.99
C ASN F 735 18.14 54.53 -44.76
N LEU F 736 16.83 54.28 -44.77
CA LEU F 736 15.91 55.16 -45.49
C LEU F 736 15.73 56.48 -44.75
N PHE F 737 15.80 56.47 -43.42
CA PHE F 737 15.63 57.69 -42.64
C PHE F 737 16.91 58.52 -42.57
N ASP F 738 18.07 57.91 -42.79
CA ASP F 738 19.34 58.63 -42.75
C ASP F 738 19.65 59.35 -44.04
N TRP F 739 18.86 59.14 -45.10
CA TRP F 739 19.11 59.84 -46.36
C TRP F 739 18.77 61.32 -46.29
N PRO F 740 17.58 61.74 -45.83
CA PRO F 740 17.28 63.18 -45.77
C PRO F 740 17.95 63.93 -44.64
N THR F 741 18.85 63.28 -43.90
CA THR F 741 19.56 63.92 -42.79
C THR F 741 20.97 64.33 -43.19
N HIS F 742 21.19 64.62 -44.47
CA HIS F 742 22.48 65.03 -44.99
C HIS F 742 22.44 66.49 -45.42
N LYS F 743 23.47 66.91 -46.14
CA LYS F 743 23.54 68.29 -46.63
C LYS F 743 22.58 68.51 -47.79
N GLU F 744 22.98 68.09 -48.99
CA GLU F 744 22.14 68.25 -50.18
C GLU F 744 21.17 67.07 -50.27
N ALA F 745 20.17 67.11 -49.38
CA ALA F 745 19.15 66.09 -49.31
C ALA F 745 17.80 66.75 -49.12
N ARG F 746 16.90 66.57 -50.09
CA ARG F 746 15.57 67.17 -50.03
C ARG F 746 14.50 66.09 -50.13
N LEU F 747 14.58 65.10 -49.25
CA LEU F 747 13.63 63.98 -49.25
C LEU F 747 12.62 64.18 -48.12
N VAL F 748 11.34 64.12 -48.47
CA VAL F 748 10.24 64.26 -47.52
C VAL F 748 9.56 62.90 -47.43
N VAL F 749 9.90 62.15 -46.39
CA VAL F 749 9.36 60.79 -46.22
C VAL F 749 7.99 60.87 -45.56
N LEU F 750 7.00 60.23 -46.18
CA LEU F 750 5.65 60.15 -45.66
C LEU F 750 5.37 58.69 -45.29
N ALA F 751 5.89 58.29 -44.13
CA ALA F 751 5.73 56.92 -43.66
C ALA F 751 4.28 56.69 -43.22
N ILE F 752 3.57 55.84 -43.96
CA ILE F 752 2.17 55.51 -43.69
C ILE F 752 2.12 54.10 -43.12
N ALA F 753 1.44 53.94 -41.99
CA ALA F 753 1.31 52.63 -41.36
C ALA F 753 -0.04 52.49 -40.66
N ASN F 754 -0.08 51.71 -39.59
CA ASN F 754 -1.33 51.49 -38.85
C ASN F 754 -1.22 52.08 -37.46
N THR F 755 -0.94 51.25 -36.47
CA THR F 755 -0.80 51.71 -35.10
C THR F 755 0.48 52.53 -34.93
N MET F 756 0.56 53.23 -33.81
CA MET F 756 1.68 54.14 -33.54
C MET F 756 2.81 53.50 -32.74
N ASP F 757 2.55 52.37 -32.08
CA ASP F 757 3.57 51.71 -31.28
C ASP F 757 4.47 50.80 -32.09
N LEU F 758 4.49 50.95 -33.43
CA LEU F 758 5.35 50.10 -34.25
C LEU F 758 6.83 50.37 -34.03
N PRO F 759 7.31 51.63 -34.00
CA PRO F 759 8.75 51.84 -33.76
C PRO F 759 9.25 51.30 -32.43
N GLU F 760 8.37 51.11 -31.45
CA GLU F 760 8.76 50.57 -30.15
C GLU F 760 8.26 49.14 -29.95
N ARG F 761 8.07 48.39 -31.03
CA ARG F 761 7.66 46.99 -30.93
C ARG F 761 8.38 46.14 -31.96
N ILE F 762 7.99 46.27 -33.24
CA ILE F 762 8.62 45.48 -34.29
C ILE F 762 10.03 46.01 -34.59
N MET F 763 10.14 47.32 -34.82
CA MET F 763 11.44 47.92 -35.04
C MET F 763 12.20 48.06 -33.71
N MET F 764 13.53 48.04 -33.79
CA MET F 764 14.36 48.08 -32.60
C MET F 764 14.86 49.49 -32.30
N ASN F 765 16.05 49.59 -31.72
CA ASN F 765 16.58 50.86 -31.22
C ASN F 765 17.09 51.77 -32.33
N ARG F 766 17.81 51.24 -33.31
CA ARG F 766 18.41 52.08 -34.34
C ARG F 766 17.35 52.76 -35.21
N VAL F 767 16.23 52.09 -35.45
CA VAL F 767 15.18 52.67 -36.30
C VAL F 767 14.45 53.78 -35.55
N SER F 768 14.13 53.55 -34.27
CA SER F 768 13.40 54.55 -33.50
C SER F 768 14.27 55.72 -33.08
N SER F 769 15.60 55.54 -33.04
CA SER F 769 16.49 56.63 -32.62
C SER F 769 16.57 57.71 -33.69
N ARG F 770 17.00 57.35 -34.90
CA ARG F 770 17.12 58.30 -36.01
C ARG F 770 15.77 58.42 -36.72
N LEU F 771 14.83 59.08 -36.03
CA LEU F 771 13.49 59.29 -36.57
C LEU F 771 12.85 60.52 -35.95
N GLY F 772 12.70 60.52 -34.63
CA GLY F 772 12.10 61.63 -33.92
C GLY F 772 10.72 61.28 -33.39
N LEU F 773 10.30 62.04 -32.38
CA LEU F 773 8.99 61.87 -31.76
C LEU F 773 7.92 62.74 -32.39
N THR F 774 7.92 62.86 -33.72
CA THR F 774 6.94 63.67 -34.42
C THR F 774 5.86 62.77 -35.04
N ARG F 775 5.17 62.06 -34.16
CA ARG F 775 4.12 61.12 -34.55
C ARG F 775 2.78 61.68 -34.09
N MET F 776 2.07 62.34 -34.99
CA MET F 776 0.74 62.88 -34.72
C MET F 776 -0.29 61.92 -35.31
N CYS F 777 -0.97 61.18 -34.44
CA CYS F 777 -1.98 60.22 -34.90
C CYS F 777 -3.24 60.94 -35.36
N PHE F 778 -4.00 60.24 -36.20
CA PHE F 778 -5.26 60.76 -36.73
C PHE F 778 -6.42 59.98 -36.11
N GLN F 779 -7.30 60.69 -35.41
CA GLN F 779 -8.44 60.06 -34.76
C GLN F 779 -9.57 59.86 -35.76
N PRO F 780 -10.39 58.81 -35.57
CA PRO F 780 -11.51 58.57 -36.46
C PRO F 780 -12.54 59.70 -36.38
N TYR F 781 -13.44 59.72 -37.37
CA TYR F 781 -14.45 60.76 -37.44
C TYR F 781 -15.47 60.58 -36.31
N THR F 782 -16.03 61.71 -35.87
CA THR F 782 -16.99 61.70 -34.77
C THR F 782 -18.40 61.44 -35.32
N TYR F 783 -19.40 61.55 -34.44
CA TYR F 783 -20.78 61.35 -34.88
C TYR F 783 -21.28 62.55 -35.68
N SER F 784 -20.84 63.76 -35.31
CA SER F 784 -21.24 64.95 -36.04
C SER F 784 -20.49 65.13 -37.35
N GLN F 785 -19.38 64.40 -37.54
CA GLN F 785 -18.61 64.49 -38.78
C GLN F 785 -19.09 63.52 -39.84
N LEU F 786 -19.60 62.35 -39.44
CA LEU F 786 -20.11 61.40 -40.41
C LEU F 786 -21.41 61.88 -41.06
N GLN F 787 -22.22 62.63 -40.32
CA GLN F 787 -23.47 63.15 -40.88
C GLN F 787 -23.23 64.34 -41.81
N GLN F 788 -22.04 64.94 -41.76
CA GLN F 788 -21.72 66.07 -42.62
C GLN F 788 -21.05 65.64 -43.92
N ILE F 789 -20.20 64.61 -43.86
CA ILE F 789 -19.56 64.11 -45.07
C ILE F 789 -20.60 63.48 -45.99
N LEU F 790 -21.53 62.72 -45.43
CA LEU F 790 -22.59 62.13 -46.24
C LEU F 790 -23.55 63.20 -46.76
N ARG F 791 -23.66 64.33 -46.05
CA ARG F 791 -24.53 65.40 -46.53
C ARG F 791 -23.92 66.13 -47.72
N SER F 792 -22.59 66.24 -47.78
CA SER F 792 -21.95 66.90 -48.91
C SER F 792 -22.10 66.08 -50.18
N ARG F 793 -22.07 64.75 -50.07
CA ARG F 793 -22.27 63.91 -51.24
C ARG F 793 -23.71 63.92 -51.72
N LEU F 794 -24.66 64.14 -50.80
CA LEU F 794 -26.08 64.18 -51.15
C LEU F 794 -26.61 65.60 -50.97
N LYS F 795 -25.99 66.56 -51.64
CA LYS F 795 -26.41 67.96 -51.51
C LYS F 795 -27.68 68.23 -52.32
N HIS F 796 -27.80 67.63 -53.49
CA HIS F 796 -28.95 67.80 -54.37
C HIS F 796 -29.50 66.44 -54.80
N LEU F 797 -29.59 65.52 -53.85
CA LEU F 797 -30.10 64.17 -54.09
C LEU F 797 -31.31 63.96 -53.17
N LYS F 798 -32.49 64.31 -53.67
CA LYS F 798 -33.73 64.17 -52.92
C LYS F 798 -34.23 62.74 -53.06
N ALA F 799 -33.62 61.85 -52.30
CA ALA F 799 -34.01 60.44 -52.34
C ALA F 799 -33.82 59.71 -51.02
N PHE F 800 -33.37 60.38 -49.96
CA PHE F 800 -33.16 59.74 -48.67
C PHE F 800 -33.70 60.64 -47.57
N GLU F 801 -34.46 60.05 -46.65
CA GLU F 801 -35.02 60.82 -45.55
C GLU F 801 -33.94 61.14 -44.51
N ASP F 802 -34.25 62.12 -43.67
CA ASP F 802 -33.30 62.54 -42.63
C ASP F 802 -33.21 61.54 -41.49
N ASP F 803 -34.18 60.64 -41.37
CA ASP F 803 -34.16 59.65 -40.30
C ASP F 803 -33.30 58.45 -40.65
N ALA F 804 -33.08 58.19 -41.94
CA ALA F 804 -32.27 57.06 -42.36
C ALA F 804 -30.79 57.40 -42.51
N ILE F 805 -30.47 58.67 -42.74
CA ILE F 805 -29.07 59.06 -42.88
C ILE F 805 -28.36 59.01 -41.53
N GLN F 806 -29.00 59.51 -40.48
CA GLN F 806 -28.40 59.50 -39.16
C GLN F 806 -28.37 58.10 -38.55
N LEU F 807 -29.21 57.18 -39.05
CA LEU F 807 -29.23 55.82 -38.51
C LEU F 807 -28.06 55.00 -39.03
N VAL F 808 -27.70 55.17 -40.30
CA VAL F 808 -26.58 54.43 -40.87
C VAL F 808 -25.26 54.95 -40.31
N ALA F 809 -25.14 56.27 -40.17
CA ALA F 809 -23.92 56.85 -39.62
C ALA F 809 -23.78 56.63 -38.12
N ARG F 810 -24.81 56.08 -37.46
CA ARG F 810 -24.75 55.83 -36.03
C ARG F 810 -24.13 54.48 -35.69
N LYS F 811 -24.43 53.45 -36.48
CA LYS F 811 -23.87 52.13 -36.22
C LYS F 811 -22.38 52.08 -36.54
N VAL F 812 -21.96 52.76 -37.61
CA VAL F 812 -20.55 52.76 -37.98
C VAL F 812 -19.73 53.59 -37.02
N ALA F 813 -20.33 54.64 -36.43
CA ALA F 813 -19.61 55.46 -35.47
C ALA F 813 -19.35 54.74 -34.16
N ALA F 814 -20.15 53.73 -33.82
CA ALA F 814 -19.96 52.98 -32.59
C ALA F 814 -19.07 51.75 -32.79
N LEU F 815 -18.83 51.34 -34.03
CA LEU F 815 -17.98 50.18 -34.27
C LEU F 815 -16.50 50.53 -34.14
N SER F 816 -16.00 51.41 -35.02
CA SER F 816 -14.61 51.81 -34.98
C SER F 816 -14.42 53.17 -35.63
N GLY F 817 -15.50 53.74 -36.17
CA GLY F 817 -15.41 55.03 -36.82
C GLY F 817 -14.67 55.01 -38.14
N ASP F 818 -14.69 53.87 -38.84
CA ASP F 818 -13.99 53.75 -40.11
C ASP F 818 -14.74 54.52 -41.19
N ALA F 819 -13.98 55.28 -41.99
CA ALA F 819 -14.56 56.04 -43.09
C ALA F 819 -14.97 55.18 -44.26
N ARG F 820 -14.53 53.92 -44.31
CA ARG F 820 -14.91 53.00 -45.38
C ARG F 820 -16.10 52.14 -45.03
N ARG F 821 -16.41 51.97 -43.75
CA ARG F 821 -17.54 51.15 -43.32
C ARG F 821 -18.84 51.94 -43.23
N CYS F 822 -18.86 53.20 -43.65
CA CYS F 822 -20.07 54.01 -43.58
C CYS F 822 -20.75 54.14 -44.94
N LEU F 823 -19.98 54.45 -45.98
CA LEU F 823 -20.56 54.61 -47.31
C LEU F 823 -20.89 53.28 -47.97
N ASP F 824 -20.27 52.18 -47.52
CA ASP F 824 -20.61 50.87 -48.07
C ASP F 824 -21.99 50.41 -47.62
N ILE F 825 -22.38 50.76 -46.39
CA ILE F 825 -23.72 50.42 -45.93
C ILE F 825 -24.76 51.27 -46.65
N CYS F 826 -24.42 52.52 -46.97
CA CYS F 826 -25.34 53.37 -47.71
C CYS F 826 -25.56 52.86 -49.13
N ARG F 827 -24.53 52.24 -49.73
CA ARG F 827 -24.69 51.65 -51.05
C ARG F 827 -25.65 50.48 -51.02
N ARG F 828 -25.63 49.71 -49.93
CA ARG F 828 -26.60 48.62 -49.77
C ARG F 828 -28.01 49.16 -49.63
N ALA F 829 -28.18 50.33 -49.02
CA ALA F 829 -29.49 50.96 -48.95
C ALA F 829 -29.98 51.38 -50.33
N THR F 830 -29.07 51.72 -51.24
CA THR F 830 -29.46 52.06 -52.60
C THR F 830 -29.80 50.83 -53.43
N GLU F 831 -29.45 49.64 -52.97
CA GLU F 831 -29.76 48.41 -53.68
C GLU F 831 -30.99 47.69 -53.14
N ILE F 832 -31.24 47.80 -51.82
CA ILE F 832 -32.41 47.16 -51.25
C ILE F 832 -33.67 47.93 -51.63
N CYS F 833 -33.56 49.23 -51.88
CA CYS F 833 -34.72 50.00 -52.29
C CYS F 833 -35.14 49.71 -53.73
N GLU F 834 -34.17 49.38 -54.59
CA GLU F 834 -34.49 49.06 -55.97
C GLU F 834 -35.21 47.72 -56.10
N PHE F 835 -35.11 46.85 -55.10
CA PHE F 835 -35.83 45.59 -55.14
C PHE F 835 -37.34 45.81 -55.01
N SER F 836 -37.75 46.90 -54.37
CA SER F 836 -39.15 47.25 -54.24
C SER F 836 -39.65 48.16 -55.36
N GLN F 837 -38.75 48.65 -56.21
CA GLN F 837 -39.14 49.52 -57.31
C GLN F 837 -39.72 48.74 -58.50
N GLN F 838 -39.75 47.42 -58.43
CA GLN F 838 -40.34 46.63 -59.50
C GLN F 838 -41.84 46.81 -59.60
N LYS F 839 -42.48 47.28 -58.53
CA LYS F 839 -43.91 47.53 -58.55
C LYS F 839 -44.21 48.75 -59.43
N PRO F 840 -45.44 48.84 -59.96
CA PRO F 840 -45.79 50.01 -60.77
C PRO F 840 -45.65 51.34 -60.04
N ASP F 841 -45.79 51.34 -58.71
CA ASP F 841 -45.63 52.56 -57.93
C ASP F 841 -44.14 52.88 -57.79
N SER F 842 -43.83 54.19 -57.86
CA SER F 842 -42.46 54.68 -57.76
C SER F 842 -42.34 55.55 -56.53
N PRO F 843 -41.95 54.97 -55.38
CA PRO F 843 -41.78 55.77 -54.17
C PRO F 843 -40.63 56.76 -54.30
N GLY F 844 -40.67 57.78 -53.45
CA GLY F 844 -39.63 58.80 -53.45
C GLY F 844 -38.55 58.54 -52.43
N LEU F 845 -38.80 58.92 -51.18
CA LEU F 845 -37.83 58.72 -50.11
C LEU F 845 -37.86 57.27 -49.63
N VAL F 846 -36.84 56.91 -48.85
CA VAL F 846 -36.76 55.55 -48.32
C VAL F 846 -37.66 55.42 -47.10
N THR F 847 -37.96 54.18 -46.74
CA THR F 847 -38.82 53.87 -45.60
C THR F 847 -37.96 53.42 -44.41
N ILE F 848 -38.64 53.10 -43.31
CA ILE F 848 -37.93 52.66 -42.11
C ILE F 848 -37.47 51.21 -42.21
N ALA F 849 -38.03 50.44 -43.14
CA ALA F 849 -37.64 49.04 -43.29
C ALA F 849 -36.29 48.87 -43.98
N HIS F 850 -35.84 49.89 -44.72
CA HIS F 850 -34.55 49.79 -45.40
C HIS F 850 -33.38 49.97 -44.45
N SER F 851 -33.61 50.64 -43.31
CA SER F 851 -32.53 50.84 -42.34
C SER F 851 -32.32 49.61 -41.46
N MET F 852 -33.39 48.86 -41.18
CA MET F 852 -33.25 47.66 -40.36
C MET F 852 -32.60 46.52 -41.13
N GLU F 853 -32.91 46.39 -42.41
CA GLU F 853 -32.34 45.34 -43.25
C GLU F 853 -30.90 45.64 -43.65
N ALA F 854 -30.43 46.87 -43.48
CA ALA F 854 -29.07 47.24 -43.84
C ALA F 854 -28.07 46.89 -42.75
N VAL F 855 -28.51 46.29 -41.64
CA VAL F 855 -27.64 45.90 -40.55
C VAL F 855 -27.45 44.39 -40.49
N ASP F 856 -28.52 43.62 -40.64
CA ASP F 856 -28.41 42.17 -40.61
C ASP F 856 -27.70 41.64 -41.84
N GLU F 857 -27.98 42.22 -43.01
CA GLU F 857 -27.32 41.79 -44.23
C GLU F 857 -25.86 42.25 -44.28
N MET F 858 -25.56 43.38 -43.63
CA MET F 858 -24.18 43.86 -43.60
C MET F 858 -23.32 43.02 -42.68
N PHE F 859 -23.86 42.62 -41.53
CA PHE F 859 -23.14 41.77 -40.59
C PHE F 859 -23.81 40.41 -40.48
N SER F 860 -23.78 39.64 -41.57
CA SER F 860 -24.42 38.33 -41.57
C SER F 860 -23.63 37.34 -40.71
N SER F 861 -24.33 36.33 -40.23
CA SER F 861 -23.75 35.28 -39.39
C SER F 861 -23.63 34.00 -40.20
N SER F 862 -22.46 33.36 -40.12
CA SER F 862 -22.18 32.12 -40.82
C SER F 862 -22.30 30.89 -39.91
N TYR F 863 -23.05 31.02 -38.82
CA TYR F 863 -23.21 29.91 -37.87
C TYR F 863 -24.65 29.62 -37.48
N ILE F 864 -25.54 30.60 -37.46
CA ILE F 864 -26.92 30.35 -37.08
C ILE F 864 -27.70 29.68 -38.20
N THR F 865 -27.20 29.71 -39.43
CA THR F 865 -27.85 29.10 -40.57
C THR F 865 -27.33 27.71 -40.88
N ALA F 866 -26.35 27.22 -40.12
CA ALA F 866 -25.81 25.89 -40.38
C ALA F 866 -26.65 24.81 -39.70
N ILE F 867 -27.19 25.09 -38.52
CA ILE F 867 -28.00 24.11 -37.82
C ILE F 867 -29.46 24.12 -38.30
N LYS F 868 -29.94 25.26 -38.79
CA LYS F 868 -31.32 25.33 -39.28
C LYS F 868 -31.50 24.56 -40.58
N ASN F 869 -30.53 24.68 -41.49
CA ASN F 869 -30.60 24.01 -42.79
C ASN F 869 -29.91 22.65 -42.78
N SER F 870 -29.73 22.05 -41.60
CA SER F 870 -29.07 20.76 -41.50
C SER F 870 -30.08 19.63 -41.74
N SER F 871 -29.58 18.40 -41.74
CA SER F 871 -30.41 17.22 -41.96
C SER F 871 -30.81 16.59 -40.63
N VAL F 872 -30.66 15.28 -40.52
CA VAL F 872 -30.99 14.56 -39.30
C VAL F 872 -29.75 13.98 -38.62
N LEU F 873 -28.85 13.38 -39.40
CA LEU F 873 -27.64 12.82 -38.81
C LEU F 873 -26.65 13.92 -38.42
N GLU F 874 -26.68 15.06 -39.13
CA GLU F 874 -25.77 16.15 -38.81
C GLU F 874 -26.12 16.82 -37.49
N GLN F 875 -27.42 17.03 -37.23
CA GLN F 875 -27.82 17.66 -35.98
C GLN F 875 -27.70 16.71 -34.80
N SER F 876 -27.77 15.41 -35.04
CA SER F 876 -27.63 14.43 -33.97
C SER F 876 -26.17 14.19 -33.60
N PHE F 877 -25.26 14.37 -34.55
CA PHE F 877 -23.84 14.19 -34.26
C PHE F 877 -23.30 15.34 -33.42
N LEU F 878 -23.76 16.56 -33.68
CA LEU F 878 -23.32 17.71 -32.89
C LEU F 878 -23.97 17.76 -31.52
N ARG F 879 -25.10 17.07 -31.33
CA ARG F 879 -25.76 17.08 -30.03
C ARG F 879 -25.00 16.22 -29.02
N ALA F 880 -24.43 15.11 -29.47
CA ALA F 880 -23.67 14.23 -28.59
C ALA F 880 -22.34 14.83 -28.17
N ILE F 881 -21.86 15.87 -28.86
CA ILE F 881 -20.60 16.48 -28.49
C ILE F 881 -20.74 17.25 -27.18
N LEU F 882 -21.84 18.00 -27.02
CA LEU F 882 -22.05 18.74 -25.79
C LEU F 882 -22.39 17.83 -24.62
N ALA F 883 -23.01 16.68 -24.90
CA ALA F 883 -23.38 15.76 -23.82
C ALA F 883 -22.15 15.13 -23.18
N GLU F 884 -21.05 15.01 -23.93
CA GLU F 884 -19.83 14.43 -23.38
C GLU F 884 -18.91 15.46 -22.74
N PHE F 885 -19.09 16.74 -23.05
CA PHE F 885 -18.30 17.81 -22.46
C PHE F 885 -18.97 18.43 -21.24
N ARG F 886 -19.89 17.71 -20.60
CA ARG F 886 -20.60 18.20 -19.43
C ARG F 886 -20.17 17.51 -18.14
N ARG F 887 -20.04 16.18 -18.15
CA ARG F 887 -19.64 15.44 -16.98
C ARG F 887 -18.13 15.26 -16.88
N SER F 888 -17.37 15.78 -17.83
CA SER F 888 -15.91 15.68 -17.83
C SER F 888 -15.21 17.01 -17.56
N GLY F 889 -15.74 18.12 -18.08
CA GLY F 889 -15.14 19.41 -17.86
C GLY F 889 -13.99 19.75 -18.78
N LEU F 890 -13.65 18.89 -19.72
CA LEU F 890 -12.55 19.12 -20.64
C LEU F 890 -13.08 19.20 -22.06
N GLU F 891 -12.59 20.18 -22.82
CA GLU F 891 -13.02 20.40 -24.20
C GLU F 891 -12.27 19.54 -25.20
N GLU F 892 -11.38 18.66 -24.75
CA GLU F 892 -10.60 17.79 -25.61
C GLU F 892 -11.00 16.34 -25.36
N ALA F 893 -11.22 15.58 -26.42
CA ALA F 893 -11.60 14.18 -26.32
C ALA F 893 -11.04 13.44 -27.52
N THR F 894 -11.44 12.18 -27.67
CA THR F 894 -10.98 11.32 -28.76
C THR F 894 -12.16 11.02 -29.70
N PHE F 895 -11.88 10.23 -30.73
CA PHE F 895 -12.91 9.85 -31.68
C PHE F 895 -13.56 8.51 -31.34
N GLN F 896 -12.90 7.67 -30.56
CA GLN F 896 -13.51 6.39 -30.17
C GLN F 896 -14.60 6.58 -29.13
N GLN F 897 -14.47 7.60 -28.27
CA GLN F 897 -15.47 7.82 -27.23
C GLN F 897 -16.74 8.47 -27.77
N ILE F 898 -16.61 9.32 -28.80
CA ILE F 898 -17.78 10.00 -29.35
C ILE F 898 -18.64 9.03 -30.17
N TYR F 899 -18.07 7.92 -30.63
CA TYR F 899 -18.83 6.94 -31.39
C TYR F 899 -19.72 6.08 -30.52
N SER F 900 -19.39 5.93 -29.22
CA SER F 900 -20.20 5.10 -28.34
C SER F 900 -21.55 5.75 -28.06
N GLN F 901 -21.54 7.01 -27.62
CA GLN F 901 -22.77 7.72 -27.32
C GLN F 901 -23.53 8.15 -28.57
N HIS F 902 -22.89 8.10 -29.75
CA HIS F 902 -23.60 8.45 -30.98
C HIS F 902 -24.66 7.42 -31.35
N VAL F 903 -24.46 6.17 -30.96
CA VAL F 903 -25.44 5.14 -31.26
C VAL F 903 -26.65 5.24 -30.34
N ALA F 904 -26.46 5.75 -29.12
CA ALA F 904 -27.58 5.88 -28.18
C ALA F 904 -28.60 6.89 -28.66
N LEU F 905 -28.14 8.04 -29.15
CA LEU F 905 -29.06 9.06 -29.66
C LEU F 905 -29.68 8.68 -30.99
N CYS F 906 -29.01 7.82 -31.76
CA CYS F 906 -29.53 7.38 -33.05
C CYS F 906 -30.57 6.27 -32.94
N ARG F 907 -30.47 5.42 -31.92
CA ARG F 907 -31.42 4.34 -31.73
C ARG F 907 -32.71 4.79 -31.06
N MET F 908 -32.65 5.81 -30.20
CA MET F 908 -33.84 6.27 -29.49
C MET F 908 -34.85 6.89 -30.44
N GLU F 909 -34.39 7.69 -31.40
CA GLU F 909 -35.32 8.35 -32.31
C GLU F 909 -35.90 7.38 -33.33
N GLY F 910 -35.16 6.35 -33.71
CA GLY F 910 -35.68 5.33 -34.60
C GLY F 910 -34.88 5.12 -35.87
N LEU F 911 -33.60 4.82 -35.73
CA LEU F 911 -32.72 4.52 -36.85
C LEU F 911 -31.72 3.46 -36.43
N PRO F 912 -31.27 2.62 -37.36
CA PRO F 912 -30.30 1.56 -36.99
C PRO F 912 -28.93 2.13 -36.61
N TYR F 913 -28.02 1.25 -36.21
CA TYR F 913 -26.69 1.70 -35.80
C TYR F 913 -25.91 2.19 -37.01
N PRO F 914 -25.19 3.29 -36.89
CA PRO F 914 -24.40 3.79 -38.02
C PRO F 914 -23.15 2.95 -38.25
N THR F 915 -22.77 2.83 -39.51
CA THR F 915 -21.58 2.07 -39.88
C THR F 915 -20.32 2.87 -39.58
N MET F 916 -19.18 2.19 -39.65
CA MET F 916 -17.91 2.83 -39.36
C MET F 916 -17.34 3.57 -40.57
N SER F 917 -17.63 3.07 -41.78
CA SER F 917 -17.09 3.70 -42.98
C SER F 917 -17.66 5.10 -43.22
N GLU F 918 -18.88 5.37 -42.77
CA GLU F 918 -19.50 6.67 -42.95
C GLU F 918 -19.08 7.68 -41.88
N THR F 919 -18.29 7.26 -40.89
CA THR F 919 -17.86 8.20 -39.85
C THR F 919 -16.96 9.27 -40.42
N MET F 920 -16.09 8.91 -41.37
CA MET F 920 -15.24 9.90 -42.03
C MET F 920 -15.98 10.66 -43.12
N ALA F 921 -17.11 10.14 -43.60
CA ALA F 921 -17.88 10.85 -44.62
C ALA F 921 -18.58 12.07 -44.03
N VAL F 922 -19.22 11.89 -42.87
CA VAL F 922 -19.87 13.02 -42.21
C VAL F 922 -18.85 13.98 -41.61
N CYS F 923 -17.63 13.50 -41.34
CA CYS F 923 -16.58 14.39 -40.84
C CYS F 923 -15.95 15.20 -41.96
N SER F 924 -15.91 14.66 -43.18
CA SER F 924 -15.36 15.42 -44.30
C SER F 924 -16.28 16.57 -44.70
N HIS F 925 -17.57 16.44 -44.46
CA HIS F 925 -18.51 17.53 -44.75
C HIS F 925 -18.25 18.72 -43.82
N LEU F 926 -18.16 18.45 -42.52
CA LEU F 926 -17.83 19.51 -41.57
C LEU F 926 -16.36 19.89 -41.61
N GLY F 927 -15.50 18.99 -42.11
CA GLY F 927 -14.09 19.32 -42.22
C GLY F 927 -13.76 20.16 -43.43
N SER F 928 -14.56 20.08 -44.49
CA SER F 928 -14.34 20.91 -45.66
C SER F 928 -14.61 22.38 -45.35
N CYS F 929 -15.71 22.66 -44.66
CA CYS F 929 -16.03 24.02 -44.23
C CYS F 929 -15.25 24.44 -42.98
N ARG F 930 -14.47 23.53 -42.41
CA ARG F 930 -13.61 23.82 -41.26
C ARG F 930 -14.41 24.35 -40.07
N LEU F 931 -15.61 23.80 -39.85
CA LEU F 931 -16.40 24.13 -38.67
C LEU F 931 -16.00 23.32 -37.45
N LEU F 932 -15.16 22.30 -37.61
CA LEU F 932 -14.67 21.49 -36.51
C LEU F 932 -13.16 21.30 -36.71
N LEU F 933 -12.37 22.04 -35.94
CA LEU F 933 -10.92 21.99 -36.07
C LEU F 933 -10.40 20.61 -35.69
N VAL F 934 -9.81 19.91 -36.66
CA VAL F 934 -9.30 18.56 -36.43
C VAL F 934 -8.20 18.30 -37.45
N GLU F 935 -7.20 17.54 -37.03
CA GLU F 935 -6.10 17.18 -37.91
C GLU F 935 -6.62 16.29 -39.04
N PRO F 936 -5.91 16.26 -40.18
CA PRO F 936 -6.37 15.45 -41.31
C PRO F 936 -6.35 13.96 -40.98
N SER F 937 -6.80 13.17 -41.96
CA SER F 937 -6.95 11.73 -41.78
C SER F 937 -5.61 11.04 -41.55
N ARG F 938 -5.07 11.18 -40.35
CA ARG F 938 -3.85 10.49 -39.94
C ARG F 938 -4.03 9.62 -38.72
N ASN F 939 -4.82 10.08 -37.75
CA ASN F 939 -5.15 9.32 -36.55
C ASN F 939 -6.68 9.26 -36.45
N ASP F 940 -7.26 8.26 -37.13
CA ASP F 940 -8.72 8.16 -37.20
C ASP F 940 -9.34 7.93 -35.83
N LEU F 941 -8.66 7.18 -34.96
CA LEU F 941 -9.17 6.91 -33.62
C LEU F 941 -8.68 7.92 -32.59
N LEU F 942 -7.84 8.87 -32.99
CA LEU F 942 -7.33 9.90 -32.09
C LEU F 942 -7.60 11.28 -32.66
N LEU F 943 -8.79 11.49 -33.20
CA LEU F 943 -9.16 12.78 -33.77
C LEU F 943 -9.46 13.78 -32.66
N ARG F 944 -8.77 14.91 -32.67
CA ARG F 944 -8.98 15.95 -31.68
C ARG F 944 -10.19 16.80 -32.05
N VAL F 945 -11.18 16.82 -31.16
CA VAL F 945 -12.41 17.58 -31.39
C VAL F 945 -12.22 18.98 -30.84
N ARG F 946 -12.38 19.98 -31.72
CA ARG F 946 -12.24 21.39 -31.36
C ARG F 946 -13.37 22.16 -32.03
N LEU F 947 -14.36 22.57 -31.23
CA LEU F 947 -15.50 23.31 -31.76
C LEU F 947 -15.06 24.72 -32.15
N ASN F 948 -15.48 25.16 -33.34
CA ASN F 948 -15.13 26.50 -33.80
C ASN F 948 -15.88 27.57 -33.01
N VAL F 949 -17.06 27.25 -32.49
CA VAL F 949 -17.85 28.19 -31.71
C VAL F 949 -17.89 27.74 -30.26
N SER F 950 -18.69 28.41 -29.45
CA SER F 950 -18.80 28.09 -28.03
C SER F 950 -19.75 26.90 -27.85
N GLN F 951 -20.03 26.58 -26.58
CA GLN F 951 -20.92 25.47 -26.24
C GLN F 951 -22.30 25.91 -25.80
N ASP F 952 -22.49 27.21 -25.52
CA ASP F 952 -23.79 27.70 -25.09
C ASP F 952 -24.62 28.26 -26.24
N ASP F 953 -23.97 28.73 -27.31
CA ASP F 953 -24.70 29.27 -28.44
C ASP F 953 -25.33 28.19 -29.31
N VAL F 954 -24.78 26.97 -29.28
CA VAL F 954 -25.34 25.88 -30.07
C VAL F 954 -26.59 25.29 -29.44
N LEU F 955 -26.84 25.57 -28.16
CA LEU F 955 -28.04 25.04 -27.50
C LEU F 955 -29.27 25.89 -27.79
N TYR F 956 -29.10 27.21 -27.92
CA TYR F 956 -30.24 28.08 -28.22
C TYR F 956 -30.66 27.96 -29.68
N ALA F 957 -29.71 27.77 -30.59
CA ALA F 957 -30.03 27.64 -32.01
C ALA F 957 -30.56 26.27 -32.38
N LEU F 958 -30.51 25.29 -31.47
CA LEU F 958 -31.01 23.95 -31.75
C LEU F 958 -32.46 23.76 -31.31
N LYS F 959 -32.85 24.35 -30.19
CA LYS F 959 -34.21 24.21 -29.68
C LYS F 959 -35.22 25.07 -30.43
N ASP F 960 -34.78 25.88 -31.39
CA ASP F 960 -35.71 26.72 -32.14
C ASP F 960 -36.58 25.91 -33.10
N GLU F 961 -36.10 24.76 -33.54
CA GLU F 961 -36.87 23.92 -34.46
C GLU F 961 -37.96 23.16 -33.71
N ASP G 256 33.27 24.96 -0.68
CA ASP G 256 32.27 23.90 -0.58
C ASP G 256 30.97 24.31 -1.26
N ARG G 257 30.89 25.58 -1.63
CA ARG G 257 29.70 26.10 -2.30
C ARG G 257 30.06 26.72 -3.64
N THR G 258 29.71 28.00 -3.84
CA THR G 258 30.01 28.69 -5.08
C THR G 258 31.42 29.28 -5.04
N LEU G 259 31.53 30.57 -5.33
CA LEU G 259 32.83 31.24 -5.33
C LEU G 259 32.82 32.45 -4.41
N GLN G 260 32.51 32.23 -3.13
CA GLN G 260 32.48 33.30 -2.15
C GLN G 260 33.39 33.07 -0.95
N LYS G 261 33.87 31.84 -0.73
CA LYS G 261 34.73 31.57 0.41
C LYS G 261 36.18 31.86 0.09
N LEU G 262 36.62 31.57 -1.14
CA LEU G 262 37.99 31.81 -1.57
C LEU G 262 38.10 33.14 -2.29
N LYS G 263 39.14 33.90 -1.97
CA LYS G 263 39.37 35.20 -2.57
C LYS G 263 40.05 35.12 -3.93
N ARG G 264 40.34 33.91 -4.43
CA ARG G 264 40.99 33.75 -5.73
C ARG G 264 39.94 33.62 -6.83
N ALA G 265 39.10 34.64 -6.94
CA ALA G 265 38.06 34.67 -7.95
C ALA G 265 38.53 35.38 -9.21
N LYS G 266 37.72 35.26 -10.27
CA LYS G 266 38.01 35.85 -11.57
C LYS G 266 39.34 35.37 -12.13
N LEU G 267 39.31 34.26 -12.86
CA LEU G 267 40.52 33.71 -13.44
C LEU G 267 40.98 34.57 -14.61
N ASP G 268 42.27 34.90 -14.64
CA ASP G 268 42.82 35.73 -15.70
C ASP G 268 43.01 34.91 -16.97
N GLN G 269 43.17 35.62 -18.09
CA GLN G 269 43.38 35.01 -19.39
C GLN G 269 44.69 35.42 -20.04
N GLN G 270 45.05 36.70 -19.98
CA GLN G 270 46.30 37.19 -20.55
C GLN G 270 47.22 37.84 -19.54
N THR G 271 46.73 38.25 -18.37
CA THR G 271 47.54 38.89 -17.35
C THR G 271 48.19 37.90 -16.39
N LEU G 272 48.17 36.61 -16.72
CA LEU G 272 48.78 35.58 -15.86
C LEU G 272 49.92 34.84 -16.54
N ARG G 273 50.11 34.99 -17.85
CA ARG G 273 51.18 34.30 -18.56
C ARG G 273 52.55 34.91 -18.26
N ASN G 274 52.60 36.07 -17.60
CA ASN G 274 53.89 36.68 -17.30
C ASN G 274 54.64 35.90 -16.22
N LEU G 275 53.92 35.32 -15.27
CA LEU G 275 54.53 34.55 -14.19
C LEU G 275 54.63 33.06 -14.51
N LEU G 276 54.12 32.62 -15.66
CA LEU G 276 54.18 31.22 -16.06
C LEU G 276 55.41 30.89 -16.88
N SER G 277 56.20 31.90 -17.28
CA SER G 277 57.39 31.64 -18.07
C SER G 277 58.52 31.04 -17.24
N LYS G 278 58.52 31.29 -15.93
CA LYS G 278 59.54 30.77 -15.04
C LYS G 278 59.17 29.34 -14.67
N VAL G 279 59.63 28.38 -15.49
CA VAL G 279 59.36 26.97 -15.27
C VAL G 279 60.28 26.43 -14.19
N SER G 280 60.01 25.21 -13.73
CA SER G 280 60.82 24.59 -12.69
C SER G 280 61.88 23.71 -13.33
N PRO G 281 63.17 24.04 -13.24
CA PRO G 281 64.24 23.23 -13.84
C PRO G 281 64.58 21.98 -13.03
N SER G 282 63.57 21.18 -12.71
CA SER G 282 63.75 19.95 -11.96
C SER G 282 64.23 18.87 -12.91
N PHE G 283 65.53 18.58 -12.86
CA PHE G 283 66.16 17.59 -13.74
C PHE G 283 65.92 17.92 -15.21
N SER G 284 66.27 19.15 -15.59
CA SER G 284 66.10 19.60 -16.97
C SER G 284 67.05 18.88 -17.93
N ALA G 285 68.18 18.38 -17.44
CA ALA G 285 69.11 17.68 -18.31
C ALA G 285 68.56 16.33 -18.75
N GLU G 286 67.80 15.67 -17.88
CA GLU G 286 67.19 14.38 -18.24
C GLU G 286 66.02 14.53 -19.19
N LEU G 287 65.37 15.69 -19.22
CA LEU G 287 64.24 15.91 -20.12
C LEU G 287 64.70 16.28 -21.53
N LYS G 288 65.87 16.91 -21.66
CA LYS G 288 66.37 17.28 -22.97
C LYS G 288 66.87 16.05 -23.72
N GLN G 289 67.62 15.19 -23.05
CA GLN G 289 68.12 13.97 -23.69
C GLN G 289 67.00 13.01 -24.06
N LEU G 290 65.84 13.10 -23.40
CA LEU G 290 64.71 12.27 -23.77
C LEU G 290 64.15 12.68 -25.12
N ASN G 291 64.19 13.98 -25.43
CA ASN G 291 63.73 14.43 -26.74
C ASN G 291 64.72 14.05 -27.84
N GLN G 292 66.02 14.11 -27.55
CA GLN G 292 67.03 13.69 -28.52
C GLN G 292 67.06 12.19 -28.73
N GLN G 293 66.43 11.40 -27.85
CA GLN G 293 66.34 9.97 -28.06
C GLN G 293 65.53 9.64 -29.31
N TYR G 294 64.43 10.36 -29.53
CA TYR G 294 63.65 10.18 -30.74
C TYR G 294 64.28 10.85 -31.95
N GLU G 295 65.20 11.79 -31.72
CA GLU G 295 65.88 12.45 -32.84
C GLU G 295 66.91 11.54 -33.51
N LYS G 296 67.32 10.46 -32.84
CA LYS G 296 68.27 9.53 -33.44
C LYS G 296 67.66 8.75 -34.60
N LEU G 297 66.33 8.67 -34.65
CA LEU G 297 65.63 7.96 -35.73
C LEU G 297 65.13 8.93 -36.79
N PHE G 298 66.01 9.84 -37.24
CA PHE G 298 65.64 10.80 -38.27
C PHE G 298 65.35 10.11 -39.60
N HIS G 299 66.29 9.29 -40.06
CA HIS G 299 66.14 8.57 -41.33
C HIS G 299 65.45 7.23 -41.13
N LYS G 300 64.27 7.26 -40.49
CA LYS G 300 63.50 6.04 -40.25
C LYS G 300 62.05 6.22 -40.68
N TRP G 301 61.60 7.47 -40.78
CA TRP G 301 60.22 7.73 -41.17
C TRP G 301 60.03 7.54 -42.67
N MET G 302 60.97 8.03 -43.48
CA MET G 302 60.85 7.91 -44.93
C MET G 302 61.00 6.47 -45.41
N LEU G 303 61.52 5.58 -44.57
CA LEU G 303 61.66 4.18 -44.94
C LEU G 303 60.36 3.39 -44.80
N GLN G 304 59.33 3.99 -44.20
CA GLN G 304 58.04 3.33 -44.00
C GLN G 304 56.87 4.10 -44.56
N LEU G 305 56.95 5.43 -44.64
CA LEU G 305 55.84 6.22 -45.16
C LEU G 305 55.68 6.04 -46.67
N HIS G 306 56.77 5.73 -47.37
CA HIS G 306 56.71 5.55 -48.82
C HIS G 306 56.06 4.23 -49.23
N LEU G 307 55.76 3.35 -48.27
CA LEU G 307 55.13 2.07 -48.55
C LEU G 307 53.64 2.07 -48.23
N GLY G 308 53.07 3.22 -47.92
CA GLY G 308 51.66 3.29 -47.61
C GLY G 308 51.33 3.18 -46.14
N PHE G 309 52.21 3.63 -45.26
CA PHE G 309 52.01 3.56 -43.81
C PHE G 309 51.88 4.97 -43.25
N ASN G 310 51.54 5.04 -41.96
CA ASN G 310 51.37 6.30 -41.26
C ASN G 310 52.16 6.26 -39.95
N ILE G 311 52.20 7.39 -39.26
CA ILE G 311 52.91 7.53 -37.99
C ILE G 311 51.91 7.98 -36.94
N VAL G 312 51.81 7.22 -35.85
CA VAL G 312 50.91 7.52 -34.74
C VAL G 312 51.72 8.08 -33.60
N LEU G 313 51.25 9.20 -33.03
CA LEU G 313 51.91 9.85 -31.91
C LEU G 313 50.99 9.85 -30.71
N TYR G 314 51.46 9.27 -29.60
CA TYR G 314 50.68 9.21 -28.37
C TYR G 314 51.62 9.23 -27.18
N GLY G 315 51.06 9.52 -26.01
CA GLY G 315 51.84 9.57 -24.79
C GLY G 315 51.62 10.83 -23.99
N LEU G 316 52.71 11.47 -23.56
CA LEU G 316 52.66 12.69 -22.77
C LEU G 316 53.42 13.80 -23.48
N GLY G 317 53.36 15.00 -22.91
CA GLY G 317 54.04 16.14 -23.46
C GLY G 317 53.28 16.78 -24.61
N SER G 318 53.79 17.91 -25.06
CA SER G 318 53.19 18.66 -26.16
C SER G 318 53.51 17.95 -27.48
N LYS G 319 52.48 17.41 -28.13
CA LYS G 319 52.68 16.71 -29.39
C LYS G 319 52.94 17.67 -30.55
N ARG G 320 52.54 18.93 -30.43
CA ARG G 320 52.76 19.91 -31.48
C ARG G 320 54.12 20.58 -31.38
N ASP G 321 54.77 20.53 -30.21
CA ASP G 321 56.09 21.13 -30.04
C ASP G 321 57.22 20.20 -30.46
N LEU G 322 56.91 18.97 -30.87
CA LEU G 322 57.92 18.01 -31.31
C LEU G 322 58.03 17.94 -32.83
N LEU G 323 56.91 17.99 -33.54
CA LEU G 323 56.95 17.93 -34.99
C LEU G 323 57.48 19.22 -35.61
N GLU G 324 57.48 20.32 -34.86
CA GLU G 324 58.00 21.58 -35.38
C GLU G 324 59.52 21.55 -35.55
N ARG G 325 60.21 20.69 -34.79
CA ARG G 325 61.66 20.58 -34.93
C ARG G 325 62.05 19.64 -36.06
N PHE G 326 61.24 18.63 -36.34
CA PHE G 326 61.53 17.69 -37.42
C PHE G 326 61.32 18.30 -38.80
N ARG G 327 60.50 19.34 -38.90
CA ARG G 327 60.26 19.98 -40.19
C ARG G 327 61.46 20.82 -40.63
N THR G 328 62.17 21.41 -39.68
CA THR G 328 63.33 22.24 -39.99
C THR G 328 64.62 21.44 -40.16
N THR G 329 64.52 20.12 -40.26
CA THR G 329 65.70 19.27 -40.44
C THR G 329 65.69 18.46 -41.73
N MET G 330 64.51 18.13 -42.26
CA MET G 330 64.46 17.36 -43.49
C MET G 330 63.27 17.69 -44.37
N LEU G 331 62.50 18.73 -44.07
CA LEU G 331 61.35 19.15 -44.88
C LEU G 331 61.65 20.54 -45.43
N GLN G 332 62.48 20.59 -46.47
CA GLN G 332 62.83 21.86 -47.10
C GLN G 332 62.62 21.79 -48.61
N ASP G 333 62.63 20.58 -49.16
CA ASP G 333 62.46 20.37 -50.59
C ASP G 333 61.32 19.41 -50.91
N SER G 334 60.57 18.97 -49.91
CA SER G 334 59.45 18.05 -50.10
C SER G 334 58.13 18.77 -49.88
N ILE G 335 57.12 18.37 -50.65
CA ILE G 335 55.79 18.96 -50.54
C ILE G 335 55.14 18.48 -49.25
N HIS G 336 55.18 19.31 -48.21
CA HIS G 336 54.63 18.99 -46.91
C HIS G 336 53.67 20.08 -46.47
N VAL G 337 52.51 19.69 -45.94
CA VAL G 337 51.49 20.61 -45.48
C VAL G 337 51.18 20.28 -44.02
N VAL G 338 51.31 21.27 -43.16
CA VAL G 338 51.05 21.12 -41.72
C VAL G 338 49.65 21.64 -41.42
N ILE G 339 48.88 20.86 -40.67
CA ILE G 339 47.52 21.21 -40.29
C ILE G 339 47.45 21.23 -38.77
N ASN G 340 47.07 22.39 -38.21
CA ASN G 340 46.94 22.56 -36.77
C ASN G 340 45.55 23.15 -36.50
N GLY G 341 44.53 22.28 -36.52
CA GLY G 341 43.17 22.72 -36.31
C GLY G 341 42.70 22.56 -34.87
N PHE G 342 42.70 23.65 -34.12
CA PHE G 342 42.24 23.63 -32.72
C PHE G 342 41.28 24.75 -32.37
N PHE G 343 41.31 25.89 -33.06
CA PHE G 343 40.40 26.97 -32.75
C PHE G 343 38.99 26.66 -33.27
N PRO G 344 37.95 27.16 -32.59
CA PRO G 344 36.58 26.90 -33.05
C PRO G 344 36.30 27.49 -34.42
N GLY G 345 36.68 26.77 -35.47
CA GLY G 345 36.47 27.24 -36.83
C GLY G 345 37.04 26.30 -37.87
N ILE G 346 37.82 25.30 -37.41
CA ILE G 346 38.41 24.33 -38.33
C ILE G 346 37.33 23.34 -38.76
N SER G 347 37.24 23.10 -40.07
CA SER G 347 36.26 22.18 -40.63
C SER G 347 36.92 21.37 -41.74
N VAL G 348 36.10 20.63 -42.48
CA VAL G 348 36.61 19.84 -43.60
C VAL G 348 36.71 20.63 -44.90
N LYS G 349 36.11 21.82 -44.94
CA LYS G 349 36.16 22.65 -46.14
C LYS G 349 37.40 23.52 -46.21
N SER G 350 38.04 23.80 -45.09
CA SER G 350 39.26 24.61 -45.07
C SER G 350 40.52 23.83 -45.40
N VAL G 351 40.42 22.50 -45.52
CA VAL G 351 41.55 21.65 -45.85
C VAL G 351 41.46 21.08 -47.25
N LEU G 352 40.27 20.65 -47.67
CA LEU G 352 40.12 20.09 -49.01
C LEU G 352 40.18 21.18 -50.08
N ASN G 353 39.59 22.34 -49.79
CA ASN G 353 39.62 23.45 -50.75
C ASN G 353 40.91 24.24 -50.70
N SER G 354 41.84 23.89 -49.82
CA SER G 354 43.10 24.61 -49.73
C SER G 354 44.18 24.00 -50.62
N ILE G 355 43.97 22.76 -51.08
CA ILE G 355 44.94 22.09 -51.93
C ILE G 355 44.48 22.15 -53.38
N THR G 356 43.45 22.94 -53.64
CA THR G 356 42.92 23.09 -55.00
C THR G 356 43.56 24.24 -55.75
N GLU G 357 43.61 25.43 -55.14
CA GLU G 357 44.20 26.61 -55.77
C GLU G 357 45.64 26.84 -55.35
N GLU G 358 46.23 25.91 -54.60
CA GLU G 358 47.62 26.01 -54.18
C GLU G 358 48.46 24.82 -54.64
N VAL G 359 47.95 23.60 -54.49
CA VAL G 359 48.67 22.41 -54.91
C VAL G 359 48.35 22.04 -56.35
N LEU G 360 47.06 22.01 -56.69
CA LEU G 360 46.62 21.67 -58.04
C LEU G 360 46.36 22.89 -58.92
N ASP G 361 46.39 24.09 -58.34
CA ASP G 361 46.16 25.33 -59.07
C ASP G 361 44.81 25.31 -59.79
N HIS G 362 43.72 25.35 -59.03
CA HIS G 362 42.39 25.34 -59.61
C HIS G 362 41.44 26.09 -58.68
N MET G 363 40.60 26.95 -59.25
CA MET G 363 39.67 27.74 -58.47
C MET G 363 38.59 26.84 -57.87
N GLY G 364 38.06 27.28 -56.73
CA GLY G 364 37.03 26.53 -56.03
C GLY G 364 35.67 26.64 -56.69
N THR G 365 35.11 25.50 -57.12
CA THR G 365 33.80 25.51 -57.75
C THR G 365 33.03 24.21 -57.55
N PHE G 366 33.34 23.43 -56.50
CA PHE G 366 32.65 22.18 -56.27
C PHE G 366 31.22 22.42 -55.80
N ARG G 367 30.43 21.35 -55.78
CA ARG G 367 29.03 21.44 -55.39
C ARG G 367 28.81 20.89 -53.98
N SER G 368 28.53 19.60 -53.88
CA SER G 368 28.29 18.96 -52.59
C SER G 368 29.62 18.45 -52.02
N ILE G 369 29.55 17.62 -50.99
CA ILE G 369 30.78 17.09 -50.38
C ILE G 369 31.32 15.92 -51.19
N LEU G 370 30.43 15.03 -51.66
CA LEU G 370 30.86 13.88 -52.43
C LEU G 370 31.37 14.24 -53.82
N ASP G 371 31.05 15.43 -54.32
CA ASP G 371 31.53 15.84 -55.63
C ASP G 371 33.00 16.18 -55.63
N GLN G 372 33.54 16.64 -54.49
CA GLN G 372 34.96 16.99 -54.40
C GLN G 372 35.82 15.79 -54.03
N LEU G 373 35.24 14.78 -53.37
CA LEU G 373 36.02 13.62 -52.95
C LEU G 373 36.51 12.82 -54.15
N ASP G 374 35.61 12.50 -55.08
CA ASP G 374 35.98 11.71 -56.24
C ASP G 374 36.61 12.53 -57.36
N TRP G 375 36.84 13.83 -57.13
CA TRP G 375 37.47 14.66 -58.16
C TRP G 375 38.97 14.77 -57.95
N ILE G 376 39.42 14.69 -56.70
CA ILE G 376 40.85 14.80 -56.40
C ILE G 376 41.58 13.46 -56.50
N VAL G 377 40.85 12.35 -56.56
CA VAL G 377 41.49 11.05 -56.66
C VAL G 377 42.07 10.84 -58.05
N ASN G 378 41.36 11.32 -59.08
CA ASN G 378 41.83 11.14 -60.45
C ASN G 378 43.09 11.94 -60.74
N LYS G 379 43.36 12.99 -59.94
CA LYS G 379 44.55 13.79 -60.16
C LYS G 379 45.81 13.12 -59.61
N PHE G 380 45.67 12.33 -58.54
CA PHE G 380 46.81 11.65 -57.95
C PHE G 380 46.93 10.19 -58.38
N LYS G 381 45.94 9.66 -59.10
CA LYS G 381 45.98 8.28 -59.56
C LYS G 381 46.63 8.17 -60.94
N GLU G 382 46.30 9.07 -61.86
CA GLU G 382 46.90 9.01 -63.19
C GLU G 382 48.34 9.48 -63.18
N ASP G 383 48.72 10.33 -62.22
CA ASP G 383 50.08 10.83 -62.10
C ASP G 383 50.77 10.14 -60.94
N SER G 384 51.97 9.64 -61.18
CA SER G 384 52.76 8.93 -60.18
C SER G 384 53.97 9.76 -59.73
N SER G 385 53.76 11.06 -59.55
CA SER G 385 54.83 11.95 -59.13
C SER G 385 54.28 13.17 -58.42
N LEU G 386 53.24 12.98 -57.60
CA LEU G 386 52.60 14.05 -56.86
C LEU G 386 52.55 13.67 -55.37
N GLU G 387 53.71 13.77 -54.72
CA GLU G 387 53.80 13.45 -53.30
C GLU G 387 53.21 14.58 -52.46
N LEU G 388 52.69 14.21 -51.29
CA LEU G 388 52.06 15.19 -50.40
C LEU G 388 52.16 14.66 -48.98
N PHE G 389 52.89 15.39 -48.12
CA PHE G 389 53.03 15.04 -46.72
C PHE G 389 52.03 15.84 -45.89
N LEU G 390 51.22 15.14 -45.12
CA LEU G 390 50.20 15.76 -44.27
C LEU G 390 50.68 15.70 -42.82
N LEU G 391 51.23 16.82 -42.35
CA LEU G 391 51.67 16.94 -40.96
C LEU G 391 50.54 17.49 -40.09
N ILE G 392 49.45 16.73 -40.03
CA ILE G 392 48.26 17.15 -39.31
C ILE G 392 48.53 17.02 -37.81
N HIS G 393 48.35 18.11 -37.08
CA HIS G 393 48.49 18.13 -35.64
C HIS G 393 47.12 17.98 -34.98
N ASN G 394 47.13 17.30 -33.83
CA ASN G 394 45.92 16.95 -33.07
C ASN G 394 44.74 16.61 -33.96
N LEU G 395 44.74 15.40 -34.53
CA LEU G 395 43.66 15.00 -35.44
C LEU G 395 42.33 14.90 -34.71
N ASP G 396 42.35 14.48 -33.45
CA ASP G 396 41.12 14.35 -32.66
C ASP G 396 40.88 15.66 -31.91
N SER G 397 40.30 16.62 -32.63
CA SER G 397 39.99 17.92 -32.05
C SER G 397 38.70 17.88 -31.25
N GLN G 398 37.65 18.52 -31.74
CA GLN G 398 36.37 18.55 -31.03
C GLN G 398 35.21 18.78 -31.98
N MET G 399 35.49 18.93 -33.26
CA MET G 399 34.46 19.19 -34.28
C MET G 399 34.63 18.25 -35.46
N LEU G 400 34.90 16.98 -35.18
CA LEU G 400 35.05 15.98 -36.23
C LEU G 400 34.79 14.58 -35.69
N ARG G 401 33.97 14.48 -34.64
CA ARG G 401 33.64 13.20 -34.05
C ARG G 401 32.67 12.37 -34.89
N GLY G 402 32.03 12.97 -35.90
CA GLY G 402 31.13 12.22 -36.74
C GLY G 402 31.86 11.28 -37.69
N GLU G 403 31.13 10.26 -38.14
CA GLU G 403 31.69 9.26 -39.04
C GLU G 403 31.91 9.80 -40.45
N LYS G 404 31.34 10.95 -40.79
CA LYS G 404 31.52 11.51 -42.12
C LYS G 404 32.85 12.23 -42.29
N SER G 405 33.62 12.39 -41.23
CA SER G 405 34.91 13.08 -41.30
C SER G 405 36.07 12.14 -41.60
N GLN G 406 36.02 10.89 -41.13
CA GLN G 406 37.11 9.96 -41.38
C GLN G 406 36.98 9.24 -42.72
N GLN G 407 35.75 9.14 -43.27
CA GLN G 407 35.59 8.50 -44.57
C GLN G 407 36.12 9.34 -45.71
N ILE G 408 36.25 10.65 -45.51
CA ILE G 408 36.82 11.51 -46.56
C ILE G 408 38.33 11.35 -46.60
N ILE G 409 38.99 11.44 -45.44
CA ILE G 409 40.43 11.27 -45.39
C ILE G 409 40.84 9.81 -45.56
N GLY G 410 39.93 8.87 -45.30
CA GLY G 410 40.26 7.47 -45.47
C GLY G 410 40.45 7.05 -46.91
N GLN G 411 39.82 7.76 -47.84
CA GLN G 411 39.97 7.45 -49.25
C GLN G 411 41.36 7.82 -49.76
N LEU G 412 41.94 8.91 -49.24
CA LEU G 412 43.27 9.32 -49.66
C LEU G 412 44.37 8.41 -49.11
N SER G 413 44.07 7.61 -48.09
CA SER G 413 45.05 6.71 -47.51
C SER G 413 45.28 5.46 -48.33
N SER G 414 44.42 5.19 -49.32
CA SER G 414 44.59 4.00 -50.15
C SER G 414 45.77 4.13 -51.11
N LEU G 415 46.19 5.34 -51.42
CA LEU G 415 47.31 5.57 -52.33
C LEU G 415 48.60 5.74 -51.55
N HIS G 416 49.67 5.12 -52.04
CA HIS G 416 50.97 5.19 -51.39
C HIS G 416 51.69 6.51 -51.65
N ASN G 417 51.15 7.36 -52.53
CA ASN G 417 51.75 8.65 -52.82
C ASN G 417 51.34 9.75 -51.85
N ILE G 418 50.40 9.47 -50.95
CA ILE G 418 49.92 10.43 -49.97
C ILE G 418 50.40 9.99 -48.59
N TYR G 419 51.09 10.88 -47.89
CA TYR G 419 51.66 10.59 -46.58
C TYR G 419 50.83 11.28 -45.51
N LEU G 420 50.38 10.52 -44.51
CA LEU G 420 49.55 11.03 -43.43
C LEU G 420 50.30 10.87 -42.11
N ILE G 421 50.49 11.99 -41.41
CA ILE G 421 51.14 12.01 -40.11
C ILE G 421 50.22 12.77 -39.16
N ALA G 422 49.64 12.05 -38.20
CA ALA G 422 48.70 12.64 -37.25
C ALA G 422 49.14 12.33 -35.83
N SER G 423 48.57 13.08 -34.88
CA SER G 423 48.84 12.93 -33.47
C SER G 423 47.56 12.57 -32.73
N ILE G 424 47.70 11.74 -31.70
CA ILE G 424 46.56 11.28 -30.91
C ILE G 424 46.78 11.73 -29.48
N ASP G 425 45.81 12.47 -28.94
CA ASP G 425 45.85 12.98 -27.57
C ASP G 425 44.54 12.66 -26.86
N HIS G 426 44.17 11.37 -26.88
CA HIS G 426 42.93 10.92 -26.25
C HIS G 426 43.03 9.42 -26.05
N LEU G 427 42.44 8.93 -24.96
CA LEU G 427 42.50 7.51 -24.65
C LEU G 427 41.57 6.67 -25.54
N ASN G 428 40.67 7.32 -26.28
CA ASN G 428 39.79 6.60 -27.20
C ASN G 428 40.30 6.75 -28.63
N ALA G 429 41.49 6.19 -28.86
CA ALA G 429 42.08 6.25 -30.20
C ALA G 429 41.34 5.37 -31.20
N PRO G 430 41.05 4.10 -30.92
CA PRO G 430 40.30 3.28 -31.90
C PRO G 430 38.80 3.54 -31.91
N LEU G 431 38.32 4.59 -31.25
CA LEU G 431 36.91 4.93 -31.25
C LEU G 431 36.49 5.74 -32.47
N MET G 432 37.44 6.31 -33.20
CA MET G 432 37.15 7.11 -34.38
C MET G 432 37.37 6.35 -35.68
N TRP G 433 37.75 5.07 -35.60
CA TRP G 433 37.97 4.25 -36.78
C TRP G 433 37.81 2.79 -36.41
N ASP G 434 37.18 2.02 -37.29
CA ASP G 434 36.92 0.62 -37.07
C ASP G 434 37.78 -0.24 -38.01
N HIS G 435 37.38 -1.50 -38.21
CA HIS G 435 38.14 -2.38 -39.08
C HIS G 435 37.98 -2.03 -40.55
N ALA G 436 36.88 -1.37 -40.93
CA ALA G 436 36.67 -0.98 -42.32
C ALA G 436 37.54 0.19 -42.75
N LYS G 437 38.24 0.83 -41.82
CA LYS G 437 39.11 1.96 -42.14
C LYS G 437 40.58 1.72 -41.83
N GLN G 438 40.91 0.72 -41.02
CA GLN G 438 42.31 0.46 -40.69
C GLN G 438 43.08 -0.14 -41.85
N SER G 439 42.39 -0.69 -42.84
CA SER G 439 43.09 -1.28 -43.99
C SER G 439 43.69 -0.21 -44.89
N LEU G 440 43.14 1.00 -44.88
CA LEU G 440 43.65 2.09 -45.70
C LEU G 440 44.72 2.90 -44.97
N PHE G 441 44.51 3.19 -43.69
CA PHE G 441 45.50 3.96 -42.94
C PHE G 441 46.71 3.12 -42.59
N ASN G 442 46.49 1.91 -42.06
CA ASN G 442 47.54 1.03 -41.57
C ASN G 442 48.40 1.75 -40.53
N TRP G 443 47.79 1.94 -39.36
CA TRP G 443 48.42 2.71 -38.30
C TRP G 443 49.63 1.98 -37.74
N LEU G 444 50.72 2.73 -37.52
CA LEU G 444 51.93 2.21 -36.89
C LEU G 444 52.15 3.01 -35.61
N TRP G 445 51.97 2.36 -34.46
CA TRP G 445 52.05 3.02 -33.18
C TRP G 445 53.50 3.26 -32.78
N TYR G 446 53.78 4.45 -32.28
CA TYR G 446 55.11 4.82 -31.78
C TYR G 446 54.92 5.70 -30.55
N GLU G 447 55.33 5.20 -29.40
CA GLU G 447 55.19 5.96 -28.16
C GLU G 447 56.14 7.15 -28.15
N THR G 448 55.66 8.27 -27.61
CA THR G 448 56.43 9.50 -27.53
C THR G 448 56.34 10.05 -26.12
N THR G 449 57.50 10.35 -25.52
CA THR G 449 57.59 10.91 -24.19
C THR G 449 58.31 12.25 -24.27
N THR G 450 57.57 13.33 -24.05
CA THR G 450 58.11 14.68 -24.12
C THR G 450 58.10 15.42 -22.79
N TYR G 451 57.01 15.30 -22.02
CA TYR G 451 56.86 15.97 -20.73
C TYR G 451 57.02 17.49 -20.89
N SER G 452 55.95 18.10 -21.41
CA SER G 452 55.89 19.54 -21.62
C SER G 452 54.45 19.98 -21.63
N PRO G 453 54.10 21.07 -20.95
CA PRO G 453 52.71 21.52 -20.91
C PRO G 453 52.27 22.13 -22.23
N TYR G 454 50.98 22.42 -22.31
CA TYR G 454 50.36 23.02 -23.49
C TYR G 454 50.05 24.48 -23.20
N THR G 455 50.52 25.37 -24.07
CA THR G 455 50.27 26.81 -23.95
C THR G 455 49.77 27.39 -25.26
N GLU G 456 49.01 26.61 -26.03
CA GLU G 456 48.55 27.07 -27.34
C GLU G 456 47.05 26.90 -27.48
N GLU G 457 46.56 25.65 -27.43
CA GLU G 457 45.15 25.37 -27.65
C GLU G 457 44.27 25.72 -26.46
N THR G 458 44.85 26.15 -25.35
CA THR G 458 44.07 26.50 -24.17
C THR G 458 43.27 27.78 -24.42
N SER G 459 42.07 27.63 -24.97
CA SER G 459 41.22 28.77 -25.28
C SER G 459 39.75 28.36 -25.32
N TYR G 460 39.47 27.16 -25.80
CA TYR G 460 38.10 26.68 -25.89
C TYR G 460 37.51 26.33 -24.53
N GLU G 461 38.36 26.03 -23.55
CA GLU G 461 37.88 25.67 -22.22
C GLU G 461 37.22 26.86 -21.54
N ASN G 462 36.22 26.58 -20.72
CA ASN G 462 35.48 27.62 -20.01
C ASN G 462 36.33 28.14 -18.85
N SER G 463 36.53 29.45 -18.81
CA SER G 463 37.31 30.07 -17.75
C SER G 463 36.52 30.13 -16.45
N SER G 471 35.91 33.05 -15.10
CA SER G 471 34.54 33.07 -15.62
C SER G 471 34.37 34.16 -16.66
N LEU G 472 33.23 34.83 -16.62
CA LEU G 472 32.96 35.91 -17.58
C LEU G 472 33.81 37.14 -17.23
N PRO G 473 34.20 37.91 -18.25
CA PRO G 473 35.00 39.12 -17.98
C PRO G 473 34.21 40.14 -17.19
N LEU G 474 34.83 40.66 -16.12
CA LEU G 474 34.16 41.65 -15.28
C LEU G 474 34.13 43.03 -15.95
N SER G 475 34.93 43.24 -17.00
CA SER G 475 34.92 44.52 -17.69
C SER G 475 33.65 44.73 -18.51
N SER G 476 32.94 43.65 -18.85
CA SER G 476 31.71 43.79 -19.62
C SER G 476 30.58 44.34 -18.75
N LEU G 477 30.47 43.84 -17.52
CA LEU G 477 29.44 44.31 -16.60
C LEU G 477 29.76 45.68 -16.02
N THR G 478 31.01 46.13 -16.12
CA THR G 478 31.40 47.44 -15.61
C THR G 478 31.26 48.53 -16.66
N HIS G 479 31.62 48.22 -17.92
CA HIS G 479 31.52 49.20 -18.98
C HIS G 479 30.10 49.32 -19.54
N VAL G 480 29.16 48.51 -19.05
CA VAL G 480 27.79 48.58 -19.55
C VAL G 480 26.96 49.57 -18.73
N LEU G 481 27.34 49.80 -17.47
CA LEU G 481 26.61 50.73 -16.62
C LEU G 481 27.11 52.16 -16.74
N ARG G 482 28.35 52.37 -17.21
CA ARG G 482 28.85 53.72 -17.38
C ARG G 482 28.15 54.43 -18.53
N SER G 483 27.91 53.72 -19.63
CA SER G 483 27.18 54.26 -20.78
C SER G 483 25.69 53.98 -20.70
N LEU G 484 25.15 53.88 -19.49
CA LEU G 484 23.73 53.58 -19.28
C LEU G 484 23.06 54.76 -18.60
N THR G 485 21.76 54.92 -18.86
CA THR G 485 21.01 56.01 -18.28
C THR G 485 20.95 55.87 -16.76
N PRO G 486 20.89 57.00 -16.03
CA PRO G 486 20.87 56.90 -14.56
C PRO G 486 19.66 56.18 -14.00
N ASN G 487 18.51 56.27 -14.66
CA ASN G 487 17.32 55.60 -14.14
C ASN G 487 17.40 54.09 -14.32
N ALA G 488 18.12 53.62 -15.34
CA ALA G 488 18.23 52.19 -15.58
C ALA G 488 19.20 51.51 -14.61
N ARG G 489 20.16 52.25 -14.05
CA ARG G 489 21.08 51.64 -13.10
C ARG G 489 20.40 51.32 -11.79
N GLY G 490 19.42 52.13 -11.37
CA GLY G 490 18.69 51.85 -10.15
C GLY G 490 17.80 50.63 -10.26
N ILE G 491 17.36 50.30 -11.47
CA ILE G 491 16.54 49.12 -11.67
C ILE G 491 17.39 47.85 -11.62
N PHE G 492 18.60 47.90 -12.19
CA PHE G 492 19.48 46.74 -12.17
C PHE G 492 19.98 46.45 -10.76
N ARG G 493 20.23 47.50 -9.97
CA ARG G 493 20.68 47.34 -8.60
C ARG G 493 19.55 46.97 -7.65
N LEU G 494 18.30 47.02 -8.10
CA LEU G 494 17.17 46.65 -7.26
C LEU G 494 16.79 45.18 -7.42
N LEU G 495 16.96 44.62 -8.62
CA LEU G 495 16.64 43.21 -8.83
C LEU G 495 17.72 42.29 -8.29
N ILE G 496 18.95 42.80 -8.14
CA ILE G 496 20.02 41.97 -7.62
C ILE G 496 19.87 41.78 -6.11
N LYS G 497 19.23 42.74 -5.43
CA LYS G 497 19.03 42.60 -3.99
C LYS G 497 17.97 41.55 -3.68
N TYR G 498 16.88 41.53 -4.44
CA TYR G 498 15.83 40.55 -4.23
C TYR G 498 16.20 39.17 -4.75
N GLN G 499 17.28 39.06 -5.54
CA GLN G 499 17.67 37.76 -6.08
C GLN G 499 18.47 36.95 -5.06
N LEU G 500 19.42 37.59 -4.38
CA LEU G 500 20.23 36.89 -3.39
C LEU G 500 19.45 36.59 -2.12
N ASP G 501 18.49 37.45 -1.75
CA ASP G 501 17.68 37.20 -0.57
C ASP G 501 16.72 36.03 -0.75
N ASN G 502 16.31 35.75 -1.98
CA ASN G 502 15.42 34.64 -2.27
C ASN G 502 16.14 33.48 -2.98
N GLN G 503 17.46 33.51 -3.04
CA GLN G 503 18.22 32.46 -3.70
C GLN G 503 18.19 31.16 -2.91
N ASP G 504 18.02 31.22 -1.58
CA ASP G 504 17.99 30.02 -0.78
C ASP G 504 16.76 29.16 -1.08
N ASN G 505 15.70 29.76 -1.59
CA ASN G 505 14.50 29.02 -1.94
C ASN G 505 14.73 28.22 -3.21
N PRO G 506 14.65 26.89 -3.17
CA PRO G 506 14.87 26.10 -4.39
C PRO G 506 13.80 26.27 -5.44
N SER G 507 12.60 26.72 -5.07
CA SER G 507 11.51 26.95 -6.01
C SER G 507 11.45 28.37 -6.52
N TYR G 508 12.61 29.02 -6.70
CA TYR G 508 12.66 30.40 -7.18
C TYR G 508 12.37 30.41 -8.68
N ILE G 509 11.21 30.95 -9.05
CA ILE G 509 10.81 31.05 -10.45
C ILE G 509 10.94 32.46 -10.98
N GLY G 510 11.34 33.41 -10.16
CA GLY G 510 11.49 34.78 -10.60
C GLY G 510 10.33 35.65 -10.18
N LEU G 511 10.59 36.96 -10.05
CA LEU G 511 9.55 37.89 -9.67
C LEU G 511 8.57 38.12 -10.82
N SER G 512 7.35 38.46 -10.46
CA SER G 512 6.30 38.70 -11.45
C SER G 512 6.43 40.12 -12.01
N PHE G 513 5.47 40.53 -12.83
CA PHE G 513 5.47 41.86 -13.42
C PHE G 513 4.59 42.85 -12.66
N GLN G 514 3.59 42.36 -11.92
CA GLN G 514 2.73 43.26 -11.16
C GLN G 514 3.48 43.88 -9.99
N ASP G 515 4.18 43.06 -9.20
CA ASP G 515 4.94 43.59 -8.08
C ASP G 515 6.16 44.37 -8.54
N PHE G 516 6.69 44.06 -9.72
CA PHE G 516 7.82 44.81 -10.25
C PHE G 516 7.41 46.22 -10.66
N TYR G 517 6.20 46.36 -11.21
CA TYR G 517 5.73 47.68 -11.60
C TYR G 517 5.39 48.54 -10.40
N GLN G 518 4.97 47.92 -9.29
CA GLN G 518 4.68 48.68 -8.08
C GLN G 518 5.94 49.14 -7.38
N GLN G 519 7.02 48.37 -7.48
CA GLN G 519 8.27 48.73 -6.81
C GLN G 519 8.96 49.90 -7.48
N CYS G 520 8.66 50.17 -8.76
CA CYS G 520 9.31 51.27 -9.45
C CYS G 520 8.95 52.61 -8.84
N ARG G 521 7.65 52.88 -8.66
CA ARG G 521 7.22 54.14 -8.07
C ARG G 521 7.54 54.25 -6.59
N GLU G 522 7.69 53.12 -5.90
CA GLU G 522 8.07 53.17 -4.49
C GLU G 522 9.52 53.62 -4.30
N ALA G 523 10.36 53.46 -5.31
CA ALA G 523 11.76 53.88 -5.26
C ALA G 523 12.04 54.97 -6.28
N PHE G 524 11.05 55.83 -6.54
CA PHE G 524 11.11 56.90 -7.53
C PHE G 524 11.87 56.51 -8.79
N LEU G 525 11.26 55.68 -9.63
CA LEU G 525 11.89 55.24 -10.88
C LEU G 525 11.05 55.63 -12.08
N VAL G 526 10.43 54.65 -12.73
CA VAL G 526 9.62 54.91 -13.91
C VAL G 526 8.28 55.50 -13.50
N ASN G 527 7.60 56.12 -14.47
CA ASN G 527 6.30 56.75 -14.23
C ASN G 527 5.14 56.01 -14.87
N SER G 528 5.32 55.47 -16.07
CA SER G 528 4.27 54.77 -16.78
C SER G 528 4.72 53.34 -17.08
N ASP G 529 3.93 52.64 -17.89
CA ASP G 529 4.20 51.25 -18.25
C ASP G 529 4.92 51.12 -19.59
N LEU G 530 4.52 51.89 -20.61
CA LEU G 530 5.18 51.80 -21.90
C LEU G 530 6.60 52.34 -21.85
N THR G 531 6.86 53.31 -20.97
CA THR G 531 8.22 53.81 -20.80
C THR G 531 9.10 52.81 -20.04
N LEU G 532 8.49 51.99 -19.18
CA LEU G 532 9.26 50.98 -18.47
C LEU G 532 9.69 49.86 -19.41
N ARG G 533 8.84 49.51 -20.38
CA ARG G 533 9.21 48.49 -21.35
C ARG G 533 10.30 48.98 -22.30
N ALA G 534 10.36 50.29 -22.54
CA ALA G 534 11.42 50.84 -23.39
C ALA G 534 12.77 50.83 -22.68
N GLN G 535 12.76 50.88 -21.34
CA GLN G 535 14.00 50.82 -20.58
C GLN G 535 14.59 49.42 -20.52
N LEU G 536 13.82 48.40 -20.88
CA LEU G 536 14.29 47.02 -20.90
C LEU G 536 14.74 46.57 -22.29
N THR G 537 14.97 47.51 -23.21
CA THR G 537 15.40 47.13 -24.55
C THR G 537 16.91 46.89 -24.60
N GLU G 538 17.68 47.74 -23.93
CA GLU G 538 19.13 47.59 -23.92
C GLU G 538 19.60 46.51 -22.97
N PHE G 539 18.71 45.92 -22.16
CA PHE G 539 19.07 44.83 -21.28
C PHE G 539 18.87 43.47 -21.94
N ARG G 540 17.83 43.32 -22.76
CA ARG G 540 17.58 42.06 -23.44
C ARG G 540 18.50 41.86 -24.63
N ASP G 541 19.06 42.94 -25.18
CA ASP G 541 19.98 42.80 -26.32
C ASP G 541 21.41 42.54 -25.86
N HIS G 542 21.75 42.91 -24.63
CA HIS G 542 23.09 42.69 -24.08
C HIS G 542 23.20 41.37 -23.34
N LYS G 543 22.24 40.46 -23.52
CA LYS G 543 22.25 39.15 -22.87
C LYS G 543 22.29 39.27 -21.35
N LEU G 544 21.53 40.23 -20.81
CA LEU G 544 21.45 40.45 -19.37
C LEU G 544 20.19 39.82 -18.78
N ILE G 545 19.03 40.07 -19.37
CA ILE G 545 17.77 39.49 -18.92
C ILE G 545 16.99 39.01 -20.13
N ARG G 546 16.10 38.05 -19.91
CA ARG G 546 15.24 37.52 -20.96
C ARG G 546 13.88 37.19 -20.39
N THR G 547 12.89 37.08 -21.27
CA THR G 547 11.53 36.76 -20.89
C THR G 547 11.19 35.32 -21.27
N LYS G 548 10.28 34.71 -20.51
CA LYS G 548 9.85 33.36 -20.74
C LYS G 548 8.33 33.31 -20.86
N LYS G 549 7.84 32.36 -21.66
CA LYS G 549 6.40 32.20 -21.85
C LYS G 549 5.78 31.52 -20.63
N GLY G 550 5.39 32.31 -19.64
CA GLY G 550 4.79 31.76 -18.45
C GLY G 550 3.38 31.28 -18.69
N THR G 551 2.99 30.25 -17.93
CA THR G 551 1.64 29.70 -18.07
C THR G 551 0.59 30.60 -17.41
N ASP G 552 1.00 31.43 -16.46
CA ASP G 552 0.09 32.35 -15.77
C ASP G 552 -0.03 33.69 -16.47
N GLY G 553 0.47 33.81 -17.70
CA GLY G 553 0.38 35.06 -18.44
C GLY G 553 1.26 36.17 -17.93
N VAL G 554 2.22 35.87 -17.06
CA VAL G 554 3.13 36.85 -16.48
C VAL G 554 4.53 36.59 -17.01
N GLU G 555 5.18 37.63 -17.52
CA GLU G 555 6.52 37.51 -18.07
C GLU G 555 7.52 37.57 -16.91
N TYR G 556 8.21 36.46 -16.67
CA TYR G 556 9.19 36.39 -15.58
C TYR G 556 10.45 37.15 -15.97
N LEU G 557 11.21 37.56 -14.94
CA LEU G 557 12.44 38.31 -15.13
C LEU G 557 13.56 37.60 -14.38
N LEU G 558 14.54 37.10 -15.12
CA LEU G 558 15.69 36.42 -14.53
C LEU G 558 16.96 36.88 -15.23
N ILE G 559 18.09 36.62 -14.59
CA ILE G 559 19.40 36.99 -15.10
C ILE G 559 20.21 35.72 -15.29
N PRO G 560 20.40 35.27 -16.54
CA PRO G 560 21.14 34.02 -16.80
C PRO G 560 22.65 34.19 -16.67
N VAL G 561 23.11 34.32 -15.44
CA VAL G 561 24.52 34.44 -15.12
C VAL G 561 24.87 33.42 -14.03
N ASP G 562 26.13 33.47 -13.58
CA ASP G 562 26.58 32.58 -12.53
C ASP G 562 26.15 33.10 -11.16
N ASN G 563 25.99 32.18 -10.21
CA ASN G 563 25.58 32.56 -8.86
C ASN G 563 26.67 33.36 -8.15
N GLY G 564 27.94 33.10 -8.46
CA GLY G 564 29.03 33.83 -7.86
C GLY G 564 29.35 35.17 -8.49
N THR G 565 28.76 35.46 -9.65
CA THR G 565 29.01 36.73 -10.32
C THR G 565 28.23 37.87 -9.67
N LEU G 566 26.96 37.62 -9.33
CA LEU G 566 26.14 38.66 -8.71
C LEU G 566 26.61 38.99 -7.29
N THR G 567 27.29 38.06 -6.62
CA THR G 567 27.78 38.33 -5.27
C THR G 567 28.97 39.28 -5.27
N ASP G 568 29.69 39.38 -6.38
CA ASP G 568 30.85 40.27 -6.48
C ASP G 568 30.51 41.60 -7.14
N PHE G 569 29.22 41.87 -7.36
CA PHE G 569 28.82 43.13 -7.98
C PHE G 569 28.52 44.22 -6.96
N LEU G 570 28.06 43.84 -5.76
CA LEU G 570 27.75 44.83 -4.73
C LEU G 570 29.00 45.40 -4.07
N GLU G 571 30.16 44.76 -4.22
CA GLU G 571 31.38 45.23 -3.60
C GLU G 571 32.11 46.26 -4.45
N LYS G 572 31.85 46.32 -5.76
CA LYS G 572 32.49 47.28 -6.64
C LYS G 572 31.69 48.57 -6.79
N GLU G 573 30.46 48.62 -6.27
CA GLU G 573 29.62 49.81 -6.37
C GLU G 573 29.61 50.62 -5.07
N GLU G 574 30.60 50.43 -4.22
CA GLU G 574 30.67 51.16 -2.95
C GLU G 574 31.16 52.59 -3.12
N GLU G 575 31.73 52.93 -4.27
CA GLU G 575 32.21 54.29 -4.50
C GLU G 575 31.21 55.10 -5.31
N MET H 1 53.52 29.76 -32.43
CA MET H 1 54.42 30.01 -33.53
C MET H 1 53.73 30.81 -34.64
N ALA H 2 54.32 30.79 -35.84
CA ALA H 2 53.78 31.52 -36.97
C ALA H 2 52.63 30.78 -37.66
N THR H 3 52.26 29.60 -37.19
CA THR H 3 51.16 28.83 -37.78
C THR H 3 50.08 28.51 -36.75
N SER H 4 50.00 29.27 -35.67
CA SER H 4 48.99 29.01 -34.65
C SER H 4 48.51 30.25 -33.92
N SER H 5 49.02 31.44 -34.25
CA SER H 5 48.62 32.69 -33.59
C SER H 5 47.62 33.48 -34.42
N MET H 6 46.79 32.79 -35.21
CA MET H 6 45.80 33.44 -36.05
C MET H 6 44.52 32.62 -35.99
N SER H 7 43.63 32.84 -36.96
CA SER H 7 42.35 32.13 -37.02
C SER H 7 42.22 31.34 -38.32
N LYS H 8 43.33 30.85 -38.85
CA LYS H 8 43.32 30.06 -40.07
C LYS H 8 44.34 28.93 -39.94
N GLY H 9 44.11 27.88 -40.72
CA GLY H 9 45.00 26.73 -40.69
C GLY H 9 45.49 26.32 -42.07
N CYS H 10 45.56 27.29 -42.99
CA CYS H 10 46.00 27.05 -44.36
C CYS H 10 47.46 27.51 -44.46
N PHE H 11 48.38 26.57 -44.20
CA PHE H 11 49.81 26.84 -44.26
C PHE H 11 50.48 25.72 -45.04
N VAL H 12 50.96 26.03 -46.23
CA VAL H 12 51.63 25.06 -47.09
C VAL H 12 53.07 25.51 -47.30
N PHE H 13 53.91 24.54 -47.69
CA PHE H 13 55.33 24.80 -47.96
C PHE H 13 55.70 24.04 -49.24
N LYS H 14 55.51 24.70 -50.38
CA LYS H 14 55.83 24.08 -51.67
C LYS H 14 57.25 24.41 -52.06
N PRO H 15 58.07 23.41 -52.41
CA PRO H 15 59.45 23.70 -52.82
C PRO H 15 59.53 24.37 -54.18
N ASN H 16 59.22 25.67 -54.22
CA ASN H 16 59.25 26.43 -55.45
C ASN H 16 60.35 27.47 -55.50
N SER H 17 60.89 27.88 -54.34
CA SER H 17 61.93 28.89 -54.33
C SER H 17 63.24 28.36 -54.92
N LYS H 18 63.49 27.06 -54.79
CA LYS H 18 64.70 26.46 -55.34
C LYS H 18 64.57 26.33 -56.85
N LYS H 19 65.63 26.71 -57.56
CA LYS H 19 65.59 26.66 -59.03
C LYS H 19 65.66 25.23 -59.55
N ARG H 20 66.57 24.43 -58.99
CA ARG H 20 66.73 23.05 -59.43
C ARG H 20 65.66 22.17 -58.82
N LYS H 21 65.33 21.08 -59.53
CA LYS H 21 64.34 20.09 -59.09
C LYS H 21 65.03 18.74 -59.03
N ILE H 22 65.34 18.28 -57.82
CA ILE H 22 66.02 17.01 -57.62
C ILE H 22 65.07 16.06 -56.89
N SER H 23 65.34 14.76 -57.02
CA SER H 23 64.55 13.72 -56.38
C SER H 23 65.44 12.93 -55.45
N LEU H 24 65.00 12.78 -54.20
CA LEU H 24 65.77 12.06 -53.19
C LEU H 24 65.23 10.64 -53.08
N PRO H 25 66.03 9.61 -53.38
CA PRO H 25 65.53 8.23 -53.26
C PRO H 25 65.28 7.81 -51.83
N ILE H 26 64.82 6.57 -51.65
CA ILE H 26 64.50 6.06 -50.31
C ILE H 26 65.70 5.32 -49.72
N GLU H 27 66.43 4.56 -50.54
CA GLU H 27 67.55 3.78 -50.04
C GLU H 27 68.73 4.63 -49.59
N ASP H 28 68.74 5.92 -49.92
CA ASP H 28 69.83 6.79 -49.49
C ASP H 28 69.77 7.13 -48.01
N TYR H 29 68.66 6.83 -47.34
CA TYR H 29 68.50 7.11 -45.91
C TYR H 29 68.58 5.85 -45.06
N PHE H 30 68.88 4.69 -45.64
CA PHE H 30 68.97 3.48 -44.86
C PHE H 30 70.27 3.42 -44.06
N ASN H 31 71.30 4.11 -44.51
CA ASN H 31 72.60 4.15 -43.85
C ASN H 31 72.76 5.52 -43.18
N LYS H 32 72.21 5.65 -41.98
CA LYS H 32 72.30 6.92 -41.26
C LYS H 32 73.70 7.20 -40.73
N GLY H 33 74.51 6.17 -40.53
CA GLY H 33 75.86 6.34 -40.02
C GLY H 33 76.77 5.25 -40.57
N LYS H 34 77.73 4.83 -39.75
CA LYS H 34 78.69 3.80 -40.13
C LYS H 34 78.00 2.43 -40.03
N ASN H 35 77.23 2.11 -41.08
CA ASN H 35 76.50 0.85 -41.17
C ASN H 35 76.56 0.35 -42.61
N GLU H 36 77.78 -0.07 -43.02
CA GLU H 36 78.15 -0.53 -44.37
C GLU H 36 77.37 0.20 -45.46
N PRO H 37 77.80 1.40 -45.86
CA PRO H 37 77.07 2.12 -46.91
C PRO H 37 77.05 1.39 -48.25
N GLU H 38 78.11 0.63 -48.57
CA GLU H 38 78.12 -0.11 -49.82
C GLU H 38 77.17 -1.30 -49.79
N ASP H 39 76.87 -1.82 -48.59
CA ASP H 39 75.96 -2.94 -48.43
C ASP H 39 74.55 -2.52 -48.02
N SER H 40 74.38 -1.26 -47.60
CA SER H 40 73.05 -0.79 -47.21
C SER H 40 72.12 -0.70 -48.41
N LYS H 41 72.64 -0.25 -49.55
CA LYS H 41 71.84 -0.17 -50.77
C LYS H 41 71.66 -1.52 -51.44
N LEU H 42 72.52 -2.50 -51.14
CA LEU H 42 72.39 -3.82 -51.73
C LEU H 42 71.31 -4.65 -51.05
N ARG H 43 71.10 -4.46 -49.75
CA ARG H 43 70.06 -5.18 -49.04
C ARG H 43 68.70 -4.51 -49.16
N PHE H 44 68.66 -3.23 -49.56
CA PHE H 44 67.38 -2.56 -49.73
C PHE H 44 66.74 -2.88 -51.09
N GLU H 45 67.55 -3.04 -52.13
CA GLU H 45 67.01 -3.42 -53.43
C GLU H 45 66.50 -4.85 -53.43
N THR H 46 67.02 -5.71 -52.54
CA THR H 46 66.47 -7.05 -52.37
C THR H 46 65.27 -7.07 -51.43
N TYR H 47 65.04 -5.99 -50.69
CA TYR H 47 63.89 -5.92 -49.80
C TYR H 47 62.58 -5.90 -50.58
N GLN H 48 62.57 -5.26 -51.76
CA GLN H 48 61.39 -5.23 -52.60
C GLN H 48 61.29 -6.45 -53.51
N LEU H 49 62.40 -7.15 -53.75
CA LEU H 49 62.35 -8.36 -54.58
C LEU H 49 61.67 -9.50 -53.83
N ILE H 50 61.97 -9.64 -52.53
CA ILE H 50 61.33 -10.68 -51.73
C ILE H 50 59.94 -10.31 -51.27
N TRP H 51 59.52 -9.07 -51.51
CA TRP H 51 58.19 -8.62 -51.13
C TRP H 51 57.21 -8.59 -52.29
N GLN H 52 57.66 -8.23 -53.50
CA GLN H 52 56.78 -8.24 -54.66
C GLN H 52 56.53 -9.64 -55.19
N GLN H 53 57.38 -10.60 -54.86
CA GLN H 53 57.19 -11.99 -55.28
C GLN H 53 56.26 -12.76 -54.35
N MET H 54 56.26 -12.43 -53.06
CA MET H 54 55.36 -13.11 -52.13
C MET H 54 53.93 -12.59 -52.26
N LYS H 55 53.75 -11.34 -52.68
CA LYS H 55 52.41 -10.83 -52.94
C LYS H 55 51.79 -11.49 -54.18
N SER H 56 52.61 -11.82 -55.17
CA SER H 56 52.10 -12.54 -56.34
C SER H 56 51.69 -13.96 -55.97
N GLU H 57 52.29 -14.54 -54.94
CA GLU H 57 51.88 -15.85 -54.48
C GLU H 57 50.60 -15.80 -53.65
N ASN H 58 50.40 -14.71 -52.90
CA ASN H 58 49.19 -14.59 -52.10
C ASN H 58 47.95 -14.45 -52.99
N GLU H 59 48.04 -13.62 -54.03
CA GLU H 59 46.93 -13.47 -54.96
C GLU H 59 46.73 -14.71 -55.82
N ARG H 60 47.77 -15.53 -55.99
CA ARG H 60 47.63 -16.76 -56.75
C ARG H 60 47.07 -17.88 -55.88
N LEU H 61 47.52 -17.98 -54.63
CA LEU H 61 47.01 -19.01 -53.73
C LEU H 61 45.56 -18.74 -53.37
N GLN H 62 45.19 -17.48 -53.17
CA GLN H 62 43.80 -17.15 -52.85
C GLN H 62 42.89 -17.39 -54.03
N GLU H 63 43.42 -17.33 -55.25
CA GLU H 63 42.58 -17.53 -56.43
C GLU H 63 42.44 -19.00 -56.79
N GLU H 64 43.51 -19.79 -56.63
CA GLU H 64 43.45 -21.20 -57.00
C GLU H 64 42.63 -22.01 -55.99
N LEU H 65 42.55 -21.55 -54.74
CA LEU H 65 41.74 -22.24 -53.75
C LEU H 65 40.26 -21.92 -53.88
N ASN H 66 39.93 -20.76 -54.43
CA ASN H 66 38.55 -20.35 -54.64
C ASN H 66 37.99 -20.81 -55.98
N LYS H 67 38.71 -21.68 -56.69
CA LYS H 67 38.21 -22.19 -57.96
C LYS H 67 37.00 -23.09 -57.75
N ASN H 68 36.96 -23.81 -56.63
CA ASN H 68 35.80 -24.66 -56.33
C ASN H 68 34.57 -23.82 -56.03
N LEU H 69 34.76 -22.62 -55.45
CA LEU H 69 33.63 -21.73 -55.19
C LEU H 69 33.22 -20.95 -56.43
N PHE H 70 34.19 -20.59 -57.28
CA PHE H 70 33.87 -19.88 -58.51
C PHE H 70 33.12 -20.77 -59.50
N ASP H 71 33.40 -22.07 -59.49
CA ASP H 71 32.68 -22.99 -60.37
C ASP H 71 31.22 -23.10 -59.96
N ASN H 72 30.92 -22.97 -58.67
CA ASN H 72 29.54 -23.02 -58.21
C ASN H 72 28.79 -21.72 -58.48
N LEU H 73 29.51 -20.62 -58.73
CA LEU H 73 28.88 -19.34 -59.03
C LEU H 73 28.62 -19.16 -60.52
N ILE H 74 29.53 -19.64 -61.37
CA ILE H 74 29.36 -19.48 -62.80
C ILE H 74 28.23 -20.35 -63.33
N GLU H 75 27.88 -21.43 -62.62
CA GLU H 75 26.77 -22.27 -63.04
C GLU H 75 25.44 -21.56 -62.86
N PHE H 76 25.30 -20.78 -61.79
CA PHE H 76 24.06 -20.04 -61.56
C PHE H 76 23.91 -18.88 -62.54
N LEU H 77 25.03 -18.32 -63.02
CA LEU H 77 25.01 -17.22 -63.97
C LEU H 77 24.95 -17.68 -65.42
N GLN H 78 24.84 -18.99 -65.67
CA GLN H 78 24.71 -19.51 -67.01
C GLN H 78 23.47 -20.37 -67.23
N LYS H 79 22.83 -20.86 -66.17
CA LYS H 79 21.60 -21.61 -66.30
C LYS H 79 20.37 -20.73 -66.08
N SER H 80 20.36 -19.97 -64.98
CA SER H 80 19.25 -19.06 -64.72
C SER H 80 19.29 -17.84 -65.64
N HIS H 81 20.47 -17.46 -66.12
CA HIS H 81 20.56 -16.32 -67.04
C HIS H 81 20.22 -16.72 -68.46
N SER H 82 20.51 -17.96 -68.86
CA SER H 82 20.15 -18.41 -70.21
C SER H 82 18.65 -18.50 -70.39
N GLY H 83 17.91 -18.81 -69.33
CA GLY H 83 16.47 -18.87 -69.42
C GLY H 83 15.80 -17.51 -69.50
N PHE H 84 16.57 -16.43 -69.27
CA PHE H 84 16.01 -15.09 -69.36
C PHE H 84 15.68 -14.73 -70.80
N GLN H 85 16.58 -15.05 -71.73
CA GLN H 85 16.30 -14.77 -73.14
C GLN H 85 15.21 -15.68 -73.68
N LYS H 86 15.16 -16.92 -73.20
CA LYS H 86 14.12 -17.84 -73.65
C LYS H 86 12.74 -17.43 -73.14
N ASN H 87 12.68 -16.88 -71.91
CA ASN H 87 11.41 -16.43 -71.36
C ASN H 87 10.85 -15.23 -72.10
N SER H 88 11.71 -14.42 -72.73
CA SER H 88 11.27 -13.25 -73.47
C SER H 88 10.85 -13.56 -74.90
N ARG H 89 10.99 -14.80 -75.34
CA ARG H 89 10.61 -15.19 -76.70
C ARG H 89 9.11 -15.43 -76.84
N ASP H 90 8.35 -15.41 -75.75
CA ASP H 90 6.91 -15.60 -75.80
C ASP H 90 6.24 -14.61 -74.86
N LEU H 91 5.08 -14.09 -75.28
CA LEU H 91 4.33 -13.12 -74.50
C LEU H 91 3.32 -13.77 -73.58
N GLY H 92 3.19 -15.09 -73.60
CA GLY H 92 2.22 -15.77 -72.75
C GLY H 92 2.83 -16.31 -71.47
N GLY H 93 4.10 -16.68 -71.52
CA GLY H 93 4.78 -17.22 -70.36
C GLY H 93 5.52 -16.16 -69.56
N GLN H 94 5.08 -15.95 -68.31
CA GLN H 94 5.70 -14.97 -67.41
C GLN H 94 5.88 -15.63 -66.04
N ILE H 95 6.81 -16.59 -65.96
CA ILE H 95 7.07 -17.29 -64.72
C ILE H 95 8.35 -16.84 -64.03
N LYS H 96 9.26 -16.18 -64.76
CA LYS H 96 10.52 -15.71 -64.20
C LYS H 96 10.57 -14.20 -64.00
N LEU H 97 9.82 -13.44 -64.81
CA LEU H 97 9.84 -11.98 -64.69
C LEU H 97 9.21 -11.50 -63.38
N ARG H 98 8.44 -12.36 -62.69
CA ARG H 98 7.81 -11.98 -61.43
C ARG H 98 8.79 -11.97 -60.27
N GLU H 99 10.01 -12.48 -60.45
CA GLU H 99 11.00 -12.50 -59.40
C GLU H 99 12.33 -11.99 -59.94
N ILE H 100 13.20 -11.60 -59.02
CA ILE H 100 14.52 -11.06 -59.35
C ILE H 100 15.57 -12.03 -58.83
N PRO H 101 16.45 -12.56 -59.68
CA PRO H 101 17.48 -13.48 -59.19
C PRO H 101 18.55 -12.73 -58.41
N THR H 102 19.02 -13.36 -57.32
CA THR H 102 20.03 -12.76 -56.46
C THR H 102 20.91 -13.85 -55.89
N ALA H 103 22.21 -13.72 -56.08
CA ALA H 103 23.20 -14.67 -55.55
C ALA H 103 23.76 -14.11 -54.24
N ALA H 104 23.43 -14.77 -53.14
CA ALA H 104 23.88 -14.33 -51.82
C ALA H 104 25.24 -14.93 -51.51
N LEU H 105 26.19 -14.07 -51.14
CA LEU H 105 27.55 -14.47 -50.79
C LEU H 105 27.77 -14.11 -49.32
N VAL H 106 27.68 -15.10 -48.44
CA VAL H 106 27.86 -14.85 -47.02
C VAL H 106 29.34 -14.62 -46.72
N LEU H 107 29.59 -13.79 -45.70
CA LEU H 107 30.95 -13.44 -45.29
C LEU H 107 31.06 -13.52 -43.78
N GLY H 108 32.29 -13.38 -43.28
CA GLY H 108 32.56 -13.43 -41.87
C GLY H 108 32.67 -12.04 -41.25
N VAL H 109 33.21 -12.02 -40.03
CA VAL H 109 33.37 -10.76 -39.31
C VAL H 109 34.49 -9.90 -39.89
N ASN H 110 35.37 -10.48 -40.71
CA ASN H 110 36.45 -9.73 -41.32
C ASN H 110 35.89 -8.89 -42.46
N VAL H 111 36.25 -7.61 -42.50
CA VAL H 111 35.78 -6.71 -43.54
C VAL H 111 36.88 -6.25 -44.48
N THR H 112 38.15 -6.38 -44.08
CA THR H 112 39.25 -5.97 -44.95
C THR H 112 39.48 -6.94 -46.10
N ASP H 113 39.02 -8.18 -45.97
CA ASP H 113 39.17 -9.17 -47.04
C ASP H 113 38.14 -9.00 -48.14
N HIS H 114 37.22 -8.04 -48.01
CA HIS H 114 36.20 -7.83 -49.04
C HIS H 114 36.78 -7.25 -50.32
N ASP H 115 38.00 -6.69 -50.27
CA ASP H 115 38.62 -6.13 -51.47
C ASP H 115 39.34 -7.20 -52.28
N LEU H 116 39.86 -8.24 -51.62
CA LEU H 116 40.56 -9.30 -52.31
C LEU H 116 39.65 -10.46 -52.71
N THR H 117 38.59 -10.71 -51.93
CA THR H 117 37.64 -11.76 -52.31
C THR H 117 36.80 -11.33 -53.50
N PHE H 118 36.37 -10.07 -53.52
CA PHE H 118 35.59 -9.55 -54.64
C PHE H 118 36.47 -9.01 -55.76
N GLY H 119 37.75 -8.74 -55.48
CA GLY H 119 38.63 -8.27 -56.53
C GLY H 119 39.00 -9.34 -57.52
N SER H 120 39.26 -10.56 -57.04
CA SER H 120 39.55 -11.67 -57.93
C SER H 120 38.30 -12.13 -58.69
N LEU H 121 37.12 -11.97 -58.08
CA LEU H 121 35.89 -12.33 -58.77
C LEU H 121 35.55 -11.32 -59.86
N THR H 122 35.96 -10.06 -59.69
CA THR H 122 35.70 -9.05 -60.71
C THR H 122 36.42 -9.37 -62.01
N GLU H 123 37.69 -9.79 -61.92
CA GLU H 123 38.43 -10.16 -63.13
C GLU H 123 37.90 -11.45 -63.73
N ALA H 124 37.26 -12.30 -62.93
CA ALA H 124 36.72 -13.54 -63.45
C ALA H 124 35.45 -13.31 -64.26
N LEU H 125 34.66 -12.30 -63.90
CA LEU H 125 33.43 -12.01 -64.63
C LEU H 125 33.72 -11.32 -65.97
N GLN H 126 34.84 -10.60 -66.07
CA GLN H 126 35.17 -9.92 -67.32
C GLN H 126 35.64 -10.88 -68.40
N ASN H 127 36.02 -12.11 -68.03
CA ASN H 127 36.48 -13.10 -68.98
C ASN H 127 35.50 -14.25 -69.18
N ASN H 128 34.42 -14.31 -68.40
CA ASN H 128 33.43 -15.36 -68.52
C ASN H 128 32.03 -14.86 -68.84
N VAL H 129 31.63 -13.71 -68.31
CA VAL H 129 30.30 -13.16 -68.57
C VAL H 129 30.44 -11.70 -68.98
N THR H 130 29.58 -10.85 -68.43
CA THR H 130 29.60 -9.43 -68.78
C THR H 130 30.85 -8.76 -68.21
N PRO H 131 31.52 -7.90 -68.99
CA PRO H 131 32.68 -7.19 -68.45
C PRO H 131 32.32 -5.98 -67.61
N TYR H 132 31.08 -5.50 -67.67
CA TYR H 132 30.68 -4.33 -66.91
C TYR H 132 30.45 -4.71 -65.45
N VAL H 133 31.22 -4.12 -64.55
CA VAL H 133 31.14 -4.39 -63.12
C VAL H 133 30.85 -3.08 -62.40
N VAL H 134 29.79 -3.07 -61.60
CA VAL H 134 29.39 -1.92 -60.82
C VAL H 134 29.71 -2.19 -59.36
N SER H 135 30.47 -1.29 -58.74
CA SER H 135 30.89 -1.42 -57.35
C SER H 135 30.39 -0.22 -56.56
N LEU H 136 29.80 -0.48 -55.40
CA LEU H 136 29.29 0.57 -54.54
C LEU H 136 29.15 0.03 -53.13
N GLN H 137 29.05 0.95 -52.16
CA GLN H 137 28.94 0.56 -50.76
C GLN H 137 27.99 1.50 -50.03
N ALA H 138 28.17 1.63 -48.71
CA ALA H 138 27.28 2.43 -47.89
C ALA H 138 27.80 3.84 -47.61
N LYS H 139 29.11 4.04 -47.67
CA LYS H 139 29.69 5.36 -47.37
C LYS H 139 29.54 6.34 -48.53
N ASP H 140 28.96 5.92 -49.65
CA ASP H 140 28.78 6.80 -50.80
C ASP H 140 27.71 7.84 -50.52
N CYS H 141 26.46 7.54 -50.89
CA CYS H 141 25.35 8.46 -50.69
C CYS H 141 24.15 7.73 -50.11
N PRO H 142 23.81 7.95 -48.84
CA PRO H 142 22.66 7.27 -48.23
C PRO H 142 21.38 8.09 -48.31
N ASP H 143 20.93 8.35 -49.53
CA ASP H 143 19.70 9.12 -49.74
C ASP H 143 18.96 8.63 -50.97
N MET H 144 18.26 9.54 -51.66
CA MET H 144 17.47 9.20 -52.84
C MET H 144 18.02 9.82 -54.11
N LYS H 145 18.34 11.12 -54.08
CA LYS H 145 18.82 11.79 -55.28
C LYS H 145 20.28 11.48 -55.56
N HIS H 146 21.14 11.65 -54.56
CA HIS H 146 22.57 11.41 -54.76
C HIS H 146 22.90 9.93 -54.85
N PHE H 147 21.98 9.05 -54.43
CA PHE H 147 22.23 7.61 -54.52
C PHE H 147 22.20 7.14 -55.98
N LEU H 148 21.20 7.59 -56.75
CA LEU H 148 21.12 7.22 -58.15
C LEU H 148 22.15 7.97 -58.99
N GLN H 149 22.68 9.09 -58.51
CA GLN H 149 23.68 9.82 -59.25
C GLN H 149 24.99 9.03 -59.33
N LYS H 150 25.35 8.34 -58.26
CA LYS H 150 26.58 7.55 -58.26
C LYS H 150 26.47 6.34 -59.18
N LEU H 151 25.26 5.82 -59.37
CA LEU H 151 25.08 4.66 -60.24
C LEU H 151 25.26 5.04 -61.71
N ILE H 152 25.04 6.32 -62.05
CA ILE H 152 25.22 6.75 -63.44
C ILE H 152 26.70 6.77 -63.80
N SER H 153 27.56 7.21 -62.88
CA SER H 153 28.99 7.28 -63.17
C SER H 153 29.61 5.89 -63.21
N GLN H 154 29.02 4.91 -62.53
CA GLN H 154 29.57 3.56 -62.53
C GLN H 154 29.39 2.89 -63.87
N LEU H 155 28.25 3.09 -64.52
CA LEU H 155 28.00 2.48 -65.83
C LEU H 155 28.80 3.16 -66.94
N MET H 156 29.29 4.38 -66.71
CA MET H 156 30.07 5.08 -67.72
C MET H 156 31.56 4.82 -67.59
N ASP H 157 32.06 4.54 -66.38
CA ASP H 157 33.49 4.27 -66.21
C ASP H 157 33.86 2.86 -66.65
N CYS H 158 32.98 1.89 -66.43
CA CYS H 158 33.26 0.51 -66.82
C CYS H 158 33.18 0.30 -68.33
N CYS H 159 32.59 1.22 -69.07
CA CYS H 159 32.48 1.11 -70.52
C CYS H 159 33.62 1.76 -71.28
N VAL H 160 34.19 2.85 -70.73
CA VAL H 160 35.29 3.54 -71.40
C VAL H 160 36.64 2.87 -71.19
N ASP H 161 36.69 1.77 -70.46
CA ASP H 161 37.93 1.06 -70.19
C ASP H 161 38.29 0.07 -71.31
N ILE H 162 37.52 0.05 -72.40
CA ILE H 162 37.76 -0.84 -73.52
C ILE H 162 38.10 0.01 -74.73
N LYS H 163 39.35 -0.12 -75.22
CA LYS H 163 39.81 0.62 -76.38
C LYS H 163 39.25 -0.03 -77.64
N SER H 164 38.00 0.34 -77.96
CA SER H 164 37.31 -0.22 -79.10
C SER H 164 36.97 0.92 -80.05
N LYS H 165 35.74 1.43 -80.03
CA LYS H 165 35.34 2.52 -80.90
C LYS H 165 35.31 3.87 -80.22
N GLU H 166 35.18 3.91 -78.89
CA GLU H 166 35.14 5.15 -78.14
C GLU H 166 36.52 5.51 -77.63
N GLU H 167 36.72 6.81 -77.39
CA GLU H 167 38.00 7.31 -76.89
C GLU H 167 37.79 8.33 -75.78
N GLU H 168 38.72 9.25 -75.63
CA GLU H 168 38.60 10.27 -74.59
C GLU H 168 37.49 11.26 -74.94
N SER H 169 36.77 11.71 -73.91
CA SER H 169 35.69 12.69 -74.12
C SER H 169 35.41 13.38 -72.79
N VAL H 170 35.96 14.58 -72.57
CA VAL H 170 35.78 15.20 -71.23
C VAL H 170 34.29 15.43 -71.04
N HIS H 171 33.78 15.12 -69.84
CA HIS H 171 32.33 15.26 -69.58
C HIS H 171 32.12 16.22 -68.41
N VAL H 172 31.23 17.19 -68.58
CA VAL H 172 30.91 18.07 -67.42
C VAL H 172 29.45 17.77 -67.04
N THR H 173 29.22 17.45 -65.78
CA THR H 173 27.84 17.06 -65.35
C THR H 173 27.01 18.34 -65.22
N GLN H 174 27.43 19.41 -65.89
CA GLN H 174 26.71 20.67 -65.70
C GLN H 174 26.29 21.26 -67.04
N LYS H 176 22.70 19.37 -65.96
CA LYS H 176 22.25 18.50 -64.88
C LYS H 176 21.78 17.16 -65.45
N THR H 177 21.05 17.22 -66.56
CA THR H 177 20.50 16.05 -67.24
C THR H 177 19.62 15.22 -66.31
N HIS H 178 18.31 15.48 -66.34
CA HIS H 178 17.38 14.74 -65.49
C HIS H 178 17.37 13.27 -65.88
N TYR H 179 17.09 12.42 -64.89
CA TYR H 179 17.10 10.98 -65.10
C TYR H 179 16.14 10.32 -64.12
N SER H 180 15.82 9.05 -64.40
CA SER H 180 14.93 8.28 -63.54
C SER H 180 15.20 6.79 -63.73
N MET H 181 14.22 6.06 -64.30
CA MET H 181 14.40 4.65 -64.60
C MET H 181 14.66 4.38 -66.08
N ASP H 182 14.33 5.34 -66.96
CA ASP H 182 14.56 5.16 -68.39
C ASP H 182 15.98 5.52 -68.81
N SER H 183 16.75 6.20 -67.95
CA SER H 183 18.12 6.53 -68.30
C SER H 183 19.00 5.29 -68.37
N LEU H 184 18.78 4.34 -67.45
CA LEU H 184 19.53 3.09 -67.47
C LEU H 184 18.96 2.08 -68.45
N SER H 185 17.66 2.21 -68.79
CA SER H 185 17.07 1.28 -69.75
C SER H 185 17.40 1.67 -71.19
N SER H 186 17.40 2.98 -71.49
CA SER H 186 17.74 3.41 -72.84
C SER H 186 19.23 3.25 -73.12
N TRP H 187 20.07 3.43 -72.10
CA TRP H 187 21.51 3.25 -72.29
C TRP H 187 21.87 1.79 -72.52
N TYR H 188 21.11 0.86 -71.90
CA TYR H 188 21.38 -0.56 -72.10
C TYR H 188 20.93 -1.03 -73.48
N MET H 189 19.97 -0.34 -74.08
CA MET H 189 19.49 -0.73 -75.40
C MET H 189 20.39 -0.20 -76.51
N THR H 190 20.94 1.01 -76.31
CA THR H 190 21.81 1.60 -77.33
C THR H 190 23.22 1.02 -77.29
N VAL H 191 23.66 0.53 -76.13
CA VAL H 191 25.00 -0.03 -76.03
C VAL H 191 25.09 -1.39 -76.72
N THR H 192 23.97 -2.07 -76.93
CA THR H 192 23.94 -3.37 -77.59
C THR H 192 23.69 -3.25 -79.09
N GLN H 193 23.73 -2.04 -79.64
CA GLN H 193 23.50 -1.82 -81.07
C GLN H 193 24.68 -1.18 -81.77
N LYS H 194 25.29 -0.15 -81.16
CA LYS H 194 26.42 0.53 -81.77
C LYS H 194 27.74 -0.18 -81.52
N THR H 195 27.83 -1.00 -80.48
CA THR H 195 29.07 -1.71 -80.20
C THR H 195 29.34 -2.79 -81.25
N ASP H 196 28.36 -3.66 -81.49
CA ASP H 196 28.51 -4.70 -82.48
C ASP H 196 27.94 -4.27 -83.83
N PRO H 197 28.63 -4.58 -84.93
CA PRO H 197 28.13 -4.17 -86.25
C PRO H 197 26.93 -4.99 -86.68
N LYS H 198 25.78 -4.75 -86.05
CA LYS H 198 24.53 -5.47 -86.33
C LYS H 198 24.72 -6.97 -86.19
N MET H 199 24.65 -7.47 -84.97
CA MET H 199 24.82 -8.90 -84.70
C MET H 199 23.71 -9.48 -83.83
N LEU H 200 22.77 -8.66 -83.37
CA LEU H 200 21.67 -9.16 -82.55
C LEU H 200 20.78 -10.09 -83.36
N SER H 201 20.40 -11.21 -82.75
CA SER H 201 19.56 -12.20 -83.41
C SER H 201 18.10 -11.80 -83.36
N LYS H 202 17.25 -12.65 -82.77
CA LYS H 202 15.82 -12.41 -82.68
C LYS H 202 15.37 -12.57 -81.24
N LYS H 203 14.51 -11.65 -80.78
CA LYS H 203 13.93 -11.69 -79.44
C LYS H 203 15.01 -11.67 -78.36
N ARG H 204 16.05 -10.86 -78.60
CA ARG H 204 17.12 -10.64 -77.63
C ARG H 204 17.84 -11.93 -77.25
N THR H 205 18.86 -12.30 -78.02
CA THR H 205 19.67 -13.47 -77.70
C THR H 205 21.01 -13.34 -78.42
N THR H 206 22.06 -13.87 -77.78
CA THR H 206 23.42 -13.83 -78.30
C THR H 206 23.83 -12.40 -78.67
N SER H 207 23.80 -11.53 -77.67
CA SER H 207 24.13 -10.13 -77.89
C SER H 207 25.64 -9.94 -78.06
N SER H 208 26.41 -10.39 -77.08
CA SER H 208 27.88 -10.27 -77.10
C SER H 208 28.46 -11.67 -77.33
N GLN H 209 28.45 -12.08 -78.60
CA GLN H 209 28.98 -13.38 -79.01
C GLN H 209 28.31 -14.53 -78.25
N TRP H 210 28.70 -14.71 -76.99
CA TRP H 210 28.14 -15.77 -76.16
C TRP H 210 26.70 -15.48 -75.79
N GLN H 211 26.48 -14.87 -74.63
CA GLN H 211 25.15 -14.52 -74.15
C GLN H 211 25.04 -13.00 -74.01
N SER H 212 23.83 -12.54 -73.68
CA SER H 212 23.60 -11.12 -73.50
C SER H 212 24.18 -10.67 -72.17
N PRO H 213 24.95 -9.57 -72.15
CA PRO H 213 25.55 -9.11 -70.90
C PRO H 213 24.50 -8.55 -69.95
N PRO H 214 24.36 -9.14 -68.76
CA PRO H 214 23.40 -8.61 -67.79
C PRO H 214 24.00 -7.47 -66.98
N VAL H 215 23.12 -6.75 -66.28
CA VAL H 215 23.51 -5.65 -65.41
C VAL H 215 23.63 -6.22 -64.01
N VAL H 216 24.86 -6.50 -63.58
CA VAL H 216 25.14 -7.12 -62.30
C VAL H 216 25.80 -6.08 -61.40
N VAL H 217 25.33 -5.99 -60.16
CA VAL H 217 25.89 -5.09 -59.16
C VAL H 217 26.24 -5.89 -57.92
N ILE H 218 27.06 -5.29 -57.06
CA ILE H 218 27.50 -5.92 -55.82
C ILE H 218 27.09 -5.04 -54.65
N LEU H 219 26.75 -5.68 -53.53
CA LEU H 219 26.34 -5.00 -52.30
C LEU H 219 27.21 -5.53 -51.17
N LYS H 220 28.47 -5.08 -51.13
CA LYS H 220 29.39 -5.54 -50.10
C LYS H 220 29.08 -4.91 -48.75
N ASP H 221 28.68 -3.64 -48.74
CA ASP H 221 28.36 -2.91 -47.51
C ASP H 221 26.92 -2.43 -47.62
N MET H 222 25.97 -3.32 -47.29
CA MET H 222 24.55 -2.98 -47.33
C MET H 222 23.85 -3.10 -45.98
N GLU H 223 24.43 -3.80 -44.99
CA GLU H 223 23.77 -3.93 -43.71
C GLU H 223 23.77 -2.60 -42.94
N SER H 224 24.80 -1.77 -43.13
CA SER H 224 24.85 -0.46 -42.50
C SER H 224 24.13 0.61 -43.31
N PHE H 225 23.71 0.29 -44.53
CA PHE H 225 23.00 1.25 -45.37
C PHE H 225 21.57 1.42 -44.90
N ALA H 226 20.94 2.51 -45.33
CA ALA H 226 19.56 2.79 -44.96
C ALA H 226 18.64 1.72 -45.53
N THR H 227 17.81 1.14 -44.66
CA THR H 227 16.91 0.08 -45.09
C THR H 227 15.75 0.62 -45.92
N LYS H 228 15.41 1.91 -45.74
CA LYS H 228 14.32 2.49 -46.51
C LYS H 228 14.69 2.67 -47.98
N VAL H 229 15.97 2.94 -48.26
CA VAL H 229 16.40 3.13 -49.64
C VAL H 229 16.51 1.79 -50.35
N LEU H 230 16.86 0.73 -49.63
CA LEU H 230 17.01 -0.59 -50.24
C LEU H 230 15.68 -1.20 -50.63
N GLN H 231 14.56 -0.62 -50.20
CA GLN H 231 13.23 -1.12 -50.52
C GLN H 231 12.53 -0.25 -51.56
N ASP H 232 13.27 0.54 -52.33
CA ASP H 232 12.67 1.42 -53.33
C ASP H 232 13.22 1.15 -54.72
N PHE H 233 14.49 0.76 -54.80
CA PHE H 233 15.13 0.50 -56.09
C PHE H 233 14.91 -0.92 -56.59
N ILE H 234 14.29 -1.79 -55.79
CA ILE H 234 14.06 -3.18 -56.19
C ILE H 234 12.64 -3.33 -56.73
N ILE H 235 11.72 -2.49 -56.23
CA ILE H 235 10.33 -2.56 -56.68
C ILE H 235 10.11 -1.90 -58.03
N ILE H 236 11.15 -1.27 -58.60
CA ILE H 236 11.02 -0.63 -59.90
C ILE H 236 11.40 -1.58 -61.03
N SER H 237 12.48 -2.33 -60.86
CA SER H 237 12.93 -3.29 -61.87
C SER H 237 12.17 -4.60 -61.83
N SER H 238 11.16 -4.73 -60.97
CA SER H 238 10.38 -5.97 -60.90
C SER H 238 9.46 -6.10 -62.11
N GLN H 239 8.66 -5.06 -62.39
CA GLN H 239 7.77 -5.09 -63.54
C GLN H 239 8.48 -4.71 -64.84
N HIS H 240 9.67 -4.12 -64.76
CA HIS H 240 10.43 -3.72 -65.93
C HIS H 240 11.60 -4.67 -66.20
N LEU H 241 11.50 -5.91 -65.72
CA LEU H 241 12.58 -6.87 -65.91
C LEU H 241 12.68 -7.38 -67.34
N HIS H 242 11.57 -7.35 -68.10
CA HIS H 242 11.60 -7.84 -69.48
C HIS H 242 12.47 -6.99 -70.39
N GLU H 243 12.79 -5.76 -69.99
CA GLU H 243 13.67 -4.90 -70.77
C GLU H 243 14.84 -4.37 -69.94
N PHE H 244 15.13 -5.01 -68.81
CA PHE H 244 16.22 -4.57 -67.94
C PHE H 244 16.69 -5.74 -67.09
N PRO H 245 17.58 -6.59 -67.61
CA PRO H 245 18.09 -7.70 -66.80
C PRO H 245 19.01 -7.23 -65.68
N LEU H 246 18.52 -7.31 -64.44
CA LEU H 246 19.26 -6.88 -63.27
C LEU H 246 19.68 -8.08 -62.44
N ILE H 247 20.95 -8.12 -62.05
CA ILE H 247 21.50 -9.19 -61.23
C ILE H 247 22.03 -8.58 -59.94
N LEU H 248 21.57 -9.10 -58.80
CA LEU H 248 21.97 -8.61 -57.50
C LEU H 248 22.89 -9.60 -56.82
N ILE H 249 23.90 -9.08 -56.12
CA ILE H 249 24.86 -9.88 -55.36
C ILE H 249 24.92 -9.32 -53.96
N PHE H 250 24.53 -10.13 -52.97
CA PHE H 250 24.52 -9.71 -51.58
C PHE H 250 25.78 -10.19 -50.87
N GLY H 251 26.28 -9.36 -49.97
CA GLY H 251 27.47 -9.68 -49.21
C GLY H 251 27.27 -9.53 -47.72
N ILE H 252 26.50 -10.43 -47.12
CA ILE H 252 26.22 -10.36 -45.68
C ILE H 252 27.45 -10.80 -44.92
N ALA H 253 27.86 -9.99 -43.95
CA ALA H 253 29.04 -10.28 -43.13
C ALA H 253 28.69 -11.05 -41.86
N THR H 254 27.50 -11.63 -41.78
CA THR H 254 27.09 -12.38 -40.60
C THR H 254 26.32 -13.64 -41.00
N SER H 255 25.02 -13.49 -41.28
CA SER H 255 24.18 -14.60 -41.67
C SER H 255 22.99 -14.07 -42.45
N PRO H 256 22.48 -14.82 -43.43
CA PRO H 256 21.33 -14.35 -44.21
C PRO H 256 20.02 -14.34 -43.44
N ILE H 257 20.03 -14.66 -42.15
CA ILE H 257 18.80 -14.64 -41.37
C ILE H 257 18.32 -13.21 -41.15
N ILE H 258 19.25 -12.26 -41.01
CA ILE H 258 18.88 -10.87 -40.80
C ILE H 258 18.21 -10.24 -42.02
N ILE H 259 18.26 -10.91 -43.17
CA ILE H 259 17.64 -10.36 -44.38
C ILE H 259 16.13 -10.29 -44.22
N HIS H 260 15.53 -11.26 -43.54
CA HIS H 260 14.08 -11.27 -43.36
C HIS H 260 13.60 -10.18 -42.42
N ARG H 261 14.50 -9.63 -41.59
CA ARG H 261 14.14 -8.54 -40.69
C ARG H 261 14.26 -7.17 -41.35
N LEU H 262 15.20 -7.00 -42.28
CA LEU H 262 15.37 -5.71 -42.94
C LEU H 262 14.47 -5.59 -44.17
N LEU H 263 14.08 -6.71 -44.77
CA LEU H 263 13.23 -6.72 -45.94
C LEU H 263 11.89 -7.38 -45.62
N PRO H 264 10.76 -6.74 -45.95
CA PRO H 264 9.46 -7.35 -45.66
C PRO H 264 9.20 -8.61 -46.48
N HIS H 265 8.07 -9.28 -46.20
CA HIS H 265 7.74 -10.49 -46.93
C HIS H 265 7.35 -10.21 -48.37
N ALA H 266 6.85 -9.01 -48.66
CA ALA H 266 6.47 -8.68 -50.04
C ALA H 266 7.69 -8.40 -50.90
N VAL H 267 8.73 -7.80 -50.32
CA VAL H 267 9.94 -7.51 -51.08
C VAL H 267 10.75 -8.78 -51.30
N SER H 268 10.84 -9.63 -50.28
CA SER H 268 11.57 -10.89 -50.39
C SER H 268 10.83 -11.95 -51.17
N SER H 269 9.57 -11.70 -51.55
CA SER H 269 8.81 -12.69 -52.30
C SER H 269 9.30 -12.79 -53.74
N LEU H 270 9.91 -11.72 -54.27
CA LEU H 270 10.43 -11.70 -55.63
C LEU H 270 11.95 -11.71 -55.68
N LEU H 271 12.60 -12.21 -54.63
CA LEU H 271 14.06 -12.27 -54.55
C LEU H 271 14.46 -13.71 -54.29
N CYS H 272 14.85 -14.42 -55.35
CA CYS H 272 15.31 -15.81 -55.22
C CYS H 272 16.69 -15.84 -54.58
N ILE H 273 16.73 -15.87 -53.26
CA ILE H 273 18.01 -15.84 -52.54
C ILE H 273 18.66 -17.22 -52.63
N GLU H 274 19.88 -17.26 -53.16
CA GLU H 274 20.66 -18.50 -53.27
C GLU H 274 21.92 -18.34 -52.43
N LEU H 275 22.06 -19.19 -51.43
CA LEU H 275 23.19 -19.10 -50.50
C LEU H 275 24.42 -19.78 -51.09
N PHE H 276 25.58 -19.18 -50.82
CA PHE H 276 26.87 -19.73 -51.26
C PHE H 276 27.87 -19.49 -50.13
N GLN H 277 28.23 -20.56 -49.43
CA GLN H 277 29.15 -20.47 -48.29
C GLN H 277 30.55 -20.19 -48.82
N SER H 278 31.12 -19.05 -48.43
CA SER H 278 32.46 -18.70 -48.86
C SER H 278 33.51 -19.39 -48.00
N LEU H 279 34.70 -19.55 -48.56
CA LEU H 279 35.80 -20.21 -47.86
C LEU H 279 36.24 -19.35 -46.69
N SER H 280 36.01 -19.83 -45.47
CA SER H 280 36.37 -19.11 -44.27
C SER H 280 37.86 -19.28 -43.99
N CYS H 281 38.32 -18.65 -42.90
CA CYS H 281 39.72 -18.70 -42.51
C CYS H 281 40.08 -19.96 -41.74
N LYS H 282 39.21 -20.97 -41.73
CA LYS H 282 39.52 -22.22 -41.02
C LYS H 282 40.32 -23.18 -41.89
N GLU H 283 40.29 -23.00 -43.21
CA GLU H 283 41.03 -23.85 -44.13
C GLU H 283 42.12 -23.11 -44.89
N HIS H 284 42.07 -21.78 -44.95
CA HIS H 284 43.12 -21.04 -45.63
C HIS H 284 44.43 -21.05 -44.85
N LEU H 285 44.35 -21.21 -43.52
CA LEU H 285 45.57 -21.24 -42.71
C LEU H 285 46.42 -22.46 -42.99
N THR H 286 45.86 -23.50 -43.62
CA THR H 286 46.65 -24.68 -43.96
C THR H 286 47.61 -24.41 -45.11
N THR H 287 47.26 -23.49 -46.01
CA THR H 287 48.08 -23.18 -47.17
C THR H 287 48.92 -21.93 -47.00
N VAL H 288 48.38 -20.88 -46.40
CA VAL H 288 49.12 -19.63 -46.26
C VAL H 288 50.22 -19.75 -45.21
N LEU H 289 50.17 -20.75 -44.35
CA LEU H 289 51.19 -20.97 -43.32
C LEU H 289 52.11 -22.13 -43.65
N ASP H 290 51.92 -22.78 -44.79
CA ASP H 290 52.77 -23.89 -45.23
C ASP H 290 53.52 -23.60 -46.52
N LYS H 291 52.89 -22.88 -47.46
CA LYS H 291 53.52 -22.52 -48.72
C LYS H 291 54.27 -21.20 -48.65
N LEU H 292 54.37 -20.58 -47.47
CA LEU H 292 55.05 -19.30 -47.30
C LEU H 292 56.13 -19.36 -46.23
N LEU H 293 55.81 -19.92 -45.06
CA LEU H 293 56.75 -20.01 -43.95
C LEU H 293 57.30 -21.42 -43.76
N LEU H 294 57.27 -22.25 -44.81
CA LEU H 294 57.77 -23.62 -44.71
C LEU H 294 58.16 -24.10 -46.11
N THR H 295 58.90 -23.28 -46.84
CA THR H 295 59.35 -23.61 -48.18
C THR H 295 60.85 -23.36 -48.29
N THR H 296 61.45 -23.94 -49.33
CA THR H 296 62.89 -23.78 -49.55
C THR H 296 63.20 -22.48 -50.29
N GLN H 297 62.32 -22.07 -51.21
CA GLN H 297 62.55 -20.85 -51.97
C GLN H 297 62.49 -19.59 -51.10
N PHE H 298 61.85 -19.67 -49.94
CA PHE H 298 61.75 -18.53 -49.03
C PHE H 298 62.68 -18.76 -47.85
N PRO H 299 63.87 -18.17 -47.81
CA PRO H 299 64.77 -18.40 -46.67
C PRO H 299 64.35 -17.70 -45.40
N PHE H 300 63.35 -16.81 -45.46
CA PHE H 300 62.92 -16.08 -44.27
C PHE H 300 62.09 -17.01 -43.38
N LYS H 301 62.59 -17.29 -42.19
CA LYS H 301 61.90 -18.10 -41.20
C LYS H 301 61.92 -17.38 -39.86
N ILE H 302 60.75 -17.23 -39.25
CA ILE H 302 60.62 -16.55 -37.98
C ILE H 302 60.56 -17.57 -36.86
N ASN H 303 60.91 -17.13 -35.65
CA ASN H 303 60.91 -18.01 -34.49
C ASN H 303 59.50 -18.18 -33.96
N GLU H 304 59.32 -19.22 -33.12
CA GLU H 304 58.03 -19.49 -32.53
C GLU H 304 57.63 -18.41 -31.54
N LYS H 305 58.61 -17.73 -30.93
CA LYS H 305 58.30 -16.68 -29.96
C LYS H 305 57.59 -15.49 -30.62
N VAL H 306 57.93 -15.19 -31.88
CA VAL H 306 57.28 -14.10 -32.60
C VAL H 306 56.16 -14.60 -33.51
N LEU H 307 56.06 -15.91 -33.74
CA LEU H 307 54.97 -16.46 -34.55
C LEU H 307 53.75 -16.81 -33.72
N GLN H 308 53.96 -17.34 -32.52
CA GLN H 308 52.82 -17.69 -31.66
C GLN H 308 52.10 -16.45 -31.17
N VAL H 309 52.85 -15.38 -30.89
CA VAL H 309 52.22 -14.13 -30.45
C VAL H 309 51.46 -13.48 -31.61
N LEU H 310 51.87 -13.75 -32.85
CA LEU H 310 51.16 -13.21 -34.00
C LEU H 310 49.85 -13.95 -34.25
N THR H 311 49.83 -15.26 -34.06
CA THR H 311 48.61 -16.03 -34.25
C THR H 311 47.59 -15.78 -33.15
N ASN H 312 48.02 -15.28 -31.98
CA ASN H 312 47.08 -14.97 -30.92
C ASN H 312 46.19 -13.80 -31.28
N ILE H 313 46.78 -12.75 -31.86
CA ILE H 313 45.98 -11.59 -32.29
C ILE H 313 45.01 -11.98 -33.39
N PHE H 314 45.41 -12.92 -34.25
CA PHE H 314 44.51 -13.38 -35.30
C PHE H 314 43.32 -14.16 -34.74
N LEU H 315 43.50 -14.83 -33.59
CA LEU H 315 42.42 -15.59 -32.98
C LEU H 315 41.67 -14.82 -31.92
N TYR H 316 42.31 -13.86 -31.27
CA TYR H 316 41.67 -13.08 -30.22
C TYR H 316 40.92 -11.85 -30.75
N HIS H 317 41.21 -11.42 -31.98
CA HIS H 317 40.57 -10.24 -32.53
C HIS H 317 40.07 -10.51 -33.95
N ASP H 318 40.53 -9.70 -34.91
CA ASP H 318 40.07 -9.84 -36.29
C ASP H 318 40.63 -11.10 -36.93
N PHE H 319 39.87 -11.64 -37.87
CA PHE H 319 40.28 -12.85 -38.60
C PHE H 319 40.49 -12.52 -40.07
N SER H 320 41.49 -11.71 -40.37
CA SER H 320 41.79 -11.30 -41.73
C SER H 320 43.23 -11.66 -42.09
N VAL H 321 43.49 -11.75 -43.39
CA VAL H 321 44.83 -12.09 -43.87
C VAL H 321 45.79 -10.92 -43.82
N GLN H 322 45.31 -9.71 -43.55
CA GLN H 322 46.20 -8.56 -43.44
C GLN H 322 47.06 -8.61 -42.19
N ASN H 323 46.69 -9.41 -41.20
CA ASN H 323 47.51 -9.55 -40.00
C ASN H 323 48.84 -10.21 -40.32
N PHE H 324 48.85 -11.17 -41.26
CA PHE H 324 50.08 -11.80 -41.68
C PHE H 324 50.86 -10.94 -42.67
N ILE H 325 50.21 -10.01 -43.35
CA ILE H 325 50.91 -9.13 -44.28
C ILE H 325 51.75 -8.12 -43.52
N LYS H 326 51.14 -7.44 -42.55
CA LYS H 326 51.87 -6.47 -41.73
C LYS H 326 52.76 -7.15 -40.69
N GLY H 327 52.49 -8.41 -40.35
CA GLY H 327 53.34 -9.11 -39.40
C GLY H 327 54.71 -9.41 -39.96
N LEU H 328 54.77 -9.81 -41.23
CA LEU H 328 56.04 -10.06 -41.92
C LEU H 328 56.60 -8.83 -42.61
N GLN H 329 55.95 -7.67 -42.44
CA GLN H 329 56.43 -6.43 -43.04
C GLN H 329 57.28 -5.61 -42.07
N LEU H 330 56.76 -5.38 -40.86
CA LEU H 330 57.53 -4.64 -39.86
C LEU H 330 58.69 -5.45 -39.30
N SER H 331 58.61 -6.78 -39.37
CA SER H 331 59.69 -7.63 -38.89
C SER H 331 60.77 -7.86 -39.95
N LEU H 332 60.47 -7.62 -41.21
CA LEU H 332 61.44 -7.78 -42.28
C LEU H 332 62.33 -6.57 -42.46
N LEU H 333 61.80 -5.37 -42.25
CA LEU H 333 62.61 -4.15 -42.38
C LEU H 333 63.65 -4.04 -41.27
N GLU H 334 63.38 -4.65 -40.12
CA GLU H 334 64.33 -4.64 -39.01
C GLU H 334 65.23 -5.87 -38.99
N HIS H 335 64.95 -6.88 -39.82
CA HIS H 335 65.79 -8.06 -39.87
C HIS H 335 67.15 -7.75 -40.48
N PHE H 336 67.18 -6.92 -41.52
CA PHE H 336 68.44 -6.53 -42.15
C PHE H 336 69.03 -5.26 -41.54
N TYR H 337 68.28 -4.55 -40.71
CA TYR H 337 68.77 -3.32 -40.09
C TYR H 337 69.43 -3.58 -38.75
N SER H 338 68.95 -4.57 -38.00
CA SER H 338 69.52 -4.88 -36.69
C SER H 338 70.81 -5.68 -36.84
N GLN H 339 70.69 -6.95 -37.22
CA GLN H 339 71.87 -7.80 -37.39
C GLN H 339 72.40 -7.68 -38.81
N PRO H 340 73.64 -7.23 -39.02
CA PRO H 340 74.16 -7.12 -40.39
C PRO H 340 74.45 -8.46 -41.03
N LEU H 341 74.55 -9.54 -40.26
CA LEU H 341 74.81 -10.86 -40.82
C LEU H 341 73.59 -11.50 -41.46
N SER H 342 72.42 -10.88 -41.33
CA SER H 342 71.19 -11.43 -41.91
C SER H 342 71.08 -11.22 -43.40
N VAL H 343 72.00 -10.45 -44.01
CA VAL H 343 71.94 -10.20 -45.44
C VAL H 343 72.38 -11.42 -46.23
N LEU H 344 73.15 -12.33 -45.61
CA LEU H 344 73.60 -13.52 -46.32
C LEU H 344 72.49 -14.55 -46.51
N CYS H 345 71.38 -14.41 -45.79
CA CYS H 345 70.25 -15.33 -45.92
C CYS H 345 69.47 -15.00 -47.19
N CYS H 346 69.95 -15.55 -48.30
CA CYS H 346 69.33 -15.30 -49.60
C CYS H 346 69.53 -16.48 -50.54
N ASN H 347 68.68 -17.50 -50.43
CA ASN H 347 68.73 -18.68 -51.28
C ASN H 347 70.10 -19.34 -51.23
N LEU H 348 70.58 -19.84 -52.36
CA LEU H 348 71.88 -20.50 -52.42
C LEU H 348 72.74 -19.95 -53.56
N PRO H 349 72.23 -19.84 -54.80
CA PRO H 349 73.06 -19.24 -55.86
C PRO H 349 73.40 -17.79 -55.63
N GLU H 350 72.56 -17.05 -54.92
CA GLU H 350 72.82 -15.64 -54.63
C GLU H 350 73.72 -15.47 -53.41
N ALA H 351 73.63 -16.39 -52.44
CA ALA H 351 74.44 -16.28 -51.24
C ALA H 351 75.91 -16.60 -51.51
N LYS H 352 76.19 -17.45 -52.50
CA LYS H 352 77.57 -17.79 -52.81
C LYS H 352 78.31 -16.65 -53.50
N ARG H 353 77.59 -15.70 -54.11
CA ARG H 353 78.20 -14.57 -54.79
C ARG H 353 78.46 -13.40 -53.84
N ARG H 354 78.30 -13.59 -52.54
CA ARG H 354 78.52 -12.53 -51.56
C ARG H 354 79.55 -12.90 -50.50
N ILE H 355 79.65 -14.18 -50.13
CA ILE H 355 80.61 -14.58 -49.10
C ILE H 355 82.04 -14.37 -49.58
N ASN H 356 82.29 -14.59 -50.87
CA ASN H 356 83.63 -14.43 -51.41
C ASN H 356 84.06 -12.97 -51.49
N PHE H 357 83.15 -12.02 -51.29
CA PHE H 357 83.45 -10.59 -51.33
C PHE H 357 82.80 -9.93 -50.12
N LEU H 358 83.45 -10.06 -48.96
CA LEU H 358 82.97 -9.47 -47.73
C LEU H 358 83.92 -8.36 -47.26
N SER H 359 83.39 -7.49 -46.41
CA SER H 359 84.17 -6.38 -45.87
C SER H 359 84.87 -6.82 -44.58
N ASN H 360 85.62 -5.88 -43.98
CA ASN H 360 86.33 -6.18 -42.75
C ASN H 360 85.43 -6.16 -41.53
N ASN H 361 84.31 -5.42 -41.58
CA ASN H 361 83.40 -5.34 -40.45
C ASN H 361 82.45 -6.54 -40.38
N GLN H 362 82.33 -7.32 -41.45
CA GLN H 362 81.44 -8.49 -41.43
C GLN H 362 82.04 -9.64 -40.63
N CYS H 363 83.37 -9.73 -40.56
CA CYS H 363 84.02 -10.80 -39.82
C CYS H 363 84.04 -10.56 -38.31
N GLU H 364 83.82 -9.32 -37.87
CA GLU H 364 83.82 -9.04 -36.44
C GLU H 364 82.56 -9.58 -35.76
N ASN H 365 81.42 -9.53 -36.44
CA ASN H 365 80.19 -10.05 -35.85
C ASN H 365 80.15 -11.57 -35.82
N ILE H 366 80.80 -12.22 -36.79
CA ILE H 366 80.82 -13.68 -36.82
C ILE H 366 81.63 -14.23 -35.64
N ARG H 367 82.76 -13.60 -35.34
CA ARG H 367 83.58 -14.04 -34.22
C ARG H 367 82.92 -13.75 -32.87
N ARG H 368 82.03 -12.77 -32.81
CA ARG H 368 81.32 -12.43 -31.58
C ARG H 368 79.87 -12.91 -31.59
N LEU H 369 79.52 -13.79 -32.52
CA LEU H 369 78.15 -14.29 -32.59
C LEU H 369 77.91 -15.30 -31.47
N PRO H 370 76.86 -15.14 -30.67
CA PRO H 370 76.61 -16.10 -29.58
C PRO H 370 76.32 -17.50 -30.08
N SER H 371 75.64 -17.65 -31.21
CA SER H 371 75.32 -18.96 -31.77
C SER H 371 76.49 -19.59 -32.51
N PHE H 372 77.61 -18.88 -32.65
CA PHE H 372 78.77 -19.40 -33.34
C PHE H 372 79.92 -19.75 -32.42
N ARG H 373 80.09 -19.04 -31.31
CA ARG H 373 81.18 -19.32 -30.38
C ARG H 373 80.96 -20.59 -29.58
N ARG H 374 79.71 -21.02 -29.40
CA ARG H 374 79.41 -22.22 -28.63
C ARG H 374 79.67 -23.50 -29.43
N TYR H 375 79.67 -23.42 -30.76
CA TYR H 375 79.90 -24.61 -31.58
C TYR H 375 81.36 -25.00 -31.61
N VAL H 376 82.28 -24.03 -31.54
CA VAL H 376 83.70 -24.35 -31.57
C VAL H 376 84.14 -25.01 -30.28
N GLU H 377 83.57 -24.62 -29.15
CA GLU H 377 83.94 -25.20 -27.87
C GLU H 377 83.46 -26.65 -27.72
N LYS H 378 82.38 -27.02 -28.39
CA LYS H 378 81.85 -28.38 -28.29
C LYS H 378 82.60 -29.35 -29.20
N GLN H 379 83.12 -28.89 -30.34
CA GLN H 379 83.84 -29.76 -31.26
C GLN H 379 85.27 -29.97 -30.79
N ALA H 380 86.24 -29.62 -31.64
CA ALA H 380 87.65 -29.77 -31.32
C ALA H 380 88.20 -28.48 -30.73
N SER H 381 89.07 -28.62 -29.74
CA SER H 381 89.69 -27.48 -29.08
C SER H 381 90.94 -26.99 -29.79
N GLU H 382 91.37 -27.65 -30.86
CA GLU H 382 92.56 -27.25 -31.59
C GLU H 382 92.29 -26.11 -32.58
N LYS H 383 91.03 -25.76 -32.80
CA LYS H 383 90.67 -24.69 -33.72
C LYS H 383 90.01 -23.51 -33.00
N GLN H 384 90.28 -23.35 -31.71
CA GLN H 384 89.70 -22.24 -30.95
C GLN H 384 90.57 -20.99 -30.98
N VAL H 385 91.89 -21.15 -31.05
CA VAL H 385 92.80 -20.01 -31.08
C VAL H 385 93.40 -19.79 -32.47
N ALA H 386 92.84 -20.46 -33.49
CA ALA H 386 93.32 -20.33 -34.86
C ALA H 386 92.38 -19.56 -35.76
N LEU H 387 91.07 -19.76 -35.63
CA LEU H 387 90.12 -19.05 -36.47
C LEU H 387 89.95 -17.59 -36.07
N LEU H 388 90.43 -17.20 -34.90
CA LEU H 388 90.32 -15.82 -34.45
C LEU H 388 91.41 -14.93 -35.02
N THR H 389 92.36 -15.49 -35.76
CA THR H 389 93.44 -14.71 -36.35
C THR H 389 93.51 -14.80 -37.87
N ASN H 390 93.16 -15.93 -38.45
CA ASN H 390 93.21 -16.08 -39.91
C ASN H 390 92.06 -15.31 -40.56
N GLU H 391 92.25 -15.01 -41.85
CA GLU H 391 91.26 -14.28 -42.62
C GLU H 391 90.75 -15.05 -43.84
N ARG H 392 91.60 -15.85 -44.48
CA ARG H 392 91.18 -16.61 -45.66
C ARG H 392 90.62 -17.98 -45.31
N TYR H 393 91.10 -18.58 -44.21
CA TYR H 393 90.59 -19.89 -43.82
C TYR H 393 89.26 -19.78 -43.09
N LEU H 394 88.96 -18.62 -42.50
CA LEU H 394 87.68 -18.43 -41.85
C LEU H 394 86.52 -18.41 -42.84
N LYS H 395 86.75 -17.87 -44.04
CA LYS H 395 85.70 -17.83 -45.05
C LYS H 395 85.35 -19.23 -45.55
N GLU H 396 86.30 -20.16 -45.52
CA GLU H 396 86.05 -21.50 -46.02
C GLU H 396 85.08 -22.27 -45.14
N GLU H 397 85.10 -22.02 -43.83
CA GLU H 397 84.22 -22.74 -42.91
C GLU H 397 82.87 -22.05 -42.71
N THR H 398 82.81 -20.73 -42.91
CA THR H 398 81.53 -20.02 -42.77
C THR H 398 80.55 -20.41 -43.86
N GLN H 399 81.04 -20.56 -45.10
CA GLN H 399 80.18 -20.97 -46.20
C GLN H 399 79.84 -22.46 -46.14
N LEU H 400 80.58 -23.24 -45.33
CA LEU H 400 80.31 -24.66 -45.22
C LEU H 400 79.28 -24.96 -44.14
N LEU H 401 79.21 -24.14 -43.09
CA LEU H 401 78.25 -24.38 -42.02
C LEU H 401 76.84 -24.04 -42.47
N LEU H 402 76.68 -22.99 -43.26
CA LEU H 402 75.34 -22.60 -43.71
C LEU H 402 74.79 -23.58 -44.75
N GLU H 403 75.66 -24.28 -45.47
CA GLU H 403 75.19 -25.29 -46.41
C GLU H 403 74.66 -26.51 -45.67
N ASN H 404 75.41 -27.00 -44.68
CA ASN H 404 74.92 -28.12 -43.88
C ASN H 404 73.71 -27.72 -43.03
N LEU H 405 73.64 -26.45 -42.63
CA LEU H 405 72.47 -25.99 -41.89
C LEU H 405 71.24 -25.90 -42.79
N HIS H 406 71.44 -25.57 -44.08
CA HIS H 406 70.32 -25.53 -45.01
C HIS H 406 69.82 -26.93 -45.35
N VAL H 407 70.71 -27.93 -45.31
CA VAL H 407 70.28 -29.31 -45.51
C VAL H 407 69.34 -29.73 -44.39
N TYR H 408 69.63 -29.31 -43.16
CA TYR H 408 68.71 -29.58 -42.05
C TYR H 408 67.41 -28.81 -42.20
N HIS H 409 67.44 -27.68 -42.91
CA HIS H 409 66.23 -26.89 -43.12
C HIS H 409 65.37 -27.48 -44.24
N MET H 410 65.99 -27.86 -45.36
CA MET H 410 65.21 -28.45 -46.45
C MET H 410 64.62 -29.80 -46.07
N ASN H 411 65.26 -30.51 -45.14
CA ASN H 411 64.69 -31.77 -44.65
C ASN H 411 63.64 -31.52 -43.59
N TYR H 412 63.77 -30.44 -42.81
CA TYR H 412 62.75 -30.13 -41.80
C TYR H 412 61.45 -29.69 -42.45
N PHE H 413 61.51 -29.13 -43.65
CA PHE H 413 60.29 -28.72 -44.35
C PHE H 413 59.42 -29.90 -44.76
N LEU H 414 60.04 -31.07 -44.97
CA LEU H 414 59.32 -32.27 -45.37
C LEU H 414 58.92 -33.15 -44.21
N VAL H 415 59.80 -33.29 -43.20
CA VAL H 415 59.49 -34.14 -42.05
C VAL H 415 58.56 -33.47 -41.05
N LEU H 416 58.09 -32.25 -41.34
CA LEU H 416 57.15 -31.57 -40.45
C LEU H 416 55.70 -31.73 -40.88
N ARG H 417 55.44 -31.66 -42.20
CA ARG H 417 54.09 -31.81 -42.69
C ARG H 417 53.67 -33.28 -42.78
N CYS H 418 54.62 -34.18 -43.03
CA CYS H 418 54.29 -35.60 -43.08
C CYS H 418 54.11 -36.16 -41.68
N LEU H 419 54.90 -35.69 -40.71
CA LEU H 419 54.72 -36.12 -39.33
C LEU H 419 53.43 -35.59 -38.74
N HIS H 420 53.02 -34.38 -39.16
CA HIS H 420 51.73 -33.85 -38.70
C HIS H 420 50.57 -34.67 -39.24
N LYS H 421 50.68 -35.15 -40.49
CA LYS H 421 49.66 -36.02 -41.04
C LYS H 421 49.73 -37.42 -40.45
N PHE H 422 50.93 -37.90 -40.13
CA PHE H 422 51.07 -39.20 -39.48
C PHE H 422 50.49 -39.18 -38.07
N THR H 423 50.75 -38.10 -37.33
CA THR H 423 50.21 -37.94 -35.99
C THR H 423 48.82 -37.31 -35.98
N SER H 424 48.21 -37.12 -37.16
CA SER H 424 46.87 -36.56 -37.22
C SER H 424 45.80 -37.54 -36.74
N SER H 425 46.14 -38.83 -36.62
CA SER H 425 45.22 -39.84 -36.14
C SER H 425 45.12 -39.88 -34.62
N LEU H 426 45.52 -38.80 -33.94
CA LEU H 426 45.46 -38.74 -32.49
C LEU H 426 44.24 -37.92 -32.08
N PRO H 427 43.20 -38.55 -31.52
CA PRO H 427 42.01 -37.79 -31.13
C PRO H 427 42.26 -36.81 -29.99
N LYS H 428 41.22 -36.06 -29.62
CA LYS H 428 41.26 -35.07 -28.53
C LYS H 428 42.15 -33.88 -28.87
N TYR H 429 43.07 -34.06 -29.83
CA TYR H 429 44.00 -33.04 -30.29
C TYR H 429 44.81 -32.47 -29.13
N PRO H 430 45.78 -33.24 -28.60
CA PRO H 430 46.62 -32.69 -27.53
C PRO H 430 47.55 -31.59 -28.02
N LEU H 431 47.93 -31.61 -29.30
CA LEU H 431 48.83 -30.62 -29.86
C LEU H 431 48.13 -29.69 -30.85
N GLY H 432 46.79 -29.67 -30.84
CA GLY H 432 46.05 -28.79 -31.72
C GLY H 432 45.82 -29.35 -33.10
N ARG H 433 44.72 -28.96 -33.74
CA ARG H 433 44.43 -29.43 -35.09
C ARG H 433 45.15 -28.61 -36.15
N GLN H 434 45.41 -27.34 -35.88
CA GLN H 434 46.11 -26.49 -36.83
C GLN H 434 47.55 -26.97 -37.03
N ILE H 435 48.06 -26.78 -38.24
CA ILE H 435 49.41 -27.21 -38.57
C ILE H 435 50.46 -26.44 -37.78
N ARG H 436 50.13 -25.24 -37.30
CA ARG H 436 51.06 -24.44 -36.52
C ARG H 436 50.90 -24.64 -35.01
N GLU H 437 49.81 -25.28 -34.57
CA GLU H 437 49.64 -25.55 -33.15
C GLU H 437 50.63 -26.59 -32.66
N LEU H 438 51.03 -27.53 -33.53
CA LEU H 438 52.01 -28.53 -33.15
C LEU H 438 53.37 -27.90 -32.92
N TYR H 439 53.72 -26.89 -33.73
CA TYR H 439 55.01 -26.21 -33.57
C TYR H 439 55.04 -25.31 -32.35
N CYS H 440 53.87 -24.95 -31.80
CA CYS H 440 53.83 -24.10 -30.61
C CYS H 440 54.38 -24.83 -29.39
N THR H 441 53.84 -26.01 -29.10
CA THR H 441 54.30 -26.80 -27.97
C THR H 441 55.56 -27.59 -28.27
N CYS H 442 56.13 -27.46 -29.48
CA CYS H 442 57.34 -28.18 -29.82
C CYS H 442 58.59 -27.38 -29.46
N LEU H 443 58.49 -26.06 -29.46
CA LEU H 443 59.62 -25.19 -29.15
C LEU H 443 59.46 -24.57 -27.76
N GLU H 444 59.38 -25.44 -26.76
CA GLU H 444 59.25 -25.02 -25.37
C GLU H 444 60.25 -25.76 -24.50
N LYS H 445 60.49 -27.03 -24.82
CA LYS H 445 61.43 -27.86 -24.08
C LYS H 445 61.85 -29.02 -24.99
N ASN H 446 62.50 -30.02 -24.40
CA ASN H 446 62.90 -31.19 -25.16
C ASN H 446 61.67 -31.99 -25.58
N ILE H 447 61.63 -32.37 -26.86
CA ILE H 447 60.48 -33.11 -27.38
C ILE H 447 60.44 -34.51 -26.77
N TRP H 448 61.60 -35.18 -26.71
CA TRP H 448 61.67 -36.52 -26.16
C TRP H 448 61.70 -36.53 -24.63
N ASP H 449 61.92 -35.38 -23.99
CA ASP H 449 61.96 -35.26 -22.52
C ASP H 449 61.04 -34.12 -22.10
N SER H 450 59.80 -34.45 -21.81
CA SER H 450 58.82 -33.46 -21.37
C SER H 450 57.71 -34.16 -20.58
N GLU H 451 56.93 -33.36 -19.85
CA GLU H 451 55.83 -33.91 -19.07
C GLU H 451 54.67 -34.32 -19.97
N GLU H 452 54.35 -33.51 -20.97
CA GLU H 452 53.27 -33.84 -21.88
C GLU H 452 53.64 -35.01 -22.78
N TYR H 453 54.93 -35.15 -23.11
CA TYR H 453 55.37 -36.26 -23.95
C TYR H 453 55.27 -37.59 -23.23
N ALA H 454 55.41 -37.59 -21.91
CA ALA H 454 55.32 -38.82 -21.14
C ALA H 454 53.91 -39.37 -21.04
N SER H 455 52.89 -38.55 -21.34
CA SER H 455 51.51 -39.01 -21.27
C SER H 455 50.98 -39.52 -22.61
N VAL H 456 51.55 -39.06 -23.73
CA VAL H 456 51.10 -39.51 -25.05
C VAL H 456 51.79 -40.79 -25.50
N LEU H 457 52.62 -41.40 -24.64
CA LEU H 457 53.29 -42.64 -25.03
C LEU H 457 52.32 -43.81 -25.05
N GLN H 458 51.24 -43.74 -24.28
CA GLN H 458 50.25 -44.81 -24.24
C GLN H 458 49.14 -44.63 -25.27
N LEU H 459 49.01 -43.44 -25.86
CA LEU H 459 47.96 -43.21 -26.85
C LEU H 459 48.35 -43.73 -28.23
N LEU H 460 49.65 -43.74 -28.55
CA LEU H 460 50.09 -44.27 -29.84
C LEU H 460 50.02 -45.78 -29.88
N ARG H 461 50.07 -46.43 -28.70
CA ARG H 461 49.98 -47.88 -28.64
C ARG H 461 48.54 -48.39 -28.76
N MET H 462 47.55 -47.50 -28.72
CA MET H 462 46.16 -47.92 -28.83
C MET H 462 45.83 -48.34 -30.26
N LEU H 463 46.52 -47.77 -31.25
CA LEU H 463 46.25 -48.09 -32.64
C LEU H 463 46.61 -49.55 -32.91
N ALA H 464 45.62 -50.33 -33.38
CA ALA H 464 45.81 -51.75 -33.60
C ALA H 464 45.98 -52.06 -35.08
N LYS H 465 44.98 -52.69 -35.68
CA LYS H 465 45.03 -53.13 -37.07
C LYS H 465 44.08 -52.35 -37.98
N ASP H 466 42.87 -52.02 -37.50
CA ASP H 466 41.89 -51.34 -38.32
C ASP H 466 42.22 -49.87 -38.57
N GLU H 467 43.32 -49.37 -38.02
CA GLU H 467 43.69 -47.97 -38.21
C GLU H 467 45.14 -47.76 -38.67
N LEU H 468 46.02 -48.76 -38.50
CA LEU H 468 47.40 -48.65 -38.95
C LEU H 468 47.60 -49.14 -40.38
N MET H 469 46.56 -49.11 -41.21
CA MET H 469 46.65 -49.54 -42.60
C MET H 469 46.27 -48.44 -43.57
N THR H 470 45.76 -47.31 -43.10
CA THR H 470 45.38 -46.19 -43.96
C THR H 470 46.10 -44.90 -43.60
N ILE H 471 47.19 -44.98 -42.85
CA ILE H 471 47.93 -43.78 -42.44
C ILE H 471 49.19 -43.66 -43.30
N LEU H 472 49.99 -44.73 -43.35
CA LEU H 472 51.22 -44.71 -44.13
C LEU H 472 50.95 -44.78 -45.63
N GLU H 473 49.76 -45.21 -46.04
CA GLU H 473 49.46 -45.29 -47.47
C GLU H 473 49.18 -43.91 -48.05
N LYS H 474 48.88 -42.93 -47.20
CA LYS H 474 48.63 -41.56 -47.67
C LYS H 474 49.83 -40.66 -47.46
N CYS H 475 50.55 -40.83 -46.36
CA CYS H 475 51.72 -40.00 -46.08
C CYS H 475 52.88 -40.31 -47.03
N PHE H 476 52.95 -41.52 -47.56
CA PHE H 476 54.03 -41.88 -48.48
C PHE H 476 53.86 -41.22 -49.84
N LYS H 477 52.62 -40.96 -50.26
CA LYS H 477 52.40 -40.33 -51.55
C LYS H 477 52.85 -38.87 -51.54
N VAL H 478 52.65 -38.18 -50.41
CA VAL H 478 53.11 -36.79 -50.31
C VAL H 478 54.60 -36.74 -50.03
N PHE H 479 55.15 -37.77 -49.39
CA PHE H 479 56.58 -37.78 -49.08
C PHE H 479 57.42 -37.91 -50.34
N LYS H 480 56.91 -38.60 -51.36
CA LYS H 480 57.66 -38.78 -52.60
C LYS H 480 57.48 -37.63 -53.58
N SER H 481 56.49 -36.76 -53.36
CA SER H 481 56.24 -35.64 -54.27
C SER H 481 57.23 -34.50 -54.07
N TYR H 482 57.99 -34.49 -52.98
CA TYR H 482 58.95 -33.44 -52.70
C TYR H 482 60.39 -33.94 -52.57
N CYS H 483 60.60 -35.16 -52.07
CA CYS H 483 61.93 -35.70 -51.91
C CYS H 483 62.50 -36.05 -53.28
N GLU H 484 63.43 -35.23 -53.77
CA GLU H 484 64.06 -35.43 -55.07
C GLU H 484 65.35 -36.24 -54.96
N ASN H 485 65.34 -37.32 -54.18
CA ASN H 485 66.51 -38.19 -54.00
C ASN H 485 67.71 -37.40 -53.47
N HIS H 486 67.48 -36.63 -52.41
CA HIS H 486 68.56 -35.86 -51.80
C HIS H 486 69.33 -36.70 -50.79
N LEU H 487 68.65 -37.16 -49.74
CA LEU H 487 69.27 -37.99 -48.71
C LEU H 487 68.63 -39.38 -48.79
N GLY H 488 69.28 -40.30 -49.48
CA GLY H 488 68.76 -41.65 -49.61
C GLY H 488 68.89 -42.48 -48.36
N SER H 489 69.71 -42.06 -47.40
CA SER H 489 69.88 -42.83 -46.17
C SER H 489 68.75 -42.56 -45.19
N THR H 490 68.08 -41.40 -45.31
CA THR H 490 66.98 -41.06 -44.41
C THR H 490 65.62 -41.45 -44.97
N ALA H 491 65.45 -41.39 -46.29
CA ALA H 491 64.19 -41.74 -46.92
C ALA H 491 64.06 -43.23 -47.20
N LYS H 492 65.06 -44.03 -46.83
CA LYS H 492 65.00 -45.47 -47.07
C LYS H 492 64.17 -46.21 -46.02
N ARG H 493 64.22 -45.78 -44.77
CA ARG H 493 63.46 -46.46 -43.71
C ARG H 493 61.96 -46.31 -43.93
N ILE H 494 61.52 -45.20 -44.51
CA ILE H 494 60.10 -45.00 -44.76
C ILE H 494 59.63 -45.92 -45.89
N GLU H 495 60.43 -46.07 -46.93
CA GLU H 495 60.05 -46.92 -48.06
C GLU H 495 60.00 -48.39 -47.66
N GLU H 496 60.89 -48.82 -46.76
CA GLU H 496 60.89 -50.22 -46.34
C GLU H 496 59.66 -50.55 -45.51
N PHE H 497 59.08 -49.56 -44.84
CA PHE H 497 57.88 -49.82 -44.04
C PHE H 497 56.65 -50.03 -44.91
N LEU H 498 56.65 -49.47 -46.13
CA LEU H 498 55.52 -49.65 -47.02
C LEU H 498 55.46 -51.07 -47.58
N ALA H 499 56.62 -51.66 -47.85
CA ALA H 499 56.66 -53.02 -48.37
C ALA H 499 56.22 -54.04 -47.31
N GLN H 500 56.41 -53.72 -46.03
CA GLN H 500 55.99 -54.63 -44.98
C GLN H 500 54.50 -54.54 -44.70
N PHE H 501 53.90 -53.35 -44.84
CA PHE H 501 52.47 -53.21 -44.60
C PHE H 501 51.65 -53.78 -45.74
N GLN H 502 52.11 -53.62 -46.98
CA GLN H 502 51.39 -54.17 -48.11
C GLN H 502 51.51 -55.69 -48.17
N SER H 503 52.59 -56.25 -47.63
CA SER H 503 52.73 -57.71 -47.61
C SER H 503 51.82 -58.36 -46.59
N LEU H 504 51.57 -57.68 -45.47
CA LEU H 504 50.69 -58.19 -44.43
C LEU H 504 49.22 -57.90 -44.70
N ASP H 505 48.88 -57.29 -45.84
CA ASP H 505 47.50 -56.99 -46.14
C ASP H 505 46.71 -58.26 -46.46
N ALA H 506 47.34 -59.23 -47.11
CA ALA H 506 46.70 -60.48 -47.47
C ALA H 506 47.13 -61.65 -46.59
N GLU H 507 47.83 -61.37 -45.48
CA GLU H 507 48.28 -62.40 -44.57
C GLU H 507 47.57 -62.37 -43.22
N THR H 508 46.68 -61.39 -43.00
CA THR H 508 45.92 -61.28 -41.76
C THR H 508 44.58 -62.00 -41.82
N LYS H 509 44.47 -63.07 -42.61
CA LYS H 509 43.22 -63.83 -42.68
C LYS H 509 42.98 -64.62 -41.40
N GLU H 510 44.04 -65.21 -40.84
CA GLU H 510 43.94 -65.96 -39.60
C GLU H 510 44.90 -65.45 -38.53
N GLU H 511 45.60 -64.35 -38.79
CA GLU H 511 46.54 -63.79 -37.84
C GLU H 511 45.84 -62.81 -36.91
N GLU H 512 46.15 -62.90 -35.62
CA GLU H 512 45.55 -62.02 -34.62
C GLU H 512 46.04 -60.58 -34.79
N GLN H 546 50.89 -62.95 -29.11
CA GLN H 546 51.91 -62.18 -29.82
C GLN H 546 52.22 -62.81 -31.18
N THR H 547 51.59 -62.29 -32.23
CA THR H 547 51.76 -62.78 -33.58
C THR H 547 52.84 -61.96 -34.29
N LYS H 548 52.92 -62.11 -35.62
CA LYS H 548 53.93 -61.38 -36.39
C LYS H 548 53.56 -59.91 -36.54
N PHE H 549 52.26 -59.60 -36.54
CA PHE H 549 51.84 -58.20 -36.69
C PHE H 549 52.06 -57.39 -35.42
N GLU H 550 51.97 -58.03 -34.24
CA GLU H 550 52.19 -57.31 -32.99
C GLU H 550 53.66 -57.00 -32.77
N VAL H 551 54.56 -57.80 -33.35
CA VAL H 551 55.99 -57.52 -33.23
C VAL H 551 56.35 -56.27 -34.02
N LEU H 552 55.86 -56.17 -35.26
CA LEU H 552 56.12 -54.98 -36.07
C LEU H 552 55.34 -53.77 -35.57
N ARG H 553 54.27 -53.98 -34.81
CA ARG H 553 53.51 -52.86 -34.28
C ARG H 553 54.32 -52.08 -33.24
N GLU H 554 55.06 -52.79 -32.39
CA GLU H 554 55.88 -52.14 -31.38
C GLU H 554 57.21 -51.64 -31.93
N ASN H 555 57.55 -51.97 -33.18
CA ASN H 555 58.80 -51.52 -33.77
C ASN H 555 58.63 -50.26 -34.61
N VAL H 556 57.50 -50.13 -35.31
CA VAL H 556 57.26 -48.94 -36.12
C VAL H 556 57.11 -47.69 -35.27
N VAL H 557 56.73 -47.84 -34.00
CA VAL H 557 56.63 -46.68 -33.12
C VAL H 557 58.00 -46.21 -32.65
N ASN H 558 59.03 -47.05 -32.76
CA ASN H 558 60.37 -46.68 -32.34
C ASN H 558 61.14 -45.95 -33.45
N PHE H 559 60.94 -46.35 -34.70
CA PHE H 559 61.62 -45.68 -35.80
C PHE H 559 61.10 -44.27 -36.01
N ILE H 560 59.80 -44.06 -35.77
CA ILE H 560 59.24 -42.71 -35.85
C ILE H 560 59.82 -41.83 -34.75
N ASP H 561 59.96 -42.38 -33.54
CA ASP H 561 60.57 -41.63 -32.46
C ASP H 561 62.08 -41.50 -32.64
N CYS H 562 62.69 -42.37 -33.44
CA CYS H 562 64.13 -42.26 -33.69
C CYS H 562 64.47 -41.04 -34.53
N LEU H 563 63.60 -40.68 -35.48
CA LEU H 563 63.84 -39.48 -36.28
C LEU H 563 63.65 -38.20 -35.48
N VAL H 564 63.02 -38.28 -34.31
CA VAL H 564 62.86 -37.10 -33.47
C VAL H 564 64.20 -36.67 -32.90
N ARG H 565 65.05 -37.63 -32.54
CA ARG H 565 66.37 -37.34 -32.01
C ARG H 565 67.42 -37.08 -33.09
N GLU H 566 67.01 -37.02 -34.36
CA GLU H 566 67.94 -36.81 -35.47
C GLU H 566 67.59 -35.52 -36.22
N TYR H 567 66.44 -35.47 -36.89
CA TYR H 567 66.07 -34.30 -37.67
C TYR H 567 64.83 -33.63 -37.09
N LEU H 568 64.83 -33.35 -35.78
CA LEU H 568 63.70 -32.69 -35.14
C LEU H 568 64.12 -31.98 -33.86
N LEU H 569 65.35 -31.47 -33.82
CA LEU H 569 65.85 -30.77 -32.65
C LEU H 569 65.43 -29.30 -32.68
N PRO H 570 65.24 -28.69 -31.51
CA PRO H 570 64.85 -27.27 -31.46
C PRO H 570 65.97 -26.39 -31.99
N PRO H 571 65.64 -25.18 -32.44
CA PRO H 571 66.68 -24.29 -33.00
C PRO H 571 67.75 -23.89 -32.00
N GLU H 572 67.54 -24.10 -30.70
CA GLU H 572 68.52 -23.76 -29.69
C GLU H 572 69.71 -24.72 -29.67
N THR H 573 69.69 -25.77 -30.49
CA THR H 573 70.78 -26.73 -30.55
C THR H 573 71.69 -26.54 -31.75
N GLN H 574 71.14 -26.30 -32.94
CA GLN H 574 71.97 -26.10 -34.12
C GLN H 574 72.64 -24.72 -34.07
N PRO H 575 73.90 -24.63 -34.47
CA PRO H 575 74.59 -23.33 -34.44
C PRO H 575 74.08 -22.41 -35.55
N LEU H 576 74.46 -21.14 -35.43
CA LEU H 576 74.09 -20.10 -36.39
C LEU H 576 72.57 -20.00 -36.54
N HIS H 577 71.87 -20.00 -35.40
CA HIS H 577 70.42 -19.90 -35.40
C HIS H 577 69.93 -18.47 -35.16
N GLU H 578 70.77 -17.60 -34.63
CA GLU H 578 70.41 -16.21 -34.35
C GLU H 578 70.59 -15.31 -35.57
N VAL H 579 70.97 -15.87 -36.71
CA VAL H 579 71.19 -15.10 -37.93
C VAL H 579 69.89 -14.84 -38.67
N VAL H 580 69.14 -15.90 -38.99
CA VAL H 580 67.88 -15.74 -39.71
C VAL H 580 66.67 -15.62 -38.80
N TYR H 581 66.70 -16.26 -37.63
CA TYR H 581 65.57 -16.20 -36.70
C TYR H 581 65.57 -14.89 -35.92
N PHE H 582 64.46 -14.63 -35.24
CA PHE H 582 64.30 -13.41 -34.46
C PHE H 582 63.35 -13.68 -33.32
N SER H 583 63.81 -13.49 -32.09
CA SER H 583 63.03 -13.75 -30.87
C SER H 583 63.05 -12.49 -30.01
N ALA H 584 62.08 -11.61 -30.23
CA ALA H 584 61.97 -10.39 -29.44
C ALA H 584 60.54 -9.84 -29.50
N ALA H 585 59.60 -10.53 -28.88
CA ALA H 585 58.20 -10.11 -28.89
C ALA H 585 57.92 -8.94 -27.96
N HIS H 586 58.89 -8.52 -27.15
CA HIS H 586 58.66 -7.40 -26.25
C HIS H 586 58.62 -6.07 -27.00
N ALA H 587 59.35 -5.95 -28.11
CA ALA H 587 59.38 -4.73 -28.88
C ALA H 587 58.53 -4.79 -30.15
N LEU H 588 57.86 -5.91 -30.41
CA LEU H 588 57.02 -6.05 -31.59
C LEU H 588 55.54 -5.86 -31.30
N ARG H 589 55.17 -5.61 -30.04
CA ARG H 589 53.78 -5.42 -29.69
C ARG H 589 53.35 -3.97 -29.68
N GLU H 590 54.29 -3.04 -29.54
CA GLU H 590 53.98 -1.61 -29.50
C GLU H 590 53.88 -0.99 -30.89
N HIS H 591 53.97 -1.78 -31.95
CA HIS H 591 53.86 -1.28 -33.31
C HIS H 591 52.50 -1.54 -33.95
N LEU H 592 51.84 -2.65 -33.62
CA LEU H 592 50.57 -3.00 -34.22
C LEU H 592 49.44 -3.19 -33.21
N ASN H 593 49.73 -3.19 -31.90
CA ASN H 593 48.71 -3.37 -30.88
C ASN H 593 49.18 -2.68 -29.60
N ALA H 594 49.18 -1.35 -29.64
CA ALA H 594 49.58 -0.56 -28.49
C ALA H 594 48.37 -0.18 -27.64
N ALA H 595 48.64 0.30 -26.43
CA ALA H 595 47.59 0.69 -25.48
C ALA H 595 47.69 2.18 -25.20
N PRO H 596 46.78 2.99 -25.74
CA PRO H 596 46.84 4.44 -25.47
C PRO H 596 46.42 4.79 -24.05
N ARG H 597 45.60 3.96 -23.41
CA ARG H 597 45.17 4.25 -22.04
C ARG H 597 46.21 3.79 -21.02
N ILE H 598 46.84 2.64 -21.27
CA ILE H 598 47.85 2.15 -20.34
C ILE H 598 49.13 2.96 -20.46
N ALA H 599 49.38 3.57 -21.61
CA ALA H 599 50.60 4.36 -21.79
C ALA H 599 50.59 5.58 -20.87
N LEU H 600 49.44 6.21 -20.69
CA LEU H 600 49.31 7.36 -19.79
C LEU H 600 48.95 6.95 -18.37
N HIS H 601 48.89 5.66 -18.07
CA HIS H 601 48.55 5.18 -16.73
C HIS H 601 49.81 4.85 -15.94
N THR H 602 50.69 4.01 -16.51
CA THR H 602 51.91 3.64 -15.82
C THR H 602 52.96 4.74 -15.86
N ALA H 603 52.79 5.74 -16.72
CA ALA H 603 53.75 6.84 -16.82
C ALA H 603 53.52 7.90 -15.75
N LEU H 604 52.34 7.91 -15.11
CA LEU H 604 52.02 8.90 -14.08
C LEU H 604 52.07 8.32 -12.68
N ASN H 605 51.63 7.08 -12.49
CA ASN H 605 51.67 6.46 -11.17
C ASN H 605 53.09 6.08 -10.77
N ASN H 606 53.96 5.80 -11.74
CA ASN H 606 55.35 5.42 -11.49
C ASN H 606 56.24 6.19 -12.46
N PRO H 607 56.55 7.45 -12.16
CA PRO H 607 57.44 8.23 -13.05
C PRO H 607 58.90 7.85 -12.92
N TYR H 608 59.26 6.99 -11.97
CA TYR H 608 60.66 6.60 -11.82
C TYR H 608 61.12 5.69 -12.95
N TYR H 609 60.19 4.96 -13.58
CA TYR H 609 60.57 4.05 -14.65
C TYR H 609 61.02 4.79 -15.90
N TYR H 610 60.56 6.03 -16.08
CA TYR H 610 60.92 6.82 -17.25
C TYR H 610 61.91 7.95 -16.93
N LEU H 611 61.82 8.54 -15.74
CA LEU H 611 62.73 9.64 -15.40
C LEU H 611 64.06 9.11 -14.90
N LYS H 612 64.05 8.02 -14.12
CA LYS H 612 65.25 7.38 -13.60
C LYS H 612 66.10 8.36 -12.79
N ASN H 613 65.72 8.58 -11.54
CA ASN H 613 66.48 9.45 -10.65
C ASN H 613 66.18 9.07 -9.21
N GLU H 614 67.24 8.97 -8.40
CA GLU H 614 67.07 8.55 -7.01
C GLU H 614 66.49 9.65 -6.13
N ALA H 615 66.53 10.91 -6.57
CA ALA H 615 66.00 12.00 -5.76
C ALA H 615 64.47 12.00 -5.76
N LEU H 616 63.84 11.48 -6.81
CA LEU H 616 62.38 11.43 -6.93
C LEU H 616 61.99 9.97 -7.18
N LYS H 617 61.99 9.18 -6.11
CA LYS H 617 61.63 7.77 -6.17
C LYS H 617 60.16 7.60 -5.77
N SER H 618 59.36 7.04 -6.67
CA SER H 618 57.95 6.83 -6.42
C SER H 618 57.73 5.49 -5.72
N GLU H 619 56.66 5.42 -4.93
CA GLU H 619 56.33 4.20 -4.21
C GLU H 619 54.95 3.69 -4.61
N GLU H 620 54.33 2.87 -3.76
CA GLU H 620 53.01 2.32 -4.04
C GLU H 620 51.90 3.01 -3.27
N GLY H 621 52.23 3.81 -2.26
CA GLY H 621 51.22 4.49 -1.47
C GLY H 621 51.52 5.97 -1.28
N CYS H 622 52.79 6.29 -1.02
CA CYS H 622 53.18 7.67 -0.83
C CYS H 622 53.23 8.40 -2.17
N ILE H 623 52.72 9.62 -2.20
CA ILE H 623 52.71 10.43 -3.42
C ILE H 623 53.87 11.41 -3.39
N PRO H 624 54.52 11.68 -4.52
CA PRO H 624 55.64 12.63 -4.52
C PRO H 624 55.14 14.07 -4.46
N ASN H 625 56.09 14.96 -4.20
CA ASN H 625 55.82 16.40 -4.11
C ASN H 625 56.48 17.20 -5.21
N ILE H 626 57.73 16.89 -5.57
CA ILE H 626 58.42 17.55 -6.66
C ILE H 626 58.09 16.79 -7.94
N ALA H 627 57.07 17.26 -8.65
CA ALA H 627 56.61 16.61 -9.86
C ALA H 627 55.76 17.61 -10.65
N PRO H 628 55.67 17.44 -11.97
CA PRO H 628 54.84 18.35 -12.77
C PRO H 628 53.37 18.25 -12.38
N ASP H 629 52.58 19.17 -12.94
CA ASP H 629 51.16 19.22 -12.62
C ASP H 629 50.39 18.02 -13.14
N ILE H 630 50.95 17.27 -14.10
CA ILE H 630 50.28 16.09 -14.63
C ILE H 630 50.53 14.84 -13.82
N CYS H 631 51.23 14.95 -12.69
CA CYS H 631 51.55 13.80 -11.85
C CYS H 631 50.75 13.79 -10.54
N ILE H 632 50.71 14.91 -9.83
CA ILE H 632 49.97 14.97 -8.57
C ILE H 632 48.47 14.96 -8.84
N ALA H 633 48.04 15.65 -9.90
CA ALA H 633 46.61 15.72 -10.22
C ALA H 633 46.05 14.36 -10.63
N TYR H 634 46.89 13.41 -11.02
CA TYR H 634 46.43 12.09 -11.40
C TYR H 634 46.23 11.15 -10.21
N LYS H 635 46.98 11.37 -9.14
CA LYS H 635 46.89 10.52 -7.95
C LYS H 635 45.91 11.06 -6.91
N LEU H 636 45.29 12.22 -7.15
CA LEU H 636 44.37 12.81 -6.21
C LEU H 636 42.90 12.51 -6.53
N HIS H 637 42.52 12.61 -7.80
CA HIS H 637 41.14 12.34 -8.20
C HIS H 637 40.85 10.85 -8.33
N LEU H 638 41.86 9.98 -8.13
CA LEU H 638 41.61 8.54 -8.20
C LEU H 638 40.77 8.06 -7.02
N GLU H 639 41.00 8.65 -5.84
CA GLU H 639 40.22 8.29 -4.66
C GLU H 639 38.81 8.85 -4.70
N CYS H 640 38.57 9.89 -5.51
CA CYS H 640 37.25 10.49 -5.60
C CYS H 640 36.24 9.51 -6.21
N SER H 641 34.97 9.75 -5.90
CA SER H 641 33.91 8.87 -6.39
C SER H 641 33.32 9.40 -7.69
N ARG H 642 32.12 9.97 -7.63
CA ARG H 642 31.45 10.47 -8.82
C ARG H 642 31.44 11.99 -8.86
N LEU H 643 30.52 12.60 -8.12
CA LEU H 643 30.37 14.05 -8.07
C LEU H 643 31.16 14.57 -6.87
N ILE H 644 32.31 15.19 -7.14
CA ILE H 644 33.18 15.73 -6.11
C ILE H 644 33.48 17.18 -6.44
N ASN H 645 33.24 18.07 -5.47
CA ASN H 645 33.52 19.48 -5.66
C ASN H 645 35.02 19.73 -5.72
N LEU H 646 35.42 20.69 -6.55
CA LEU H 646 36.82 21.04 -6.73
C LEU H 646 37.26 22.19 -5.85
N VAL H 647 36.34 22.81 -5.11
CA VAL H 647 36.73 23.91 -4.22
C VAL H 647 37.53 23.38 -3.05
N ASP H 648 37.02 22.36 -2.37
CA ASP H 648 37.76 21.73 -1.28
C ASP H 648 38.88 20.83 -1.79
N TRP H 649 38.87 20.51 -3.09
CA TRP H 649 39.93 19.70 -3.67
C TRP H 649 41.10 20.54 -4.16
N SER H 650 40.88 21.83 -4.41
CA SER H 650 41.96 22.71 -4.85
C SER H 650 42.92 23.03 -3.70
N GLU H 651 42.39 23.20 -2.49
CA GLU H 651 43.23 23.50 -1.35
C GLU H 651 44.07 22.30 -0.95
N ALA H 652 43.61 21.09 -1.26
CA ALA H 652 44.39 19.89 -0.96
C ALA H 652 45.51 19.66 -1.97
N PHE H 653 45.40 20.23 -3.17
CA PHE H 653 46.46 20.09 -4.17
C PHE H 653 47.69 20.93 -3.80
N ALA H 654 47.48 22.06 -3.14
CA ALA H 654 48.59 22.93 -2.74
C ALA H 654 49.28 22.47 -1.46
N THR H 655 48.80 21.39 -0.84
CA THR H 655 49.43 20.90 0.39
C THR H 655 50.79 20.28 0.09
N VAL H 656 50.98 19.71 -1.10
CA VAL H 656 52.25 19.12 -1.49
C VAL H 656 53.10 20.05 -2.35
N VAL H 657 52.53 21.13 -2.87
CA VAL H 657 53.31 22.06 -3.68
C VAL H 657 54.11 23.01 -2.80
N THR H 658 53.52 23.48 -1.70
CA THR H 658 54.23 24.38 -0.80
C THR H 658 55.39 23.67 -0.10
N ALA H 659 55.27 22.36 0.14
CA ALA H 659 56.33 21.60 0.78
C ALA H 659 57.38 21.11 -0.20
N ALA H 660 57.18 21.32 -1.51
CA ALA H 660 58.13 20.88 -2.51
C ALA H 660 59.08 21.98 -2.95
N GLU H 661 58.74 23.25 -2.70
CA GLU H 661 59.59 24.37 -3.08
C GLU H 661 60.72 24.62 -2.09
N LYS H 662 60.80 23.84 -1.01
CA LYS H 662 61.83 23.99 0.02
C LYS H 662 61.82 25.40 0.61
N MET H 663 60.64 25.93 0.83
CA MET H 663 60.46 27.26 1.39
C MET H 663 60.05 27.16 2.86
N ASP H 664 60.59 28.05 3.69
CA ASP H 664 60.28 28.06 5.11
C ASP H 664 58.82 28.44 5.33
N ALA H 665 58.03 27.50 5.83
CA ALA H 665 56.61 27.74 6.07
C ALA H 665 56.32 28.45 7.38
N ASN H 666 57.35 28.73 8.19
CA ASN H 666 57.14 29.41 9.45
C ASN H 666 56.85 30.90 9.27
N SER H 667 57.22 31.47 8.12
CA SER H 667 56.97 32.87 7.85
C SER H 667 55.68 33.04 7.05
N ALA H 668 55.38 34.28 6.67
CA ALA H 668 54.18 34.60 5.91
C ALA H 668 54.54 34.85 4.45
N THR H 669 53.65 34.45 3.56
CA THR H 669 53.82 34.62 2.12
C THR H 669 52.94 35.75 1.61
N SER H 670 53.26 36.21 0.41
CA SER H 670 52.52 37.30 -0.22
C SER H 670 51.40 36.74 -1.10
N GLU H 671 50.51 37.65 -1.54
CA GLU H 671 49.40 37.25 -2.39
C GLU H 671 49.83 36.95 -3.81
N GLU H 672 50.98 37.47 -4.26
CA GLU H 672 51.45 37.20 -5.61
C GLU H 672 51.96 35.77 -5.76
N MET H 673 52.64 35.25 -4.74
CA MET H 673 53.16 33.89 -4.81
C MET H 673 52.03 32.87 -4.76
N ASN H 674 50.95 33.16 -4.03
CA ASN H 674 49.82 32.24 -3.97
C ASN H 674 49.02 32.20 -5.26
N GLU H 675 49.04 33.28 -6.05
CA GLU H 675 48.32 33.29 -7.31
C GLU H 675 49.00 32.42 -8.36
N ILE H 676 50.33 32.28 -8.28
CA ILE H 676 51.04 31.45 -9.24
C ILE H 676 50.68 29.98 -9.05
N ILE H 677 50.46 29.56 -7.80
CA ILE H 677 50.08 28.18 -7.54
C ILE H 677 48.69 27.90 -8.09
N HIS H 678 47.75 28.83 -7.88
CA HIS H 678 46.39 28.67 -8.39
C HIS H 678 46.30 28.81 -9.90
N ALA H 679 47.22 29.55 -10.52
CA ALA H 679 47.19 29.71 -11.97
C ALA H 679 47.53 28.41 -12.68
N ARG H 680 48.52 27.67 -12.17
CA ARG H 680 48.87 26.39 -12.77
C ARG H 680 47.86 25.30 -12.44
N PHE H 681 47.06 25.49 -11.37
CA PHE H 681 46.05 24.50 -11.03
C PHE H 681 44.92 24.49 -12.05
N ILE H 682 44.55 25.66 -12.57
CA ILE H 682 43.49 25.73 -13.57
C ILE H 682 43.95 25.09 -14.88
N ARG H 683 45.22 25.25 -15.22
CA ARG H 683 45.75 24.63 -16.43
C ARG H 683 45.78 23.12 -16.33
N ALA H 684 45.92 22.58 -15.11
CA ALA H 684 45.92 21.14 -14.95
C ALA H 684 44.53 20.54 -15.13
N VAL H 685 43.48 21.30 -14.80
CA VAL H 685 42.12 20.80 -14.97
C VAL H 685 41.76 20.78 -16.45
N SER H 686 42.24 21.75 -17.22
CA SER H 686 41.94 21.79 -18.65
C SER H 686 42.63 20.64 -19.39
N GLU H 687 43.78 20.18 -18.89
CA GLU H 687 44.47 19.06 -19.52
C GLU H 687 43.88 17.71 -19.13
N LEU H 688 43.22 17.63 -17.97
CA LEU H 688 42.62 16.36 -17.56
C LEU H 688 41.38 16.05 -18.40
N GLU H 689 40.54 17.04 -18.65
CA GLU H 689 39.34 16.85 -19.46
C GLU H 689 39.65 16.73 -20.95
N LEU H 690 40.86 17.13 -21.37
CA LEU H 690 41.21 17.02 -22.78
C LEU H 690 41.43 15.58 -23.18
N LEU H 691 42.03 14.78 -22.31
CA LEU H 691 42.25 13.36 -22.59
C LEU H 691 40.98 12.53 -22.52
N GLY H 692 39.90 13.09 -21.96
CA GLY H 692 38.65 12.36 -21.86
C GLY H 692 38.58 11.42 -20.67
N PHE H 693 38.46 12.00 -19.47
CA PHE H 693 38.39 11.20 -18.25
C PHE H 693 37.37 11.79 -17.29
N ILE H 694 37.30 13.12 -17.21
CA ILE H 694 36.37 13.81 -16.34
C ILE H 694 35.51 14.74 -17.19
N LYS H 695 34.48 15.30 -16.55
CA LYS H 695 33.57 16.20 -17.24
C LYS H 695 32.90 17.14 -16.24
N PRO H 696 33.19 18.44 -16.29
CA PRO H 696 32.53 19.38 -15.37
C PRO H 696 31.07 19.60 -15.70
N THR H 697 30.18 18.97 -14.93
CA THR H 697 28.75 19.11 -15.19
C THR H 697 28.26 20.49 -14.77
N LYS H 698 27.21 20.95 -15.46
CA LYS H 698 26.62 22.25 -15.20
C LYS H 698 25.39 22.17 -14.31
N GLN H 699 25.16 21.02 -13.66
CA GLN H 699 24.00 20.88 -12.78
C GLN H 699 24.18 21.66 -11.48
N LYS H 700 25.41 21.95 -11.07
CA LYS H 700 25.67 22.73 -9.88
C LYS H 700 26.93 23.56 -10.10
N THR H 701 27.54 23.99 -9.00
CA THR H 701 28.66 24.92 -9.05
C THR H 701 29.97 24.16 -8.86
N ASP H 702 30.77 24.06 -9.92
CA ASP H 702 32.12 23.50 -9.87
C ASP H 702 32.12 22.06 -9.35
N HIS H 703 31.18 21.24 -9.80
CA HIS H 703 31.13 19.83 -9.44
C HIS H 703 31.44 19.01 -10.68
N VAL H 704 32.72 18.67 -10.85
CA VAL H 704 33.16 17.89 -12.00
C VAL H 704 32.85 16.42 -11.75
N ALA H 705 32.30 15.75 -12.77
CA ALA H 705 31.96 14.34 -12.67
C ALA H 705 33.11 13.47 -13.11
N ARG H 706 33.30 12.35 -12.42
CA ARG H 706 34.36 11.40 -12.72
C ARG H 706 33.75 10.19 -13.42
N LEU H 707 34.17 9.96 -14.66
CA LEU H 707 33.64 8.86 -15.46
C LEU H 707 34.41 7.57 -15.24
N THR H 708 34.61 7.21 -13.97
CA THR H 708 35.32 5.99 -13.62
C THR H 708 34.83 5.52 -12.25
N TRP H 709 34.37 4.27 -12.19
CA TRP H 709 33.88 3.67 -10.97
C TRP H 709 34.99 2.85 -10.32
N GLY H 710 35.30 3.17 -9.06
CA GLY H 710 36.34 2.46 -8.34
C GLY H 710 35.80 1.20 -7.68
N GLY H 711 36.65 0.18 -7.62
CA GLY H 711 36.28 -1.08 -7.02
C GLY H 711 36.88 -2.28 -7.74
N CYS H 712 37.33 -2.08 -8.97
CA CYS H 712 37.93 -3.16 -9.75
C CYS H 712 39.35 -2.80 -10.18
N MET I 1 -43.49 -8.25 -95.53
CA MET I 1 -42.93 -6.97 -95.14
C MET I 1 -43.14 -6.71 -93.65
N SER I 2 -42.23 -7.24 -92.83
CA SER I 2 -42.32 -7.08 -91.37
C SER I 2 -40.95 -7.22 -90.73
N SER I 3 -40.05 -7.95 -91.39
CA SER I 3 -38.70 -8.18 -90.86
C SER I 3 -37.77 -7.08 -91.36
N ARG I 4 -38.04 -5.87 -90.86
CA ARG I 4 -37.23 -4.70 -91.22
C ARG I 4 -37.31 -3.64 -90.13
N LYS I 5 -38.52 -3.22 -89.77
CA LYS I 5 -38.69 -2.22 -88.72
C LYS I 5 -38.40 -2.80 -87.34
N SER I 6 -38.73 -4.08 -87.13
CA SER I 6 -38.47 -4.70 -85.83
C SER I 6 -36.97 -4.85 -85.57
N LYS I 7 -36.21 -5.20 -86.60
CA LYS I 7 -34.77 -5.32 -86.44
C LYS I 7 -34.09 -3.97 -86.35
N SER I 8 -34.63 -2.96 -87.06
CA SER I 8 -34.05 -1.62 -86.99
C SER I 8 -34.36 -0.94 -85.66
N ASN I 9 -35.45 -1.33 -85.00
CA ASN I 9 -35.79 -0.74 -83.71
C ASN I 9 -34.83 -1.20 -82.62
N SER I 10 -34.28 -2.42 -82.75
CA SER I 10 -33.33 -2.90 -81.77
C SER I 10 -32.02 -2.14 -81.84
N LEU I 11 -31.63 -1.68 -83.03
CA LEU I 11 -30.40 -0.90 -83.16
C LEU I 11 -30.57 0.49 -82.56
N ILE I 12 -31.77 1.05 -82.62
CA ILE I 12 -32.02 2.36 -82.02
C ILE I 12 -31.99 2.27 -80.51
N HIS I 13 -32.47 1.15 -79.95
CA HIS I 13 -32.46 0.97 -78.50
C HIS I 13 -31.03 0.84 -77.97
N THR I 14 -30.11 0.32 -78.78
CA THR I 14 -28.71 0.22 -78.36
C THR I 14 -27.95 1.52 -78.55
N GLU I 15 -28.49 2.46 -79.33
CA GLU I 15 -27.84 3.74 -79.56
C GLU I 15 -28.50 4.88 -78.79
N CYS I 16 -29.75 4.73 -78.37
CA CYS I 16 -30.41 5.79 -77.61
C CYS I 16 -29.82 5.90 -76.21
N LEU I 17 -29.42 4.77 -75.62
CA LEU I 17 -28.83 4.81 -74.29
C LEU I 17 -27.42 5.42 -74.33
N SER I 18 -26.76 5.38 -75.48
CA SER I 18 -25.45 6.00 -75.59
C SER I 18 -25.54 7.52 -75.57
N GLN I 19 -26.64 8.08 -76.08
CA GLN I 19 -26.84 9.52 -76.05
C GLN I 19 -27.21 10.02 -74.66
N VAL I 20 -27.68 9.14 -73.78
CA VAL I 20 -28.02 9.55 -72.42
C VAL I 20 -26.81 9.50 -71.50
N GLN I 21 -25.90 8.54 -71.71
CA GLN I 21 -24.71 8.46 -70.87
C GLN I 21 -23.78 9.64 -71.07
N ARG I 22 -23.78 10.23 -72.27
CA ARG I 22 -22.95 11.39 -72.55
C ARG I 22 -23.59 12.70 -72.09
N ILE I 23 -24.74 12.64 -71.44
CA ILE I 23 -25.42 13.82 -70.92
C ILE I 23 -25.51 13.79 -69.39
N LEU I 24 -25.90 12.65 -68.83
CA LEU I 24 -25.99 12.54 -67.38
C LEU I 24 -24.62 12.63 -66.73
N ARG I 25 -23.61 11.98 -67.33
CA ARG I 25 -22.26 12.07 -66.79
C ARG I 25 -21.66 13.46 -67.00
N GLU I 26 -22.09 14.15 -68.06
CA GLU I 26 -21.67 15.52 -68.32
C GLU I 26 -22.54 16.55 -67.62
N ARG I 27 -23.36 16.11 -66.66
CA ARG I 27 -24.23 17.00 -65.90
C ARG I 27 -23.87 17.09 -64.42
N PHE I 28 -23.35 16.00 -63.84
CA PHE I 28 -22.96 16.00 -62.44
C PHE I 28 -21.72 16.86 -62.22
N CYS I 29 -20.59 16.42 -62.79
CA CYS I 29 -19.34 17.17 -62.66
C CYS I 29 -19.36 18.39 -63.57
N ARG I 30 -19.53 18.17 -64.88
CA ARG I 30 -19.61 19.28 -65.82
C ARG I 30 -20.95 20.00 -65.70
N GLN I 31 -20.89 21.32 -65.69
CA GLN I 31 -22.10 22.13 -65.53
C GLN I 31 -22.84 22.21 -66.86
N SER I 32 -24.09 21.75 -66.86
CA SER I 32 -24.93 21.75 -68.06
C SER I 32 -26.03 22.79 -67.94
N PRO I 33 -26.40 23.44 -69.06
CA PRO I 33 -27.46 24.45 -69.01
C PRO I 33 -28.85 23.88 -68.79
N HIS I 34 -29.02 22.55 -68.85
CA HIS I 34 -30.34 21.96 -68.65
C HIS I 34 -30.78 22.05 -67.20
N SER I 35 -29.84 22.04 -66.26
CA SER I 35 -30.17 22.14 -64.84
C SER I 35 -30.56 23.57 -64.50
N ASN I 36 -31.78 23.75 -63.99
CA ASN I 36 -32.28 25.07 -63.63
C ASN I 36 -31.96 25.35 -62.16
N LEU I 37 -32.74 26.20 -61.52
CA LEU I 37 -32.50 26.55 -60.12
C LEU I 37 -33.17 25.52 -59.21
N PHE I 38 -32.77 25.55 -57.93
CA PHE I 38 -33.30 24.63 -56.91
C PHE I 38 -33.58 25.46 -55.65
N GLY I 39 -34.66 26.23 -55.69
CA GLY I 39 -35.05 27.04 -54.55
C GLY I 39 -34.12 28.21 -54.28
N VAL I 40 -33.48 28.75 -55.31
CA VAL I 40 -32.56 29.87 -55.16
C VAL I 40 -33.00 31.02 -56.06
N GLN I 41 -34.32 31.23 -56.17
CA GLN I 41 -34.82 32.29 -57.03
C GLN I 41 -34.57 33.66 -56.43
N VAL I 42 -34.55 33.78 -55.10
CA VAL I 42 -34.31 35.07 -54.46
C VAL I 42 -32.84 35.44 -54.56
N GLN I 43 -31.95 34.46 -54.47
CA GLN I 43 -30.52 34.73 -54.61
C GLN I 43 -30.13 35.01 -56.05
N TYR I 44 -30.93 34.55 -57.02
CA TYR I 44 -30.62 34.82 -58.42
C TYR I 44 -30.82 36.28 -58.77
N LYS I 45 -31.78 36.94 -58.15
CA LYS I 45 -32.04 38.36 -58.44
C LYS I 45 -30.97 39.25 -57.82
N HIS I 46 -30.34 38.80 -56.73
CA HIS I 46 -29.32 39.61 -56.07
C HIS I 46 -28.06 39.70 -56.92
N LEU I 47 -27.60 38.56 -57.45
CA LEU I 47 -26.39 38.55 -58.26
C LEU I 47 -26.62 39.15 -59.64
N SER I 48 -27.85 39.18 -60.12
CA SER I 48 -28.14 39.75 -61.43
C SER I 48 -28.07 41.28 -61.42
N GLU I 49 -28.48 41.91 -60.32
CA GLU I 49 -28.43 43.36 -60.22
C GLU I 49 -27.02 43.89 -60.01
N LEU I 50 -26.10 43.05 -59.52
CA LEU I 50 -24.72 43.48 -59.31
C LEU I 50 -23.85 43.34 -60.54
N LEU I 51 -24.14 42.37 -61.41
CA LEU I 51 -23.34 42.19 -62.62
C LEU I 51 -23.62 43.27 -63.66
N LYS I 52 -24.85 43.77 -63.72
CA LYS I 52 -25.20 44.80 -64.70
C LYS I 52 -24.60 46.15 -64.34
N ARG I 53 -24.18 46.36 -63.09
CA ARG I 53 -23.56 47.61 -62.70
C ARG I 53 -22.15 47.77 -63.25
N THR I 54 -21.52 46.68 -63.68
CA THR I 54 -20.16 46.72 -64.21
C THR I 54 -20.12 46.65 -65.73
N ALA I 55 -20.88 45.74 -66.34
CA ALA I 55 -20.86 45.60 -67.79
C ALA I 55 -21.56 46.78 -68.47
N LEU I 56 -22.76 47.13 -68.00
CA LEU I 56 -23.49 48.24 -68.60
C LEU I 56 -22.88 49.58 -68.20
N HIS I 57 -22.43 49.69 -66.95
CA HIS I 57 -21.83 50.94 -66.47
C HIS I 57 -20.37 50.74 -66.10
N GLY I 58 -20.01 51.08 -64.87
CA GLY I 58 -18.64 50.93 -64.42
C GLY I 58 -18.52 50.81 -62.91
N GLU I 59 -19.44 50.08 -62.29
CA GLU I 59 -19.44 49.87 -60.84
C GLU I 59 -19.09 48.41 -60.58
N SER I 60 -17.92 48.18 -60.01
CA SER I 60 -17.45 46.83 -59.71
C SER I 60 -17.88 46.41 -58.31
N ASN I 61 -18.30 45.16 -58.17
CA ASN I 61 -18.74 44.60 -56.91
C ASN I 61 -18.02 43.28 -56.66
N SER I 62 -17.68 43.03 -55.39
CA SER I 62 -16.98 41.82 -54.98
C SER I 62 -17.78 41.17 -53.87
N VAL I 63 -18.30 39.96 -54.13
CA VAL I 63 -19.07 39.22 -53.16
C VAL I 63 -18.38 37.87 -52.92
N LEU I 64 -18.87 37.15 -51.91
CA LEU I 64 -18.33 35.84 -51.54
C LEU I 64 -19.45 34.83 -51.56
N ILE I 65 -19.29 33.79 -52.36
CA ILE I 65 -20.28 32.71 -52.47
C ILE I 65 -19.77 31.51 -51.70
N ILE I 66 -20.50 31.13 -50.65
CA ILE I 66 -20.13 30.03 -49.78
C ILE I 66 -21.14 28.90 -49.98
N GLY I 67 -20.64 27.70 -50.26
CA GLY I 67 -21.49 26.55 -50.44
C GLY I 67 -20.69 25.26 -50.40
N PRO I 68 -21.15 24.24 -51.15
CA PRO I 68 -20.41 22.97 -51.20
C PRO I 68 -19.14 23.08 -52.04
N ARG I 69 -19.11 22.44 -53.20
CA ARG I 69 -17.94 22.48 -54.06
C ARG I 69 -18.35 22.83 -55.49
N GLY I 70 -17.74 22.17 -56.48
CA GLY I 70 -18.02 22.45 -57.87
C GLY I 70 -19.30 21.88 -58.40
N SER I 71 -20.11 21.24 -57.57
CA SER I 71 -21.38 20.67 -58.00
C SER I 71 -22.59 21.49 -57.53
N GLY I 72 -22.41 22.39 -56.57
CA GLY I 72 -23.51 23.20 -56.08
C GLY I 72 -23.25 24.69 -56.20
N LYS I 73 -22.02 25.12 -55.94
CA LYS I 73 -21.68 26.53 -56.05
C LYS I 73 -21.64 26.98 -57.51
N THR I 74 -21.38 26.06 -58.44
CA THR I 74 -21.31 26.39 -59.86
C THR I 74 -22.67 26.27 -60.55
N MET I 75 -23.75 26.65 -59.86
CA MET I 75 -25.08 26.64 -60.45
C MET I 75 -25.67 28.05 -60.54
N LEU I 76 -24.96 29.06 -60.05
CA LEU I 76 -25.45 30.43 -60.08
C LEU I 76 -24.47 31.43 -60.68
N ILE I 77 -23.17 31.32 -60.42
CA ILE I 77 -22.20 32.28 -60.97
C ILE I 77 -22.04 32.07 -62.46
N ASN I 78 -21.85 30.81 -62.88
CA ASN I 78 -21.70 30.53 -64.30
C ASN I 78 -22.98 30.78 -65.08
N HIS I 79 -24.14 30.64 -64.42
CA HIS I 79 -25.40 30.92 -65.08
C HIS I 79 -25.60 32.42 -65.28
N ALA I 80 -25.08 33.24 -64.37
CA ALA I 80 -25.17 34.69 -64.54
C ALA I 80 -24.21 35.19 -65.63
N LEU I 81 -23.05 34.55 -65.76
CA LEU I 81 -22.12 34.93 -66.82
C LEU I 81 -22.63 34.54 -68.20
N LYS I 82 -23.28 33.38 -68.31
CA LYS I 82 -23.86 32.97 -69.58
C LYS I 82 -25.07 33.81 -69.96
N GLU I 83 -25.73 34.43 -68.99
CA GLU I 83 -26.85 35.31 -69.31
C GLU I 83 -26.39 36.54 -70.09
N LEU I 84 -25.12 36.93 -69.92
CA LEU I 84 -24.57 38.06 -70.66
C LEU I 84 -24.29 37.72 -72.12
N MET I 85 -24.37 36.43 -72.50
CA MET I 85 -24.07 36.04 -73.87
C MET I 85 -25.21 36.34 -74.83
N GLU I 86 -26.46 36.35 -74.34
CA GLU I 86 -27.59 36.63 -75.21
C GLU I 86 -27.52 38.03 -75.79
N ILE I 87 -26.98 38.98 -75.02
CA ILE I 87 -26.80 40.35 -75.50
C ILE I 87 -25.40 40.44 -76.07
N GLU I 88 -25.31 40.49 -77.40
CA GLU I 88 -24.04 40.45 -78.10
C GLU I 88 -23.31 41.79 -78.10
N GLU I 89 -23.94 42.86 -77.66
CA GLU I 89 -23.30 44.17 -77.64
C GLU I 89 -22.41 44.40 -76.42
N VAL I 90 -22.16 43.36 -75.62
CA VAL I 90 -21.32 43.49 -74.43
C VAL I 90 -20.50 42.21 -74.27
N SER I 91 -20.99 41.10 -74.80
CA SER I 91 -20.26 39.84 -74.69
C SER I 91 -19.00 39.84 -75.54
N GLU I 92 -18.97 40.65 -76.60
CA GLU I 92 -17.78 40.72 -77.45
C GLU I 92 -16.74 41.69 -76.92
N ASN I 93 -17.12 42.60 -76.02
CA ASN I 93 -16.20 43.57 -75.44
C ASN I 93 -15.74 43.19 -74.04
N VAL I 94 -16.28 42.13 -73.46
CA VAL I 94 -15.92 41.68 -72.13
C VAL I 94 -15.42 40.25 -72.24
N LEU I 95 -14.16 40.03 -71.87
CA LEU I 95 -13.56 38.70 -71.91
C LEU I 95 -13.79 38.00 -70.57
N GLN I 96 -13.03 36.93 -70.32
CA GLN I 96 -13.16 36.19 -69.08
C GLN I 96 -11.86 35.44 -68.80
N VAL I 97 -11.35 35.58 -67.58
CA VAL I 97 -10.13 34.91 -67.15
C VAL I 97 -10.52 33.80 -66.20
N HIS I 98 -10.13 32.57 -66.54
CA HIS I 98 -10.46 31.39 -65.75
C HIS I 98 -9.28 31.07 -64.82
N LEU I 99 -9.39 31.48 -63.56
CA LEU I 99 -8.37 31.21 -62.56
C LEU I 99 -8.87 30.17 -61.57
N ASN I 100 -7.92 29.50 -60.92
CA ASN I 100 -8.24 28.47 -59.94
C ASN I 100 -7.20 28.52 -58.83
N GLY I 101 -7.66 28.73 -57.60
CA GLY I 101 -6.75 28.78 -56.46
C GLY I 101 -6.18 27.44 -56.05
N LEU I 102 -6.76 26.34 -56.55
CA LEU I 102 -6.24 25.02 -56.20
C LEU I 102 -4.90 24.74 -56.88
N LEU I 103 -4.67 25.31 -58.06
CA LEU I 103 -3.41 25.11 -58.76
C LEU I 103 -2.31 25.99 -58.18
N GLN I 104 -2.59 27.27 -58.00
CA GLN I 104 -1.59 28.20 -57.48
C GLN I 104 -1.37 27.95 -56.00
N ILE I 105 -0.10 27.88 -55.60
CA ILE I 105 0.26 27.65 -54.21
C ILE I 105 1.11 28.77 -53.61
N ASN I 106 1.73 29.61 -54.44
CA ASN I 106 2.55 30.71 -53.93
C ASN I 106 2.09 32.04 -54.52
N ASP I 107 3.01 32.98 -54.66
CA ASP I 107 2.70 34.29 -55.22
C ASP I 107 3.57 34.68 -56.41
N LYS I 108 4.79 34.16 -56.50
CA LYS I 108 5.64 34.46 -57.64
C LYS I 108 5.15 33.80 -58.92
N ILE I 109 4.57 32.60 -58.80
CA ILE I 109 4.07 31.91 -59.98
C ILE I 109 2.82 32.60 -60.52
N ALA I 110 1.97 33.12 -59.63
CA ALA I 110 0.74 33.77 -60.06
C ALA I 110 1.00 35.03 -60.89
N LEU I 111 2.18 35.64 -60.74
CA LEU I 111 2.51 36.84 -61.50
C LEU I 111 2.87 36.54 -62.95
N LYS I 112 3.08 35.27 -63.30
CA LYS I 112 3.43 34.89 -64.66
C LYS I 112 2.31 34.17 -65.40
N GLU I 113 1.50 33.38 -64.70
CA GLU I 113 0.40 32.67 -65.33
C GLU I 113 -0.80 33.55 -65.61
N ILE I 114 -0.81 34.79 -65.11
CA ILE I 114 -1.93 35.68 -65.35
C ILE I 114 -1.92 36.17 -66.80
N THR I 115 -0.74 36.27 -67.41
CA THR I 115 -0.63 36.72 -68.80
C THR I 115 -1.03 35.65 -69.80
N ARG I 116 -1.25 34.41 -69.36
CA ARG I 116 -1.64 33.33 -70.27
C ARG I 116 -3.10 33.40 -70.67
N GLN I 117 -3.90 34.25 -70.05
CA GLN I 117 -5.32 34.39 -70.36
C GLN I 117 -5.66 35.66 -71.11
N LEU I 118 -4.94 36.75 -70.87
CA LEU I 118 -5.22 38.00 -71.57
C LEU I 118 -4.57 38.02 -72.95
N ASN I 119 -3.25 37.86 -73.00
CA ASN I 119 -2.49 37.85 -74.24
C ASN I 119 -2.71 39.14 -75.04
N LEU I 120 -2.37 40.26 -74.40
CA LEU I 120 -2.51 41.57 -75.02
C LEU I 120 -1.17 42.23 -75.35
N GLU I 121 -0.06 41.69 -74.86
CA GLU I 121 1.25 42.28 -75.14
C GLU I 121 2.34 41.26 -75.38
N ASN I 122 2.08 39.95 -75.26
CA ASN I 122 3.10 38.94 -75.49
C ASN I 122 2.64 37.93 -76.52
N VAL I 123 3.33 36.79 -76.59
CA VAL I 123 2.99 35.74 -77.56
C VAL I 123 2.84 34.41 -76.83
N VAL I 124 3.24 33.31 -77.46
CA VAL I 124 3.26 32.03 -76.69
C VAL I 124 4.35 32.24 -75.64
N GLY I 125 5.37 33.04 -75.97
CA GLY I 125 6.45 33.39 -75.02
C GLY I 125 5.97 34.34 -73.94
N ASP I 126 6.63 34.32 -72.77
CA ASP I 126 6.25 35.21 -71.64
C ASP I 126 7.35 36.27 -71.48
N LYS I 127 6.98 37.54 -71.31
CA LYS I 127 7.95 38.68 -71.24
C LYS I 127 8.96 38.56 -70.09
N VAL I 128 9.65 39.66 -69.76
CA VAL I 128 10.68 39.64 -68.74
C VAL I 128 10.11 39.13 -67.42
N PHE I 129 11.01 38.63 -66.57
CA PHE I 129 10.61 38.09 -65.27
C PHE I 129 10.09 39.14 -64.31
N GLY I 130 10.34 40.42 -64.64
CA GLY I 130 9.91 41.52 -63.75
C GLY I 130 8.54 41.24 -63.16
N SER I 131 8.42 41.37 -61.84
CA SER I 131 7.09 41.20 -61.20
C SER I 131 6.19 42.32 -61.75
N PHE I 132 4.91 42.04 -61.99
CA PHE I 132 4.09 43.08 -62.66
C PHE I 132 4.03 44.31 -61.76
N ALA I 133 4.15 45.49 -62.36
CA ALA I 133 4.14 46.75 -61.59
C ALA I 133 3.05 47.65 -62.17
N GLU I 134 2.97 47.76 -63.50
CA GLU I 134 1.87 48.54 -64.06
C GLU I 134 0.87 47.57 -64.68
N ASN I 135 -0.18 47.25 -63.93
CA ASN I 135 -1.22 46.34 -64.39
C ASN I 135 -2.37 47.06 -65.08
N LEU I 136 -2.11 48.24 -65.65
CA LEU I 136 -3.12 49.03 -66.35
C LEU I 136 -4.31 49.34 -65.43
N SER I 137 -4.16 50.34 -64.59
CA SER I 137 -5.21 50.73 -63.66
C SER I 137 -5.09 52.20 -63.27
N GLY I 146 -10.05 58.18 -67.44
CA GLY I 146 -11.32 58.89 -67.45
C GLY I 146 -12.51 57.98 -67.25
N ASP I 147 -12.25 56.80 -66.70
CA ASP I 147 -13.23 55.76 -66.37
C ASP I 147 -13.91 55.17 -67.60
N ARG I 148 -13.56 55.61 -68.80
CA ARG I 148 -14.13 55.08 -70.04
C ARG I 148 -13.00 54.76 -71.01
N THR I 149 -12.68 53.49 -71.15
CA THR I 149 -11.61 53.02 -72.02
C THR I 149 -12.15 52.03 -73.03
N SER I 150 -11.35 51.79 -74.07
CA SER I 150 -11.71 50.86 -75.15
C SER I 150 -10.74 49.68 -75.21
N SER I 151 -10.18 49.29 -74.06
CA SER I 151 -9.26 48.18 -73.98
C SER I 151 -9.93 46.87 -73.60
N CYS I 152 -11.26 46.81 -73.71
CA CYS I 152 -12.06 45.62 -73.40
C CYS I 152 -11.87 45.20 -71.94
N PRO I 153 -12.70 45.69 -71.02
CA PRO I 153 -12.56 45.30 -69.62
C PRO I 153 -12.83 43.80 -69.44
N VAL I 154 -11.96 43.15 -68.67
CA VAL I 154 -12.05 41.72 -68.41
C VAL I 154 -12.32 41.51 -66.93
N ILE I 155 -13.24 40.59 -66.63
CA ILE I 155 -13.62 40.27 -65.26
C ILE I 155 -12.92 38.97 -64.86
N PHE I 156 -12.25 39.00 -63.71
CA PHE I 156 -11.53 37.84 -63.20
C PHE I 156 -12.43 37.00 -62.31
N ILE I 157 -12.20 35.69 -62.33
CA ILE I 157 -12.97 34.73 -61.54
C ILE I 157 -12.00 33.88 -60.75
N LEU I 158 -12.12 33.91 -59.42
CA LEU I 158 -11.27 33.12 -58.54
C LEU I 158 -12.05 31.90 -58.05
N ASP I 159 -11.35 31.05 -57.29
CA ASP I 159 -11.94 29.82 -56.79
C ASP I 159 -11.09 29.29 -55.64
N GLU I 160 -11.75 28.68 -54.65
CA GLU I 160 -11.11 28.07 -53.49
C GLU I 160 -10.27 29.07 -52.71
N PHE I 161 -10.90 29.77 -51.76
CA PHE I 161 -10.19 30.71 -50.89
C PHE I 161 -9.73 29.98 -49.62
N ASP I 162 -8.68 29.17 -49.79
CA ASP I 162 -8.15 28.39 -48.68
C ASP I 162 -6.66 28.16 -48.83
N LEU I 163 -6.21 27.84 -50.04
CA LEU I 163 -4.79 27.58 -50.28
C LEU I 163 -3.97 28.86 -50.14
N PHE I 164 -4.27 29.87 -50.95
CA PHE I 164 -3.55 31.14 -50.87
C PHE I 164 -4.01 32.01 -49.71
N ALA I 165 -5.02 31.57 -48.95
CA ALA I 165 -5.48 32.34 -47.80
C ALA I 165 -4.48 32.35 -46.67
N HIS I 166 -3.56 31.39 -46.63
CA HIS I 166 -2.54 31.32 -45.59
C HIS I 166 -1.14 31.35 -46.20
N HIS I 167 -0.85 32.37 -47.01
CA HIS I 167 0.44 32.48 -47.65
C HIS I 167 1.25 33.53 -46.89
N LYS I 168 1.42 34.74 -47.43
CA LYS I 168 2.23 35.77 -46.76
C LYS I 168 1.47 37.09 -46.88
N ASN I 169 0.57 37.33 -45.91
CA ASN I 169 -0.22 38.56 -45.82
C ASN I 169 -1.15 38.74 -47.01
N GLN I 170 -1.23 37.75 -47.89
CA GLN I 170 -2.11 37.75 -49.06
C GLN I 170 -1.84 39.00 -49.93
N THR I 171 -0.69 38.95 -50.60
CA THR I 171 -0.28 40.05 -51.46
C THR I 171 -0.94 40.00 -52.84
N LEU I 172 -1.73 38.96 -53.11
CA LEU I 172 -2.37 38.86 -54.42
C LEU I 172 -3.78 39.44 -54.40
N LEU I 173 -4.51 39.23 -53.30
CA LEU I 173 -5.88 39.75 -53.22
C LEU I 173 -5.92 41.26 -53.05
N TYR I 174 -4.86 41.86 -52.50
CA TYR I 174 -4.84 43.30 -52.30
C TYR I 174 -4.73 44.06 -53.62
N ASN I 175 -4.21 43.43 -54.67
CA ASN I 175 -4.11 44.09 -55.96
C ASN I 175 -5.48 44.20 -56.65
N LEU I 176 -6.28 43.14 -56.55
CA LEU I 176 -7.61 43.16 -57.18
C LEU I 176 -8.55 44.12 -56.47
N PHE I 177 -8.35 44.36 -55.18
CA PHE I 177 -9.19 45.27 -54.43
C PHE I 177 -8.84 46.74 -54.68
N ASP I 178 -7.73 47.01 -55.36
CA ASP I 178 -7.32 48.39 -55.65
C ASP I 178 -7.62 48.81 -57.08
N ILE I 179 -7.80 47.85 -58.00
CA ILE I 179 -8.10 48.20 -59.38
C ILE I 179 -9.49 48.81 -59.50
N SER I 180 -10.47 48.23 -58.79
CA SER I 180 -11.82 48.79 -58.81
C SER I 180 -11.89 50.12 -58.09
N GLN I 181 -10.92 50.40 -57.21
CA GLN I 181 -10.85 51.65 -56.47
C GLN I 181 -9.74 52.55 -56.97
N SER I 182 -9.19 52.27 -58.15
CA SER I 182 -8.10 53.07 -58.71
C SER I 182 -8.65 54.32 -59.39
N ALA I 183 -8.31 54.51 -60.66
CA ALA I 183 -8.77 55.68 -61.41
C ALA I 183 -9.05 55.41 -62.88
N GLN I 184 -8.62 54.27 -63.43
CA GLN I 184 -8.86 53.99 -64.84
C GLN I 184 -10.14 53.17 -65.00
N THR I 185 -10.02 51.88 -65.27
CA THR I 185 -11.20 51.03 -65.48
C THR I 185 -11.44 50.15 -64.27
N PRO I 186 -12.60 50.25 -63.63
CA PRO I 186 -12.89 49.36 -62.49
C PRO I 186 -13.07 47.92 -62.94
N ILE I 187 -12.45 47.00 -62.20
CA ILE I 187 -12.50 45.57 -62.49
C ILE I 187 -13.05 44.86 -61.27
N ALA I 188 -14.11 44.08 -61.47
CA ALA I 188 -14.73 43.33 -60.38
C ALA I 188 -14.03 41.98 -60.19
N VAL I 189 -14.48 41.24 -59.18
CA VAL I 189 -13.92 39.93 -58.87
C VAL I 189 -14.97 39.08 -58.18
N ILE I 190 -15.25 37.91 -58.74
CA ILE I 190 -16.23 36.97 -58.20
C ILE I 190 -15.54 35.63 -58.02
N GLY I 191 -15.49 35.14 -56.78
CA GLY I 191 -14.82 33.90 -56.48
C GLY I 191 -15.76 32.92 -55.79
N LEU I 192 -15.25 31.71 -55.60
CA LEU I 192 -15.99 30.62 -54.96
C LEU I 192 -15.16 30.06 -53.81
N THR I 193 -15.83 29.67 -52.74
CA THR I 193 -15.16 29.11 -51.58
C THR I 193 -16.12 28.19 -50.83
N CYS I 194 -15.55 27.18 -50.17
CA CYS I 194 -16.34 26.23 -49.39
C CYS I 194 -16.38 26.58 -47.92
N ARG I 195 -15.31 27.13 -47.38
CA ARG I 195 -15.28 27.54 -45.98
C ARG I 195 -16.26 28.68 -45.74
N LEU I 196 -16.95 28.62 -44.60
CA LEU I 196 -17.97 29.62 -44.27
C LEU I 196 -17.37 31.00 -44.10
N ASP I 197 -16.94 31.33 -42.90
CA ASP I 197 -16.42 32.66 -42.60
C ASP I 197 -15.06 32.86 -43.27
N ILE I 198 -14.96 33.90 -44.10
CA ILE I 198 -13.73 34.18 -44.86
C ILE I 198 -13.26 35.59 -44.55
N LEU I 199 -14.19 36.45 -44.11
CA LEU I 199 -13.86 37.86 -43.90
C LEU I 199 -12.80 38.05 -42.83
N GLU I 200 -12.91 37.31 -41.72
CA GLU I 200 -11.96 37.44 -40.63
C GLU I 200 -10.64 36.73 -40.91
N LEU I 201 -10.54 35.98 -42.02
CA LEU I 201 -9.32 35.26 -42.36
C LEU I 201 -8.28 36.14 -43.05
N LEU I 202 -8.44 37.46 -42.98
CA LEU I 202 -7.52 38.40 -43.59
C LEU I 202 -7.05 39.42 -42.56
N GLU I 203 -6.02 40.17 -42.92
CA GLU I 203 -5.46 41.18 -42.03
C GLU I 203 -6.39 42.40 -41.96
N LYS I 204 -6.08 43.32 -41.05
CA LYS I 204 -6.90 44.52 -40.90
C LYS I 204 -6.76 45.46 -42.08
N ARG I 205 -5.66 45.38 -42.83
CA ARG I 205 -5.49 46.25 -43.99
C ARG I 205 -6.34 45.78 -45.17
N VAL I 206 -6.85 44.55 -45.11
CA VAL I 206 -7.68 44.01 -46.17
C VAL I 206 -9.12 43.89 -45.68
N LYS I 207 -9.28 43.76 -44.35
CA LYS I 207 -10.62 43.65 -43.79
C LYS I 207 -11.40 44.95 -43.92
N SER I 208 -10.72 46.09 -43.72
CA SER I 208 -11.38 47.39 -43.82
C SER I 208 -11.60 47.82 -45.27
N ARG I 209 -11.03 47.10 -46.24
CA ARG I 209 -11.17 47.43 -47.65
C ARG I 209 -11.94 46.35 -48.41
N PHE I 210 -13.09 45.93 -47.90
CA PHE I 210 -13.91 44.91 -48.53
C PHE I 210 -15.36 45.36 -48.53
N SER I 211 -16.16 44.72 -49.40
CA SER I 211 -17.57 45.07 -49.52
C SER I 211 -18.43 44.49 -48.39
N HIS I 212 -17.95 43.45 -47.72
CA HIS I 212 -18.68 42.80 -46.63
C HIS I 212 -20.05 42.31 -47.10
N ARG I 213 -20.07 41.66 -48.26
CA ARG I 213 -21.29 41.12 -48.85
C ARG I 213 -21.06 39.66 -49.19
N GLN I 214 -21.80 38.78 -48.52
CA GLN I 214 -21.70 37.34 -48.76
C GLN I 214 -23.07 36.71 -48.63
N ILE I 215 -23.29 35.65 -49.39
CA ILE I 215 -24.55 34.91 -49.38
C ILE I 215 -24.24 33.45 -49.08
N HIS I 216 -24.98 32.86 -48.15
CA HIS I 216 -24.77 31.47 -47.75
C HIS I 216 -25.68 30.59 -48.61
N LEU I 217 -25.13 30.04 -49.68
CA LEU I 217 -25.88 29.16 -50.59
C LEU I 217 -25.90 27.75 -50.02
N MET I 218 -26.78 27.56 -49.04
CA MET I 218 -26.96 26.27 -48.37
C MET I 218 -28.38 25.80 -48.60
N ASN I 219 -28.52 24.57 -49.11
CA ASN I 219 -29.84 24.02 -49.39
C ASN I 219 -30.59 23.73 -48.10
N SER I 220 -31.91 23.92 -48.15
CA SER I 220 -32.78 23.70 -47.00
C SER I 220 -34.03 22.93 -47.44
N PHE I 221 -33.82 21.73 -47.98
CA PHE I 221 -34.91 20.89 -48.43
C PHE I 221 -35.29 19.90 -47.32
N GLY I 222 -36.18 18.97 -47.66
CA GLY I 222 -36.64 17.99 -46.70
C GLY I 222 -36.93 16.63 -47.32
N PHE I 223 -38.21 16.33 -47.52
CA PHE I 223 -38.61 15.05 -48.10
C PHE I 223 -39.64 15.23 -49.21
N PRO I 224 -40.71 16.03 -49.02
CA PRO I 224 -41.65 16.22 -50.14
C PRO I 224 -41.03 16.92 -51.34
N GLN I 225 -40.33 18.03 -51.12
CA GLN I 225 -39.68 18.76 -52.19
C GLN I 225 -38.35 18.14 -52.62
N TYR I 226 -37.86 17.12 -51.90
CA TYR I 226 -36.62 16.48 -52.27
C TYR I 226 -36.81 15.48 -53.41
N VAL I 227 -38.02 14.96 -53.59
CA VAL I 227 -38.28 14.02 -54.67
C VAL I 227 -38.23 14.73 -56.02
N LYS I 228 -38.59 16.01 -56.06
CA LYS I 228 -38.55 16.76 -57.31
C LYS I 228 -37.12 16.91 -57.84
N ILE I 229 -36.13 16.94 -56.94
CA ILE I 229 -34.75 17.03 -57.39
C ILE I 229 -34.30 15.72 -58.00
N PHE I 230 -34.78 14.59 -57.47
CA PHE I 230 -34.42 13.29 -58.02
C PHE I 230 -35.02 13.08 -59.41
N LYS I 231 -36.21 13.66 -59.66
CA LYS I 231 -36.86 13.51 -60.96
C LYS I 231 -36.43 14.56 -61.96
N GLU I 232 -35.88 15.70 -61.50
CA GLU I 232 -35.45 16.74 -62.42
C GLU I 232 -34.14 16.37 -63.13
N GLN I 233 -33.25 15.66 -62.44
CA GLN I 233 -31.99 15.27 -63.06
C GLN I 233 -32.19 14.21 -64.14
N LEU I 234 -33.20 13.36 -63.99
CA LEU I 234 -33.50 12.32 -64.96
C LEU I 234 -34.48 12.77 -66.05
N SER I 235 -34.85 14.06 -66.06
CA SER I 235 -35.78 14.58 -67.04
C SER I 235 -34.98 15.17 -68.20
N LEU I 236 -34.73 14.36 -69.22
CA LEU I 236 -33.98 14.82 -70.38
C LEU I 236 -34.85 15.73 -71.25
N PRO I 237 -34.25 16.74 -71.87
CA PRO I 237 -35.02 17.64 -72.72
C PRO I 237 -35.45 16.96 -74.01
N ALA I 238 -36.22 17.70 -74.81
CA ALA I 238 -36.75 17.21 -76.09
C ALA I 238 -35.60 17.15 -77.10
N GLU I 239 -34.79 16.10 -77.00
CA GLU I 239 -33.67 15.90 -77.90
C GLU I 239 -33.64 14.51 -78.53
N PHE I 240 -34.55 13.62 -78.14
CA PHE I 240 -34.58 12.28 -78.71
C PHE I 240 -35.19 12.30 -80.11
N PRO I 241 -34.71 11.45 -81.01
CA PRO I 241 -35.28 11.42 -82.36
C PRO I 241 -36.73 10.98 -82.39
N ASP I 242 -37.16 10.16 -81.43
CA ASP I 242 -38.54 9.69 -81.35
C ASP I 242 -39.16 10.22 -80.06
N LYS I 243 -40.31 10.89 -80.20
CA LYS I 243 -40.99 11.44 -79.05
C LYS I 243 -41.80 10.40 -78.28
N VAL I 244 -41.96 9.19 -78.82
CA VAL I 244 -42.70 8.15 -78.12
C VAL I 244 -41.89 7.61 -76.95
N PHE I 245 -40.58 7.41 -77.14
CA PHE I 245 -39.73 6.90 -76.08
C PHE I 245 -39.47 7.95 -75.00
N ALA I 246 -39.70 9.24 -75.29
CA ALA I 246 -39.48 10.27 -74.30
C ALA I 246 -40.64 10.40 -73.32
N GLU I 247 -41.84 9.98 -73.73
CA GLU I 247 -42.99 10.05 -72.84
C GLU I 247 -42.96 8.95 -71.78
N LYS I 248 -42.51 7.76 -72.15
CA LYS I 248 -42.43 6.66 -71.20
C LYS I 248 -41.27 6.79 -70.23
N TRP I 249 -40.30 7.67 -70.52
CA TRP I 249 -39.16 7.84 -69.63
C TRP I 249 -39.56 8.62 -68.39
N ASN I 250 -40.27 9.75 -68.57
CA ASN I 250 -40.70 10.54 -67.43
C ASN I 250 -41.84 9.88 -66.67
N GLU I 251 -42.62 9.04 -67.34
CA GLU I 251 -43.74 8.38 -66.67
C GLU I 251 -43.27 7.21 -65.81
N ASN I 252 -42.19 6.53 -66.23
CA ASN I 252 -41.69 5.41 -65.46
C ASN I 252 -41.06 5.86 -64.14
N VAL I 253 -40.50 7.08 -64.10
CA VAL I 253 -39.92 7.59 -62.87
C VAL I 253 -41.01 7.89 -61.84
N GLN I 254 -42.19 8.34 -62.30
CA GLN I 254 -43.28 8.63 -61.38
C GLN I 254 -43.80 7.36 -60.72
N TYR I 255 -43.76 6.23 -61.45
CA TYR I 255 -44.22 4.97 -60.87
C TYR I 255 -43.25 4.46 -59.81
N LEU I 256 -41.99 4.84 -59.89
CA LEU I 256 -40.98 4.43 -58.92
C LEU I 256 -40.72 5.48 -57.84
N SER I 257 -41.25 6.68 -57.99
CA SER I 257 -41.04 7.72 -56.99
C SER I 257 -41.82 7.44 -55.72
N GLU I 258 -42.99 6.81 -55.84
CA GLU I 258 -43.83 6.45 -54.69
C GLU I 258 -43.73 4.93 -54.52
N ASP I 259 -42.75 4.50 -53.73
CA ASP I 259 -42.53 3.09 -53.46
C ASP I 259 -41.99 2.92 -52.06
N ARG I 260 -42.32 1.77 -51.44
CA ARG I 260 -41.89 1.50 -50.08
C ARG I 260 -40.40 1.24 -49.98
N SER I 261 -39.74 0.89 -51.08
CA SER I 261 -38.31 0.61 -51.07
C SER I 261 -37.48 1.72 -51.69
N VAL I 262 -38.05 2.50 -52.60
CA VAL I 262 -37.29 3.58 -53.23
C VAL I 262 -37.21 4.79 -52.31
N GLN I 263 -38.29 5.09 -51.60
CA GLN I 263 -38.28 6.25 -50.69
C GLN I 263 -37.37 6.01 -49.50
N GLU I 264 -37.15 4.75 -49.12
CA GLU I 264 -36.26 4.45 -48.00
C GLU I 264 -34.80 4.75 -48.34
N VAL I 265 -34.42 4.59 -49.61
CA VAL I 265 -33.05 4.88 -50.00
C VAL I 265 -32.82 6.38 -50.09
N LEU I 266 -33.84 7.15 -50.47
CA LEU I 266 -33.68 8.59 -50.59
C LEU I 266 -33.52 9.26 -49.23
N GLN I 267 -34.29 8.81 -48.23
CA GLN I 267 -34.20 9.39 -46.89
C GLN I 267 -32.95 8.96 -46.15
N LYS I 268 -32.33 7.84 -46.54
CA LYS I 268 -31.12 7.39 -45.87
C LYS I 268 -29.92 8.25 -46.25
N HIS I 269 -29.81 8.60 -47.52
CA HIS I 269 -28.72 9.45 -47.98
C HIS I 269 -28.95 10.93 -47.68
N PHE I 270 -30.21 11.34 -47.52
CA PHE I 270 -30.50 12.74 -47.23
C PHE I 270 -30.08 13.12 -45.82
N ASN I 271 -30.18 12.17 -44.87
CA ASN I 271 -29.80 12.48 -43.50
C ASN I 271 -28.28 12.52 -43.35
N ILE I 272 -27.56 11.67 -44.08
CA ILE I 272 -26.10 11.65 -43.98
C ILE I 272 -25.52 12.90 -44.62
N SER I 273 -25.81 13.13 -45.90
CA SER I 273 -25.31 14.30 -46.60
C SER I 273 -26.40 14.78 -47.56
N LYS I 274 -26.98 15.94 -47.26
CA LYS I 274 -28.03 16.51 -48.09
C LYS I 274 -27.49 17.26 -49.29
N ASN I 275 -26.18 17.23 -49.53
CA ASN I 275 -25.60 17.91 -50.68
C ASN I 275 -25.96 17.19 -51.96
N LEU I 276 -26.03 17.96 -53.06
CA LEU I 276 -26.37 17.38 -54.36
C LEU I 276 -25.29 16.45 -54.87
N ARG I 277 -24.03 16.63 -54.44
CA ARG I 277 -22.96 15.76 -54.90
C ARG I 277 -23.12 14.33 -54.37
N SER I 278 -23.65 14.18 -53.15
CA SER I 278 -23.84 12.85 -52.58
C SER I 278 -24.89 12.04 -53.33
N LEU I 279 -25.72 12.68 -54.15
CA LEU I 279 -26.73 11.99 -54.92
C LEU I 279 -26.27 11.66 -56.34
N HIS I 280 -25.13 12.19 -56.78
CA HIS I 280 -24.67 11.92 -58.14
C HIS I 280 -24.32 10.45 -58.33
N MET I 281 -23.75 9.81 -57.31
CA MET I 281 -23.40 8.40 -57.42
C MET I 281 -24.62 7.49 -57.38
N LEU I 282 -25.75 7.99 -56.90
CA LEU I 282 -26.97 7.18 -56.83
C LEU I 282 -27.76 7.18 -58.14
N LEU I 283 -27.32 7.95 -59.14
CA LEU I 283 -28.01 8.01 -60.43
C LEU I 283 -27.20 7.43 -61.58
N MET I 284 -25.88 7.39 -61.48
CA MET I 284 -25.06 6.86 -62.55
C MET I 284 -24.74 5.38 -62.38
N LEU I 285 -24.72 4.88 -61.14
CA LEU I 285 -24.48 3.46 -60.93
C LEU I 285 -25.63 2.62 -61.45
N ALA I 286 -26.87 3.10 -61.30
CA ALA I 286 -28.01 2.38 -61.83
C ALA I 286 -28.05 2.39 -63.35
N LEU I 287 -27.43 3.38 -63.99
CA LEU I 287 -27.39 3.42 -65.45
C LEU I 287 -26.40 2.42 -66.01
N ASN I 288 -25.36 2.07 -65.24
CA ASN I 288 -24.38 1.10 -65.71
C ASN I 288 -24.99 -0.30 -65.82
N ARG I 289 -25.95 -0.63 -64.95
CA ARG I 289 -26.60 -1.94 -65.03
C ARG I 289 -27.50 -2.04 -66.25
N VAL I 290 -28.10 -0.93 -66.67
CA VAL I 290 -28.99 -0.92 -67.82
C VAL I 290 -28.14 -1.08 -69.08
N THR I 291 -28.16 -2.28 -69.66
CA THR I 291 -27.39 -2.55 -70.87
C THR I 291 -28.32 -2.75 -72.06
N ALA I 292 -28.14 -3.85 -72.80
CA ALA I 292 -28.96 -4.16 -73.95
C ALA I 292 -30.09 -5.13 -73.63
N SER I 293 -30.43 -5.29 -72.34
CA SER I 293 -31.50 -6.20 -71.96
C SER I 293 -32.39 -5.63 -70.86
N HIS I 294 -32.42 -4.31 -70.70
CA HIS I 294 -33.24 -3.64 -69.69
C HIS I 294 -34.14 -2.63 -70.38
N PRO I 295 -35.35 -3.02 -70.78
CA PRO I 295 -36.23 -2.05 -71.46
C PRO I 295 -36.77 -0.99 -70.53
N PHE I 296 -36.97 -1.31 -69.25
CA PHE I 296 -37.51 -0.35 -68.30
C PHE I 296 -36.71 -0.36 -67.00
N MET I 297 -37.20 0.36 -65.99
CA MET I 297 -36.54 0.44 -64.69
C MET I 297 -37.41 -0.24 -63.65
N THR I 298 -36.82 -0.50 -62.49
CA THR I 298 -37.52 -1.15 -61.38
C THR I 298 -36.85 -0.74 -60.08
N ALA I 299 -37.36 -1.28 -58.98
CA ALA I 299 -36.82 -1.00 -57.65
C ALA I 299 -35.71 -1.96 -57.25
N VAL I 300 -35.12 -2.67 -58.21
CA VAL I 300 -34.04 -3.61 -57.94
C VAL I 300 -32.68 -3.04 -58.34
N ASP I 301 -32.64 -2.29 -59.45
CA ASP I 301 -31.39 -1.71 -59.92
C ASP I 301 -30.94 -0.52 -59.08
N LEU I 302 -31.81 0.01 -58.21
CA LEU I 302 -31.45 1.16 -57.39
C LEU I 302 -31.09 0.79 -55.97
N MET I 303 -31.46 -0.40 -55.50
CA MET I 303 -31.11 -0.80 -54.14
C MET I 303 -29.74 -1.44 -54.06
N GLU I 304 -29.32 -2.17 -55.10
CA GLU I 304 -28.01 -2.79 -55.10
C GLU I 304 -26.89 -1.77 -55.32
N ALA I 305 -27.19 -0.63 -55.95
CA ALA I 305 -26.19 0.39 -56.18
C ALA I 305 -25.95 1.27 -54.96
N SER I 306 -26.85 1.24 -53.98
CA SER I 306 -26.70 2.04 -52.77
C SER I 306 -26.04 1.27 -51.63
N GLN I 307 -25.98 -0.05 -51.71
CA GLN I 307 -25.38 -0.86 -50.66
C GLN I 307 -23.87 -1.00 -50.83
N LEU I 308 -23.40 -1.14 -52.07
CA LEU I 308 -21.97 -1.30 -52.31
C LEU I 308 -21.18 -0.04 -51.98
N CYS I 309 -21.84 1.13 -51.94
CA CYS I 309 -21.20 2.38 -51.60
C CYS I 309 -21.49 2.82 -50.17
N SER I 310 -21.88 1.88 -49.29
CA SER I 310 -22.20 2.23 -47.91
C SER I 310 -21.82 1.14 -46.93
N MET I 311 -21.16 0.06 -47.39
CA MET I 311 -20.76 -1.00 -46.48
C MET I 311 -19.59 -0.55 -45.61
N ASP I 312 -19.37 -1.28 -44.51
CA ASP I 312 -18.29 -0.98 -43.58
C ASP I 312 -16.96 -1.36 -44.23
N SER I 313 -16.23 -0.36 -44.72
CA SER I 313 -14.94 -0.61 -45.35
C SER I 313 -13.85 -0.98 -44.36
N LYS I 314 -14.08 -0.82 -43.07
CA LYS I 314 -13.12 -1.17 -42.03
C LYS I 314 -13.35 -2.53 -41.42
N ALA I 315 -14.37 -3.26 -41.89
CA ALA I 315 -14.69 -4.58 -41.37
C ALA I 315 -14.62 -5.69 -42.42
N ASN I 316 -14.61 -5.35 -43.70
CA ASN I 316 -14.54 -6.35 -44.75
C ASN I 316 -13.11 -6.71 -45.15
N ILE I 317 -12.11 -6.00 -44.61
CA ILE I 317 -10.72 -6.31 -44.95
C ILE I 317 -10.16 -7.49 -44.17
N VAL I 318 -10.91 -7.99 -43.18
CA VAL I 318 -10.45 -9.14 -42.39
C VAL I 318 -10.95 -10.47 -42.93
N HIS I 319 -11.79 -10.46 -43.96
CA HIS I 319 -12.29 -11.72 -44.50
C HIS I 319 -11.24 -12.43 -45.35
N GLY I 320 -10.39 -11.68 -46.04
CA GLY I 320 -9.36 -12.27 -46.88
C GLY I 320 -8.05 -12.48 -46.15
N LEU I 321 -8.12 -13.05 -44.95
CA LEU I 321 -6.94 -13.31 -44.13
C LEU I 321 -6.93 -14.78 -43.74
N SER I 322 -5.83 -15.21 -43.14
CA SER I 322 -5.63 -16.59 -42.72
C SER I 322 -6.05 -16.73 -41.26
N VAL I 323 -5.23 -17.31 -40.38
CA VAL I 323 -5.58 -17.44 -38.96
C VAL I 323 -4.52 -16.73 -38.14
N LEU I 324 -3.33 -16.56 -38.72
CA LEU I 324 -2.24 -15.91 -38.01
C LEU I 324 -2.59 -14.46 -37.68
N GLU I 325 -2.80 -13.64 -38.71
CA GLU I 325 -3.10 -12.23 -38.49
C GLU I 325 -4.49 -12.03 -37.86
N ILE I 326 -5.38 -13.01 -38.00
CA ILE I 326 -6.69 -12.91 -37.35
C ILE I 326 -6.55 -13.04 -35.84
N CYS I 327 -5.71 -13.97 -35.39
CA CYS I 327 -5.48 -14.13 -33.96
C CYS I 327 -4.69 -12.96 -33.38
N LEU I 328 -3.96 -12.20 -34.21
CA LEU I 328 -3.18 -11.09 -33.70
C LEU I 328 -4.07 -9.92 -33.29
N ILE I 329 -4.99 -9.51 -34.18
CA ILE I 329 -5.87 -8.38 -33.87
C ILE I 329 -6.77 -8.68 -32.69
N ILE I 330 -7.03 -9.95 -32.40
CA ILE I 330 -7.80 -10.30 -31.21
C ILE I 330 -6.91 -10.30 -29.97
N ALA I 331 -5.61 -10.57 -30.14
CA ALA I 331 -4.70 -10.59 -29.01
C ALA I 331 -4.57 -9.20 -28.39
N MET I 332 -4.37 -8.17 -29.21
CA MET I 332 -4.31 -6.80 -28.68
C MET I 332 -5.65 -6.32 -28.16
N LYS I 333 -6.75 -6.94 -28.59
CA LYS I 333 -8.06 -6.58 -28.06
C LYS I 333 -8.21 -7.02 -26.61
N HIS I 334 -7.68 -8.19 -26.27
CA HIS I 334 -7.73 -8.64 -24.88
C HIS I 334 -6.79 -7.83 -23.99
N LEU I 335 -5.68 -7.35 -24.53
CA LEU I 335 -4.75 -6.52 -23.77
C LEU I 335 -5.28 -5.12 -23.54
N ASN I 336 -6.20 -4.65 -24.37
CA ASN I 336 -6.75 -3.32 -24.18
C ASN I 336 -7.70 -3.26 -22.99
N ASP I 337 -8.32 -4.39 -22.63
CA ASP I 337 -9.22 -4.42 -21.49
C ASP I 337 -8.48 -4.35 -20.16
N ILE I 338 -7.26 -4.89 -20.10
CA ILE I 338 -6.48 -4.84 -18.88
C ILE I 338 -5.56 -3.62 -18.81
N TYR I 339 -5.15 -3.09 -19.94
CA TYR I 339 -4.32 -1.88 -20.01
C TYR I 339 -5.21 -0.74 -20.49
N GLU I 340 -5.69 0.08 -19.54
CA GLU I 340 -6.63 1.15 -19.84
C GLU I 340 -5.89 2.33 -20.46
N GLU I 341 -5.87 2.38 -21.79
CA GLU I 341 -5.30 3.48 -22.55
C GLU I 341 -3.84 3.72 -22.20
N GLU I 342 -2.94 2.93 -22.80
CA GLU I 342 -1.50 3.10 -22.61
C GLU I 342 -0.78 2.34 -23.70
N PRO I 343 0.31 2.88 -24.26
CA PRO I 343 0.99 2.18 -25.35
C PRO I 343 1.65 0.89 -24.90
N PHE I 344 1.97 0.05 -25.87
CA PHE I 344 2.62 -1.23 -25.61
C PHE I 344 3.30 -1.69 -26.88
N ASN I 345 4.45 -2.34 -26.73
CA ASN I 345 5.22 -2.80 -27.88
C ASN I 345 4.75 -4.18 -28.34
N PHE I 346 5.51 -4.80 -29.25
CA PHE I 346 5.11 -6.08 -29.83
C PHE I 346 5.55 -7.28 -29.01
N GLN I 347 6.64 -7.15 -28.24
CA GLN I 347 7.13 -8.27 -27.45
C GLN I 347 6.12 -8.75 -26.42
N MET I 348 5.16 -7.91 -26.02
CA MET I 348 4.11 -8.34 -25.11
C MET I 348 3.13 -9.30 -25.78
N VAL I 349 2.96 -9.19 -27.10
CA VAL I 349 2.07 -10.11 -27.81
C VAL I 349 2.70 -11.50 -27.89
N TYR I 350 4.03 -11.57 -27.93
CA TYR I 350 4.71 -12.87 -27.98
C TYR I 350 4.58 -13.63 -26.67
N ASN I 351 4.33 -12.94 -25.56
CA ASN I 351 4.20 -13.63 -24.27
C ASN I 351 2.96 -14.50 -24.21
N GLU I 352 1.86 -14.06 -24.84
CA GLU I 352 0.64 -14.85 -24.86
C GLU I 352 0.56 -15.81 -26.04
N PHE I 353 1.52 -15.74 -26.97
CA PHE I 353 1.51 -16.66 -28.11
C PHE I 353 1.79 -18.08 -27.67
N GLN I 354 2.79 -18.27 -26.80
CA GLN I 354 3.11 -19.58 -26.25
C GLN I 354 2.20 -19.97 -25.09
N LYS I 355 1.20 -19.14 -24.77
CA LYS I 355 0.25 -19.46 -23.72
C LYS I 355 -0.96 -20.22 -24.23
N PHE I 356 -1.38 -19.98 -25.47
CA PHE I 356 -2.50 -20.69 -26.07
C PHE I 356 -2.13 -22.09 -26.54
N VAL I 357 -0.83 -22.39 -26.66
CA VAL I 357 -0.41 -23.72 -27.12
C VAL I 357 -0.78 -24.81 -26.14
N GLN I 358 -0.98 -24.47 -24.87
CA GLN I 358 -1.34 -25.46 -23.86
C GLN I 358 -2.79 -25.93 -24.09
N ARG I 359 -3.29 -26.73 -23.14
CA ARG I 359 -4.61 -27.36 -23.17
C ARG I 359 -5.00 -27.86 -24.55
N LYS I 360 -4.03 -28.34 -25.32
CA LYS I 360 -4.26 -28.82 -26.67
C LYS I 360 -3.42 -30.07 -26.91
N ALA I 361 -3.99 -31.02 -27.63
CA ALA I 361 -3.29 -32.27 -27.93
C ALA I 361 -2.10 -32.00 -28.84
N HIS I 362 -1.12 -32.90 -28.79
CA HIS I 362 0.09 -32.79 -29.59
C HIS I 362 -0.24 -33.07 -31.05
N SER I 363 -0.19 -32.04 -31.89
CA SER I 363 -0.49 -32.19 -33.30
C SER I 363 0.54 -31.45 -34.15
N VAL I 364 0.10 -30.87 -35.27
CA VAL I 364 0.98 -30.13 -36.17
C VAL I 364 0.60 -28.66 -36.23
N TYR I 365 -0.26 -28.20 -35.32
CA TYR I 365 -0.67 -26.80 -35.32
C TYR I 365 0.40 -25.88 -34.73
N ASN I 366 1.33 -26.42 -33.94
CA ASN I 366 2.37 -25.59 -33.35
C ASN I 366 3.30 -25.05 -34.41
N PHE I 367 3.76 -23.81 -34.21
CA PHE I 367 4.64 -23.15 -35.17
C PHE I 367 6.08 -23.16 -34.68
N GLU I 368 6.84 -22.12 -35.03
CA GLU I 368 8.23 -22.04 -34.61
C GLU I 368 8.50 -20.73 -33.87
N LYS I 369 8.95 -19.71 -34.59
CA LYS I 369 9.27 -18.42 -33.99
C LYS I 369 9.32 -17.30 -35.03
N PRO I 370 10.05 -17.44 -36.15
CA PRO I 370 10.10 -16.34 -37.12
C PRO I 370 8.77 -16.08 -37.82
N VAL I 371 7.80 -16.99 -37.73
CA VAL I 371 6.50 -16.76 -38.35
C VAL I 371 5.71 -15.70 -37.61
N VAL I 372 6.02 -15.45 -36.34
CA VAL I 372 5.28 -14.47 -35.56
C VAL I 372 5.55 -13.05 -36.08
N MET I 373 6.83 -12.73 -36.32
CA MET I 373 7.16 -11.41 -36.83
C MET I 373 6.72 -11.24 -38.28
N LYS I 374 6.67 -12.33 -39.06
CA LYS I 374 6.20 -12.24 -40.43
C LYS I 374 4.70 -12.01 -40.49
N ALA I 375 3.94 -12.59 -39.56
CA ALA I 375 2.50 -12.39 -39.53
C ALA I 375 2.14 -10.99 -39.05
N PHE I 376 2.94 -10.41 -38.16
CA PHE I 376 2.65 -9.07 -37.67
C PHE I 376 3.09 -7.99 -38.66
N GLU I 377 4.12 -8.27 -39.46
CA GLU I 377 4.58 -7.29 -40.44
C GLU I 377 3.56 -7.09 -41.57
N HIS I 378 2.68 -8.07 -41.81
CA HIS I 378 1.66 -7.92 -42.84
C HIS I 378 0.68 -6.81 -42.51
N LEU I 379 0.50 -6.51 -41.22
CA LEU I 379 -0.38 -5.41 -40.82
C LEU I 379 0.29 -4.05 -40.92
N GLN I 380 1.62 -4.01 -41.10
CA GLN I 380 2.30 -2.73 -41.24
C GLN I 380 1.98 -2.07 -42.58
N GLN I 381 1.96 -2.85 -43.66
CA GLN I 381 1.62 -2.31 -44.96
C GLN I 381 0.14 -2.01 -45.11
N LEU I 382 -0.69 -2.47 -44.19
CA LEU I 382 -2.13 -2.19 -44.21
C LEU I 382 -2.51 -0.99 -43.36
N GLU I 383 -1.56 -0.40 -42.64
CA GLU I 383 -1.80 0.77 -41.80
C GLU I 383 -2.89 0.51 -40.76
N LEU I 384 -2.74 -0.61 -40.05
CA LEU I 384 -3.65 -0.95 -38.95
C LEU I 384 -3.11 -0.51 -37.59
N ILE I 385 -1.84 -0.11 -37.52
CA ILE I 385 -1.24 0.41 -36.30
C ILE I 385 -0.67 1.80 -36.60
N LYS I 386 -0.60 2.63 -35.56
CA LYS I 386 -0.13 3.99 -35.70
C LYS I 386 0.76 4.35 -34.52
N PRO I 387 2.03 4.80 -34.71
CA PRO I 387 2.87 5.20 -33.58
C PRO I 387 2.31 6.37 -32.76
N MET I 388 2.86 6.59 -31.56
CA MET I 388 2.36 7.68 -30.69
C MET I 388 2.60 9.02 -31.40
N GLU I 389 3.76 9.18 -32.05
CA GLU I 389 4.09 10.46 -32.74
C GLU I 389 5.43 10.32 -33.47
N ARG I 390 6.27 9.37 -33.06
CA ARG I 390 7.60 9.25 -33.64
C ARG I 390 7.88 7.81 -34.02
N THR I 391 8.43 7.61 -35.22
CA THR I 391 8.82 6.23 -35.63
C THR I 391 10.34 6.15 -35.55
N SER I 392 10.87 5.46 -34.53
CA SER I 392 12.35 5.44 -34.36
C SER I 392 12.99 4.76 -35.55
N GLY I 393 14.12 5.30 -36.02
CA GLY I 393 14.83 4.69 -37.17
C GLY I 393 15.65 3.51 -36.71
N ASN I 394 16.19 3.58 -35.50
CA ASN I 394 17.01 2.49 -34.98
C ASN I 394 16.20 1.45 -34.21
N SER I 395 14.88 1.50 -34.29
CA SER I 395 14.05 0.54 -33.59
C SER I 395 14.10 -0.82 -34.29
N GLN I 396 14.18 -1.88 -33.50
CA GLN I 396 14.25 -3.23 -34.04
C GLN I 396 12.89 -3.92 -33.96
N ARG I 397 12.90 -5.23 -33.71
CA ARG I 397 11.68 -6.02 -33.61
C ARG I 397 11.32 -6.27 -32.15
N GLU I 398 11.32 -5.19 -31.38
CA GLU I 398 11.02 -5.29 -29.94
C GLU I 398 10.48 -3.97 -29.40
N TYR I 399 10.92 -2.85 -29.99
CA TYR I 399 10.52 -1.51 -29.55
C TYR I 399 9.63 -0.90 -30.62
N GLN I 400 8.32 -0.91 -30.38
CA GLN I 400 7.35 -0.36 -31.32
C GLN I 400 6.31 0.53 -30.65
N LEU I 401 5.93 0.21 -29.41
CA LEU I 401 4.90 0.92 -28.65
C LEU I 401 3.70 1.33 -29.49
N MET I 402 3.25 0.45 -30.39
CA MET I 402 2.12 0.74 -31.24
C MET I 402 0.81 0.53 -30.49
N LYS I 403 -0.28 0.93 -31.14
CA LYS I 403 -1.62 0.72 -30.58
C LYS I 403 -2.52 0.06 -31.62
N LEU I 404 -3.81 0.38 -31.58
CA LEU I 404 -4.79 -0.17 -32.50
C LEU I 404 -5.55 0.95 -33.20
N LEU I 405 -6.04 0.64 -34.40
CA LEU I 405 -6.84 1.58 -35.18
C LEU I 405 -8.23 1.04 -35.46
N LEU I 406 -8.79 0.27 -34.52
CA LEU I 406 -10.12 -0.28 -34.66
C LEU I 406 -10.99 0.14 -33.49
N ASP I 407 -11.93 -0.72 -33.09
CA ASP I 407 -12.81 -0.44 -31.97
C ASP I 407 -13.33 -1.76 -31.40
N ASN I 408 -13.96 -1.66 -30.23
CA ASN I 408 -14.50 -2.83 -29.53
C ASN I 408 -15.96 -3.08 -29.87
N THR I 409 -16.34 -2.93 -31.14
CA THR I 409 -17.72 -3.16 -31.56
C THR I 409 -17.77 -3.95 -32.86
N GLN I 410 -17.08 -3.47 -33.89
CA GLN I 410 -17.07 -4.15 -35.18
C GLN I 410 -16.20 -5.40 -35.16
N ILE I 411 -15.34 -5.55 -34.16
CA ILE I 411 -14.49 -6.74 -34.09
C ILE I 411 -15.30 -7.96 -33.67
N MET I 412 -16.35 -7.76 -32.87
CA MET I 412 -17.17 -8.89 -32.43
C MET I 412 -18.24 -9.24 -33.45
N ASN I 413 -18.73 -8.26 -34.21
CA ASN I 413 -19.75 -8.53 -35.22
C ASN I 413 -19.18 -9.06 -36.53
N ALA I 414 -17.85 -9.13 -36.66
CA ALA I 414 -17.21 -9.64 -37.86
C ALA I 414 -16.73 -11.08 -37.69
N LEU I 415 -17.30 -11.81 -36.72
CA LEU I 415 -16.92 -13.19 -36.46
C LEU I 415 -17.89 -14.20 -37.07
N GLN I 416 -19.18 -13.92 -37.04
CA GLN I 416 -20.17 -14.83 -37.61
C GLN I 416 -20.21 -14.77 -39.13
N LYS I 417 -19.70 -13.70 -39.73
CA LYS I 417 -19.67 -13.58 -41.18
C LYS I 417 -18.35 -14.02 -41.80
N TYR I 418 -17.35 -14.35 -40.98
CA TYR I 418 -16.06 -14.79 -41.51
C TYR I 418 -16.17 -16.25 -41.97
N PRO I 419 -15.69 -16.57 -43.17
CA PRO I 419 -15.80 -17.96 -43.65
C PRO I 419 -14.80 -18.87 -42.94
N ASN I 420 -15.28 -20.06 -42.59
CA ASN I 420 -14.47 -21.09 -41.94
C ASN I 420 -13.88 -20.59 -40.62
N CYS I 421 -14.66 -20.71 -39.55
CA CYS I 421 -14.20 -20.31 -38.21
C CYS I 421 -14.00 -21.55 -37.36
N PRO I 422 -12.80 -21.80 -36.85
CA PRO I 422 -12.58 -22.98 -36.00
C PRO I 422 -13.35 -22.87 -34.68
N THR I 423 -13.58 -24.02 -34.07
CA THR I 423 -14.30 -24.06 -32.81
C THR I 423 -13.40 -23.74 -31.62
N ASP I 424 -12.12 -24.10 -31.69
CA ASP I 424 -11.19 -23.84 -30.61
C ASP I 424 -10.59 -22.44 -30.66
N VAL I 425 -10.95 -21.63 -31.65
CA VAL I 425 -10.44 -20.27 -31.78
C VAL I 425 -11.52 -19.23 -31.49
N ARG I 426 -12.76 -19.49 -31.94
CA ARG I 426 -13.84 -18.54 -31.71
C ARG I 426 -14.18 -18.43 -30.23
N GLN I 427 -14.08 -19.53 -29.48
CA GLN I 427 -14.37 -19.48 -28.05
C GLN I 427 -13.33 -18.68 -27.29
N TRP I 428 -12.10 -18.64 -27.78
CA TRP I 428 -11.06 -17.85 -27.10
C TRP I 428 -11.25 -16.36 -27.33
N ALA I 429 -11.85 -15.97 -28.46
CA ALA I 429 -12.06 -14.56 -28.75
C ALA I 429 -13.22 -13.98 -27.96
N THR I 430 -14.27 -14.78 -27.73
CA THR I 430 -15.42 -14.27 -27.00
C THR I 430 -15.14 -14.18 -25.50
N SER I 431 -14.39 -15.13 -24.96
CA SER I 431 -14.06 -15.12 -23.54
C SER I 431 -12.96 -14.11 -23.24
N SER I 432 -12.81 -13.80 -21.95
CA SER I 432 -11.78 -12.86 -21.49
C SER I 432 -10.55 -13.56 -20.96
N LEU I 433 -10.18 -14.70 -21.57
CA LEU I 433 -9.01 -15.49 -21.17
C LEU I 433 -9.09 -15.89 -19.70
N SER I 434 -9.81 -16.98 -19.42
CA SER I 434 -9.97 -17.48 -18.07
C SER I 434 -9.21 -18.78 -17.82
N TRP I 435 -8.64 -19.38 -18.86
CA TRP I 435 -7.90 -20.63 -18.73
C TRP I 435 -6.47 -20.42 -19.21
N LEU I 436 -5.62 -21.41 -18.92
CA LEU I 436 -4.22 -21.36 -19.32
C LEU I 436 -3.99 -22.21 -20.58
N MET J 1 -8.53 -13.13 -72.24
CA MET J 1 -9.06 -14.45 -71.95
C MET J 1 -8.04 -15.40 -71.29
N PRO J 2 -6.82 -15.53 -71.83
CA PRO J 2 -5.84 -16.41 -71.19
C PRO J 2 -5.29 -15.85 -69.89
N HIS J 3 -5.31 -14.54 -69.70
CA HIS J 3 -4.79 -13.93 -68.48
C HIS J 3 -5.77 -12.94 -67.85
N LEU J 4 -6.99 -12.83 -68.35
CA LEU J 4 -7.98 -11.91 -67.78
C LEU J 4 -8.90 -12.62 -66.79
N GLU J 5 -9.30 -13.85 -67.08
CA GLU J 5 -10.19 -14.61 -66.20
C GLU J 5 -9.56 -15.89 -65.66
N ASN J 6 -8.63 -16.50 -66.38
CA ASN J 6 -8.00 -17.73 -65.92
C ASN J 6 -7.11 -17.52 -64.71
N VAL J 7 -6.68 -16.27 -64.45
CA VAL J 7 -5.83 -16.01 -63.30
C VAL J 7 -6.63 -16.09 -62.00
N VAL J 8 -7.82 -15.50 -61.99
CA VAL J 8 -8.70 -15.53 -60.82
C VAL J 8 -10.11 -15.85 -61.31
N LEU J 9 -10.64 -17.00 -60.89
CA LEU J 9 -11.98 -17.43 -61.27
C LEU J 9 -13.05 -16.87 -60.35
N CYS J 10 -12.84 -15.69 -59.78
CA CYS J 10 -13.82 -15.06 -58.89
C CYS J 10 -14.06 -13.60 -59.28
N ARG J 11 -14.07 -13.29 -60.58
CA ARG J 11 -14.28 -11.93 -61.07
C ARG J 11 -15.51 -11.83 -61.96
N GLU J 12 -16.47 -12.76 -61.80
CA GLU J 12 -17.67 -12.74 -62.62
C GLU J 12 -18.57 -11.55 -62.31
N SER J 13 -18.43 -10.95 -61.13
CA SER J 13 -19.22 -9.78 -60.75
C SER J 13 -18.46 -8.48 -60.93
N GLN J 14 -17.27 -8.51 -61.51
CA GLN J 14 -16.47 -7.30 -61.72
C GLN J 14 -16.22 -6.98 -63.18
N VAL J 15 -16.36 -7.94 -64.09
CA VAL J 15 -16.16 -7.67 -65.51
C VAL J 15 -17.28 -6.79 -66.04
N SER J 16 -18.52 -7.06 -65.63
CA SER J 16 -19.65 -6.26 -66.09
C SER J 16 -19.66 -4.86 -65.47
N ILE J 17 -18.84 -4.63 -64.45
CA ILE J 17 -18.81 -3.30 -63.82
C ILE J 17 -17.83 -2.39 -64.56
N LEU J 18 -16.64 -2.89 -64.88
CA LEU J 18 -15.66 -2.08 -65.57
C LEU J 18 -16.05 -1.84 -67.02
N GLN J 19 -16.64 -2.84 -67.67
CA GLN J 19 -17.06 -2.67 -69.05
C GLN J 19 -18.25 -1.72 -69.18
N SER J 20 -19.06 -1.62 -68.13
CA SER J 20 -20.18 -0.68 -68.17
C SER J 20 -19.73 0.76 -68.07
N LEU J 21 -18.62 1.00 -67.34
CA LEU J 21 -18.09 2.35 -67.23
C LEU J 21 -17.33 2.80 -68.48
N PHE J 22 -16.88 1.86 -69.31
CA PHE J 22 -16.14 2.21 -70.52
C PHE J 22 -17.10 2.64 -71.62
N GLY J 23 -17.94 1.72 -72.09
CA GLY J 23 -18.89 2.02 -73.15
C GLY J 23 -18.24 2.15 -74.51
N GLU J 24 -18.19 3.36 -75.03
CA GLU J 24 -17.60 3.65 -76.33
C GLU J 24 -16.44 4.62 -76.16
N ARG J 25 -16.00 5.22 -77.27
CA ARG J 25 -14.90 6.17 -77.22
C ARG J 25 -15.37 7.54 -76.77
N HIS J 26 -16.57 7.96 -77.21
CA HIS J 26 -17.11 9.26 -76.85
C HIS J 26 -17.84 9.25 -75.51
N HIS J 27 -17.77 8.16 -74.76
CA HIS J 27 -18.38 8.10 -73.44
C HIS J 27 -17.40 8.57 -72.37
N PHE J 28 -17.94 9.24 -71.35
CA PHE J 28 -17.14 9.80 -70.28
C PHE J 28 -17.31 8.95 -69.01
N SER J 29 -16.65 9.39 -67.95
CA SER J 29 -16.72 8.71 -66.65
C SER J 29 -16.23 9.68 -65.58
N PHE J 30 -16.04 9.17 -64.37
CA PHE J 30 -15.53 10.01 -63.29
C PHE J 30 -14.05 10.31 -63.50
N PRO J 31 -13.59 11.49 -63.10
CA PRO J 31 -12.17 11.84 -63.28
C PRO J 31 -11.23 11.06 -62.38
N SER J 32 -11.75 10.32 -61.40
CA SER J 32 -10.90 9.53 -60.51
C SER J 32 -11.67 8.31 -60.04
N ILE J 33 -11.05 7.14 -60.15
CA ILE J 33 -11.66 5.87 -59.71
C ILE J 33 -10.68 5.21 -58.75
N PHE J 34 -11.03 5.18 -57.48
CA PHE J 34 -10.19 4.58 -56.45
C PHE J 34 -10.57 3.12 -56.26
N ILE J 35 -9.62 2.23 -56.52
CA ILE J 35 -9.82 0.79 -56.37
C ILE J 35 -8.67 0.24 -55.54
N TYR J 36 -8.96 -0.18 -54.33
CA TYR J 36 -7.96 -0.73 -53.42
C TYR J 36 -8.18 -2.23 -53.25
N GLY J 37 -7.09 -2.98 -53.19
CA GLY J 37 -7.16 -4.42 -53.04
C GLY J 37 -6.24 -4.97 -51.98
N HIS J 38 -5.76 -6.19 -52.18
CA HIS J 38 -4.86 -6.83 -51.23
C HIS J 38 -3.63 -7.38 -51.97
N THR J 39 -2.56 -7.57 -51.21
CA THR J 39 -1.29 -8.14 -51.67
C THR J 39 -0.61 -7.27 -52.73
N ALA J 40 -1.30 -6.25 -53.24
CA ALA J 40 -0.75 -5.33 -54.24
C ALA J 40 -0.20 -6.08 -55.45
N SER J 41 -0.95 -7.09 -55.90
CA SER J 41 -0.53 -7.89 -57.05
C SER J 41 -1.75 -8.47 -57.78
N GLY J 42 -2.84 -8.66 -57.05
CA GLY J 42 -4.04 -9.21 -57.68
C GLY J 42 -4.72 -8.21 -58.59
N LYS J 43 -4.81 -6.96 -58.15
CA LYS J 43 -5.45 -5.93 -58.96
C LYS J 43 -4.51 -5.35 -60.01
N THR J 44 -3.20 -5.61 -59.90
CA THR J 44 -2.23 -5.10 -60.86
C THR J 44 -2.10 -6.01 -62.07
N TYR J 45 -2.10 -7.32 -61.86
CA TYR J 45 -1.98 -8.26 -62.98
C TYR J 45 -3.21 -8.23 -63.87
N VAL J 46 -4.39 -8.00 -63.30
CA VAL J 46 -5.61 -7.95 -64.09
C VAL J 46 -5.70 -6.64 -64.88
N THR J 47 -5.02 -5.59 -64.43
CA THR J 47 -5.06 -4.32 -65.15
C THR J 47 -4.23 -4.36 -66.42
N GLN J 48 -3.06 -5.02 -66.37
CA GLN J 48 -2.19 -5.10 -67.53
C GLN J 48 -2.79 -5.95 -68.65
N THR J 49 -3.73 -6.83 -68.33
CA THR J 49 -4.37 -7.70 -69.31
C THR J 49 -5.66 -7.13 -69.88
N LEU J 50 -6.50 -6.52 -69.02
CA LEU J 50 -7.77 -5.97 -69.48
C LEU J 50 -7.56 -4.77 -70.39
N LEU J 51 -6.51 -3.97 -70.14
CA LEU J 51 -6.26 -2.81 -70.98
C LEU J 51 -5.57 -3.17 -72.28
N LYS J 52 -4.77 -4.23 -72.29
CA LYS J 52 -4.10 -4.68 -73.51
C LYS J 52 -4.99 -5.51 -74.41
N THR J 53 -6.23 -5.76 -74.03
CA THR J 53 -7.17 -6.56 -74.82
C THR J 53 -8.06 -5.71 -75.71
N LEU J 54 -8.69 -4.67 -75.14
CA LEU J 54 -9.58 -3.82 -75.90
C LEU J 54 -8.85 -2.76 -76.71
N GLU J 55 -7.53 -2.66 -76.58
CA GLU J 55 -6.73 -1.68 -77.31
C GLU J 55 -7.21 -0.27 -77.05
N LEU J 56 -6.92 0.28 -75.87
CA LEU J 56 -7.33 1.62 -75.49
C LEU J 56 -6.12 2.45 -75.08
N PRO J 57 -6.17 3.76 -75.32
CA PRO J 57 -5.03 4.63 -74.92
C PRO J 57 -4.90 4.70 -73.41
N HIS J 58 -3.77 4.23 -72.90
CA HIS J 58 -3.53 4.20 -71.46
C HIS J 58 -2.03 4.17 -71.22
N VAL J 59 -1.63 4.71 -70.07
CA VAL J 59 -0.24 4.75 -69.64
C VAL J 59 -0.13 4.16 -68.24
N PHE J 60 1.11 4.00 -67.78
CA PHE J 60 1.39 3.46 -66.45
C PHE J 60 2.55 4.23 -65.86
N VAL J 61 2.30 4.94 -64.76
CA VAL J 61 3.32 5.69 -64.05
C VAL J 61 3.30 5.28 -62.59
N ASN J 62 4.38 5.60 -61.89
CA ASN J 62 4.54 5.25 -60.48
C ASN J 62 5.00 6.47 -59.70
N CYS J 63 4.51 6.59 -58.46
CA CYS J 63 4.85 7.70 -57.59
C CYS J 63 5.99 7.37 -56.63
N VAL J 64 6.45 6.12 -56.60
CA VAL J 64 7.54 5.74 -55.72
C VAL J 64 8.90 5.94 -56.38
N GLU J 65 8.96 5.82 -57.71
CA GLU J 65 10.24 5.98 -58.41
C GLU J 65 10.74 7.41 -58.35
N CYS J 66 9.84 8.39 -58.24
CA CYS J 66 10.20 9.79 -58.19
C CYS J 66 9.64 10.43 -56.92
N PHE J 67 10.50 11.14 -56.19
CA PHE J 67 10.11 11.79 -54.95
C PHE J 67 9.80 13.26 -55.12
N THR J 68 9.82 13.77 -56.35
CA THR J 68 9.52 15.17 -56.63
C THR J 68 8.34 15.27 -57.60
N LEU J 69 7.61 16.38 -57.50
CA LEU J 69 6.47 16.60 -58.39
C LEU J 69 6.89 16.98 -59.80
N ARG J 70 8.15 17.38 -60.00
CA ARG J 70 8.62 17.76 -61.32
C ARG J 70 8.82 16.53 -62.20
N LEU J 71 9.28 15.42 -61.62
CA LEU J 71 9.52 14.20 -62.39
C LEU J 71 8.26 13.38 -62.58
N LEU J 72 7.26 13.53 -61.70
CA LEU J 72 6.03 12.77 -61.85
C LEU J 72 5.22 13.27 -63.04
N LEU J 73 5.13 14.59 -63.21
CA LEU J 73 4.41 15.17 -64.33
C LEU J 73 5.19 15.10 -65.64
N GLU J 74 6.47 14.73 -65.59
CA GLU J 74 7.26 14.64 -66.82
C GLU J 74 7.13 13.27 -67.46
N GLN J 75 7.10 12.20 -66.65
CA GLN J 75 6.97 10.85 -67.19
C GLN J 75 5.61 10.59 -67.82
N ILE J 76 4.59 11.37 -67.46
CA ILE J 76 3.27 11.19 -68.07
C ILE J 76 3.29 11.64 -69.52
N LEU J 77 3.94 12.77 -69.80
CA LEU J 77 4.01 13.26 -71.18
C LEU J 77 5.00 12.47 -72.02
N ASN J 78 6.00 11.86 -71.39
CA ASN J 78 6.97 11.07 -72.14
C ASN J 78 6.33 9.83 -72.75
N LYS J 79 5.33 9.27 -72.08
CA LYS J 79 4.60 8.10 -72.59
C LYS J 79 3.32 8.48 -73.30
N LEU J 80 3.12 9.77 -73.61
CA LEU J 80 1.91 10.25 -74.27
C LEU J 80 2.15 10.73 -75.69
N ASN J 81 3.30 11.37 -75.96
CA ASN J 81 3.58 11.85 -77.29
C ASN J 81 3.80 10.72 -78.29
N HIS J 82 4.18 9.52 -77.81
CA HIS J 82 4.37 8.40 -78.72
C HIS J 82 3.05 7.86 -79.26
N LEU J 83 1.94 8.05 -78.54
CA LEU J 83 0.63 7.60 -78.98
C LEU J 83 -0.37 8.73 -79.10
N SER J 84 0.08 9.98 -79.14
CA SER J 84 -0.84 11.10 -79.25
C SER J 84 -1.42 11.22 -80.65
N SER J 85 -0.64 10.90 -81.67
CA SER J 85 -1.10 10.97 -83.06
C SER J 85 -0.73 9.66 -83.74
N SER J 86 -0.98 9.59 -85.05
CA SER J 86 -0.67 8.38 -85.80
C SER J 86 0.82 8.22 -86.05
N GLU J 87 1.59 9.30 -85.96
CA GLU J 87 3.03 9.26 -86.16
C GLU J 87 3.73 9.87 -84.94
N ASP J 88 5.03 9.66 -84.86
CA ASP J 88 5.81 10.19 -83.76
C ASP J 88 6.04 11.68 -83.93
N GLY J 89 6.26 12.37 -82.81
CA GLY J 89 6.50 13.80 -82.82
C GLY J 89 7.96 14.16 -82.88
N CYS J 90 8.72 13.45 -83.71
CA CYS J 90 10.16 13.67 -83.90
C CYS J 90 10.96 13.50 -82.62
N SER J 91 10.39 12.80 -81.64
CA SER J 91 11.06 12.54 -80.35
C SER J 91 11.50 13.84 -79.68
N THR J 92 10.51 14.66 -79.35
CA THR J 92 10.76 15.93 -78.68
C THR J 92 10.42 15.83 -77.20
N GLU J 93 11.24 16.49 -76.38
CA GLU J 93 11.08 16.49 -74.93
C GLU J 93 10.27 17.70 -74.49
N ILE J 94 9.80 17.65 -73.24
CA ILE J 94 9.00 18.72 -72.64
C ILE J 94 9.74 19.22 -71.41
N THR J 95 9.92 20.54 -71.33
CA THR J 95 10.59 21.18 -70.21
C THR J 95 9.56 21.96 -69.41
N CYS J 96 9.18 21.43 -68.25
CA CYS J 96 8.19 22.06 -67.39
C CYS J 96 8.42 21.63 -65.96
N GLU J 97 7.92 22.43 -65.03
CA GLU J 97 8.05 22.14 -63.60
C GLU J 97 6.90 22.75 -62.81
N THR J 98 6.24 23.75 -63.39
CA THR J 98 5.12 24.40 -62.74
C THR J 98 3.88 23.50 -62.80
N PHE J 99 3.21 23.34 -61.66
CA PHE J 99 2.01 22.51 -61.61
C PHE J 99 0.85 23.15 -62.35
N ASN J 100 0.84 24.49 -62.45
CA ASN J 100 -0.24 25.16 -63.16
C ASN J 100 -0.13 24.97 -64.68
N ASP J 101 1.08 24.80 -65.18
CA ASP J 101 1.31 24.60 -66.60
C ASP J 101 1.05 23.16 -67.05
N PHE J 102 0.75 22.25 -66.12
CA PHE J 102 0.47 20.87 -66.49
C PHE J 102 -0.87 20.74 -67.20
N VAL J 103 -1.88 21.48 -66.74
CA VAL J 103 -3.19 21.43 -67.38
C VAL J 103 -3.22 22.23 -68.67
N ARG J 104 -2.22 23.10 -68.90
CA ARG J 104 -2.17 23.88 -70.12
C ARG J 104 -1.52 23.09 -71.26
N LEU J 105 -0.39 22.43 -70.96
CA LEU J 105 0.30 21.65 -71.98
C LEU J 105 -0.42 20.34 -72.31
N PHE J 106 -1.23 19.82 -71.39
CA PHE J 106 -1.95 18.58 -71.65
C PHE J 106 -3.07 18.78 -72.65
N LYS J 107 -3.65 19.98 -72.70
CA LYS J 107 -4.73 20.25 -73.66
C LYS J 107 -4.20 20.34 -75.08
N GLN J 108 -2.97 20.83 -75.26
CA GLN J 108 -2.40 20.94 -76.60
C GLN J 108 -2.06 19.56 -77.17
N VAL J 109 -1.67 18.62 -76.31
CA VAL J 109 -1.36 17.28 -76.78
C VAL J 109 -2.65 16.54 -77.14
N THR J 110 -3.68 16.67 -76.33
CA THR J 110 -4.98 16.03 -76.58
C THR J 110 -5.83 16.90 -77.49
N THR J 111 -5.30 17.15 -78.69
CA THR J 111 -5.97 17.98 -79.68
C THR J 111 -6.06 17.24 -81.01
N ALA J 112 -5.20 16.26 -81.21
CA ALA J 112 -5.21 15.48 -82.43
C ALA J 112 -6.46 14.61 -82.49
N GLU J 113 -6.67 13.98 -83.66
CA GLU J 113 -7.86 13.16 -83.86
C GLU J 113 -7.83 11.87 -83.05
N ASN J 114 -6.66 11.46 -82.58
CA ASN J 114 -6.56 10.22 -81.79
C ASN J 114 -7.03 10.42 -80.35
N LEU J 115 -6.82 11.62 -79.79
CA LEU J 115 -7.23 11.89 -78.42
C LEU J 115 -8.16 13.09 -78.36
N LYS J 116 -9.06 13.21 -79.35
CA LYS J 116 -10.04 14.30 -79.38
C LYS J 116 -11.31 13.95 -78.61
N ASP J 117 -11.99 12.87 -79.00
CA ASP J 117 -13.20 12.42 -78.34
C ASP J 117 -13.05 10.98 -77.89
N GLN J 118 -11.90 10.68 -77.26
CA GLN J 118 -11.61 9.34 -76.77
C GLN J 118 -11.32 9.39 -75.28
N THR J 119 -11.50 8.25 -74.62
CA THR J 119 -11.29 8.13 -73.19
C THR J 119 -9.83 7.82 -72.91
N VAL J 120 -9.20 8.65 -72.09
CA VAL J 120 -7.79 8.48 -71.70
C VAL J 120 -7.75 7.95 -70.28
N TYR J 121 -7.00 6.88 -70.07
CA TYR J 121 -6.88 6.24 -68.77
C TYR J 121 -5.51 6.54 -68.17
N ILE J 122 -5.51 6.96 -66.91
CA ILE J 122 -4.28 7.28 -66.18
C ILE J 122 -4.23 6.36 -64.97
N VAL J 123 -3.39 5.33 -65.05
CA VAL J 123 -3.25 4.36 -63.97
C VAL J 123 -2.09 4.79 -63.07
N LEU J 124 -2.40 5.12 -61.83
CA LEU J 124 -1.40 5.54 -60.84
C LEU J 124 -1.02 4.33 -60.00
N ASP J 125 0.10 3.70 -60.33
CA ASP J 125 0.57 2.54 -59.59
C ASP J 125 1.13 2.97 -58.24
N LYS J 126 0.76 2.22 -57.20
CA LYS J 126 1.21 2.47 -55.82
C LYS J 126 0.85 3.91 -55.39
N ALA J 127 -0.44 4.11 -55.18
CA ALA J 127 -0.98 5.41 -54.79
C ALA J 127 -1.13 5.56 -53.28
N GLU J 128 -0.12 5.14 -52.51
CA GLU J 128 -0.15 5.25 -51.06
C GLU J 128 1.03 6.04 -50.51
N TYR J 129 1.81 6.69 -51.37
CA TYR J 129 2.95 7.51 -50.94
C TYR J 129 2.79 8.96 -51.36
N LEU J 130 1.58 9.38 -51.70
CA LEU J 130 1.34 10.77 -52.11
C LEU J 130 1.22 11.73 -50.93
N ARG J 131 1.00 11.22 -49.72
CA ARG J 131 0.87 12.07 -48.55
C ARG J 131 2.22 12.53 -48.01
N ASP J 132 3.32 11.98 -48.50
CA ASP J 132 4.64 12.39 -48.01
C ASP J 132 5.05 13.75 -48.57
N MET J 133 4.63 14.08 -49.80
CA MET J 133 4.99 15.35 -50.42
C MET J 133 4.11 16.47 -49.86
N GLU J 134 3.33 17.10 -50.73
CA GLU J 134 2.46 18.21 -50.34
C GLU J 134 1.01 17.74 -50.30
N ALA J 135 0.18 18.50 -49.59
CA ALA J 135 -1.23 18.22 -49.46
C ALA J 135 -2.07 18.91 -50.53
N ASN J 136 -1.47 19.28 -51.66
CA ASN J 136 -2.18 19.95 -52.73
C ASN J 136 -2.32 19.10 -53.99
N LEU J 137 -1.51 18.06 -54.15
CA LEU J 137 -1.60 17.21 -55.33
C LEU J 137 -2.70 16.16 -55.23
N LEU J 138 -3.33 16.01 -54.05
CA LEU J 138 -4.41 15.04 -53.94
C LEU J 138 -5.68 15.50 -54.63
N PRO J 139 -6.21 16.71 -54.38
CA PRO J 139 -7.44 17.12 -55.09
C PRO J 139 -7.21 17.56 -56.53
N GLY J 140 -5.99 17.47 -57.04
CA GLY J 140 -5.74 17.86 -58.42
C GLY J 140 -6.36 16.89 -59.41
N PHE J 141 -6.32 15.59 -59.10
CA PHE J 141 -6.92 14.59 -59.98
C PHE J 141 -8.42 14.45 -59.78
N LEU J 142 -8.94 14.86 -58.61
CA LEU J 142 -10.37 14.78 -58.36
C LEU J 142 -11.16 15.82 -59.15
N ARG J 143 -10.54 16.97 -59.46
CA ARG J 143 -11.18 18.03 -60.21
C ARG J 143 -10.51 18.27 -61.56
N LEU J 144 -9.90 17.23 -62.12
CA LEU J 144 -9.25 17.37 -63.42
C LEU J 144 -10.26 17.45 -64.55
N GLN J 145 -11.46 16.88 -64.35
CA GLN J 145 -12.49 16.94 -65.37
C GLN J 145 -12.99 18.37 -65.60
N GLU J 146 -12.99 19.19 -64.54
CA GLU J 146 -13.46 20.56 -64.68
C GLU J 146 -12.38 21.48 -65.25
N LEU J 147 -11.11 21.23 -64.89
CA LEU J 147 -10.03 22.09 -65.35
C LEU J 147 -9.60 21.73 -66.77
N ALA J 148 -9.21 20.48 -66.99
CA ALA J 148 -8.72 20.07 -68.30
C ALA J 148 -9.86 19.96 -69.31
N ASP J 149 -11.06 19.63 -68.85
CA ASP J 149 -12.24 19.48 -69.72
C ASP J 149 -11.98 18.45 -70.82
N ARG J 150 -11.36 17.33 -70.44
CA ARG J 150 -11.05 16.25 -71.35
C ARG J 150 -11.49 14.92 -70.74
N ASN J 151 -11.72 13.94 -71.62
CA ASN J 151 -12.15 12.61 -71.19
C ASN J 151 -10.94 11.87 -70.62
N VAL J 152 -10.63 12.18 -69.36
CA VAL J 152 -9.50 11.59 -68.65
C VAL J 152 -10.04 10.90 -67.40
N THR J 153 -9.74 9.61 -67.27
CA THR J 153 -10.16 8.81 -66.12
C THR J 153 -8.91 8.33 -65.41
N VAL J 154 -8.69 8.84 -64.19
CA VAL J 154 -7.52 8.49 -63.40
C VAL J 154 -7.84 7.26 -62.56
N LEU J 155 -7.02 6.21 -62.70
CA LEU J 155 -7.19 4.98 -61.96
C LEU J 155 -6.21 4.94 -60.79
N PHE J 156 -6.62 4.24 -59.72
CA PHE J 156 -5.80 4.09 -58.52
C PHE J 156 -5.68 2.62 -58.17
N LEU J 157 -4.45 2.19 -57.89
CA LEU J 157 -4.14 0.81 -57.51
C LEU J 157 -3.24 0.86 -56.26
N SER J 158 -3.84 1.24 -55.14
CA SER J 158 -3.12 1.37 -53.88
C SER J 158 -3.62 0.33 -52.88
N GLU J 159 -2.79 0.10 -51.86
CA GLU J 159 -3.14 -0.85 -50.81
C GLU J 159 -3.92 -0.21 -49.68
N ILE J 160 -3.69 1.07 -49.40
CA ILE J 160 -4.37 1.77 -48.33
C ILE J 160 -5.82 2.01 -48.70
N VAL J 161 -6.69 2.02 -47.69
CA VAL J 161 -8.12 2.24 -47.90
C VAL J 161 -8.35 3.71 -48.25
N TRP J 162 -9.57 4.04 -48.69
CA TRP J 162 -9.85 5.39 -49.17
C TRP J 162 -9.90 6.40 -48.03
N GLU J 163 -10.46 6.00 -46.89
CA GLU J 163 -10.65 6.95 -45.78
C GLU J 163 -9.35 7.16 -45.00
N LYS J 164 -8.25 7.41 -45.71
CA LYS J 164 -6.97 7.71 -45.08
C LYS J 164 -6.22 8.86 -45.71
N PHE J 165 -6.63 9.37 -46.87
CA PHE J 165 -5.98 10.49 -47.53
C PHE J 165 -6.92 11.68 -47.63
N ARG J 166 -7.71 11.92 -46.58
CA ARG J 166 -8.64 13.03 -46.57
C ARG J 166 -7.88 14.33 -46.33
N PRO J 167 -7.98 15.33 -47.22
CA PRO J 167 -7.27 16.58 -47.01
C PRO J 167 -7.89 17.44 -45.91
N ASN J 168 -7.35 18.64 -45.71
CA ASN J 168 -7.85 19.52 -44.67
C ASN J 168 -9.13 20.25 -45.10
N THR J 169 -9.23 20.62 -46.37
CA THR J 169 -10.37 21.36 -46.89
C THR J 169 -11.32 20.48 -47.69
N GLY J 170 -11.14 19.16 -47.66
CA GLY J 170 -12.00 18.25 -48.38
C GLY J 170 -11.68 18.20 -49.87
N CYS J 171 -12.29 17.22 -50.54
CA CYS J 171 -12.10 17.02 -51.97
C CYS J 171 -13.33 16.35 -52.53
N PHE J 172 -13.27 15.97 -53.81
CA PHE J 172 -14.39 15.31 -54.47
C PHE J 172 -14.53 13.88 -53.98
N GLU J 173 -15.76 13.43 -53.82
CA GLU J 173 -16.04 12.06 -53.39
C GLU J 173 -16.38 11.21 -54.59
N PRO J 174 -15.47 10.33 -55.05
CA PRO J 174 -15.77 9.51 -56.22
C PRO J 174 -16.42 8.19 -55.87
N PHE J 175 -16.12 7.14 -56.64
CA PHE J 175 -16.67 5.82 -56.42
C PHE J 175 -15.56 4.91 -55.89
N VAL J 176 -15.83 4.27 -54.76
CA VAL J 176 -14.88 3.36 -54.12
C VAL J 176 -15.30 1.93 -54.46
N LEU J 177 -14.47 1.26 -55.27
CA LEU J 177 -14.74 -0.11 -55.69
C LEU J 177 -13.85 -1.06 -54.90
N TYR J 178 -14.44 -2.14 -54.40
CA TYR J 178 -13.72 -3.14 -53.60
C TYR J 178 -13.86 -4.49 -54.29
N PHE J 179 -12.74 -5.06 -54.71
CA PHE J 179 -12.76 -6.37 -55.34
C PHE J 179 -13.00 -7.46 -54.29
N PRO J 180 -13.72 -8.51 -54.65
CA PRO J 180 -13.96 -9.60 -53.70
C PRO J 180 -12.67 -10.30 -53.31
N ASP J 181 -12.66 -10.85 -52.09
CA ASP J 181 -11.48 -11.54 -51.59
C ASP J 181 -11.33 -12.89 -52.29
N TYR J 182 -10.15 -13.50 -52.08
CA TYR J 182 -9.85 -14.80 -52.67
C TYR J 182 -10.68 -15.87 -51.97
N SER J 183 -11.66 -16.42 -52.67
CA SER J 183 -12.50 -17.47 -52.08
C SER J 183 -11.73 -18.77 -51.96
N ILE J 184 -12.15 -19.61 -51.02
CA ILE J 184 -11.50 -20.89 -50.81
C ILE J 184 -11.85 -21.87 -51.93
N GLY J 185 -13.09 -21.77 -52.44
CA GLY J 185 -13.52 -22.67 -53.51
C GLY J 185 -12.98 -22.30 -54.88
N ASN J 186 -12.54 -21.05 -55.06
CA ASN J 186 -12.01 -20.60 -56.34
C ASN J 186 -10.49 -20.56 -56.38
N LEU J 187 -9.83 -20.50 -55.21
CA LEU J 187 -8.37 -20.48 -55.21
C LEU J 187 -7.79 -21.84 -55.55
N GLN J 188 -8.54 -22.91 -55.32
CA GLN J 188 -8.05 -24.25 -55.63
C GLN J 188 -8.00 -24.49 -57.13
N LYS J 189 -8.89 -23.87 -57.90
CA LYS J 189 -8.94 -24.10 -59.33
C LYS J 189 -7.91 -23.26 -60.09
N ILE J 190 -7.55 -22.08 -59.56
CA ILE J 190 -6.62 -21.22 -60.26
C ILE J 190 -5.18 -21.69 -60.06
N LEU J 191 -4.90 -22.41 -58.96
CA LEU J 191 -3.56 -22.91 -58.71
C LEU J 191 -3.27 -24.20 -59.46
N SER J 192 -4.27 -24.82 -60.08
CA SER J 192 -4.09 -26.05 -60.84
C SER J 192 -4.28 -25.85 -62.34
N HIS J 193 -4.57 -24.63 -62.78
CA HIS J 193 -4.75 -24.38 -64.20
C HIS J 193 -3.42 -24.38 -64.95
N ASP J 194 -2.36 -23.89 -64.32
CA ASP J 194 -1.04 -23.85 -64.94
C ASP J 194 -0.34 -25.20 -64.73
N HIS J 195 -0.87 -26.22 -65.41
CA HIS J 195 -0.32 -27.57 -65.31
C HIS J 195 0.74 -27.78 -66.37
N PRO J 196 1.87 -28.41 -66.03
CA PRO J 196 2.92 -28.65 -67.02
C PRO J 196 2.50 -29.73 -67.99
N PRO J 197 3.08 -29.76 -69.20
CA PRO J 197 2.71 -30.81 -70.16
C PRO J 197 3.21 -32.19 -69.79
N GLU J 198 4.01 -32.33 -68.73
CA GLU J 198 4.49 -33.64 -68.31
C GLU J 198 3.42 -34.47 -67.63
N TYR J 199 2.38 -33.84 -67.08
CA TYR J 199 1.32 -34.56 -66.39
C TYR J 199 -0.02 -34.37 -67.09
N SER J 200 -1.12 -34.47 -66.34
CA SER J 200 -2.44 -34.32 -66.91
C SER J 200 -3.27 -33.32 -66.11
N ALA J 201 -4.57 -33.58 -65.99
CA ALA J 201 -5.48 -32.71 -65.26
C ALA J 201 -5.83 -33.27 -63.89
N ASP J 202 -6.35 -34.50 -63.83
CA ASP J 202 -6.72 -35.09 -62.54
C ASP J 202 -5.49 -35.52 -61.76
N PHE J 203 -4.45 -35.98 -62.44
CA PHE J 203 -3.23 -36.42 -61.76
C PHE J 203 -2.44 -35.26 -61.16
N TYR J 204 -2.52 -34.07 -61.76
CA TYR J 204 -1.80 -32.91 -61.26
C TYR J 204 -2.58 -32.15 -60.20
N ALA J 205 -3.91 -32.11 -60.31
CA ALA J 205 -4.71 -31.38 -59.34
C ALA J 205 -4.75 -32.07 -57.98
N ALA J 206 -4.39 -33.35 -57.91
CA ALA J 206 -4.42 -34.06 -56.63
C ALA J 206 -3.25 -33.64 -55.74
N TYR J 207 -2.15 -33.17 -56.32
CA TYR J 207 -1.00 -32.73 -55.54
C TYR J 207 -1.16 -31.32 -55.00
N ILE J 208 -2.21 -30.59 -55.42
CA ILE J 208 -2.45 -29.24 -54.92
C ILE J 208 -3.37 -29.27 -53.70
N ASN J 209 -4.38 -30.15 -53.70
CA ASN J 209 -5.31 -30.21 -52.59
C ASN J 209 -4.62 -30.66 -51.30
N ILE J 210 -3.58 -31.48 -51.41
CA ILE J 210 -2.87 -31.95 -50.23
C ILE J 210 -2.01 -30.88 -49.60
N LEU J 211 -1.72 -29.79 -50.33
CA LEU J 211 -0.91 -28.70 -49.80
C LEU J 211 -1.73 -27.48 -49.42
N LEU J 212 -3.00 -27.39 -49.85
CA LEU J 212 -3.82 -26.24 -49.52
C LEU J 212 -4.33 -26.29 -48.09
N GLY J 213 -4.69 -27.47 -47.59
CA GLY J 213 -5.20 -27.59 -46.24
C GLY J 213 -4.17 -27.33 -45.17
N VAL J 214 -2.88 -27.47 -45.48
CA VAL J 214 -1.82 -27.22 -44.52
C VAL J 214 -1.21 -25.83 -44.65
N PHE J 215 -1.48 -25.12 -45.74
CA PHE J 215 -0.95 -23.78 -45.95
C PHE J 215 -2.03 -22.70 -45.93
N TYR J 216 -3.28 -23.07 -45.65
CA TYR J 216 -4.34 -22.06 -45.58
C TYR J 216 -4.27 -21.25 -44.29
N THR J 217 -3.84 -21.88 -43.20
CA THR J 217 -3.72 -21.19 -41.92
C THR J 217 -2.49 -20.31 -41.82
N VAL J 218 -1.51 -20.48 -42.70
CA VAL J 218 -0.27 -19.72 -42.63
C VAL J 218 -0.06 -18.81 -43.83
N CYS J 219 -0.82 -18.99 -44.91
CA CYS J 219 -0.69 -18.14 -46.09
C CYS J 219 -2.07 -17.93 -46.71
N ARG J 220 -2.20 -16.85 -47.48
CA ARG J 220 -3.46 -16.52 -48.11
C ARG J 220 -3.34 -16.04 -49.55
N ASP J 221 -2.24 -15.41 -49.96
CA ASP J 221 -2.11 -14.94 -51.33
C ASP J 221 -1.90 -16.12 -52.28
N LEU J 222 -2.39 -15.96 -53.51
CA LEU J 222 -2.23 -17.00 -54.52
C LEU J 222 -0.87 -16.95 -55.20
N LYS J 223 -0.18 -15.81 -55.15
CA LYS J 223 1.14 -15.71 -55.76
C LYS J 223 2.20 -16.46 -54.97
N GLU J 224 2.00 -16.64 -53.66
CA GLU J 224 3.00 -17.35 -52.86
C GLU J 224 2.98 -18.85 -53.15
N LEU J 225 1.78 -19.44 -53.29
CA LEU J 225 1.68 -20.85 -53.60
C LEU J 225 2.06 -21.16 -55.04
N ARG J 226 2.07 -20.14 -55.91
CA ARG J 226 2.44 -20.37 -57.31
C ARG J 226 3.94 -20.63 -57.45
N HIS J 227 4.76 -19.90 -56.71
CA HIS J 227 6.20 -20.05 -56.76
C HIS J 227 6.72 -21.09 -55.77
N LEU J 228 5.88 -21.57 -54.84
CA LEU J 228 6.31 -22.55 -53.87
C LEU J 228 6.02 -23.98 -54.32
N ALA J 229 4.90 -24.20 -55.03
CA ALA J 229 4.56 -25.53 -55.49
C ALA J 229 5.53 -26.02 -56.56
N VAL J 230 6.15 -25.11 -57.31
CA VAL J 230 7.11 -25.52 -58.33
C VAL J 230 8.39 -26.02 -57.69
N LEU J 231 8.80 -25.40 -56.58
CA LEU J 231 10.03 -25.82 -55.90
C LEU J 231 9.88 -27.17 -55.20
N ASN J 232 8.65 -27.58 -54.89
CA ASN J 232 8.42 -28.86 -54.24
C ASN J 232 8.32 -30.03 -55.23
N PHE J 233 8.30 -29.75 -56.52
CA PHE J 233 8.21 -30.80 -57.54
C PHE J 233 9.47 -31.67 -57.59
N PRO J 234 10.67 -31.09 -57.59
CA PRO J 234 11.87 -31.95 -57.61
C PRO J 234 12.02 -32.80 -56.36
N LYS J 235 11.40 -32.42 -55.24
CA LYS J 235 11.50 -33.18 -54.00
C LYS J 235 10.21 -33.94 -53.69
N TYR J 236 9.44 -34.29 -54.72
CA TYR J 236 8.19 -35.03 -54.52
C TYR J 236 8.02 -36.08 -55.61
N CYS J 237 8.56 -35.80 -56.80
CA CYS J 237 8.46 -36.72 -57.94
C CYS J 237 9.57 -37.76 -57.94
N GLU J 238 10.08 -38.15 -56.77
CA GLU J 238 11.13 -39.16 -56.72
C GLU J 238 10.60 -40.57 -56.99
N PRO J 239 9.51 -41.02 -56.36
CA PRO J 239 9.01 -42.37 -56.69
C PRO J 239 8.46 -42.49 -58.09
N VAL J 240 8.12 -41.38 -58.75
CA VAL J 240 7.59 -41.45 -60.10
C VAL J 240 8.69 -41.77 -61.11
N VAL J 241 9.86 -41.14 -60.94
CA VAL J 241 10.96 -41.38 -61.87
C VAL J 241 11.56 -42.77 -61.65
N LYS J 242 11.66 -43.21 -60.39
CA LYS J 242 12.22 -44.53 -60.11
C LYS J 242 11.30 -45.65 -60.57
N GLY J 243 9.99 -45.42 -60.56
CA GLY J 243 9.03 -46.40 -61.01
C GLY J 243 8.42 -47.26 -59.92
N GLU J 244 8.70 -46.96 -58.65
CA GLU J 244 8.14 -47.73 -57.54
C GLU J 244 6.69 -47.38 -57.24
N ALA J 245 6.17 -46.29 -57.82
CA ALA J 245 4.80 -45.87 -57.60
C ALA J 245 4.14 -45.65 -58.96
N SER J 246 3.02 -46.33 -59.19
CA SER J 246 2.29 -46.20 -60.44
C SER J 246 1.37 -44.99 -60.39
N GLU J 247 0.60 -44.78 -61.45
CA GLU J 247 -0.32 -43.66 -61.50
C GLU J 247 -1.54 -43.92 -60.64
N ARG J 248 -2.25 -42.84 -60.31
CA ARG J 248 -3.45 -42.89 -59.47
C ARG J 248 -3.14 -43.54 -58.13
N ASP J 249 -2.49 -42.80 -57.23
CA ASP J 249 -2.13 -43.32 -55.92
C ASP J 249 -1.86 -42.17 -54.95
N THR J 250 -2.93 -41.53 -54.47
CA THR J 250 -2.80 -40.40 -53.56
C THR J 250 -2.89 -40.80 -52.09
N ARG J 251 -2.98 -42.09 -51.80
CA ARG J 251 -3.07 -42.58 -50.43
C ARG J 251 -1.79 -43.24 -49.94
N LYS J 252 -0.76 -43.31 -50.79
CA LYS J 252 0.52 -43.91 -50.43
C LYS J 252 1.70 -42.97 -50.58
N LEU J 253 1.51 -41.79 -51.16
CA LEU J 253 2.59 -40.84 -51.34
C LEU J 253 2.72 -39.85 -50.20
N TRP J 254 1.75 -39.81 -49.28
CA TRP J 254 1.80 -38.89 -48.16
C TRP J 254 2.64 -39.42 -47.00
N ARG J 255 2.92 -40.73 -46.98
CA ARG J 255 3.70 -41.30 -45.89
C ARG J 255 5.18 -40.99 -46.05
N ASN J 256 5.70 -41.15 -47.27
CA ASN J 256 7.12 -40.90 -47.51
C ASN J 256 7.44 -39.41 -47.57
N ILE J 257 6.46 -38.57 -47.93
CA ILE J 257 6.69 -37.13 -48.00
C ILE J 257 6.45 -36.43 -46.67
N GLU J 258 5.88 -37.12 -45.69
CA GLU J 258 5.63 -36.49 -44.39
C GLU J 258 6.91 -36.07 -43.68
N PRO J 259 7.97 -36.90 -43.59
CA PRO J 259 9.21 -36.41 -42.97
C PRO J 259 9.91 -35.35 -43.79
N HIS J 260 9.62 -35.24 -45.08
CA HIS J 260 10.25 -34.25 -45.94
C HIS J 260 9.58 -32.88 -45.90
N LEU J 261 8.46 -32.76 -45.19
CA LEU J 261 7.75 -31.49 -45.07
C LEU J 261 7.79 -30.90 -43.68
N LYS J 262 8.26 -31.65 -42.67
CA LYS J 262 8.32 -31.11 -41.32
C LYS J 262 9.42 -30.07 -41.17
N LYS J 263 10.46 -30.15 -42.00
CA LYS J 263 11.56 -29.20 -41.96
C LYS J 263 11.47 -28.17 -43.09
N ALA J 264 10.27 -27.86 -43.55
CA ALA J 264 10.09 -26.89 -44.63
C ALA J 264 8.82 -26.07 -44.52
N MET J 265 7.83 -26.49 -43.73
CA MET J 265 6.58 -25.74 -43.60
C MET J 265 6.68 -24.59 -42.61
N GLN J 266 7.73 -24.54 -41.79
CA GLN J 266 7.90 -23.47 -40.82
C GLN J 266 8.58 -22.24 -41.40
N THR J 267 8.86 -22.22 -42.69
CA THR J 267 9.50 -21.08 -43.35
C THR J 267 8.55 -20.51 -44.39
N VAL J 268 7.52 -19.81 -43.90
CA VAL J 268 6.54 -19.20 -44.78
C VAL J 268 6.96 -17.77 -45.11
N TYR J 269 6.53 -17.31 -46.29
CA TYR J 269 6.84 -15.96 -46.79
C TYR J 269 8.35 -15.75 -46.90
N LEU J 270 9.10 -16.82 -47.20
CA LEU J 270 10.55 -16.74 -47.34
C LEU J 270 10.95 -17.53 -48.57
N ARG J 271 11.46 -16.84 -49.59
CA ARG J 271 11.93 -17.48 -50.80
C ARG J 271 13.38 -17.94 -50.70
N GLU J 272 13.99 -17.84 -49.52
CA GLU J 272 15.37 -18.27 -49.35
C GLU J 272 15.50 -19.78 -49.40
N ILE J 273 14.48 -20.51 -48.98
CA ILE J 273 14.51 -21.96 -48.97
C ILE J 273 14.47 -22.45 -50.42
N SER J 274 15.61 -22.92 -50.91
CA SER J 274 15.71 -23.40 -52.29
C SER J 274 16.63 -24.61 -52.36
N SER J 275 17.57 -24.60 -53.31
CA SER J 275 18.51 -25.69 -53.49
C SER J 275 19.86 -25.42 -52.84
N SER J 276 19.94 -24.41 -51.97
CA SER J 276 21.18 -24.06 -51.29
C SER J 276 21.11 -24.26 -49.79
N GLN J 277 19.96 -24.69 -49.25
CA GLN J 277 19.84 -24.89 -47.82
C GLN J 277 20.54 -26.18 -47.39
N TRP J 278 20.20 -27.30 -48.03
CA TRP J 278 20.82 -28.58 -47.72
C TRP J 278 22.21 -28.73 -48.30
N GLU J 279 22.63 -27.81 -49.17
CA GLU J 279 23.98 -27.88 -49.73
C GLU J 279 25.04 -27.53 -48.69
N LYS J 280 24.68 -26.69 -47.71
CA LYS J 280 25.64 -26.31 -46.67
C LYS J 280 25.99 -27.49 -45.77
N LEU J 281 25.08 -28.45 -45.61
CA LEU J 281 25.36 -29.62 -44.78
C LEU J 281 26.32 -30.58 -45.45
N GLN J 282 26.48 -30.50 -46.78
CA GLN J 282 27.42 -31.37 -47.47
C GLN J 282 28.86 -30.98 -47.20
N LYS J 283 29.12 -29.68 -47.02
CA LYS J 283 30.47 -29.20 -46.76
C LYS J 283 30.85 -29.29 -45.28
N ASP J 284 30.02 -29.91 -44.45
CA ASP J 284 30.31 -30.03 -43.03
C ASP J 284 30.52 -31.48 -42.63
N ASP J 285 31.51 -32.15 -43.23
CA ASP J 285 31.78 -33.54 -42.89
C ASP J 285 32.47 -33.66 -41.54
N THR J 286 33.24 -32.66 -41.14
CA THR J 286 33.93 -32.66 -39.86
C THR J 286 33.18 -31.75 -38.89
N ASP J 287 32.72 -32.32 -37.78
CA ASP J 287 31.96 -31.63 -36.74
C ASP J 287 30.70 -30.98 -37.33
N PRO J 288 29.59 -31.72 -37.42
CA PRO J 288 28.37 -31.15 -37.99
C PRO J 288 27.60 -30.28 -37.02
N GLY J 289 28.28 -29.81 -35.96
CA GLY J 289 27.63 -28.96 -34.99
C GLY J 289 27.29 -27.58 -35.49
N GLN J 290 27.96 -27.11 -36.54
CA GLN J 290 27.69 -25.80 -37.09
C GLN J 290 26.39 -25.83 -37.90
N LEU J 291 25.60 -24.77 -37.76
CA LEU J 291 24.32 -24.64 -38.45
C LEU J 291 24.43 -23.51 -39.47
N LYS J 292 24.36 -23.87 -40.75
CA LYS J 292 24.43 -22.90 -41.84
C LYS J 292 23.23 -23.09 -42.74
N GLY J 293 22.41 -22.06 -42.87
CA GLY J 293 21.20 -22.14 -43.67
C GLY J 293 19.94 -21.98 -42.83
N LEU J 294 19.62 -23.00 -42.04
CA LEU J 294 18.47 -22.96 -41.15
C LEU J 294 18.93 -22.35 -39.83
N SER J 295 18.56 -21.08 -39.62
CA SER J 295 18.96 -20.32 -38.44
C SER J 295 20.49 -20.28 -38.29
N ALA J 296 21.13 -19.76 -39.35
CA ALA J 296 22.58 -19.70 -39.38
C ALA J 296 23.13 -18.65 -38.41
N HIS J 297 22.31 -17.70 -37.97
CA HIS J 297 22.77 -16.68 -37.05
C HIS J 297 23.02 -17.24 -35.65
N THR J 298 22.46 -18.41 -35.33
CA THR J 298 22.67 -18.99 -34.01
C THR J 298 24.10 -19.49 -33.83
N HIS J 299 24.66 -20.10 -34.87
CA HIS J 299 26.03 -20.63 -34.84
C HIS J 299 26.87 -19.86 -35.83
N VAL J 300 27.55 -18.81 -35.35
CA VAL J 300 28.45 -18.00 -36.15
C VAL J 300 29.83 -18.00 -35.51
N GLU J 301 30.79 -17.39 -36.20
CA GLU J 301 32.17 -17.35 -35.74
C GLU J 301 32.43 -16.02 -35.05
N LEU J 302 32.83 -16.08 -33.78
CA LEU J 302 33.12 -14.89 -32.99
C LEU J 302 34.54 -14.93 -32.47
N PRO J 303 35.22 -13.79 -32.37
CA PRO J 303 36.55 -13.75 -31.76
C PRO J 303 36.50 -14.10 -30.28
N TYR J 304 37.68 -14.22 -29.69
CA TYR J 304 37.77 -14.61 -28.29
C TYR J 304 37.29 -13.49 -27.36
N TYR J 305 37.86 -12.29 -27.51
CA TYR J 305 37.49 -11.16 -26.68
C TYR J 305 36.28 -10.40 -27.20
N SER J 306 35.70 -10.81 -28.32
CA SER J 306 34.53 -10.14 -28.87
C SER J 306 33.23 -10.87 -28.59
N LYS J 307 33.28 -12.17 -28.33
CA LYS J 307 32.06 -12.90 -28.01
C LYS J 307 31.50 -12.50 -26.65
N PHE J 308 32.36 -12.01 -25.76
CA PHE J 308 31.91 -11.54 -24.44
C PHE J 308 31.39 -10.12 -24.47
N ILE J 309 31.54 -9.41 -25.59
CA ILE J 309 31.04 -8.04 -25.68
C ILE J 309 29.52 -8.03 -25.78
N LEU J 310 28.97 -8.87 -26.66
CA LEU J 310 27.52 -8.95 -26.80
C LEU J 310 26.87 -9.55 -25.56
N ILE J 311 27.60 -10.37 -24.82
CA ILE J 311 27.04 -10.98 -23.61
C ILE J 311 27.02 -9.98 -22.46
N ALA J 312 28.11 -9.20 -22.31
CA ALA J 312 28.17 -8.24 -21.21
C ALA J 312 27.31 -7.02 -21.47
N ALA J 313 27.16 -6.61 -22.73
CA ALA J 313 26.35 -5.45 -23.05
C ALA J 313 24.86 -5.74 -22.99
N TYR J 314 24.47 -7.02 -22.93
CA TYR J 314 23.05 -7.36 -22.85
C TYR J 314 22.48 -7.06 -21.48
N LEU J 315 23.28 -7.19 -20.42
CA LEU J 315 22.82 -6.89 -19.07
C LEU J 315 22.88 -5.42 -18.73
N ALA J 316 23.63 -4.61 -19.49
CA ALA J 316 23.73 -3.18 -19.24
C ALA J 316 22.59 -2.39 -19.86
N SER J 317 21.71 -3.03 -20.63
CA SER J 317 20.59 -2.36 -21.26
C SER J 317 19.25 -2.80 -20.69
N TYR J 318 19.25 -3.58 -19.60
CA TYR J 318 18.00 -4.03 -19.00
C TYR J 318 18.09 -4.05 -17.47
N ASN J 319 19.11 -3.43 -16.89
CA ASN J 319 19.29 -3.39 -15.45
C ASN J 319 19.47 -1.95 -15.00
N PRO J 320 19.00 -1.62 -13.79
CA PRO J 320 19.18 -0.25 -13.29
C PRO J 320 20.64 0.10 -13.11
N ALA J 321 20.92 1.40 -13.11
CA ALA J 321 22.29 1.89 -12.96
C ALA J 321 22.78 1.86 -11.52
N ARG J 322 21.92 1.48 -10.57
CA ARG J 322 22.29 1.42 -9.17
C ARG J 322 22.30 0.01 -8.59
N THR J 323 21.31 -0.81 -8.95
CA THR J 323 21.24 -2.18 -8.44
C THR J 323 22.13 -3.12 -9.28
N ASP J 324 23.43 -2.84 -9.22
CA ASP J 324 24.43 -3.63 -9.93
C ASP J 324 25.51 -4.19 -9.03
N LYS J 325 25.49 -3.88 -7.73
CA LYS J 325 26.50 -4.34 -6.80
C LYS J 325 26.28 -5.78 -6.34
N ARG J 326 25.20 -6.43 -6.79
CA ARG J 326 24.89 -7.79 -6.39
C ARG J 326 25.73 -8.83 -7.12
N PHE J 327 26.43 -8.44 -8.19
CA PHE J 327 27.25 -9.36 -8.96
C PHE J 327 28.74 -9.09 -8.82
N PHE J 328 29.13 -8.20 -7.90
CA PHE J 328 30.53 -7.88 -7.70
C PHE J 328 30.91 -7.92 -6.22
N LEU J 329 30.39 -6.95 -5.46
CA LEU J 329 30.67 -6.86 -4.02
C LEU J 329 29.47 -7.43 -3.27
N LYS J 330 29.58 -8.69 -2.87
CA LYS J 330 28.51 -9.36 -2.13
C LYS J 330 28.55 -9.09 -0.64
N HIS J 331 29.41 -8.17 -0.19
CA HIS J 331 29.50 -7.81 1.21
C HIS J 331 28.56 -6.67 1.60
N HIS J 332 27.65 -6.29 0.73
CA HIS J 332 26.71 -5.21 1.00
C HIS J 332 25.51 -5.76 1.77
N GLY J 333 24.52 -4.89 2.01
CA GLY J 333 23.32 -5.30 2.72
C GLY J 333 22.08 -5.22 1.86
N LYS J 334 21.58 -6.38 1.42
CA LYS J 334 20.38 -6.41 0.58
C LYS J 334 19.14 -6.18 1.42
N ILE J 335 18.17 -5.45 0.86
CA ILE J 335 16.93 -5.17 1.57
C ILE J 335 15.89 -6.27 1.40
N LYS J 336 15.96 -7.11 0.34
CA LYS J 336 14.83 -7.97 -0.11
C LYS J 336 13.59 -7.13 -0.38
N LYS J 337 13.48 -6.60 -1.60
CA LYS J 337 12.32 -5.78 -1.95
C LYS J 337 11.06 -6.62 -2.04
N THR J 338 11.16 -7.81 -2.65
CA THR J 338 10.00 -8.69 -2.79
C THR J 338 10.42 -10.14 -2.66
N ASN J 339 11.72 -10.40 -2.61
CA ASN J 339 12.23 -11.76 -2.49
C ASN J 339 12.45 -12.14 -1.03
N HIS J 344 5.07 -6.03 -9.47
CA HIS J 344 6.48 -6.23 -9.17
C HIS J 344 7.15 -7.12 -10.21
N GLU J 345 6.55 -8.27 -10.47
CA GLU J 345 7.08 -9.21 -11.45
C GLU J 345 6.62 -8.89 -12.87
N LYS J 346 5.43 -8.30 -13.03
CA LYS J 346 4.91 -7.93 -14.34
C LYS J 346 5.20 -6.49 -14.71
N THR J 347 6.25 -5.90 -14.15
CA THR J 347 6.58 -4.52 -14.44
C THR J 347 7.15 -4.39 -15.85
N SER J 348 7.43 -3.14 -16.23
CA SER J 348 7.95 -2.84 -17.56
C SER J 348 9.45 -3.10 -17.69
N ASN J 349 10.10 -3.60 -16.64
CA ASN J 349 11.52 -3.90 -16.71
C ASN J 349 11.75 -5.08 -17.64
N HIS J 350 12.83 -5.01 -18.42
CA HIS J 350 13.23 -6.02 -19.40
C HIS J 350 12.19 -6.20 -20.50
N LEU J 351 11.16 -5.36 -20.55
CA LEU J 351 10.12 -5.44 -21.57
C LEU J 351 9.94 -4.17 -22.37
N LEU J 352 10.42 -3.02 -21.87
CA LEU J 352 10.25 -1.77 -22.62
C LEU J 352 11.27 -1.61 -23.72
N GLY J 353 12.46 -2.20 -23.56
CA GLY J 353 13.50 -2.10 -24.56
C GLY J 353 14.87 -1.88 -23.94
N PRO J 354 15.88 -1.73 -24.79
CA PRO J 354 17.24 -1.49 -24.27
C PRO J 354 17.35 -0.15 -23.58
N LYS J 355 17.92 -0.16 -22.38
CA LYS J 355 18.14 1.07 -21.62
C LYS J 355 19.40 1.78 -22.10
N PRO J 356 19.37 3.12 -22.14
CA PRO J 356 20.56 3.85 -22.60
C PRO J 356 21.70 3.78 -21.59
N PHE J 357 22.83 3.22 -22.00
CA PHE J 357 23.99 3.09 -21.14
C PHE J 357 25.22 3.71 -21.79
N PRO J 358 26.07 4.39 -21.02
CA PRO J 358 27.28 4.98 -21.60
C PRO J 358 28.40 3.97 -21.76
N LEU J 359 29.62 4.35 -21.41
CA LEU J 359 30.77 3.47 -21.49
C LEU J 359 31.38 3.12 -20.15
N ASP J 360 30.91 3.75 -19.07
CA ASP J 360 31.45 3.44 -17.74
C ASP J 360 31.03 2.05 -17.26
N ARG J 361 29.94 1.50 -17.80
CA ARG J 361 29.50 0.17 -17.38
C ARG J 361 30.33 -0.92 -18.03
N LEU J 362 30.73 -0.72 -19.30
CA LEU J 362 31.51 -1.75 -19.99
C LEU J 362 32.93 -1.84 -19.46
N LEU J 363 33.45 -0.76 -18.86
CA LEU J 363 34.79 -0.74 -18.31
C LEU J 363 34.89 -1.36 -16.93
N ALA J 364 33.81 -1.94 -16.42
CA ALA J 364 33.81 -2.54 -15.10
C ALA J 364 33.14 -3.92 -15.05
N ILE J 365 32.71 -4.46 -16.19
CA ILE J 365 32.07 -5.76 -16.23
C ILE J 365 32.83 -6.78 -17.07
N LEU J 366 33.65 -6.35 -18.03
CA LEU J 366 34.41 -7.30 -18.84
C LEU J 366 35.59 -7.90 -18.09
N TYR J 367 36.02 -7.27 -17.00
CA TYR J 367 37.14 -7.79 -16.20
C TYR J 367 36.71 -8.89 -15.25
N SER J 368 35.41 -9.14 -15.10
CA SER J 368 34.92 -10.19 -14.21
C SER J 368 34.49 -11.45 -14.96
N ILE J 369 34.05 -11.33 -16.21
CA ILE J 369 33.64 -12.50 -16.98
C ILE J 369 34.86 -13.29 -17.43
N VAL J 370 35.90 -12.61 -17.90
CA VAL J 370 37.10 -13.31 -18.35
C VAL J 370 37.85 -13.89 -17.16
N ASP J 371 38.72 -14.86 -17.45
CA ASP J 371 39.49 -15.53 -16.40
C ASP J 371 40.67 -14.66 -15.99
N SER J 372 41.71 -14.63 -16.80
CA SER J 372 42.90 -13.85 -16.50
C SER J 372 42.67 -12.38 -16.81
N ARG J 373 43.68 -11.56 -16.53
CA ARG J 373 43.57 -10.13 -16.80
C ARG J 373 43.69 -9.84 -18.29
N VAL J 374 43.13 -8.71 -18.69
CA VAL J 374 43.15 -8.27 -20.09
C VAL J 374 43.58 -6.81 -20.13
N ALA J 375 44.53 -6.50 -21.01
CA ALA J 375 45.02 -5.14 -21.16
C ALA J 375 44.22 -4.41 -22.22
N PRO J 376 43.50 -3.34 -21.88
CA PRO J 376 42.73 -2.62 -22.90
C PRO J 376 43.63 -1.86 -23.86
N THR J 377 44.07 -2.52 -24.92
CA THR J 377 44.94 -1.92 -25.91
C THR J 377 44.10 -1.30 -27.03
N ALA J 378 44.65 -1.20 -28.23
CA ALA J 378 43.93 -0.62 -29.35
C ALA J 378 42.89 -1.58 -29.93
N ASN J 379 43.23 -2.87 -29.97
CA ASN J 379 42.31 -3.88 -30.50
C ASN J 379 41.24 -4.30 -29.50
N ILE J 380 41.23 -3.73 -28.30
CA ILE J 380 40.20 -4.06 -27.33
C ILE J 380 38.96 -3.18 -27.54
N PHE J 381 39.16 -1.89 -27.76
CA PHE J 381 38.06 -0.98 -28.03
C PHE J 381 37.62 -0.98 -29.50
N SER J 382 38.26 -1.79 -30.34
CA SER J 382 37.89 -1.83 -31.75
C SER J 382 36.55 -2.52 -31.99
N GLN J 383 36.11 -3.37 -31.06
CA GLN J 383 34.83 -4.06 -31.20
C GLN J 383 33.65 -3.18 -30.83
N ILE J 384 33.88 -1.92 -30.45
CA ILE J 384 32.78 -1.02 -30.13
C ILE J 384 32.23 -0.36 -31.38
N THR J 385 33.13 0.13 -32.25
CA THR J 385 32.71 0.79 -33.48
C THR J 385 32.55 -0.18 -34.64
N SER J 386 33.31 -1.27 -34.66
CA SER J 386 33.18 -2.24 -35.75
C SER J 386 31.86 -2.98 -35.68
N LEU J 387 31.30 -3.15 -34.47
CA LEU J 387 30.02 -3.83 -34.32
C LEU J 387 28.85 -2.94 -34.71
N VAL J 388 29.07 -1.63 -34.85
CA VAL J 388 28.00 -0.75 -35.30
C VAL J 388 27.65 -1.03 -36.75
N THR J 389 28.67 -1.23 -37.59
CA THR J 389 28.42 -1.58 -38.99
C THR J 389 27.80 -2.96 -39.12
N LEU J 390 28.18 -3.89 -38.24
CA LEU J 390 27.66 -5.25 -38.28
C LEU J 390 26.22 -5.35 -37.78
N GLN J 391 25.61 -4.22 -37.37
CA GLN J 391 24.23 -4.18 -36.90
C GLN J 391 24.03 -5.08 -35.68
N LEU J 392 24.71 -4.71 -34.59
CA LEU J 392 24.60 -5.41 -33.33
C LEU J 392 24.27 -4.49 -32.16
N LEU J 393 24.41 -3.18 -32.32
CA LEU J 393 24.03 -2.23 -31.29
C LEU J 393 23.59 -0.93 -31.95
N THR J 394 22.59 -0.29 -31.36
CA THR J 394 22.01 0.94 -31.90
C THR J 394 22.54 2.15 -31.16
N LEU J 395 22.47 3.30 -31.82
CA LEU J 395 22.92 4.56 -31.26
C LEU J 395 21.72 5.38 -30.78
N VAL J 396 21.95 6.18 -29.74
CA VAL J 396 20.89 7.00 -29.14
C VAL J 396 20.53 8.15 -30.08
N GLY J 397 19.90 7.82 -31.20
CA GLY J 397 19.48 8.84 -32.15
C GLY J 397 20.63 9.48 -32.89
N HIS J 398 20.88 10.75 -32.61
CA HIS J 398 21.97 11.47 -33.28
C HIS J 398 23.32 11.02 -32.74
N ASP J 399 24.37 11.37 -33.47
CA ASP J 399 25.72 11.01 -33.06
C ASP J 399 26.18 11.89 -31.91
N ASP J 400 26.81 11.27 -30.92
CA ASP J 400 27.30 12.00 -29.76
C ASP J 400 28.70 12.56 -30.05
N GLN J 401 29.29 13.21 -29.05
CA GLN J 401 30.61 13.79 -29.19
C GLN J 401 31.69 12.74 -28.96
N LEU J 402 32.38 12.82 -27.83
CA LEU J 402 33.44 11.88 -27.50
C LEU J 402 33.51 11.66 -26.00
N ASP J 403 32.80 12.48 -25.23
CA ASP J 403 32.81 12.40 -23.77
C ASP J 403 31.84 11.30 -23.31
N GLY J 404 32.17 10.07 -23.70
CA GLY J 404 31.40 8.91 -23.33
C GLY J 404 30.03 8.89 -23.98
N PRO J 405 29.96 8.37 -25.21
CA PRO J 405 28.67 8.26 -25.89
C PRO J 405 27.82 7.14 -25.28
N LYS J 406 26.54 7.17 -25.61
CA LYS J 406 25.57 6.20 -25.13
C LYS J 406 25.18 5.24 -26.24
N TYR J 407 24.90 4.00 -25.86
CA TYR J 407 24.53 2.96 -26.81
C TYR J 407 23.39 2.15 -26.22
N LYS J 408 22.79 1.30 -27.06
CA LYS J 408 21.70 0.44 -26.65
C LYS J 408 22.00 -0.98 -27.10
N CYS J 409 20.96 -1.76 -27.39
CA CYS J 409 21.08 -3.13 -27.83
C CYS J 409 20.34 -3.32 -29.15
N THR J 410 20.32 -4.56 -29.63
CA THR J 410 19.68 -4.88 -30.90
C THR J 410 19.09 -6.29 -30.88
N VAL J 411 19.94 -7.29 -30.74
CA VAL J 411 19.52 -8.69 -30.75
C VAL J 411 19.33 -9.16 -29.32
N SER J 412 18.31 -9.98 -29.10
CA SER J 412 18.03 -10.51 -27.77
C SER J 412 18.92 -11.71 -27.45
N LEU J 413 18.43 -12.60 -26.58
CA LEU J 413 19.17 -13.78 -26.17
C LEU J 413 18.80 -15.02 -26.97
N ASP J 414 18.49 -14.86 -28.26
CA ASP J 414 18.11 -15.99 -29.10
C ASP J 414 19.32 -16.86 -29.45
N PHE J 415 20.50 -16.26 -29.59
CA PHE J 415 21.70 -17.01 -29.91
C PHE J 415 22.80 -16.89 -28.86
N ILE J 416 22.58 -16.14 -27.79
CA ILE J 416 23.61 -15.98 -26.76
C ILE J 416 23.83 -17.29 -26.01
N ARG J 417 22.75 -18.06 -25.81
CA ARG J 417 22.88 -19.33 -25.09
C ARG J 417 23.62 -20.38 -25.90
N ALA J 418 23.60 -20.29 -27.23
CA ALA J 418 24.30 -21.28 -28.04
C ALA J 418 25.82 -21.07 -27.97
N ILE J 419 26.26 -19.82 -27.92
CA ILE J 419 27.69 -19.54 -27.84
C ILE J 419 28.22 -19.84 -26.44
N ALA J 420 27.42 -19.54 -25.42
CA ALA J 420 27.87 -19.75 -24.04
C ALA J 420 28.12 -21.22 -23.73
N ARG J 421 27.40 -22.12 -24.41
CA ARG J 421 27.59 -23.55 -24.17
C ARG J 421 28.79 -24.13 -24.91
N THR J 422 29.57 -23.29 -25.59
CA THR J 422 30.73 -23.77 -26.32
C THR J 422 32.04 -23.38 -25.66
N VAL J 423 32.08 -22.22 -25.00
CA VAL J 423 33.28 -21.76 -24.31
C VAL J 423 33.05 -21.87 -22.81
N ASN J 424 32.14 -22.76 -22.41
CA ASN J 424 31.81 -22.99 -21.00
C ASN J 424 31.37 -21.70 -20.32
N PHE J 425 30.12 -21.31 -20.53
CA PHE J 425 29.58 -20.09 -19.93
C PHE J 425 28.09 -20.28 -19.69
N ASP J 426 27.58 -19.60 -18.67
CA ASP J 426 26.17 -19.65 -18.30
C ASP J 426 25.67 -18.24 -18.07
N ILE J 427 24.69 -17.82 -18.88
CA ILE J 427 24.14 -16.47 -18.77
C ILE J 427 22.76 -16.46 -18.10
N ILE J 428 22.10 -17.62 -17.99
CA ILE J 428 20.77 -17.67 -17.38
C ILE J 428 20.84 -17.26 -15.91
N LYS J 429 21.91 -17.64 -15.23
CA LYS J 429 22.10 -17.33 -13.82
C LYS J 429 22.58 -15.90 -13.58
N TYR J 430 22.65 -15.07 -14.62
CA TYR J 430 23.12 -13.71 -14.50
C TYR J 430 22.04 -12.66 -14.77
N LEU J 431 20.87 -13.07 -15.26
CA LEU J 431 19.81 -12.11 -15.53
C LEU J 431 19.17 -11.65 -14.22
N TYR J 432 18.81 -10.36 -14.18
CA TYR J 432 18.18 -9.79 -12.98
C TYR J 432 16.68 -10.02 -12.94
N ASP J 433 16.03 -10.15 -14.10
CA ASP J 433 14.59 -10.36 -14.11
C ASP J 433 14.22 -11.76 -13.63
N PHE J 434 15.08 -12.75 -13.88
CA PHE J 434 14.83 -14.13 -13.47
C PHE J 434 15.55 -14.36 -12.15
N LEU J 435 14.84 -14.15 -11.04
CA LEU J 435 15.41 -14.34 -9.71
C LEU J 435 15.36 -15.81 -9.31
N LYS K 151 7.27 93.99 -35.69
CA LYS K 151 8.53 93.43 -35.20
C LYS K 151 8.99 92.27 -36.08
N GLN K 152 10.02 91.57 -35.62
CA GLN K 152 10.55 90.42 -36.34
C GLN K 152 9.91 89.11 -35.89
N GLU K 153 8.58 89.04 -36.01
CA GLU K 153 7.86 87.84 -35.60
C GLU K 153 8.01 86.72 -36.61
N GLY K 154 7.58 86.96 -37.85
CA GLY K 154 7.68 85.94 -38.88
C GLY K 154 9.09 85.62 -39.31
N THR K 155 10.05 86.51 -39.02
CA THR K 155 11.44 86.27 -39.39
C THR K 155 12.12 85.29 -38.44
N CYS K 156 11.73 85.28 -37.17
CA CYS K 156 12.35 84.39 -36.20
C CYS K 156 11.88 82.95 -36.35
N TYR K 157 10.61 82.74 -36.69
CA TYR K 157 10.09 81.38 -36.82
C TYR K 157 10.61 80.69 -38.08
N GLN K 158 10.79 81.44 -39.17
CA GLN K 158 11.27 80.84 -40.41
C GLN K 158 12.75 80.48 -40.34
N GLN K 159 13.49 81.02 -39.37
CA GLN K 159 14.90 80.73 -39.20
C GLN K 159 15.20 79.83 -38.01
N ALA K 160 14.21 79.56 -37.15
CA ALA K 160 14.44 78.70 -36.00
C ALA K 160 14.31 77.23 -36.35
N LYS K 161 13.45 76.90 -37.31
CA LYS K 161 13.27 75.51 -37.72
C LYS K 161 14.46 74.97 -38.50
N LEU K 162 15.29 75.84 -39.05
CA LEU K 162 16.47 75.38 -39.79
C LEU K 162 17.56 74.91 -38.84
N VAL K 163 17.75 75.61 -37.73
CA VAL K 163 18.80 75.26 -36.77
C VAL K 163 18.37 74.15 -35.82
N LEU K 164 17.06 73.99 -35.59
CA LEU K 164 16.56 72.95 -34.70
C LEU K 164 16.34 71.61 -35.41
N ASN K 165 16.44 71.57 -36.73
CA ASN K 165 16.26 70.33 -37.47
C ASN K 165 17.52 69.48 -37.39
N THR K 166 17.34 68.17 -37.31
CA THR K 166 18.46 67.22 -37.23
C THR K 166 19.19 67.19 -38.57
N ALA K 167 20.13 68.12 -38.72
CA ALA K 167 20.93 68.25 -39.95
C ALA K 167 22.40 68.33 -39.55
N VAL K 168 23.10 67.20 -39.70
CA VAL K 168 24.50 66.99 -39.33
C VAL K 168 24.93 67.88 -38.18
N PRO K 169 24.57 67.54 -36.93
CA PRO K 169 24.98 68.37 -35.79
C PRO K 169 26.47 68.26 -35.51
N ASP K 170 27.27 69.10 -36.18
CA ASP K 170 28.72 69.08 -36.02
C ASP K 170 29.14 70.23 -35.10
N ARG K 171 28.77 70.09 -33.83
CA ARG K 171 29.07 71.09 -32.82
C ARG K 171 30.32 70.71 -32.04
N LEU K 172 31.09 71.72 -31.66
CA LEU K 172 32.36 71.51 -30.97
C LEU K 172 32.21 71.58 -29.45
N PRO K 173 31.51 72.59 -28.89
CA PRO K 173 31.36 72.63 -27.43
C PRO K 173 30.56 71.43 -26.91
N ALA K 174 30.58 71.29 -25.59
CA ALA K 174 29.91 70.24 -24.82
C ALA K 174 30.48 68.85 -25.10
N ARG K 175 31.52 68.73 -25.93
CA ARG K 175 32.15 67.44 -26.26
C ARG K 175 33.66 67.70 -26.38
N GLU K 176 34.33 67.79 -25.23
CA GLU K 176 35.76 68.09 -25.18
C GLU K 176 36.58 66.84 -24.86
N ARG K 177 36.37 66.23 -23.69
CA ARG K 177 37.16 65.07 -23.31
C ARG K 177 36.77 63.81 -24.08
N GLU K 178 35.64 63.81 -24.78
CA GLU K 178 35.23 62.68 -25.60
C GLU K 178 35.70 62.77 -27.04
N MET K 179 36.37 63.87 -27.41
CA MET K 179 36.85 64.05 -28.77
C MET K 179 38.36 64.22 -28.87
N ASP K 180 39.00 64.81 -27.87
CA ASP K 180 40.44 65.01 -27.92
C ASP K 180 41.19 63.68 -27.83
N VAL K 181 40.60 62.68 -27.18
CA VAL K 181 41.27 61.39 -27.07
C VAL K 181 41.28 60.67 -28.42
N ILE K 182 40.25 60.91 -29.25
CA ILE K 182 40.18 60.23 -30.55
C ILE K 182 41.20 60.81 -31.51
N ARG K 183 41.32 62.14 -31.55
CA ARG K 183 42.25 62.76 -32.49
C ARG K 183 43.71 62.53 -32.06
N ASN K 184 43.98 62.50 -30.76
CA ASN K 184 45.33 62.26 -30.29
C ASN K 184 45.75 60.81 -30.43
N PHE K 185 44.79 59.89 -30.55
CA PHE K 185 45.13 58.48 -30.73
C PHE K 185 45.64 58.21 -32.14
N LEU K 186 45.20 59.00 -33.12
CA LEU K 186 45.64 58.82 -34.50
C LEU K 186 46.94 59.55 -34.81
N ARG K 187 47.32 60.54 -34.00
CA ARG K 187 48.56 61.25 -34.25
C ARG K 187 49.78 60.38 -33.95
N GLU K 188 49.69 59.48 -32.97
CA GLU K 188 50.79 58.61 -32.65
C GLU K 188 50.97 57.49 -33.68
N HIS K 189 49.93 57.18 -34.44
CA HIS K 189 50.04 56.13 -35.46
C HIS K 189 50.57 56.67 -36.78
N ILE K 190 50.30 57.94 -37.10
CA ILE K 190 50.79 58.50 -38.35
C ILE K 190 52.21 58.99 -38.20
N CYS K 191 52.62 59.40 -37.00
CA CYS K 191 53.99 59.87 -36.78
C CYS K 191 54.91 58.77 -36.28
N GLY K 192 54.44 57.92 -35.37
CA GLY K 192 55.23 56.84 -34.84
C GLY K 192 55.26 55.58 -35.68
N LYS K 193 54.65 55.60 -36.86
CA LYS K 193 54.62 54.43 -37.76
C LYS K 193 54.01 53.22 -37.07
N LYS K 194 52.92 53.43 -36.33
CA LYS K 194 52.23 52.37 -35.64
C LYS K 194 50.86 52.14 -36.26
N ALA K 195 50.29 50.97 -35.98
CA ALA K 195 48.97 50.61 -36.50
C ALA K 195 48.39 49.50 -35.64
N GLY K 196 47.13 49.63 -35.26
CA GLY K 196 46.45 48.65 -34.44
C GLY K 196 44.96 48.70 -34.68
N SER K 197 44.20 48.28 -33.67
CA SER K 197 42.75 48.26 -33.73
C SER K 197 42.17 49.23 -32.70
N LEU K 198 40.95 49.71 -32.99
CA LEU K 198 40.27 50.63 -32.09
C LEU K 198 38.77 50.42 -32.25
N TYR K 199 38.15 49.82 -31.24
CA TYR K 199 36.71 49.55 -31.24
C TYR K 199 36.00 50.63 -30.44
N LEU K 200 35.15 51.40 -31.11
CA LEU K 200 34.40 52.47 -30.47
C LEU K 200 32.99 51.98 -30.19
N SER K 201 32.69 51.78 -28.90
CA SER K 201 31.37 51.30 -28.47
C SER K 201 30.56 52.50 -28.01
N GLY K 202 29.88 53.13 -28.97
CA GLY K 202 29.07 54.28 -28.67
C GLY K 202 27.77 53.91 -27.96
N ALA K 203 27.12 54.95 -27.42
CA ALA K 203 25.86 54.74 -26.74
C ALA K 203 24.75 54.43 -27.73
N PRO K 204 23.79 53.59 -27.36
CA PRO K 204 22.70 53.23 -28.29
C PRO K 204 21.83 54.41 -28.67
N GLY K 205 22.06 54.96 -29.86
CA GLY K 205 21.25 56.06 -30.36
C GLY K 205 21.49 57.38 -29.65
N THR K 206 22.58 58.05 -29.99
CA THR K 206 22.89 59.36 -29.44
C THR K 206 23.36 60.37 -30.48
N GLY K 207 23.51 59.96 -31.74
CA GLY K 207 23.92 60.88 -32.79
C GLY K 207 25.37 61.30 -32.70
N LYS K 208 26.28 60.34 -32.76
CA LYS K 208 27.71 60.62 -32.73
C LYS K 208 28.38 60.39 -34.08
N THR K 209 27.60 60.26 -35.15
CA THR K 209 28.21 60.07 -36.48
C THR K 209 28.88 61.34 -36.97
N ALA K 210 28.41 62.52 -36.54
CA ALA K 210 29.00 63.78 -36.94
C ALA K 210 30.28 64.10 -36.18
N CYS K 211 30.56 63.39 -35.08
CA CYS K 211 31.78 63.66 -34.33
C CYS K 211 33.00 63.11 -35.06
N LEU K 212 32.87 61.93 -35.68
CA LEU K 212 34.00 61.35 -36.40
C LEU K 212 34.23 62.05 -37.72
N SER K 213 33.20 62.63 -38.32
CA SER K 213 33.37 63.34 -39.59
C SER K 213 34.15 64.64 -39.40
N ARG K 214 34.09 65.22 -38.20
CA ARG K 214 34.83 66.45 -37.94
C ARG K 214 36.34 66.18 -37.86
N ILE K 215 36.72 65.05 -37.29
CA ILE K 215 38.14 64.74 -37.14
C ILE K 215 38.75 64.33 -38.48
N LEU K 216 37.99 63.64 -39.34
CA LEU K 216 38.55 63.19 -40.61
C LEU K 216 38.82 64.35 -41.54
N GLN K 217 37.96 65.37 -41.54
CA GLN K 217 38.17 66.52 -42.42
C GLN K 217 39.24 67.47 -41.90
N ASP K 218 39.57 67.41 -40.61
CA ASP K 218 40.64 68.26 -40.09
C ASP K 218 42.01 67.69 -40.41
N LEU K 219 42.12 66.38 -40.59
CA LEU K 219 43.39 65.77 -40.94
C LEU K 219 43.75 65.98 -42.41
N LYS K 220 42.77 66.24 -43.27
CA LYS K 220 43.05 66.47 -44.67
C LYS K 220 43.72 67.83 -44.89
N LYS K 221 43.28 68.84 -44.14
CA LYS K 221 43.86 70.17 -44.28
C LYS K 221 45.20 70.30 -43.57
N GLU K 222 45.50 69.40 -42.62
CA GLU K 222 46.77 69.47 -41.91
C GLU K 222 47.86 68.74 -42.69
N LEU K 223 47.67 67.46 -42.98
CA LEU K 223 48.62 66.65 -43.72
C LEU K 223 48.05 66.34 -45.10
N LYS K 224 48.92 66.41 -46.11
CA LYS K 224 48.54 66.14 -47.50
C LYS K 224 49.42 65.04 -48.05
N GLY K 225 48.82 63.91 -48.43
CA GLY K 225 49.57 62.80 -48.98
C GLY K 225 48.89 61.46 -48.80
N PHE K 226 48.04 61.36 -47.78
CA PHE K 226 47.33 60.13 -47.48
C PHE K 226 45.93 60.15 -48.06
N LYS K 227 45.34 58.97 -48.20
CA LYS K 227 43.99 58.81 -48.72
C LYS K 227 43.15 58.00 -47.76
N THR K 228 41.89 58.39 -47.60
CA THR K 228 40.95 57.72 -46.69
C THR K 228 39.80 57.18 -47.52
N ILE K 229 39.57 55.87 -47.42
CA ILE K 229 38.49 55.19 -48.13
C ILE K 229 37.29 55.05 -47.19
N MET K 230 36.12 55.40 -47.69
CA MET K 230 34.90 55.32 -46.90
C MET K 230 34.26 53.94 -47.06
N LEU K 231 33.36 53.62 -46.13
CA LEU K 231 32.64 52.35 -46.13
C LEU K 231 31.16 52.61 -45.88
N ASN K 232 30.31 52.07 -46.76
CA ASN K 232 28.85 52.24 -46.64
C ASN K 232 28.20 50.93 -47.07
N CYS K 233 28.16 49.97 -46.14
CA CYS K 233 27.62 48.64 -46.41
C CYS K 233 26.14 48.54 -46.06
N MET K 234 25.38 49.61 -46.30
CA MET K 234 23.94 49.58 -46.03
C MET K 234 23.16 48.79 -47.08
N SER K 235 23.70 48.64 -48.29
CA SER K 235 23.04 47.93 -49.37
C SER K 235 23.51 46.48 -49.48
N LEU K 236 24.18 45.96 -48.44
CA LEU K 236 24.69 44.59 -48.43
C LEU K 236 23.89 43.80 -47.40
N ARG K 237 22.85 43.11 -47.88
CA ARG K 237 22.00 42.33 -46.99
C ARG K 237 22.64 41.01 -46.57
N THR K 238 23.64 40.54 -47.31
CA THR K 238 24.32 39.29 -47.00
C THR K 238 25.65 39.58 -46.31
N ALA K 239 26.21 38.55 -45.69
CA ALA K 239 27.48 38.68 -44.99
C ALA K 239 28.67 38.77 -45.93
N GLN K 240 28.53 38.30 -47.17
CA GLN K 240 29.61 38.35 -48.14
C GLN K 240 29.47 39.61 -48.99
N ALA K 241 30.21 39.69 -50.10
CA ALA K 241 30.17 40.84 -51.01
C ALA K 241 30.55 42.14 -50.31
N VAL K 242 31.40 42.05 -49.29
CA VAL K 242 31.87 43.22 -48.57
C VAL K 242 33.31 43.58 -48.95
N PHE K 243 34.19 42.57 -49.02
CA PHE K 243 35.57 42.84 -49.41
C PHE K 243 35.69 43.30 -50.86
N PRO K 244 35.05 42.66 -51.85
CA PRO K 244 35.14 43.19 -53.22
C PRO K 244 34.51 44.56 -53.39
N ALA K 245 33.64 44.99 -52.47
CA ALA K 245 33.01 46.29 -52.59
C ALA K 245 34.01 47.42 -52.35
N ILE K 246 35.06 47.16 -51.59
CA ILE K 246 36.10 48.15 -51.29
C ILE K 246 37.43 47.80 -51.95
N ALA K 247 37.44 46.79 -52.82
CA ALA K 247 38.67 46.38 -53.50
C ALA K 247 38.99 47.23 -54.70
N GLN K 248 38.05 48.05 -55.18
CA GLN K 248 38.29 48.90 -56.34
C GLN K 248 39.08 50.16 -56.00
N GLU K 249 39.33 50.43 -54.73
CA GLU K 249 40.13 51.57 -54.29
C GLU K 249 41.48 51.05 -53.81
N ILE K 250 42.43 50.91 -54.74
CA ILE K 250 43.76 50.41 -54.43
C ILE K 250 44.64 51.57 -53.99
N CYS K 251 45.03 52.42 -54.94
CA CYS K 251 45.87 53.59 -54.68
C CYS K 251 45.38 54.79 -55.48
N GLN K 252 44.10 55.13 -55.29
CA GLN K 252 43.47 56.27 -55.95
C GLN K 252 43.57 56.17 -57.46
N GLU K 253 44.64 56.70 -58.04
CA GLU K 253 44.80 56.73 -59.49
C GLU K 253 45.04 55.35 -60.09
N GLU K 254 45.51 54.39 -59.30
CA GLU K 254 45.78 53.04 -59.77
C GLU K 254 44.66 52.12 -59.31
N VAL K 255 43.80 51.71 -60.25
CA VAL K 255 42.67 50.84 -59.97
C VAL K 255 42.83 49.57 -60.81
N SER K 256 41.94 48.60 -60.55
CA SER K 256 41.95 47.34 -61.28
C SER K 256 40.50 46.90 -61.46
N ARG K 257 40.32 45.63 -61.86
CA ARG K 257 39.00 45.07 -62.07
C ARG K 257 38.92 43.67 -61.47
N PRO K 258 37.77 43.29 -60.93
CA PRO K 258 37.64 41.95 -60.34
C PRO K 258 37.57 40.87 -61.42
N ALA K 259 37.81 39.63 -60.98
CA ALA K 259 37.80 38.48 -61.88
C ALA K 259 36.97 37.33 -61.33
N GLY K 260 36.26 37.52 -60.22
CA GLY K 260 35.47 36.46 -59.64
C GLY K 260 36.27 35.53 -58.74
N LYS K 261 35.88 35.48 -57.46
CA LYS K 261 36.56 34.66 -56.45
C LYS K 261 38.04 35.02 -56.39
N ASP K 262 38.36 36.15 -55.75
CA ASP K 262 39.75 36.56 -55.63
C ASP K 262 40.04 37.34 -54.36
N MET K 263 39.29 37.09 -53.28
CA MET K 263 39.50 37.81 -52.04
C MET K 263 40.60 37.15 -51.21
N MET K 264 40.97 37.83 -50.12
CA MET K 264 42.00 37.35 -49.17
C MET K 264 43.35 37.13 -49.85
N ARG K 265 43.59 37.77 -50.98
CA ARG K 265 44.85 37.60 -51.70
C ARG K 265 45.42 38.94 -52.14
N LYS K 266 44.62 39.73 -52.87
CA LYS K 266 45.08 41.02 -53.38
C LYS K 266 44.75 42.18 -52.46
N LEU K 267 43.78 42.03 -51.56
CA LEU K 267 43.43 43.13 -50.66
C LEU K 267 44.46 43.29 -49.56
N GLU K 268 44.91 42.18 -48.96
CA GLU K 268 45.90 42.23 -47.91
C GLU K 268 47.33 42.32 -48.43
N LYS K 269 47.53 42.21 -49.75
CA LYS K 269 48.88 42.30 -50.31
C LYS K 269 49.34 43.74 -50.43
N HIS K 270 48.46 44.62 -50.90
CA HIS K 270 48.82 46.03 -51.05
C HIS K 270 48.90 46.75 -49.71
N MET K 271 48.25 46.23 -48.67
CA MET K 271 48.32 46.88 -47.36
C MET K 271 49.68 46.67 -46.71
N THR K 272 50.31 45.51 -46.93
CA THR K 272 51.62 45.23 -46.35
C THR K 272 52.75 45.93 -47.07
N ALA K 273 52.48 46.63 -48.17
CA ALA K 273 53.52 47.34 -48.90
C ALA K 273 53.95 48.58 -48.13
N GLU K 274 55.22 48.66 -47.76
CA GLU K 274 55.74 49.79 -47.01
C GLU K 274 55.97 51.02 -47.88
N LYS K 275 55.99 50.87 -49.20
CA LYS K 275 56.19 52.01 -50.09
C LYS K 275 54.93 52.87 -50.24
N GLY K 276 53.77 52.33 -49.90
CA GLY K 276 52.53 53.07 -50.00
C GLY K 276 52.24 53.90 -48.76
N PRO K 277 51.31 54.84 -48.88
CA PRO K 277 50.97 55.69 -47.73
C PRO K 277 50.17 54.91 -46.69
N MET K 278 50.00 55.54 -45.54
CA MET K 278 49.26 54.95 -44.43
C MET K 278 47.77 55.00 -44.76
N ILE K 279 47.20 53.85 -45.10
CA ILE K 279 45.79 53.76 -45.45
C ILE K 279 44.95 53.68 -44.19
N VAL K 280 43.86 54.45 -44.15
CA VAL K 280 42.95 54.49 -43.01
C VAL K 280 41.61 53.92 -43.47
N LEU K 281 41.19 52.83 -42.85
CA LEU K 281 39.94 52.16 -43.18
C LEU K 281 38.93 52.42 -42.08
N VAL K 282 37.70 52.79 -42.47
CA VAL K 282 36.62 53.06 -41.54
C VAL K 282 35.66 51.88 -41.54
N LEU K 283 35.18 51.52 -40.35
CA LEU K 283 34.25 50.41 -40.19
C LEU K 283 32.96 50.90 -39.55
N ASP K 284 31.84 50.35 -40.01
CA ASP K 284 30.53 50.71 -39.48
C ASP K 284 29.64 49.48 -39.44
N GLU K 285 28.66 49.52 -38.53
CA GLU K 285 27.71 48.43 -38.28
C GLU K 285 28.37 47.06 -38.40
N MET K 286 29.46 46.88 -37.63
CA MET K 286 30.18 45.62 -37.66
C MET K 286 29.38 44.47 -37.03
N ASP K 287 28.41 44.78 -36.17
CA ASP K 287 27.62 43.73 -35.55
C ASP K 287 26.65 43.09 -36.54
N GLN K 288 26.24 43.84 -37.57
CA GLN K 288 25.32 43.31 -38.57
C GLN K 288 26.02 42.42 -39.60
N LEU K 289 27.35 42.39 -39.61
CA LEU K 289 28.10 41.56 -40.54
C LEU K 289 28.46 40.20 -39.98
N ASP K 290 27.74 39.74 -38.96
CA ASP K 290 28.02 38.45 -38.34
C ASP K 290 27.47 37.32 -39.21
N SER K 291 27.88 36.10 -38.88
CA SER K 291 27.45 34.92 -39.61
C SER K 291 27.20 33.80 -38.59
N LYS K 292 27.15 32.56 -39.06
CA LYS K 292 26.96 31.43 -38.17
C LYS K 292 28.21 31.15 -37.34
N GLY K 293 29.38 31.54 -37.85
CA GLY K 293 30.62 31.35 -37.12
C GLY K 293 31.53 32.55 -37.21
N GLN K 294 30.96 33.70 -37.55
CA GLN K 294 31.64 34.98 -37.76
C GLN K 294 33.04 34.81 -38.34
N ASP K 295 33.16 34.02 -39.41
CA ASP K 295 34.45 33.79 -40.04
C ASP K 295 34.93 34.99 -40.85
N VAL K 296 34.01 35.87 -41.27
CA VAL K 296 34.41 37.05 -42.03
C VAL K 296 35.05 38.11 -41.15
N LEU K 297 34.89 38.02 -39.84
CA LEU K 297 35.47 38.98 -38.90
C LEU K 297 36.80 38.51 -38.33
N TYR K 298 37.29 37.33 -38.74
CA TYR K 298 38.56 36.83 -38.25
C TYR K 298 39.75 37.30 -39.07
N THR K 299 39.51 37.89 -40.24
CA THR K 299 40.60 38.34 -41.10
C THR K 299 40.82 39.86 -41.06
N LEU K 300 39.80 40.63 -40.67
CA LEU K 300 39.94 42.08 -40.62
C LEU K 300 40.48 42.58 -39.28
N PHE K 301 40.56 41.71 -38.27
CA PHE K 301 41.10 42.07 -36.97
C PHE K 301 42.51 41.54 -36.74
N GLU K 302 43.06 40.79 -37.68
CA GLU K 302 44.40 40.23 -37.56
C GLU K 302 45.39 40.85 -38.54
N TRP K 303 44.94 41.73 -39.44
CA TRP K 303 45.86 42.37 -40.38
C TRP K 303 46.81 43.34 -39.68
N PRO K 304 46.36 44.25 -38.79
CA PRO K 304 47.32 45.13 -38.12
C PRO K 304 48.03 44.46 -36.95
N TRP K 305 48.28 43.16 -37.06
CA TRP K 305 48.98 42.43 -36.00
C TRP K 305 49.96 41.39 -36.50
N LEU K 306 50.03 41.13 -37.80
CA LEU K 306 50.97 40.16 -38.36
C LEU K 306 52.16 40.92 -38.95
N SER K 307 52.70 40.56 -40.11
CA SER K 307 53.82 41.28 -40.69
C SER K 307 53.34 42.56 -41.37
N ASN K 308 54.14 43.60 -41.26
CA ASN K 308 53.86 44.90 -41.88
C ASN K 308 52.50 45.45 -41.46
N SER K 309 52.45 46.02 -40.25
CA SER K 309 51.21 46.58 -39.72
C SER K 309 51.08 48.02 -40.19
N HIS K 310 50.30 48.24 -41.24
CA HIS K 310 50.08 49.55 -41.82
C HIS K 310 48.59 49.76 -42.10
N LEU K 311 47.77 49.59 -41.06
CA LEU K 311 46.32 49.77 -41.20
C LEU K 311 45.74 50.04 -39.82
N VAL K 312 44.96 51.11 -39.71
CA VAL K 312 44.31 51.49 -38.46
C VAL K 312 42.82 51.20 -38.58
N LEU K 313 42.28 50.50 -37.60
CA LEU K 313 40.88 50.09 -37.59
C LEU K 313 40.06 51.08 -36.76
N ILE K 314 39.01 51.62 -37.36
CA ILE K 314 38.11 52.56 -36.69
C ILE K 314 36.69 52.06 -36.93
N GLY K 315 36.04 51.57 -35.87
CA GLY K 315 34.70 51.05 -35.99
C GLY K 315 33.66 51.88 -35.27
N ILE K 316 32.75 52.49 -36.02
CA ILE K 316 31.70 53.32 -35.47
C ILE K 316 30.44 52.46 -35.36
N ALA K 317 30.04 52.16 -34.12
CA ALA K 317 28.86 51.34 -33.88
C ALA K 317 28.40 51.56 -32.45
N ASN K 318 27.09 51.43 -32.24
CA ASN K 318 26.52 51.58 -30.92
C ASN K 318 26.80 50.34 -30.08
N THR K 319 26.37 50.37 -28.82
CA THR K 319 26.63 49.28 -27.88
C THR K 319 25.47 48.30 -27.90
N LEU K 320 25.76 47.06 -28.29
CA LEU K 320 24.77 45.99 -28.27
C LEU K 320 25.34 44.77 -27.55
N ASP K 321 26.58 44.42 -27.89
CA ASP K 321 27.26 43.29 -27.26
C ASP K 321 28.75 43.52 -27.35
N LEU K 322 29.46 43.18 -26.28
CA LEU K 322 30.90 43.41 -26.21
C LEU K 322 31.65 42.26 -26.88
N THR K 323 32.73 41.79 -26.25
CA THR K 323 33.56 40.72 -26.79
C THR K 323 33.17 39.41 -26.12
N ASP K 324 32.07 38.82 -26.60
CA ASP K 324 31.57 37.55 -26.09
C ASP K 324 31.51 36.49 -27.18
N ARG K 325 30.81 36.75 -28.28
CA ARG K 325 30.72 35.81 -29.39
C ARG K 325 31.18 36.39 -30.72
N ILE K 326 31.32 37.71 -30.84
CA ILE K 326 31.74 38.30 -32.10
C ILE K 326 33.23 38.08 -32.32
N LEU K 327 34.05 38.44 -31.33
CA LEU K 327 35.51 38.29 -31.39
C LEU K 327 35.94 37.34 -30.27
N PRO K 328 35.98 36.03 -30.52
CA PRO K 328 36.41 35.09 -29.48
C PRO K 328 37.91 35.08 -29.23
N ARG K 329 38.69 35.88 -29.96
CA ARG K 329 40.13 35.90 -29.75
C ARG K 329 40.49 36.56 -28.43
N LEU K 330 39.68 37.51 -27.97
CA LEU K 330 39.95 38.16 -26.69
C LEU K 330 39.63 37.21 -25.54
N GLN K 331 40.30 37.44 -24.41
CA GLN K 331 40.22 36.56 -23.24
C GLN K 331 40.60 35.13 -23.59
N ALA K 332 41.54 34.97 -24.53
CA ALA K 332 41.98 33.64 -24.96
C ALA K 332 43.35 33.73 -25.61
N ARG K 333 43.56 34.73 -26.45
CA ARG K 333 44.82 34.94 -27.15
C ARG K 333 45.54 36.15 -26.56
N GLU K 334 46.87 36.07 -26.50
CA GLU K 334 47.70 37.14 -25.96
C GLU K 334 48.36 37.97 -27.04
N LYS K 335 47.96 37.80 -28.31
CA LYS K 335 48.57 38.52 -29.41
C LYS K 335 47.87 39.85 -29.69
N CYS K 336 46.55 39.85 -29.76
CA CYS K 336 45.79 41.06 -30.05
C CYS K 336 45.49 41.81 -28.77
N LYS K 337 45.67 43.13 -28.80
CA LYS K 337 45.42 44.01 -27.66
C LYS K 337 44.59 45.18 -28.13
N PRO K 338 43.27 45.01 -28.23
CA PRO K 338 42.40 46.10 -28.69
C PRO K 338 42.21 47.16 -27.63
N GLN K 339 41.60 48.26 -28.04
CA GLN K 339 41.30 49.39 -27.16
C GLN K 339 39.81 49.68 -27.21
N LEU K 340 39.23 49.96 -26.05
CA LEU K 340 37.79 50.17 -25.92
C LEU K 340 37.53 51.53 -25.29
N LEU K 341 36.68 52.33 -25.94
CA LEU K 341 36.25 53.62 -25.43
C LEU K 341 34.74 53.70 -25.49
N ASN K 342 34.12 54.07 -24.37
CA ASN K 342 32.67 54.20 -24.27
C ASN K 342 32.28 55.67 -24.15
N PHE K 343 30.98 55.92 -24.28
CA PHE K 343 30.43 57.27 -24.18
C PHE K 343 29.21 57.24 -23.27
N PRO K 344 29.28 57.88 -22.11
CA PRO K 344 28.12 57.89 -21.21
C PRO K 344 27.01 58.77 -21.75
N PRO K 345 25.77 58.53 -21.35
CA PRO K 345 24.66 59.36 -21.84
C PRO K 345 24.75 60.78 -21.28
N TYR K 346 24.49 61.76 -22.13
CA TYR K 346 24.59 63.16 -21.74
C TYR K 346 23.39 63.53 -20.86
N THR K 347 23.66 63.99 -19.64
CA THR K 347 22.62 64.40 -18.72
C THR K 347 22.30 65.88 -18.93
N ARG K 348 21.79 66.56 -17.90
CA ARG K 348 21.45 67.97 -18.04
C ARG K 348 22.68 68.86 -18.15
N ASN K 349 23.87 68.35 -17.83
CA ASN K 349 25.08 69.15 -17.93
C ASN K 349 25.53 69.36 -19.38
N GLN K 350 25.00 68.57 -20.31
CA GLN K 350 25.37 68.68 -21.72
C GLN K 350 24.19 69.00 -22.63
N ILE K 351 22.98 68.52 -22.30
CA ILE K 351 21.82 68.81 -23.14
C ILE K 351 21.43 70.28 -23.03
N VAL K 352 21.49 70.84 -21.82
CA VAL K 352 21.20 72.25 -21.65
C VAL K 352 22.33 73.10 -22.22
N THR K 353 23.56 72.60 -22.15
CA THR K 353 24.69 73.36 -22.66
C THR K 353 24.71 73.38 -24.18
N ILE K 354 24.30 72.28 -24.82
CA ILE K 354 24.31 72.20 -26.27
C ILE K 354 23.24 73.08 -26.90
N LEU K 355 22.25 73.51 -26.11
CA LEU K 355 21.20 74.39 -26.62
C LEU K 355 21.52 75.87 -26.46
N GLN K 356 22.45 76.22 -25.59
CA GLN K 356 22.81 77.63 -25.43
C GLN K 356 23.58 78.14 -26.64
N ASP K 357 24.48 77.32 -27.19
CA ASP K 357 25.23 77.69 -28.38
C ASP K 357 24.51 77.32 -29.67
N ARG K 358 23.27 76.85 -29.58
CA ARG K 358 22.50 76.46 -30.75
C ARG K 358 21.48 77.52 -31.18
N LEU K 359 20.81 78.18 -30.24
CA LEU K 359 19.80 79.18 -30.55
C LEU K 359 20.29 80.62 -30.38
N ASN K 360 21.15 80.88 -29.40
CA ASN K 360 21.63 82.23 -29.14
C ASN K 360 22.64 82.73 -30.16
N GLN K 361 23.14 81.85 -31.03
CA GLN K 361 24.12 82.25 -32.04
C GLN K 361 23.51 82.49 -33.41
N VAL K 362 22.32 81.98 -33.68
CA VAL K 362 21.69 82.16 -34.99
C VAL K 362 20.38 82.94 -34.92
N SER K 363 19.75 83.04 -33.76
CA SER K 363 18.49 83.76 -33.61
C SER K 363 18.73 85.11 -32.93
N ARG K 364 17.79 86.04 -33.17
CA ARG K 364 17.90 87.36 -32.57
C ARG K 364 17.33 87.39 -31.16
N ASP K 365 16.15 86.80 -30.96
CA ASP K 365 15.51 86.76 -29.66
C ASP K 365 14.88 85.39 -29.45
N GLN K 366 14.96 84.90 -28.22
CA GLN K 366 14.40 83.58 -27.91
C GLN K 366 12.89 83.62 -27.92
N VAL K 367 12.28 82.46 -28.21
CA VAL K 367 10.84 82.33 -28.27
C VAL K 367 10.27 81.60 -27.07
N LEU K 368 11.10 81.18 -26.13
CA LEU K 368 10.64 80.46 -24.94
C LEU K 368 11.44 80.95 -23.73
N ASP K 369 10.87 80.70 -22.55
CA ASP K 369 11.51 81.09 -21.31
C ASP K 369 12.56 80.07 -20.89
N ASN K 370 13.32 80.42 -19.85
CA ASN K 370 14.36 79.52 -19.35
C ASN K 370 13.81 78.41 -18.49
N ALA K 371 12.57 78.53 -18.01
CA ALA K 371 11.99 77.48 -17.18
C ALA K 371 11.56 76.28 -18.02
N ALA K 372 11.24 76.48 -19.30
CA ALA K 372 10.85 75.37 -20.15
C ALA K 372 12.04 74.56 -20.64
N VAL K 373 13.26 75.11 -20.56
CA VAL K 373 14.43 74.38 -21.00
C VAL K 373 14.81 73.28 -20.00
N GLN K 374 14.64 73.55 -18.71
CA GLN K 374 15.01 72.57 -17.68
C GLN K 374 14.07 71.37 -17.67
N PHE K 375 12.87 71.50 -18.23
CA PHE K 375 11.91 70.39 -18.25
C PHE K 375 12.06 69.53 -19.50
N CYS K 376 12.25 70.15 -20.66
CA CYS K 376 12.42 69.36 -21.89
C CYS K 376 13.73 68.60 -21.89
N ALA K 377 14.76 69.12 -21.22
CA ALA K 377 16.04 68.45 -21.11
C ALA K 377 16.11 67.49 -19.92
N ARG K 378 14.99 67.29 -19.22
CA ARG K 378 14.95 66.40 -18.07
C ARG K 378 14.53 64.97 -18.44
N LYS K 379 13.48 64.83 -19.26
CA LYS K 379 12.99 63.52 -19.65
C LYS K 379 13.65 62.97 -20.90
N VAL K 380 14.33 63.82 -21.68
CA VAL K 380 15.00 63.34 -22.89
C VAL K 380 16.24 62.53 -22.56
N SER K 381 16.86 62.78 -21.40
CA SER K 381 18.04 62.04 -20.97
C SER K 381 17.69 60.81 -20.15
N ALA K 382 16.41 60.59 -19.84
CA ALA K 382 15.99 59.44 -19.06
C ALA K 382 15.77 58.20 -19.90
N VAL K 383 15.58 58.34 -21.21
CA VAL K 383 15.37 57.20 -22.09
C VAL K 383 16.70 56.73 -22.65
N SER K 384 17.45 57.64 -23.28
CA SER K 384 18.74 57.30 -23.86
C SER K 384 19.67 58.51 -23.89
N GLY K 385 19.12 59.67 -24.26
CA GLY K 385 19.92 60.88 -24.34
C GLY K 385 20.37 61.20 -25.75
N ASP K 386 19.48 61.01 -26.72
CA ASP K 386 19.81 61.27 -28.11
C ASP K 386 19.73 62.77 -28.40
N VAL K 387 20.64 63.24 -29.26
CA VAL K 387 20.64 64.65 -29.65
C VAL K 387 19.45 64.94 -30.57
N ARG K 388 19.11 64.00 -31.45
CA ARG K 388 17.98 64.20 -32.34
C ARG K 388 16.66 64.23 -31.58
N LYS K 389 16.55 63.46 -30.49
CA LYS K 389 15.33 63.49 -29.70
C LYS K 389 15.18 64.80 -28.94
N ALA K 390 16.30 65.41 -28.53
CA ALA K 390 16.22 66.70 -27.84
C ALA K 390 15.90 67.83 -28.80
N LEU K 391 16.39 67.76 -30.03
CA LEU K 391 16.11 68.79 -31.03
C LEU K 391 14.73 68.63 -31.65
N ASP K 392 14.12 67.45 -31.54
CA ASP K 392 12.80 67.23 -32.09
C ASP K 392 11.68 67.51 -31.09
N VAL K 393 11.94 67.29 -29.79
CA VAL K 393 10.91 67.56 -28.79
C VAL K 393 10.71 69.06 -28.61
N CYS K 394 11.72 69.87 -28.92
CA CYS K 394 11.61 71.31 -28.80
C CYS K 394 11.10 71.97 -30.08
N ARG K 395 11.51 71.45 -31.25
CA ARG K 395 11.04 72.01 -32.50
C ARG K 395 9.57 71.70 -32.74
N ARG K 396 9.11 70.54 -32.27
CA ARG K 396 7.70 70.20 -32.44
C ARG K 396 6.80 71.03 -31.54
N ALA K 397 7.32 71.46 -30.38
CA ALA K 397 6.55 72.29 -29.46
C ALA K 397 6.42 73.74 -29.92
N ILE K 398 7.10 74.11 -31.02
CA ILE K 398 7.01 75.47 -31.52
C ILE K 398 5.96 75.60 -32.62
N GLU K 399 5.85 74.59 -33.49
CA GLU K 399 4.88 74.65 -34.57
C GLU K 399 3.45 74.58 -34.05
N ILE K 400 3.23 73.95 -32.90
CA ILE K 400 1.90 73.90 -32.31
C ILE K 400 1.51 75.26 -31.76
N VAL K 401 2.48 76.02 -31.25
CA VAL K 401 2.19 77.37 -30.76
C VAL K 401 2.16 78.36 -31.92
N GLU K 402 3.02 78.17 -32.93
CA GLU K 402 3.01 79.04 -34.09
C GLU K 402 1.71 78.93 -34.88
N SER K 403 1.11 77.74 -34.92
CA SER K 403 -0.15 77.58 -35.61
C SER K 403 -1.28 78.34 -34.91
N ASP K 404 -1.16 78.53 -33.59
CA ASP K 404 -2.15 79.29 -32.85
C ASP K 404 -1.98 80.79 -33.01
N VAL K 405 -0.84 81.25 -33.54
CA VAL K 405 -0.64 82.68 -33.75
C VAL K 405 -1.53 83.19 -34.88
N LYS K 406 -1.68 82.39 -35.94
CA LYS K 406 -2.53 82.78 -37.07
C LYS K 406 -3.98 82.44 -36.78
N SER K 407 -4.52 82.94 -35.67
CA SER K 407 -5.90 82.71 -35.27
C SER K 407 -6.50 84.06 -34.88
N GLN K 408 -7.34 84.61 -35.77
CA GLN K 408 -7.97 85.91 -35.56
C GLN K 408 -6.94 87.00 -35.33
N THR K 409 -5.82 86.91 -36.06
CA THR K 409 -4.75 87.90 -35.95
C THR K 409 -4.38 88.43 -37.32
N ILE K 410 -4.05 87.53 -38.25
CA ILE K 410 -3.68 87.95 -39.60
C ILE K 410 -4.90 88.30 -40.44
N LEU K 411 -6.09 87.90 -40.02
CA LEU K 411 -7.31 88.21 -40.75
C LEU K 411 -7.85 89.57 -40.35
N LYS K 412 -8.46 90.25 -41.31
CA LYS K 412 -9.03 91.57 -41.07
C LYS K 412 -10.56 91.50 -41.00
N PRO K 426 9.39 88.84 -29.36
CA PRO K 426 8.41 87.79 -29.67
C PRO K 426 7.74 87.23 -28.41
N LYS K 427 6.76 86.35 -28.60
CA LYS K 427 6.05 85.75 -27.48
C LYS K 427 6.90 84.64 -26.84
N ARG K 428 6.52 84.28 -25.63
CA ARG K 428 7.21 83.23 -24.87
C ARG K 428 6.32 82.00 -24.78
N VAL K 429 6.86 80.85 -25.18
CA VAL K 429 6.12 79.60 -25.15
C VAL K 429 6.14 79.06 -23.72
N GLY K 430 4.96 78.84 -23.15
CA GLY K 430 4.86 78.32 -21.81
C GLY K 430 5.17 76.83 -21.73
N LEU K 431 5.22 76.34 -20.49
CA LEU K 431 5.52 74.93 -20.27
C LEU K 431 4.31 74.04 -20.54
N ILE K 432 3.09 74.59 -20.41
CA ILE K 432 1.89 73.80 -20.66
C ILE K 432 1.79 73.45 -22.14
N HIS K 433 2.35 74.28 -23.02
CA HIS K 433 2.32 74.00 -24.46
C HIS K 433 3.26 72.88 -24.85
N ILE K 434 4.16 72.46 -23.97
CA ILE K 434 5.10 71.39 -24.25
C ILE K 434 4.58 70.05 -23.75
N SER K 435 3.92 70.04 -22.59
CA SER K 435 3.40 68.80 -22.04
C SER K 435 2.27 68.23 -22.88
N GLN K 436 1.55 69.08 -23.61
CA GLN K 436 0.48 68.60 -24.48
C GLN K 436 1.02 67.91 -25.73
N VAL K 437 2.26 68.19 -26.12
CA VAL K 437 2.84 67.53 -27.28
C VAL K 437 3.29 66.12 -26.94
N ILE K 438 3.79 65.92 -25.72
CA ILE K 438 4.26 64.61 -25.28
C ILE K 438 3.11 63.89 -24.60
N SER K 439 1.91 64.48 -24.65
CA SER K 439 0.75 63.87 -24.02
C SER K 439 0.32 62.60 -24.75
N GLU K 440 0.44 62.59 -26.08
CA GLU K 440 0.09 61.44 -26.88
C GLU K 440 1.28 60.53 -27.18
N ILE K 441 2.32 60.60 -26.36
CA ILE K 441 3.51 59.76 -26.54
C ILE K 441 3.50 58.67 -25.46
N ASP K 442 3.48 59.09 -24.20
CA ASP K 442 3.46 58.18 -23.07
C ASP K 442 2.16 58.21 -22.28
N GLY K 443 1.36 59.28 -22.40
CA GLY K 443 0.11 59.39 -21.69
C GLY K 443 -1.04 58.81 -22.48
N ASN K 444 -2.01 58.23 -21.77
CA ASN K 444 -3.16 57.63 -22.41
C ASN K 444 -4.15 58.72 -22.85
N ARG K 445 -4.71 58.54 -24.04
CA ARG K 445 -5.68 59.48 -24.59
C ARG K 445 -7.09 58.98 -24.30
N MET K 446 -7.47 59.07 -23.03
CA MET K 446 -8.77 58.62 -22.57
C MET K 446 -9.60 59.76 -21.98
N THR K 447 -9.09 60.98 -21.97
CA THR K 447 -9.81 62.12 -21.41
C THR K 447 -10.71 62.81 -22.44
N LEU K 448 -10.22 62.98 -23.67
CA LEU K 448 -10.98 63.64 -24.72
C LEU K 448 -12.05 62.67 -25.21
N SER K 449 -13.25 62.80 -24.64
CA SER K 449 -14.35 61.92 -25.04
C SER K 449 -15.72 62.58 -24.90
N GLN K 450 -15.77 63.91 -24.77
CA GLN K 450 -17.04 64.62 -24.63
C GLN K 450 -17.58 65.02 -26.00
N GLU K 451 -18.72 65.71 -25.98
CA GLU K 451 -19.43 66.20 -27.17
C GLU K 451 -19.40 65.24 -28.34
N GLY K 452 -19.46 63.93 -28.07
CA GLY K 452 -19.44 62.94 -29.11
C GLY K 452 -18.14 62.85 -29.89
N ALA K 453 -17.04 63.35 -29.33
CA ALA K 453 -15.77 63.31 -30.04
C ALA K 453 -15.19 61.90 -30.00
N GLN K 454 -14.98 61.33 -31.19
CA GLN K 454 -14.41 59.99 -31.32
C GLN K 454 -12.89 60.07 -31.31
N ASP K 455 -12.36 60.36 -30.12
CA ASP K 455 -10.91 60.48 -29.92
C ASP K 455 -10.40 59.47 -28.90
N SER K 456 -11.19 58.44 -28.58
CA SER K 456 -10.78 57.45 -27.60
C SER K 456 -11.34 56.07 -27.96
N PHE K 457 -12.46 55.70 -27.34
CA PHE K 457 -13.06 54.39 -27.53
C PHE K 457 -14.46 54.54 -28.12
N PRO K 458 -14.79 53.82 -29.19
CA PRO K 458 -16.15 53.87 -29.75
C PRO K 458 -17.21 53.35 -28.79
N LEU K 459 -17.58 52.07 -28.93
CA LEU K 459 -18.63 51.50 -28.08
C LEU K 459 -18.54 49.98 -27.99
N GLN K 460 -18.55 49.29 -29.13
CA GLN K 460 -18.62 47.84 -29.16
C GLN K 460 -17.38 47.17 -28.57
N GLN K 461 -16.33 47.93 -28.27
CA GLN K 461 -15.12 47.37 -27.66
C GLN K 461 -15.09 47.52 -26.15
N LYS K 462 -15.78 48.52 -25.60
CA LYS K 462 -15.79 48.68 -24.15
C LYS K 462 -16.65 47.63 -23.47
N ILE K 463 -17.69 47.14 -24.16
CA ILE K 463 -18.53 46.09 -23.60
C ILE K 463 -17.86 44.73 -23.61
N LEU K 464 -16.73 44.59 -24.30
CA LEU K 464 -15.96 43.36 -24.33
C LEU K 464 -14.75 43.41 -23.40
N VAL K 465 -14.07 44.55 -23.31
CA VAL K 465 -12.91 44.66 -22.43
C VAL K 465 -13.31 44.82 -20.97
N CYS K 466 -14.57 45.19 -20.70
CA CYS K 466 -15.01 45.31 -19.32
C CYS K 466 -15.16 43.95 -18.65
N SER K 467 -15.41 42.91 -19.44
CA SER K 467 -15.53 41.55 -18.92
C SER K 467 -14.19 40.87 -18.72
N LEU K 468 -13.08 41.53 -19.07
CA LEU K 468 -11.76 40.93 -18.88
C LEU K 468 -11.41 40.84 -17.41
N MET K 469 -11.59 41.94 -16.67
CA MET K 469 -11.33 41.93 -15.24
C MET K 469 -12.33 41.08 -14.46
N LEU K 470 -13.50 40.83 -15.04
CA LEU K 470 -14.49 39.98 -14.38
C LEU K 470 -14.06 38.51 -14.35
N LEU K 471 -13.14 38.12 -15.23
CA LEU K 471 -12.63 36.75 -15.25
C LEU K 471 -11.28 36.59 -14.56
N ILE K 472 -10.57 37.69 -14.32
CA ILE K 472 -9.28 37.61 -13.65
C ILE K 472 -9.46 37.35 -12.16
N ARG K 473 -10.41 38.05 -11.54
CA ARG K 473 -10.65 37.88 -10.10
C ARG K 473 -11.36 36.58 -9.78
N GLN K 474 -11.83 35.84 -10.77
CA GLN K 474 -12.51 34.57 -10.55
C GLN K 474 -11.65 33.36 -10.87
N LEU K 475 -10.67 33.49 -11.75
CA LEU K 475 -9.80 32.37 -12.12
C LEU K 475 -8.34 32.62 -11.78
N LYS K 476 -8.00 33.78 -11.22
CA LYS K 476 -6.63 34.11 -10.82
C LYS K 476 -5.66 34.04 -12.00
N ILE K 477 -6.14 34.33 -13.20
CA ILE K 477 -5.31 34.35 -14.40
C ILE K 477 -5.59 35.63 -15.17
N LYS K 478 -4.57 36.14 -15.85
CA LYS K 478 -4.67 37.37 -16.62
C LYS K 478 -4.69 37.13 -18.13
N GLU K 479 -4.78 35.87 -18.56
CA GLU K 479 -4.80 35.53 -19.97
C GLU K 479 -6.14 34.89 -20.32
N VAL K 480 -6.66 35.26 -21.49
CA VAL K 480 -7.94 34.72 -21.97
C VAL K 480 -7.79 34.35 -23.44
N THR K 481 -8.91 34.16 -24.13
CA THR K 481 -8.90 33.82 -25.55
C THR K 481 -10.21 34.30 -26.17
N LEU K 482 -10.28 34.18 -27.51
CA LEU K 482 -11.47 34.59 -28.23
C LEU K 482 -12.66 33.69 -27.95
N GLY K 483 -12.42 32.44 -27.56
CA GLY K 483 -13.54 31.54 -27.30
C GLY K 483 -14.36 31.95 -26.09
N LYS K 484 -13.69 32.19 -24.96
CA LYS K 484 -14.39 32.59 -23.75
C LYS K 484 -14.82 34.05 -23.75
N LEU K 485 -14.32 34.85 -24.70
CA LEU K 485 -14.74 36.25 -24.77
C LEU K 485 -16.17 36.37 -25.29
N TYR K 486 -16.56 35.51 -26.23
CA TYR K 486 -17.92 35.56 -26.73
C TYR K 486 -18.91 34.96 -25.74
N GLU K 487 -18.45 34.05 -24.88
CA GLU K 487 -19.33 33.46 -23.88
C GLU K 487 -19.79 34.50 -22.87
N ALA K 488 -18.90 35.41 -22.47
CA ALA K 488 -19.27 36.48 -21.55
C ALA K 488 -20.13 37.54 -22.24
N TYR K 489 -19.96 37.73 -23.54
CA TYR K 489 -20.75 38.71 -24.27
C TYR K 489 -22.14 38.17 -24.60
N SER K 490 -22.26 36.87 -24.87
CA SER K 490 -23.56 36.28 -25.18
C SER K 490 -24.47 36.23 -23.97
N LYS K 491 -23.91 36.34 -22.76
CA LYS K 491 -24.72 36.31 -21.54
C LYS K 491 -25.17 37.70 -21.12
N VAL K 492 -24.31 38.70 -21.27
CA VAL K 492 -24.68 40.06 -20.85
C VAL K 492 -25.54 40.77 -21.89
N CYS K 493 -25.65 40.23 -23.10
CA CYS K 493 -26.48 40.87 -24.13
C CYS K 493 -27.93 40.45 -24.01
N ARG K 494 -28.19 39.21 -23.59
CA ARG K 494 -29.56 38.73 -23.45
C ARG K 494 -30.24 39.29 -22.21
N LYS K 495 -29.48 39.74 -21.22
CA LYS K 495 -30.03 40.29 -19.99
C LYS K 495 -30.02 41.81 -19.97
N GLN K 496 -29.59 42.46 -21.05
CA GLN K 496 -29.57 43.90 -21.13
C GLN K 496 -30.19 44.46 -22.40
N GLN K 497 -30.47 43.63 -23.40
CA GLN K 497 -31.08 44.05 -24.66
C GLN K 497 -30.23 45.13 -25.34
N VAL K 498 -29.10 44.67 -25.89
CA VAL K 498 -28.17 45.55 -26.60
C VAL K 498 -27.98 45.04 -28.01
N ALA K 499 -27.04 45.62 -28.74
CA ALA K 499 -26.78 45.21 -30.11
C ALA K 499 -26.04 43.87 -30.12
N ALA K 500 -26.58 42.91 -30.86
CA ALA K 500 -25.97 41.58 -30.95
C ALA K 500 -24.85 41.58 -31.98
N VAL K 501 -23.67 41.12 -31.57
CA VAL K 501 -22.50 41.04 -32.42
C VAL K 501 -22.09 39.58 -32.51
N ASP K 502 -22.19 39.00 -33.71
CA ASP K 502 -21.82 37.61 -33.91
C ASP K 502 -20.29 37.46 -33.88
N GLN K 503 -19.85 36.24 -33.55
CA GLN K 503 -18.42 35.95 -33.46
C GLN K 503 -17.75 35.86 -34.82
N SER K 504 -18.48 36.06 -35.92
CA SER K 504 -17.87 36.02 -37.23
C SER K 504 -16.98 37.22 -37.48
N GLU K 505 -17.30 38.37 -36.89
CA GLU K 505 -16.53 39.59 -37.04
C GLU K 505 -15.82 40.00 -35.75
N CYS K 506 -15.85 39.17 -34.71
CA CYS K 506 -15.17 39.51 -33.46
C CYS K 506 -13.66 39.33 -33.57
N LEU K 507 -13.17 38.53 -34.53
CA LEU K 507 -11.74 38.39 -34.70
C LEU K 507 -11.11 39.66 -35.24
N SER K 508 -11.85 40.43 -36.03
CA SER K 508 -11.33 41.71 -36.51
C SER K 508 -11.18 42.71 -35.39
N LEU K 509 -11.95 42.55 -34.30
CA LEU K 509 -11.80 43.43 -33.16
C LEU K 509 -10.49 43.18 -32.41
N SER K 510 -9.96 41.96 -32.51
CA SER K 510 -8.67 41.67 -31.90
C SER K 510 -7.54 42.43 -32.58
N GLY K 511 -7.64 42.64 -33.88
CA GLY K 511 -6.65 43.41 -34.61
C GLY K 511 -7.06 44.87 -34.73
N LEU K 512 -7.88 45.34 -33.80
CA LEU K 512 -8.36 46.71 -33.77
C LEU K 512 -7.97 47.45 -32.50
N LEU K 513 -7.87 46.75 -31.36
CA LEU K 513 -7.53 47.37 -30.09
C LEU K 513 -6.05 47.14 -29.78
N GLU K 514 -5.22 47.96 -30.42
CA GLU K 514 -3.77 47.93 -30.18
C GLU K 514 -3.13 49.30 -30.09
N ALA K 515 -3.73 50.34 -30.65
CA ALA K 515 -3.18 51.69 -30.56
C ALA K 515 -3.57 52.32 -29.22
N ARG K 516 -3.14 53.56 -29.03
CA ARG K 516 -3.39 54.36 -27.83
C ARG K 516 -2.83 53.72 -26.56
N GLY K 517 -1.95 52.73 -26.69
CA GLY K 517 -1.34 52.08 -25.54
C GLY K 517 -2.32 51.29 -24.70
N ILE K 518 -2.79 50.16 -25.23
CA ILE K 518 -3.71 49.29 -24.50
C ILE K 518 -3.23 47.85 -24.60
N LEU K 519 -4.18 46.91 -24.57
CA LEU K 519 -3.83 45.50 -24.61
C LEU K 519 -3.21 45.12 -25.94
N GLY K 520 -2.51 43.99 -25.95
CA GLY K 520 -1.88 43.47 -27.14
C GLY K 520 -2.03 41.96 -27.23
N LEU K 521 -1.55 41.41 -28.35
CA LEU K 521 -1.62 39.98 -28.59
C LEU K 521 -0.55 39.59 -29.60
N LYS K 522 -0.56 38.33 -30.00
CA LYS K 522 0.40 37.80 -30.96
C LYS K 522 -0.33 37.25 -32.17
N ARG K 523 0.38 36.47 -32.98
CA ARG K 523 -0.17 35.88 -34.20
C ARG K 523 -0.36 34.38 -33.99
N ASN K 524 -1.51 33.86 -34.40
CA ASN K 524 -1.82 32.44 -34.28
C ASN K 524 -2.41 31.95 -35.60
N LYS K 525 -2.12 30.69 -35.91
CA LYS K 525 -2.63 30.09 -37.16
C LYS K 525 -4.13 29.85 -37.06
N GLU K 526 -4.56 29.08 -36.05
CA GLU K 526 -5.97 28.79 -35.88
C GLU K 526 -6.69 29.94 -35.19
N THR K 527 -8.00 30.03 -35.44
CA THR K 527 -8.82 31.07 -34.86
C THR K 527 -9.30 30.62 -33.48
N ARG K 528 -10.16 31.44 -32.85
CA ARG K 528 -10.72 31.16 -31.53
C ARG K 528 -9.62 30.95 -30.49
N LEU K 529 -8.96 29.79 -30.54
CA LEU K 529 -7.90 29.46 -29.58
C LEU K 529 -6.69 30.35 -29.86
N THR K 530 -6.72 31.54 -29.26
CA THR K 530 -5.64 32.52 -29.39
C THR K 530 -5.28 33.05 -28.01
N LYS K 531 -4.06 32.77 -27.57
CA LYS K 531 -3.61 33.19 -26.25
C LYS K 531 -3.37 34.70 -26.25
N VAL K 532 -4.29 35.45 -25.65
CA VAL K 532 -4.19 36.89 -25.55
C VAL K 532 -4.02 37.29 -24.08
N PHE K 533 -3.56 38.52 -23.86
CA PHE K 533 -3.34 39.02 -22.52
C PHE K 533 -3.72 40.50 -22.48
N PHE K 534 -3.55 41.10 -21.31
CA PHE K 534 -3.87 42.51 -21.10
C PHE K 534 -2.60 43.26 -20.71
N LYS K 535 -2.56 44.54 -21.06
CA LYS K 535 -1.39 45.37 -20.79
C LYS K 535 -1.26 45.67 -19.31
N ILE K 536 -1.98 46.69 -18.84
CA ILE K 536 -1.92 47.11 -17.45
C ILE K 536 -3.29 47.61 -17.02
N GLU K 537 -3.79 47.11 -15.90
CA GLU K 537 -5.09 47.50 -15.37
C GLU K 537 -4.95 47.74 -13.88
N GLU K 538 -5.24 48.96 -13.43
CA GLU K 538 -5.14 49.30 -12.02
C GLU K 538 -6.20 50.31 -11.62
N LYS K 539 -6.01 51.57 -12.01
CA LYS K 539 -6.96 52.62 -11.66
C LYS K 539 -6.94 53.65 -12.79
N GLU K 540 -7.84 53.48 -13.76
CA GLU K 540 -7.92 54.39 -14.90
C GLU K 540 -9.35 54.47 -15.43
N ILE K 541 -10.26 53.71 -14.82
CA ILE K 541 -11.66 53.68 -15.27
C ILE K 541 -12.54 54.66 -14.50
N GLU K 542 -11.99 55.36 -13.52
CA GLU K 542 -12.74 56.32 -12.72
C GLU K 542 -12.05 57.68 -12.77
N HIS K 543 -12.64 58.65 -12.07
CA HIS K 543 -12.13 60.01 -11.99
C HIS K 543 -11.94 60.63 -13.37
N ALA K 544 -10.82 60.31 -14.03
CA ALA K 544 -10.57 60.85 -15.36
C ALA K 544 -11.55 60.29 -16.38
N LEU K 545 -11.87 59.00 -16.27
CA LEU K 545 -12.83 58.36 -17.16
C LEU K 545 -14.17 58.21 -16.44
N LYS K 546 -15.26 58.36 -17.20
CA LYS K 546 -16.60 58.31 -16.64
C LYS K 546 -16.92 56.92 -16.12
N ASP K 547 -17.41 56.05 -17.00
CA ASP K 547 -17.78 54.67 -16.67
C ASP K 547 -18.81 54.62 -15.53
N LYS K 548 -19.66 55.64 -15.44
CA LYS K 548 -20.70 55.70 -14.42
C LYS K 548 -22.10 55.49 -14.98
N ALA K 549 -22.42 56.10 -16.12
CA ALA K 549 -23.72 55.91 -16.76
C ALA K 549 -23.65 55.00 -17.98
N LEU K 550 -22.46 54.57 -18.40
CA LEU K 550 -22.33 53.68 -19.56
C LEU K 550 -22.26 52.23 -19.11
N ILE K 551 -21.12 51.82 -18.56
CA ILE K 551 -20.91 50.45 -18.11
C ILE K 551 -20.91 50.37 -16.59
N GLY K 552 -21.62 51.29 -15.92
CA GLY K 552 -21.66 51.26 -14.46
C GLY K 552 -22.46 50.09 -13.92
N ASN K 553 -23.50 49.67 -14.66
CA ASN K 553 -24.32 48.55 -14.25
C ASN K 553 -23.69 47.20 -14.58
N ILE K 554 -22.63 47.18 -15.40
CA ILE K 554 -21.97 45.93 -15.76
C ILE K 554 -20.99 45.49 -14.67
N LEU K 555 -20.27 46.43 -14.09
CA LEU K 555 -19.31 46.08 -13.04
C LEU K 555 -20.01 45.62 -11.77
N ALA K 556 -21.22 46.12 -11.50
CA ALA K 556 -21.98 45.73 -10.33
C ALA K 556 -22.84 44.49 -10.57
N THR K 557 -22.75 43.87 -11.75
CA THR K 557 -23.52 42.68 -12.07
C THR K 557 -22.64 41.42 -12.05
N GLY K 558 -21.61 41.39 -12.89
CA GLY K 558 -20.72 40.24 -12.95
C GLY K 558 -20.59 39.66 -14.33
N PRO L 46 35.39 -95.87 32.72
CA PRO L 46 35.55 -94.90 31.64
C PRO L 46 35.63 -93.46 32.13
N GLY L 47 36.13 -92.56 31.29
CA GLY L 47 36.25 -91.16 31.64
C GLY L 47 35.00 -90.37 31.33
N LEU L 48 35.19 -89.09 31.01
CA LEU L 48 34.07 -88.21 30.70
C LEU L 48 34.55 -87.13 29.74
N VAL L 49 33.62 -86.64 28.92
CA VAL L 49 33.90 -85.60 27.94
C VAL L 49 32.95 -84.44 28.18
N LEU L 50 33.22 -83.33 27.50
CA LEU L 50 32.40 -82.13 27.61
C LEU L 50 32.51 -81.28 26.35
N PRO L 51 31.43 -81.16 25.58
CA PRO L 51 31.49 -80.34 24.36
C PRO L 51 31.47 -78.84 24.67
N TYR L 52 30.60 -78.11 23.99
CA TYR L 52 30.47 -76.67 24.20
C TYR L 52 29.06 -76.20 23.90
N LYS L 53 28.28 -77.03 23.20
CA LYS L 53 26.92 -76.69 22.83
C LYS L 53 25.87 -77.24 23.80
N TYR L 54 26.24 -78.24 24.61
CA TYR L 54 25.32 -78.81 25.60
C TYR L 54 25.57 -78.31 27.01
N GLN L 55 26.76 -77.77 27.30
CA GLN L 55 27.05 -77.26 28.64
C GLN L 55 26.46 -75.89 28.87
N VAL L 56 26.02 -75.19 27.82
CA VAL L 56 25.43 -73.88 28.00
C VAL L 56 24.01 -74.00 28.56
N LEU L 57 23.21 -74.92 28.01
CA LEU L 57 21.84 -75.11 28.49
C LEU L 57 21.80 -75.78 29.86
N ALA L 58 22.89 -76.43 30.29
CA ALA L 58 22.89 -77.07 31.59
C ALA L 58 22.94 -76.04 32.71
N GLU L 59 23.83 -75.04 32.59
CA GLU L 59 23.94 -74.00 33.59
C GLU L 59 22.92 -72.88 33.39
N MET L 60 22.26 -72.84 32.24
CA MET L 60 21.24 -71.82 32.00
C MET L 60 19.96 -72.09 32.77
N PHE L 61 19.68 -73.37 33.05
CA PHE L 61 18.47 -73.72 33.78
C PHE L 61 18.49 -73.19 35.21
N ARG L 62 19.68 -73.01 35.79
CA ARG L 62 19.78 -72.46 37.13
C ARG L 62 19.44 -70.97 37.13
N SER L 63 19.91 -70.23 36.13
CA SER L 63 19.62 -68.81 36.01
C SER L 63 18.29 -68.53 35.34
N MET L 64 17.50 -69.56 35.04
CA MET L 64 16.20 -69.38 34.42
C MET L 64 15.04 -69.47 35.40
N ASP L 65 15.18 -70.27 36.46
CA ASP L 65 14.13 -70.40 37.46
C ASP L 65 14.01 -69.18 38.36
N THR L 66 14.98 -68.28 38.34
CA THR L 66 14.93 -67.09 39.18
C THR L 66 13.96 -66.05 38.66
N ILE L 67 13.65 -66.04 37.36
CA ILE L 67 12.72 -65.09 36.79
C ILE L 67 11.32 -65.66 36.65
N VAL L 68 11.08 -66.87 37.16
CA VAL L 68 9.76 -67.49 37.08
C VAL L 68 9.17 -67.76 38.46
N GLY L 69 9.97 -67.81 39.52
CA GLY L 69 9.47 -68.09 40.84
C GLY L 69 9.01 -66.85 41.59
N MET L 70 9.80 -65.78 41.52
CA MET L 70 9.50 -64.54 42.22
C MET L 70 8.62 -63.60 41.41
N LEU L 71 8.00 -64.08 40.34
CA LEU L 71 7.15 -63.26 39.50
C LEU L 71 5.79 -63.89 39.23
N HIS L 72 5.74 -65.22 39.06
CA HIS L 72 4.48 -65.88 38.76
C HIS L 72 3.61 -66.09 40.00
N ASN L 73 4.16 -65.89 41.19
CA ASN L 73 3.41 -66.15 42.41
C ASN L 73 2.44 -65.02 42.76
N ARG L 74 2.76 -63.77 42.41
CA ARG L 74 1.88 -62.67 42.74
C ARG L 74 1.82 -61.59 41.68
N SER L 75 2.58 -61.69 40.59
CA SER L 75 2.52 -60.68 39.54
C SER L 75 2.07 -61.30 38.22
N GLU L 76 2.71 -60.91 37.12
CA GLU L 76 2.33 -61.41 35.80
C GLU L 76 2.94 -62.80 35.58
N THR L 77 2.41 -63.49 34.57
CA THR L 77 2.89 -64.82 34.22
C THR L 77 4.03 -64.70 33.20
N PRO L 78 5.18 -65.31 33.45
CA PRO L 78 6.28 -65.23 32.49
C PRO L 78 5.91 -65.86 31.17
N THR L 79 6.17 -65.13 30.08
CA THR L 79 5.85 -65.61 28.74
C THR L 79 7.11 -65.88 27.94
N PHE L 80 7.06 -65.70 26.62
CA PHE L 80 8.20 -65.89 25.74
C PHE L 80 8.58 -64.61 25.01
N ALA L 81 8.11 -63.46 25.48
CA ALA L 81 8.38 -62.17 24.84
C ALA L 81 9.24 -61.27 25.71
N LYS L 82 8.76 -60.90 26.89
CA LYS L 82 9.51 -60.02 27.78
C LYS L 82 10.62 -60.73 28.54
N VAL L 83 10.71 -62.06 28.46
CA VAL L 83 11.74 -62.79 29.17
C VAL L 83 13.07 -62.83 28.42
N GLN L 84 13.12 -62.29 27.21
CA GLN L 84 14.37 -62.26 26.46
C GLN L 84 15.37 -61.30 27.08
N ARG L 85 14.89 -60.29 27.82
CA ARG L 85 15.81 -59.37 28.48
C ARG L 85 16.44 -60.00 29.71
N GLY L 86 15.66 -60.77 30.48
CA GLY L 86 16.20 -61.37 31.68
C GLY L 86 17.21 -62.46 31.41
N VAL L 87 17.07 -63.16 30.28
CA VAL L 87 18.03 -64.22 29.92
C VAL L 87 19.20 -63.70 29.11
N GLN L 88 19.31 -62.39 28.91
CA GLN L 88 20.39 -61.79 28.14
C GLN L 88 21.20 -60.86 29.07
N ASP L 89 21.89 -61.47 30.03
CA ASP L 89 22.71 -60.71 30.97
C ASP L 89 24.15 -61.21 30.96
N MET L 90 24.45 -62.22 31.78
CA MET L 90 25.77 -62.82 31.80
C MET L 90 25.98 -63.84 30.68
N MET L 91 24.96 -64.13 29.88
CA MET L 91 25.11 -65.10 28.80
C MET L 91 25.70 -64.45 27.55
N ARG L 92 25.25 -63.24 27.23
CA ARG L 92 25.72 -62.50 26.05
C ARG L 92 25.48 -63.28 24.75
N ARG L 93 24.45 -64.14 24.74
CA ARG L 93 24.10 -64.92 23.58
C ARG L 93 22.59 -64.82 23.34
N ARG L 94 22.22 -64.67 22.07
CA ARG L 94 20.82 -64.54 21.72
C ARG L 94 20.09 -65.86 21.87
N PHE L 95 18.89 -65.81 22.45
CA PHE L 95 18.05 -66.97 22.66
C PHE L 95 16.74 -66.79 21.91
N GLU L 96 16.42 -67.76 21.06
CA GLU L 96 15.20 -67.68 20.25
C GLU L 96 14.29 -68.88 20.51
N GLU L 97 13.89 -69.58 19.46
CA GLU L 97 13.00 -70.72 19.56
C GLU L 97 13.67 -72.06 19.26
N CYS L 98 14.75 -72.07 18.49
CA CYS L 98 15.42 -73.32 18.15
C CYS L 98 16.01 -73.99 19.38
N ASN L 99 16.39 -73.21 20.39
CA ASN L 99 16.93 -73.79 21.61
C ASN L 99 15.86 -74.42 22.48
N VAL L 100 14.58 -74.09 22.26
CA VAL L 100 13.50 -74.67 23.05
C VAL L 100 13.20 -76.09 22.58
N GLY L 101 13.35 -76.37 21.29
CA GLY L 101 13.07 -77.69 20.76
C GLY L 101 13.99 -78.77 21.29
N GLN L 102 15.20 -78.41 21.70
CA GLN L 102 16.15 -79.37 22.26
C GLN L 102 16.04 -79.51 23.77
N ILE L 103 15.07 -78.84 24.39
CA ILE L 103 14.89 -78.91 25.84
C ILE L 103 13.55 -79.56 26.19
N LYS L 104 12.47 -79.16 25.52
CA LYS L 104 11.16 -79.74 25.82
C LYS L 104 11.06 -81.17 25.30
N THR L 105 11.77 -81.50 24.22
CA THR L 105 11.67 -82.84 23.65
C THR L 105 12.33 -83.87 24.56
N VAL L 106 13.50 -83.56 25.10
CA VAL L 106 14.20 -84.51 25.96
C VAL L 106 13.54 -84.64 27.32
N TYR L 107 12.70 -83.68 27.71
CA TYR L 107 12.00 -83.73 28.99
C TYR L 107 10.74 -82.90 28.93
N PRO L 108 9.60 -83.50 28.54
CA PRO L 108 8.35 -82.74 28.48
C PRO L 108 7.52 -82.89 29.75
N ALA L 109 8.19 -82.98 30.89
CA ALA L 109 7.52 -83.15 32.18
C ALA L 109 7.72 -81.95 33.11
N SER L 110 8.08 -80.79 32.56
CA SER L 110 8.29 -79.59 33.37
C SER L 110 7.50 -78.42 32.81
N TYR L 111 7.88 -77.88 31.65
CA TYR L 111 7.20 -76.73 31.04
C TYR L 111 6.62 -77.14 29.70
N ARG L 112 5.33 -76.87 29.51
CA ARG L 112 4.63 -77.16 28.28
C ARG L 112 3.99 -75.89 27.75
N PHE L 113 4.22 -75.59 26.48
CA PHE L 113 3.69 -74.37 25.88
C PHE L 113 2.25 -74.58 25.39
N ARG L 114 1.51 -73.49 25.31
CA ARG L 114 0.14 -73.50 24.83
C ARG L 114 -0.14 -72.22 24.08
N GLN L 115 -0.80 -72.34 22.92
CA GLN L 115 -1.12 -71.19 22.10
C GLN L 115 -2.22 -71.57 21.12
N GLU L 116 -2.77 -70.55 20.46
CA GLU L 116 -3.80 -70.73 19.45
C GLU L 116 -3.27 -70.23 18.10
N ARG L 117 -2.30 -70.96 17.57
CA ARG L 117 -1.66 -70.59 16.31
C ARG L 117 -2.49 -71.02 15.11
N SER L 118 -1.82 -71.58 14.10
CA SER L 118 -2.47 -72.11 12.91
C SER L 118 -3.23 -71.04 12.14
N VAL L 119 -4.54 -70.93 12.39
CA VAL L 119 -5.40 -70.06 11.60
C VAL L 119 -6.02 -68.94 12.43
N PRO L 120 -6.48 -69.18 13.70
CA PRO L 120 -7.07 -68.10 14.50
C PRO L 120 -6.29 -66.79 14.52
N THR L 121 -5.41 -66.62 15.51
CA THR L 121 -4.71 -65.35 15.69
C THR L 121 -3.26 -65.49 16.12
N PHE L 122 -2.73 -66.72 16.22
CA PHE L 122 -1.37 -66.96 16.70
C PHE L 122 -1.18 -66.35 18.09
N LYS L 123 -1.84 -66.97 19.06
CA LYS L 123 -1.85 -66.52 20.45
C LYS L 123 -2.29 -65.06 20.53
N ASP L 124 -1.35 -64.16 20.79
CA ASP L 124 -1.61 -62.73 20.90
C ASP L 124 -2.74 -62.44 21.89
N GLY L 125 -3.98 -62.41 21.41
CA GLY L 125 -5.14 -62.13 22.24
C GLY L 125 -5.47 -60.66 22.37
N THR L 126 -4.46 -59.80 22.37
CA THR L 126 -4.63 -58.34 22.49
C THR L 126 -5.46 -57.99 23.72
N ARG L 127 -5.01 -58.47 24.88
CA ARG L 127 -5.68 -58.20 26.13
C ARG L 127 -5.12 -56.91 26.74
N ARG L 128 -5.27 -56.73 28.05
CA ARG L 128 -4.81 -55.53 28.74
C ARG L 128 -3.81 -55.86 29.84
N SER L 129 -2.97 -56.87 29.62
CA SER L 129 -1.95 -57.25 30.59
C SER L 129 -0.82 -58.03 29.93
N ASP L 130 -0.63 -57.81 28.63
CA ASP L 130 0.45 -58.40 27.85
C ASP L 130 0.34 -59.92 27.75
N TYR L 131 0.03 -60.43 26.56
CA TYR L 131 -0.09 -61.86 26.31
C TYR L 131 0.60 -62.19 25.00
N GLN L 132 1.65 -63.02 25.06
CA GLN L 132 2.37 -63.41 23.86
C GLN L 132 3.20 -64.66 24.21
N LEU L 133 2.69 -65.82 23.82
CA LEU L 133 3.36 -67.10 24.05
C LEU L 133 3.70 -67.32 25.52
N THR L 134 2.72 -67.71 26.32
CA THR L 134 2.95 -67.99 27.73
C THR L 134 3.52 -69.39 27.90
N ILE L 135 3.70 -69.79 29.16
CA ILE L 135 4.21 -71.12 29.48
C ILE L 135 3.38 -71.69 30.62
N GLU L 136 3.16 -73.00 30.56
CA GLU L 136 2.35 -73.70 31.57
C GLU L 136 3.22 -74.73 32.28
N PRO L 137 3.52 -74.56 33.56
CA PRO L 137 4.35 -75.54 34.26
C PRO L 137 3.58 -76.80 34.61
N LEU L 138 4.32 -77.88 34.77
CA LEU L 138 3.78 -79.20 35.13
C LEU L 138 4.22 -79.52 36.56
N LEU L 139 3.39 -79.15 37.53
CA LEU L 139 3.67 -79.39 38.93
C LEU L 139 2.46 -80.01 39.60
N GLU L 140 2.71 -80.93 40.54
CA GLU L 140 1.64 -81.59 41.25
C GLU L 140 0.90 -80.60 42.15
N GLN L 141 -0.35 -80.93 42.45
CA GLN L 141 -1.18 -80.07 43.29
C GLN L 141 -0.75 -80.18 44.74
N GLU L 142 -0.61 -79.04 45.41
CA GLU L 142 -0.21 -79.00 46.81
C GLU L 142 -1.44 -79.09 47.71
N ALA L 143 -1.20 -79.03 49.02
CA ALA L 143 -2.26 -79.10 50.01
C ALA L 143 -2.89 -77.74 50.31
N ASP L 144 -2.31 -76.64 49.80
CA ASP L 144 -2.87 -75.33 50.05
C ASP L 144 -4.15 -75.10 49.24
N GLY L 145 -4.13 -75.49 47.97
CA GLY L 145 -5.28 -75.32 47.12
C GLY L 145 -5.25 -74.03 46.31
N ALA L 146 -4.20 -73.87 45.50
CA ALA L 146 -4.03 -72.67 44.70
C ALA L 146 -3.19 -72.95 43.46
N ALA L 147 -2.56 -71.91 42.91
CA ALA L 147 -1.71 -72.09 41.75
C ALA L 147 -0.40 -72.79 42.14
N PRO L 148 0.20 -73.54 41.22
CA PRO L 148 1.47 -74.21 41.53
C PRO L 148 2.57 -73.23 41.91
N GLN L 149 2.71 -72.96 43.21
CA GLN L 149 3.70 -72.02 43.70
C GLN L 149 5.02 -72.74 43.94
N LEU L 150 6.12 -72.09 43.55
CA LEU L 150 7.46 -72.64 43.70
C LEU L 150 8.24 -71.82 44.72
N THR L 151 9.07 -72.49 45.51
CA THR L 151 9.90 -71.83 46.51
C THR L 151 11.37 -71.98 46.17
N ALA L 152 12.24 -71.86 47.18
CA ALA L 152 13.67 -72.03 46.95
C ALA L 152 14.11 -73.48 47.09
N SER L 153 13.40 -74.27 47.91
CA SER L 153 13.75 -75.67 48.10
C SER L 153 13.12 -76.57 47.05
N ARG L 154 12.09 -76.11 46.35
CA ARG L 154 11.46 -76.93 45.33
C ARG L 154 12.35 -77.05 44.09
N LEU L 155 13.03 -75.98 43.71
CA LEU L 155 13.93 -75.98 42.56
C LEU L 155 15.28 -76.62 42.87
N LEU L 156 15.52 -77.03 44.11
CA LEU L 156 16.79 -77.68 44.45
C LEU L 156 16.88 -79.06 43.83
N GLN L 157 15.95 -79.95 44.20
CA GLN L 157 15.93 -81.30 43.63
C GLN L 157 15.32 -81.33 42.24
N ARG L 158 14.56 -80.30 41.86
CA ARG L 158 13.98 -80.27 40.52
C ARG L 158 15.05 -80.09 39.45
N ARG L 159 16.13 -79.36 39.77
CA ARG L 159 17.21 -79.19 38.81
C ARG L 159 17.93 -80.50 38.53
N GLN L 160 17.99 -81.39 39.53
CA GLN L 160 18.62 -82.69 39.32
C GLN L 160 17.76 -83.59 38.44
N ILE L 161 16.43 -83.41 38.47
CA ILE L 161 15.55 -84.19 37.61
C ILE L 161 15.74 -83.78 36.16
N PHE L 162 16.06 -82.51 35.90
CA PHE L 162 16.34 -82.06 34.55
C PHE L 162 17.78 -82.36 34.15
N SER L 163 18.69 -82.48 35.11
CA SER L 163 20.10 -82.72 34.81
C SER L 163 20.40 -84.20 34.56
N GLN L 164 19.52 -85.11 35.02
CA GLN L 164 19.76 -86.52 34.80
C GLN L 164 19.63 -86.90 33.33
N LYS L 165 18.93 -86.10 32.53
CA LYS L 165 18.85 -86.37 31.09
C LYS L 165 20.19 -86.11 30.41
N LEU L 166 21.03 -85.25 30.98
CA LEU L 166 22.36 -85.01 30.44
C LEU L 166 23.38 -86.02 30.95
N VAL L 167 23.19 -86.55 32.16
CA VAL L 167 24.11 -87.55 32.69
C VAL L 167 24.05 -88.82 31.87
N GLU L 168 22.85 -89.23 31.46
CA GLU L 168 22.70 -90.42 30.62
C GLU L 168 23.13 -90.18 29.18
N HIS L 169 23.27 -88.92 28.77
CA HIS L 169 23.74 -88.59 27.43
C HIS L 169 25.23 -88.30 27.36
N VAL L 170 25.83 -87.83 28.45
CA VAL L 170 27.27 -87.57 28.45
C VAL L 170 28.05 -88.88 28.47
N LYS L 171 27.45 -89.94 29.00
CA LYS L 171 28.09 -91.25 29.00
C LYS L 171 27.74 -92.09 27.79
N GLU L 172 26.60 -91.80 27.13
CA GLU L 172 26.26 -92.52 25.92
C GLU L 172 27.12 -92.07 24.75
N HIS L 173 27.36 -90.76 24.63
CA HIS L 173 28.23 -90.26 23.57
C HIS L 173 29.69 -90.59 23.83
N HIS L 174 30.06 -90.86 25.08
CA HIS L 174 31.44 -91.24 25.38
C HIS L 174 31.79 -92.63 24.87
N LYS L 175 30.79 -93.49 24.69
CA LYS L 175 31.06 -94.83 24.17
C LYS L 175 31.56 -94.79 22.72
N ALA L 176 31.03 -93.86 21.92
CA ALA L 176 31.49 -93.72 20.54
C ALA L 176 32.87 -93.11 20.45
N PHE L 177 33.27 -92.31 21.43
CA PHE L 177 34.61 -91.72 21.42
C PHE L 177 35.68 -92.77 21.72
N LEU L 178 35.38 -93.72 22.60
CA LEU L 178 36.34 -94.77 22.92
C LEU L 178 36.45 -95.81 21.82
N ALA L 179 35.35 -96.06 21.10
CA ALA L 179 35.37 -97.03 20.01
C ALA L 179 36.11 -96.51 18.79
N SER L 180 36.17 -95.18 18.62
CA SER L 180 36.86 -94.60 17.49
C SER L 180 38.37 -94.56 17.66
N LEU L 181 38.87 -94.74 18.88
CA LEU L 181 40.31 -94.72 19.12
C LEU L 181 40.92 -96.11 18.95
N SER L 277 -20.40 -48.47 -40.66
CA SER L 277 -21.11 -47.73 -39.63
C SER L 277 -22.10 -48.63 -38.89
N ALA L 278 -23.33 -48.15 -38.72
CA ALA L 278 -24.37 -48.91 -38.04
C ALA L 278 -25.65 -48.94 -38.87
N LEU L 279 -26.04 -47.79 -39.42
CA LEU L 279 -27.25 -47.69 -40.22
C LEU L 279 -26.98 -48.01 -41.69
N LYS L 280 -25.95 -47.39 -42.27
CA LYS L 280 -25.61 -47.63 -43.67
C LYS L 280 -24.53 -48.69 -43.84
N GLY L 281 -23.68 -48.88 -42.85
CA GLY L 281 -22.61 -49.85 -42.93
C GLY L 281 -23.03 -51.23 -42.48
N VAL L 282 -22.16 -51.91 -41.74
CA VAL L 282 -22.44 -53.25 -41.24
C VAL L 282 -23.09 -53.15 -39.87
N SER L 283 -23.29 -54.30 -39.21
CA SER L 283 -23.90 -54.36 -37.88
C SER L 283 -25.30 -53.74 -37.89
N GLN L 284 -26.16 -54.26 -38.76
CA GLN L 284 -27.53 -53.75 -38.83
C GLN L 284 -28.40 -54.31 -37.71
N ASP L 285 -28.17 -55.57 -37.31
CA ASP L 285 -28.93 -56.20 -36.26
C ASP L 285 -28.12 -56.50 -35.01
N LEU L 286 -26.80 -56.63 -35.13
CA LEU L 286 -25.96 -56.92 -33.96
C LEU L 286 -25.99 -55.76 -32.97
N LEU L 287 -26.01 -54.52 -33.46
CA LEU L 287 -26.07 -53.34 -32.62
C LEU L 287 -27.49 -52.79 -32.49
N GLU L 288 -28.50 -53.56 -32.89
CA GLU L 288 -29.90 -53.13 -32.82
C GLU L 288 -30.65 -53.74 -31.65
N ARG L 289 -30.44 -55.03 -31.37
CA ARG L 289 -31.13 -55.68 -30.26
C ARG L 289 -30.52 -55.35 -28.91
N ILE L 290 -29.45 -54.57 -28.86
CA ILE L 290 -28.87 -54.15 -27.59
C ILE L 290 -29.85 -53.26 -26.83
N ARG L 291 -30.44 -52.28 -27.53
CA ARG L 291 -31.41 -51.40 -26.90
C ARG L 291 -32.76 -52.09 -26.73
N ALA L 292 -33.08 -53.06 -27.60
CA ALA L 292 -34.33 -53.78 -27.47
C ALA L 292 -34.35 -54.68 -26.24
N LYS L 293 -33.19 -55.25 -25.89
CA LYS L 293 -33.13 -56.09 -24.69
C LYS L 293 -33.22 -55.23 -23.43
N GLU L 294 -32.63 -54.05 -23.45
CA GLU L 294 -32.71 -53.16 -22.29
C GLU L 294 -34.09 -52.55 -22.14
N ALA L 295 -34.75 -52.24 -23.26
CA ALA L 295 -36.10 -51.67 -23.21
C ALA L 295 -37.16 -52.71 -22.87
N GLN L 296 -36.86 -54.00 -23.07
CA GLN L 296 -37.84 -55.04 -22.75
C GLN L 296 -37.95 -55.27 -21.25
N LYS L 297 -36.82 -55.24 -20.54
CA LYS L 297 -36.83 -55.44 -19.09
C LYS L 297 -37.35 -54.22 -18.34
N GLN L 298 -37.25 -53.03 -18.92
CA GLN L 298 -37.77 -51.83 -18.25
C GLN L 298 -39.30 -51.82 -18.26
N LEU L 299 -39.91 -52.38 -19.30
CA LEU L 299 -41.36 -52.45 -19.34
C LEU L 299 -41.92 -53.54 -18.44
N ALA L 300 -41.07 -54.44 -17.95
CA ALA L 300 -41.52 -55.49 -17.04
C ALA L 300 -41.32 -55.13 -15.58
N GLN L 301 -40.53 -54.11 -15.27
CA GLN L 301 -40.30 -53.67 -13.90
C GLN L 301 -41.09 -52.43 -13.54
N MET L 302 -42.08 -52.05 -14.35
CA MET L 302 -42.90 -50.88 -14.04
C MET L 302 -43.73 -51.09 -12.78
N THR L 303 -44.04 -52.34 -12.43
CA THR L 303 -44.78 -52.66 -11.20
C THR L 303 -43.86 -52.90 -10.02
N ARG L 304 -42.69 -52.25 -9.99
CA ARG L 304 -41.75 -52.45 -8.88
C ARG L 304 -42.28 -51.80 -7.61
N CYS L 305 -42.99 -50.68 -7.74
CA CYS L 305 -43.60 -49.91 -6.65
C CYS L 305 -42.54 -49.26 -5.77
N PRO L 306 -42.65 -47.97 -5.50
CA PRO L 306 -41.59 -47.30 -4.73
C PRO L 306 -41.55 -47.71 -3.26
N GLU L 307 -42.72 -47.83 -2.61
CA GLU L 307 -42.75 -48.14 -1.19
C GLU L 307 -42.37 -49.58 -0.88
N GLN L 308 -42.28 -50.45 -1.89
CA GLN L 308 -41.90 -51.84 -1.65
C GLN L 308 -40.40 -51.95 -1.40
N GLU L 309 -39.59 -51.32 -2.24
CA GLU L 309 -38.14 -51.38 -2.05
C GLU L 309 -37.64 -50.53 -0.90
N GLN L 310 -38.44 -49.55 -0.46
CA GLN L 310 -38.06 -48.72 0.67
C GLN L 310 -38.25 -49.42 2.02
N ARG L 311 -38.93 -50.57 2.03
CA ARG L 311 -39.15 -51.33 3.25
C ARG L 311 -38.51 -52.71 3.23
N LEU L 312 -37.72 -53.01 2.20
CA LEU L 312 -37.04 -54.31 2.14
C LEU L 312 -36.00 -54.43 3.25
N GLN L 313 -35.20 -53.37 3.45
CA GLN L 313 -34.23 -53.37 4.53
C GLN L 313 -34.90 -53.29 5.89
N ARG L 314 -36.14 -52.80 5.96
CA ARG L 314 -36.85 -52.75 7.23
C ARG L 314 -37.32 -54.13 7.67
N LEU L 315 -37.69 -54.99 6.72
CA LEU L 315 -38.11 -56.34 7.07
C LEU L 315 -36.94 -57.17 7.58
N GLU L 316 -35.72 -56.87 7.13
CA GLU L 316 -34.56 -57.60 7.63
C GLU L 316 -34.24 -57.22 9.07
N ARG L 317 -34.60 -56.01 9.49
CA ARG L 317 -34.36 -55.56 10.86
C ARG L 317 -35.42 -56.06 11.84
N LEU L 318 -36.43 -56.78 11.37
CA LEU L 318 -37.47 -57.28 12.27
C LEU L 318 -36.92 -58.25 13.31
N PRO L 319 -36.11 -59.26 12.97
CA PRO L 319 -35.50 -60.08 14.03
C PRO L 319 -34.42 -59.35 14.82
N GLU L 320 -33.91 -58.22 14.30
CA GLU L 320 -32.90 -57.45 15.01
C GLU L 320 -33.52 -56.43 15.96
N LEU L 321 -34.53 -55.69 15.50
CA LEU L 321 -35.18 -54.71 16.35
C LEU L 321 -36.07 -55.34 17.41
N ALA L 322 -36.38 -56.63 17.30
CA ALA L 322 -37.19 -57.29 18.32
C ALA L 322 -36.45 -57.37 19.65
N ARG L 323 -35.12 -57.47 19.62
CA ARG L 323 -34.33 -57.49 20.84
C ARG L 323 -33.88 -56.11 21.28
N VAL L 324 -33.79 -55.15 20.36
CA VAL L 324 -33.39 -53.80 20.73
C VAL L 324 -34.54 -53.03 21.35
N LEU L 325 -35.73 -53.11 20.75
CA LEU L 325 -36.90 -52.42 21.29
C LEU L 325 -37.38 -53.04 22.60
N ARG L 326 -36.97 -54.27 22.90
CA ARG L 326 -37.38 -54.90 24.16
C ARG L 326 -36.60 -54.35 25.34
N SER L 327 -35.34 -53.98 25.15
CA SER L 327 -34.50 -53.50 26.23
C SER L 327 -34.59 -52.00 26.45
N VAL L 328 -34.93 -51.22 25.42
CA VAL L 328 -34.99 -49.78 25.58
C VAL L 328 -36.22 -49.33 26.36
N PHE L 329 -37.26 -50.17 26.44
CA PHE L 329 -38.45 -49.83 27.21
C PHE L 329 -38.37 -50.30 28.66
N VAL L 330 -37.37 -51.11 29.00
CA VAL L 330 -37.21 -51.57 30.37
C VAL L 330 -36.19 -50.72 31.12
N SER L 331 -35.08 -50.36 30.46
CA SER L 331 -34.06 -49.54 31.11
C SER L 331 -34.53 -48.11 31.34
N GLU L 332 -35.49 -47.63 30.56
CA GLU L 332 -36.01 -46.28 30.74
C GLU L 332 -36.94 -46.14 31.93
N ARG L 333 -37.40 -47.26 32.51
CA ARG L 333 -38.24 -47.29 33.70
C ARG L 333 -39.62 -46.68 33.48
N LYS L 334 -39.75 -45.82 32.48
CA LYS L 334 -41.04 -45.18 32.21
C LYS L 334 -41.98 -46.17 31.57
N PRO L 335 -43.19 -46.36 32.12
CA PRO L 335 -44.13 -47.31 31.53
C PRO L 335 -44.58 -46.92 30.13
N ALA L 336 -45.54 -46.00 30.05
CA ALA L 336 -46.08 -45.53 28.78
C ALA L 336 -45.41 -44.25 28.35
N LEU L 337 -45.49 -43.97 27.04
CA LEU L 337 -44.90 -42.76 26.48
C LEU L 337 -45.69 -42.29 25.25
N SER L 338 -45.01 -41.63 24.32
CA SER L 338 -45.66 -41.11 23.13
C SER L 338 -44.68 -41.15 21.97
N MET L 339 -45.16 -40.76 20.79
CA MET L 339 -44.33 -40.73 19.60
C MET L 339 -43.79 -39.34 19.28
N GLU L 340 -44.43 -38.28 19.80
CA GLU L 340 -43.91 -36.93 19.58
C GLU L 340 -42.59 -36.73 20.31
N VAL L 341 -42.50 -37.19 21.56
CA VAL L 341 -41.25 -37.10 22.31
C VAL L 341 -40.24 -38.15 21.87
N ALA L 342 -40.67 -39.17 21.11
CA ALA L 342 -39.76 -40.20 20.63
C ALA L 342 -38.80 -39.70 19.57
N CYS L 343 -39.05 -38.52 18.97
CA CYS L 343 -38.16 -37.97 17.96
C CYS L 343 -36.87 -37.43 18.56
N ALA L 344 -36.79 -37.31 19.89
CA ALA L 344 -35.57 -36.83 20.55
C ALA L 344 -35.18 -37.69 21.75
N ARG L 345 -35.87 -38.81 21.98
CA ARG L 345 -35.58 -39.69 23.10
C ARG L 345 -34.97 -41.00 22.61
N MET L 346 -35.76 -41.85 21.94
CA MET L 346 -35.29 -43.13 21.45
C MET L 346 -34.69 -43.04 20.05
N VAL L 347 -34.50 -41.83 19.52
CA VAL L 347 -33.90 -41.69 18.20
C VAL L 347 -32.41 -42.01 18.24
N GLY L 348 -31.77 -41.82 19.39
CA GLY L 348 -30.37 -42.13 19.55
C GLY L 348 -30.13 -43.37 20.39
N SER L 349 -31.21 -43.91 20.96
CA SER L 349 -31.09 -45.12 21.78
C SER L 349 -31.03 -46.37 20.93
N CYS L 350 -31.89 -46.48 19.92
CA CYS L 350 -31.89 -47.64 19.05
C CYS L 350 -30.71 -47.57 18.08
N CYS L 351 -29.91 -48.63 18.05
CA CYS L 351 -28.71 -48.68 17.22
C CYS L 351 -29.11 -48.78 15.75
N THR L 352 -29.44 -47.61 15.18
CA THR L 352 -29.81 -47.52 13.77
C THR L 352 -29.09 -46.34 13.16
N ILE L 353 -28.19 -46.61 12.20
CA ILE L 353 -27.45 -45.55 11.52
C ILE L 353 -28.26 -44.89 10.43
N MET L 354 -29.44 -45.41 10.11
CA MET L 354 -30.28 -44.83 9.07
C MET L 354 -30.76 -43.44 9.47
N SER L 355 -31.19 -42.68 8.46
CA SER L 355 -31.61 -41.30 8.69
C SER L 355 -32.89 -41.26 9.53
N PRO L 356 -33.03 -40.24 10.39
CA PRO L 356 -34.24 -40.14 11.22
C PRO L 356 -35.52 -39.87 10.44
N GLY L 357 -35.44 -39.64 9.13
CA GLY L 357 -36.64 -39.39 8.35
C GLY L 357 -37.54 -40.60 8.25
N GLU L 358 -36.98 -41.81 8.38
CA GLU L 358 -37.74 -43.04 8.32
C GLU L 358 -37.91 -43.67 9.71
N MET L 359 -37.84 -42.86 10.76
CA MET L 359 -37.99 -43.41 12.12
C MET L 359 -39.45 -43.69 12.46
N GLU L 360 -40.37 -42.89 11.92
CA GLU L 360 -41.80 -43.06 12.17
C GLU L 360 -42.44 -44.12 11.28
N LYS L 361 -41.63 -44.89 10.54
CA LYS L 361 -42.17 -45.92 9.65
C LYS L 361 -42.25 -47.28 10.31
N HIS L 362 -41.30 -47.61 11.18
CA HIS L 362 -41.32 -48.90 11.86
C HIS L 362 -42.36 -48.96 12.97
N LEU L 363 -42.94 -47.82 13.35
CA LEU L 363 -43.96 -47.80 14.39
C LEU L 363 -45.36 -48.03 13.81
N LEU L 364 -45.48 -48.20 12.50
CA LEU L 364 -46.77 -48.45 11.86
C LEU L 364 -46.81 -49.77 11.11
N LEU L 365 -45.68 -50.19 10.52
CA LEU L 365 -45.63 -51.47 9.81
C LEU L 365 -45.29 -52.63 10.72
N LEU L 366 -45.42 -52.46 12.04
CA LEU L 366 -45.15 -53.52 13.01
C LEU L 366 -46.25 -53.70 14.04
N SER L 367 -46.87 -52.60 14.48
CA SER L 367 -47.95 -52.71 15.46
C SER L 367 -49.26 -53.14 14.81
N GLU L 368 -49.47 -52.80 13.53
CA GLU L 368 -50.70 -53.20 12.85
C GLU L 368 -50.72 -54.70 12.58
N LEU L 369 -49.54 -55.31 12.40
CA LEU L 369 -49.49 -56.75 12.17
C LEU L 369 -49.77 -57.53 13.45
N LEU L 370 -49.35 -57.00 14.60
CA LEU L 370 -49.56 -57.64 15.90
C LEU L 370 -50.19 -56.61 16.83
N PRO L 371 -51.52 -56.45 16.75
CA PRO L 371 -52.18 -55.46 17.63
C PRO L 371 -52.10 -55.82 19.11
N ASP L 372 -51.96 -57.11 19.44
CA ASP L 372 -51.89 -57.51 20.84
C ASP L 372 -50.54 -57.13 21.46
N TRP L 373 -49.46 -57.26 20.70
CA TRP L 373 -48.14 -56.94 21.23
C TRP L 373 -47.94 -55.44 21.41
N LEU L 374 -48.60 -54.62 20.60
CA LEU L 374 -48.49 -53.16 20.70
C LEU L 374 -49.79 -52.56 20.20
N SER L 375 -50.45 -51.80 21.07
CA SER L 375 -51.71 -51.13 20.74
C SER L 375 -51.57 -49.64 20.98
N LEU L 376 -51.89 -48.84 19.96
CA LEU L 376 -51.77 -47.40 20.05
C LEU L 376 -52.67 -46.77 19.00
N HIS L 377 -52.89 -45.46 19.14
CA HIS L 377 -53.72 -44.70 18.22
C HIS L 377 -53.04 -43.36 17.94
N ARG L 378 -53.67 -42.56 17.09
CA ARG L 378 -53.14 -41.26 16.70
C ARG L 378 -54.09 -40.15 17.10
N ILE L 379 -53.51 -38.99 17.42
CA ILE L 379 -54.30 -37.81 17.77
C ILE L 379 -53.66 -36.58 17.13
N ARG L 380 -53.02 -35.74 17.95
CA ARG L 380 -52.36 -34.55 17.43
C ARG L 380 -51.16 -34.17 18.29
N THR L 381 -51.20 -34.51 19.58
CA THR L 381 -50.12 -34.18 20.49
C THR L 381 -50.11 -35.20 21.63
N ASP L 382 -48.89 -35.54 22.07
CA ASP L 382 -48.63 -36.56 23.09
C ASP L 382 -49.57 -37.76 23.00
N THR L 383 -49.22 -38.73 22.17
CA THR L 383 -50.04 -39.93 22.00
C THR L 383 -49.92 -40.82 23.25
N TYR L 384 -50.61 -41.95 23.20
CA TYR L 384 -50.65 -42.91 24.30
C TYR L 384 -50.15 -44.25 23.78
N VAL L 385 -48.85 -44.47 23.87
CA VAL L 385 -48.23 -45.71 23.40
C VAL L 385 -48.01 -46.62 24.61
N LYS L 386 -48.66 -47.79 24.58
CA LYS L 386 -48.55 -48.78 25.65
C LYS L 386 -48.00 -50.07 25.06
N LEU L 387 -46.78 -50.43 25.48
CA LEU L 387 -46.11 -51.64 25.01
C LEU L 387 -46.16 -52.70 26.09
N ASP L 388 -46.61 -53.90 25.73
CA ASP L 388 -46.71 -55.02 26.66
C ASP L 388 -45.31 -55.57 26.89
N LYS L 389 -44.63 -55.04 27.90
CA LYS L 389 -43.27 -55.45 28.23
C LYS L 389 -43.22 -56.63 29.21
N ALA L 390 -44.37 -57.14 29.63
CA ALA L 390 -44.42 -58.26 30.56
C ALA L 390 -44.55 -59.60 29.86
N ALA L 391 -44.14 -59.70 28.60
CA ALA L 391 -44.23 -60.93 27.83
C ALA L 391 -42.83 -61.47 27.54
N ASP L 392 -42.69 -62.79 27.66
CA ASP L 392 -41.42 -63.44 27.39
C ASP L 392 -41.13 -63.49 25.90
N LEU L 393 -39.86 -63.33 25.54
CA LEU L 393 -39.45 -63.34 24.14
C LEU L 393 -39.46 -64.73 23.51
N ALA L 394 -39.75 -65.78 24.29
CA ALA L 394 -39.78 -67.12 23.72
C ALA L 394 -40.99 -67.34 22.83
N HIS L 395 -42.07 -66.59 23.06
CA HIS L 395 -43.27 -66.70 22.25
C HIS L 395 -43.55 -65.48 21.38
N ILE L 396 -42.96 -64.33 21.70
CA ILE L 396 -43.16 -63.14 20.87
C ILE L 396 -42.46 -63.30 19.54
N THR L 397 -41.29 -63.94 19.53
CA THR L 397 -40.57 -64.15 18.28
C THR L 397 -41.35 -65.05 17.33
N ALA L 398 -42.04 -66.06 17.87
CA ALA L 398 -42.84 -66.94 17.05
C ALA L 398 -44.07 -66.25 16.47
N ARG L 399 -44.55 -65.17 17.11
CA ARG L 399 -45.71 -64.46 16.59
C ARG L 399 -45.34 -63.56 15.43
N LEU L 400 -44.21 -62.85 15.52
CA LEU L 400 -43.79 -61.98 14.43
C LEU L 400 -43.20 -62.74 13.25
N ALA L 401 -42.84 -64.01 13.45
CA ALA L 401 -42.29 -64.82 12.36
C ALA L 401 -43.35 -65.34 11.41
N HIS L 402 -44.64 -65.22 11.76
CA HIS L 402 -45.69 -65.69 10.87
C HIS L 402 -45.84 -64.76 9.67
N GLN L 403 -45.78 -63.45 9.89
CA GLN L 403 -45.88 -62.49 8.80
C GLN L 403 -44.57 -62.33 8.04
N THR L 404 -43.45 -62.75 8.63
CA THR L 404 -42.16 -62.64 7.94
C THR L 404 -42.05 -63.64 6.81
N ARG L 405 -42.54 -64.87 7.02
CA ARG L 405 -42.47 -65.89 5.98
C ARG L 405 -43.40 -65.56 4.82
N ALA L 406 -44.47 -64.80 5.07
CA ALA L 406 -45.38 -64.43 4.00
C ALA L 406 -44.82 -63.37 3.08
N GLU L 407 -43.85 -62.59 3.55
CA GLU L 407 -43.26 -61.55 2.71
C GLU L 407 -42.25 -62.13 1.72
N GLU L 408 -41.47 -63.12 2.15
CA GLU L 408 -40.48 -63.74 1.29
C GLU L 408 -41.07 -64.80 0.37
N GLY L 409 -42.32 -65.18 0.57
CA GLY L 409 -42.99 -66.18 -0.25
C GLY L 409 -43.89 -65.63 -1.33
N LEU L 410 -43.83 -64.34 -1.63
CA LEU L 410 -44.68 -63.74 -2.65
C LEU L 410 -44.17 -64.07 -4.04
#